data_4IND
#
_entry.id   4IND
#
_cell.length_a   81.774
_cell.length_b   166.999
_cell.length_c   186.975
_cell.angle_alpha   81.840
_cell.angle_beta   82.170
_cell.angle_gamma   81.440
#
_symmetry.space_group_name_H-M   'P 1'
#
loop_
_entity.id
_entity.type
_entity.pdbx_description
1 polymer 'C381 turret protein'
2 non-polymer 'DIHYDROGENPHOSPHATE ION'
3 water water
#
_entity_poly.entity_id   1
_entity_poly.type   'polypeptide(L)'
_entity_poly.pdbx_seq_one_letter_code
;MSVTTLGQSFPANAKVKYYYKLSEKQDLDAFVNSIFVGSYKLKQISYLLYGNTKIVSAPVVPLGPNASIIIDDELQEGLY
LIRIKVYNTNSFSVTVTPFFNNNNTMTYSIGANSEFEIYDIFTKEQGNIYYIQLPPGLAILEFSLERVFEKGNRINIPKI
IHTSGNGYISFRLRKGTYAIKMPYSYNNTTSTTFTNFQFGTISTSVATIPLVISSIPANGSGSGTFLVYLKITGDYEDVK
FSVTYGGGLGVPFTFGLEVEEINELVENTNFVTQSVTLSGSQVTQSILNVQGSGSHLRLKYASVSGLTTAVTQCQLQATN
LNRSTTYSTVWDFIAGGSSTPPSWDIREINSIQLVANGGSSTSSVTITLILVYEQIAGELSHHHHHH
;
_entity_poly.pdbx_strand_id   A,B,C,D,E,F,G,H,I,J,K,L,M,N,O,P,Q,R,S,T
#
loop_
_chem_comp.id
_chem_comp.type
_chem_comp.name
_chem_comp.formula
2HP non-polymer 'DIHYDROGENPHOSPHATE ION' 'H2 O4 P -1'
#
# COMPACT_ATOMS: atom_id res chain seq x y z
N LEU A 6 -5.53 -2.48 -7.87
CA LEU A 6 -5.14 -2.17 -9.24
C LEU A 6 -6.12 -1.21 -9.93
N GLY A 7 -7.41 -1.36 -9.63
CA GLY A 7 -8.42 -0.47 -10.19
C GLY A 7 -8.39 0.89 -9.50
N GLN A 8 -8.73 1.93 -10.24
CA GLN A 8 -8.82 3.30 -9.71
C GLN A 8 -10.18 3.90 -10.03
N SER A 9 -10.57 4.94 -9.29
CA SER A 9 -11.75 5.69 -9.65
C SER A 9 -11.37 6.84 -10.59
N PHE A 10 -12.30 7.27 -11.42
CA PHE A 10 -12.02 8.42 -12.29
C PHE A 10 -13.29 9.21 -12.57
N PRO A 11 -13.15 10.54 -12.65
CA PRO A 11 -14.30 11.41 -12.97
C PRO A 11 -14.56 11.33 -14.46
N ALA A 12 -15.84 11.28 -14.84
CA ALA A 12 -16.13 11.10 -16.28
C ALA A 12 -17.33 11.92 -16.75
N ASN A 13 -17.48 13.12 -16.20
CA ASN A 13 -18.63 13.95 -16.56
C ASN A 13 -18.68 14.56 -17.95
N ALA A 14 -17.52 14.82 -18.54
CA ALA A 14 -17.44 15.65 -19.73
C ALA A 14 -17.73 14.82 -20.99
N LYS A 15 -18.34 15.47 -21.97
CA LYS A 15 -18.63 14.85 -23.25
C LYS A 15 -17.32 14.39 -23.94
N VAL A 16 -17.35 13.23 -24.58
CA VAL A 16 -16.14 12.71 -25.26
C VAL A 16 -15.99 13.44 -26.58
N LYS A 17 -14.75 13.65 -27.02
CA LYS A 17 -14.46 14.29 -28.28
C LYS A 17 -13.89 13.21 -29.21
N TYR A 18 -13.96 13.43 -30.52
CA TYR A 18 -13.36 12.48 -31.48
C TYR A 18 -11.90 12.79 -31.79
N TYR A 19 -11.42 13.92 -31.30
CA TYR A 19 -10.03 14.28 -31.46
C TYR A 19 -9.60 15.14 -30.28
N TYR A 20 -8.43 14.82 -29.72
CA TYR A 20 -7.83 15.57 -28.63
C TYR A 20 -6.39 15.89 -28.99
N LYS A 21 -5.99 17.15 -28.85
CA LYS A 21 -4.57 17.44 -28.83
C LYS A 21 -4.30 17.87 -27.40
N LEU A 22 -3.53 17.07 -26.68
CA LEU A 22 -3.50 17.21 -25.21
C LEU A 22 -2.58 18.31 -24.72
N SER A 23 -1.89 18.95 -25.66
CA SER A 23 -1.16 20.18 -25.36
C SER A 23 -2.05 21.42 -25.42
N GLU A 24 -3.33 21.24 -25.76
CA GLU A 24 -4.33 22.31 -25.61
C GLU A 24 -5.05 22.10 -24.28
N LYS A 25 -5.08 23.14 -23.45
CA LYS A 25 -5.65 23.04 -22.12
C LYS A 25 -7.11 22.55 -22.10
N GLN A 26 -7.94 23.11 -22.97
CA GLN A 26 -9.34 22.68 -22.95
C GLN A 26 -9.52 21.22 -23.39
N ASP A 27 -8.67 20.72 -24.30
CA ASP A 27 -8.75 19.31 -24.64
C ASP A 27 -8.32 18.43 -23.48
N LEU A 28 -7.22 18.80 -22.83
CA LEU A 28 -6.70 18.01 -21.72
C LEU A 28 -7.76 18.00 -20.60
N ASP A 29 -8.31 19.17 -20.30
CA ASP A 29 -9.32 19.25 -19.23
C ASP A 29 -10.49 18.30 -19.47
N ALA A 30 -10.92 18.21 -20.72
CA ALA A 30 -12.02 17.30 -21.05
C ALA A 30 -11.56 15.85 -20.93
N PHE A 31 -10.39 15.55 -21.50
CA PHE A 31 -9.80 14.21 -21.52
C PHE A 31 -9.75 13.59 -20.12
N VAL A 32 -9.29 14.35 -19.15
CA VAL A 32 -9.13 13.85 -17.79
C VAL A 32 -10.41 14.02 -16.93
N ASN A 33 -11.53 14.35 -17.57
CA ASN A 33 -12.85 14.32 -16.92
C ASN A 33 -13.80 13.52 -17.81
N SER A 34 -13.27 12.51 -18.48
CA SER A 34 -14.14 11.69 -19.33
C SER A 34 -13.60 10.30 -19.56
N ILE A 35 -12.38 10.21 -20.08
CA ILE A 35 -11.86 8.92 -20.53
C ILE A 35 -10.48 8.52 -20.00
N PHE A 36 -9.82 9.43 -19.28
CA PHE A 36 -8.49 9.12 -18.74
C PHE A 36 -8.56 8.67 -17.28
N VAL A 37 -7.87 7.57 -16.97
CA VAL A 37 -7.87 6.99 -15.64
C VAL A 37 -6.45 7.10 -15.11
N GLY A 38 -6.29 7.71 -13.94
CA GLY A 38 -4.99 7.83 -13.30
C GLY A 38 -4.55 9.29 -13.20
N SER A 39 -3.32 9.52 -12.75
N SER A 39 -3.30 9.48 -12.78
CA SER A 39 -2.83 10.89 -12.67
CA SER A 39 -2.72 10.80 -12.64
C SER A 39 -1.85 11.15 -13.80
C SER A 39 -1.86 11.14 -13.85
N TYR A 40 -1.49 12.42 -13.97
CA TYR A 40 -0.56 12.82 -15.01
C TYR A 40 0.27 13.95 -14.49
N LYS A 41 1.42 14.18 -15.12
CA LYS A 41 2.27 15.33 -14.81
C LYS A 41 2.47 16.05 -16.13
N LEU A 42 2.30 17.36 -16.14
CA LEU A 42 2.43 18.09 -17.39
C LEU A 42 3.91 18.38 -17.58
N LYS A 43 4.46 17.96 -18.72
CA LYS A 43 5.90 18.13 -18.94
C LYS A 43 6.21 18.68 -20.30
N GLN A 44 7.35 19.35 -20.40
CA GLN A 44 7.76 19.82 -21.70
C GLN A 44 8.44 18.66 -22.45
N ILE A 45 7.91 18.34 -23.62
CA ILE A 45 8.32 17.19 -24.41
C ILE A 45 8.96 17.71 -25.72
N SER A 46 10.11 17.15 -26.09
CA SER A 46 10.79 17.55 -27.31
C SER A 46 11.15 16.32 -28.14
N TYR A 47 10.95 16.40 -29.45
CA TYR A 47 11.45 15.32 -30.31
C TYR A 47 11.75 15.85 -31.71
N LEU A 48 12.53 15.08 -32.46
CA LEU A 48 13.06 15.54 -33.75
C LEU A 48 12.15 15.21 -34.95
N LEU A 49 11.95 16.21 -35.81
CA LEU A 49 11.22 16.07 -37.06
C LEU A 49 12.05 16.72 -38.14
N TYR A 50 12.60 15.89 -39.04
CA TYR A 50 13.48 16.40 -40.09
C TYR A 50 14.57 17.33 -39.54
N GLY A 51 15.18 16.95 -38.42
CA GLY A 51 16.26 17.73 -37.82
C GLY A 51 15.79 18.89 -36.96
N ASN A 52 14.49 19.18 -36.98
CA ASN A 52 13.94 20.26 -36.16
C ASN A 52 13.37 19.71 -34.88
N THR A 53 13.39 20.51 -33.81
CA THR A 53 12.88 20.04 -32.53
C THR A 53 11.48 20.59 -32.24
N LYS A 54 10.50 19.70 -32.29
CA LYS A 54 9.13 20.07 -31.93
C LYS A 54 9.04 20.07 -30.40
N ILE A 55 8.49 21.14 -29.84
CA ILE A 55 8.37 21.23 -28.39
C ILE A 55 6.89 21.44 -28.02
N VAL A 56 6.37 20.52 -27.20
CA VAL A 56 5.01 20.68 -26.65
C VAL A 56 4.98 20.44 -25.12
N SER A 57 3.97 20.95 -24.45
CA SER A 57 3.71 20.56 -23.06
C SER A 57 2.57 19.56 -23.06
N ALA A 58 2.83 18.36 -22.55
CA ALA A 58 1.88 17.26 -22.65
C ALA A 58 1.83 16.47 -21.36
N PRO A 59 0.70 15.77 -21.11
CA PRO A 59 0.58 14.96 -19.89
C PRO A 59 1.47 13.70 -19.99
N VAL A 60 2.21 13.40 -18.92
CA VAL A 60 3.03 12.20 -18.86
C VAL A 60 2.53 11.31 -17.72
N VAL A 61 2.43 10.01 -17.96
CA VAL A 61 2.06 9.07 -16.92
C VAL A 61 3.19 9.00 -15.89
N PRO A 62 2.88 9.25 -14.62
CA PRO A 62 3.94 9.29 -13.62
C PRO A 62 4.31 7.89 -13.13
N LEU A 63 5.39 7.80 -12.34
CA LEU A 63 5.78 6.55 -11.72
C LEU A 63 4.62 5.99 -10.93
N GLY A 64 4.43 4.67 -11.00
CA GLY A 64 3.32 4.04 -10.31
C GLY A 64 2.54 3.14 -11.26
N PRO A 65 1.26 2.92 -10.97
CA PRO A 65 0.44 2.02 -11.80
C PRO A 65 0.27 2.60 -13.18
N ASN A 66 -0.01 1.74 -14.16
CA ASN A 66 -0.34 2.22 -15.48
C ASN A 66 -1.55 3.13 -15.41
N ALA A 67 -1.61 4.10 -16.32
CA ALA A 67 -2.85 4.84 -16.55
C ALA A 67 -3.69 4.04 -17.56
N SER A 68 -4.94 4.44 -17.76
CA SER A 68 -5.80 3.80 -18.72
C SER A 68 -6.61 4.83 -19.49
N ILE A 69 -6.96 4.49 -20.72
CA ILE A 69 -7.99 5.22 -21.41
C ILE A 69 -9.17 4.25 -21.52
N ILE A 70 -10.35 4.71 -21.13
CA ILE A 70 -11.54 3.88 -21.11
C ILE A 70 -12.71 4.69 -21.67
N ILE A 71 -13.34 4.18 -22.74
CA ILE A 71 -14.45 4.89 -23.36
C ILE A 71 -15.71 4.04 -23.45
N ASP A 72 -16.70 4.30 -22.60
CA ASP A 72 -17.96 3.58 -22.74
C ASP A 72 -19.08 4.48 -23.26
N ASP A 73 -18.73 5.71 -23.62
CA ASP A 73 -19.71 6.70 -24.06
C ASP A 73 -20.37 6.30 -25.37
N GLU A 74 -21.57 6.82 -25.60
CA GLU A 74 -22.32 6.49 -26.81
C GLU A 74 -21.80 7.20 -28.06
N LEU A 75 -20.57 6.91 -28.44
CA LEU A 75 -20.03 7.37 -29.74
C LEU A 75 -20.96 6.92 -30.85
N GLN A 76 -20.90 7.62 -31.96
CA GLN A 76 -21.61 7.18 -33.15
C GLN A 76 -21.16 5.75 -33.45
N GLU A 77 -22.11 4.87 -33.76
CA GLU A 77 -21.75 3.49 -34.03
C GLU A 77 -20.87 3.35 -35.28
N GLY A 78 -20.03 2.34 -35.31
CA GLY A 78 -19.21 2.09 -36.50
C GLY A 78 -17.88 1.53 -36.09
N LEU A 79 -16.98 1.39 -37.06
CA LEU A 79 -15.65 0.81 -36.83
C LEU A 79 -14.64 1.94 -36.81
N TYR A 80 -13.92 2.08 -35.70
CA TYR A 80 -13.00 3.19 -35.52
C TYR A 80 -11.57 2.73 -35.61
N LEU A 81 -10.75 3.56 -36.25
CA LEU A 81 -9.32 3.47 -36.17
C LEU A 81 -8.93 4.50 -35.13
N ILE A 82 -8.21 4.05 -34.12
CA ILE A 82 -7.72 4.94 -33.08
C ILE A 82 -6.22 5.16 -33.30
N ARG A 83 -5.81 6.42 -33.25
CA ARG A 83 -4.38 6.75 -33.24
C ARG A 83 -4.07 7.53 -31.97
N ILE A 84 -3.08 7.04 -31.24
CA ILE A 84 -2.60 7.78 -30.07
C ILE A 84 -1.15 8.18 -30.29
N LYS A 85 -0.89 9.49 -30.37
CA LYS A 85 0.49 9.94 -30.53
C LYS A 85 1.12 10.01 -29.17
N VAL A 86 2.20 9.25 -28.97
CA VAL A 86 2.84 9.27 -27.64
C VAL A 86 4.32 9.51 -27.77
N TYR A 87 4.97 9.81 -26.64
CA TYR A 87 6.41 9.97 -26.61
C TYR A 87 6.94 9.29 -25.35
N ASN A 88 7.89 8.40 -25.52
CA ASN A 88 8.41 7.63 -24.41
C ASN A 88 9.57 8.41 -23.77
N THR A 89 9.31 9.01 -22.62
CA THR A 89 10.33 9.82 -21.95
C THR A 89 11.34 8.97 -21.22
N ASN A 90 11.07 7.69 -21.07
CA ASN A 90 12.00 6.77 -20.40
C ASN A 90 13.25 6.46 -21.24
N SER A 91 14.35 6.14 -20.58
CA SER A 91 15.54 5.73 -21.29
C SER A 91 15.55 4.23 -21.55
N PHE A 92 14.38 3.60 -21.46
CA PHE A 92 14.22 2.19 -21.78
C PHE A 92 12.92 2.00 -22.55
N SER A 93 12.79 0.87 -23.23
CA SER A 93 11.60 0.56 -24.01
C SER A 93 10.44 0.29 -23.08
N VAL A 94 9.24 0.60 -23.53
CA VAL A 94 8.03 0.21 -22.83
C VAL A 94 7.12 -0.48 -23.82
N THR A 95 6.16 -1.25 -23.32
CA THR A 95 5.25 -1.97 -24.20
C THR A 95 3.81 -1.53 -23.95
N VAL A 96 3.00 -1.61 -24.98
CA VAL A 96 1.58 -1.30 -24.86
C VAL A 96 0.84 -2.46 -25.49
N THR A 97 -0.35 -2.76 -24.97
CA THR A 97 -1.17 -3.83 -25.50
C THR A 97 -2.44 -3.26 -26.12
N PRO A 98 -2.49 -3.18 -27.47
CA PRO A 98 -3.67 -2.56 -28.07
C PRO A 98 -4.93 -3.37 -27.83
N PHE A 99 -6.07 -2.67 -27.81
CA PHE A 99 -7.37 -3.29 -27.58
C PHE A 99 -7.75 -4.24 -28.72
N PHE A 100 -7.79 -3.72 -29.95
CA PHE A 100 -8.12 -4.53 -31.12
C PHE A 100 -9.43 -5.30 -30.91
N ASN A 101 -10.31 -4.75 -30.07
CA ASN A 101 -11.59 -5.36 -29.70
C ASN A 101 -11.48 -6.59 -28.82
N ASN A 102 -10.53 -7.47 -29.15
N ASN A 102 -10.55 -7.50 -29.10
CA ASN A 102 -10.41 -8.76 -28.47
CA ASN A 102 -10.41 -8.63 -28.21
C ASN A 102 -8.99 -9.17 -28.09
C ASN A 102 -8.99 -9.16 -28.08
N ASN A 103 -8.02 -8.27 -28.22
CA ASN A 103 -6.63 -8.64 -27.93
C ASN A 103 -6.29 -8.38 -26.48
N ASN A 104 -5.50 -9.26 -25.89
CA ASN A 104 -4.83 -8.93 -24.63
C ASN A 104 -3.45 -9.54 -24.49
N THR A 105 -2.86 -9.93 -25.62
CA THR A 105 -1.51 -10.51 -25.60
C THR A 105 -0.54 -9.81 -26.55
N MET A 106 -1.01 -9.37 -27.70
CA MET A 106 -0.12 -8.78 -28.69
C MET A 106 0.26 -7.37 -28.28
N THR A 107 1.50 -6.99 -28.57
CA THR A 107 2.03 -5.72 -28.05
C THR A 107 2.71 -4.83 -29.09
N TYR A 108 2.82 -3.56 -28.75
CA TYR A 108 3.74 -2.64 -29.42
C TYR A 108 4.95 -2.46 -28.52
N SER A 109 6.12 -2.36 -29.13
CA SER A 109 7.34 -2.04 -28.40
C SER A 109 7.77 -0.61 -28.74
N ILE A 110 7.82 0.26 -27.73
CA ILE A 110 8.10 1.67 -27.96
C ILE A 110 9.50 2.01 -27.46
N GLY A 111 10.37 2.39 -28.38
CA GLY A 111 11.78 2.63 -28.06
C GLY A 111 11.98 3.78 -27.08
N ALA A 112 13.10 3.75 -26.38
CA ALA A 112 13.50 4.81 -25.45
C ALA A 112 13.57 6.18 -26.14
N ASN A 113 13.12 7.22 -25.44
CA ASN A 113 13.25 8.60 -25.95
C ASN A 113 12.77 8.80 -27.38
N SER A 114 11.60 8.27 -27.70
CA SER A 114 11.09 8.42 -29.06
C SER A 114 9.60 8.59 -29.14
N GLU A 115 9.18 9.31 -30.18
CA GLU A 115 7.78 9.47 -30.53
C GLU A 115 7.28 8.15 -31.11
N PHE A 116 6.00 7.87 -30.96
CA PHE A 116 5.45 6.61 -31.48
C PHE A 116 3.96 6.76 -31.71
N GLU A 117 3.44 6.10 -32.75
CA GLU A 117 2.01 6.11 -33.06
C GLU A 117 1.42 4.79 -32.64
N ILE A 118 0.57 4.82 -31.63
CA ILE A 118 -0.18 3.63 -31.24
C ILE A 118 -1.42 3.55 -32.12
N TYR A 119 -1.57 2.47 -32.90
CA TYR A 119 -2.79 2.28 -33.69
C TYR A 119 -3.66 1.30 -32.96
N ASP A 120 -4.97 1.54 -32.99
CA ASP A 120 -5.88 0.59 -32.36
C ASP A 120 -7.18 0.53 -33.14
N ILE A 121 -7.97 -0.49 -32.87
CA ILE A 121 -9.20 -0.69 -33.62
C ILE A 121 -10.32 -0.88 -32.61
N PHE A 122 -11.46 -0.23 -32.86
CA PHE A 122 -12.55 -0.26 -31.88
C PHE A 122 -13.87 -0.30 -32.60
N THR A 123 -14.64 -1.37 -32.39
CA THR A 123 -15.98 -1.44 -32.97
C THR A 123 -16.98 -0.91 -31.98
N LYS A 124 -17.59 0.22 -32.29
CA LYS A 124 -18.67 0.72 -31.44
C LYS A 124 -20.00 0.10 -31.88
N GLU A 125 -20.34 -1.02 -31.24
CA GLU A 125 -21.63 -1.66 -31.37
C GLU A 125 -21.92 -2.39 -30.06
N GLN A 126 -23.20 -2.60 -29.75
CA GLN A 126 -23.58 -3.38 -28.58
C GLN A 126 -22.87 -2.97 -27.28
N GLY A 127 -22.71 -1.68 -27.05
CA GLY A 127 -22.11 -1.23 -25.80
C GLY A 127 -20.63 -1.58 -25.58
N ASN A 128 -19.90 -1.90 -26.65
CA ASN A 128 -18.48 -2.19 -26.52
C ASN A 128 -17.73 -1.03 -25.86
N ILE A 129 -16.78 -1.36 -25.00
CA ILE A 129 -16.05 -0.33 -24.25
C ILE A 129 -14.59 -0.35 -24.64
N TYR A 130 -14.07 0.79 -25.10
CA TYR A 130 -12.66 0.86 -25.46
C TYR A 130 -11.77 0.91 -24.21
N TYR A 131 -10.62 0.23 -24.26
CA TYR A 131 -9.75 0.10 -23.10
C TYR A 131 -8.30 -0.08 -23.52
N ILE A 132 -7.40 0.75 -22.98
CA ILE A 132 -5.97 0.52 -23.17
C ILE A 132 -5.20 1.06 -21.97
N GLN A 133 -4.17 0.34 -21.55
CA GLN A 133 -3.31 0.80 -20.47
C GLN A 133 -2.07 1.46 -21.03
N LEU A 134 -1.58 2.49 -20.34
CA LEU A 134 -0.40 3.23 -20.74
C LEU A 134 0.57 3.25 -19.58
N PRO A 135 1.82 2.80 -19.83
CA PRO A 135 2.82 2.69 -18.75
C PRO A 135 3.43 4.03 -18.35
N PRO A 136 3.99 4.10 -17.14
CA PRO A 136 4.69 5.28 -16.63
C PRO A 136 5.76 5.81 -17.60
N GLY A 137 5.82 7.13 -17.75
CA GLY A 137 6.86 7.73 -18.57
C GLY A 137 6.39 8.02 -19.99
N LEU A 138 5.22 7.50 -20.37
CA LEU A 138 4.68 7.83 -21.69
C LEU A 138 3.97 9.18 -21.63
N ALA A 139 4.37 10.09 -22.50
CA ALA A 139 3.65 11.34 -22.72
C ALA A 139 2.54 11.06 -23.75
N ILE A 140 1.34 11.57 -23.49
N ILE A 140 1.35 11.57 -23.50
CA ILE A 140 0.23 11.43 -24.44
CA ILE A 140 0.25 11.42 -24.45
C ILE A 140 0.02 12.75 -25.16
C ILE A 140 -0.01 12.74 -25.16
N LEU A 141 0.27 12.78 -26.47
CA LEU A 141 0.21 14.05 -27.20
C LEU A 141 -1.12 14.29 -27.92
N GLU A 142 -1.66 13.24 -28.54
CA GLU A 142 -2.92 13.36 -29.29
C GLU A 142 -3.69 12.06 -29.18
N PHE A 143 -5.00 12.14 -29.27
CA PHE A 143 -5.83 10.95 -29.27
C PHE A 143 -6.90 11.19 -30.32
N SER A 144 -6.98 10.28 -31.29
CA SER A 144 -7.83 10.43 -32.48
C SER A 144 -8.73 9.20 -32.67
N LEU A 145 -10.02 9.45 -32.87
CA LEU A 145 -11.01 8.42 -33.17
C LEU A 145 -11.58 8.74 -34.52
N GLU A 146 -11.39 7.88 -35.52
CA GLU A 146 -11.99 8.18 -36.83
C GLU A 146 -12.59 6.90 -37.38
N ARG A 147 -13.73 7.03 -38.04
CA ARG A 147 -14.36 5.88 -38.67
C ARG A 147 -13.63 5.57 -39.98
N VAL A 148 -13.28 4.32 -40.19
CA VAL A 148 -12.60 3.93 -41.44
C VAL A 148 -13.64 3.45 -42.46
N PHE A 149 -13.29 3.41 -43.73
CA PHE A 149 -14.28 2.98 -44.70
C PHE A 149 -15.29 4.10 -44.90
N GLU A 150 -14.95 5.28 -44.38
CA GLU A 150 -15.63 6.51 -44.76
C GLU A 150 -14.70 7.19 -45.74
N LYS A 151 -15.24 7.71 -46.82
CA LYS A 151 -14.45 8.56 -47.69
C LYS A 151 -13.29 7.76 -48.27
N GLY A 152 -13.48 6.45 -48.36
CA GLY A 152 -12.56 5.58 -49.05
C GLY A 152 -11.29 5.33 -48.26
N ASN A 153 -11.33 5.54 -46.95
CA ASN A 153 -10.18 5.18 -46.12
C ASN A 153 -10.10 3.70 -45.85
N ARG A 154 -8.93 3.25 -45.42
CA ARG A 154 -8.71 1.86 -45.11
C ARG A 154 -8.01 1.80 -43.78
N ILE A 155 -8.02 0.61 -43.19
CA ILE A 155 -7.14 0.34 -42.06
C ILE A 155 -5.76 0.10 -42.66
N ASN A 156 -4.75 0.83 -42.18
CA ASN A 156 -3.37 0.65 -42.64
C ASN A 156 -2.41 0.80 -41.46
N ILE A 157 -2.22 -0.27 -40.70
CA ILE A 157 -1.29 -0.28 -39.58
C ILE A 157 0.05 -0.86 -40.02
N PRO A 158 1.16 -0.14 -39.75
CA PRO A 158 2.49 -0.58 -40.20
C PRO A 158 2.94 -1.85 -39.47
N LYS A 159 4.07 -2.41 -39.89
CA LYS A 159 4.51 -3.69 -39.37
C LYS A 159 5.12 -3.49 -37.97
N ILE A 160 4.25 -3.40 -36.96
CA ILE A 160 4.68 -3.10 -35.60
C ILE A 160 4.00 -3.95 -34.53
N ILE A 161 3.08 -4.81 -34.95
CA ILE A 161 2.34 -5.64 -33.99
C ILE A 161 3.14 -6.87 -33.67
N HIS A 162 3.43 -7.09 -32.40
CA HIS A 162 4.23 -8.25 -32.00
C HIS A 162 3.38 -9.38 -31.45
N THR A 163 3.68 -10.60 -31.90
CA THR A 163 3.01 -11.76 -31.35
C THR A 163 4.00 -12.86 -31.12
N SER A 164 3.74 -13.69 -30.12
CA SER A 164 4.57 -14.84 -29.93
C SER A 164 3.75 -16.13 -30.01
N GLY A 165 2.58 -16.05 -30.65
CA GLY A 165 1.79 -17.26 -30.87
C GLY A 165 0.32 -17.21 -30.50
N ASN A 166 -0.10 -16.12 -29.88
CA ASN A 166 -1.53 -15.91 -29.68
C ASN A 166 -1.90 -14.45 -29.85
N GLY A 167 -3.19 -14.16 -29.86
CA GLY A 167 -3.66 -12.80 -30.05
C GLY A 167 -4.88 -12.80 -30.97
N TYR A 168 -5.68 -11.76 -30.87
CA TYR A 168 -6.88 -11.63 -31.67
C TYR A 168 -7.02 -10.20 -32.12
N ILE A 169 -7.59 -10.02 -33.32
CA ILE A 169 -8.05 -8.71 -33.75
C ILE A 169 -9.45 -8.95 -34.34
N SER A 170 -10.43 -8.18 -33.90
CA SER A 170 -11.76 -8.28 -34.50
C SER A 170 -12.17 -6.93 -35.08
N PHE A 171 -13.02 -6.96 -36.10
CA PHE A 171 -13.57 -5.71 -36.63
C PHE A 171 -14.86 -6.01 -37.39
N ARG A 172 -15.71 -5.01 -37.56
CA ARG A 172 -16.96 -5.17 -38.30
C ARG A 172 -16.76 -4.61 -39.69
N LEU A 173 -17.19 -5.35 -40.70
CA LEU A 173 -17.15 -4.85 -42.08
C LEU A 173 -18.54 -4.83 -42.64
N ARG A 174 -18.96 -3.72 -43.23
CA ARG A 174 -20.28 -3.67 -43.84
C ARG A 174 -20.15 -4.35 -45.20
N LYS A 175 -21.26 -4.49 -45.91
CA LYS A 175 -21.25 -5.20 -47.18
C LYS A 175 -20.18 -4.69 -48.13
N GLY A 176 -19.57 -5.62 -48.84
CA GLY A 176 -18.50 -5.30 -49.77
C GLY A 176 -17.55 -6.48 -49.90
N THR A 177 -16.55 -6.35 -50.76
CA THR A 177 -15.46 -7.30 -50.78
C THR A 177 -14.22 -6.59 -50.31
N TYR A 178 -13.42 -7.26 -49.48
CA TYR A 178 -12.26 -6.63 -48.87
C TYR A 178 -11.00 -7.44 -49.03
N ALA A 179 -9.88 -6.73 -49.15
CA ALA A 179 -8.57 -7.35 -49.07
C ALA A 179 -8.08 -7.18 -47.64
N ILE A 180 -7.52 -8.25 -47.07
CA ILE A 180 -6.84 -8.14 -45.79
C ILE A 180 -5.39 -8.53 -46.06
N LYS A 181 -4.50 -7.57 -45.90
CA LYS A 181 -3.09 -7.76 -46.20
C LYS A 181 -2.31 -7.66 -44.90
N MET A 182 -1.45 -8.65 -44.64
N MET A 182 -1.44 -8.64 -44.66
CA MET A 182 -0.61 -8.63 -43.46
CA MET A 182 -0.61 -8.60 -43.47
C MET A 182 0.86 -8.89 -43.79
C MET A 182 0.85 -8.88 -43.78
N PRO A 183 1.63 -7.81 -43.97
CA PRO A 183 3.08 -7.93 -44.13
C PRO A 183 3.59 -8.44 -42.79
N TYR A 184 4.53 -9.37 -42.79
CA TYR A 184 5.05 -9.90 -41.54
C TYR A 184 6.53 -10.16 -41.65
N SER A 185 7.19 -10.23 -40.48
CA SER A 185 8.56 -10.74 -40.36
C SER A 185 8.55 -11.73 -39.20
N TYR A 186 9.36 -12.77 -39.31
CA TYR A 186 9.47 -13.71 -38.21
C TYR A 186 10.91 -14.03 -37.90
N ASN A 187 11.14 -14.50 -36.68
CA ASN A 187 12.43 -15.05 -36.31
C ASN A 187 12.21 -16.41 -35.66
N ASN A 188 12.62 -17.47 -36.34
CA ASN A 188 12.54 -18.80 -35.76
C ASN A 188 13.79 -19.01 -34.94
N THR A 189 13.69 -18.94 -33.63
CA THR A 189 14.89 -19.09 -32.83
C THR A 189 15.23 -20.58 -32.68
N THR A 190 14.38 -21.43 -33.24
CA THR A 190 14.56 -22.88 -33.14
C THR A 190 15.26 -23.45 -34.36
N SER A 191 15.84 -24.63 -34.20
CA SER A 191 16.46 -25.36 -35.31
C SER A 191 15.42 -26.23 -36.00
N THR A 192 14.16 -26.03 -35.63
CA THR A 192 13.08 -26.78 -36.25
C THR A 192 12.72 -26.15 -37.58
N THR A 193 12.51 -26.98 -38.58
CA THR A 193 12.09 -26.48 -39.87
C THR A 193 10.62 -26.79 -40.06
N PHE A 194 9.84 -25.76 -40.33
CA PHE A 194 8.40 -25.95 -40.37
C PHE A 194 7.89 -26.14 -41.78
N THR A 195 6.83 -26.91 -41.89
CA THR A 195 6.19 -26.99 -43.19
C THR A 195 4.70 -26.74 -43.06
N ASN A 196 4.15 -25.96 -43.98
CA ASN A 196 2.76 -25.55 -43.89
C ASN A 196 2.42 -25.03 -42.49
N PHE A 197 3.27 -24.12 -42.04
CA PHE A 197 3.11 -23.42 -40.77
C PHE A 197 1.87 -22.54 -40.78
N GLN A 198 0.88 -22.87 -39.96
CA GLN A 198 -0.28 -22.01 -39.88
C GLN A 198 -0.01 -20.90 -38.87
N PHE A 199 0.06 -19.67 -39.36
CA PHE A 199 0.27 -18.51 -38.50
C PHE A 199 -1.01 -18.17 -37.75
N GLY A 200 -2.13 -18.26 -38.45
CA GLY A 200 -3.39 -17.84 -37.87
C GLY A 200 -4.54 -18.08 -38.82
N THR A 201 -5.71 -17.52 -38.50
CA THR A 201 -6.89 -17.68 -39.33
C THR A 201 -7.66 -16.39 -39.35
N ILE A 202 -8.35 -16.15 -40.46
CA ILE A 202 -9.32 -15.09 -40.54
C ILE A 202 -10.69 -15.75 -40.71
N SER A 203 -11.67 -15.33 -39.92
CA SER A 203 -12.97 -15.96 -40.02
C SER A 203 -14.13 -15.02 -39.76
N THR A 204 -15.29 -15.38 -40.32
CA THR A 204 -16.57 -14.83 -39.92
C THR A 204 -17.25 -16.03 -39.27
N SER A 205 -18.50 -15.90 -38.86
CA SER A 205 -19.18 -17.03 -38.21
C SER A 205 -19.04 -18.34 -39.00
N ALA A 207 -17.22 -19.38 -41.99
CA ALA A 207 -16.15 -19.24 -42.98
C ALA A 207 -14.80 -18.93 -42.34
N THR A 208 -13.79 -19.71 -42.73
CA THR A 208 -12.44 -19.61 -42.15
C THR A 208 -11.34 -19.66 -43.21
N ILE A 209 -10.38 -18.75 -43.13
CA ILE A 209 -9.25 -18.73 -44.04
C ILE A 209 -7.95 -18.90 -43.26
N PRO A 210 -7.25 -20.03 -43.45
CA PRO A 210 -5.95 -20.22 -42.81
C PRO A 210 -4.87 -19.34 -43.44
N LEU A 211 -4.00 -18.78 -42.62
CA LEU A 211 -2.87 -18.01 -43.09
C LEU A 211 -1.66 -18.90 -42.93
N VAL A 212 -1.15 -19.42 -44.05
CA VAL A 212 -0.15 -20.48 -44.02
C VAL A 212 1.16 -20.11 -44.73
N ILE A 213 2.28 -20.50 -44.15
CA ILE A 213 3.59 -20.29 -44.76
C ILE A 213 4.17 -21.64 -45.17
N SER A 214 4.53 -21.77 -46.44
CA SER A 214 5.03 -23.05 -46.96
C SER A 214 6.11 -23.68 -46.09
N SER A 215 7.15 -22.93 -45.79
CA SER A 215 8.19 -23.44 -44.91
C SER A 215 8.89 -22.33 -44.14
N ILE A 216 9.22 -22.64 -42.91
CA ILE A 216 10.00 -21.76 -42.04
C ILE A 216 11.21 -22.57 -41.65
N PRO A 217 12.36 -22.25 -42.26
CA PRO A 217 13.62 -22.96 -42.02
C PRO A 217 14.05 -22.86 -40.57
N ALA A 218 14.71 -23.90 -40.07
CA ALA A 218 15.24 -23.88 -38.71
C ALA A 218 16.14 -22.67 -38.48
N ASN A 219 16.03 -22.07 -37.30
CA ASN A 219 16.87 -20.95 -36.92
C ASN A 219 16.85 -19.81 -37.94
N GLY A 220 15.88 -19.85 -38.85
CA GLY A 220 15.77 -18.85 -39.89
C GLY A 220 14.96 -17.63 -39.49
N SER A 221 15.17 -16.54 -40.22
CA SER A 221 14.32 -15.36 -40.10
C SER A 221 13.86 -15.03 -41.51
N GLY A 222 12.68 -14.44 -41.62
CA GLY A 222 12.13 -14.17 -42.92
C GLY A 222 11.04 -13.12 -42.88
N SER A 223 10.57 -12.78 -44.06
CA SER A 223 9.47 -11.85 -44.14
C SER A 223 8.61 -12.19 -45.35
N GLY A 224 7.38 -11.73 -45.32
CA GLY A 224 6.48 -12.00 -46.42
C GLY A 224 5.22 -11.24 -46.20
N THR A 225 4.17 -11.61 -46.93
CA THR A 225 2.88 -10.93 -46.83
C THR A 225 1.76 -11.93 -47.01
N PHE A 226 0.81 -11.93 -46.08
CA PHE A 226 -0.44 -12.66 -46.29
C PHE A 226 -1.40 -11.70 -46.98
N LEU A 227 -2.13 -12.21 -47.97
CA LEU A 227 -3.11 -11.41 -48.68
C LEU A 227 -4.27 -12.31 -48.99
N VAL A 228 -5.37 -12.09 -48.30
CA VAL A 228 -6.59 -12.87 -48.54
C VAL A 228 -7.77 -11.92 -48.74
N TYR A 229 -8.90 -12.44 -49.17
CA TYR A 229 -10.03 -11.58 -49.50
C TYR A 229 -11.30 -12.17 -48.89
N LEU A 230 -12.19 -11.29 -48.42
CA LEU A 230 -13.47 -11.72 -47.87
C LEU A 230 -14.57 -11.06 -48.65
N LYS A 231 -15.53 -11.86 -49.11
CA LYS A 231 -16.75 -11.27 -49.64
C LYS A 231 -17.78 -11.14 -48.53
N ILE A 232 -18.02 -9.92 -48.07
CA ILE A 232 -19.01 -9.70 -47.03
C ILE A 232 -20.35 -9.41 -47.70
N THR A 233 -21.21 -10.41 -47.75
CA THR A 233 -22.56 -10.21 -48.28
C THR A 233 -23.26 -9.12 -47.46
N GLY A 234 -23.02 -9.16 -46.15
CA GLY A 234 -23.66 -8.20 -45.26
C GLY A 234 -24.42 -8.82 -44.11
N ASP A 235 -24.72 -10.12 -44.19
CA ASP A 235 -25.46 -10.77 -43.12
C ASP A 235 -24.54 -11.29 -42.02
N TYR A 236 -23.24 -11.34 -42.31
CA TYR A 236 -22.23 -11.66 -41.30
C TYR A 236 -21.11 -10.66 -41.41
N GLU A 237 -21.04 -9.73 -40.47
CA GLU A 237 -20.16 -8.59 -40.65
C GLU A 237 -18.97 -8.61 -39.70
N ASP A 238 -19.06 -9.41 -38.64
CA ASP A 238 -17.99 -9.42 -37.66
C ASP A 238 -16.88 -10.38 -38.07
N VAL A 239 -15.70 -9.82 -38.28
CA VAL A 239 -14.55 -10.59 -38.75
C VAL A 239 -13.59 -10.80 -37.58
N LYS A 240 -13.03 -11.99 -37.48
CA LYS A 240 -12.08 -12.29 -36.40
C LYS A 240 -10.76 -12.84 -36.92
N PHE A 241 -9.66 -12.18 -36.55
CA PHE A 241 -8.33 -12.69 -36.88
C PHE A 241 -7.76 -13.30 -35.61
N SER A 242 -7.22 -14.51 -35.71
CA SER A 242 -6.64 -15.20 -34.55
C SER A 242 -5.25 -15.68 -34.90
N VAL A 243 -4.29 -15.43 -34.00
CA VAL A 243 -2.96 -16.04 -34.15
C VAL A 243 -3.06 -17.40 -33.48
N THR A 244 -2.68 -18.46 -34.18
CA THR A 244 -2.98 -19.81 -33.69
C THR A 244 -1.78 -20.71 -33.44
N TYR A 245 -0.58 -20.24 -33.78
CA TYR A 245 0.57 -21.15 -33.74
C TYR A 245 1.06 -21.53 -32.35
N GLY A 246 0.66 -20.77 -31.34
CA GLY A 246 0.89 -21.22 -29.98
C GLY A 246 1.95 -20.45 -29.23
N GLY A 247 1.58 -19.92 -28.07
CA GLY A 247 2.39 -18.98 -27.31
C GLY A 247 3.83 -19.36 -27.00
N GLY A 248 4.10 -20.64 -26.80
CA GLY A 248 5.42 -21.04 -26.39
C GLY A 248 6.32 -21.59 -27.49
N LEU A 249 5.90 -21.42 -28.73
CA LEU A 249 6.60 -22.06 -29.85
C LEU A 249 8.04 -21.57 -30.07
N GLY A 250 8.29 -20.29 -29.85
CA GLY A 250 9.64 -19.76 -30.05
C GLY A 250 9.85 -19.19 -31.44
N VAL A 251 8.75 -18.77 -32.07
CA VAL A 251 8.82 -18.11 -33.37
C VAL A 251 8.10 -16.77 -33.33
N PRO A 252 8.74 -15.74 -32.78
CA PRO A 252 8.06 -14.44 -32.72
C PRO A 252 7.84 -13.83 -34.10
N PHE A 253 6.66 -13.24 -34.31
CA PHE A 253 6.33 -12.52 -35.52
C PHE A 253 6.14 -11.04 -35.19
N THR A 254 6.41 -10.20 -36.18
CA THR A 254 5.97 -8.81 -36.16
C THR A 254 5.19 -8.60 -37.43
N PHE A 255 4.01 -7.99 -37.35
CA PHE A 255 3.19 -7.87 -38.56
C PHE A 255 2.41 -6.56 -38.59
N GLY A 256 1.93 -6.22 -39.78
CA GLY A 256 1.12 -5.05 -39.99
C GLY A 256 -0.27 -5.53 -40.38
N LEU A 257 -1.20 -4.59 -40.56
CA LEU A 257 -2.56 -4.96 -40.93
C LEU A 257 -3.15 -3.90 -41.82
N GLU A 258 -3.60 -4.34 -42.98
CA GLU A 258 -4.21 -3.46 -43.96
C GLU A 258 -5.54 -4.11 -44.34
N VAL A 259 -6.63 -3.39 -44.15
CA VAL A 259 -7.95 -3.87 -44.54
C VAL A 259 -8.58 -2.81 -45.42
N GLU A 260 -8.95 -3.18 -46.64
CA GLU A 260 -9.38 -2.20 -47.63
C GLU A 260 -10.41 -2.78 -48.56
N GLU A 261 -11.38 -1.97 -48.96
N GLU A 261 -11.38 -1.95 -48.95
CA GLU A 261 -12.42 -2.42 -49.88
CA GLU A 261 -12.39 -2.37 -49.92
C GLU A 261 -11.84 -2.51 -51.30
C GLU A 261 -11.77 -2.56 -51.30
N ILE A 262 -12.25 -3.55 -52.03
CA ILE A 262 -11.83 -3.71 -53.43
C ILE A 262 -13.03 -3.84 -54.36
N ASN A 263 -12.80 -3.59 -55.65
CA ASN A 263 -13.75 -3.92 -56.69
C ASN A 263 -13.52 -5.35 -57.12
N GLU A 264 -14.46 -5.90 -57.89
CA GLU A 264 -14.36 -7.30 -58.27
C GLU A 264 -12.98 -7.62 -58.84
N LEU A 265 -12.41 -8.71 -58.36
CA LEU A 265 -11.11 -9.15 -58.84
C LEU A 265 -11.22 -10.55 -59.42
N VAL A 266 -11.16 -10.66 -60.74
CA VAL A 266 -11.09 -11.96 -61.37
C VAL A 266 -9.64 -12.41 -61.35
N GLU A 267 -9.34 -13.36 -60.47
CA GLU A 267 -7.96 -13.81 -60.31
C GLU A 267 -7.47 -14.57 -61.53
N ASN A 268 -8.35 -15.37 -62.11
CA ASN A 268 -8.04 -16.07 -63.34
C ASN A 268 -9.26 -16.73 -63.94
N THR A 269 -9.17 -17.08 -65.22
CA THR A 269 -10.28 -17.72 -65.89
C THR A 269 -9.66 -18.90 -66.59
N ASN A 270 -10.30 -20.06 -66.50
CA ASN A 270 -9.65 -21.30 -66.92
C ASN A 270 -10.60 -22.22 -67.65
N PHE A 271 -10.07 -22.84 -68.69
CA PHE A 271 -10.70 -23.95 -69.37
C PHE A 271 -10.00 -25.17 -68.80
N VAL A 272 -10.77 -26.08 -68.20
CA VAL A 272 -10.17 -27.25 -67.57
C VAL A 272 -10.89 -28.51 -68.02
N THR A 273 -10.17 -29.62 -67.97
CA THR A 273 -10.70 -30.88 -68.45
C THR A 273 -10.48 -31.95 -67.40
N GLN A 274 -11.40 -32.89 -67.30
CA GLN A 274 -11.30 -33.95 -66.31
C GLN A 274 -11.95 -35.20 -66.84
N SER A 275 -11.21 -36.31 -66.85
CA SER A 275 -11.77 -37.58 -67.27
C SER A 275 -12.22 -38.42 -66.09
N VAL A 276 -13.25 -39.22 -66.32
CA VAL A 276 -13.76 -40.12 -65.30
C VAL A 276 -14.08 -41.45 -65.96
N THR A 277 -13.56 -42.52 -65.38
CA THR A 277 -13.80 -43.84 -65.91
C THR A 277 -14.83 -44.58 -65.09
N LEU A 278 -15.87 -45.05 -65.77
CA LEU A 278 -17.02 -45.66 -65.10
C LEU A 278 -17.04 -47.15 -65.36
N SER A 279 -17.23 -47.94 -64.32
CA SER A 279 -17.24 -49.38 -64.46
C SER A 279 -18.26 -50.05 -63.56
N GLY A 280 -19.48 -49.50 -63.53
CA GLY A 280 -20.59 -50.13 -62.83
C GLY A 280 -20.99 -49.48 -61.52
N SER A 281 -20.12 -48.65 -60.97
CA SER A 281 -20.39 -48.03 -59.69
C SER A 281 -20.44 -46.51 -59.80
N GLN A 282 -21.24 -45.89 -58.95
CA GLN A 282 -21.29 -44.45 -58.90
C GLN A 282 -19.94 -43.88 -58.48
N VAL A 283 -19.51 -42.83 -59.16
CA VAL A 283 -18.28 -42.14 -58.83
C VAL A 283 -18.60 -40.68 -58.54
N THR A 284 -18.07 -40.16 -57.44
CA THR A 284 -18.15 -38.75 -57.15
C THR A 284 -16.75 -38.16 -57.28
N GLN A 285 -16.55 -37.35 -58.31
CA GLN A 285 -15.24 -36.81 -58.62
C GLN A 285 -15.17 -35.32 -58.32
N SER A 286 -14.29 -34.93 -57.41
CA SER A 286 -14.09 -33.51 -57.14
C SER A 286 -13.44 -32.87 -58.35
N ILE A 287 -13.93 -31.71 -58.76
CA ILE A 287 -13.33 -31.00 -59.87
C ILE A 287 -12.51 -29.84 -59.32
N LEU A 288 -13.13 -29.12 -58.38
N LEU A 288 -13.12 -29.10 -58.40
CA LEU A 288 -12.55 -27.92 -57.83
CA LEU A 288 -12.45 -27.96 -57.81
C LEU A 288 -13.09 -27.67 -56.43
C LEU A 288 -13.07 -27.62 -56.47
N ASN A 289 -12.22 -27.29 -55.50
CA ASN A 289 -12.67 -26.90 -54.16
C ASN A 289 -11.77 -25.78 -53.65
N VAL A 290 -12.30 -24.55 -53.60
CA VAL A 290 -11.47 -23.43 -53.14
C VAL A 290 -11.94 -22.89 -51.81
N GLN A 291 -12.72 -23.70 -51.09
CA GLN A 291 -13.15 -23.28 -49.74
C GLN A 291 -11.94 -22.98 -48.84
N GLY A 292 -11.99 -21.85 -48.15
CA GLY A 292 -10.92 -21.48 -47.23
C GLY A 292 -9.73 -20.82 -47.90
N SER A 293 -9.84 -20.53 -49.20
CA SER A 293 -8.72 -19.98 -49.96
C SER A 293 -8.73 -18.46 -50.06
N GLY A 294 -9.86 -17.84 -49.69
CA GLY A 294 -10.02 -16.41 -49.89
C GLY A 294 -10.55 -16.12 -51.28
N SER A 295 -11.18 -17.11 -51.91
CA SER A 295 -11.75 -16.91 -53.24
C SER A 295 -12.99 -17.75 -53.44
N HIS A 296 -13.68 -17.52 -54.55
CA HIS A 296 -14.80 -18.35 -54.93
C HIS A 296 -14.83 -18.54 -56.45
N LEU A 297 -15.86 -19.23 -56.95
CA LEU A 297 -15.92 -19.58 -58.37
C LEU A 297 -17.15 -19.05 -59.07
N ARG A 298 -17.07 -19.00 -60.39
CA ARG A 298 -18.23 -18.72 -61.22
C ARG A 298 -18.12 -19.62 -62.46
N LEU A 299 -19.13 -20.43 -62.72
CA LEU A 299 -19.07 -21.37 -63.84
C LEU A 299 -19.76 -20.78 -65.04
N LYS A 300 -19.12 -20.85 -66.20
CA LYS A 300 -19.64 -20.20 -67.39
C LYS A 300 -20.13 -21.20 -68.43
N TYR A 301 -19.50 -22.36 -68.49
CA TYR A 301 -19.77 -23.34 -69.54
C TYR A 301 -19.27 -24.71 -69.15
N ALA A 302 -20.04 -25.74 -69.48
CA ALA A 302 -19.62 -27.11 -69.24
C ALA A 302 -20.10 -28.04 -70.34
N SER A 303 -19.31 -29.05 -70.64
CA SER A 303 -19.65 -30.01 -71.68
C SER A 303 -19.06 -31.36 -71.32
N VAL A 304 -19.74 -32.42 -71.72
CA VAL A 304 -19.22 -33.77 -71.49
C VAL A 304 -19.19 -34.51 -72.80
N SER A 305 -18.06 -35.13 -73.12
CA SER A 305 -17.94 -35.96 -74.30
C SER A 305 -17.80 -37.39 -73.86
N GLY A 306 -18.24 -38.30 -74.71
CA GLY A 306 -18.10 -39.72 -74.44
C GLY A 306 -19.35 -40.34 -73.86
N LEU A 307 -20.42 -39.55 -73.75
CA LEU A 307 -21.69 -40.07 -73.27
C LEU A 307 -22.26 -41.11 -74.22
N THR A 308 -22.68 -42.25 -73.67
CA THR A 308 -23.39 -43.28 -74.40
C THR A 308 -24.55 -43.77 -73.55
N THR A 309 -25.35 -44.66 -74.11
CA THR A 309 -26.46 -45.24 -73.37
C THR A 309 -25.97 -46.07 -72.19
N ALA A 310 -24.66 -46.33 -72.17
CA ALA A 310 -24.04 -47.04 -71.04
C ALA A 310 -23.84 -46.15 -69.82
N VAL A 311 -24.04 -44.84 -69.99
CA VAL A 311 -23.94 -43.90 -68.87
C VAL A 311 -25.34 -43.56 -68.37
N THR A 312 -25.58 -43.85 -67.09
CA THR A 312 -26.90 -43.69 -66.48
C THR A 312 -27.03 -42.42 -65.65
N GLN A 313 -25.89 -41.89 -65.22
CA GLN A 313 -25.89 -40.67 -64.44
C GLN A 313 -24.68 -39.82 -64.77
N CYS A 314 -24.91 -38.53 -64.94
CA CYS A 314 -23.82 -37.61 -65.19
C CYS A 314 -24.32 -36.22 -64.81
N GLN A 315 -24.10 -35.87 -63.55
CA GLN A 315 -24.56 -34.58 -63.01
C GLN A 315 -23.40 -33.75 -62.49
N LEU A 316 -23.32 -32.50 -62.95
CA LEU A 316 -22.40 -31.54 -62.37
C LEU A 316 -23.10 -30.92 -61.16
N GLN A 317 -22.39 -30.87 -60.03
CA GLN A 317 -22.95 -30.32 -58.80
C GLN A 317 -22.02 -29.28 -58.20
N ALA A 318 -22.60 -28.32 -57.49
CA ALA A 318 -21.82 -27.23 -56.93
C ALA A 318 -22.44 -26.80 -55.63
N THR A 319 -21.66 -26.12 -54.80
CA THR A 319 -22.23 -25.51 -53.60
C THR A 319 -21.30 -24.44 -53.04
N ASN A 320 -21.87 -23.62 -52.17
CA ASN A 320 -21.09 -22.80 -51.26
C ASN A 320 -20.93 -23.58 -49.96
N LEU A 321 -19.80 -24.24 -49.80
CA LEU A 321 -19.57 -25.12 -48.64
C LEU A 321 -19.63 -24.40 -47.31
N ASN A 322 -19.45 -23.08 -47.34
CA ASN A 322 -19.58 -22.27 -46.12
C ASN A 322 -21.05 -22.07 -45.73
N ARG A 323 -21.94 -22.34 -46.68
CA ARG A 323 -23.38 -22.26 -46.42
C ARG A 323 -23.99 -23.64 -46.24
N SER A 324 -23.54 -24.59 -47.06
CA SER A 324 -24.13 -25.93 -47.09
C SER A 324 -23.15 -26.99 -47.59
N THR A 325 -23.12 -28.14 -46.91
CA THR A 325 -22.28 -29.28 -47.32
C THR A 325 -23.00 -30.17 -48.31
N THR A 326 -24.27 -29.87 -48.55
CA THR A 326 -25.03 -30.61 -49.55
C THR A 326 -24.90 -29.93 -50.92
N TYR A 327 -24.38 -30.68 -51.89
CA TYR A 327 -24.21 -30.17 -53.24
C TYR A 327 -25.54 -30.17 -53.97
N SER A 328 -25.78 -29.15 -54.79
CA SER A 328 -26.96 -29.18 -55.66
C SER A 328 -26.54 -29.36 -57.11
N THR A 329 -27.35 -30.11 -57.84
CA THR A 329 -27.11 -30.33 -59.25
C THR A 329 -27.31 -29.02 -59.99
N VAL A 330 -26.31 -28.61 -60.78
CA VAL A 330 -26.40 -27.38 -61.57
C VAL A 330 -26.56 -27.68 -63.07
N TRP A 331 -26.23 -28.91 -63.45
CA TRP A 331 -26.53 -29.37 -64.82
C TRP A 331 -26.53 -30.88 -64.87
N ASP A 332 -27.52 -31.43 -65.56
CA ASP A 332 -27.63 -32.86 -65.72
C ASP A 332 -27.39 -33.15 -67.20
N PHE A 333 -26.26 -33.77 -67.53
CA PHE A 333 -25.89 -33.96 -68.93
C PHE A 333 -26.73 -35.02 -69.64
N ILE A 334 -27.36 -35.89 -68.85
CA ILE A 334 -28.26 -36.89 -69.43
C ILE A 334 -29.60 -36.23 -69.74
N ALA A 335 -30.20 -35.62 -68.74
CA ALA A 335 -31.54 -35.01 -68.85
C ALA A 335 -31.52 -33.74 -69.71
N GLY A 336 -30.44 -32.97 -69.58
CA GLY A 336 -30.36 -31.66 -70.24
C GLY A 336 -29.59 -31.60 -71.53
N GLY A 337 -28.75 -32.60 -71.80
CA GLY A 337 -27.91 -32.59 -72.99
C GLY A 337 -26.44 -32.40 -72.67
N SER A 338 -25.59 -32.69 -73.66
CA SER A 338 -24.15 -32.80 -73.43
C SER A 338 -23.41 -31.50 -73.18
N SER A 339 -24.07 -30.37 -73.39
CA SER A 339 -23.44 -29.09 -73.06
C SER A 339 -24.43 -28.06 -72.50
N THR A 340 -23.91 -27.13 -71.72
CA THR A 340 -24.75 -26.15 -71.05
C THR A 340 -25.18 -25.05 -72.03
N PRO A 341 -26.39 -24.50 -71.81
CA PRO A 341 -26.93 -23.45 -72.69
C PRO A 341 -26.29 -22.08 -72.45
N PRO A 342 -26.49 -21.15 -73.40
CA PRO A 342 -25.89 -19.82 -73.29
C PRO A 342 -26.19 -19.08 -71.99
N SER A 343 -27.38 -19.26 -71.43
CA SER A 343 -27.77 -18.50 -70.23
C SER A 343 -27.27 -19.12 -68.91
N TRP A 344 -26.62 -20.28 -69.02
CA TRP A 344 -26.16 -21.01 -67.84
C TRP A 344 -24.97 -20.31 -67.26
N ASP A 345 -25.08 -19.95 -65.99
CA ASP A 345 -24.08 -19.16 -65.30
C ASP A 345 -24.27 -19.46 -63.81
N ILE A 346 -23.27 -20.07 -63.18
CA ILE A 346 -23.40 -20.47 -61.79
C ILE A 346 -22.52 -19.59 -60.93
N ARG A 347 -23.14 -18.78 -60.07
CA ARG A 347 -22.39 -17.87 -59.23
C ARG A 347 -22.39 -18.29 -57.78
N GLU A 348 -21.50 -17.67 -57.00
CA GLU A 348 -21.45 -17.83 -55.56
C GLU A 348 -21.36 -19.29 -55.11
N ILE A 349 -20.41 -20.02 -55.69
CA ILE A 349 -20.10 -21.36 -55.24
C ILE A 349 -18.60 -21.42 -54.99
N ASN A 350 -18.13 -22.44 -54.30
CA ASN A 350 -16.69 -22.57 -54.08
C ASN A 350 -16.22 -24.01 -54.16
N SER A 351 -17.15 -24.89 -54.54
CA SER A 351 -16.79 -26.29 -54.73
C SER A 351 -17.66 -26.93 -55.81
N ILE A 352 -17.01 -27.69 -56.71
CA ILE A 352 -17.66 -28.34 -57.84
C ILE A 352 -17.30 -29.81 -57.87
N GLN A 353 -18.28 -30.68 -58.10
CA GLN A 353 -18.00 -32.10 -58.28
C GLN A 353 -18.86 -32.69 -59.40
N LEU A 354 -18.39 -33.78 -59.99
CA LEU A 354 -19.15 -34.52 -60.99
C LEU A 354 -19.57 -35.86 -60.40
N VAL A 355 -20.85 -36.14 -60.44
CA VAL A 355 -21.36 -37.41 -59.96
C VAL A 355 -21.82 -38.18 -61.18
N ALA A 356 -21.28 -39.38 -61.37
CA ALA A 356 -21.56 -40.12 -62.58
C ALA A 356 -21.68 -41.61 -62.26
N ASN A 357 -22.38 -42.32 -63.13
CA ASN A 357 -22.53 -43.76 -62.97
C ASN A 357 -22.78 -44.39 -64.34
N GLY A 358 -22.41 -45.65 -64.48
CA GLY A 358 -22.54 -46.33 -65.74
C GLY A 358 -21.41 -47.31 -65.99
N GLY A 359 -21.38 -47.88 -67.20
CA GLY A 359 -20.38 -48.88 -67.54
C GLY A 359 -20.61 -50.16 -66.77
N SER A 360 -19.71 -51.11 -66.91
CA SER A 360 -19.80 -52.37 -66.18
C SER A 360 -18.41 -52.85 -65.76
N SER A 361 -18.38 -53.84 -64.87
CA SER A 361 -17.13 -54.39 -64.37
C SER A 361 -16.28 -54.99 -65.50
N THR A 362 -16.91 -55.24 -66.64
CA THR A 362 -16.24 -55.88 -67.78
C THR A 362 -16.08 -54.92 -68.96
N SER A 363 -16.81 -53.82 -68.92
CA SER A 363 -16.79 -52.86 -70.03
C SER A 363 -16.95 -51.44 -69.50
N SER A 364 -15.82 -50.78 -69.25
CA SER A 364 -15.82 -49.46 -68.65
C SER A 364 -16.05 -48.38 -69.71
N VAL A 365 -16.60 -47.24 -69.28
CA VAL A 365 -16.82 -46.11 -70.16
C VAL A 365 -16.08 -44.91 -69.59
N THR A 366 -15.37 -44.18 -70.44
CA THR A 366 -14.65 -42.99 -70.01
C THR A 366 -15.29 -41.76 -70.61
N ILE A 367 -15.71 -40.84 -69.74
CA ILE A 367 -16.27 -39.58 -70.16
C ILE A 367 -15.33 -38.46 -69.78
N THR A 368 -15.41 -37.36 -70.51
CA THR A 368 -14.52 -36.23 -70.25
C THR A 368 -15.33 -34.97 -70.09
N LEU A 369 -15.16 -34.33 -68.93
CA LEU A 369 -15.81 -33.08 -68.63
C LEU A 369 -14.88 -31.95 -69.01
N ILE A 370 -15.40 -30.95 -69.70
CA ILE A 370 -14.68 -29.70 -69.85
C ILE A 370 -15.50 -28.61 -69.18
N LEU A 371 -14.79 -27.64 -68.62
CA LEU A 371 -15.41 -26.62 -67.80
C LEU A 371 -14.65 -25.32 -68.00
N VAL A 372 -15.39 -24.22 -68.17
CA VAL A 372 -14.79 -22.90 -68.14
C VAL A 372 -15.32 -22.22 -66.91
N TYR A 373 -14.42 -21.69 -66.08
CA TYR A 373 -14.84 -21.04 -64.84
C TYR A 373 -13.91 -19.89 -64.53
N GLU A 374 -14.39 -18.96 -63.72
CA GLU A 374 -13.56 -17.89 -63.22
C GLU A 374 -13.31 -18.16 -61.75
N GLN A 375 -12.11 -17.83 -61.28
CA GLN A 375 -11.85 -17.77 -59.83
C GLN A 375 -11.84 -16.31 -59.43
N ILE A 376 -12.66 -15.98 -58.44
CA ILE A 376 -12.91 -14.59 -58.09
C ILE A 376 -12.49 -14.36 -56.65
N ALA A 377 -11.83 -13.23 -56.39
CA ALA A 377 -11.39 -12.92 -55.02
C ALA A 377 -12.59 -12.81 -54.10
N GLY A 378 -12.44 -13.37 -52.90
CA GLY A 378 -13.43 -13.19 -51.84
C GLY A 378 -13.94 -14.52 -51.32
N GLU A 379 -13.59 -14.85 -50.07
CA GLU A 379 -14.15 -16.03 -49.43
C GLU A 379 -15.65 -15.81 -49.24
N LEU A 380 -16.47 -16.82 -49.55
CA LEU A 380 -17.92 -16.69 -49.37
C LEU A 380 -18.28 -16.83 -47.91
N SER A 381 -19.27 -16.08 -47.44
CA SER A 381 -19.65 -16.21 -46.03
C SER A 381 -20.69 -17.29 -45.77
N HIS A 382 -20.84 -17.66 -44.51
CA HIS A 382 -21.88 -18.58 -44.05
C HIS A 382 -23.27 -17.99 -44.33
N HIS A 383 -24.30 -18.83 -44.38
CA HIS A 383 -25.69 -18.35 -44.42
C HIS A 383 -26.63 -19.37 -43.79
N LEU B 6 21.38 23.73 -38.48
CA LEU B 6 20.33 23.90 -39.49
C LEU B 6 18.93 23.67 -38.91
N GLY B 7 18.82 22.71 -38.00
CA GLY B 7 17.55 22.42 -37.34
C GLY B 7 17.23 23.47 -36.31
N GLN B 8 15.93 23.70 -36.08
CA GLN B 8 15.48 24.67 -35.09
C GLN B 8 14.44 23.99 -34.23
N SER B 9 14.23 24.55 -33.03
CA SER B 9 13.14 24.11 -32.18
C SER B 9 11.91 24.96 -32.55
N PHE B 10 10.72 24.40 -32.35
CA PHE B 10 9.49 25.15 -32.56
C PHE B 10 8.42 24.67 -31.60
N PRO B 11 7.59 25.61 -31.12
CA PRO B 11 6.46 25.26 -30.24
C PRO B 11 5.33 24.67 -31.08
N ALA B 12 4.68 23.62 -30.58
CA ALA B 12 3.65 22.99 -31.39
C ALA B 12 2.44 22.56 -30.60
N ASN B 13 2.02 23.38 -29.63
CA ASN B 13 0.92 22.98 -28.77
C ASN B 13 -0.48 23.02 -29.34
N ALA B 14 -0.69 23.88 -30.33
CA ALA B 14 -2.04 24.17 -30.80
C ALA B 14 -2.53 23.14 -31.80
N LYS B 15 -3.84 22.93 -31.81
CA LYS B 15 -4.49 22.01 -32.73
C LYS B 15 -4.27 22.48 -34.16
N VAL B 16 -4.04 21.53 -35.07
CA VAL B 16 -3.86 21.88 -36.49
C VAL B 16 -5.20 22.18 -37.15
N LYS B 17 -5.22 23.15 -38.06
CA LYS B 17 -6.46 23.48 -38.80
C LYS B 17 -6.32 22.94 -40.21
N TYR B 18 -7.44 22.72 -40.90
CA TYR B 18 -7.36 22.31 -42.32
C TYR B 18 -7.32 23.48 -43.28
N TYR B 19 -7.50 24.68 -42.74
CA TYR B 19 -7.40 25.88 -43.56
C TYR B 19 -6.93 27.04 -42.69
N TYR B 20 -5.94 27.78 -43.15
CA TYR B 20 -5.44 28.98 -42.46
C TYR B 20 -5.45 30.13 -43.42
N LYS B 21 -5.96 31.26 -42.98
CA LYS B 21 -5.71 32.49 -43.71
C LYS B 21 -4.88 33.34 -42.78
N LEU B 22 -3.60 33.52 -43.12
CA LEU B 22 -2.64 33.96 -42.13
C LEU B 22 -2.69 35.46 -41.89
N SER B 23 -3.57 36.15 -42.62
CA SER B 23 -3.83 37.55 -42.36
C SER B 23 -4.89 37.70 -41.27
N GLU B 24 -5.45 36.59 -40.80
CA GLU B 24 -6.28 36.59 -39.59
C GLU B 24 -5.43 36.24 -38.38
N LYS B 25 -5.46 37.10 -37.39
CA LYS B 25 -4.61 36.94 -36.22
C LYS B 25 -4.75 35.54 -35.60
N GLN B 26 -5.98 35.08 -35.39
CA GLN B 26 -6.13 33.80 -34.71
C GLN B 26 -5.60 32.62 -35.53
N ASP B 27 -5.75 32.67 -36.86
CA ASP B 27 -5.08 31.65 -37.67
C ASP B 27 -3.55 31.73 -37.60
N LEU B 28 -3.00 32.93 -37.67
CA LEU B 28 -1.53 33.05 -37.59
C LEU B 28 -1.04 32.51 -36.25
N ASP B 29 -1.71 32.91 -35.17
CA ASP B 29 -1.30 32.48 -33.83
C ASP B 29 -1.27 30.96 -33.71
N ALA B 30 -2.25 30.29 -34.31
CA ALA B 30 -2.29 28.83 -34.25
C ALA B 30 -1.17 28.22 -35.12
N PHE B 31 -1.05 28.75 -36.33
CA PHE B 31 -0.06 28.33 -37.31
C PHE B 31 1.37 28.30 -36.72
N VAL B 32 1.74 29.36 -36.00
CA VAL B 32 3.08 29.45 -35.42
C VAL B 32 3.21 28.81 -34.06
N ASN B 33 2.19 28.07 -33.64
CA ASN B 33 2.23 27.28 -32.39
C ASN B 33 1.78 25.88 -32.73
N SER B 34 2.14 25.41 -33.93
CA SER B 34 1.75 24.08 -34.36
C SER B 34 2.60 23.51 -35.48
N ILE B 35 2.66 24.21 -36.61
CA ILE B 35 3.26 23.60 -37.80
C ILE B 35 4.31 24.47 -38.48
N PHE B 36 4.49 25.71 -38.00
CA PHE B 36 5.48 26.61 -38.58
C PHE B 36 6.80 26.61 -37.80
N VAL B 37 7.91 26.47 -38.52
CA VAL B 37 9.23 26.41 -37.91
C VAL B 37 10.04 27.63 -38.37
N GLY B 38 10.56 28.38 -37.41
CA GLY B 38 11.36 29.56 -37.71
C GLY B 38 10.66 30.84 -37.30
N SER B 39 11.26 31.98 -37.60
N SER B 39 11.28 31.97 -37.65
CA SER B 39 10.62 33.24 -37.28
CA SER B 39 10.72 33.28 -37.36
C SER B 39 9.93 33.85 -38.49
C SER B 39 9.91 33.82 -38.52
N TYR B 40 9.12 34.87 -38.27
CA TYR B 40 8.44 35.57 -39.34
C TYR B 40 8.41 37.05 -38.99
N LYS B 41 8.20 37.88 -40.00
CA LYS B 41 7.97 39.31 -39.81
C LYS B 41 6.62 39.57 -40.45
N LEU B 42 5.74 40.27 -39.74
CA LEU B 42 4.44 40.59 -40.31
C LEU B 42 4.61 41.81 -41.22
N LYS B 43 4.19 41.70 -42.47
CA LYS B 43 4.38 42.79 -43.42
C LYS B 43 3.12 43.04 -44.20
N GLN B 44 2.94 44.26 -44.66
CA GLN B 44 1.87 44.56 -45.58
C GLN B 44 2.25 44.14 -47.00
N ILE B 45 1.44 43.26 -47.57
CA ILE B 45 1.71 42.65 -48.87
C ILE B 45 0.63 43.14 -49.83
N SER B 46 1.04 43.55 -51.03
CA SER B 46 0.12 44.02 -52.06
C SER B 46 0.41 43.26 -53.35
N TYR B 47 -0.63 42.86 -54.07
CA TYR B 47 -0.43 42.34 -55.41
C TYR B 47 -1.66 42.56 -56.27
N LEU B 48 -1.51 42.43 -57.58
CA LEU B 48 -2.52 42.82 -58.55
C LEU B 48 -3.47 41.69 -58.87
N LEU B 49 -4.77 41.99 -58.88
CA LEU B 49 -5.78 41.06 -59.36
C LEU B 49 -6.71 41.83 -60.28
N TYR B 50 -6.67 41.53 -61.57
CA TYR B 50 -7.46 42.24 -62.57
C TYR B 50 -7.30 43.74 -62.42
N GLY B 51 -6.06 44.19 -62.23
CA GLY B 51 -5.76 45.61 -62.17
C GLY B 51 -6.02 46.24 -60.82
N ASN B 52 -6.64 45.49 -59.91
CA ASN B 52 -6.88 45.97 -58.55
C ASN B 52 -5.82 45.52 -57.58
N THR B 53 -5.61 46.28 -56.50
CA THR B 53 -4.51 45.95 -55.59
C THR B 53 -5.04 45.35 -54.32
N LYS B 54 -4.80 44.06 -54.16
CA LYS B 54 -5.20 43.37 -52.95
C LYS B 54 -4.17 43.63 -51.87
N ILE B 55 -4.63 44.05 -50.69
CA ILE B 55 -3.69 44.37 -49.61
C ILE B 55 -3.99 43.56 -48.35
N VAL B 56 -2.99 42.81 -47.88
CA VAL B 56 -3.09 42.03 -46.67
C VAL B 56 -1.84 42.18 -45.81
N SER B 57 -1.98 41.89 -44.52
CA SER B 57 -0.81 41.80 -43.65
C SER B 57 -0.55 40.32 -43.42
N ALA B 58 0.64 39.85 -43.75
CA ALA B 58 0.95 38.43 -43.74
C ALA B 58 2.36 38.19 -43.24
N PRO B 59 2.63 36.98 -42.74
CA PRO B 59 3.95 36.65 -42.21
C PRO B 59 4.93 36.46 -43.37
N VAL B 60 6.12 37.05 -43.26
CA VAL B 60 7.16 36.89 -44.28
C VAL B 60 8.38 36.20 -43.66
N VAL B 61 8.98 35.26 -44.38
CA VAL B 61 10.20 34.61 -43.90
C VAL B 61 11.33 35.63 -43.94
N PRO B 62 11.98 35.88 -42.81
CA PRO B 62 13.04 36.90 -42.80
C PRO B 62 14.38 36.36 -43.32
N LEU B 63 15.32 37.26 -43.59
CA LEU B 63 16.68 36.87 -43.97
C LEU B 63 17.20 35.85 -42.98
N GLY B 64 17.89 34.83 -43.49
CA GLY B 64 18.44 33.79 -42.63
C GLY B 64 18.08 32.43 -43.18
N PRO B 65 18.02 31.42 -42.30
CA PRO B 65 17.69 30.05 -42.74
C PRO B 65 16.28 29.96 -43.29
N ASN B 66 16.03 28.99 -44.16
CA ASN B 66 14.67 28.75 -44.59
C ASN B 66 13.77 28.47 -43.40
N ALA B 67 12.51 28.84 -43.53
CA ALA B 67 11.49 28.40 -42.57
C ALA B 67 11.02 27.05 -43.06
N SER B 68 10.21 26.36 -42.25
CA SER B 68 9.62 25.10 -42.67
C SER B 68 8.18 25.03 -42.19
N ILE B 69 7.38 24.23 -42.89
CA ILE B 69 6.11 23.80 -42.37
C ILE B 69 6.23 22.31 -42.18
N ILE B 70 5.89 21.84 -40.98
CA ILE B 70 6.04 20.43 -40.64
C ILE B 70 4.77 20.02 -39.91
N ILE B 71 4.13 18.96 -40.39
CA ILE B 71 2.86 18.49 -39.79
C ILE B 71 2.91 17.00 -39.46
N ASP B 72 3.09 16.65 -38.18
CA ASP B 72 2.99 15.25 -37.80
C ASP B 72 1.70 14.92 -37.05
N ASP B 73 0.82 15.90 -36.93
CA ASP B 73 -0.44 15.72 -36.19
C ASP B 73 -1.34 14.65 -36.81
N GLU B 74 -2.23 14.10 -35.99
CA GLU B 74 -3.14 13.05 -36.43
C GLU B 74 -4.30 13.61 -37.27
N LEU B 75 -3.99 14.20 -38.42
CA LEU B 75 -5.04 14.59 -39.37
C LEU B 75 -5.89 13.38 -39.73
N GLN B 76 -7.12 13.61 -40.21
CA GLN B 76 -7.92 12.51 -40.70
C GLN B 76 -7.12 11.83 -41.80
N GLU B 77 -7.14 10.51 -41.83
CA GLU B 77 -6.32 9.81 -42.84
C GLU B 77 -6.88 10.05 -44.23
N GLY B 78 -6.02 10.01 -45.24
CA GLY B 78 -6.48 10.18 -46.61
C GLY B 78 -5.42 10.86 -47.45
N LEU B 79 -5.75 11.13 -48.71
CA LEU B 79 -4.82 11.82 -49.60
C LEU B 79 -5.22 13.29 -49.69
N TYR B 80 -4.28 14.16 -49.35
CA TYR B 80 -4.50 15.60 -49.32
C TYR B 80 -3.83 16.31 -50.48
N LEU B 81 -4.58 17.24 -51.05
CA LEU B 81 -4.00 18.27 -51.89
C LEU B 81 -3.72 19.45 -50.99
N ILE B 82 -2.48 19.90 -50.99
CA ILE B 82 -2.12 21.08 -50.22
C ILE B 82 -1.97 22.25 -51.19
N ARG B 83 -2.54 23.39 -50.83
CA ARG B 83 -2.27 24.63 -51.58
C ARG B 83 -1.77 25.68 -50.61
N ILE B 84 -0.61 26.26 -50.91
CA ILE B 84 -0.06 27.35 -50.13
C ILE B 84 -0.04 28.60 -51.00
N LYS B 85 -0.76 29.64 -50.59
CA LYS B 85 -0.71 30.87 -51.35
C LYS B 85 0.45 31.70 -50.80
N VAL B 86 1.41 32.03 -51.66
CA VAL B 86 2.56 32.81 -51.21
C VAL B 86 2.75 34.04 -52.08
N TYR B 87 3.54 34.97 -51.60
CA TYR B 87 3.94 36.12 -52.38
C TYR B 87 5.43 36.32 -52.24
N ASN B 88 6.13 36.34 -53.36
CA ASN B 88 7.58 36.54 -53.31
C ASN B 88 7.90 38.02 -53.23
N THR B 89 8.31 38.49 -52.05
CA THR B 89 8.66 39.90 -51.88
C THR B 89 10.03 40.25 -52.42
N ASN B 90 10.83 39.25 -52.78
CA ASN B 90 12.19 39.51 -53.31
C ASN B 90 12.15 40.01 -54.74
N SER B 91 13.20 40.73 -55.13
CA SER B 91 13.34 41.16 -56.52
C SER B 91 14.04 40.11 -57.37
N PHE B 92 14.10 38.86 -56.86
CA PHE B 92 14.70 37.76 -57.59
C PHE B 92 13.83 36.53 -57.41
N SER B 93 13.99 35.55 -58.29
CA SER B 93 13.24 34.31 -58.19
C SER B 93 13.69 33.53 -56.98
N VAL B 94 12.79 32.72 -56.43
CA VAL B 94 13.18 31.77 -55.40
C VAL B 94 12.62 30.43 -55.79
N THR B 95 13.14 29.36 -55.21
CA THR B 95 12.64 28.03 -55.52
C THR B 95 12.12 27.34 -54.26
N VAL B 96 11.18 26.43 -54.47
CA VAL B 96 10.61 25.64 -53.40
C VAL B 96 10.63 24.20 -53.88
N THR B 97 10.82 23.26 -52.96
CA THR B 97 10.83 21.84 -53.27
C THR B 97 9.61 21.20 -52.62
N PRO B 98 8.57 20.90 -53.42
CA PRO B 98 7.37 20.31 -52.80
C PRO B 98 7.63 18.91 -52.26
N PHE B 99 6.88 18.55 -51.23
CA PHE B 99 7.01 17.28 -50.53
C PHE B 99 6.67 16.12 -51.47
N PHE B 100 5.47 16.17 -52.05
CA PHE B 100 4.97 15.11 -52.93
C PHE B 100 5.15 13.71 -52.31
N ASN B 101 5.11 13.65 -50.98
CA ASN B 101 5.37 12.41 -50.25
C ASN B 101 6.81 11.88 -50.29
N ASN B 102 7.42 11.89 -51.48
N ASN B 102 7.46 11.88 -51.45
CA ASN B 102 8.76 11.31 -51.66
CA ASN B 102 8.86 11.45 -51.45
C ASN B 102 9.73 12.16 -52.48
C ASN B 102 9.73 12.16 -52.47
N ASN B 103 9.40 13.42 -52.75
CA ASN B 103 10.27 14.23 -53.61
C ASN B 103 11.28 15.00 -52.77
N ASN B 104 12.52 15.12 -53.25
CA ASN B 104 13.41 16.13 -52.69
C ASN B 104 14.32 16.75 -53.73
N THR B 105 13.94 16.66 -55.01
CA THR B 105 14.73 17.29 -56.07
C THR B 105 13.92 18.23 -56.99
N MET B 106 12.67 17.86 -57.27
CA MET B 106 11.87 18.67 -58.18
C MET B 106 11.46 19.96 -57.51
N THR B 107 11.39 21.04 -58.30
CA THR B 107 11.16 22.37 -57.74
C THR B 107 10.07 23.18 -58.43
N TYR B 108 9.55 24.16 -57.70
CA TYR B 108 8.81 25.26 -58.30
C TYR B 108 9.75 26.45 -58.35
N SER B 109 9.60 27.26 -59.40
CA SER B 109 10.34 28.50 -59.53
C SER B 109 9.37 29.66 -59.39
N ILE B 110 9.57 30.49 -58.36
CA ILE B 110 8.62 31.56 -58.06
C ILE B 110 9.21 32.92 -58.44
N GLY B 111 8.57 33.60 -59.38
CA GLY B 111 9.12 34.82 -59.93
C GLY B 111 9.16 35.97 -58.94
N ALA B 112 10.05 36.92 -59.21
CA ALA B 112 10.19 38.10 -58.36
C ALA B 112 8.88 38.85 -58.23
N ASN B 113 8.63 39.41 -57.06
CA ASN B 113 7.47 40.28 -56.84
C ASN B 113 6.15 39.71 -57.35
N SER B 114 5.86 38.46 -57.03
CA SER B 114 4.63 37.88 -57.54
C SER B 114 3.98 36.89 -56.62
N GLU B 115 2.67 36.77 -56.78
CA GLU B 115 1.86 35.82 -56.04
C GLU B 115 2.06 34.46 -56.70
N PHE B 116 2.00 33.39 -55.92
CA PHE B 116 2.22 32.06 -56.47
C PHE B 116 1.49 31.03 -55.63
N GLU B 117 0.93 30.01 -56.29
CA GLU B 117 0.26 28.89 -55.64
C GLU B 117 1.16 27.67 -55.57
N ILE B 118 1.62 27.32 -54.38
CA ILE B 118 2.40 26.10 -54.21
C ILE B 118 1.42 24.95 -54.06
N TYR B 119 1.46 23.97 -54.99
CA TYR B 119 0.64 22.77 -54.84
C TYR B 119 1.48 21.65 -54.25
N ASP B 120 0.90 20.87 -53.35
CA ASP B 120 1.67 19.76 -52.81
C ASP B 120 0.72 18.60 -52.59
N ILE B 121 1.27 17.43 -52.36
CA ILE B 121 0.45 16.25 -52.15
C ILE B 121 1.00 15.56 -50.90
N PHE B 122 0.09 15.09 -50.05
CA PHE B 122 0.46 14.49 -48.78
C PHE B 122 -0.48 13.35 -48.48
N THR B 123 0.07 12.15 -48.34
CA THR B 123 -0.75 11.01 -47.93
C THR B 123 -0.66 10.83 -46.43
N LYS B 124 -1.77 11.07 -45.72
CA LYS B 124 -1.81 10.85 -44.28
C LYS B 124 -2.17 9.39 -44.01
N GLU B 125 -1.15 8.55 -43.88
CA GLU B 125 -1.28 7.16 -43.47
C GLU B 125 0.04 6.79 -42.78
N GLN B 126 0.00 5.80 -41.91
CA GLN B 126 1.20 5.30 -41.25
C GLN B 126 2.12 6.39 -40.68
N GLY B 127 1.54 7.39 -40.03
CA GLY B 127 2.34 8.42 -39.38
C GLY B 127 3.19 9.32 -40.26
N ASN B 128 2.88 9.36 -41.56
CA ASN B 128 3.61 10.21 -42.50
C ASN B 128 3.61 11.66 -42.01
N ILE B 129 4.72 12.36 -42.25
CA ILE B 129 4.87 13.72 -41.73
C ILE B 129 5.11 14.70 -42.86
N TYR B 130 4.25 15.72 -42.96
CA TYR B 130 4.37 16.67 -44.06
C TYR B 130 5.54 17.61 -43.80
N TYR B 131 6.27 17.96 -44.85
CA TYR B 131 7.44 18.80 -44.71
C TYR B 131 7.72 19.63 -45.95
N ILE B 132 7.82 20.93 -45.77
CA ILE B 132 8.29 21.79 -46.85
C ILE B 132 9.08 22.99 -46.30
N GLN B 133 10.19 23.35 -46.98
CA GLN B 133 10.98 24.52 -46.61
C GLN B 133 10.56 25.72 -47.46
N LEU B 134 10.66 26.90 -46.87
CA LEU B 134 10.21 28.14 -47.49
C LEU B 134 11.33 29.16 -47.31
N PRO B 135 11.81 29.70 -48.44
CA PRO B 135 12.98 30.59 -48.43
C PRO B 135 12.66 32.01 -47.98
N PRO B 136 13.69 32.73 -47.52
CA PRO B 136 13.53 34.12 -47.06
C PRO B 136 12.84 35.00 -48.09
N GLY B 137 11.95 35.87 -47.62
CA GLY B 137 11.27 36.82 -48.49
C GLY B 137 9.93 36.34 -49.03
N LEU B 138 9.61 35.06 -48.80
CA LEU B 138 8.28 34.57 -49.14
C LEU B 138 7.28 34.95 -48.05
N ALA B 139 6.22 35.64 -48.45
CA ALA B 139 5.07 35.88 -47.57
C ALA B 139 4.14 34.68 -47.69
N ILE B 140 3.63 34.19 -46.55
N ILE B 140 3.63 34.20 -46.56
CA ILE B 140 2.70 33.08 -46.54
CA ILE B 140 2.69 33.08 -46.57
C ILE B 140 1.29 33.62 -46.28
C ILE B 140 1.28 33.59 -46.26
N LEU B 141 0.40 33.51 -47.25
CA LEU B 141 -0.94 34.12 -47.12
C LEU B 141 -2.02 33.15 -46.67
N GLU B 142 -2.00 31.94 -47.22
CA GLU B 142 -3.00 30.93 -46.92
C GLU B 142 -2.36 29.56 -46.98
N PHE B 143 -2.92 28.64 -46.20
CA PHE B 143 -2.45 27.26 -46.22
C PHE B 143 -3.68 26.38 -46.15
N SER B 144 -3.84 25.52 -47.15
CA SER B 144 -5.06 24.72 -47.27
C SER B 144 -4.74 23.25 -47.39
N LEU B 145 -5.45 22.44 -46.60
CA LEU B 145 -5.36 20.98 -46.65
C LEU B 145 -6.72 20.47 -47.05
N GLU B 146 -6.84 19.83 -48.20
CA GLU B 146 -8.15 19.27 -48.55
C GLU B 146 -7.99 17.87 -49.14
N ARG B 147 -8.90 16.97 -48.80
CA ARG B 147 -8.87 15.63 -49.33
C ARG B 147 -9.40 15.64 -50.76
N VAL B 148 -8.70 15.00 -51.67
CA VAL B 148 -9.13 14.96 -53.08
C VAL B 148 -9.89 13.67 -53.30
N PHE B 149 -10.66 13.57 -54.36
CA PHE B 149 -11.43 12.35 -54.60
C PHE B 149 -12.58 12.30 -53.62
N GLU B 150 -12.81 13.43 -52.94
CA GLU B 150 -14.04 13.66 -52.21
C GLU B 150 -14.87 14.54 -53.10
N LYS B 151 -16.15 14.25 -53.23
CA LYS B 151 -17.04 15.17 -53.89
C LYS B 151 -16.63 15.35 -55.35
N GLY B 152 -15.99 14.32 -55.89
CA GLY B 152 -15.63 14.31 -57.29
C GLY B 152 -14.48 15.22 -57.66
N ASN B 153 -13.68 15.64 -56.69
CA ASN B 153 -12.50 16.43 -57.01
C ASN B 153 -11.35 15.60 -57.53
N ARG B 154 -10.39 16.26 -58.16
CA ARG B 154 -9.25 15.57 -58.74
C ARG B 154 -8.01 16.32 -58.35
N ILE B 155 -6.87 15.69 -58.53
CA ILE B 155 -5.60 16.41 -58.48
C ILE B 155 -5.45 17.10 -59.82
N ASN B 156 -5.23 18.41 -59.79
CA ASN B 156 -5.01 19.18 -61.01
C ASN B 156 -3.97 20.26 -60.80
N ILE B 157 -2.70 19.88 -60.94
CA ILE B 157 -1.59 20.81 -60.77
C ILE B 157 -1.13 21.30 -62.14
N PRO B 158 -1.03 22.62 -62.32
CA PRO B 158 -0.65 23.17 -63.62
C PRO B 158 0.80 22.83 -63.99
N LYS B 159 1.21 23.15 -65.21
CA LYS B 159 2.53 22.75 -65.69
C LYS B 159 3.61 23.66 -65.09
N ILE B 160 4.06 23.34 -63.88
CA ILE B 160 4.98 24.22 -63.13
C ILE B 160 6.04 23.42 -62.40
N ILE B 161 5.97 22.10 -62.49
CA ILE B 161 6.89 21.25 -61.75
C ILE B 161 8.17 21.08 -62.58
N HIS B 162 9.31 21.42 -62.00
CA HIS B 162 10.58 21.36 -62.74
C HIS B 162 11.40 20.14 -62.36
N THR B 163 11.87 19.41 -63.37
CA THR B 163 12.79 18.31 -63.11
C THR B 163 13.95 18.39 -64.06
N SER B 164 15.09 17.90 -63.63
CA SER B 164 16.21 17.79 -64.54
C SER B 164 16.70 16.35 -64.65
N GLY B 165 15.84 15.41 -64.27
CA GLY B 165 16.14 14.01 -64.53
C GLY B 165 15.91 13.07 -63.38
N ASN B 166 15.52 13.61 -62.22
CA ASN B 166 15.08 12.78 -61.12
C ASN B 166 13.98 13.44 -60.32
N GLY B 167 13.38 12.69 -59.40
CA GLY B 167 12.23 13.17 -58.68
C GLY B 167 11.22 12.05 -58.52
N TYR B 168 10.38 12.17 -57.50
CA TYR B 168 9.33 11.19 -57.22
C TYR B 168 8.09 11.93 -56.78
N ILE B 169 6.93 11.36 -57.12
CA ILE B 169 5.67 11.79 -56.53
C ILE B 169 4.93 10.50 -56.19
N SER B 170 4.40 10.40 -54.97
CA SER B 170 3.64 9.22 -54.57
C SER B 170 2.28 9.67 -54.07
N PHE B 171 1.29 8.81 -54.21
CA PHE B 171 -0.03 9.10 -53.67
C PHE B 171 -0.82 7.81 -53.55
N ARG B 172 -1.82 7.80 -52.66
CA ARG B 172 -2.61 6.60 -52.42
C ARG B 172 -3.91 6.77 -53.17
N LEU B 173 -4.32 5.76 -53.93
CA LEU B 173 -5.63 5.80 -54.59
C LEU B 173 -6.50 4.68 -54.09
N ARG B 174 -7.71 4.98 -53.68
CA ARG B 174 -8.61 3.92 -53.31
C ARG B 174 -9.14 3.28 -54.57
N LYS B 175 -9.90 2.20 -54.41
CA LYS B 175 -10.39 1.42 -55.54
C LYS B 175 -11.08 2.29 -56.59
N GLY B 176 -10.88 1.97 -57.86
CA GLY B 176 -11.42 2.75 -58.97
C GLY B 176 -10.45 2.65 -60.14
N THR B 177 -10.82 3.25 -61.26
CA THR B 177 -9.92 3.40 -62.38
C THR B 177 -9.61 4.88 -62.51
N TYR B 178 -8.34 5.20 -62.77
CA TYR B 178 -7.94 6.60 -62.83
C TYR B 178 -7.16 6.91 -64.09
N ALA B 179 -7.30 8.13 -64.55
CA ALA B 179 -6.45 8.68 -65.56
C ALA B 179 -5.35 9.49 -64.85
N ILE B 180 -4.13 9.35 -65.32
CA ILE B 180 -3.03 10.20 -64.86
C ILE B 180 -2.53 10.93 -66.07
N LYS B 181 -2.69 12.25 -66.06
CA LYS B 181 -2.34 13.06 -67.22
C LYS B 181 -1.22 13.99 -66.84
N MET B 182 -0.15 14.00 -67.63
N MET B 182 -0.17 14.03 -67.65
CA MET B 182 0.96 14.93 -67.36
CA MET B 182 0.94 14.93 -67.36
C MET B 182 1.36 15.73 -68.57
C MET B 182 1.37 15.73 -68.56
N PRO B 183 0.81 16.94 -68.70
CA PRO B 183 1.23 17.84 -69.78
C PRO B 183 2.69 18.16 -69.50
N TYR B 184 3.53 18.27 -70.52
CA TYR B 184 4.93 18.59 -70.28
C TYR B 184 5.52 19.44 -71.37
N SER B 185 6.61 20.13 -71.04
CA SER B 185 7.43 20.84 -72.01
C SER B 185 8.87 20.47 -71.68
N TYR B 186 9.69 20.33 -72.70
CA TYR B 186 11.10 20.09 -72.46
C TYR B 186 11.99 20.99 -73.30
N ASN B 187 13.22 21.15 -72.83
CA ASN B 187 14.24 21.82 -73.61
C ASN B 187 15.49 20.94 -73.68
N ASN B 188 15.79 20.40 -74.85
CA ASN B 188 16.99 19.59 -75.01
C ASN B 188 18.17 20.51 -75.30
N THR B 189 19.07 20.62 -74.33
CA THR B 189 20.20 21.53 -74.45
C THR B 189 21.39 20.86 -75.12
N THR B 190 21.34 19.54 -75.26
CA THR B 190 22.45 18.77 -75.83
C THR B 190 22.39 18.62 -77.34
N SER B 191 23.52 18.24 -77.93
CA SER B 191 23.59 17.94 -79.35
C SER B 191 23.16 16.50 -79.65
N THR B 192 22.64 15.81 -78.64
CA THR B 192 22.25 14.41 -78.76
C THR B 192 20.80 14.24 -79.24
N THR B 193 20.60 13.27 -80.13
CA THR B 193 19.25 12.92 -80.59
C THR B 193 18.76 11.67 -79.87
N PHE B 194 17.58 11.77 -79.24
CA PHE B 194 17.03 10.67 -78.46
C PHE B 194 15.87 10.04 -79.18
N THR B 195 15.74 8.72 -79.06
CA THR B 195 14.59 7.99 -79.59
C THR B 195 14.05 7.06 -78.51
N ASN B 196 12.73 6.97 -78.40
CA ASN B 196 12.09 6.25 -77.30
C ASN B 196 12.71 6.67 -75.98
N PHE B 197 12.73 7.97 -75.78
CA PHE B 197 13.18 8.60 -74.55
C PHE B 197 12.22 8.28 -73.42
N GLN B 198 12.71 7.56 -72.41
CA GLN B 198 11.87 7.31 -71.25
C GLN B 198 12.04 8.43 -70.24
N PHE B 199 10.97 9.19 -70.06
CA PHE B 199 10.94 10.29 -69.11
C PHE B 199 10.87 9.75 -67.70
N GLY B 200 10.06 8.70 -67.51
CA GLY B 200 9.78 8.22 -66.16
C GLY B 200 8.90 7.00 -66.16
N THR B 201 8.41 6.63 -64.98
CA THR B 201 7.52 5.47 -64.87
C THR B 201 6.44 5.75 -63.86
N ILE B 202 5.29 5.12 -64.04
CA ILE B 202 4.26 5.12 -63.02
C ILE B 202 4.13 3.66 -62.59
N SER B 203 4.14 3.41 -61.29
CA SER B 203 4.01 2.03 -60.83
C SER B 203 3.23 1.88 -59.53
N THR B 204 2.68 0.70 -59.34
CA THR B 204 2.22 0.22 -58.04
C THR B 204 3.22 -0.89 -57.72
N SER B 205 3.02 -1.62 -56.63
CA SER B 205 3.96 -2.70 -56.30
C SER B 205 4.26 -3.64 -57.48
N ALA B 207 3.30 -3.70 -61.03
CA ALA B 207 2.83 -3.08 -62.27
C ALA B 207 3.55 -1.75 -62.55
N THR B 208 4.09 -1.61 -63.76
CA THR B 208 4.87 -0.44 -64.17
C THR B 208 4.49 0.05 -65.57
N ILE B 209 4.27 1.35 -65.70
CA ILE B 209 3.97 1.98 -66.99
C ILE B 209 5.05 2.99 -67.36
N PRO B 210 5.84 2.69 -68.41
CA PRO B 210 6.85 3.66 -68.86
C PRO B 210 6.22 4.87 -69.53
N LEU B 211 6.77 6.05 -69.28
CA LEU B 211 6.32 7.27 -69.95
C LEU B 211 7.38 7.59 -71.00
N VAL B 212 7.03 7.34 -72.26
CA VAL B 212 8.00 7.38 -73.36
C VAL B 212 7.67 8.40 -74.45
N ILE B 213 8.70 9.08 -74.93
CA ILE B 213 8.57 10.04 -76.03
C ILE B 213 9.26 9.49 -77.28
N SER B 214 8.52 9.38 -78.38
CA SER B 214 9.05 8.78 -79.60
C SER B 214 10.41 9.34 -79.96
N SER B 215 10.50 10.67 -80.04
CA SER B 215 11.77 11.29 -80.35
C SER B 215 11.88 12.70 -79.79
N ILE B 216 13.08 13.01 -79.31
CA ILE B 216 13.44 14.34 -78.85
C ILE B 216 14.60 14.80 -79.72
N PRO B 217 14.32 15.71 -80.66
CA PRO B 217 15.33 16.21 -81.61
C PRO B 217 16.47 16.91 -80.88
N ALA B 218 17.68 16.84 -81.45
CA ALA B 218 18.84 17.54 -80.89
C ALA B 218 18.58 19.04 -80.76
N ASN B 219 18.94 19.61 -79.61
CA ASN B 219 18.79 21.05 -79.37
C ASN B 219 17.36 21.54 -79.51
N GLY B 220 16.42 20.61 -79.53
CA GLY B 220 15.03 20.95 -79.72
C GLY B 220 14.34 21.26 -78.41
N SER B 221 13.19 21.93 -78.52
CA SER B 221 12.30 22.10 -77.39
C SER B 221 10.95 21.63 -77.91
N GLY B 222 10.11 21.12 -77.00
CA GLY B 222 8.83 20.57 -77.41
C GLY B 222 7.90 20.44 -76.24
N SER B 223 6.66 20.11 -76.54
CA SER B 223 5.68 19.92 -75.50
C SER B 223 4.77 18.77 -75.93
N GLY B 224 4.15 18.12 -74.96
CA GLY B 224 3.22 17.04 -75.24
C GLY B 224 2.50 16.69 -73.96
N THR B 225 1.82 15.54 -73.96
CA THR B 225 1.08 15.13 -72.79
C THR B 225 1.20 13.63 -72.63
N PHE B 226 1.62 13.18 -71.45
CA PHE B 226 1.47 11.75 -71.11
C PHE B 226 0.09 11.53 -70.53
N LEU B 227 -0.57 10.46 -70.97
CA LEU B 227 -1.89 10.11 -70.45
C LEU B 227 -1.96 8.60 -70.31
N VAL B 228 -1.92 8.14 -69.06
CA VAL B 228 -2.05 6.70 -68.81
C VAL B 228 -3.15 6.44 -67.81
N TYR B 229 -3.53 5.17 -67.67
CA TYR B 229 -4.65 4.80 -66.81
C TYR B 229 -4.25 3.67 -65.88
N LEU B 230 -4.75 3.71 -64.66
CA LEU B 230 -4.51 2.65 -63.69
C LEU B 230 -5.82 2.08 -63.24
N LYS B 231 -5.97 0.76 -63.33
CA LYS B 231 -7.08 0.15 -62.63
C LYS B 231 -6.66 -0.28 -61.22
N ILE B 232 -7.10 0.47 -60.23
CA ILE B 232 -6.82 0.13 -58.84
C ILE B 232 -7.91 -0.80 -58.31
N THR B 233 -7.61 -2.09 -58.27
CA THR B 233 -8.54 -3.05 -57.71
C THR B 233 -8.84 -2.64 -56.27
N GLY B 234 -7.80 -2.23 -55.56
CA GLY B 234 -7.93 -1.81 -54.18
C GLY B 234 -6.99 -2.51 -53.23
N ASP B 235 -6.37 -3.61 -53.67
CA ASP B 235 -5.42 -4.29 -52.80
C ASP B 235 -4.01 -3.71 -52.89
N TYR B 236 -3.76 -2.86 -53.89
CA TYR B 236 -2.51 -2.12 -54.02
C TYR B 236 -2.83 -0.69 -54.34
N GLU B 237 -2.71 0.20 -53.36
CA GLU B 237 -3.24 1.55 -53.51
C GLU B 237 -2.16 2.60 -53.65
N ASP B 238 -0.94 2.27 -53.23
CA ASP B 238 0.12 3.27 -53.26
C ASP B 238 0.76 3.35 -54.65
N VAL B 239 0.66 4.52 -55.27
CA VAL B 239 1.13 4.72 -56.63
C VAL B 239 2.38 5.56 -56.57
N LYS B 240 3.37 5.23 -57.40
CA LYS B 240 4.62 5.96 -57.37
C LYS B 240 5.01 6.41 -58.77
N PHE B 241 5.21 7.71 -58.92
CA PHE B 241 5.73 8.26 -60.15
C PHE B 241 7.22 8.56 -59.94
N SER B 242 8.06 8.11 -60.88
CA SER B 242 9.50 8.37 -60.82
C SER B 242 9.99 8.98 -62.12
N VAL B 243 10.77 10.06 -62.02
CA VAL B 243 11.51 10.58 -63.17
C VAL B 243 12.80 9.78 -63.29
N THR B 244 13.06 9.20 -64.47
CA THR B 244 14.16 8.23 -64.57
C THR B 244 15.27 8.59 -65.55
N TYR B 245 15.12 9.69 -66.28
CA TYR B 245 16.07 9.91 -67.39
C TYR B 245 17.48 10.32 -66.95
N GLY B 246 17.64 10.75 -65.71
CA GLY B 246 18.96 10.95 -65.17
C GLY B 246 19.36 12.41 -65.00
N GLY B 247 19.70 12.76 -63.76
CA GLY B 247 19.92 14.15 -63.37
C GLY B 247 20.84 15.01 -64.22
N GLY B 248 21.87 14.42 -64.82
CA GLY B 248 22.82 15.24 -65.56
C GLY B 248 22.65 15.26 -67.07
N LEU B 249 21.50 14.78 -67.53
CA LEU B 249 21.32 14.58 -68.97
C LEU B 249 21.36 15.88 -69.79
N GLY B 250 20.82 16.96 -69.24
CA GLY B 250 20.77 18.23 -69.96
C GLY B 250 19.48 18.43 -70.73
N VAL B 251 18.43 17.75 -70.29
CA VAL B 251 17.11 17.93 -70.86
C VAL B 251 16.10 18.26 -69.76
N PRO B 252 16.09 19.52 -69.30
CA PRO B 252 15.09 19.90 -68.28
C PRO B 252 13.65 19.78 -68.80
N PHE B 253 12.76 19.30 -67.95
CA PHE B 253 11.33 19.23 -68.26
C PHE B 253 10.56 20.10 -67.27
N THR B 254 9.42 20.63 -67.72
CA THR B 254 8.46 21.24 -66.81
C THR B 254 7.18 20.49 -67.08
N PHE B 255 6.49 20.04 -66.04
CA PHE B 255 5.28 19.27 -66.27
C PHE B 255 4.19 19.57 -65.23
N GLY B 256 2.98 19.13 -65.55
CA GLY B 256 1.83 19.29 -64.68
C GLY B 256 1.39 17.90 -64.26
N LEU B 257 0.41 17.82 -63.38
CA LEU B 257 -0.06 16.51 -62.92
C LEU B 257 -1.56 16.56 -62.68
N GLU B 258 -2.28 15.70 -63.38
CA GLU B 258 -3.72 15.62 -63.21
C GLU B 258 -4.04 14.15 -62.93
N VAL B 259 -4.70 13.89 -61.82
CA VAL B 259 -5.11 12.52 -61.45
C VAL B 259 -6.60 12.56 -61.16
N GLU B 260 -7.38 11.77 -61.89
CA GLU B 260 -8.83 11.86 -61.80
C GLU B 260 -9.47 10.50 -62.03
N GLU B 261 -10.58 10.26 -61.36
N GLU B 261 -10.58 10.27 -61.35
CA GLU B 261 -11.31 9.01 -61.52
CA GLU B 261 -11.34 9.04 -61.52
C GLU B 261 -12.09 9.01 -62.82
C GLU B 261 -12.03 9.04 -62.89
N ILE B 262 -12.13 7.87 -63.50
CA ILE B 262 -12.87 7.74 -64.75
C ILE B 262 -13.86 6.58 -64.64
N ASN B 263 -14.87 6.62 -65.51
CA ASN B 263 -15.72 5.46 -65.76
C ASN B 263 -15.09 4.56 -66.83
N GLU B 264 -15.63 3.37 -67.02
CA GLU B 264 -14.99 2.43 -67.92
C GLU B 264 -14.76 3.07 -69.29
N LEU B 265 -13.55 2.90 -69.80
CA LEU B 265 -13.22 3.46 -71.10
C LEU B 265 -12.81 2.34 -72.06
N VAL B 266 -13.69 2.01 -73.00
CA VAL B 266 -13.34 1.06 -74.06
C VAL B 266 -12.57 1.82 -75.13
N GLU B 267 -11.27 1.61 -75.19
CA GLU B 267 -10.42 2.35 -76.10
C GLU B 267 -10.66 1.91 -77.53
N ASN B 268 -10.86 0.62 -77.74
CA ASN B 268 -11.25 0.11 -79.04
C ASN B 268 -11.67 -1.33 -78.94
N THR B 269 -12.39 -1.79 -79.97
CA THR B 269 -12.83 -3.17 -80.03
C THR B 269 -12.39 -3.66 -81.39
N ASN B 270 -11.82 -4.86 -81.45
CA ASN B 270 -11.17 -5.31 -82.68
C ASN B 270 -11.44 -6.75 -83.01
N PHE B 271 -11.57 -7.00 -84.30
CA PHE B 271 -11.62 -8.34 -84.84
C PHE B 271 -10.23 -8.50 -85.42
N VAL B 272 -9.49 -9.50 -84.98
CA VAL B 272 -8.13 -9.70 -85.46
C VAL B 272 -7.91 -11.15 -85.88
N THR B 273 -6.99 -11.35 -86.81
CA THR B 273 -6.74 -12.66 -87.36
C THR B 273 -5.25 -12.95 -87.28
N GLN B 274 -4.91 -14.22 -87.05
CA GLN B 274 -3.51 -14.60 -86.95
C GLN B 274 -3.32 -16.02 -87.47
N SER B 275 -2.44 -16.19 -88.44
CA SER B 275 -2.13 -17.53 -88.93
C SER B 275 -0.91 -18.11 -88.24
N VAL B 276 -0.90 -19.42 -88.11
CA VAL B 276 0.23 -20.14 -87.53
C VAL B 276 0.47 -21.38 -88.38
N THR B 277 1.71 -21.58 -88.80
CA THR B 277 2.06 -22.74 -89.60
C THR B 277 2.75 -23.79 -88.74
N LEU B 278 2.21 -25.00 -88.75
CA LEU B 278 2.72 -26.07 -87.89
C LEU B 278 3.44 -27.11 -88.73
N SER B 279 4.63 -27.51 -88.29
CA SER B 279 5.42 -28.49 -89.01
C SER B 279 6.14 -29.46 -88.08
N GLY B 280 5.44 -29.96 -87.07
CA GLY B 280 5.97 -31.03 -86.24
C GLY B 280 6.38 -30.58 -84.86
N SER B 281 6.51 -29.27 -84.67
CA SER B 281 7.00 -28.75 -83.39
C SER B 281 5.99 -27.83 -82.74
N GLN B 282 6.00 -27.80 -81.42
CA GLN B 282 5.10 -26.92 -80.72
C GLN B 282 5.48 -25.47 -81.01
N VAL B 283 4.47 -24.64 -81.25
CA VAL B 283 4.68 -23.22 -81.47
C VAL B 283 3.91 -22.43 -80.43
N THR B 284 4.55 -21.43 -79.82
CA THR B 284 3.87 -20.50 -78.93
C THR B 284 3.85 -19.14 -79.61
N GLN B 285 2.66 -18.72 -80.03
CA GLN B 285 2.56 -17.50 -80.80
C GLN B 285 1.88 -16.40 -80.02
N SER B 286 2.59 -15.30 -79.79
CA SER B 286 1.98 -14.15 -79.09
C SER B 286 0.93 -13.54 -79.99
N ILE B 287 -0.23 -13.21 -79.42
CA ILE B 287 -1.29 -12.61 -80.22
C ILE B 287 -1.33 -11.16 -79.84
N LEU B 288 -1.30 -10.91 -78.53
N LEU B 288 -1.32 -10.89 -78.54
CA LEU B 288 -1.44 -9.57 -77.98
CA LEU B 288 -1.38 -9.53 -78.06
C LEU B 288 -0.76 -9.49 -76.62
C LEU B 288 -0.83 -9.44 -76.64
N ASN B 289 -0.06 -8.39 -76.37
CA ASN B 289 0.52 -8.14 -75.07
C ASN B 289 0.49 -6.65 -74.80
N VAL B 290 -0.37 -6.21 -73.89
CA VAL B 290 -0.48 -4.79 -73.61
C VAL B 290 0.00 -4.47 -72.20
N GLN B 291 0.79 -5.36 -71.62
CA GLN B 291 1.34 -5.11 -70.29
C GLN B 291 2.18 -3.83 -70.31
N GLY B 292 1.95 -2.93 -69.35
CA GLY B 292 2.75 -1.72 -69.22
C GLY B 292 2.27 -0.58 -70.11
N SER B 293 1.13 -0.77 -70.75
CA SER B 293 0.59 0.22 -71.68
C SER B 293 -0.42 1.17 -71.04
N GLY B 294 -0.90 0.82 -69.84
CA GLY B 294 -1.97 1.60 -69.25
C GLY B 294 -3.32 1.08 -69.70
N SER B 295 -3.36 -0.17 -70.16
CA SER B 295 -4.63 -0.75 -70.58
C SER B 295 -4.67 -2.26 -70.33
N HIS B 296 -5.84 -2.86 -70.51
CA HIS B 296 -5.95 -4.31 -70.45
C HIS B 296 -6.96 -4.78 -71.49
N LEU B 297 -7.29 -6.08 -71.47
CA LEU B 297 -8.05 -6.69 -72.54
C LEU B 297 -9.27 -7.40 -72.01
N ARG B 298 -10.24 -7.61 -72.90
CA ARG B 298 -11.36 -8.46 -72.58
C ARG B 298 -11.69 -9.25 -73.86
N LEU B 299 -11.69 -10.58 -73.76
CA LEU B 299 -11.89 -11.44 -74.95
C LEU B 299 -13.35 -11.85 -75.04
N LYS B 300 -13.94 -11.71 -76.23
CA LYS B 300 -15.38 -11.91 -76.39
C LYS B 300 -15.69 -13.14 -77.24
N TYR B 301 -14.83 -13.42 -78.20
CA TYR B 301 -15.06 -14.52 -79.11
C TYR B 301 -13.77 -14.97 -79.78
N ALA B 302 -13.62 -16.28 -79.97
CA ALA B 302 -12.46 -16.79 -80.71
C ALA B 302 -12.86 -17.99 -81.53
N SER B 303 -12.16 -18.19 -82.64
CA SER B 303 -12.46 -19.28 -83.55
C SER B 303 -11.18 -19.66 -84.27
N VAL B 304 -11.03 -20.94 -84.59
CA VAL B 304 -9.86 -21.40 -85.37
C VAL B 304 -10.34 -22.18 -86.58
N SER B 305 -9.86 -21.80 -87.75
CA SER B 305 -10.17 -22.55 -88.96
C SER B 305 -8.91 -23.28 -89.40
N GLY B 306 -9.08 -24.37 -90.14
CA GLY B 306 -7.97 -25.14 -90.65
C GLY B 306 -7.58 -26.32 -89.77
N LEU B 307 -8.35 -26.55 -88.70
CA LEU B 307 -8.10 -27.71 -87.84
C LEU B 307 -8.32 -29.03 -88.57
N THR B 308 -7.35 -29.93 -88.44
CA THR B 308 -7.48 -31.28 -88.96
C THR B 308 -6.94 -32.24 -87.91
N THR B 309 -7.07 -33.54 -88.17
CA THR B 309 -6.52 -34.54 -87.27
C THR B 309 -5.00 -34.44 -87.18
N ALA B 310 -4.42 -33.65 -88.07
CA ALA B 310 -2.97 -33.42 -88.06
C ALA B 310 -2.57 -32.40 -86.98
N VAL B 311 -3.55 -31.72 -86.39
CA VAL B 311 -3.31 -30.78 -85.30
C VAL B 311 -3.59 -31.46 -83.96
N THR B 312 -2.58 -31.50 -83.10
CA THR B 312 -2.66 -32.23 -81.84
C THR B 312 -2.84 -31.30 -80.66
N GLN B 313 -2.49 -30.03 -80.83
CA GLN B 313 -2.69 -29.05 -79.77
C GLN B 313 -3.05 -27.71 -80.37
N CYS B 314 -4.03 -27.06 -79.76
CA CYS B 314 -4.42 -25.73 -80.17
C CYS B 314 -5.16 -25.10 -79.01
N GLN B 315 -4.41 -24.40 -78.16
CA GLN B 315 -4.95 -23.79 -76.96
C GLN B 315 -4.70 -22.29 -76.96
N LEU B 316 -5.77 -21.53 -76.76
CA LEU B 316 -5.64 -20.10 -76.50
C LEU B 316 -5.39 -19.92 -75.02
N GLN B 317 -4.41 -19.11 -74.67
CA GLN B 317 -4.01 -18.87 -73.28
C GLN B 317 -3.93 -17.38 -72.99
N ALA B 318 -4.18 -17.02 -71.74
CA ALA B 318 -4.18 -15.62 -71.37
C ALA B 318 -3.69 -15.47 -69.94
N THR B 319 -3.26 -14.27 -69.58
CA THR B 319 -2.95 -13.99 -68.19
C THR B 319 -2.91 -12.51 -67.92
N ASN B 320 -3.01 -12.16 -66.65
CA ASN B 320 -2.57 -10.86 -66.19
C ASN B 320 -1.09 -10.97 -65.79
N LEU B 321 -0.20 -10.52 -66.66
CA LEU B 321 1.25 -10.65 -66.46
C LEU B 321 1.75 -9.93 -65.21
N ASN B 322 1.00 -8.94 -64.76
CA ASN B 322 1.34 -8.24 -63.52
C ASN B 322 1.04 -9.07 -62.29
N ARG B 323 0.23 -10.11 -62.48
CA ARG B 323 -0.11 -11.03 -61.40
C ARG B 323 0.67 -12.33 -61.53
N SER B 324 0.81 -12.82 -62.76
CA SER B 324 1.42 -14.13 -63.02
C SER B 324 2.03 -14.24 -64.42
N THR B 325 3.23 -14.79 -64.52
CA THR B 325 3.89 -15.03 -65.80
C THR B 325 3.47 -16.36 -66.41
N THR B 326 2.73 -17.16 -65.64
CA THR B 326 2.22 -18.43 -66.16
C THR B 326 0.87 -18.20 -66.82
N TYR B 327 0.78 -18.56 -68.10
CA TYR B 327 -0.45 -18.40 -68.84
C TYR B 327 -1.41 -19.52 -68.47
N SER B 328 -2.70 -19.22 -68.45
CA SER B 328 -3.68 -20.28 -68.29
C SER B 328 -4.49 -20.44 -69.57
N THR B 329 -4.84 -21.68 -69.88
CA THR B 329 -5.66 -22.00 -71.05
C THR B 329 -7.07 -21.47 -70.82
N VAL B 330 -7.55 -20.67 -71.75
CA VAL B 330 -8.90 -20.11 -71.65
C VAL B 330 -9.85 -20.76 -72.65
N TRP B 331 -9.27 -21.40 -73.67
CA TRP B 331 -10.06 -22.24 -74.58
C TRP B 331 -9.17 -23.24 -75.28
N ASP B 332 -9.65 -24.47 -75.36
CA ASP B 332 -8.93 -25.53 -76.07
C ASP B 332 -9.76 -25.89 -77.30
N PHE B 333 -9.25 -25.55 -78.48
CA PHE B 333 -10.02 -25.74 -79.71
C PHE B 333 -10.15 -27.19 -80.11
N ILE B 334 -9.23 -28.03 -79.63
CA ILE B 334 -9.35 -29.46 -79.89
C ILE B 334 -10.41 -30.08 -78.97
N ALA B 335 -10.24 -29.86 -77.66
CA ALA B 335 -11.12 -30.48 -76.67
C ALA B 335 -12.50 -29.85 -76.65
N GLY B 336 -12.56 -28.55 -76.91
CA GLY B 336 -13.80 -27.81 -76.79
C GLY B 336 -14.53 -27.49 -78.08
N GLY B 337 -13.85 -27.61 -79.22
CA GLY B 337 -14.46 -27.27 -80.50
C GLY B 337 -13.88 -26.00 -81.11
N SER B 338 -14.15 -25.80 -82.39
CA SER B 338 -13.45 -24.78 -83.18
C SER B 338 -13.85 -23.33 -82.86
N SER B 339 -14.89 -23.13 -82.07
CA SER B 339 -15.25 -21.77 -81.67
C SER B 339 -15.79 -21.68 -80.24
N THR B 340 -15.63 -20.51 -79.64
CA THR B 340 -16.01 -20.30 -78.25
C THR B 340 -17.53 -20.13 -78.13
N PRO B 341 -18.09 -20.60 -77.01
CA PRO B 341 -19.53 -20.52 -76.77
C PRO B 341 -19.98 -19.13 -76.36
N PRO B 342 -21.30 -18.88 -76.43
CA PRO B 342 -21.84 -17.55 -76.18
C PRO B 342 -21.44 -16.97 -74.82
N SER B 343 -21.34 -17.82 -73.80
CA SER B 343 -21.03 -17.31 -72.45
C SER B 343 -19.53 -17.05 -72.22
N TRP B 344 -18.70 -17.39 -73.20
CA TRP B 344 -17.25 -17.25 -73.07
C TRP B 344 -16.87 -15.78 -73.08
N ASP B 345 -16.21 -15.34 -72.02
CA ASP B 345 -15.88 -13.94 -71.83
C ASP B 345 -14.69 -13.92 -70.87
N ILE B 346 -13.54 -13.46 -71.37
CA ILE B 346 -12.33 -13.50 -70.56
C ILE B 346 -11.94 -12.08 -70.15
N ARG B 347 -12.03 -11.78 -68.86
CA ARG B 347 -11.75 -10.45 -68.35
C ARG B 347 -10.44 -10.38 -67.59
N GLU B 348 -9.96 -9.16 -67.37
CA GLU B 348 -8.80 -8.90 -66.52
C GLU B 348 -7.56 -9.69 -66.93
N ILE B 349 -7.24 -9.61 -68.21
CA ILE B 349 -6.00 -10.16 -68.71
C ILE B 349 -5.31 -9.05 -69.51
N ASN B 350 -4.01 -9.19 -69.75
CA ASN B 350 -3.33 -8.20 -70.59
C ASN B 350 -2.38 -8.84 -71.60
N SER B 351 -2.38 -10.17 -71.66
CA SER B 351 -1.56 -10.88 -72.67
C SER B 351 -2.22 -12.17 -73.12
N ILE B 352 -2.16 -12.43 -74.43
CA ILE B 352 -2.83 -13.56 -75.04
C ILE B 352 -1.85 -14.26 -75.95
N GLN B 353 -1.82 -15.58 -75.91
CA GLN B 353 -0.97 -16.34 -76.82
C GLN B 353 -1.70 -17.59 -77.29
N LEU B 354 -1.31 -18.09 -78.46
CA LEU B 354 -1.81 -19.35 -78.95
C LEU B 354 -0.69 -20.38 -78.88
N VAL B 355 -0.97 -21.52 -78.25
CA VAL B 355 0.00 -22.62 -78.21
C VAL B 355 -0.57 -23.75 -79.07
N ALA B 356 0.20 -24.18 -80.06
CA ALA B 356 -0.29 -25.17 -80.99
C ALA B 356 0.82 -26.13 -81.39
N ASN B 357 0.41 -27.30 -81.86
CA ASN B 357 1.36 -28.31 -82.31
C ASN B 357 0.66 -29.22 -83.30
N GLY B 358 1.43 -29.79 -84.21
CA GLY B 358 0.87 -30.65 -85.25
C GLY B 358 1.68 -30.54 -86.52
N GLY B 359 1.19 -31.15 -87.59
CA GLY B 359 1.88 -31.14 -88.87
C GLY B 359 3.14 -31.97 -88.79
N SER B 360 3.90 -31.99 -89.87
CA SER B 360 5.17 -32.70 -89.90
C SER B 360 6.20 -31.91 -90.70
N SER B 361 7.45 -32.34 -90.59
CA SER B 361 8.56 -31.69 -91.29
C SER B 361 8.38 -31.73 -92.80
N THR B 362 7.50 -32.61 -93.27
CA THR B 362 7.27 -32.80 -94.70
C THR B 362 5.89 -32.32 -95.14
N SER B 363 5.01 -32.12 -94.17
CA SER B 363 3.63 -31.75 -94.46
C SER B 363 3.12 -30.82 -93.39
N SER B 364 3.23 -29.52 -93.64
CA SER B 364 2.84 -28.52 -92.65
C SER B 364 1.35 -28.22 -92.73
N VAL B 365 0.80 -27.78 -91.60
CA VAL B 365 -0.60 -27.39 -91.52
C VAL B 365 -0.69 -25.95 -91.06
N THR B 366 -1.51 -25.17 -91.74
CA THR B 366 -1.70 -23.77 -91.36
C THR B 366 -3.09 -23.57 -90.79
N ILE B 367 -3.14 -23.04 -89.58
CA ILE B 367 -4.42 -22.75 -88.94
C ILE B 367 -4.54 -21.25 -88.78
N THR B 368 -5.78 -20.76 -88.71
CA THR B 368 -6.00 -19.34 -88.59
C THR B 368 -6.91 -19.02 -87.41
N LEU B 369 -6.38 -18.23 -86.47
CA LEU B 369 -7.15 -17.80 -85.31
C LEU B 369 -7.82 -16.49 -85.61
N ILE B 370 -9.09 -16.37 -85.25
CA ILE B 370 -9.72 -15.08 -85.28
C ILE B 370 -10.17 -14.78 -83.87
N LEU B 371 -10.09 -13.51 -83.50
CA LEU B 371 -10.35 -13.11 -82.13
C LEU B 371 -11.07 -11.78 -82.13
N VAL B 372 -12.10 -11.65 -81.30
CA VAL B 372 -12.72 -10.34 -81.06
C VAL B 372 -12.44 -9.98 -79.61
N TYR B 373 -11.86 -8.81 -79.40
CA TYR B 373 -11.49 -8.39 -78.05
C TYR B 373 -11.68 -6.89 -77.91
N GLU B 374 -11.82 -6.44 -76.66
CA GLU B 374 -11.83 -5.02 -76.37
C GLU B 374 -10.54 -4.67 -75.65
N GLN B 375 -10.03 -3.47 -75.93
CA GLN B 375 -8.92 -2.94 -75.18
C GLN B 375 -9.51 -1.88 -74.27
N ILE B 376 -9.25 -2.03 -72.98
CA ILE B 376 -9.93 -1.21 -71.98
C ILE B 376 -8.91 -0.44 -71.17
N ALA B 377 -9.18 0.84 -70.92
CA ALA B 377 -8.25 1.68 -70.17
C ALA B 377 -8.04 1.11 -68.77
N GLY B 378 -6.78 1.10 -68.33
CA GLY B 378 -6.44 0.77 -66.96
C GLY B 378 -5.39 -0.32 -66.89
N GLU B 379 -4.18 0.02 -66.46
CA GLU B 379 -3.16 -1.01 -66.21
C GLU B 379 -3.64 -1.91 -65.07
N LEU B 380 -3.50 -3.22 -65.24
CA LEU B 380 -3.90 -4.17 -64.18
C LEU B 380 -2.88 -4.18 -63.05
N SER B 381 -3.33 -4.27 -61.80
CA SER B 381 -2.35 -4.31 -60.72
C SER B 381 -1.83 -5.73 -60.40
N HIS B 382 -0.73 -5.77 -59.65
CA HIS B 382 -0.17 -7.02 -59.12
C HIS B 382 -1.16 -7.68 -58.17
N HIS B 383 -1.02 -9.00 -57.96
CA HIS B 383 -1.78 -9.70 -56.91
C HIS B 383 -1.00 -10.90 -56.39
N LEU C 6 -8.37 53.05 -63.00
CA LEU C 6 -9.54 52.17 -62.95
C LEU C 6 -9.43 51.13 -61.84
N GLY C 7 -8.22 50.64 -61.59
CA GLY C 7 -7.99 49.71 -60.50
C GLY C 7 -8.04 50.39 -59.14
N GLN C 8 -8.45 49.66 -58.12
CA GLN C 8 -8.47 50.18 -56.75
C GLN C 8 -7.80 49.22 -55.81
N SER C 9 -7.37 49.72 -54.66
CA SER C 9 -6.83 48.83 -53.64
C SER C 9 -7.98 48.41 -52.72
N PHE C 10 -7.86 47.23 -52.12
CA PHE C 10 -8.88 46.78 -51.19
C PHE C 10 -8.26 45.89 -50.12
N PRO C 11 -8.77 46.02 -48.88
CA PRO C 11 -8.29 45.18 -47.76
C PRO C 11 -8.91 43.80 -47.90
N ALA C 12 -8.14 42.75 -47.62
CA ALA C 12 -8.65 41.40 -47.87
C ALA C 12 -8.20 40.42 -46.81
N ASN C 13 -8.20 40.86 -45.55
CA ASN C 13 -7.63 40.03 -44.50
C ASN C 13 -8.52 38.91 -44.00
N ALA C 14 -9.85 39.10 -44.12
CA ALA C 14 -10.79 38.19 -43.46
C ALA C 14 -11.02 36.94 -44.27
N LYS C 15 -11.26 35.83 -43.57
CA LYS C 15 -11.62 34.56 -44.20
C LYS C 15 -12.89 34.71 -45.08
N VAL C 16 -12.89 34.11 -46.26
CA VAL C 16 -14.08 34.12 -47.12
C VAL C 16 -15.15 33.18 -46.62
N LYS C 17 -16.42 33.60 -46.75
CA LYS C 17 -17.53 32.73 -46.34
C LYS C 17 -18.18 32.19 -47.61
N TYR C 18 -18.93 31.09 -47.49
CA TYR C 18 -19.63 30.53 -48.65
C TYR C 18 -21.04 31.11 -48.76
N TYR C 19 -21.44 31.91 -47.80
CA TYR C 19 -22.74 32.57 -47.87
C TYR C 19 -22.69 33.85 -47.06
N TYR C 20 -23.19 34.93 -47.65
CA TYR C 20 -23.25 36.24 -46.96
C TYR C 20 -24.64 36.77 -47.07
N LYS C 21 -25.19 37.23 -45.95
CA LYS C 21 -26.39 38.05 -46.07
C LYS C 21 -25.95 39.43 -45.61
N LEU C 22 -25.94 40.39 -46.54
CA LEU C 22 -25.17 41.61 -46.30
C LEU C 22 -25.94 42.61 -45.46
N SER C 23 -27.15 42.25 -45.09
CA SER C 23 -27.90 43.05 -44.13
C SER C 23 -27.57 42.65 -42.69
N GLU C 24 -26.72 41.64 -42.53
CA GLU C 24 -26.16 41.28 -41.23
C GLU C 24 -24.79 41.94 -41.11
N LYS C 25 -24.59 42.70 -40.05
CA LYS C 25 -23.37 43.47 -39.85
C LYS C 25 -22.08 42.63 -39.94
N GLN C 26 -22.09 41.45 -39.31
CA GLN C 26 -20.86 40.67 -39.31
C GLN C 26 -20.55 40.10 -40.69
N ASP C 27 -21.58 39.78 -41.49
CA ASP C 27 -21.32 39.33 -42.84
C ASP C 27 -20.80 40.46 -43.71
N LEU C 28 -21.40 41.64 -43.58
CA LEU C 28 -20.94 42.82 -44.34
C LEU C 28 -19.48 43.13 -43.96
N ASP C 29 -19.20 43.16 -42.67
CA ASP C 29 -17.82 43.50 -42.25
C ASP C 29 -16.79 42.55 -42.84
N ALA C 30 -17.11 41.25 -42.89
CA ALA C 30 -16.19 40.28 -43.52
C ALA C 30 -16.11 40.53 -45.04
N PHE C 31 -17.26 40.67 -45.69
CA PHE C 31 -17.35 40.86 -47.12
C PHE C 31 -16.44 41.99 -47.60
N VAL C 32 -16.42 43.11 -46.88
CA VAL C 32 -15.64 44.28 -47.30
C VAL C 32 -14.22 44.28 -46.76
N ASN C 33 -13.82 43.16 -46.16
CA ASN C 33 -12.44 42.95 -45.76
C ASN C 33 -11.99 41.62 -46.34
N SER C 34 -12.43 41.31 -47.55
CA SER C 34 -12.07 40.05 -48.17
C SER C 34 -12.25 40.02 -49.65
N ILE C 35 -13.48 40.26 -50.12
CA ILE C 35 -13.75 40.06 -51.56
C ILE C 35 -14.42 41.25 -52.27
N PHE C 36 -14.80 42.27 -51.52
CA PHE C 36 -15.45 43.43 -52.13
C PHE C 36 -14.44 44.55 -52.41
N VAL C 37 -14.50 45.09 -53.62
CA VAL C 37 -13.60 46.16 -54.03
C VAL C 37 -14.42 47.42 -54.29
N GLY C 38 -14.01 48.53 -53.67
CA GLY C 38 -14.69 49.79 -53.84
C GLY C 38 -15.41 50.23 -52.57
N SER C 39 -16.16 51.33 -52.63
N SER C 39 -16.18 51.31 -52.67
CA SER C 39 -16.90 51.75 -51.44
CA SER C 39 -16.94 51.84 -51.55
C SER C 39 -18.36 51.38 -51.58
C SER C 39 -18.38 51.34 -51.58
N TYR C 40 -19.11 51.55 -50.49
CA TYR C 40 -20.53 51.27 -50.49
C TYR C 40 -21.19 52.27 -49.57
N LYS C 41 -22.50 52.43 -49.74
CA LYS C 41 -23.32 53.23 -48.84
C LYS C 41 -24.36 52.28 -48.33
N LEU C 42 -24.62 52.29 -47.02
CA LEU C 42 -25.63 51.40 -46.48
C LEU C 42 -26.97 52.10 -46.65
N LYS C 43 -27.92 51.44 -47.31
CA LYS C 43 -29.22 52.07 -47.56
C LYS C 43 -30.35 51.14 -47.23
N GLN C 44 -31.49 51.73 -46.86
CA GLN C 44 -32.70 50.95 -46.66
C GLN C 44 -33.34 50.64 -48.02
N ILE C 45 -33.46 49.35 -48.30
CA ILE C 45 -33.93 48.83 -49.58
C ILE C 45 -35.29 48.16 -49.37
N SER C 46 -36.27 48.46 -50.24
CA SER C 46 -37.60 47.87 -50.15
C SER C 46 -38.02 47.30 -51.50
N TYR C 47 -38.61 46.11 -51.50
CA TYR C 47 -39.18 45.59 -52.74
C TYR C 47 -40.35 44.66 -52.44
N LEU C 48 -41.20 44.46 -53.43
CA LEU C 48 -42.43 43.68 -53.26
C LEU C 48 -42.28 42.17 -53.39
N LEU C 49 -42.90 41.44 -52.46
CA LEU C 49 -42.98 39.97 -52.53
C LEU C 49 -44.41 39.57 -52.24
N TYR C 50 -45.12 39.10 -53.26
CA TYR C 50 -46.54 38.77 -53.10
C TYR C 50 -47.31 39.92 -52.43
N GLY C 51 -47.03 41.14 -52.84
CA GLY C 51 -47.80 42.28 -52.37
C GLY C 51 -47.31 42.84 -51.05
N ASN C 52 -46.38 42.12 -50.43
CA ASN C 52 -45.77 42.59 -49.19
C ASN C 52 -44.44 43.28 -49.45
N THR C 53 -44.10 44.22 -48.58
CA THR C 53 -42.85 44.98 -48.76
C THR C 53 -41.74 44.50 -47.84
N LYS C 54 -40.77 43.82 -48.42
CA LYS C 54 -39.59 43.36 -47.69
C LYS C 54 -38.66 44.56 -47.52
N ILE C 55 -38.20 44.80 -46.29
CA ILE C 55 -37.32 45.94 -46.05
C ILE C 55 -36.01 45.47 -45.41
N VAL C 56 -34.90 45.76 -46.07
CA VAL C 56 -33.57 45.46 -45.51
C VAL C 56 -32.63 46.66 -45.61
N SER C 57 -31.58 46.67 -44.80
CA SER C 57 -30.51 47.64 -45.00
C SER C 57 -29.37 46.89 -45.67
N ALA C 58 -28.93 47.39 -46.82
CA ALA C 58 -27.92 46.68 -47.62
C ALA C 58 -26.94 47.66 -48.24
N PRO C 59 -25.74 47.18 -48.57
CA PRO C 59 -24.73 48.04 -49.19
C PRO C 59 -25.10 48.33 -50.63
N VAL C 60 -24.98 49.59 -51.04
CA VAL C 60 -25.30 50.00 -52.41
C VAL C 60 -24.02 50.58 -53.02
N VAL C 61 -23.75 50.24 -54.27
CA VAL C 61 -22.61 50.81 -54.96
C VAL C 61 -22.89 52.29 -55.26
N PRO C 62 -22.02 53.19 -54.80
CA PRO C 62 -22.29 54.62 -55.00
C PRO C 62 -21.91 55.09 -56.40
N LEU C 63 -22.33 56.32 -56.74
CA LEU C 63 -21.91 56.97 -57.98
C LEU C 63 -20.40 56.93 -58.09
N GLY C 64 -19.91 56.58 -59.26
CA GLY C 64 -18.48 56.53 -59.51
C GLY C 64 -18.16 55.27 -60.25
N PRO C 65 -16.96 54.74 -60.07
CA PRO C 65 -16.52 53.52 -60.76
C PRO C 65 -17.32 52.32 -60.30
N ASN C 66 -17.37 51.29 -61.13
CA ASN C 66 -18.02 50.06 -60.72
C ASN C 66 -17.29 49.50 -59.52
N ALA C 67 -18.04 48.79 -58.67
CA ALA C 67 -17.40 48.00 -57.60
C ALA C 67 -17.07 46.65 -58.21
N SER C 68 -16.30 45.82 -57.49
CA SER C 68 -16.02 44.47 -57.95
C SER C 68 -16.13 43.50 -56.80
N ILE C 69 -16.41 42.25 -57.14
CA ILE C 69 -16.20 41.16 -56.20
C ILE C 69 -15.08 40.32 -56.79
N ILE C 70 -14.06 40.05 -55.99
CA ILE C 70 -12.89 39.32 -56.48
C ILE C 70 -12.53 38.27 -55.44
N ILE C 71 -12.47 37.02 -55.85
CA ILE C 71 -12.16 35.93 -54.92
C ILE C 71 -10.98 35.10 -55.40
N ASP C 72 -9.80 35.29 -54.81
CA ASP C 72 -8.67 34.40 -55.13
C ASP C 72 -8.34 33.41 -54.00
N ASP C 73 -9.15 33.41 -52.94
CA ASP C 73 -8.90 32.59 -51.75
C ASP C 73 -8.97 31.11 -52.07
N GLU C 74 -8.32 30.29 -51.24
CA GLU C 74 -8.32 28.85 -51.45
C GLU C 74 -9.63 28.17 -51.04
N LEU C 75 -10.73 28.51 -51.71
CA LEU C 75 -11.99 27.80 -51.52
C LEU C 75 -11.78 26.33 -51.76
N GLN C 76 -12.69 25.50 -51.27
CA GLN C 76 -12.64 24.09 -51.57
C GLN C 76 -12.74 23.97 -53.09
N GLU C 77 -11.91 23.12 -53.69
CA GLU C 77 -11.98 22.97 -55.14
C GLU C 77 -13.31 22.38 -55.59
N GLY C 78 -13.71 22.73 -56.81
CA GLY C 78 -14.93 22.20 -57.40
C GLY C 78 -15.61 23.24 -58.28
N LEU C 79 -16.82 22.91 -58.73
CA LEU C 79 -17.57 23.79 -59.60
C LEU C 79 -18.65 24.47 -58.77
N TYR C 80 -18.62 25.80 -58.73
CA TYR C 80 -19.60 26.57 -57.95
C TYR C 80 -20.65 27.24 -58.82
N LEU C 81 -21.88 27.18 -58.35
CA LEU C 81 -22.92 28.09 -58.79
C LEU C 81 -22.91 29.27 -57.82
N ILE C 82 -22.78 30.47 -58.37
CA ILE C 82 -22.83 31.67 -57.56
C ILE C 82 -24.20 32.32 -57.77
N ARG C 83 -24.82 32.78 -56.67
CA ARG C 83 -26.03 33.55 -56.77
C ARG C 83 -25.85 34.85 -56.00
N ILE C 84 -26.06 35.97 -56.69
CA ILE C 84 -25.98 37.26 -56.01
C ILE C 84 -27.36 37.89 -56.03
N LYS C 85 -27.97 38.11 -54.86
CA LYS C 85 -29.27 38.80 -54.85
C LYS C 85 -29.00 40.30 -54.83
N VAL C 86 -29.52 41.01 -55.82
CA VAL C 86 -29.27 42.44 -55.89
C VAL C 86 -30.56 43.20 -56.08
N TYR C 87 -30.52 44.51 -55.87
CA TYR C 87 -31.68 45.34 -56.12
C TYR C 87 -31.21 46.59 -56.81
N ASN C 88 -31.80 46.87 -57.96
CA ASN C 88 -31.38 48.03 -58.74
C ASN C 88 -32.13 49.26 -58.24
N THR C 89 -31.45 50.13 -57.51
CA THR C 89 -32.09 51.32 -56.96
C THR C 89 -32.23 52.44 -58.00
N ASN C 90 -31.62 52.27 -59.17
CA ASN C 90 -31.71 53.29 -60.21
C ASN C 90 -33.07 53.26 -60.90
N SER C 91 -33.45 54.38 -61.49
CA SER C 91 -34.67 54.46 -62.29
C SER C 91 -34.38 54.10 -63.75
N PHE C 92 -33.24 53.47 -64.01
CA PHE C 92 -32.90 53.01 -65.35
C PHE C 92 -32.28 51.62 -65.23
N SER C 93 -32.26 50.89 -66.34
CA SER C 93 -31.65 49.56 -66.37
C SER C 93 -30.15 49.64 -66.22
N VAL C 94 -29.55 48.60 -65.66
CA VAL C 94 -28.11 48.49 -65.63
C VAL C 94 -27.75 47.11 -66.13
N THR C 95 -26.50 46.92 -66.53
CA THR C 95 -26.08 45.62 -67.00
C THR C 95 -24.94 45.08 -66.14
N VAL C 96 -24.88 43.76 -66.07
CA VAL C 96 -23.79 43.08 -65.38
C VAL C 96 -23.24 42.03 -66.34
N THR C 97 -21.92 41.78 -66.26
CA THR C 97 -21.27 40.79 -67.13
C THR C 97 -20.80 39.65 -66.25
N PRO C 98 -21.56 38.55 -66.22
CA PRO C 98 -21.13 37.42 -65.40
C PRO C 98 -19.77 36.81 -65.82
N PHE C 99 -19.06 36.26 -64.84
CA PHE C 99 -17.74 35.67 -65.01
C PHE C 99 -17.82 34.43 -65.92
N PHE C 100 -18.65 33.46 -65.54
CA PHE C 100 -18.79 32.21 -66.31
C PHE C 100 -17.44 31.60 -66.65
N ASN C 101 -16.47 31.81 -65.79
CA ASN C 101 -15.09 31.38 -66.02
C ASN C 101 -14.31 32.09 -67.14
N ASN C 102 -14.96 32.27 -68.28
N ASN C 102 -14.92 32.30 -68.30
CA ASN C 102 -14.30 32.80 -69.48
CA ASN C 102 -14.20 33.02 -69.34
C ASN C 102 -15.10 33.85 -70.25
C ASN C 102 -15.08 33.87 -70.24
N ASN C 103 -16.16 34.39 -69.67
CA ASN C 103 -16.99 35.35 -70.39
C ASN C 103 -16.55 36.77 -70.10
N ASN C 104 -16.57 37.61 -71.12
CA ASN C 104 -16.49 39.05 -70.85
C ASN C 104 -17.36 39.89 -71.77
N THR C 105 -18.34 39.26 -72.43
CA THR C 105 -19.20 39.99 -73.35
C THR C 105 -20.69 39.78 -73.06
N MET C 106 -21.08 38.58 -72.65
CA MET C 106 -22.49 38.32 -72.41
C MET C 106 -22.95 38.99 -71.14
N THR C 107 -24.20 39.47 -71.14
CA THR C 107 -24.68 40.31 -70.04
C THR C 107 -26.06 39.90 -69.47
N TYR C 108 -26.32 40.34 -68.24
CA TYR C 108 -27.66 40.38 -67.69
C TYR C 108 -28.16 41.82 -67.76
N SER C 109 -29.43 42.00 -68.04
CA SER C 109 -30.05 43.32 -68.03
C SER C 109 -30.98 43.41 -66.81
N ILE C 110 -30.67 44.32 -65.89
CA ILE C 110 -31.43 44.43 -64.64
C ILE C 110 -32.34 45.66 -64.69
N GLY C 111 -33.64 45.43 -64.61
CA GLY C 111 -34.61 46.50 -64.79
C GLY C 111 -34.61 47.52 -63.66
N ALA C 112 -35.11 48.71 -63.96
CA ALA C 112 -35.15 49.79 -62.95
C ALA C 112 -35.95 49.36 -61.73
N ASN C 113 -35.49 49.76 -60.54
CA ASN C 113 -36.26 49.58 -59.31
C ASN C 113 -36.74 48.15 -59.10
N SER C 114 -35.87 47.19 -59.32
CA SER C 114 -36.27 45.80 -59.13
C SER C 114 -35.19 44.91 -58.55
N GLU C 115 -35.65 43.86 -57.89
CA GLU C 115 -34.80 42.84 -57.32
C GLU C 115 -34.37 41.95 -58.49
N PHE C 116 -33.18 41.35 -58.41
CA PHE C 116 -32.71 40.51 -59.52
C PHE C 116 -31.74 39.49 -58.98
N GLU C 117 -31.72 38.29 -59.57
CA GLU C 117 -30.80 37.23 -59.16
C GLU C 117 -29.72 37.11 -60.21
N ILE C 118 -28.48 37.42 -59.85
CA ILE C 118 -27.34 37.25 -60.75
C ILE C 118 -26.84 35.81 -60.58
N TYR C 119 -26.82 35.02 -61.66
CA TYR C 119 -26.30 33.67 -61.56
C TYR C 119 -24.93 33.69 -62.19
N ASP C 120 -23.97 33.03 -61.56
CA ASP C 120 -22.64 32.96 -62.13
C ASP C 120 -22.08 31.56 -61.91
N ILE C 121 -21.00 31.24 -62.63
CA ILE C 121 -20.41 29.92 -62.54
C ILE C 121 -18.90 30.10 -62.37
N PHE C 122 -18.32 29.31 -61.48
CA PHE C 122 -16.92 29.52 -61.10
C PHE C 122 -16.30 28.16 -60.85
N THR C 123 -15.30 27.79 -61.65
CA THR C 123 -14.54 26.57 -61.38
C THR C 123 -13.34 26.89 -60.48
N LYS C 124 -13.35 26.40 -59.24
CA LYS C 124 -12.18 26.57 -58.38
C LYS C 124 -11.20 25.42 -58.64
N GLU C 125 -10.26 25.67 -59.55
CA GLU C 125 -9.17 24.76 -59.82
C GLU C 125 -8.02 25.63 -60.31
N GLN C 126 -6.79 25.14 -60.14
CA GLN C 126 -5.60 25.81 -60.68
C GLN C 126 -5.54 27.31 -60.38
N GLY C 127 -5.93 27.71 -59.17
CA GLY C 127 -5.82 29.11 -58.77
C GLY C 127 -6.70 30.10 -59.50
N ASN C 128 -7.76 29.60 -60.13
CA ASN C 128 -8.74 30.45 -60.79
C ASN C 128 -9.29 31.53 -59.82
N ILE C 129 -9.52 32.72 -60.35
CA ILE C 129 -9.93 33.85 -59.51
C ILE C 129 -11.29 34.37 -59.96
N TYR C 130 -12.29 34.30 -59.08
CA TYR C 130 -13.61 34.84 -59.43
C TYR C 130 -13.60 36.37 -59.54
N TYR C 131 -14.30 36.89 -60.55
CA TYR C 131 -14.34 38.34 -60.75
C TYR C 131 -15.66 38.78 -61.37
N ILE C 132 -16.30 39.77 -60.75
CA ILE C 132 -17.45 40.42 -61.38
C ILE C 132 -17.53 41.88 -60.99
N GLN C 133 -17.90 42.74 -61.96
CA GLN C 133 -18.09 44.16 -61.67
C GLN C 133 -19.57 44.47 -61.42
N LEU C 134 -19.81 45.43 -60.53
CA LEU C 134 -21.17 45.80 -60.16
C LEU C 134 -21.32 47.31 -60.32
N PRO C 135 -22.33 47.75 -61.09
CA PRO C 135 -22.46 49.17 -61.41
C PRO C 135 -23.12 49.99 -60.30
N PRO C 136 -22.89 51.31 -60.29
CA PRO C 136 -23.46 52.22 -59.30
C PRO C 136 -24.98 52.06 -59.16
N GLY C 137 -25.47 52.09 -57.92
CA GLY C 137 -26.89 52.02 -57.67
C GLY C 137 -27.42 50.61 -57.42
N LEU C 138 -26.56 49.60 -57.60
CA LEU C 138 -26.95 48.23 -57.27
C LEU C 138 -26.76 48.03 -55.80
N ALA C 139 -27.80 47.54 -55.13
CA ALA C 139 -27.70 47.10 -53.74
C ALA C 139 -27.37 45.61 -53.79
N ILE C 140 -26.43 45.20 -52.94
N ILE C 140 -26.43 45.20 -52.94
CA ILE C 140 -26.04 43.80 -52.82
CA ILE C 140 -26.05 43.79 -52.86
C ILE C 140 -26.64 43.22 -51.56
C ILE C 140 -26.62 43.19 -51.58
N LEU C 141 -27.59 42.29 -51.72
CA LEU C 141 -28.31 41.75 -50.55
C LEU C 141 -27.73 40.45 -50.01
N GLU C 142 -27.39 39.53 -50.90
CA GLU C 142 -26.86 38.23 -50.52
C GLU C 142 -25.83 37.79 -51.55
N PHE C 143 -24.86 37.02 -51.10
CA PHE C 143 -23.87 36.42 -52.00
C PHE C 143 -23.69 34.96 -51.61
N SER C 144 -23.94 34.06 -52.54
CA SER C 144 -23.94 32.61 -52.26
C SER C 144 -22.98 31.85 -53.16
N LEU C 145 -22.12 31.05 -52.55
CA LEU C 145 -21.25 30.11 -53.28
C LEU C 145 -21.67 28.68 -52.95
N GLU C 146 -22.17 27.92 -53.91
CA GLU C 146 -22.50 26.51 -53.62
C GLU C 146 -21.98 25.58 -54.70
N ARG C 147 -21.49 24.41 -54.32
CA ARG C 147 -21.04 23.45 -55.28
C ARG C 147 -22.25 22.74 -55.89
N VAL C 148 -22.30 22.65 -57.22
CA VAL C 148 -23.41 21.96 -57.89
C VAL C 148 -23.04 20.51 -58.15
N PHE C 149 -24.00 19.66 -58.44
CA PHE C 149 -23.66 18.26 -58.62
C PHE C 149 -23.29 17.64 -57.29
N GLU C 150 -23.58 18.36 -56.21
CA GLU C 150 -23.62 17.76 -54.88
C GLU C 150 -25.09 17.53 -54.58
N LYS C 151 -25.40 16.38 -54.00
CA LYS C 151 -26.75 16.19 -53.49
C LYS C 151 -27.76 16.29 -54.62
N GLY C 152 -27.31 15.97 -55.82
CA GLY C 152 -28.21 15.89 -56.95
C GLY C 152 -28.63 17.23 -57.50
N ASN C 153 -27.89 18.29 -57.17
CA ASN C 153 -28.25 19.58 -57.76
C ASN C 153 -27.75 19.74 -59.19
N ARG C 154 -28.32 20.69 -59.90
CA ARG C 154 -27.92 20.93 -61.27
C ARG C 154 -27.69 22.42 -61.42
N ILE C 155 -27.05 22.80 -62.51
CA ILE C 155 -27.04 24.20 -62.93
C ILE C 155 -28.39 24.47 -63.59
N ASN C 156 -29.10 25.49 -63.15
CA ASN C 156 -30.39 25.84 -63.77
C ASN C 156 -30.55 27.36 -63.78
N ILE C 157 -30.05 27.98 -64.83
CA ILE C 157 -30.08 29.44 -64.98
C ILE C 157 -31.22 29.77 -65.94
N PRO C 158 -32.12 30.65 -65.52
CA PRO C 158 -33.28 30.99 -66.36
C PRO C 158 -32.87 31.69 -67.66
N LYS C 159 -33.82 31.94 -68.54
CA LYS C 159 -33.50 32.56 -69.83
C LYS C 159 -33.27 34.05 -69.69
N ILE C 160 -32.05 34.44 -69.31
CA ILE C 160 -31.72 35.83 -69.00
C ILE C 160 -30.34 36.24 -69.53
N ILE C 161 -29.62 35.30 -70.14
CA ILE C 161 -28.27 35.59 -70.61
C ILE C 161 -28.34 36.21 -72.00
N HIS C 162 -27.81 37.42 -72.15
CA HIS C 162 -27.86 38.09 -73.44
C HIS C 162 -26.56 37.96 -74.21
N THR C 163 -26.67 37.62 -75.48
CA THR C 163 -25.50 37.62 -76.35
C THR C 163 -25.86 38.27 -77.67
N SER C 164 -24.87 38.88 -78.32
CA SER C 164 -25.09 39.41 -79.64
C SER C 164 -24.12 38.77 -80.62
N GLY C 165 -23.57 37.62 -80.26
CA GLY C 165 -22.77 36.89 -81.24
C GLY C 165 -21.45 36.36 -80.73
N ASN C 166 -21.07 36.75 -79.52
CA ASN C 166 -19.91 36.13 -78.91
C ASN C 166 -20.13 35.92 -77.41
N GLY C 167 -19.24 35.18 -76.78
CA GLY C 167 -19.37 34.88 -75.37
C GLY C 167 -18.92 33.47 -75.09
N TYR C 168 -18.57 33.19 -73.84
CA TYR C 168 -18.08 31.88 -73.45
C TYR C 168 -18.64 31.52 -72.10
N ILE C 169 -18.92 30.25 -71.89
CA ILE C 169 -19.14 29.73 -70.56
C ILE C 169 -18.34 28.44 -70.48
N SER C 170 -17.56 28.28 -69.41
CA SER C 170 -16.80 27.06 -69.19
C SER C 170 -17.16 26.46 -67.82
N PHE C 171 -17.05 25.16 -67.69
CA PHE C 171 -17.29 24.52 -66.40
C PHE C 171 -16.66 23.14 -66.39
N ARG C 172 -16.29 22.66 -65.21
CA ARG C 172 -15.66 21.34 -65.09
C ARG C 172 -16.74 20.34 -64.74
N LEU C 173 -16.76 19.20 -65.42
CA LEU C 173 -17.69 18.13 -65.07
C LEU C 173 -16.93 16.88 -64.69
N ARG C 174 -17.25 16.29 -63.55
CA ARG C 174 -16.62 15.03 -63.19
C ARG C 174 -17.29 13.93 -64.01
N LYS C 175 -16.75 12.73 -63.92
CA LYS C 175 -17.24 11.60 -64.71
C LYS C 175 -18.76 11.45 -64.59
N GLY C 176 -19.38 11.12 -65.71
CA GLY C 176 -20.83 10.93 -65.74
C GLY C 176 -21.34 11.34 -67.12
N THR C 177 -22.64 11.18 -67.35
CA THR C 177 -23.23 11.67 -68.60
C THR C 177 -24.14 12.83 -68.21
N TYR C 178 -24.11 13.90 -69.01
CA TYR C 178 -24.85 15.10 -68.69
C TYR C 178 -25.71 15.59 -69.85
N ALA C 179 -26.84 16.19 -69.50
CA ALA C 179 -27.66 16.91 -70.49
C ALA C 179 -27.31 18.38 -70.33
N ILE C 180 -27.17 19.07 -71.44
CA ILE C 180 -26.98 20.52 -71.41
C ILE C 180 -28.14 21.09 -72.20
N LYS C 181 -29.00 21.85 -71.52
CA LYS C 181 -30.21 22.35 -72.16
C LYS C 181 -30.15 23.86 -72.18
N MET C 182 -30.40 24.45 -73.34
N MET C 182 -30.43 24.43 -73.34
CA MET C 182 -30.38 25.90 -73.45
CA MET C 182 -30.40 25.89 -73.46
C MET C 182 -31.64 26.44 -74.13
C MET C 182 -31.64 26.43 -74.14
N PRO C 183 -32.65 26.80 -73.33
CA PRO C 183 -33.84 27.46 -73.88
C PRO C 183 -33.36 28.80 -74.44
N TYR C 184 -33.84 29.20 -75.60
CA TYR C 184 -33.44 30.49 -76.15
C TYR C 184 -34.59 31.23 -76.82
N SER C 185 -34.39 32.54 -76.98
CA SER C 185 -35.21 33.36 -77.83
C SER C 185 -34.26 34.21 -78.64
N TYR C 186 -34.64 34.52 -79.88
CA TYR C 186 -33.84 35.41 -80.69
C TYR C 186 -34.71 36.45 -81.36
N ASN C 187 -34.07 37.54 -81.76
CA ASN C 187 -34.71 38.53 -82.60
C ASN C 187 -33.78 38.82 -83.78
N ASN C 188 -34.19 38.41 -84.97
CA ASN C 188 -33.43 38.73 -86.17
C ASN C 188 -33.78 40.13 -86.67
N THR C 189 -32.79 41.03 -86.58
CA THR C 189 -32.91 42.44 -86.99
C THR C 189 -32.36 42.70 -88.40
N THR C 190 -31.77 41.69 -89.04
CA THR C 190 -31.27 41.82 -90.40
C THR C 190 -32.29 41.28 -91.41
N SER C 191 -32.14 41.68 -92.67
CA SER C 191 -32.99 41.18 -93.73
C SER C 191 -32.44 39.88 -94.28
N THR C 192 -31.36 39.40 -93.67
CA THR C 192 -30.72 38.18 -94.14
C THR C 192 -31.50 36.97 -93.67
N THR C 193 -31.67 35.99 -94.55
CA THR C 193 -32.23 34.69 -94.16
C THR C 193 -31.09 33.72 -93.92
N PHE C 194 -31.00 33.21 -92.70
CA PHE C 194 -30.04 32.15 -92.42
C PHE C 194 -30.74 30.78 -92.49
N THR C 195 -29.96 29.78 -92.92
CA THR C 195 -30.35 28.38 -92.89
C THR C 195 -29.18 27.61 -92.24
N ASN C 196 -29.49 26.62 -91.42
CA ASN C 196 -28.47 25.96 -90.62
C ASN C 196 -27.58 26.98 -89.90
N PHE C 197 -28.24 27.90 -89.21
CA PHE C 197 -27.59 28.90 -88.39
C PHE C 197 -26.91 28.25 -87.21
N GLN C 198 -25.58 28.36 -87.15
CA GLN C 198 -24.86 27.86 -86.00
C GLN C 198 -24.79 28.95 -84.93
N PHE C 199 -25.47 28.71 -83.82
CA PHE C 199 -25.50 29.63 -82.71
C PHE C 199 -24.18 29.56 -81.94
N GLY C 200 -23.69 28.35 -81.71
CA GLY C 200 -22.49 28.16 -80.93
C GLY C 200 -22.04 26.72 -80.94
N THR C 201 -21.10 26.40 -80.06
CA THR C 201 -20.60 25.02 -79.95
C THR C 201 -20.40 24.68 -78.49
N ILE C 202 -20.52 23.39 -78.19
CA ILE C 202 -20.12 22.86 -76.89
C ILE C 202 -19.00 21.90 -77.18
N SER C 203 -17.89 22.03 -76.45
CA SER C 203 -16.74 21.16 -76.68
C SER C 203 -16.00 20.81 -75.40
N THR C 204 -15.30 19.69 -75.48
CA THR C 204 -14.23 19.35 -74.56
C THR C 204 -13.00 19.41 -75.44
N SER C 205 -11.84 19.03 -74.94
CA SER C 205 -10.62 19.09 -75.77
C SER C 205 -10.75 18.45 -77.15
N ALA C 207 -13.57 16.91 -78.89
CA ALA C 207 -14.99 16.69 -79.16
C ALA C 207 -15.81 17.98 -79.19
N THR C 208 -16.56 18.18 -80.28
CA THR C 208 -17.32 19.40 -80.50
C THR C 208 -18.74 19.13 -80.97
N ILE C 209 -19.71 19.77 -80.31
CA ILE C 209 -21.12 19.68 -80.71
C ILE C 209 -21.64 21.05 -81.16
N PRO C 210 -22.00 21.18 -82.45
CA PRO C 210 -22.58 22.43 -82.95
C PRO C 210 -24.02 22.58 -82.49
N LEU C 211 -24.40 23.81 -82.12
CA LEU C 211 -25.78 24.15 -81.76
C LEU C 211 -26.38 24.88 -82.95
N VAL C 212 -27.26 24.20 -83.69
CA VAL C 212 -27.70 24.67 -84.99
C VAL C 212 -29.21 24.82 -85.10
N ILE C 213 -29.65 25.91 -85.71
CA ILE C 213 -31.07 26.17 -85.93
C ILE C 213 -31.36 26.00 -87.42
N SER C 214 -32.34 25.16 -87.74
CA SER C 214 -32.69 24.88 -89.14
C SER C 214 -32.84 26.14 -89.98
N SER C 215 -33.66 27.06 -89.51
CA SER C 215 -33.85 28.32 -90.21
C SER C 215 -34.28 29.44 -89.29
N ILE C 216 -33.73 30.62 -89.56
CA ILE C 216 -34.13 31.83 -88.88
C ILE C 216 -34.66 32.76 -89.96
N PRO C 217 -35.99 32.94 -90.01
CA PRO C 217 -36.63 33.79 -91.02
C PRO C 217 -36.15 35.24 -90.93
N ALA C 218 -36.09 35.93 -92.08
CA ALA C 218 -35.76 37.36 -92.09
C ALA C 218 -36.68 38.17 -91.18
N ASN C 219 -36.08 39.10 -90.42
CA ASN C 219 -36.84 39.98 -89.53
C ASN C 219 -37.69 39.24 -88.50
N GLY C 220 -37.45 37.93 -88.39
CA GLY C 220 -38.23 37.11 -87.50
C GLY C 220 -37.73 37.09 -86.08
N SER C 221 -38.60 36.70 -85.17
CA SER C 221 -38.21 36.42 -83.80
C SER C 221 -38.74 35.02 -83.53
N GLY C 222 -38.06 34.29 -82.66
CA GLY C 222 -38.50 32.95 -82.35
C GLY C 222 -37.87 32.47 -81.07
N SER C 223 -38.28 31.29 -80.64
CA SER C 223 -37.70 30.67 -79.47
C SER C 223 -37.63 29.17 -79.71
N GLY C 224 -36.80 28.50 -78.94
CA GLY C 224 -36.65 27.06 -79.04
C GLY C 224 -35.74 26.61 -77.90
N THR C 225 -35.23 25.39 -78.00
CA THR C 225 -34.34 24.86 -76.97
C THR C 225 -33.26 24.01 -77.61
N PHE C 226 -32.01 24.27 -77.28
CA PHE C 226 -30.94 23.33 -77.59
C PHE C 226 -30.86 22.28 -76.49
N LEU C 227 -30.71 21.03 -76.88
CA LEU C 227 -30.56 19.95 -75.90
C LEU C 227 -29.54 18.97 -76.43
N VAL C 228 -28.39 18.92 -75.78
CA VAL C 228 -27.34 17.99 -76.20
C VAL C 228 -26.81 17.26 -74.97
N TYR C 229 -26.06 16.20 -75.19
CA TYR C 229 -25.58 15.38 -74.09
C TYR C 229 -24.10 15.12 -74.24
N LEU C 230 -23.39 15.10 -73.10
CA LEU C 230 -21.96 14.80 -73.11
C LEU C 230 -21.71 13.59 -72.25
N LYS C 231 -20.97 12.63 -72.77
CA LYS C 231 -20.49 11.56 -71.93
C LYS C 231 -19.09 11.91 -71.45
N ILE C 232 -18.98 12.28 -70.17
CA ILE C 232 -17.68 12.60 -69.59
C ILE C 232 -17.08 11.33 -68.99
N THR C 233 -16.16 10.72 -69.73
CA THR C 233 -15.46 9.55 -69.22
C THR C 233 -14.75 9.92 -67.92
N GLY C 234 -14.17 11.10 -67.90
CA GLY C 234 -13.47 11.61 -66.72
C GLY C 234 -12.07 12.08 -67.00
N ASP C 235 -11.51 11.70 -68.15
CA ASP C 235 -10.16 12.15 -68.47
C ASP C 235 -10.10 13.53 -69.13
N TYR C 236 -11.25 14.01 -69.56
CA TYR C 236 -11.39 15.38 -70.09
C TYR C 236 -12.64 15.98 -69.46
N GLU C 237 -12.43 16.88 -68.50
CA GLU C 237 -13.54 17.33 -67.68
C GLU C 237 -13.93 18.79 -67.93
N ASP C 238 -13.07 19.53 -68.60
CA ASP C 238 -13.35 20.94 -68.80
C ASP C 238 -14.19 21.14 -70.04
N VAL C 239 -15.41 21.63 -69.84
CA VAL C 239 -16.35 21.84 -70.93
C VAL C 239 -16.40 23.31 -71.32
N LYS C 240 -16.45 23.59 -72.62
CA LYS C 240 -16.47 24.97 -73.06
C LYS C 240 -17.63 25.23 -74.00
N PHE C 241 -18.47 26.20 -73.64
CA PHE C 241 -19.53 26.65 -74.53
C PHE C 241 -19.09 27.97 -75.16
N SER C 242 -19.21 28.09 -76.49
CA SER C 242 -18.83 29.31 -77.20
C SER C 242 -19.95 29.76 -78.11
N VAL C 243 -20.30 31.04 -78.07
CA VAL C 243 -21.21 31.64 -79.03
C VAL C 243 -20.39 32.03 -80.27
N THR C 244 -20.79 31.56 -81.45
CA THR C 244 -19.91 31.67 -82.61
C THR C 244 -20.45 32.48 -83.77
N TYR C 245 -21.71 32.89 -83.71
CA TYR C 245 -22.34 33.49 -84.90
C TYR C 245 -21.82 34.87 -85.27
N GLY C 246 -21.13 35.54 -84.35
CA GLY C 246 -20.43 36.77 -84.69
C GLY C 246 -21.08 38.04 -84.16
N GLY C 247 -20.29 38.82 -83.43
CA GLY C 247 -20.76 40.00 -82.72
C GLY C 247 -21.61 41.02 -83.47
N GLY C 248 -21.36 41.22 -84.75
CA GLY C 248 -22.07 42.29 -85.47
C GLY C 248 -23.22 41.83 -86.34
N LEU C 249 -23.62 40.58 -86.18
CA LEU C 249 -24.60 39.98 -87.09
C LEU C 249 -25.98 40.66 -87.05
N GLY C 250 -26.40 41.13 -85.88
CA GLY C 250 -27.71 41.74 -85.73
C GLY C 250 -28.83 40.75 -85.40
N VAL C 251 -28.44 39.66 -84.73
CA VAL C 251 -29.40 38.67 -84.25
C VAL C 251 -29.14 38.42 -82.77
N PRO C 252 -29.59 39.34 -81.92
CA PRO C 252 -29.42 39.11 -80.47
C PRO C 252 -30.20 37.88 -80.00
N PHE C 253 -29.60 37.11 -79.10
CA PHE C 253 -30.24 35.98 -78.44
C PHE C 253 -30.32 36.25 -76.94
N THR C 254 -31.32 35.65 -76.29
CA THR C 254 -31.38 35.58 -74.83
C THR C 254 -31.55 34.10 -74.54
N PHE C 255 -30.74 33.54 -73.66
CA PHE C 255 -30.84 32.11 -73.39
C PHE C 255 -30.63 31.75 -71.93
N GLY C 256 -31.00 30.52 -71.59
CA GLY C 256 -30.83 30.00 -70.25
C GLY C 256 -29.84 28.86 -70.35
N LEU C 257 -29.46 28.31 -69.19
CA LEU C 257 -28.49 27.22 -69.17
C LEU C 257 -28.84 26.24 -68.09
N GLU C 258 -29.07 25.00 -68.49
CA GLU C 258 -29.34 23.94 -67.54
C GLU C 258 -28.35 22.82 -67.80
N VAL C 259 -27.60 22.42 -66.78
CA VAL C 259 -26.63 21.33 -66.89
C VAL C 259 -26.92 20.34 -65.79
N GLU C 260 -27.20 19.10 -66.17
CA GLU C 260 -27.67 18.14 -65.19
C GLU C 260 -27.23 16.73 -65.54
N GLU C 261 -26.91 15.95 -64.52
N GLU C 261 -26.91 15.94 -64.51
CA GLU C 261 -26.51 14.55 -64.73
CA GLU C 261 -26.55 14.54 -64.71
C GLU C 261 -27.71 13.68 -65.12
C GLU C 261 -27.76 13.73 -65.19
N ILE C 262 -27.51 12.78 -66.09
CA ILE C 262 -28.56 11.85 -66.47
C ILE C 262 -28.12 10.41 -66.31
N ASN C 263 -29.09 9.51 -66.26
CA ASN C 263 -28.79 8.09 -66.38
C ASN C 263 -28.80 7.70 -67.85
N GLU C 264 -28.39 6.48 -68.17
CA GLU C 264 -28.24 6.13 -69.58
C GLU C 264 -29.55 6.38 -70.32
N LEU C 265 -29.45 7.02 -71.48
CA LEU C 265 -30.62 7.31 -72.31
C LEU C 265 -30.45 6.67 -73.68
N VAL C 266 -31.20 5.58 -73.93
CA VAL C 266 -31.26 4.97 -75.24
C VAL C 266 -32.25 5.76 -76.06
N GLU C 267 -31.75 6.56 -77.00
CA GLU C 267 -32.59 7.45 -77.77
C GLU C 267 -33.45 6.66 -78.73
N ASN C 268 -32.86 5.63 -79.32
CA ASN C 268 -33.61 4.70 -80.17
C ASN C 268 -32.78 3.48 -80.47
N THR C 269 -33.45 2.44 -80.91
CA THR C 269 -32.79 1.21 -81.32
C THR C 269 -33.34 0.90 -82.70
N ASN C 270 -32.47 0.52 -83.62
CA ASN C 270 -32.85 0.40 -85.03
C ASN C 270 -32.26 -0.81 -85.72
N PHE C 271 -33.08 -1.41 -86.59
CA PHE C 271 -32.67 -2.43 -87.52
C PHE C 271 -32.54 -1.67 -88.83
N VAL C 272 -31.36 -1.70 -89.43
CA VAL C 272 -31.15 -0.95 -90.65
C VAL C 272 -30.51 -1.84 -91.70
N THR C 273 -30.72 -1.50 -92.97
CA THR C 273 -30.22 -2.32 -94.06
C THR C 273 -29.53 -1.40 -95.06
N GLN C 274 -28.48 -1.90 -95.68
CA GLN C 274 -27.70 -1.10 -96.61
C GLN C 274 -27.14 -2.02 -97.68
N SER C 275 -27.41 -1.73 -98.95
CA SER C 275 -26.84 -2.50 -100.03
C SER C 275 -25.59 -1.83 -100.58
N VAL C 276 -24.66 -2.66 -101.04
CA VAL C 276 -23.45 -2.19 -101.69
C VAL C 276 -23.23 -3.03 -102.93
N THR C 277 -23.00 -2.35 -104.06
CA THR C 277 -22.73 -3.06 -105.31
C THR C 277 -21.25 -3.02 -105.60
N LEU C 278 -20.67 -4.19 -105.83
CA LEU C 278 -19.24 -4.31 -106.05
C LEU C 278 -18.98 -4.67 -107.51
N SER C 279 -18.03 -3.96 -108.12
CA SER C 279 -17.67 -4.23 -109.51
C SER C 279 -16.18 -4.12 -109.76
N GLY C 280 -15.38 -4.75 -108.91
CA GLY C 280 -13.95 -4.88 -109.17
C GLY C 280 -13.09 -3.95 -108.33
N SER C 281 -13.72 -2.95 -107.72
CA SER C 281 -12.98 -1.97 -106.94
C SER C 281 -13.41 -1.93 -105.47
N GLN C 282 -12.46 -1.64 -104.59
CA GLN C 282 -12.79 -1.52 -103.20
C GLN C 282 -13.75 -0.36 -102.97
N VAL C 283 -14.75 -0.59 -102.14
CA VAL C 283 -15.72 0.43 -101.80
C VAL C 283 -15.72 0.62 -100.30
N THR C 284 -15.69 1.87 -99.85
CA THR C 284 -15.86 2.19 -98.45
C THR C 284 -17.18 2.92 -98.27
N GLN C 285 -18.14 2.24 -97.67
CA GLN C 285 -19.50 2.77 -97.58
C GLN C 285 -19.81 3.21 -96.16
N SER C 286 -20.10 4.49 -95.97
CA SER C 286 -20.49 4.94 -94.64
C SER C 286 -21.87 4.38 -94.31
N ILE C 287 -22.03 3.84 -93.10
CA ILE C 287 -23.34 3.31 -92.67
C ILE C 287 -23.99 4.31 -91.74
N LEU C 288 -23.19 4.81 -90.81
N LEU C 288 -23.21 4.81 -90.80
CA LEU C 288 -23.66 5.70 -89.77
CA LEU C 288 -23.72 5.76 -89.83
C LEU C 288 -22.51 6.57 -89.26
C LEU C 288 -22.57 6.54 -89.21
N ASN C 289 -22.79 7.85 -89.03
CA ASN C 289 -21.82 8.73 -88.42
C ASN C 289 -22.58 9.74 -87.59
N VAL C 290 -22.47 9.66 -86.28
CA VAL C 290 -23.17 10.58 -85.39
C VAL C 290 -22.20 11.47 -84.60
N GLN C 291 -20.96 11.56 -85.07
CA GLN C 291 -19.98 12.42 -84.43
C GLN C 291 -20.53 13.85 -84.40
N GLY C 292 -20.46 14.50 -83.24
CA GLY C 292 -20.85 15.90 -83.16
C GLY C 292 -22.33 16.08 -82.91
N SER C 293 -23.05 14.99 -82.68
CA SER C 293 -24.51 15.01 -82.54
C SER C 293 -24.97 15.05 -81.09
N GLY C 294 -24.07 14.76 -80.16
CA GLY C 294 -24.47 14.65 -78.76
C GLY C 294 -24.91 13.23 -78.43
N SER C 295 -24.49 12.28 -79.26
CA SER C 295 -24.86 10.89 -79.03
C SER C 295 -23.77 9.96 -79.55
N HIS C 296 -23.90 8.68 -79.22
CA HIS C 296 -22.98 7.67 -79.74
C HIS C 296 -23.74 6.38 -80.01
N LEU C 297 -23.03 5.32 -80.38
CA LEU C 297 -23.69 4.12 -80.86
C LEU C 297 -23.28 2.90 -80.07
N ARG C 298 -24.09 1.85 -80.19
CA ARG C 298 -23.73 0.54 -79.68
C ARG C 298 -24.26 -0.48 -80.67
N LEU C 299 -23.36 -1.33 -81.21
CA LEU C 299 -23.75 -2.31 -82.22
C LEU C 299 -24.05 -3.64 -81.54
N LYS C 300 -25.19 -4.26 -81.88
CA LYS C 300 -25.62 -5.50 -81.23
C LYS C 300 -25.56 -6.72 -82.14
N TYR C 301 -25.78 -6.50 -83.43
CA TYR C 301 -25.86 -7.60 -84.37
C TYR C 301 -25.63 -7.10 -85.79
N ALA C 302 -24.96 -7.90 -86.61
CA ALA C 302 -24.77 -7.56 -88.03
C ALA C 302 -24.74 -8.83 -88.83
N SER C 303 -25.22 -8.73 -90.07
CA SER C 303 -25.26 -9.87 -90.98
C SER C 303 -25.15 -9.35 -92.40
N VAL C 304 -24.53 -10.14 -93.28
CA VAL C 304 -24.43 -9.77 -94.69
C VAL C 304 -24.97 -10.90 -95.54
N SER C 305 -25.91 -10.59 -96.44
CA SER C 305 -26.39 -11.59 -97.37
C SER C 305 -25.85 -11.28 -98.77
N GLY C 306 -25.77 -12.31 -99.60
CA GLY C 306 -25.30 -12.14 -100.97
C GLY C 306 -23.82 -12.42 -101.16
N LEU C 307 -23.16 -12.86 -100.09
CA LEU C 307 -21.74 -13.21 -100.19
C LEU C 307 -21.53 -14.40 -101.13
N THR C 308 -20.55 -14.28 -102.02
CA THR C 308 -20.15 -15.37 -102.89
C THR C 308 -18.63 -15.35 -102.96
N THR C 309 -18.06 -16.34 -103.63
CA THR C 309 -16.61 -16.41 -103.80
C THR C 309 -16.11 -15.22 -104.62
N ALA C 310 -17.05 -14.48 -105.21
CA ALA C 310 -16.72 -13.27 -105.97
C ALA C 310 -16.43 -12.08 -105.06
N VAL C 311 -16.74 -12.22 -103.77
CA VAL C 311 -16.46 -11.17 -102.80
C VAL C 311 -15.17 -11.48 -102.05
N THR C 312 -14.20 -10.58 -102.13
CA THR C 312 -12.87 -10.82 -101.57
C THR C 312 -12.67 -10.08 -100.25
N GLN C 313 -13.47 -9.05 -100.02
CA GLN C 313 -13.37 -8.30 -98.78
C GLN C 313 -14.73 -7.82 -98.33
N CYS C 314 -15.00 -7.97 -97.04
CA CYS C 314 -16.25 -7.50 -96.49
C CYS C 314 -16.04 -7.33 -95.00
N GLN C 315 -15.63 -6.13 -94.61
CA GLN C 315 -15.33 -5.84 -93.22
C GLN C 315 -16.18 -4.70 -92.71
N LEU C 316 -16.82 -4.91 -91.55
CA LEU C 316 -17.50 -3.84 -90.84
C LEU C 316 -16.47 -3.18 -89.93
N GLN C 317 -16.37 -1.85 -90.02
CA GLN C 317 -15.39 -1.11 -89.21
C GLN C 317 -16.09 -0.02 -88.43
N ALA C 318 -15.48 0.35 -87.32
CA ALA C 318 -16.10 1.35 -86.44
C ALA C 318 -15.00 2.13 -85.73
N THR C 319 -15.35 3.30 -85.24
CA THR C 319 -14.43 3.99 -84.37
C THR C 319 -15.14 5.04 -83.53
N ASN C 320 -14.45 5.52 -82.51
CA ASN C 320 -14.76 6.80 -81.89
C ASN C 320 -13.93 7.89 -82.58
N LEU C 321 -14.55 8.62 -83.50
CA LEU C 321 -13.84 9.63 -84.31
C LEU C 321 -13.24 10.76 -83.50
N ASN C 322 -13.77 10.97 -82.29
CA ASN C 322 -13.21 11.96 -81.38
C ASN C 322 -11.91 11.46 -80.73
N ARG C 323 -11.68 10.16 -80.82
CA ARG C 323 -10.43 9.57 -80.31
C ARG C 323 -9.47 9.25 -81.45
N SER C 324 -10.00 8.75 -82.57
CA SER C 324 -9.17 8.27 -83.68
C SER C 324 -9.92 8.32 -85.02
N THR C 325 -9.24 8.80 -86.05
CA THR C 325 -9.81 8.82 -87.40
C THR C 325 -9.56 7.52 -88.14
N THR C 326 -8.79 6.62 -87.51
CA THR C 326 -8.55 5.31 -88.10
C THR C 326 -9.60 4.33 -87.61
N TYR C 327 -10.34 3.75 -88.54
CA TYR C 327 -11.38 2.79 -88.20
C TYR C 327 -10.76 1.44 -87.91
N SER C 328 -11.32 0.72 -86.95
CA SER C 328 -10.87 -0.64 -86.74
C SER C 328 -11.95 -1.63 -87.15
N THR C 329 -11.52 -2.75 -87.70
CA THR C 329 -12.43 -3.80 -88.12
C THR C 329 -13.04 -4.43 -86.88
N VAL C 330 -14.37 -4.44 -86.84
CA VAL C 330 -15.09 -5.06 -85.72
C VAL C 330 -15.71 -6.42 -86.10
N TRP C 331 -15.85 -6.66 -87.40
CA TRP C 331 -16.25 -7.97 -87.88
C TRP C 331 -15.85 -8.16 -89.32
N ASP C 332 -15.30 -9.33 -89.62
CA ASP C 332 -14.91 -9.66 -90.98
C ASP C 332 -15.83 -10.77 -91.44
N PHE C 333 -16.72 -10.47 -92.38
CA PHE C 333 -17.75 -11.42 -92.79
C PHE C 333 -17.18 -12.54 -93.63
N ILE C 334 -16.00 -12.34 -94.21
CA ILE C 334 -15.35 -13.41 -94.96
C ILE C 334 -14.68 -14.39 -93.99
N ALA C 335 -13.81 -13.84 -93.15
CA ALA C 335 -13.02 -14.64 -92.21
C ALA C 335 -13.86 -15.19 -91.07
N GLY C 336 -14.89 -14.46 -90.66
CA GLY C 336 -15.65 -14.78 -89.46
C GLY C 336 -16.99 -15.44 -89.73
N GLY C 337 -17.52 -15.27 -90.93
CA GLY C 337 -18.83 -15.81 -91.26
C GLY C 337 -19.85 -14.70 -91.49
N SER C 338 -20.95 -15.06 -92.12
CA SER C 338 -21.95 -14.08 -92.57
C SER C 338 -22.74 -13.34 -91.49
N SER C 339 -22.66 -13.79 -90.23
CA SER C 339 -23.31 -13.05 -89.16
C SER C 339 -22.52 -13.06 -87.85
N THR C 340 -22.74 -12.03 -87.04
CA THR C 340 -22.01 -11.87 -85.79
C THR C 340 -22.51 -12.82 -84.71
N PRO C 341 -21.61 -13.27 -83.84
CA PRO C 341 -21.95 -14.22 -82.77
C PRO C 341 -22.65 -13.53 -81.60
N PRO C 342 -23.30 -14.32 -80.73
CA PRO C 342 -24.12 -13.79 -79.65
C PRO C 342 -23.38 -12.82 -78.74
N SER C 343 -22.08 -13.05 -78.54
CA SER C 343 -21.32 -12.21 -77.60
C SER C 343 -20.83 -10.90 -78.22
N TRP C 344 -21.06 -10.73 -79.50
CA TRP C 344 -20.56 -9.56 -80.24
C TRP C 344 -21.37 -8.35 -79.84
N ASP C 345 -20.66 -7.33 -79.35
CA ASP C 345 -21.28 -6.14 -78.82
C ASP C 345 -20.24 -5.03 -78.90
N ILE C 346 -20.49 -4.02 -79.72
CA ILE C 346 -19.49 -2.99 -79.96
C ILE C 346 -19.94 -1.69 -79.31
N ARG C 347 -19.21 -1.28 -78.26
CA ARG C 347 -19.58 -0.08 -77.52
C ARG C 347 -18.65 1.08 -77.80
N GLU C 348 -19.08 2.26 -77.34
CA GLU C 348 -18.27 3.49 -77.41
C GLU C 348 -17.68 3.78 -78.78
N ILE C 349 -18.54 3.76 -79.80
CA ILE C 349 -18.18 4.19 -81.14
C ILE C 349 -19.21 5.21 -81.59
N ASN C 350 -18.87 6.01 -82.61
CA ASN C 350 -19.84 6.96 -83.16
C ASN C 350 -19.83 7.00 -84.67
N SER C 351 -19.08 6.10 -85.29
CA SER C 351 -19.11 6.00 -86.76
C SER C 351 -18.85 4.59 -87.20
N ILE C 352 -19.58 4.15 -88.23
CA ILE C 352 -19.55 2.78 -88.71
C ILE C 352 -19.45 2.85 -90.22
N GLN C 353 -18.56 2.05 -90.80
CA GLN C 353 -18.49 1.92 -92.26
C GLN C 353 -18.28 0.47 -92.67
N LEU C 354 -18.64 0.17 -93.91
CA LEU C 354 -18.41 -1.15 -94.48
C LEU C 354 -17.37 -0.99 -95.59
N VAL C 355 -16.31 -1.78 -95.50
CA VAL C 355 -15.29 -1.80 -96.54
C VAL C 355 -15.40 -3.14 -97.26
N ALA C 356 -15.63 -3.08 -98.56
CA ALA C 356 -15.84 -4.31 -99.33
C ALA C 356 -15.16 -4.24 -100.68
N ASN C 357 -14.90 -5.40 -101.26
CA ASN C 357 -14.29 -5.49 -102.57
C ASN C 357 -14.71 -6.82 -103.21
N GLY C 358 -14.73 -6.84 -104.54
CA GLY C 358 -15.12 -8.03 -105.26
C GLY C 358 -15.88 -7.67 -106.52
N GLY C 359 -16.43 -8.68 -107.17
CA GLY C 359 -17.10 -8.50 -108.44
C GLY C 359 -16.11 -8.08 -109.51
N SER C 360 -16.63 -7.80 -110.70
CA SER C 360 -15.80 -7.37 -111.82
C SER C 360 -16.51 -6.26 -112.59
N SER C 361 -15.77 -5.63 -113.50
CA SER C 361 -16.31 -4.58 -114.35
C SER C 361 -17.43 -5.10 -115.26
N THR C 362 -17.53 -6.42 -115.41
CA THR C 362 -18.51 -7.02 -116.30
C THR C 362 -19.57 -7.81 -115.53
N SER C 363 -19.28 -8.09 -114.26
CA SER C 363 -20.16 -8.90 -113.45
C SER C 363 -20.14 -8.42 -112.00
N SER C 364 -21.07 -7.51 -111.68
CA SER C 364 -21.12 -6.93 -110.36
C SER C 364 -21.85 -7.83 -109.35
N VAL C 365 -21.48 -7.68 -108.09
CA VAL C 365 -22.10 -8.43 -107.01
C VAL C 365 -22.70 -7.45 -106.04
N THR C 366 -23.95 -7.69 -105.63
CA THR C 366 -24.60 -6.83 -104.65
C THR C 366 -24.78 -7.57 -103.35
N ILE C 367 -24.25 -6.99 -102.28
CA ILE C 367 -24.38 -7.55 -100.95
C ILE C 367 -25.21 -6.62 -100.09
N THR C 368 -25.87 -7.18 -99.09
CA THR C 368 -26.73 -6.38 -98.22
C THR C 368 -26.39 -6.55 -96.75
N LEU C 369 -26.06 -5.43 -96.11
CA LEU C 369 -25.71 -5.44 -94.71
C LEU C 369 -26.96 -5.13 -93.91
N ILE C 370 -27.19 -5.93 -92.87
CA ILE C 370 -28.20 -5.55 -91.89
C ILE C 370 -27.51 -5.35 -90.57
N LEU C 371 -28.03 -4.40 -89.80
CA LEU C 371 -27.37 -4.00 -88.58
C LEU C 371 -28.41 -3.61 -87.56
N VAL C 372 -28.26 -4.10 -86.33
CA VAL C 372 -29.08 -3.64 -85.23
C VAL C 372 -28.19 -2.85 -84.28
N TYR C 373 -28.58 -1.61 -83.98
CA TYR C 373 -27.74 -0.79 -83.15
C TYR C 373 -28.62 0.08 -82.27
N GLU C 374 -28.03 0.58 -81.19
CA GLU C 374 -28.69 1.57 -80.36
C GLU C 374 -27.99 2.90 -80.53
N GLN C 375 -28.76 3.99 -80.51
CA GLN C 375 -28.20 5.32 -80.44
C GLN C 375 -28.40 5.77 -79.02
N ILE C 376 -27.30 6.15 -78.39
CA ILE C 376 -27.27 6.44 -76.96
C ILE C 376 -26.83 7.88 -76.71
N ALA C 377 -27.51 8.56 -75.81
CA ALA C 377 -27.19 9.95 -75.51
C ALA C 377 -25.76 10.05 -74.97
N GLY C 378 -25.06 11.09 -75.42
CA GLY C 378 -23.74 11.43 -74.89
C GLY C 378 -22.70 11.45 -75.98
N GLU C 379 -22.18 12.64 -76.30
CA GLU C 379 -21.05 12.76 -77.22
C GLU C 379 -19.84 12.11 -76.56
N LEU C 380 -19.10 11.32 -77.32
CA LEU C 380 -17.90 10.65 -76.79
C LEU C 380 -16.75 11.66 -76.71
N SER C 381 -15.92 11.55 -75.67
CA SER C 381 -14.80 12.48 -75.56
C SER C 381 -13.54 12.00 -76.28
N HIS C 382 -12.62 12.93 -76.46
CA HIS C 382 -11.30 12.65 -77.01
C HIS C 382 -10.52 11.72 -76.06
N HIS C 383 -9.53 11.01 -76.59
CA HIS C 383 -8.60 10.25 -75.76
C HIS C 383 -7.21 10.15 -76.42
N LEU D 6 -54.10 44.79 -47.96
CA LEU D 6 -53.87 43.39 -47.59
C LEU D 6 -52.38 43.10 -47.38
N GLY D 7 -51.53 43.73 -48.19
CA GLY D 7 -50.09 43.56 -48.07
C GLY D 7 -49.52 44.33 -46.89
N GLN D 8 -48.47 43.80 -46.29
CA GLN D 8 -47.82 44.46 -45.16
C GLN D 8 -46.33 44.59 -45.41
N SER D 9 -45.68 45.52 -44.73
CA SER D 9 -44.23 45.58 -44.79
C SER D 9 -43.66 44.71 -43.68
N PHE D 10 -42.47 44.16 -43.89
CA PHE D 10 -41.80 43.37 -42.86
C PHE D 10 -40.28 43.51 -42.95
N PRO D 11 -39.61 43.54 -41.79
CA PRO D 11 -38.14 43.62 -41.73
C PRO D 11 -37.56 42.25 -42.05
N ALA D 12 -36.50 42.20 -42.85
CA ALA D 12 -35.97 40.93 -43.29
C ALA D 12 -34.45 40.88 -43.32
N ASN D 13 -33.82 41.49 -42.31
CA ASN D 13 -32.36 41.59 -42.30
C ASN D 13 -31.58 40.36 -41.93
N ALA D 14 -32.20 39.47 -41.16
CA ALA D 14 -31.46 38.38 -40.54
C ALA D 14 -31.34 37.20 -41.47
N LYS D 15 -30.25 36.47 -41.31
CA LYS D 15 -29.98 35.26 -42.08
C LYS D 15 -31.07 34.22 -41.81
N VAL D 16 -31.55 33.53 -42.85
CA VAL D 16 -32.55 32.49 -42.66
C VAL D 16 -31.92 31.22 -42.09
N LYS D 17 -32.65 30.52 -41.24
CA LYS D 17 -32.17 29.27 -40.67
C LYS D 17 -32.92 28.14 -41.33
N TYR D 18 -32.37 26.93 -41.28
CA TYR D 18 -33.09 25.76 -41.79
C TYR D 18 -33.97 25.10 -40.75
N TYR D 19 -33.90 25.57 -39.52
CA TYR D 19 -34.74 25.06 -38.48
C TYR D 19 -34.94 26.12 -37.41
N TYR D 20 -36.18 26.33 -37.01
CA TYR D 20 -36.52 27.27 -35.96
C TYR D 20 -37.35 26.56 -34.92
N LYS D 21 -37.01 26.73 -33.65
CA LYS D 21 -37.94 26.35 -32.61
C LYS D 21 -38.36 27.68 -31.99
N LEU D 22 -39.60 28.08 -32.24
CA LEU D 22 -39.97 29.47 -31.96
C LEU D 22 -40.24 29.76 -30.50
N SER D 23 -40.17 28.74 -29.65
CA SER D 23 -40.15 28.94 -28.21
C SER D 23 -38.77 29.32 -27.68
N GLU D 24 -37.77 29.35 -28.57
CA GLU D 24 -36.43 29.85 -28.21
C GLU D 24 -36.38 31.30 -28.67
N LYS D 25 -36.04 32.20 -27.76
CA LYS D 25 -35.97 33.63 -28.03
C LYS D 25 -35.13 33.99 -29.27
N GLN D 26 -33.91 33.44 -29.37
CA GLN D 26 -33.05 33.80 -30.49
C GLN D 26 -33.63 33.32 -31.81
N ASP D 27 -34.32 32.18 -31.83
CA ASP D 27 -34.95 31.71 -33.08
C ASP D 27 -36.13 32.58 -33.46
N LEU D 28 -36.94 32.96 -32.47
CA LEU D 28 -38.08 33.82 -32.72
C LEU D 28 -37.64 35.18 -33.23
N ASP D 29 -36.64 35.75 -32.60
CA ASP D 29 -36.07 37.04 -33.03
C ASP D 29 -35.59 36.99 -34.49
N ALA D 30 -34.91 35.92 -34.87
CA ALA D 30 -34.47 35.81 -36.27
C ALA D 30 -35.67 35.66 -37.20
N PHE D 31 -36.60 34.77 -36.81
CA PHE D 31 -37.79 34.45 -37.60
C PHE D 31 -38.55 35.70 -38.00
N VAL D 32 -38.73 36.63 -37.05
CA VAL D 32 -39.51 37.84 -37.31
C VAL D 32 -38.68 39.01 -37.80
N ASN D 33 -37.43 38.73 -38.19
CA ASN D 33 -36.58 39.71 -38.88
C ASN D 33 -36.02 39.03 -40.13
N SER D 34 -36.82 38.15 -40.73
CA SER D 34 -36.38 37.48 -41.96
C SER D 34 -37.54 36.99 -42.82
N ILE D 35 -38.39 36.14 -42.27
CA ILE D 35 -39.38 35.47 -43.13
C ILE D 35 -40.83 35.55 -42.66
N PHE D 36 -41.06 36.14 -41.50
CA PHE D 36 -42.41 36.24 -40.96
C PHE D 36 -43.00 37.63 -41.22
N VAL D 37 -44.23 37.67 -41.71
CA VAL D 37 -44.91 38.90 -42.06
C VAL D 37 -46.12 39.03 -41.13
N GLY D 38 -46.21 40.17 -40.45
CA GLY D 38 -47.36 40.42 -39.59
C GLY D 38 -46.92 40.50 -38.14
N SER D 39 -47.85 40.69 -37.22
N SER D 39 -47.90 40.64 -37.23
CA SER D 39 -47.49 40.70 -35.81
CA SER D 39 -47.64 40.69 -35.81
C SER D 39 -47.81 39.36 -35.15
C SER D 39 -47.79 39.30 -35.17
N TYR D 40 -47.29 39.14 -33.94
CA TYR D 40 -47.57 37.94 -33.19
C TYR D 40 -47.81 38.35 -31.72
N LYS D 41 -48.47 37.48 -30.96
CA LYS D 41 -48.55 37.62 -29.51
C LYS D 41 -47.89 36.40 -28.93
N LEU D 42 -47.02 36.58 -27.94
CA LEU D 42 -46.35 35.44 -27.33
C LEU D 42 -47.28 34.88 -26.27
N LYS D 43 -47.62 33.59 -26.40
CA LYS D 43 -48.58 33.00 -25.46
C LYS D 43 -48.12 31.65 -24.97
N GLN D 44 -48.58 31.29 -23.78
CA GLN D 44 -48.31 29.96 -23.27
C GLN D 44 -49.28 28.96 -23.91
N ILE D 45 -48.71 27.96 -24.57
CA ILE D 45 -49.48 26.97 -25.34
C ILE D 45 -49.30 25.63 -24.65
N SER D 46 -50.37 24.87 -24.51
CA SER D 46 -50.34 23.56 -23.86
C SER D 46 -51.06 22.59 -24.76
N TYR D 47 -50.51 21.39 -24.96
CA TYR D 47 -51.26 20.33 -25.61
C TYR D 47 -50.83 18.96 -25.10
N LEU D 48 -51.65 17.95 -25.39
CA LEU D 48 -51.45 16.59 -24.84
C LEU D 48 -50.57 15.68 -25.70
N LEU D 49 -49.64 15.00 -25.05
CA LEU D 49 -48.82 13.97 -25.68
C LEU D 49 -48.81 12.78 -24.74
N TYR D 50 -49.46 11.71 -25.16
CA TYR D 50 -49.56 10.49 -24.34
C TYR D 50 -50.00 10.83 -22.92
N GLY D 51 -51.00 11.70 -22.81
CA GLY D 51 -51.59 12.03 -21.52
C GLY D 51 -50.83 13.09 -20.75
N ASN D 52 -49.66 13.47 -21.24
CA ASN D 52 -48.86 14.49 -20.59
C ASN D 52 -49.08 15.83 -21.27
N THR D 53 -48.94 16.92 -20.51
CA THR D 53 -49.16 18.25 -21.07
C THR D 53 -47.86 18.97 -21.38
N LYS D 54 -47.57 19.12 -22.68
CA LYS D 54 -46.40 19.86 -23.11
C LYS D 54 -46.74 21.33 -23.05
N ILE D 55 -45.89 22.11 -22.40
CA ILE D 55 -46.12 23.54 -22.27
C ILE D 55 -44.96 24.35 -22.88
N VAL D 56 -45.30 25.23 -23.81
CA VAL D 56 -44.31 26.11 -24.43
C VAL D 56 -44.85 27.52 -24.55
N SER D 57 -43.96 28.51 -24.63
CA SER D 57 -44.35 29.86 -25.01
C SER D 57 -44.04 30.04 -26.49
N ALA D 58 -45.05 30.42 -27.28
CA ALA D 58 -44.89 30.47 -28.74
C ALA D 58 -45.66 31.63 -29.33
N PRO D 59 -45.25 32.09 -30.52
CA PRO D 59 -45.93 33.21 -31.18
C PRO D 59 -47.28 32.76 -31.74
N VAL D 60 -48.31 33.56 -31.53
CA VAL D 60 -49.67 33.25 -32.03
C VAL D 60 -50.10 34.37 -32.95
N VAL D 61 -50.64 34.02 -34.12
CA VAL D 61 -51.17 35.05 -35.03
C VAL D 61 -52.38 35.71 -34.39
N PRO D 62 -52.37 37.05 -34.27
CA PRO D 62 -53.47 37.69 -33.54
C PRO D 62 -54.68 37.94 -34.43
N LEU D 63 -55.81 38.32 -33.84
CA LEU D 63 -56.99 38.74 -34.59
C LEU D 63 -56.59 39.78 -35.59
N GLY D 64 -57.09 39.64 -36.81
CA GLY D 64 -56.79 40.57 -37.88
C GLY D 64 -56.44 39.81 -39.14
N PRO D 65 -55.65 40.41 -40.03
CA PRO D 65 -55.25 39.77 -41.29
C PRO D 65 -54.38 38.53 -41.06
N ASN D 66 -54.41 37.58 -41.99
CA ASN D 66 -53.50 36.44 -41.88
C ASN D 66 -52.07 36.92 -41.81
N ALA D 67 -51.23 36.17 -41.08
CA ALA D 67 -49.81 36.37 -41.15
C ALA D 67 -49.32 35.61 -42.36
N SER D 68 -48.05 35.81 -42.73
CA SER D 68 -47.46 35.03 -43.81
C SER D 68 -46.04 34.62 -43.47
N ILE D 69 -45.58 33.53 -44.08
CA ILE D 69 -44.17 33.21 -44.09
C ILE D 69 -43.73 33.34 -45.53
N ILE D 70 -42.66 34.09 -45.76
CA ILE D 70 -42.21 34.36 -47.12
C ILE D 70 -40.70 34.21 -47.16
N ILE D 71 -40.18 33.36 -48.04
CA ILE D 71 -38.74 33.14 -48.09
C ILE D 71 -38.19 33.30 -49.48
N ASP D 72 -37.52 34.42 -49.74
CA ASP D 72 -36.87 34.56 -51.06
C ASP D 72 -35.35 34.47 -50.96
N ASP D 73 -34.86 34.13 -49.78
CA ASP D 73 -33.42 34.08 -49.55
C ASP D 73 -32.76 32.99 -50.37
N GLU D 74 -31.45 33.13 -50.60
CA GLU D 74 -30.70 32.14 -51.39
C GLU D 74 -30.37 30.88 -50.58
N LEU D 75 -31.40 30.13 -50.20
CA LEU D 75 -31.20 28.81 -49.61
C LEU D 75 -30.41 27.93 -50.58
N GLN D 76 -29.76 26.92 -50.06
CA GLN D 76 -29.08 25.95 -50.93
C GLN D 76 -30.15 25.43 -51.88
N GLU D 77 -29.81 25.29 -53.16
CA GLU D 77 -30.78 24.80 -54.13
C GLU D 77 -31.16 23.34 -53.84
N GLY D 78 -32.39 22.98 -54.18
CA GLY D 78 -32.84 21.61 -54.01
C GLY D 78 -34.33 21.57 -53.75
N LEU D 79 -34.82 20.38 -53.45
CA LEU D 79 -36.25 20.22 -53.17
C LEU D 79 -36.40 20.07 -51.68
N TYR D 80 -37.18 20.94 -51.06
CA TYR D 80 -37.36 20.93 -49.61
C TYR D 80 -38.70 20.39 -49.21
N LEU D 81 -38.68 19.58 -48.16
CA LEU D 81 -39.90 19.28 -47.41
C LEU D 81 -39.96 20.26 -46.27
N ILE D 82 -41.05 21.01 -46.18
CA ILE D 82 -41.24 21.96 -45.09
C ILE D 82 -42.21 21.38 -44.08
N ARG D 83 -41.88 21.46 -42.79
CA ARG D 83 -42.81 21.06 -41.77
C ARG D 83 -42.99 22.23 -40.81
N ILE D 84 -44.23 22.61 -40.56
CA ILE D 84 -44.54 23.67 -39.61
C ILE D 84 -45.40 23.07 -38.52
N LYS D 85 -44.89 23.07 -37.29
CA LYS D 85 -45.66 22.55 -36.16
C LYS D 85 -46.48 23.71 -35.66
N VAL D 86 -47.80 23.54 -35.64
CA VAL D 86 -48.67 24.60 -35.18
C VAL D 86 -49.66 24.08 -34.17
N TYR D 87 -50.29 25.00 -33.47
CA TYR D 87 -51.35 24.65 -32.51
C TYR D 87 -52.47 25.64 -32.71
N ASN D 88 -53.67 25.13 -32.95
CA ASN D 88 -54.82 25.97 -33.20
C ASN D 88 -55.46 26.34 -31.86
N THR D 89 -55.27 27.57 -31.41
CA THR D 89 -55.80 28.00 -30.12
C THR D 89 -57.30 28.31 -30.21
N ASN D 90 -57.83 28.36 -31.43
CA ASN D 90 -59.25 28.70 -31.60
C ASN D 90 -60.16 27.54 -31.23
N SER D 91 -61.39 27.84 -30.82
CA SER D 91 -62.38 26.81 -30.55
C SER D 91 -63.12 26.41 -31.83
N PHE D 92 -62.55 26.74 -32.98
CA PHE D 92 -63.15 26.39 -34.27
C PHE D 92 -62.02 25.96 -35.20
N SER D 93 -62.37 25.21 -36.27
CA SER D 93 -61.39 24.80 -37.25
C SER D 93 -60.90 25.98 -38.06
N VAL D 94 -59.65 25.89 -38.52
CA VAL D 94 -59.10 26.89 -39.43
C VAL D 94 -58.49 26.15 -40.60
N THR D 95 -58.31 26.84 -41.71
CA THR D 95 -57.72 26.17 -42.85
C THR D 95 -56.41 26.85 -43.25
N VAL D 96 -55.52 26.07 -43.84
CA VAL D 96 -54.28 26.60 -44.38
C VAL D 96 -54.15 26.10 -45.81
N THR D 97 -53.55 26.90 -46.69
CA THR D 97 -53.37 26.54 -48.10
C THR D 97 -51.88 26.37 -48.36
N PRO D 98 -51.41 25.13 -48.44
CA PRO D 98 -49.95 24.95 -48.59
C PRO D 98 -49.46 25.41 -49.97
N PHE D 99 -48.20 25.83 -50.03
CA PHE D 99 -47.59 26.34 -51.26
C PHE D 99 -47.48 25.27 -52.35
N PHE D 100 -46.82 24.15 -52.03
CA PHE D 100 -46.68 23.05 -52.97
C PHE D 100 -46.14 23.54 -54.32
N ASN D 101 -45.38 24.63 -54.29
CA ASN D 101 -44.83 25.27 -55.49
C ASN D 101 -45.85 25.96 -56.40
N ASN D 102 -47.01 25.33 -56.58
N ASN D 102 -47.02 25.39 -56.60
CA ASN D 102 -48.01 25.83 -57.53
CA ASN D 102 -48.01 26.10 -57.41
C ASN D 102 -49.46 25.74 -57.06
C ASN D 102 -49.45 25.77 -57.05
N ASN D 103 -49.68 25.47 -55.78
CA ASN D 103 -51.05 25.31 -55.29
C ASN D 103 -51.59 26.63 -54.78
N ASN D 104 -52.86 26.90 -55.03
CA ASN D 104 -53.53 27.93 -54.25
C ASN D 104 -54.98 27.64 -53.96
N THR D 105 -55.37 26.35 -54.03
CA THR D 105 -56.75 25.95 -53.74
C THR D 105 -56.87 24.81 -52.73
N MET D 106 -55.91 23.88 -52.74
CA MET D 106 -55.98 22.75 -51.82
C MET D 106 -55.61 23.16 -50.41
N THR D 107 -56.27 22.56 -49.43
CA THR D 107 -56.15 23.04 -48.05
C THR D 107 -55.89 21.93 -47.02
N TYR D 108 -55.36 22.33 -45.88
CA TYR D 108 -55.39 21.51 -44.68
C TYR D 108 -56.49 22.06 -43.78
N SER D 109 -57.21 21.17 -43.10
CA SER D 109 -58.21 21.58 -42.11
C SER D 109 -57.68 21.26 -40.72
N ILE D 110 -57.50 22.30 -39.89
CA ILE D 110 -56.87 22.14 -38.58
C ILE D 110 -57.93 22.27 -37.48
N GLY D 111 -58.16 21.18 -36.75
CA GLY D 111 -59.20 21.14 -35.75
C GLY D 111 -59.00 22.09 -34.59
N ALA D 112 -60.11 22.45 -33.94
CA ALA D 112 -60.07 23.33 -32.78
C ALA D 112 -59.15 22.76 -31.69
N ASN D 113 -58.43 23.64 -31.01
CA ASN D 113 -57.66 23.27 -29.81
C ASN D 113 -56.78 22.06 -30.04
N SER D 114 -56.05 22.06 -31.14
CA SER D 114 -55.20 20.91 -31.43
C SER D 114 -53.91 21.23 -32.15
N GLU D 115 -52.94 20.38 -31.91
CA GLU D 115 -51.62 20.50 -32.51
C GLU D 115 -51.76 19.94 -33.92
N PHE D 116 -50.95 20.42 -34.84
CA PHE D 116 -51.05 20.00 -36.24
C PHE D 116 -49.73 20.17 -36.94
N GLU D 117 -49.43 19.28 -37.88
CA GLU D 117 -48.20 19.37 -38.68
C GLU D 117 -48.56 19.79 -40.09
N ILE D 118 -48.16 21.00 -40.47
CA ILE D 118 -48.36 21.48 -41.84
C ILE D 118 -47.19 20.98 -42.68
N TYR D 119 -47.45 20.19 -43.71
CA TYR D 119 -46.38 19.73 -44.60
C TYR D 119 -46.42 20.58 -45.86
N ASP D 120 -45.26 20.99 -46.33
CA ASP D 120 -45.26 21.76 -47.56
C ASP D 120 -44.06 21.34 -48.41
N ILE D 121 -44.08 21.73 -49.66
CA ILE D 121 -43.02 21.32 -50.58
C ILE D 121 -42.55 22.57 -51.30
N PHE D 122 -41.23 22.74 -51.41
CA PHE D 122 -40.68 23.96 -51.97
C PHE D 122 -39.44 23.65 -52.79
N THR D 123 -39.50 23.94 -54.09
CA THR D 123 -38.33 23.74 -54.94
C THR D 123 -37.52 25.03 -54.98
N LYS D 124 -36.33 25.02 -54.39
CA LYS D 124 -35.47 26.19 -54.50
C LYS D 124 -34.63 26.10 -55.76
N GLU D 125 -35.16 26.66 -56.85
CA GLU D 125 -34.47 26.84 -58.11
C GLU D 125 -35.01 28.12 -58.74
N GLN D 126 -34.23 28.72 -59.63
CA GLN D 126 -34.69 29.89 -60.38
C GLN D 126 -35.38 30.97 -59.54
N GLY D 127 -34.84 31.27 -58.37
CA GLY D 127 -35.39 32.32 -57.51
C GLY D 127 -36.81 32.11 -57.01
N ASN D 128 -37.24 30.85 -56.95
CA ASN D 128 -38.59 30.56 -56.44
C ASN D 128 -38.72 31.12 -55.03
N ILE D 129 -39.90 31.59 -54.68
CA ILE D 129 -40.11 32.21 -53.37
C ILE D 129 -41.15 31.43 -52.59
N TYR D 130 -40.79 30.93 -51.41
CA TYR D 130 -41.76 30.21 -50.58
C TYR D 130 -42.79 31.17 -49.97
N TYR D 131 -44.04 30.74 -49.91
CA TYR D 131 -45.13 31.59 -49.42
C TYR D 131 -46.26 30.78 -48.81
N ILE D 132 -46.65 31.13 -47.58
CA ILE D 132 -47.82 30.53 -46.97
C ILE D 132 -48.47 31.51 -46.00
N GLN D 133 -49.80 31.59 -46.02
CA GLN D 133 -50.53 32.41 -45.06
C GLN D 133 -50.99 31.61 -43.86
N LEU D 134 -51.02 32.24 -42.69
CA LEU D 134 -51.42 31.56 -41.47
C LEU D 134 -52.52 32.39 -40.82
N PRO D 135 -53.64 31.76 -40.49
CA PRO D 135 -54.81 32.49 -39.97
C PRO D 135 -54.70 32.79 -38.47
N PRO D 136 -55.48 33.77 -38.01
CA PRO D 136 -55.48 34.21 -36.60
C PRO D 136 -55.74 33.04 -35.65
N GLY D 137 -54.99 32.98 -34.56
CA GLY D 137 -55.24 31.99 -33.53
C GLY D 137 -54.33 30.78 -33.65
N LEU D 138 -53.61 30.68 -34.76
CA LEU D 138 -52.59 29.63 -34.89
C LEU D 138 -51.32 30.01 -34.18
N ALA D 139 -50.86 29.14 -33.28
CA ALA D 139 -49.55 29.28 -32.68
C ALA D 139 -48.52 28.57 -33.58
N ILE D 140 -47.38 29.21 -33.79
N ILE D 140 -47.37 29.19 -33.79
CA ILE D 140 -46.31 28.63 -34.60
CA ILE D 140 -46.34 28.59 -34.62
C ILE D 140 -45.21 28.12 -33.68
C ILE D 140 -45.21 28.12 -33.72
N LEU D 141 -45.05 26.81 -33.60
CA LEU D 141 -44.10 26.23 -32.63
C LEU D 141 -42.73 25.95 -33.22
N GLU D 142 -42.72 25.41 -34.43
CA GLU D 142 -41.45 25.04 -35.08
C GLU D 142 -41.59 25.23 -36.57
N PHE D 143 -40.48 25.53 -37.24
CA PHE D 143 -40.46 25.64 -38.71
C PHE D 143 -39.21 24.96 -39.20
N SER D 144 -39.37 23.95 -40.08
CA SER D 144 -38.27 23.11 -40.53
C SER D 144 -38.17 23.09 -42.04
N LEU D 145 -36.97 23.31 -42.56
CA LEU D 145 -36.66 23.14 -43.97
C LEU D 145 -35.67 22.01 -44.14
N GLU D 146 -36.03 20.93 -44.82
CA GLU D 146 -35.05 19.87 -45.03
C GLU D 146 -35.12 19.37 -46.46
N ARG D 147 -33.96 19.09 -47.04
CA ARG D 147 -33.95 18.54 -48.41
C ARG D 147 -34.33 17.07 -48.36
N VAL D 148 -35.25 16.65 -49.22
CA VAL D 148 -35.63 15.22 -49.28
C VAL D 148 -34.80 14.50 -50.33
N PHE D 149 -34.75 13.18 -50.30
CA PHE D 149 -33.93 12.46 -51.27
C PHE D 149 -32.46 12.68 -50.91
N GLU D 150 -32.23 13.17 -49.70
CA GLU D 150 -30.90 13.12 -49.08
C GLU D 150 -30.98 11.99 -48.09
N LYS D 151 -29.96 11.16 -48.03
CA LYS D 151 -29.87 10.19 -46.96
C LYS D 151 -31.05 9.23 -47.01
N GLY D 152 -31.56 9.04 -48.21
CA GLY D 152 -32.61 8.07 -48.45
C GLY D 152 -33.98 8.49 -47.92
N ASN D 153 -34.17 9.78 -47.67
CA ASN D 153 -35.50 10.22 -47.26
C ASN D 153 -36.46 10.33 -48.42
N ARG D 154 -37.75 10.38 -48.11
CA ARG D 154 -38.78 10.44 -49.11
C ARG D 154 -39.74 11.52 -48.68
N ILE D 155 -40.55 11.98 -49.61
CA ILE D 155 -41.71 12.77 -49.25
C ILE D 155 -42.78 11.80 -48.73
N ASN D 156 -43.32 12.07 -47.55
CA ASN D 156 -44.35 11.21 -46.97
C ASN D 156 -45.35 12.07 -46.19
N ILE D 157 -46.31 12.61 -46.92
CA ILE D 157 -47.36 13.43 -46.33
C ILE D 157 -48.60 12.57 -46.09
N PRO D 158 -49.12 12.57 -44.86
CA PRO D 158 -50.27 11.72 -44.53
C PRO D 158 -51.52 12.15 -45.29
N LYS D 159 -52.60 11.39 -45.17
CA LYS D 159 -53.83 11.69 -45.89
C LYS D 159 -54.58 12.87 -45.25
N ILE D 160 -54.18 14.09 -45.59
CA ILE D 160 -54.72 15.30 -44.97
C ILE D 160 -54.93 16.44 -45.99
N ILE D 161 -54.56 16.21 -47.26
CA ILE D 161 -54.70 17.24 -48.28
C ILE D 161 -56.11 17.21 -48.85
N HIS D 162 -56.80 18.34 -48.77
CA HIS D 162 -58.18 18.43 -49.24
C HIS D 162 -58.26 19.08 -50.59
N THR D 163 -59.02 18.47 -51.50
CA THR D 163 -59.30 19.11 -52.77
C THR D 163 -60.77 18.96 -53.05
N SER D 164 -61.33 19.90 -53.82
CA SER D 164 -62.68 19.75 -54.30
C SER D 164 -62.74 19.77 -55.83
N GLY D 165 -61.61 19.52 -56.47
CA GLY D 165 -61.61 19.40 -57.93
C GLY D 165 -60.52 20.15 -58.67
N ASN D 166 -59.75 20.95 -57.95
CA ASN D 166 -58.57 21.55 -58.57
C ASN D 166 -57.43 21.64 -57.58
N GLY D 167 -56.26 22.01 -58.06
CA GLY D 167 -55.08 22.04 -57.22
C GLY D 167 -53.88 21.52 -57.98
N TYR D 168 -52.70 21.92 -57.52
CA TYR D 168 -51.46 21.49 -58.17
C TYR D 168 -50.44 21.26 -57.10
N ILE D 169 -49.54 20.32 -57.38
CA ILE D 169 -48.33 20.13 -56.59
C ILE D 169 -47.22 19.88 -57.60
N SER D 170 -46.11 20.62 -57.48
CA SER D 170 -44.97 20.43 -58.38
C SER D 170 -43.74 20.16 -57.54
N PHE D 171 -42.80 19.43 -58.12
CA PHE D 171 -41.53 19.18 -57.42
C PHE D 171 -40.48 18.76 -58.42
N ARG D 172 -39.22 18.97 -58.07
CA ARG D 172 -38.11 18.60 -58.97
C ARG D 172 -37.56 17.26 -58.51
N LEU D 173 -37.35 16.35 -59.46
CA LEU D 173 -36.74 15.06 -59.14
C LEU D 173 -35.47 14.89 -59.95
N ARG D 174 -34.37 14.54 -59.29
CA ARG D 174 -33.15 14.31 -60.04
C ARG D 174 -33.23 12.93 -60.63
N LYS D 175 -32.26 12.56 -61.45
CA LYS D 175 -32.28 11.27 -62.13
C LYS D 175 -32.58 10.13 -61.17
N GLY D 176 -33.34 9.15 -61.65
CA GLY D 176 -33.75 8.00 -60.84
C GLY D 176 -35.13 7.53 -61.28
N THR D 177 -35.59 6.41 -60.73
CA THR D 177 -36.97 5.99 -60.92
C THR D 177 -37.69 6.17 -59.59
N TYR D 178 -38.90 6.69 -59.63
CA TYR D 178 -39.62 7.02 -58.39
C TYR D 178 -41.02 6.44 -58.40
N ALA D 179 -41.50 6.08 -57.21
CA ALA D 179 -42.89 5.74 -57.01
C ALA D 179 -43.57 6.97 -56.47
N ILE D 180 -44.76 7.24 -56.98
CA ILE D 180 -45.62 8.26 -56.41
C ILE D 180 -46.88 7.59 -55.95
N LYS D 181 -47.12 7.63 -54.64
CA LYS D 181 -48.23 6.91 -54.05
C LYS D 181 -49.15 7.94 -53.40
N MET D 182 -50.43 7.88 -53.72
N MET D 182 -50.44 7.85 -53.70
CA MET D 182 -51.41 8.79 -53.14
CA MET D 182 -51.40 8.79 -53.12
C MET D 182 -52.62 8.05 -52.57
C MET D 182 -52.61 8.05 -52.58
N PRO D 183 -52.58 7.76 -51.26
CA PRO D 183 -53.74 7.20 -50.56
C PRO D 183 -54.81 8.27 -50.58
N TYR D 184 -56.06 7.89 -50.81
CA TYR D 184 -57.14 8.87 -50.88
C TYR D 184 -58.41 8.36 -50.25
N SER D 185 -59.28 9.30 -49.89
CA SER D 185 -60.67 9.02 -49.52
C SER D 185 -61.52 10.05 -50.22
N TYR D 186 -62.72 9.66 -50.61
CA TYR D 186 -63.62 10.61 -51.25
C TYR D 186 -64.99 10.50 -50.64
N ASN D 187 -65.77 11.56 -50.81
CA ASN D 187 -67.19 11.47 -50.56
C ASN D 187 -67.95 12.05 -51.75
N ASN D 188 -68.67 11.19 -52.47
CA ASN D 188 -69.52 11.65 -53.56
C ASN D 188 -70.84 12.12 -52.94
N THR D 189 -71.00 13.43 -52.72
CA THR D 189 -72.28 13.92 -52.17
C THR D 189 -73.37 14.09 -53.23
N THR D 190 -73.01 13.86 -54.49
CA THR D 190 -73.98 13.93 -55.59
C THR D 190 -74.76 12.62 -55.70
N SER D 191 -75.87 12.63 -56.45
CA SER D 191 -76.60 11.40 -56.69
C SER D 191 -76.18 10.79 -58.03
N THR D 192 -74.97 11.11 -58.46
CA THR D 192 -74.44 10.58 -59.72
C THR D 192 -73.30 9.59 -59.47
N THR D 193 -73.39 8.43 -60.11
CA THR D 193 -72.31 7.43 -60.11
C THR D 193 -71.36 7.70 -61.29
N PHE D 194 -70.04 7.76 -61.05
CA PHE D 194 -69.07 8.08 -62.12
C PHE D 194 -68.26 6.83 -62.54
N THR D 195 -67.92 6.67 -63.85
CA THR D 195 -67.07 5.56 -64.37
C THR D 195 -65.80 6.10 -65.04
N ASN D 196 -64.68 5.41 -64.85
CA ASN D 196 -63.39 5.91 -65.31
C ASN D 196 -63.27 7.38 -64.97
N PHE D 197 -63.47 7.66 -63.70
CA PHE D 197 -63.33 9.00 -63.13
C PHE D 197 -61.87 9.39 -63.09
N GLN D 198 -61.51 10.43 -63.84
CA GLN D 198 -60.13 10.91 -63.78
C GLN D 198 -60.00 11.92 -62.65
N PHE D 199 -59.23 11.56 -61.63
CA PHE D 199 -59.01 12.40 -60.48
C PHE D 199 -58.03 13.51 -60.82
N GLY D 200 -56.98 13.13 -61.55
CA GLY D 200 -55.91 14.07 -61.85
C GLY D 200 -54.90 13.46 -62.81
N THR D 201 -53.77 14.15 -62.96
CA THR D 201 -52.69 13.66 -63.82
C THR D 201 -51.34 13.92 -63.16
N ILE D 202 -50.36 13.10 -63.48
CA ILE D 202 -48.97 13.40 -63.14
C ILE D 202 -48.26 13.53 -64.46
N SER D 203 -47.52 14.62 -64.63
CA SER D 203 -46.78 14.82 -65.86
C SER D 203 -45.41 15.47 -65.68
N THR D 204 -44.54 15.22 -66.65
CA THR D 204 -43.34 16.01 -66.87
C THR D 204 -43.64 16.70 -68.19
N SER D 205 -42.69 17.44 -68.75
CA SER D 205 -42.96 18.14 -70.01
C SER D 205 -43.61 17.27 -71.08
N ALA D 207 -44.78 13.82 -71.16
CA ALA D 207 -45.25 12.57 -70.53
C ALA D 207 -46.32 12.83 -69.48
N THR D 208 -47.44 12.10 -69.60
CA THR D 208 -48.60 12.29 -68.72
C THR D 208 -49.20 10.97 -68.26
N ILE D 209 -49.48 10.85 -66.97
CA ILE D 209 -50.10 9.67 -66.39
C ILE D 209 -51.42 10.05 -65.74
N PRO D 210 -52.53 9.56 -66.28
CA PRO D 210 -53.85 9.80 -65.68
C PRO D 210 -54.04 8.99 -64.39
N LEU D 211 -54.65 9.60 -63.38
CA LEU D 211 -55.00 8.91 -62.16
C LEU D 211 -56.49 8.65 -62.21
N VAL D 212 -56.86 7.39 -62.41
CA VAL D 212 -58.23 7.03 -62.76
C VAL D 212 -58.83 6.02 -61.79
N ILE D 213 -60.10 6.24 -61.44
CA ILE D 213 -60.84 5.34 -60.58
C ILE D 213 -61.95 4.66 -61.37
N SER D 214 -61.95 3.33 -61.40
CA SER D 214 -62.87 2.55 -62.22
C SER D 214 -64.30 3.04 -62.07
N SER D 215 -64.76 3.15 -60.83
CA SER D 215 -66.11 3.64 -60.58
C SER D 215 -66.26 4.28 -59.21
N ILE D 216 -67.05 5.36 -59.18
CA ILE D 216 -67.41 6.06 -57.96
C ILE D 216 -68.93 6.07 -57.86
N PRO D 217 -69.47 5.21 -56.99
CA PRO D 217 -70.91 4.99 -56.86
C PRO D 217 -71.61 6.26 -56.43
N ALA D 218 -72.82 6.47 -56.94
CA ALA D 218 -73.62 7.62 -56.53
C ALA D 218 -73.74 7.69 -55.01
N ASN D 219 -73.66 8.90 -54.48
CA ASN D 219 -73.81 9.12 -53.06
C ASN D 219 -72.85 8.27 -52.24
N GLY D 220 -71.84 7.69 -52.89
CA GLY D 220 -70.92 6.81 -52.20
C GLY D 220 -69.76 7.54 -51.55
N SER D 221 -69.12 6.87 -50.61
CA SER D 221 -67.82 7.29 -50.12
C SER D 221 -66.90 6.09 -50.22
N GLY D 222 -65.60 6.34 -50.38
CA GLY D 222 -64.70 5.25 -50.63
C GLY D 222 -63.29 5.68 -50.40
N SER D 223 -62.37 4.74 -50.53
CA SER D 223 -60.97 5.05 -50.37
C SER D 223 -60.17 4.10 -51.24
N GLY D 224 -58.94 4.48 -51.50
CA GLY D 224 -58.05 3.66 -52.32
C GLY D 224 -56.68 4.29 -52.33
N THR D 225 -55.84 3.84 -53.25
CA THR D 225 -54.49 4.36 -53.39
C THR D 225 -54.08 4.41 -54.86
N PHE D 226 -53.64 5.57 -55.31
CA PHE D 226 -52.99 5.67 -56.62
C PHE D 226 -51.53 5.35 -56.42
N LEU D 227 -50.96 4.58 -57.33
CA LEU D 227 -49.55 4.23 -57.28
C LEU D 227 -49.04 4.19 -58.71
N VAL D 228 -48.20 5.16 -59.07
CA VAL D 228 -47.61 5.19 -60.39
C VAL D 228 -46.12 5.43 -60.26
N TYR D 229 -45.40 5.24 -61.35
CA TYR D 229 -43.94 5.33 -61.32
C TYR D 229 -43.46 6.21 -62.44
N LEU D 230 -42.42 6.99 -62.18
CA LEU D 230 -41.80 7.82 -63.21
C LEU D 230 -40.34 7.43 -63.33
N LYS D 231 -39.91 7.23 -64.55
CA LYS D 231 -38.48 7.11 -64.80
C LYS D 231 -37.93 8.47 -65.21
N ILE D 232 -37.21 9.11 -64.30
CA ILE D 232 -36.59 10.40 -64.58
C ILE D 232 -35.18 10.14 -65.12
N THR D 233 -35.04 10.26 -66.44
CA THR D 233 -33.73 10.15 -67.06
C THR D 233 -32.81 11.22 -66.52
N GLY D 234 -33.36 12.42 -66.32
CA GLY D 234 -32.61 13.52 -65.75
C GLY D 234 -32.65 14.78 -66.61
N ASP D 235 -33.05 14.64 -67.87
CA ASP D 235 -33.17 15.83 -68.72
C ASP D 235 -34.51 16.58 -68.55
N TYR D 236 -35.47 15.94 -67.91
CA TYR D 236 -36.73 16.59 -67.54
C TYR D 236 -37.01 16.25 -66.11
N GLU D 237 -36.85 17.23 -65.22
CA GLU D 237 -36.87 16.93 -63.79
C GLU D 237 -38.07 17.50 -63.07
N ASP D 238 -38.75 18.45 -63.70
CA ASP D 238 -39.87 19.09 -63.01
C ASP D 238 -41.14 18.28 -63.21
N VAL D 239 -41.71 17.83 -62.11
CA VAL D 239 -42.90 16.99 -62.15
C VAL D 239 -44.10 17.79 -61.66
N LYS D 240 -45.23 17.59 -62.30
CA LYS D 240 -46.42 18.36 -61.95
C LYS D 240 -47.61 17.44 -61.72
N PHE D 241 -48.20 17.53 -60.53
CA PHE D 241 -49.43 16.84 -60.25
C PHE D 241 -50.58 17.83 -60.33
N SER D 242 -51.65 17.49 -61.06
CA SER D 242 -52.80 18.36 -61.21
C SER D 242 -54.04 17.58 -60.84
N VAL D 243 -54.92 18.17 -60.03
CA VAL D 243 -56.27 17.65 -59.82
C VAL D 243 -57.14 18.22 -60.92
N THR D 244 -57.84 17.35 -61.65
CA THR D 244 -58.49 17.78 -62.90
C THR D 244 -59.98 17.58 -62.95
N TYR D 245 -60.56 16.95 -61.93
CA TYR D 245 -61.98 16.60 -62.04
C TYR D 245 -62.97 17.75 -61.99
N GLY D 246 -62.54 18.91 -61.50
CA GLY D 246 -63.33 20.11 -61.64
C GLY D 246 -63.92 20.60 -60.35
N GLY D 247 -63.67 21.87 -60.04
CA GLY D 247 -64.03 22.47 -58.76
C GLY D 247 -65.46 22.33 -58.24
N GLY D 248 -66.45 22.34 -59.14
CA GLY D 248 -67.82 22.33 -58.68
C GLY D 248 -68.50 20.97 -58.71
N LEU D 249 -67.72 19.91 -58.90
CA LEU D 249 -68.30 18.60 -59.16
C LEU D 249 -69.11 18.04 -57.98
N GLY D 250 -68.65 18.29 -56.75
CA GLY D 250 -69.34 17.82 -55.56
C GLY D 250 -68.78 16.53 -54.98
N VAL D 251 -67.54 16.24 -55.34
CA VAL D 251 -66.84 15.03 -54.88
C VAL D 251 -65.52 15.41 -54.16
N PRO D 252 -65.63 15.88 -52.92
CA PRO D 252 -64.40 16.23 -52.20
C PRO D 252 -63.51 15.02 -51.90
N PHE D 253 -62.21 15.18 -52.08
CA PHE D 253 -61.25 14.12 -51.84
C PHE D 253 -60.32 14.61 -50.73
N THR D 254 -59.82 13.66 -49.94
CA THR D 254 -58.71 13.93 -49.04
C THR D 254 -57.63 12.93 -49.41
N PHE D 255 -56.39 13.38 -49.57
CA PHE D 255 -55.36 12.45 -50.03
C PHE D 255 -54.01 12.76 -49.41
N GLY D 256 -53.12 11.79 -49.49
CA GLY D 256 -51.77 11.94 -49.01
C GLY D 256 -50.83 11.90 -50.20
N LEU D 257 -49.54 12.04 -49.95
CA LEU D 257 -48.57 12.04 -51.04
C LEU D 257 -47.27 11.47 -50.54
N GLU D 258 -46.84 10.42 -51.21
CA GLU D 258 -45.59 9.76 -50.90
C GLU D 258 -44.83 9.69 -52.21
N VAL D 259 -43.61 10.22 -52.23
CA VAL D 259 -42.74 10.18 -53.40
C VAL D 259 -41.42 9.61 -52.94
N GLU D 260 -40.99 8.52 -53.56
CA GLU D 260 -39.80 7.83 -53.07
C GLU D 260 -39.04 7.16 -54.20
N GLU D 261 -37.73 7.10 -54.08
N GLU D 261 -37.73 7.11 -54.07
CA GLU D 261 -36.91 6.47 -55.10
CA GLU D 261 -36.90 6.45 -55.05
C GLU D 261 -37.01 4.95 -54.98
C GLU D 261 -37.10 4.94 -54.97
N ILE D 262 -37.06 4.27 -56.12
CA ILE D 262 -37.11 2.82 -56.13
C ILE D 262 -35.97 2.25 -56.94
N ASN D 263 -35.68 0.96 -56.74
CA ASN D 263 -34.79 0.24 -57.63
C ASN D 263 -35.61 -0.37 -58.74
N GLU D 264 -34.95 -0.94 -59.76
CA GLU D 264 -35.73 -1.43 -60.89
C GLU D 264 -36.82 -2.38 -60.45
N LEU D 265 -38.01 -2.19 -61.00
CA LEU D 265 -39.14 -3.05 -60.66
C LEU D 265 -39.67 -3.71 -61.92
N VAL D 266 -39.42 -5.00 -62.07
CA VAL D 266 -40.02 -5.75 -63.16
C VAL D 266 -41.42 -6.16 -62.71
N GLU D 267 -42.45 -5.54 -63.29
CA GLU D 267 -43.81 -5.77 -62.85
C GLU D 267 -44.30 -7.14 -63.33
N ASN D 268 -43.91 -7.51 -64.54
CA ASN D 268 -44.16 -8.85 -65.01
C ASN D 268 -43.39 -9.11 -66.29
N THR D 269 -43.29 -10.39 -66.63
CA THR D 269 -42.57 -10.81 -67.83
C THR D 269 -43.52 -11.75 -68.53
N ASN D 270 -43.69 -11.58 -69.83
CA ASN D 270 -44.75 -12.28 -70.54
C ASN D 270 -44.34 -12.84 -71.88
N PHE D 271 -44.86 -14.02 -72.18
CA PHE D 271 -44.76 -14.61 -73.50
C PHE D 271 -46.13 -14.38 -74.11
N VAL D 272 -46.19 -13.66 -75.23
CA VAL D 272 -47.47 -13.33 -75.82
C VAL D 272 -47.49 -13.70 -77.30
N THR D 273 -48.68 -13.98 -77.81
CA THR D 273 -48.81 -14.40 -79.19
C THR D 273 -49.89 -13.57 -79.87
N GLN D 274 -49.69 -13.30 -81.15
CA GLN D 274 -50.63 -12.47 -81.90
C GLN D 274 -50.67 -12.91 -83.34
N SER D 275 -51.87 -13.24 -83.83
CA SER D 275 -52.01 -13.60 -85.23
C SER D 275 -52.45 -12.42 -86.07
N VAL D 276 -52.02 -12.42 -87.32
CA VAL D 276 -52.39 -11.38 -88.27
C VAL D 276 -52.72 -12.06 -89.59
N THR D 277 -53.87 -11.73 -90.14
CA THR D 277 -54.28 -12.30 -91.41
C THR D 277 -54.08 -11.29 -92.53
N LEU D 278 -53.33 -11.69 -93.55
CA LEU D 278 -52.97 -10.79 -94.64
C LEU D 278 -53.69 -11.19 -95.92
N SER D 279 -54.29 -10.21 -96.59
CA SER D 279 -55.05 -10.49 -97.80
C SER D 279 -54.86 -9.41 -98.86
N GLY D 280 -53.62 -9.01 -99.09
CA GLY D 280 -53.29 -8.08 -100.16
C GLY D 280 -52.98 -6.64 -99.73
N SER D 281 -53.36 -6.30 -98.51
CA SER D 281 -53.16 -4.93 -98.05
C SER D 281 -52.26 -4.88 -96.83
N GLN D 282 -51.51 -3.79 -96.71
CA GLN D 282 -50.67 -3.59 -95.53
C GLN D 282 -51.55 -3.51 -94.28
N VAL D 283 -51.10 -4.16 -93.22
CA VAL D 283 -51.78 -4.12 -91.94
C VAL D 283 -50.80 -3.61 -90.90
N THR D 284 -51.25 -2.68 -90.06
CA THR D 284 -50.48 -2.25 -88.91
C THR D 284 -51.21 -2.68 -87.65
N GLN D 285 -50.63 -3.64 -86.94
CA GLN D 285 -51.29 -4.26 -85.80
C GLN D 285 -50.60 -3.88 -84.51
N SER D 286 -51.31 -3.19 -83.62
CA SER D 286 -50.77 -2.86 -82.31
C SER D 286 -50.63 -4.14 -81.51
N ILE D 287 -49.48 -4.31 -80.88
CA ILE D 287 -49.24 -5.47 -80.06
C ILE D 287 -49.40 -5.06 -78.60
N LEU D 288 -48.78 -3.93 -78.26
N LEU D 288 -48.78 -3.94 -78.24
CA LEU D 288 -48.70 -3.43 -76.89
CA LEU D 288 -48.82 -3.45 -76.87
C LEU D 288 -48.54 -1.92 -76.88
C LEU D 288 -48.51 -1.96 -76.82
N ASN D 289 -49.26 -1.24 -75.99
CA ASN D 289 -49.06 0.19 -75.83
C ASN D 289 -49.31 0.51 -74.36
N VAL D 290 -48.25 0.84 -73.63
CA VAL D 290 -48.41 1.15 -72.22
C VAL D 290 -48.11 2.62 -71.92
N GLN D 291 -48.15 3.45 -72.96
CA GLN D 291 -47.92 4.88 -72.75
C GLN D 291 -48.94 5.43 -71.75
N GLY D 292 -48.48 6.20 -70.77
CA GLY D 292 -49.39 6.82 -69.81
C GLY D 292 -49.79 5.92 -68.65
N SER D 293 -49.18 4.74 -68.56
CA SER D 293 -49.53 3.75 -67.56
C SER D 293 -48.63 3.80 -66.33
N GLY D 294 -47.52 4.52 -66.42
CA GLY D 294 -46.53 4.50 -65.33
C GLY D 294 -45.56 3.35 -65.49
N SER D 295 -45.43 2.85 -66.72
CA SER D 295 -44.53 1.75 -67.00
C SER D 295 -43.97 1.82 -68.40
N HIS D 296 -42.98 0.98 -68.67
CA HIS D 296 -42.45 0.83 -70.02
C HIS D 296 -42.10 -0.62 -70.30
N LEU D 297 -41.47 -0.87 -71.43
CA LEU D 297 -41.28 -2.24 -71.87
C LEU D 297 -39.82 -2.52 -72.16
N ARG D 298 -39.50 -3.81 -72.23
CA ARG D 298 -38.22 -4.27 -72.69
C ARG D 298 -38.47 -5.55 -73.48
N LEU D 299 -38.04 -5.59 -74.74
CA LEU D 299 -38.28 -6.77 -75.58
C LEU D 299 -37.07 -7.67 -75.57
N LYS D 300 -37.28 -8.97 -75.37
CA LYS D 300 -36.17 -9.92 -75.22
C LYS D 300 -36.06 -10.89 -76.40
N TYR D 301 -37.19 -11.22 -77.00
CA TYR D 301 -37.24 -12.24 -78.04
C TYR D 301 -38.49 -12.09 -78.89
N ALA D 302 -38.36 -12.32 -80.20
CA ALA D 302 -39.54 -12.33 -81.06
C ALA D 302 -39.36 -13.35 -82.17
N SER D 303 -40.46 -13.90 -82.64
CA SER D 303 -40.41 -14.89 -83.70
C SER D 303 -41.72 -14.85 -84.45
N VAL D 304 -41.66 -15.14 -85.75
CA VAL D 304 -42.87 -15.18 -86.55
C VAL D 304 -42.96 -16.52 -87.26
N SER D 305 -44.09 -17.19 -87.12
CA SER D 305 -44.32 -18.43 -87.85
C SER D 305 -45.35 -18.20 -88.94
N GLY D 306 -45.28 -19.00 -90.00
CA GLY D 306 -46.24 -18.89 -91.08
C GLY D 306 -45.75 -18.06 -92.25
N LEU D 307 -44.49 -17.63 -92.20
CA LEU D 307 -43.92 -16.84 -93.29
C LEU D 307 -43.79 -17.69 -94.55
N THR D 308 -44.23 -17.12 -95.66
CA THR D 308 -44.05 -17.73 -96.97
C THR D 308 -43.65 -16.63 -97.95
N THR D 309 -43.36 -17.02 -99.18
CA THR D 309 -43.01 -16.06 -100.21
C THR D 309 -44.20 -15.16 -100.54
N ALA D 310 -45.36 -15.50 -100.00
CA ALA D 310 -46.55 -14.68 -100.17
C ALA D 310 -46.56 -13.47 -99.23
N VAL D 311 -45.64 -13.46 -98.26
CA VAL D 311 -45.50 -12.34 -97.33
C VAL D 311 -44.36 -11.43 -97.77
N THR D 312 -44.68 -10.16 -98.04
CA THR D 312 -43.72 -9.22 -98.61
C THR D 312 -43.16 -8.27 -97.55
N GLN D 313 -43.89 -8.11 -96.46
CA GLN D 313 -43.43 -7.26 -95.38
C GLN D 313 -43.82 -7.83 -94.03
N CYS D 314 -42.89 -7.81 -93.11
CA CYS D 314 -43.16 -8.25 -91.75
C CYS D 314 -42.09 -7.63 -90.88
N GLN D 315 -42.42 -6.46 -90.32
CA GLN D 315 -41.49 -5.71 -89.47
C GLN D 315 -42.10 -5.44 -88.11
N LEU D 316 -41.34 -5.74 -87.07
CA LEU D 316 -41.69 -5.37 -85.71
C LEU D 316 -41.13 -3.98 -85.48
N GLN D 317 -41.97 -3.08 -84.95
CA GLN D 317 -41.56 -1.70 -84.72
C GLN D 317 -41.90 -1.30 -83.31
N ALA D 318 -41.16 -0.33 -82.79
CA ALA D 318 -41.32 0.07 -81.41
C ALA D 318 -40.94 1.53 -81.29
N THR D 319 -41.39 2.17 -80.22
CA THR D 319 -40.94 3.51 -79.94
C THR D 319 -41.23 3.87 -78.50
N ASN D 320 -40.57 4.93 -78.05
CA ASN D 320 -41.00 5.66 -76.90
C ASN D 320 -41.92 6.78 -77.37
N LEU D 321 -43.23 6.59 -77.21
CA LEU D 321 -44.22 7.55 -77.74
C LEU D 321 -44.13 8.92 -77.07
N ASN D 322 -43.55 8.97 -75.88
CA ASN D 322 -43.33 10.24 -75.18
C ASN D 322 -42.18 11.03 -75.79
N ARG D 323 -41.37 10.35 -76.60
CA ARG D 323 -40.28 11.00 -77.31
C ARG D 323 -40.61 11.20 -78.79
N SER D 324 -41.27 10.22 -79.40
CA SER D 324 -41.54 10.23 -80.84
C SER D 324 -42.76 9.38 -81.21
N THR D 325 -43.61 9.92 -82.08
CA THR D 325 -44.77 9.18 -82.57
C THR D 325 -44.41 8.34 -83.80
N THR D 326 -43.18 8.49 -84.28
CA THR D 326 -42.71 7.67 -85.40
C THR D 326 -42.06 6.40 -84.88
N TYR D 327 -42.60 5.26 -85.30
CA TYR D 327 -42.08 3.96 -84.88
C TYR D 327 -40.82 3.64 -85.65
N SER D 328 -39.85 3.02 -84.99
CA SER D 328 -38.71 2.51 -85.76
C SER D 328 -38.72 0.99 -85.81
N THR D 329 -38.30 0.45 -86.95
CA THR D 329 -38.20 -1.00 -87.10
C THR D 329 -37.11 -1.55 -86.17
N VAL D 330 -37.45 -2.54 -85.36
CA VAL D 330 -36.49 -3.15 -84.45
C VAL D 330 -36.11 -4.55 -84.89
N TRP D 331 -36.93 -5.13 -85.75
CA TRP D 331 -36.58 -6.38 -86.42
C TRP D 331 -37.40 -6.58 -87.68
N ASP D 332 -36.72 -7.00 -88.73
CA ASP D 332 -37.40 -7.28 -89.99
C ASP D 332 -37.32 -8.79 -90.20
N PHE D 333 -38.47 -9.47 -90.16
CA PHE D 333 -38.47 -10.92 -90.19
C PHE D 333 -38.22 -11.47 -91.59
N ILE D 334 -38.38 -10.63 -92.59
CA ILE D 334 -38.08 -11.03 -93.97
C ILE D 334 -36.59 -10.88 -94.22
N ALA D 335 -36.07 -9.69 -93.95
CA ALA D 335 -34.66 -9.40 -94.19
C ALA D 335 -33.72 -10.09 -93.19
N GLY D 336 -34.18 -10.24 -91.95
CA GLY D 336 -33.32 -10.76 -90.89
C GLY D 336 -33.53 -12.21 -90.51
N GLY D 337 -34.68 -12.78 -90.88
CA GLY D 337 -34.98 -14.14 -90.49
C GLY D 337 -36.14 -14.22 -89.49
N SER D 338 -36.69 -15.42 -89.33
CA SER D 338 -37.94 -15.62 -88.62
C SER D 338 -37.84 -15.42 -87.11
N SER D 339 -36.64 -15.35 -86.57
CA SER D 339 -36.53 -15.09 -85.13
C SER D 339 -35.36 -14.18 -84.79
N THR D 340 -35.46 -13.49 -83.66
CA THR D 340 -34.44 -12.55 -83.26
C THR D 340 -33.22 -13.29 -82.70
N PRO D 341 -32.03 -12.72 -82.89
CA PRO D 341 -30.78 -13.31 -82.39
C PRO D 341 -30.60 -13.09 -80.89
N PRO D 342 -29.67 -13.82 -80.29
CA PRO D 342 -29.46 -13.78 -78.84
C PRO D 342 -29.17 -12.36 -78.30
N SER D 343 -28.45 -11.54 -79.06
CA SER D 343 -28.08 -10.22 -78.55
C SER D 343 -29.19 -9.16 -78.67
N TRP D 344 -30.30 -9.55 -79.27
CA TRP D 344 -31.40 -8.61 -79.54
C TRP D 344 -32.13 -8.31 -78.23
N ASP D 345 -32.20 -7.03 -77.90
CA ASP D 345 -32.71 -6.56 -76.61
C ASP D 345 -33.13 -5.12 -76.82
N ILE D 346 -34.43 -4.84 -76.74
CA ILE D 346 -34.94 -3.52 -77.07
C ILE D 346 -35.41 -2.86 -75.78
N ARG D 347 -34.71 -1.80 -75.37
CA ARG D 347 -35.03 -1.12 -74.13
C ARG D 347 -35.67 0.25 -74.35
N GLU D 348 -36.22 0.80 -73.29
CA GLU D 348 -36.75 2.16 -73.31
C GLU D 348 -37.75 2.42 -74.43
N ILE D 349 -38.75 1.54 -74.53
CA ILE D 349 -39.85 1.75 -75.44
C ILE D 349 -41.14 1.57 -74.63
N ASN D 350 -42.26 2.05 -75.16
CA ASN D 350 -43.53 1.82 -74.47
C ASN D 350 -44.66 1.47 -75.41
N SER D 351 -44.34 1.25 -76.69
CA SER D 351 -45.35 0.83 -77.67
C SER D 351 -44.71 0.00 -78.76
N ILE D 352 -45.39 -1.08 -79.14
CA ILE D 352 -44.90 -2.07 -80.12
C ILE D 352 -46.00 -2.31 -81.13
N GLN D 353 -45.64 -2.36 -82.41
CA GLN D 353 -46.61 -2.75 -83.44
C GLN D 353 -45.94 -3.65 -84.46
N LEU D 354 -46.74 -4.43 -85.15
CA LEU D 354 -46.27 -5.25 -86.27
C LEU D 354 -46.86 -4.67 -87.54
N VAL D 355 -45.99 -4.37 -88.50
CA VAL D 355 -46.43 -3.92 -89.82
C VAL D 355 -46.14 -5.01 -90.82
N ALA D 356 -47.18 -5.47 -91.53
CA ALA D 356 -47.05 -6.61 -92.41
C ALA D 356 -47.88 -6.43 -93.67
N ASN D 357 -47.50 -7.14 -94.72
CA ASN D 357 -48.20 -7.08 -95.97
C ASN D 357 -47.96 -8.36 -96.75
N GLY D 358 -48.93 -8.75 -97.57
CA GLY D 358 -48.83 -9.98 -98.34
C GLY D 358 -50.20 -10.60 -98.54
N GLY D 359 -50.19 -11.82 -99.09
CA GLY D 359 -51.44 -12.51 -99.39
C GLY D 359 -52.16 -11.82 -100.50
N SER D 360 -53.37 -12.30 -100.81
CA SER D 360 -54.21 -11.70 -101.84
C SER D 360 -55.68 -11.71 -101.42
N SER D 361 -56.51 -10.99 -102.16
CA SER D 361 -57.93 -10.90 -101.88
C SER D 361 -58.62 -12.27 -102.01
N THR D 362 -57.93 -13.20 -102.66
CA THR D 362 -58.48 -14.53 -102.89
C THR D 362 -57.76 -15.62 -102.09
N SER D 363 -56.57 -15.29 -101.59
CA SER D 363 -55.75 -16.25 -100.88
C SER D 363 -55.00 -15.57 -99.74
N SER D 364 -55.59 -15.58 -98.55
CA SER D 364 -55.02 -14.89 -97.41
C SER D 364 -53.94 -15.74 -96.74
N VAL D 365 -53.02 -15.07 -96.05
CA VAL D 365 -51.97 -15.74 -95.31
C VAL D 365 -52.04 -15.29 -93.87
N THR D 366 -51.96 -16.24 -92.94
CA THR D 366 -51.99 -15.91 -91.52
C THR D 366 -50.64 -16.20 -90.90
N ILE D 367 -50.05 -15.17 -90.29
CA ILE D 367 -48.78 -15.30 -89.61
C ILE D 367 -49.00 -15.09 -88.13
N THR D 368 -48.13 -15.67 -87.32
CA THR D 368 -48.27 -15.55 -85.88
C THR D 368 -46.99 -15.03 -85.25
N LEU D 369 -47.10 -13.91 -84.54
CA LEU D 369 -45.98 -13.33 -83.85
C LEU D 369 -45.97 -13.85 -82.43
N ILE D 370 -44.81 -14.25 -81.95
CA ILE D 370 -44.65 -14.50 -80.52
C ILE D 370 -43.60 -13.52 -80.00
N LEU D 371 -43.78 -13.10 -78.76
CA LEU D 371 -42.95 -12.06 -78.23
C LEU D 371 -42.76 -12.31 -76.74
N VAL D 372 -41.53 -12.19 -76.26
CA VAL D 372 -41.26 -12.21 -74.81
C VAL D 372 -40.80 -10.81 -74.41
N TYR D 373 -41.49 -10.22 -73.44
CA TYR D 373 -41.15 -8.87 -73.04
C TYR D 373 -41.35 -8.73 -71.55
N GLU D 374 -40.65 -7.76 -70.97
CA GLU D 374 -40.86 -7.36 -69.59
C GLU D 374 -41.62 -6.06 -69.58
N GLN D 375 -42.50 -5.91 -68.60
CA GLN D 375 -43.09 -4.63 -68.27
C GLN D 375 -42.39 -4.11 -67.02
N ILE D 376 -41.84 -2.90 -67.13
CA ILE D 376 -40.98 -2.37 -66.09
C ILE D 376 -41.57 -1.06 -65.54
N ALA D 377 -41.54 -0.89 -64.23
CA ALA D 377 -42.10 0.30 -63.61
C ALA D 377 -41.36 1.52 -64.13
N GLY D 378 -42.11 2.60 -64.41
CA GLY D 378 -41.53 3.89 -64.73
C GLY D 378 -42.00 4.42 -66.07
N GLU D 379 -42.80 5.48 -66.05
CA GLU D 379 -43.21 6.15 -67.29
C GLU D 379 -41.98 6.79 -67.92
N LEU D 380 -41.78 6.59 -69.22
CA LEU D 380 -40.62 7.17 -69.89
C LEU D 380 -40.83 8.67 -70.09
N SER D 381 -39.77 9.45 -70.03
CA SER D 381 -39.95 10.89 -70.23
C SER D 381 -39.82 11.32 -71.69
N HIS D 382 -40.27 12.55 -71.96
CA HIS D 382 -40.08 13.18 -73.26
C HIS D 382 -38.57 13.37 -73.56
N HIS D 383 -38.21 13.49 -74.84
CA HIS D 383 -36.86 13.91 -75.22
C HIS D 383 -36.86 14.68 -76.54
N LEU E 6 -52.03 10.48 -13.81
CA LEU E 6 -50.83 9.80 -14.31
C LEU E 6 -50.04 10.72 -15.24
N GLY E 7 -50.74 11.55 -16.01
CA GLY E 7 -50.08 12.50 -16.89
C GLY E 7 -49.55 13.70 -16.13
N GLN E 8 -48.45 14.27 -16.62
CA GLN E 8 -47.82 15.43 -15.99
C GLN E 8 -47.61 16.50 -17.02
N SER E 9 -47.48 17.75 -16.57
CA SER E 9 -47.08 18.81 -17.49
C SER E 9 -45.55 18.88 -17.51
N PHE E 10 -44.99 19.39 -18.59
CA PHE E 10 -43.55 19.55 -18.71
C PHE E 10 -43.23 20.71 -19.62
N PRO E 11 -42.15 21.46 -19.28
CA PRO E 11 -41.72 22.59 -20.10
C PRO E 11 -40.93 22.05 -21.29
N ALA E 12 -41.12 22.63 -22.48
CA ALA E 12 -40.50 22.08 -23.68
C ALA E 12 -40.02 23.14 -24.64
N ASN E 13 -39.54 24.24 -24.09
CA ASN E 13 -39.12 25.35 -24.96
C ASN E 13 -37.84 25.17 -25.76
N ALA E 14 -36.91 24.35 -25.27
CA ALA E 14 -35.56 24.31 -25.81
C ALA E 14 -35.45 23.40 -27.03
N LYS E 15 -34.55 23.74 -27.92
CA LYS E 15 -34.28 22.93 -29.12
C LYS E 15 -33.79 21.54 -28.69
N VAL E 16 -34.23 20.49 -29.38
CA VAL E 16 -33.78 19.13 -29.10
C VAL E 16 -32.39 18.92 -29.69
N LYS E 17 -31.59 18.09 -29.04
CA LYS E 17 -30.23 17.77 -29.48
C LYS E 17 -30.23 16.33 -29.93
N TYR E 18 -29.27 15.93 -30.76
CA TYR E 18 -29.18 14.55 -31.17
C TYR E 18 -28.32 13.72 -30.26
N TYR E 19 -27.62 14.39 -29.35
CA TYR E 19 -26.85 13.69 -28.35
C TYR E 19 -26.82 14.51 -27.07
N TYR E 20 -27.08 13.84 -25.96
CA TYR E 20 -26.96 14.47 -24.64
C TYR E 20 -26.04 13.64 -23.76
N LYS E 21 -25.12 14.30 -23.09
CA LYS E 21 -24.46 13.65 -21.95
C LYS E 21 -24.92 14.38 -20.72
N LEU E 22 -25.67 13.70 -19.87
CA LEU E 22 -26.52 14.40 -18.90
C LEU E 22 -25.74 14.77 -17.66
N SER E 23 -24.47 14.37 -17.63
CA SER E 23 -23.55 14.81 -16.58
C SER E 23 -22.95 16.17 -16.95
N GLU E 24 -23.27 16.68 -18.14
CA GLU E 24 -22.91 18.06 -18.52
C GLU E 24 -24.11 18.94 -18.24
N LYS E 25 -23.89 20.01 -17.50
CA LYS E 25 -24.97 20.90 -17.08
C LYS E 25 -25.77 21.48 -18.24
N GLN E 26 -25.10 21.92 -19.29
CA GLN E 26 -25.85 22.49 -20.40
C GLN E 26 -26.71 21.47 -21.14
N ASP E 27 -26.25 20.23 -21.24
CA ASP E 27 -27.11 19.18 -21.83
C ASP E 27 -28.29 18.84 -20.93
N LEU E 28 -28.05 18.73 -19.63
CA LEU E 28 -29.14 18.42 -18.70
C LEU E 28 -30.19 19.53 -18.74
N ASP E 29 -29.74 20.78 -18.73
CA ASP E 29 -30.66 21.92 -18.74
C ASP E 29 -31.55 21.88 -19.98
N ALA E 30 -31.00 21.50 -21.12
CA ALA E 30 -31.79 21.46 -22.36
C ALA E 30 -32.76 20.29 -22.30
N PHE E 31 -32.25 19.16 -21.83
CA PHE E 31 -32.99 17.91 -21.76
C PHE E 31 -34.28 18.08 -20.96
N VAL E 32 -34.21 18.75 -19.81
CA VAL E 32 -35.37 18.92 -18.94
C VAL E 32 -36.19 20.16 -19.29
N ASN E 33 -35.91 20.74 -20.45
CA ASN E 33 -36.72 21.86 -20.99
C ASN E 33 -37.04 21.54 -22.44
N SER E 34 -37.23 20.25 -22.72
CA SER E 34 -37.54 19.85 -24.09
C SER E 34 -38.21 18.47 -24.16
N ILE E 35 -37.56 17.45 -23.63
CA ILE E 35 -38.08 16.09 -23.85
C ILE E 35 -38.24 15.22 -22.61
N PHE E 36 -37.83 15.74 -21.45
CA PHE E 36 -37.95 14.97 -20.23
C PHE E 36 -39.18 15.37 -19.43
N VAL E 37 -39.95 14.37 -19.00
CA VAL E 37 -41.18 14.60 -18.27
C VAL E 37 -41.01 14.02 -16.88
N GLY E 38 -41.22 14.86 -15.88
CA GLY E 38 -41.12 14.42 -14.48
C GLY E 38 -39.98 15.15 -13.79
N SER E 39 -39.67 14.76 -12.57
N SER E 39 -39.71 14.74 -12.55
CA SER E 39 -38.59 15.40 -11.86
CA SER E 39 -38.63 15.30 -11.74
C SER E 39 -37.38 14.48 -11.86
C SER E 39 -37.38 14.45 -11.84
N TYR E 40 -36.23 14.99 -11.44
CA TYR E 40 -35.04 14.20 -11.27
C TYR E 40 -34.33 14.64 -10.01
N LYS E 41 -33.39 13.81 -9.54
CA LYS E 41 -32.50 14.17 -8.43
C LYS E 41 -31.10 13.94 -8.96
N LEU E 42 -30.23 14.93 -8.86
CA LEU E 42 -28.87 14.77 -9.39
C LEU E 42 -28.09 13.97 -8.34
N LYS E 43 -27.48 12.86 -8.76
CA LYS E 43 -26.74 12.01 -7.84
C LYS E 43 -25.41 11.58 -8.39
N GLN E 44 -24.47 11.34 -7.49
CA GLN E 44 -23.20 10.78 -7.91
C GLN E 44 -23.37 9.27 -8.14
N ILE E 45 -23.10 8.85 -9.37
CA ILE E 45 -23.27 7.48 -9.83
C ILE E 45 -21.88 6.87 -10.09
N SER E 46 -21.66 5.65 -9.61
CA SER E 46 -20.39 4.95 -9.83
C SER E 46 -20.67 3.57 -10.39
N TYR E 47 -19.86 3.14 -11.36
CA TYR E 47 -19.95 1.76 -11.84
C TYR E 47 -18.60 1.30 -12.38
N LEU E 48 -18.44 -0.02 -12.48
CA LEU E 48 -17.15 -0.60 -12.82
C LEU E 48 -16.93 -0.78 -14.33
N LEU E 49 -15.75 -0.37 -14.79
CA LEU E 49 -15.33 -0.59 -16.17
C LEU E 49 -13.91 -1.19 -16.12
N TYR E 50 -13.79 -2.46 -16.49
CA TYR E 50 -12.49 -3.15 -16.44
C TYR E 50 -11.81 -2.92 -15.09
N GLY E 51 -12.58 -2.99 -14.01
CA GLY E 51 -12.02 -2.91 -12.67
C GLY E 51 -11.85 -1.50 -12.16
N ASN E 52 -12.08 -0.52 -13.03
CA ASN E 52 -11.98 0.88 -12.65
C ASN E 52 -13.35 1.43 -12.36
N THR E 53 -13.43 2.41 -11.46
CA THR E 53 -14.72 2.99 -11.10
C THR E 53 -14.98 4.33 -11.80
N LYS E 54 -15.91 4.34 -12.75
CA LYS E 54 -16.31 5.55 -13.43
C LYS E 54 -17.25 6.31 -12.50
N ILE E 55 -17.00 7.58 -12.29
CA ILE E 55 -17.87 8.41 -11.44
C ILE E 55 -18.46 9.61 -12.18
N VAL E 56 -19.78 9.72 -12.20
CA VAL E 56 -20.43 10.84 -12.86
C VAL E 56 -21.59 11.36 -12.01
N SER E 57 -21.96 12.61 -12.21
CA SER E 57 -23.16 13.14 -11.56
C SER E 57 -24.25 13.14 -12.62
N ALA E 58 -25.32 12.41 -12.36
CA ALA E 58 -26.38 12.19 -13.36
C ALA E 58 -27.78 12.33 -12.75
N PRO E 59 -28.78 12.66 -13.59
CA PRO E 59 -30.15 12.73 -13.08
C PRO E 59 -30.72 11.34 -12.79
N VAL E 60 -31.38 11.18 -11.66
CA VAL E 60 -31.99 9.90 -11.30
C VAL E 60 -33.49 10.10 -11.13
N VAL E 61 -34.29 9.18 -11.66
CA VAL E 61 -35.75 9.26 -11.47
C VAL E 61 -36.08 9.00 -10.00
N PRO E 62 -36.76 9.94 -9.34
CA PRO E 62 -37.02 9.75 -7.92
C PRO E 62 -38.21 8.83 -7.65
N LEU E 63 -38.37 8.41 -6.41
CA LEU E 63 -39.55 7.66 -5.99
C LEU E 63 -40.80 8.37 -6.47
N GLY E 64 -41.75 7.59 -6.99
CA GLY E 64 -43.01 8.13 -7.45
C GLY E 64 -43.34 7.60 -8.84
N PRO E 65 -44.07 8.39 -9.63
CA PRO E 65 -44.46 7.95 -10.97
C PRO E 65 -43.26 7.82 -11.89
N ASN E 66 -43.39 7.00 -12.91
CA ASN E 66 -42.33 6.92 -13.90
C ASN E 66 -42.10 8.28 -14.53
N ALA E 67 -40.87 8.54 -14.94
CA ALA E 67 -40.58 9.71 -15.76
C ALA E 67 -40.81 9.26 -17.20
N SER E 68 -40.80 10.18 -18.14
CA SER E 68 -40.90 9.85 -19.55
C SER E 68 -39.94 10.67 -20.37
N ILE E 69 -39.60 10.15 -21.54
CA ILE E 69 -38.95 10.95 -22.53
C ILE E 69 -39.93 11.00 -23.70
N ILE E 70 -40.24 12.20 -24.17
CA ILE E 70 -41.23 12.37 -25.23
C ILE E 70 -40.68 13.35 -26.24
N ILE E 71 -40.62 12.95 -27.51
CA ILE E 71 -40.03 13.83 -28.51
C ILE E 71 -40.97 13.99 -29.69
N ASP E 72 -41.62 15.14 -29.80
CA ASP E 72 -42.47 15.38 -30.97
C ASP E 72 -41.88 16.46 -31.89
N ASP E 73 -40.65 16.89 -31.57
CA ASP E 73 -40.01 17.95 -32.36
C ASP E 73 -39.70 17.48 -33.76
N GLU E 74 -39.51 18.44 -34.66
CA GLU E 74 -39.28 18.15 -36.08
C GLU E 74 -37.83 17.76 -36.33
N LEU E 75 -37.41 16.63 -35.78
CA LEU E 75 -36.09 16.08 -36.09
C LEU E 75 -36.03 15.86 -37.59
N GLN E 76 -34.83 15.81 -38.14
CA GLN E 76 -34.63 15.39 -39.51
C GLN E 76 -35.32 14.05 -39.69
N GLU E 77 -36.07 13.90 -40.78
CA GLU E 77 -36.77 12.66 -41.02
C GLU E 77 -35.79 11.51 -41.25
N GLY E 78 -36.21 10.30 -40.90
CA GLY E 78 -35.39 9.12 -41.13
C GLY E 78 -35.63 8.12 -40.03
N LEU E 79 -34.83 7.06 -40.05
CA LEU E 79 -34.99 5.96 -39.08
C LEU E 79 -33.86 6.12 -38.09
N TYR E 80 -34.22 6.31 -36.82
CA TYR E 80 -33.24 6.48 -35.75
C TYR E 80 -33.05 5.24 -34.91
N LEU E 81 -31.78 4.97 -34.61
CA LEU E 81 -31.45 4.09 -33.50
C LEU E 81 -31.22 4.99 -32.29
N ILE E 82 -31.93 4.71 -31.21
CA ILE E 82 -31.78 5.47 -29.99
C ILE E 82 -31.01 4.61 -29.01
N ARG E 83 -30.03 5.20 -28.32
CA ARG E 83 -29.37 4.50 -27.22
C ARG E 83 -29.46 5.37 -25.98
N ILE E 84 -29.95 4.80 -24.89
CA ILE E 84 -29.99 5.48 -23.61
C ILE E 84 -29.09 4.75 -22.65
N LYS E 85 -28.05 5.42 -22.17
CA LYS E 85 -27.17 4.78 -21.21
C LYS E 85 -27.76 5.05 -19.83
N VAL E 86 -28.10 4.00 -19.10
CA VAL E 86 -28.70 4.21 -17.77
C VAL E 86 -27.97 3.39 -16.74
N TYR E 87 -28.21 3.69 -15.47
CA TYR E 87 -27.64 2.93 -14.38
C TYR E 87 -28.74 2.72 -13.36
N ASN E 88 -29.01 1.46 -13.03
CA ASN E 88 -30.07 1.14 -12.09
C ASN E 88 -29.51 1.23 -10.67
N THR E 89 -29.89 2.28 -9.94
CA THR E 89 -29.39 2.47 -8.55
C THR E 89 -30.14 1.59 -7.56
N ASN E 90 -31.21 0.96 -8.01
CA ASN E 90 -32.00 0.09 -7.15
C ASN E 90 -31.32 -1.24 -6.88
N SER E 91 -31.63 -1.82 -5.72
CA SER E 91 -31.10 -3.14 -5.37
C SER E 91 -32.05 -4.21 -5.89
N PHE E 92 -32.86 -3.84 -6.88
CA PHE E 92 -33.77 -4.79 -7.51
C PHE E 92 -33.84 -4.49 -8.99
N SER E 93 -34.32 -5.46 -9.77
CA SER E 93 -34.40 -5.29 -11.21
C SER E 93 -35.54 -4.34 -11.57
N VAL E 94 -35.35 -3.58 -12.64
CA VAL E 94 -36.44 -2.77 -13.15
C VAL E 94 -36.67 -3.11 -14.61
N THR E 95 -37.85 -2.80 -15.12
CA THR E 95 -38.13 -3.13 -16.51
C THR E 95 -38.47 -1.86 -17.25
N VAL E 96 -38.14 -1.85 -18.54
CA VAL E 96 -38.41 -0.73 -19.41
C VAL E 96 -39.09 -1.30 -20.66
N THR E 97 -39.99 -0.53 -21.26
CA THR E 97 -40.73 -0.97 -22.44
C THR E 97 -40.32 -0.07 -23.61
N PRO E 98 -39.41 -0.56 -24.47
CA PRO E 98 -38.96 0.30 -25.57
C PRO E 98 -40.12 0.61 -26.53
N PHE E 99 -40.03 1.79 -27.16
CA PHE E 99 -41.03 2.29 -28.09
C PHE E 99 -41.11 1.40 -29.33
N PHE E 100 -39.98 1.20 -30.00
CA PHE E 100 -39.93 0.39 -31.22
C PHE E 100 -41.02 0.79 -32.22
N ASN E 101 -41.37 2.07 -32.24
CA ASN E 101 -42.49 2.58 -33.05
C ASN E 101 -43.92 2.10 -32.70
N ASN E 102 -44.06 0.80 -32.42
N ASN E 102 -44.11 0.83 -32.40
CA ASN E 102 -45.38 0.20 -32.16
CA ASN E 102 -45.45 0.39 -31.97
C ASN E 102 -45.44 -0.81 -31.00
C ASN E 102 -45.45 -0.78 -30.99
N ASN E 103 -44.42 -0.85 -30.16
CA ASN E 103 -44.41 -1.84 -29.09
C ASN E 103 -45.02 -1.25 -27.83
N ASN E 104 -45.78 -2.05 -27.10
CA ASN E 104 -46.07 -1.67 -25.72
C ASN E 104 -46.15 -2.87 -24.79
N THR E 105 -45.56 -4.00 -25.18
CA THR E 105 -45.56 -5.18 -24.32
C THR E 105 -44.16 -5.76 -24.07
N MET E 106 -43.28 -5.68 -25.06
CA MET E 106 -41.93 -6.24 -24.92
C MET E 106 -41.04 -5.37 -24.06
N THR E 107 -40.14 -5.99 -23.30
CA THR E 107 -39.41 -5.29 -22.25
C THR E 107 -37.93 -5.61 -22.22
N TYR E 108 -37.18 -4.69 -21.61
CA TYR E 108 -35.82 -4.96 -21.15
C TYR E 108 -35.89 -5.17 -19.66
N SER E 109 -35.06 -6.07 -19.16
CA SER E 109 -34.94 -6.28 -17.71
C SER E 109 -33.56 -5.77 -17.30
N ILE E 110 -33.53 -4.73 -16.47
CA ILE E 110 -32.28 -4.12 -16.06
C ILE E 110 -31.90 -4.55 -14.63
N GLY E 111 -30.77 -5.23 -14.49
CA GLY E 111 -30.37 -5.82 -13.21
C GLY E 111 -30.04 -4.77 -12.16
N ALA E 112 -30.12 -5.18 -10.90
CA ALA E 112 -29.84 -4.29 -9.77
C ALA E 112 -28.42 -3.73 -9.87
N ASN E 113 -28.24 -2.46 -9.48
CA ASN E 113 -26.91 -1.87 -9.34
C ASN E 113 -26.05 -2.07 -10.56
N SER E 114 -26.60 -1.81 -11.74
CA SER E 114 -25.81 -2.01 -12.95
C SER E 114 -26.09 -1.02 -14.07
N GLU E 115 -25.06 -0.82 -14.90
CA GLU E 115 -25.17 0.02 -16.06
C GLU E 115 -25.89 -0.79 -17.12
N PHE E 116 -26.57 -0.12 -18.04
CA PHE E 116 -27.35 -0.83 -19.05
C PHE E 116 -27.58 0.10 -20.22
N GLU E 117 -27.59 -0.47 -21.43
CA GLU E 117 -27.87 0.27 -22.65
C GLU E 117 -29.27 -0.05 -23.12
N ILE E 118 -30.15 0.96 -23.08
CA ILE E 118 -31.48 0.80 -23.64
C ILE E 118 -31.39 1.12 -25.13
N TYR E 119 -31.70 0.14 -26.00
CA TYR E 119 -31.75 0.41 -27.44
C TYR E 119 -33.18 0.64 -27.83
N ASP E 120 -33.42 1.64 -28.67
CA ASP E 120 -34.78 1.84 -29.17
C ASP E 120 -34.75 2.22 -30.64
N ILE E 121 -35.90 2.14 -31.31
CA ILE E 121 -35.96 2.46 -32.72
C ILE E 121 -37.11 3.44 -32.92
N PHE E 122 -36.89 4.46 -33.73
CA PHE E 122 -37.87 5.50 -33.89
C PHE E 122 -37.85 5.96 -35.33
N THR E 123 -38.98 5.84 -36.03
CA THR E 123 -39.11 6.37 -37.39
C THR E 123 -39.67 7.78 -37.34
N LYS E 124 -38.85 8.77 -37.71
CA LYS E 124 -39.37 10.13 -37.80
C LYS E 124 -39.98 10.33 -39.19
N GLU E 125 -41.27 10.06 -39.30
CA GLU E 125 -42.09 10.37 -40.48
C GLU E 125 -43.49 10.65 -39.98
N GLN E 126 -44.24 11.43 -40.74
CA GLN E 126 -45.65 11.70 -40.47
C GLN E 126 -45.94 12.07 -39.02
N GLY E 127 -45.10 12.91 -38.43
CA GLY E 127 -45.37 13.44 -37.09
C GLY E 127 -45.29 12.41 -35.96
N ASN E 128 -44.60 11.31 -36.20
CA ASN E 128 -44.44 10.28 -35.18
C ASN E 128 -43.80 10.86 -33.93
N ILE E 129 -44.24 10.40 -32.76
CA ILE E 129 -43.73 10.97 -31.51
C ILE E 129 -43.03 9.90 -30.71
N TYR E 130 -41.76 10.12 -30.39
CA TYR E 130 -41.02 9.15 -29.57
C TYR E 130 -41.50 9.19 -28.12
N TYR E 131 -41.61 8.02 -27.49
CA TYR E 131 -42.10 7.93 -26.11
C TYR E 131 -41.55 6.72 -25.40
N ILE E 132 -40.96 6.94 -24.23
CA ILE E 132 -40.56 5.83 -23.38
C ILE E 132 -40.67 6.27 -21.91
N GLN E 133 -41.11 5.35 -21.05
CA GLN E 133 -41.19 5.64 -19.60
C GLN E 133 -39.96 5.05 -18.91
N LEU E 134 -39.49 5.73 -17.86
CA LEU E 134 -38.32 5.30 -17.11
C LEU E 134 -38.71 5.22 -15.64
N PRO E 135 -38.52 4.05 -15.02
CA PRO E 135 -38.93 3.82 -13.63
C PRO E 135 -38.00 4.49 -12.61
N PRO E 136 -38.52 4.71 -11.38
CA PRO E 136 -37.75 5.30 -10.28
C PRO E 136 -36.44 4.57 -10.03
N GLY E 137 -35.37 5.30 -9.75
CA GLY E 137 -34.10 4.71 -9.38
C GLY E 137 -33.17 4.56 -10.58
N LEU E 138 -33.70 4.78 -11.79
CA LEU E 138 -32.83 4.75 -12.97
C LEU E 138 -32.10 6.10 -13.09
N ALA E 139 -30.77 6.05 -13.18
CA ALA E 139 -29.99 7.24 -13.52
C ALA E 139 -29.87 7.29 -15.04
N ILE E 140 -30.07 8.47 -15.62
N ILE E 140 -30.05 8.47 -15.63
CA ILE E 140 -29.96 8.64 -17.08
CA ILE E 140 -29.96 8.61 -17.08
C ILE E 140 -28.65 9.32 -17.39
C ILE E 140 -28.66 9.32 -17.42
N LEU E 141 -27.74 8.61 -18.06
CA LEU E 141 -26.38 9.13 -18.27
C LEU E 141 -26.17 9.81 -19.61
N GLU E 142 -26.71 9.19 -20.66
CA GLU E 142 -26.58 9.69 -22.01
C GLU E 142 -27.82 9.36 -22.82
N PHE E 143 -28.14 10.20 -23.77
CA PHE E 143 -29.25 9.93 -24.69
C PHE E 143 -28.78 10.25 -26.09
N SER E 144 -28.84 9.25 -26.98
CA SER E 144 -28.27 9.36 -28.33
C SER E 144 -29.31 9.05 -29.40
N LEU E 145 -29.43 9.96 -30.34
CA LEU E 145 -30.26 9.76 -31.56
C LEU E 145 -29.37 9.68 -32.77
N GLU E 146 -29.31 8.54 -33.45
CA GLU E 146 -28.51 8.50 -34.68
C GLU E 146 -29.28 7.79 -35.79
N ARG E 147 -29.16 8.30 -37.02
CA ARG E 147 -29.78 7.65 -38.16
C ARG E 147 -28.96 6.41 -38.58
N VAL E 148 -29.63 5.29 -38.81
CA VAL E 148 -28.92 4.06 -39.19
C VAL E 148 -28.96 3.93 -40.69
N PHE E 149 -28.12 3.11 -41.27
CA PHE E 149 -28.12 2.99 -42.72
C PHE E 149 -27.53 4.27 -43.31
N GLU E 150 -26.90 5.06 -42.45
CA GLU E 150 -26.01 6.12 -42.90
C GLU E 150 -24.61 5.56 -42.71
N LYS E 151 -23.73 5.79 -43.67
CA LYS E 151 -22.34 5.46 -43.45
C LYS E 151 -22.16 3.96 -43.17
N GLY E 152 -23.08 3.17 -43.71
CA GLY E 152 -22.98 1.74 -43.64
C GLY E 152 -23.27 1.16 -42.28
N ASN E 153 -23.95 1.90 -41.41
CA ASN E 153 -24.36 1.33 -40.13
C ASN E 153 -25.58 0.45 -40.21
N ARG E 154 -25.76 -0.40 -39.20
CA ARG E 154 -26.89 -1.30 -39.19
C ARG E 154 -27.55 -1.18 -37.82
N ILE E 155 -28.74 -1.72 -37.72
CA ILE E 155 -29.36 -1.92 -36.43
C ILE E 155 -28.73 -3.19 -35.88
N ASN E 156 -28.18 -3.11 -34.68
CA ASN E 156 -27.60 -4.27 -34.02
C ASN E 156 -27.89 -4.24 -32.51
N ILE E 157 -29.05 -4.75 -32.14
CA ILE E 157 -29.49 -4.82 -30.74
C ILE E 157 -29.18 -6.22 -30.21
N PRO E 158 -28.48 -6.31 -29.07
CA PRO E 158 -28.09 -7.62 -28.53
C PRO E 158 -29.29 -8.43 -28.06
N LYS E 159 -29.06 -9.67 -27.65
CA LYS E 159 -30.19 -10.55 -27.26
C LYS E 159 -30.71 -10.17 -25.88
N ILE E 160 -31.54 -9.13 -25.80
CA ILE E 160 -32.02 -8.58 -24.54
C ILE E 160 -33.51 -8.24 -24.57
N ILE E 161 -34.16 -8.43 -25.72
CA ILE E 161 -35.58 -8.08 -25.82
C ILE E 161 -36.43 -9.25 -25.36
N HIS E 162 -37.31 -9.00 -24.40
CA HIS E 162 -38.14 -10.04 -23.80
C HIS E 162 -39.56 -10.00 -24.37
N THR E 163 -40.07 -11.15 -24.77
CA THR E 163 -41.48 -11.25 -25.16
C THR E 163 -42.07 -12.48 -24.53
N SER E 164 -43.36 -12.43 -24.24
CA SER E 164 -44.04 -13.61 -23.76
C SER E 164 -45.15 -14.00 -24.73
N GLY E 165 -45.12 -13.44 -25.94
CA GLY E 165 -46.05 -13.91 -26.95
C GLY E 165 -46.71 -12.84 -27.76
N ASN E 166 -46.44 -11.58 -27.43
CA ASN E 166 -46.92 -10.49 -28.27
C ASN E 166 -45.89 -9.39 -28.29
N GLY E 167 -46.12 -8.41 -29.16
CA GLY E 167 -45.16 -7.30 -29.30
C GLY E 167 -44.96 -6.98 -30.77
N TYR E 168 -44.51 -5.76 -31.05
CA TYR E 168 -44.31 -5.28 -32.40
C TYR E 168 -43.07 -4.43 -32.44
N ILE E 169 -42.38 -4.48 -33.57
CA ILE E 169 -41.31 -3.55 -33.86
C ILE E 169 -41.52 -3.16 -35.33
N SER E 170 -41.55 -1.86 -35.63
CA SER E 170 -41.69 -1.37 -36.98
C SER E 170 -40.51 -0.47 -37.32
N PHE E 171 -40.17 -0.41 -38.59
CA PHE E 171 -39.11 0.49 -39.05
C PHE E 171 -39.24 0.74 -40.53
N ARG E 172 -38.75 1.88 -40.98
CA ARG E 172 -38.80 2.21 -42.40
C ARG E 172 -37.47 1.83 -43.04
N LEU E 173 -37.52 1.14 -44.19
CA LEU E 173 -36.31 0.84 -44.94
C LEU E 173 -36.39 1.46 -46.32
N ARG E 174 -35.37 2.21 -46.70
CA ARG E 174 -35.37 2.73 -48.06
C ARG E 174 -34.96 1.60 -49.00
N LYS E 175 -34.99 1.88 -50.30
CA LYS E 175 -34.74 0.85 -51.31
C LYS E 175 -33.45 0.10 -51.05
N GLY E 176 -33.46 -1.21 -51.28
CA GLY E 176 -32.28 -2.04 -51.08
C GLY E 176 -32.73 -3.42 -50.64
N THR E 177 -31.77 -4.33 -50.46
CA THR E 177 -32.09 -5.67 -49.95
C THR E 177 -31.48 -5.75 -48.56
N TYR E 178 -32.23 -6.30 -47.61
CA TYR E 178 -31.77 -6.32 -46.22
C TYR E 178 -31.86 -7.71 -45.61
N ALA E 179 -30.93 -8.01 -44.70
CA ALA E 179 -31.03 -9.19 -43.86
C ALA E 179 -31.63 -8.74 -42.56
N ILE E 180 -32.52 -9.54 -42.01
CA ILE E 180 -33.04 -9.31 -40.67
C ILE E 180 -32.70 -10.55 -39.88
N LYS E 181 -31.85 -10.38 -38.87
CA LYS E 181 -31.37 -11.52 -38.11
C LYS E 181 -31.79 -11.37 -36.66
N MET E 182 -32.39 -12.43 -36.11
N MET E 182 -32.36 -12.43 -36.11
CA MET E 182 -32.86 -12.40 -34.74
CA MET E 182 -32.83 -12.39 -34.74
C MET E 182 -32.36 -13.61 -33.96
C MET E 182 -32.37 -13.61 -33.97
N PRO E 183 -31.23 -13.46 -33.26
CA PRO E 183 -30.74 -14.51 -32.36
C PRO E 183 -31.78 -14.59 -31.25
N TYR E 184 -32.11 -15.79 -30.78
CA TYR E 184 -33.10 -15.91 -29.72
C TYR E 184 -32.74 -17.05 -28.78
N SER E 185 -33.31 -16.98 -27.59
CA SER E 185 -33.36 -18.07 -26.64
C SER E 185 -34.78 -18.18 -26.16
N TYR E 186 -35.23 -19.38 -25.85
CA TYR E 186 -36.55 -19.54 -25.30
C TYR E 186 -36.53 -20.50 -24.15
N ASN E 187 -37.52 -20.38 -23.28
CA ASN E 187 -37.77 -21.36 -22.25
C ASN E 187 -39.23 -21.81 -22.36
N ASN E 188 -39.43 -23.05 -22.79
CA ASN E 188 -40.76 -23.64 -22.79
C ASN E 188 -41.08 -24.19 -21.41
N THR E 189 -42.03 -23.54 -20.76
CA THR E 189 -42.41 -23.89 -19.40
C THR E 189 -43.59 -24.84 -19.47
N THR E 190 -44.00 -25.21 -20.68
CA THR E 190 -45.10 -26.16 -20.87
C THR E 190 -44.57 -27.52 -21.25
N SER E 191 -45.38 -28.55 -21.06
CA SER E 191 -44.97 -29.90 -21.46
C SER E 191 -45.40 -30.17 -22.90
N THR E 192 -45.74 -29.12 -23.64
CA THR E 192 -46.19 -29.29 -25.01
C THR E 192 -45.01 -29.32 -25.95
N THR E 193 -44.95 -30.31 -26.82
CA THR E 193 -43.95 -30.29 -27.89
C THR E 193 -44.54 -29.54 -29.09
N PHE E 194 -43.92 -28.44 -29.46
CA PHE E 194 -44.47 -27.65 -30.55
C PHE E 194 -43.79 -28.00 -31.82
N THR E 195 -44.61 -28.20 -32.83
CA THR E 195 -44.05 -28.47 -34.11
C THR E 195 -44.42 -27.35 -35.07
N ASN E 196 -43.44 -26.86 -35.80
CA ASN E 196 -43.63 -25.71 -36.67
C ASN E 196 -44.22 -24.52 -35.90
N PHE E 197 -43.55 -24.21 -34.80
CA PHE E 197 -43.93 -23.15 -33.91
C PHE E 197 -43.70 -21.85 -34.64
N GLN E 198 -44.76 -21.10 -34.90
CA GLN E 198 -44.56 -19.76 -35.46
C GLN E 198 -44.35 -18.73 -34.34
N PHE E 199 -43.14 -18.18 -34.30
CA PHE E 199 -42.76 -17.19 -33.30
C PHE E 199 -43.37 -15.85 -33.66
N GLY E 200 -43.30 -15.51 -34.94
CA GLY E 200 -43.81 -14.23 -35.40
C GLY E 200 -43.80 -14.10 -36.89
N THR E 201 -43.96 -12.88 -37.37
CA THR E 201 -43.95 -12.61 -38.81
C THR E 201 -43.23 -11.31 -39.06
N ILE E 202 -42.64 -11.22 -40.26
CA ILE E 202 -42.11 -9.96 -40.75
C ILE E 202 -42.90 -9.63 -42.01
N SER E 203 -43.44 -8.44 -42.09
CA SER E 203 -44.25 -8.08 -43.26
C SER E 203 -44.07 -6.62 -43.69
N THR E 204 -44.31 -6.41 -44.97
CA THR E 204 -44.62 -5.10 -45.49
C THR E 204 -46.12 -5.18 -45.82
N SER E 205 -46.67 -4.15 -46.43
CA SER E 205 -48.10 -4.18 -46.77
C SER E 205 -48.52 -5.47 -47.49
N ALA E 207 -46.84 -8.61 -48.38
CA ALA E 207 -45.77 -9.60 -48.21
C ALA E 207 -45.52 -9.96 -46.75
N THR E 208 -45.52 -11.25 -46.44
CA THR E 208 -45.38 -11.75 -45.07
C THR E 208 -44.40 -12.92 -45.00
N ILE E 209 -43.46 -12.84 -44.07
CA ILE E 209 -42.53 -13.94 -43.80
C ILE E 209 -42.72 -14.51 -42.40
N PRO E 210 -43.19 -15.76 -42.29
CA PRO E 210 -43.30 -16.40 -40.97
C PRO E 210 -41.93 -16.73 -40.42
N LEU E 211 -41.73 -16.52 -39.12
CA LEU E 211 -40.53 -16.96 -38.41
C LEU E 211 -40.88 -18.23 -37.65
N VAL E 212 -40.38 -19.38 -38.11
CA VAL E 212 -40.87 -20.67 -37.65
C VAL E 212 -39.73 -21.50 -37.10
N ILE E 213 -40.01 -22.21 -36.01
CA ILE E 213 -39.07 -23.15 -35.42
C ILE E 213 -39.62 -24.56 -35.60
N SER E 214 -38.82 -25.46 -36.15
CA SER E 214 -39.25 -26.83 -36.43
C SER E 214 -39.90 -27.52 -35.26
N SER E 215 -39.22 -27.53 -34.11
CA SER E 215 -39.81 -28.10 -32.90
C SER E 215 -39.24 -27.47 -31.67
N ILE E 216 -40.13 -27.28 -30.70
CA ILE E 216 -39.77 -26.85 -29.37
C ILE E 216 -40.22 -27.99 -28.47
N PRO E 217 -39.25 -28.75 -27.96
CA PRO E 217 -39.52 -29.88 -27.06
C PRO E 217 -40.23 -29.41 -25.81
N ALA E 218 -41.06 -30.27 -25.22
CA ALA E 218 -41.73 -29.96 -23.95
C ALA E 218 -40.68 -29.60 -22.89
N ASN E 219 -40.98 -28.59 -22.07
CA ASN E 219 -40.17 -28.21 -20.91
C ASN E 219 -38.75 -27.85 -21.34
N GLY E 220 -38.60 -27.69 -22.65
CA GLY E 220 -37.28 -27.47 -23.20
C GLY E 220 -36.85 -26.01 -23.20
N SER E 221 -35.55 -25.80 -23.24
CA SER E 221 -35.02 -24.46 -23.45
C SER E 221 -34.03 -24.60 -24.57
N GLY E 222 -33.92 -23.57 -25.39
CA GLY E 222 -33.08 -23.68 -26.56
C GLY E 222 -32.74 -22.30 -27.06
N SER E 223 -31.93 -22.27 -28.11
CA SER E 223 -31.58 -21.01 -28.73
C SER E 223 -31.35 -21.28 -30.22
N GLY E 224 -31.39 -20.21 -31.00
CA GLY E 224 -31.19 -20.33 -32.43
C GLY E 224 -31.20 -18.93 -33.00
N THR E 225 -31.31 -18.83 -34.32
CA THR E 225 -31.30 -17.53 -34.97
C THR E 225 -32.27 -17.55 -36.14
N PHE E 226 -33.16 -16.57 -36.20
CA PHE E 226 -33.97 -16.37 -37.42
C PHE E 226 -33.15 -15.50 -38.35
N LEU E 227 -33.12 -15.83 -39.63
CA LEU E 227 -32.43 -15.02 -40.62
C LEU E 227 -33.25 -15.00 -41.89
N VAL E 228 -33.84 -13.86 -42.20
CA VAL E 228 -34.66 -13.72 -43.40
C VAL E 228 -34.23 -12.47 -44.15
N TYR E 229 -34.67 -12.33 -45.38
CA TYR E 229 -34.26 -11.21 -46.19
C TYR E 229 -35.46 -10.55 -46.83
N LEU E 230 -35.39 -9.23 -46.98
CA LEU E 230 -36.45 -8.49 -47.65
C LEU E 230 -35.83 -7.73 -48.80
N LYS E 231 -36.42 -7.87 -49.98
CA LYS E 231 -36.09 -6.97 -51.07
C LYS E 231 -37.04 -5.77 -51.06
N ILE E 232 -36.53 -4.64 -50.62
CA ILE E 232 -37.32 -3.42 -50.64
C ILE E 232 -37.12 -2.71 -51.97
N THR E 233 -38.08 -2.86 -52.88
CA THR E 233 -38.05 -2.13 -54.12
C THR E 233 -38.00 -0.63 -53.83
N GLY E 234 -38.75 -0.20 -52.83
CA GLY E 234 -38.81 1.20 -52.48
C GLY E 234 -40.22 1.77 -52.43
N ASP E 235 -41.19 1.08 -53.02
CA ASP E 235 -42.57 1.60 -52.98
C ASP E 235 -43.33 1.20 -51.74
N TYR E 236 -42.77 0.26 -50.97
CA TYR E 236 -43.32 -0.16 -49.69
C TYR E 236 -42.17 -0.26 -48.71
N GLU E 237 -42.04 0.73 -47.85
CA GLU E 237 -40.83 0.85 -47.04
C GLU E 237 -41.04 0.53 -45.58
N ASP E 238 -42.30 0.57 -45.14
CA ASP E 238 -42.58 0.33 -43.72
C ASP E 238 -42.65 -1.16 -43.41
N VAL E 239 -41.74 -1.61 -42.57
CA VAL E 239 -41.64 -3.04 -42.24
C VAL E 239 -42.19 -3.24 -40.84
N LYS E 240 -42.91 -4.33 -40.63
CA LYS E 240 -43.50 -4.60 -39.34
C LYS E 240 -43.16 -6.02 -38.88
N PHE E 241 -42.56 -6.11 -37.70
CA PHE E 241 -42.29 -7.39 -37.07
C PHE E 241 -43.35 -7.58 -35.97
N SER E 242 -44.00 -8.75 -35.95
CA SER E 242 -45.02 -9.04 -34.95
C SER E 242 -44.71 -10.36 -34.29
N VAL E 243 -44.80 -10.39 -32.96
CA VAL E 243 -44.71 -11.66 -32.23
C VAL E 243 -46.13 -12.19 -32.22
N THR E 244 -46.33 -13.44 -32.59
CA THR E 244 -47.69 -13.91 -32.81
C THR E 244 -48.10 -15.15 -32.02
N TYR E 245 -47.18 -15.72 -31.27
CA TYR E 245 -47.50 -17.00 -30.63
C TYR E 245 -48.49 -16.92 -29.46
N GLY E 246 -48.70 -15.73 -28.92
CA GLY E 246 -49.77 -15.55 -27.94
C GLY E 246 -49.30 -15.35 -26.50
N GLY E 247 -49.78 -14.29 -25.87
CA GLY E 247 -49.32 -13.85 -24.57
C GLY E 247 -49.32 -14.87 -23.43
N GLY E 248 -50.29 -15.76 -23.41
CA GLY E 248 -50.41 -16.65 -22.27
C GLY E 248 -49.84 -18.04 -22.49
N LEU E 249 -49.08 -18.21 -23.56
CA LEU E 249 -48.62 -19.54 -23.95
C LEU E 249 -47.65 -20.21 -22.99
N GLY E 250 -46.75 -19.44 -22.38
CA GLY E 250 -45.86 -20.00 -21.38
C GLY E 250 -44.53 -20.39 -22.02
N VAL E 251 -44.20 -19.69 -23.09
CA VAL E 251 -42.91 -19.87 -23.72
C VAL E 251 -42.23 -18.51 -23.90
N PRO E 252 -41.69 -17.96 -22.81
CA PRO E 252 -40.96 -16.69 -22.95
C PRO E 252 -39.74 -16.80 -23.89
N PHE E 253 -39.56 -15.78 -24.75
CA PHE E 253 -38.38 -15.65 -25.59
C PHE E 253 -37.56 -14.44 -25.18
N THR E 254 -36.24 -14.53 -25.38
CA THR E 254 -35.40 -13.34 -25.35
C THR E 254 -34.71 -13.31 -26.70
N PHE E 255 -34.73 -12.17 -27.40
CA PHE E 255 -34.14 -12.12 -28.72
C PHE E 255 -33.42 -10.80 -28.99
N GLY E 256 -32.57 -10.82 -30.00
CA GLY E 256 -31.90 -9.61 -30.45
C GLY E 256 -32.42 -9.27 -31.84
N LEU E 257 -31.93 -8.16 -32.40
CA LEU E 257 -32.41 -7.69 -33.69
C LEU E 257 -31.30 -7.03 -34.45
N GLU E 258 -31.01 -7.56 -35.61
CA GLU E 258 -29.98 -7.03 -36.46
C GLU E 258 -30.63 -6.81 -37.81
N VAL E 259 -30.58 -5.58 -38.33
CA VAL E 259 -31.11 -5.26 -39.64
C VAL E 259 -29.99 -4.56 -40.44
N GLU E 260 -29.64 -5.12 -41.59
CA GLU E 260 -28.47 -4.64 -42.30
C GLU E 260 -28.61 -4.83 -43.79
N GLU E 261 -28.12 -3.87 -44.56
N GLU E 261 -28.11 -3.87 -44.55
CA GLU E 261 -28.20 -3.97 -46.01
CA GLU E 261 -28.15 -3.96 -46.01
C GLU E 261 -27.21 -5.00 -46.53
C GLU E 261 -27.22 -5.07 -46.47
N ILE E 262 -27.62 -5.75 -47.55
CA ILE E 262 -26.76 -6.74 -48.17
C ILE E 262 -26.66 -6.49 -49.66
N ASN E 263 -25.60 -7.05 -50.26
CA ASN E 263 -25.52 -7.11 -51.71
C ASN E 263 -26.21 -8.36 -52.19
N GLU E 264 -26.39 -8.51 -53.51
CA GLU E 264 -27.16 -9.65 -53.99
C GLU E 264 -26.60 -10.96 -53.43
N LEU E 265 -27.51 -11.82 -52.97
CA LEU E 265 -27.09 -13.10 -52.43
C LEU E 265 -27.77 -14.22 -53.20
N VAL E 266 -27.03 -14.89 -54.07
CA VAL E 266 -27.53 -16.10 -54.72
C VAL E 266 -27.40 -17.26 -53.75
N GLU E 267 -28.53 -17.70 -53.20
CA GLU E 267 -28.51 -18.76 -52.19
C GLU E 267 -28.17 -20.12 -52.81
N ASN E 268 -28.68 -20.35 -54.01
CA ASN E 268 -28.32 -21.53 -54.78
C ASN E 268 -28.84 -21.46 -56.20
N THR E 269 -28.27 -22.29 -57.07
CA THR E 269 -28.67 -22.35 -58.45
C THR E 269 -28.91 -23.81 -58.71
N ASN E 270 -30.01 -24.15 -59.38
CA ASN E 270 -30.41 -25.54 -59.51
C ASN E 270 -30.94 -25.92 -60.87
N PHE E 271 -30.56 -27.11 -61.29
CA PHE E 271 -31.11 -27.76 -62.45
C PHE E 271 -32.14 -28.72 -61.86
N VAL E 272 -33.40 -28.55 -62.23
CA VAL E 272 -34.44 -29.40 -61.70
C VAL E 272 -35.30 -29.99 -62.80
N THR E 273 -35.88 -31.16 -62.53
CA THR E 273 -36.65 -31.87 -63.53
C THR E 273 -38.00 -32.25 -62.94
N GLN E 274 -39.03 -32.26 -63.78
CA GLN E 274 -40.37 -32.55 -63.31
C GLN E 274 -41.17 -33.22 -64.41
N SER E 275 -41.72 -34.39 -64.15
CA SER E 275 -42.55 -35.07 -65.13
C SER E 275 -44.02 -34.81 -64.88
N VAL E 276 -44.79 -34.77 -65.96
CA VAL E 276 -46.23 -34.61 -65.88
C VAL E 276 -46.87 -35.58 -66.84
N THR E 277 -47.84 -36.34 -66.34
CA THR E 277 -48.53 -37.31 -67.17
C THR E 277 -49.91 -36.78 -67.58
N LEU E 278 -50.15 -36.73 -68.89
CA LEU E 278 -51.37 -36.15 -69.42
C LEU E 278 -52.28 -37.24 -69.95
N SER E 279 -53.55 -37.18 -69.57
CA SER E 279 -54.51 -38.18 -70.03
C SER E 279 -55.88 -37.59 -70.35
N GLY E 280 -55.89 -36.48 -71.09
CA GLY E 280 -57.14 -35.91 -71.60
C GLY E 280 -57.61 -34.66 -70.87
N SER E 281 -57.06 -34.42 -69.69
CA SER E 281 -57.50 -33.26 -68.90
C SER E 281 -56.35 -32.29 -68.64
N GLN E 282 -56.69 -31.01 -68.51
CA GLN E 282 -55.70 -30.00 -68.20
C GLN E 282 -55.12 -30.26 -66.82
N VAL E 283 -53.81 -30.13 -66.70
CA VAL E 283 -53.13 -30.29 -65.43
C VAL E 283 -52.36 -29.02 -65.13
N THR E 284 -52.49 -28.54 -63.89
CA THR E 284 -51.68 -27.42 -63.43
C THR E 284 -50.72 -27.92 -62.36
N GLN E 285 -49.44 -27.99 -62.70
CA GLN E 285 -48.46 -28.59 -61.83
C GLN E 285 -47.56 -27.52 -61.24
N SER E 286 -47.57 -27.39 -59.91
CA SER E 286 -46.64 -26.49 -59.26
C SER E 286 -45.21 -27.03 -59.38
N ILE E 287 -44.29 -26.16 -59.73
CA ILE E 287 -42.90 -26.56 -59.87
C ILE E 287 -42.14 -26.04 -58.66
N LEU E 288 -42.39 -24.77 -58.35
N LEU E 288 -42.37 -24.77 -58.34
CA LEU E 288 -41.68 -24.07 -57.28
CA LEU E 288 -41.69 -24.15 -57.21
C LEU E 288 -42.56 -22.95 -56.70
C LEU E 288 -42.47 -22.95 -56.70
N ASN E 289 -42.55 -22.82 -55.38
CA ASN E 289 -43.23 -21.70 -54.74
C ASN E 289 -42.48 -21.30 -53.49
N VAL E 290 -41.82 -20.14 -53.52
CA VAL E 290 -41.02 -19.73 -52.37
C VAL E 290 -41.60 -18.48 -51.73
N GLN E 291 -42.86 -18.20 -52.01
CA GLN E 291 -43.53 -17.07 -51.36
C GLN E 291 -43.46 -17.22 -49.84
N GLY E 292 -43.05 -16.14 -49.16
CA GLY E 292 -43.05 -16.13 -47.70
C GLY E 292 -41.79 -16.74 -47.12
N SER E 293 -40.82 -17.06 -47.97
CA SER E 293 -39.59 -17.72 -47.52
C SER E 293 -38.46 -16.74 -47.22
N GLY E 294 -38.61 -15.48 -47.63
CA GLY E 294 -37.51 -14.53 -47.57
C GLY E 294 -36.60 -14.65 -48.76
N SER E 295 -37.11 -15.19 -49.87
CA SER E 295 -36.32 -15.30 -51.09
C SER E 295 -37.21 -15.19 -52.33
N HIS E 296 -36.59 -15.10 -53.49
CA HIS E 296 -37.33 -15.14 -54.75
C HIS E 296 -36.51 -15.89 -55.79
N LEU E 297 -37.00 -15.91 -57.02
CA LEU E 297 -36.43 -16.77 -58.06
C LEU E 297 -36.01 -16.00 -59.27
N ARG E 298 -35.14 -16.61 -60.09
CA ARG E 298 -34.80 -16.10 -61.39
C ARG E 298 -34.65 -17.29 -62.31
N LEU E 299 -35.40 -17.32 -63.41
CA LEU E 299 -35.36 -18.46 -64.33
C LEU E 299 -34.40 -18.17 -65.46
N LYS E 300 -33.53 -19.13 -65.76
CA LYS E 300 -32.49 -18.94 -66.79
C LYS E 300 -32.71 -19.76 -68.06
N TYR E 301 -33.30 -20.94 -67.90
CA TYR E 301 -33.45 -21.86 -69.01
C TYR E 301 -34.55 -22.87 -68.69
N ALA E 302 -35.32 -23.24 -69.71
CA ALA E 302 -36.32 -24.30 -69.56
C ALA E 302 -36.46 -25.07 -70.85
N SER E 303 -36.75 -26.37 -70.72
CA SER E 303 -36.91 -27.23 -71.88
C SER E 303 -37.91 -28.33 -71.53
N VAL E 304 -38.67 -28.78 -72.52
CA VAL E 304 -39.61 -29.87 -72.31
C VAL E 304 -39.34 -30.96 -73.33
N SER E 305 -39.19 -32.18 -72.85
CA SER E 305 -39.02 -33.33 -73.73
C SER E 305 -40.28 -34.18 -73.70
N GLY E 306 -40.53 -34.92 -74.77
CA GLY E 306 -41.69 -35.77 -74.84
C GLY E 306 -42.90 -35.13 -75.53
N LEU E 307 -42.73 -33.92 -76.04
CA LEU E 307 -43.81 -33.27 -76.79
C LEU E 307 -44.16 -34.03 -78.05
N THR E 308 -45.45 -34.26 -78.26
CA THR E 308 -45.96 -34.84 -79.49
C THR E 308 -47.21 -34.07 -79.90
N THR E 309 -47.76 -34.40 -81.06
CA THR E 309 -48.99 -33.76 -81.52
C THR E 309 -50.14 -34.07 -80.56
N ALA E 310 -49.91 -35.02 -79.65
CA ALA E 310 -50.94 -35.38 -78.66
C ALA E 310 -50.98 -34.37 -77.50
N VAL E 311 -50.01 -33.47 -77.45
CA VAL E 311 -49.97 -32.42 -76.44
C VAL E 311 -50.48 -31.12 -77.02
N THR E 312 -51.54 -30.58 -76.41
CA THR E 312 -52.23 -29.42 -76.98
C THR E 312 -51.91 -28.16 -76.22
N GLN E 313 -51.42 -28.31 -75.00
CA GLN E 313 -51.03 -27.17 -74.21
C GLN E 313 -49.84 -27.49 -73.33
N CYS E 314 -48.87 -26.59 -73.34
CA CYS E 314 -47.71 -26.75 -72.49
C CYS E 314 -47.10 -25.38 -72.27
N GLN E 315 -47.54 -24.74 -71.18
CA GLN E 315 -47.11 -23.39 -70.87
C GLN E 315 -46.48 -23.32 -69.50
N LEU E 316 -45.29 -22.74 -69.45
CA LEU E 316 -44.64 -22.41 -68.18
C LEU E 316 -45.15 -21.04 -67.75
N GLN E 317 -45.59 -20.93 -66.50
CA GLN E 317 -46.14 -19.69 -65.97
C GLN E 317 -45.48 -19.31 -64.66
N ALA E 318 -45.43 -18.02 -64.39
CA ALA E 318 -44.73 -17.53 -63.21
C ALA E 318 -45.43 -16.29 -62.72
N THR E 319 -45.18 -15.93 -61.46
CA THR E 319 -45.66 -14.68 -60.96
C THR E 319 -44.97 -14.31 -59.66
N ASN E 320 -45.05 -13.03 -59.32
CA ASN E 320 -44.79 -12.57 -57.98
C ASN E 320 -46.12 -12.60 -57.22
N LEU E 321 -46.33 -13.67 -56.43
CA LEU E 321 -47.60 -13.87 -55.71
C LEU E 321 -47.93 -12.75 -54.74
N ASN E 322 -46.92 -12.02 -54.30
CA ASN E 322 -47.13 -10.87 -53.41
C ASN E 322 -47.70 -9.67 -54.18
N ARG E 323 -47.58 -9.72 -55.51
CA ARG E 323 -48.13 -8.68 -56.36
C ARG E 323 -49.43 -9.14 -57.03
N SER E 324 -49.47 -10.40 -57.45
CA SER E 324 -50.60 -10.93 -58.22
C SER E 324 -50.74 -12.44 -58.08
N THR E 325 -51.97 -12.90 -57.89
CA THR E 325 -52.26 -14.34 -57.82
C THR E 325 -52.51 -14.92 -59.19
N THR E 326 -52.56 -14.06 -60.19
CA THR E 326 -52.73 -14.52 -61.57
C THR E 326 -51.35 -14.76 -62.21
N TYR E 327 -51.12 -15.99 -62.61
CA TYR E 327 -49.86 -16.37 -63.26
C TYR E 327 -49.82 -15.88 -64.69
N SER E 328 -48.66 -15.42 -65.15
CA SER E 328 -48.52 -15.11 -66.55
C SER E 328 -47.64 -16.13 -67.24
N THR E 329 -47.98 -16.43 -68.49
CA THR E 329 -47.19 -17.35 -69.28
C THR E 329 -45.85 -16.70 -69.59
N VAL E 330 -44.76 -17.42 -69.29
CA VAL E 330 -43.43 -16.90 -69.59
C VAL E 330 -42.77 -17.66 -70.74
N TRP E 331 -43.28 -18.85 -71.03
CA TRP E 331 -42.89 -19.56 -72.23
C TRP E 331 -43.95 -20.57 -72.63
N ASP E 332 -44.23 -20.64 -73.92
CA ASP E 332 -45.18 -21.59 -74.43
C ASP E 332 -44.39 -22.57 -75.31
N PHE E 333 -44.27 -23.81 -74.84
CA PHE E 333 -43.43 -24.79 -75.53
C PHE E 333 -44.03 -25.28 -76.85
N ILE E 334 -45.33 -25.13 -77.02
CA ILE E 334 -45.98 -25.49 -78.28
C ILE E 334 -45.75 -24.37 -79.29
N ALA E 335 -46.13 -23.14 -78.91
CA ALA E 335 -46.03 -21.99 -79.79
C ALA E 335 -44.59 -21.54 -80.05
N GLY E 336 -43.76 -21.66 -79.02
CA GLY E 336 -42.40 -21.13 -79.08
C GLY E 336 -41.30 -22.14 -79.33
N GLY E 337 -41.60 -23.42 -79.11
CA GLY E 337 -40.60 -24.47 -79.31
C GLY E 337 -40.19 -25.10 -77.99
N SER E 338 -39.54 -26.25 -78.09
CA SER E 338 -39.29 -27.10 -76.92
C SER E 338 -38.26 -26.56 -75.91
N SER E 339 -37.54 -25.50 -76.26
CA SER E 339 -36.61 -24.91 -75.30
C SER E 339 -36.54 -23.40 -75.40
N THR E 340 -36.20 -22.76 -74.28
CA THR E 340 -36.15 -21.31 -74.21
C THR E 340 -34.91 -20.77 -74.93
N PRO E 341 -35.03 -19.59 -75.57
CA PRO E 341 -33.91 -18.96 -76.28
C PRO E 341 -32.88 -18.34 -75.33
N PRO E 342 -31.68 -18.01 -75.85
CA PRO E 342 -30.59 -17.48 -75.03
C PRO E 342 -30.97 -16.23 -74.22
N SER E 343 -31.81 -15.36 -74.77
CA SER E 343 -32.13 -14.10 -74.09
C SER E 343 -33.22 -14.25 -73.03
N TRP E 344 -33.79 -15.45 -72.92
CA TRP E 344 -34.87 -15.68 -71.98
C TRP E 344 -34.34 -15.68 -70.54
N ASP E 345 -34.93 -14.82 -69.72
CA ASP E 345 -34.45 -14.60 -68.36
C ASP E 345 -35.64 -14.03 -67.61
N ILE E 346 -36.15 -14.77 -66.62
CA ILE E 346 -37.35 -14.34 -65.91
C ILE E 346 -36.98 -13.91 -64.51
N ARG E 347 -37.13 -12.61 -64.21
CA ARG E 347 -36.73 -12.10 -62.91
C ARG E 347 -37.94 -11.74 -62.07
N GLU E 348 -37.69 -11.56 -60.77
CA GLU E 348 -38.70 -11.02 -59.84
C GLU E 348 -39.99 -11.82 -59.81
N ILE E 349 -39.84 -13.14 -59.65
CA ILE E 349 -40.98 -14.01 -59.48
C ILE E 349 -40.70 -14.87 -58.25
N ASN E 350 -41.74 -15.44 -57.66
CA ASN E 350 -41.52 -16.35 -56.54
C ASN E 350 -42.35 -17.62 -56.62
N SER E 351 -43.05 -17.81 -57.74
CA SER E 351 -43.79 -19.04 -57.93
C SER E 351 -43.85 -19.41 -59.42
N ILE E 352 -43.68 -20.70 -59.72
CA ILE E 352 -43.62 -21.21 -61.09
C ILE E 352 -44.56 -22.41 -61.16
N GLN E 353 -45.37 -22.48 -62.23
CA GLN E 353 -46.18 -23.68 -62.46
C GLN E 353 -46.19 -24.03 -63.94
N LEU E 354 -46.46 -25.30 -64.24
CA LEU E 354 -46.61 -25.76 -65.63
C LEU E 354 -48.07 -26.08 -65.85
N VAL E 355 -48.65 -25.49 -66.89
CA VAL E 355 -50.02 -25.82 -67.26
C VAL E 355 -49.98 -26.56 -68.58
N ALA E 356 -50.51 -27.77 -68.58
CA ALA E 356 -50.43 -28.64 -69.75
C ALA E 356 -51.72 -29.39 -69.97
N ASN E 357 -51.93 -29.83 -71.20
CA ASN E 357 -53.09 -30.60 -71.55
C ASN E 357 -52.78 -31.46 -72.77
N GLY E 358 -53.46 -32.60 -72.90
CA GLY E 358 -53.22 -33.51 -73.99
C GLY E 358 -53.42 -34.96 -73.57
N GLY E 359 -53.06 -35.87 -74.45
CA GLY E 359 -53.26 -37.28 -74.19
C GLY E 359 -54.73 -37.62 -74.14
N SER E 360 -55.03 -38.87 -73.81
CA SER E 360 -56.41 -39.33 -73.71
C SER E 360 -56.58 -40.30 -72.54
N SER E 361 -57.82 -40.58 -72.19
CA SER E 361 -58.13 -41.50 -71.10
C SER E 361 -57.62 -42.91 -71.37
N THR E 362 -57.27 -43.19 -72.62
CA THR E 362 -56.81 -44.52 -73.02
C THR E 362 -55.34 -44.51 -73.42
N SER E 363 -54.80 -43.33 -73.70
CA SER E 363 -53.43 -43.20 -74.16
C SER E 363 -52.80 -41.94 -73.59
N SER E 364 -52.12 -42.09 -72.46
CA SER E 364 -51.53 -40.95 -71.76
C SER E 364 -50.17 -40.58 -72.36
N VAL E 365 -49.79 -39.32 -72.19
CA VAL E 365 -48.51 -38.81 -72.65
C VAL E 365 -47.76 -38.25 -71.46
N THR E 366 -46.49 -38.61 -71.33
CA THR E 366 -45.67 -38.08 -70.27
C THR E 366 -44.62 -37.12 -70.82
N ILE E 367 -44.64 -35.88 -70.33
CA ILE E 367 -43.65 -34.89 -70.72
C ILE E 367 -42.77 -34.58 -69.52
N THR E 368 -41.55 -34.14 -69.79
CA THR E 368 -40.62 -33.83 -68.73
C THR E 368 -40.07 -32.42 -68.88
N LEU E 369 -40.29 -31.60 -67.86
CA LEU E 369 -39.79 -30.25 -67.83
C LEU E 369 -38.44 -30.25 -67.14
N ILE E 370 -37.46 -29.58 -67.74
CA ILE E 370 -36.24 -29.27 -67.02
C ILE E 370 -36.16 -27.76 -66.89
N LEU E 371 -35.59 -27.32 -65.78
CA LEU E 371 -35.55 -25.90 -65.48
C LEU E 371 -34.25 -25.58 -64.74
N VAL E 372 -33.60 -24.48 -65.13
CA VAL E 372 -32.45 -23.96 -64.39
C VAL E 372 -32.86 -22.63 -63.78
N TYR E 373 -32.71 -22.50 -62.48
CA TYR E 373 -33.12 -21.28 -61.82
C TYR E 373 -32.21 -20.95 -60.65
N GLU E 374 -32.17 -19.67 -60.27
CA GLU E 374 -31.45 -19.25 -59.10
C GLU E 374 -32.49 -18.91 -58.04
N GLN E 375 -32.16 -19.23 -56.79
CA GLN E 375 -32.91 -18.75 -55.65
C GLN E 375 -32.11 -17.64 -55.02
N ILE E 376 -32.74 -16.48 -54.92
CA ILE E 376 -32.05 -15.26 -54.54
C ILE E 376 -32.64 -14.68 -53.27
N ALA E 377 -31.78 -14.26 -52.36
CA ALA E 377 -32.25 -13.70 -51.09
C ALA E 377 -33.10 -12.47 -51.31
N GLY E 378 -34.21 -12.40 -50.55
CA GLY E 378 -35.05 -11.21 -50.52
C GLY E 378 -36.50 -11.52 -50.87
N GLU E 379 -37.40 -11.38 -49.90
CA GLU E 379 -38.83 -11.56 -50.17
C GLU E 379 -39.26 -10.42 -51.08
N LEU E 380 -40.04 -10.72 -52.13
CA LEU E 380 -40.54 -9.66 -53.01
C LEU E 380 -41.67 -8.91 -52.33
N SER E 381 -41.76 -7.61 -52.57
CA SER E 381 -42.84 -6.83 -51.98
C SER E 381 -44.11 -6.79 -52.86
N HIS E 382 -45.20 -6.36 -52.23
CA HIS E 382 -46.47 -6.13 -52.89
C HIS E 382 -46.32 -5.02 -53.93
N HIS E 383 -47.23 -4.95 -54.90
CA HIS E 383 -47.31 -3.81 -55.83
C HIS E 383 -48.73 -3.62 -56.33
N LEU F 6 12.67 30.12 -12.11
CA LEU F 6 11.52 30.30 -11.23
C LEU F 6 10.39 31.08 -11.94
N GLY F 7 10.78 32.04 -12.77
CA GLY F 7 9.81 32.81 -13.54
C GLY F 7 9.25 32.05 -14.73
N GLN F 8 7.99 32.31 -15.08
CA GLN F 8 7.36 31.67 -16.22
C GLN F 8 6.76 32.70 -17.16
N SER F 9 6.53 32.31 -18.41
CA SER F 9 5.79 33.18 -19.30
C SER F 9 4.30 32.89 -19.19
N PHE F 10 3.47 33.90 -19.46
CA PHE F 10 2.03 33.68 -19.44
C PHE F 10 1.32 34.59 -20.43
N PRO F 11 0.29 34.05 -21.09
CA PRO F 11 -0.51 34.85 -22.03
C PRO F 11 -1.46 35.76 -21.24
N ALA F 12 -1.61 37.00 -21.68
CA ALA F 12 -2.38 37.97 -20.92
C ALA F 12 -3.23 38.88 -21.78
N ASN F 13 -3.80 38.34 -22.86
CA ASN F 13 -4.55 39.16 -23.79
C ASN F 13 -5.94 39.62 -23.36
N ALA F 14 -6.57 38.85 -22.49
CA ALA F 14 -8.00 39.09 -22.19
C ALA F 14 -8.19 40.18 -21.17
N LYS F 15 -9.30 40.88 -21.29
CA LYS F 15 -9.68 41.90 -20.34
C LYS F 15 -9.84 41.30 -18.93
N VAL F 16 -9.38 42.02 -17.92
CA VAL F 16 -9.53 41.55 -16.53
C VAL F 16 -10.97 41.75 -16.05
N LYS F 17 -11.49 40.79 -15.29
CA LYS F 17 -12.83 40.94 -14.71
C LYS F 17 -12.69 41.30 -13.23
N TYR F 18 -13.74 41.84 -12.63
CA TYR F 18 -13.69 42.16 -11.21
C TYR F 18 -14.22 40.99 -10.36
N TYR F 19 -14.72 39.97 -11.05
CA TYR F 19 -15.18 38.78 -10.37
C TYR F 19 -15.07 37.57 -11.29
N TYR F 20 -14.52 36.47 -10.78
CA TYR F 20 -14.40 35.23 -11.53
C TYR F 20 -14.96 34.12 -10.69
N LYS F 21 -15.83 33.32 -11.28
CA LYS F 21 -16.14 32.03 -10.67
C LYS F 21 -15.51 31.00 -11.57
N LEU F 22 -14.44 30.38 -11.09
CA LEU F 22 -13.58 29.61 -12.00
C LEU F 22 -14.13 28.24 -12.38
N SER F 23 -15.28 27.89 -11.82
CA SER F 23 -16.02 26.72 -12.29
C SER F 23 -16.91 27.02 -13.49
N GLU F 24 -16.95 28.28 -13.94
CA GLU F 24 -17.58 28.66 -15.21
C GLU F 24 -16.48 28.70 -16.27
N LYS F 25 -16.67 27.94 -17.32
CA LYS F 25 -15.71 27.89 -18.42
C LYS F 25 -15.24 29.25 -18.93
N GLN F 26 -16.17 30.17 -19.20
CA GLN F 26 -15.78 31.45 -19.78
C GLN F 26 -14.93 32.25 -18.81
N ASP F 27 -15.21 32.17 -17.50
CA ASP F 27 -14.39 32.89 -16.53
C ASP F 27 -13.00 32.27 -16.42
N LEU F 28 -12.95 30.94 -16.42
CA LEU F 28 -11.65 30.26 -16.35
C LEU F 28 -10.81 30.63 -17.55
N ASP F 29 -11.40 30.59 -18.73
CA ASP F 29 -10.68 30.91 -19.97
C ASP F 29 -10.08 32.30 -19.93
N ALA F 30 -10.84 33.26 -19.42
CA ALA F 30 -10.34 34.63 -19.34
C ALA F 30 -9.22 34.71 -18.30
N PHE F 31 -9.45 34.07 -17.15
CA PHE F 31 -8.53 34.08 -16.01
C PHE F 31 -7.13 33.62 -16.44
N VAL F 32 -7.05 32.53 -17.20
CA VAL F 32 -5.76 31.99 -17.64
C VAL F 32 -5.25 32.60 -18.96
N ASN F 33 -5.86 33.70 -19.37
CA ASN F 33 -5.37 34.50 -20.49
C ASN F 33 -5.33 35.95 -20.07
N SER F 34 -5.00 36.19 -18.79
CA SER F 34 -4.94 37.55 -18.30
C SER F 34 -4.10 37.69 -17.03
N ILE F 35 -4.41 36.92 -16.00
CA ILE F 35 -3.78 37.16 -14.71
C ILE F 35 -3.21 35.91 -14.01
N PHE F 36 -3.45 34.74 -14.57
CA PHE F 36 -2.96 33.51 -13.97
C PHE F 36 -1.67 33.06 -14.62
N VAL F 37 -0.67 32.77 -13.80
CA VAL F 37 0.63 32.33 -14.27
C VAL F 37 0.82 30.87 -13.85
N GLY F 38 1.12 30.01 -14.82
CA GLY F 38 1.39 28.61 -14.54
C GLY F 38 0.33 27.71 -15.15
N SER F 39 0.40 26.41 -14.90
N SER F 39 0.41 26.42 -14.82
CA SER F 39 -0.61 25.51 -15.43
CA SER F 39 -0.53 25.43 -15.31
C SER F 39 -1.60 25.15 -14.33
C SER F 39 -1.63 25.17 -14.28
N TYR F 40 -2.72 24.54 -14.72
CA TYR F 40 -3.70 24.05 -13.76
C TYR F 40 -4.20 22.70 -14.23
N LYS F 41 -4.77 21.94 -13.32
CA LYS F 41 -5.54 20.77 -13.66
C LYS F 41 -6.96 21.02 -13.26
N LEU F 42 -7.91 20.69 -14.14
CA LEU F 42 -9.32 20.88 -13.79
C LEU F 42 -9.76 19.65 -13.01
N LYS F 43 -10.26 19.83 -11.79
CA LYS F 43 -10.64 18.70 -10.96
C LYS F 43 -11.97 18.92 -10.27
N GLN F 44 -12.64 17.82 -9.95
CA GLN F 44 -13.88 17.89 -9.21
C GLN F 44 -13.55 18.08 -7.73
N ILE F 45 -14.07 19.13 -7.14
CA ILE F 45 -13.75 19.53 -5.76
C ILE F 45 -15.04 19.40 -4.96
N SER F 46 -14.96 18.84 -3.75
CA SER F 46 -16.12 18.70 -2.87
C SER F 46 -15.76 19.24 -1.49
N TYR F 47 -16.66 19.98 -0.89
CA TYR F 47 -16.48 20.33 0.52
C TYR F 47 -17.82 20.52 1.22
N LEU F 48 -17.80 20.52 2.54
CA LEU F 48 -19.04 20.49 3.33
C LEU F 48 -19.54 21.89 3.69
N LEU F 49 -20.84 22.11 3.54
CA LEU F 49 -21.50 23.33 3.99
C LEU F 49 -22.76 22.90 4.73
N TYR F 50 -22.78 23.07 6.05
CA TYR F 50 -23.92 22.70 6.87
C TYR F 50 -24.32 21.25 6.58
N GLY F 51 -23.33 20.39 6.47
CA GLY F 51 -23.56 18.96 6.30
C GLY F 51 -23.85 18.52 4.87
N ASN F 52 -23.99 19.48 3.97
CA ASN F 52 -24.22 19.20 2.55
C ASN F 52 -22.92 19.30 1.80
N THR F 53 -22.79 18.54 0.72
CA THR F 53 -21.56 18.52 -0.06
C THR F 53 -21.67 19.34 -1.33
N LYS F 54 -21.01 20.48 -1.34
CA LYS F 54 -20.94 21.33 -2.52
C LYS F 54 -19.93 20.70 -3.49
N ILE F 55 -20.34 20.51 -4.74
CA ILE F 55 -19.44 19.94 -5.76
C ILE F 55 -19.24 20.88 -6.95
N VAL F 56 -17.98 21.21 -7.24
CA VAL F 56 -17.63 22.05 -8.37
C VAL F 56 -16.43 21.48 -9.13
N SER F 57 -16.30 21.86 -10.39
CA SER F 57 -15.07 21.59 -11.12
C SER F 57 -14.27 22.87 -11.16
N ALA F 58 -13.04 22.82 -10.65
CA ALA F 58 -12.24 24.02 -10.50
C ALA F 58 -10.78 23.72 -10.85
N PRO F 59 -10.01 24.76 -11.20
CA PRO F 59 -8.59 24.62 -11.48
C PRO F 59 -7.79 24.38 -10.21
N VAL F 60 -6.88 23.41 -10.25
CA VAL F 60 -6.00 23.10 -9.13
C VAL F 60 -4.56 23.29 -9.55
N VAL F 61 -3.78 23.94 -8.68
CA VAL F 61 -2.34 24.08 -8.96
C VAL F 61 -1.67 22.71 -8.89
N PRO F 62 -0.96 22.31 -9.96
CA PRO F 62 -0.39 20.96 -9.96
C PRO F 62 0.94 20.90 -9.25
N LEU F 63 1.41 19.69 -8.98
CA LEU F 63 2.77 19.51 -8.48
C LEU F 63 3.76 20.29 -9.32
N GLY F 64 4.68 20.97 -8.64
CA GLY F 64 5.70 21.75 -9.32
C GLY F 64 5.80 23.11 -8.67
N PRO F 65 6.27 24.10 -9.43
CA PRO F 65 6.41 25.46 -8.92
C PRO F 65 5.06 26.08 -8.54
N ASN F 66 5.06 27.01 -7.59
CA ASN F 66 3.83 27.71 -7.26
C ASN F 66 3.28 28.41 -8.49
N ALA F 67 1.97 28.52 -8.57
CA ALA F 67 1.35 29.35 -9.58
C ALA F 67 1.34 30.78 -9.03
N SER F 68 1.01 31.76 -9.88
CA SER F 68 0.82 33.12 -9.39
C SER F 68 -0.40 33.76 -10.00
N ILE F 69 -0.91 34.78 -9.32
CA ILE F 69 -1.88 35.68 -9.92
C ILE F 69 -1.18 37.03 -9.96
N ILE F 70 -1.18 37.64 -11.13
CA ILE F 70 -0.49 38.91 -11.31
C ILE F 70 -1.38 39.85 -12.11
N ILE F 71 -1.65 41.02 -11.57
CA ILE F 71 -2.55 41.96 -12.26
C ILE F 71 -1.91 43.32 -12.41
N ASP F 72 -1.50 43.67 -13.61
CA ASP F 72 -0.97 45.04 -13.81
C ASP F 72 -1.94 45.86 -14.68
N ASP F 73 -3.10 45.30 -14.95
CA ASP F 73 -4.06 45.97 -15.84
C ASP F 73 -4.59 47.27 -15.23
N GLU F 74 -5.08 48.17 -16.08
CA GLU F 74 -5.57 49.46 -15.60
C GLU F 74 -6.96 49.35 -14.94
N LEU F 75 -7.06 48.61 -13.85
CA LEU F 75 -8.29 48.61 -13.03
C LEU F 75 -8.67 50.02 -12.66
N GLN F 76 -9.96 50.25 -12.38
CA GLN F 76 -10.36 51.53 -11.85
C GLN F 76 -9.55 51.78 -10.60
N GLU F 77 -9.08 53.01 -10.41
CA GLU F 77 -8.21 53.30 -9.26
C GLU F 77 -9.01 53.19 -7.99
N GLY F 78 -8.34 52.82 -6.91
CA GLY F 78 -8.99 52.78 -5.60
C GLY F 78 -8.35 51.73 -4.75
N LEU F 79 -8.93 51.51 -3.58
CA LEU F 79 -8.43 50.50 -2.66
C LEU F 79 -9.34 49.28 -2.77
N TYR F 80 -8.75 48.13 -3.10
CA TYR F 80 -9.50 46.91 -3.27
C TYR F 80 -9.32 45.95 -2.15
N LEU F 81 -10.42 45.33 -1.75
CA LEU F 81 -10.38 44.11 -0.95
C LEU F 81 -10.46 42.96 -1.94
N ILE F 82 -9.48 42.06 -1.87
CA ILE F 82 -9.49 40.90 -2.74
C ILE F 82 -9.88 39.68 -1.90
N ARG F 83 -10.78 38.86 -2.42
CA ARG F 83 -11.13 37.60 -1.77
C ARG F 83 -10.89 36.48 -2.76
N ILE F 84 -10.09 35.50 -2.37
CA ILE F 84 -9.90 34.32 -3.19
C ILE F 84 -10.45 33.12 -2.43
N LYS F 85 -11.47 32.48 -2.97
CA LYS F 85 -11.99 31.25 -2.37
C LYS F 85 -11.15 30.10 -2.90
N VAL F 86 -10.48 29.39 -2.01
CA VAL F 86 -9.68 28.26 -2.40
C VAL F 86 -10.08 27.01 -1.61
N TYR F 87 -9.60 25.85 -2.07
CA TYR F 87 -9.80 24.60 -1.34
C TYR F 87 -8.49 23.85 -1.39
N ASN F 88 -7.99 23.47 -0.22
CA ASN F 88 -6.70 22.78 -0.15
C ASN F 88 -6.95 21.29 -0.32
N THR F 89 -6.59 20.75 -1.48
CA THR F 89 -6.81 19.33 -1.77
C THR F 89 -5.75 18.45 -1.12
N ASN F 90 -4.67 19.04 -0.61
CA ASN F 90 -3.62 18.28 0.06
C ASN F 90 -4.02 17.75 1.42
N SER F 91 -3.38 16.67 1.84
CA SER F 91 -3.64 16.12 3.17
C SER F 91 -2.71 16.77 4.21
N PHE F 92 -2.10 17.89 3.83
CA PHE F 92 -1.23 18.66 4.73
C PHE F 92 -1.55 20.15 4.57
N SER F 93 -1.18 20.94 5.56
CA SER F 93 -1.36 22.39 5.50
C SER F 93 -0.46 23.03 4.46
N VAL F 94 -0.93 24.13 3.89
CA VAL F 94 -0.09 24.91 2.99
C VAL F 94 -0.18 26.34 3.43
N THR F 95 0.79 27.15 3.01
CA THR F 95 0.77 28.54 3.39
C THR F 95 0.69 29.44 2.17
N VAL F 96 0.11 30.62 2.37
CA VAL F 96 0.05 31.61 1.34
C VAL F 96 0.54 32.92 1.94
N THR F 97 1.18 33.76 1.14
CA THR F 97 1.70 35.06 1.61
C THR F 97 0.91 36.16 0.90
N PRO F 98 -0.05 36.78 1.59
CA PRO F 98 -0.82 37.81 0.91
C PRO F 98 0.03 39.04 0.54
N PHE F 99 -0.39 39.73 -0.51
CA PHE F 99 0.29 40.90 -1.04
C PHE F 99 0.25 42.07 -0.05
N PHE F 100 -0.95 42.47 0.38
CA PHE F 100 -1.13 43.57 1.34
C PHE F 100 -0.36 44.83 0.90
N ASN F 101 -0.15 44.96 -0.40
CA ASN F 101 0.64 46.05 -0.98
C ASN F 101 2.15 45.98 -0.73
N ASN F 102 2.53 45.66 0.51
N ASN F 102 2.57 45.65 0.48
CA ASN F 102 3.93 45.68 0.92
CA ASN F 102 4.01 45.51 0.69
C ASN F 102 4.39 44.49 1.77
C ASN F 102 4.40 44.49 1.75
N ASN F 103 3.60 43.44 1.87
CA ASN F 103 3.98 42.30 2.69
C ASN F 103 4.74 41.27 1.87
N ASN F 104 5.74 40.66 2.47
CA ASN F 104 6.26 39.41 1.91
C ASN F 104 6.69 38.40 2.96
N THR F 105 6.21 38.57 4.20
CA THR F 105 6.56 37.62 5.27
C THR F 105 5.34 37.03 6.00
N MET F 106 4.31 37.83 6.19
CA MET F 106 3.14 37.35 6.91
C MET F 106 2.34 36.37 6.07
N THR F 107 1.78 35.34 6.73
CA THR F 107 1.16 34.24 5.99
C THR F 107 -0.25 33.86 6.48
N TYR F 108 -0.97 33.16 5.61
CA TYR F 108 -2.16 32.42 6.01
C TYR F 108 -1.78 30.96 6.05
N SER F 109 -2.33 30.24 7.00
CA SER F 109 -2.09 28.80 7.09
C SER F 109 -3.39 28.09 6.73
N ILE F 110 -3.38 27.31 5.65
CA ILE F 110 -4.60 26.70 5.15
C ILE F 110 -4.61 25.19 5.46
N GLY F 111 -5.60 24.76 6.26
CA GLY F 111 -5.63 23.38 6.75
C GLY F 111 -5.83 22.36 5.64
N ALA F 112 -5.38 21.13 5.90
CA ALA F 112 -5.59 20.03 4.97
C ALA F 112 -7.08 19.83 4.64
N ASN F 113 -7.37 19.49 3.38
CA ASN F 113 -8.73 19.16 2.97
C ASN F 113 -9.79 20.16 3.42
N SER F 114 -9.53 21.45 3.22
CA SER F 114 -10.52 22.42 3.63
C SER F 114 -10.59 23.64 2.74
N GLU F 115 -11.79 24.23 2.74
CA GLU F 115 -12.09 25.46 2.03
C GLU F 115 -11.50 26.60 2.82
N PHE F 116 -11.12 27.68 2.16
CA PHE F 116 -10.47 28.77 2.86
C PHE F 116 -10.66 30.03 2.07
N GLU F 117 -10.82 31.16 2.77
CA GLU F 117 -10.93 32.47 2.15
C GLU F 117 -9.65 33.27 2.32
N ILE F 118 -8.94 33.50 1.23
CA ILE F 118 -7.74 34.33 1.25
C ILE F 118 -8.18 35.78 1.10
N TYR F 119 -7.89 36.62 2.09
CA TYR F 119 -8.22 38.03 1.99
C TYR F 119 -6.96 38.77 1.61
N ASP F 120 -7.09 39.74 0.72
CA ASP F 120 -5.91 40.53 0.36
C ASP F 120 -6.29 41.97 0.16
N ILE F 121 -5.31 42.85 0.11
CA ILE F 121 -5.57 44.28 -0.03
C ILE F 121 -4.67 44.81 -1.11
N PHE F 122 -5.21 45.63 -2.00
CA PHE F 122 -4.48 46.08 -3.17
C PHE F 122 -4.87 47.50 -3.47
N THR F 123 -3.91 48.41 -3.41
CA THR F 123 -4.16 49.80 -3.80
C THR F 123 -3.85 50.02 -5.27
N LYS F 124 -4.86 50.27 -6.08
CA LYS F 124 -4.61 50.54 -7.49
C LYS F 124 -4.36 52.03 -7.67
N GLU F 125 -3.09 52.41 -7.59
CA GLU F 125 -2.63 53.77 -7.85
C GLU F 125 -1.22 53.64 -8.37
N GLN F 126 -0.77 54.62 -9.14
CA GLN F 126 0.63 54.67 -9.60
C GLN F 126 1.15 53.35 -10.20
N GLY F 127 0.34 52.69 -11.00
CA GLY F 127 0.77 51.47 -11.67
C GLY F 127 1.13 50.29 -10.77
N ASN F 128 0.64 50.29 -9.53
CA ASN F 128 0.85 49.17 -8.62
C ASN F 128 0.41 47.86 -9.27
N ILE F 129 1.11 46.76 -8.99
CA ILE F 129 0.82 45.48 -9.61
C ILE F 129 0.49 44.44 -8.56
N TYR F 130 -0.71 43.88 -8.60
CA TYR F 130 -1.08 42.86 -7.62
C TYR F 130 -0.32 41.55 -7.88
N TYR F 131 0.12 40.87 -6.82
CA TYR F 131 0.89 39.64 -6.96
C TYR F 131 0.69 38.72 -5.77
N ILE F 132 0.35 37.46 -6.05
CA ILE F 132 0.30 36.46 -5.00
C ILE F 132 0.65 35.09 -5.60
N GLN F 133 1.44 34.31 -4.87
CA GLN F 133 1.75 32.94 -5.29
C GLN F 133 0.81 31.94 -4.62
N LEU F 134 0.53 30.84 -5.32
CA LEU F 134 -0.40 29.82 -4.82
C LEU F 134 0.27 28.46 -4.94
N PRO F 135 0.36 27.72 -3.83
CA PRO F 135 1.11 26.46 -3.81
C PRO F 135 0.33 25.29 -4.43
N PRO F 136 1.07 24.24 -4.84
CA PRO F 136 0.48 23.05 -5.44
C PRO F 136 -0.62 22.45 -4.57
N GLY F 137 -1.69 21.99 -5.21
CA GLY F 137 -2.76 21.34 -4.48
C GLY F 137 -3.90 22.25 -4.08
N LEU F 138 -3.72 23.57 -4.24
CA LEU F 138 -4.80 24.51 -3.96
C LEU F 138 -5.70 24.59 -5.18
N ALA F 139 -7.00 24.37 -4.98
CA ALA F 139 -8.00 24.63 -5.98
C ALA F 139 -8.44 26.08 -5.86
N ILE F 140 -8.58 26.78 -6.98
N ILE F 140 -8.58 26.77 -6.98
CA ILE F 140 -9.02 28.17 -7.00
CA ILE F 140 -9.01 28.17 -6.96
C ILE F 140 -10.46 28.20 -7.46
C ILE F 140 -10.45 28.24 -7.46
N LEU F 141 -11.38 28.60 -6.57
CA LEU F 141 -12.81 28.54 -6.89
C LEU F 141 -13.38 29.85 -7.36
N GLU F 142 -12.96 30.94 -6.73
CA GLU F 142 -13.49 32.27 -7.07
C GLU F 142 -12.42 33.28 -6.80
N PHE F 143 -12.48 34.39 -7.52
CA PHE F 143 -11.55 35.50 -7.34
C PHE F 143 -12.31 36.78 -7.46
N SER F 144 -12.27 37.58 -6.39
CA SER F 144 -13.12 38.79 -6.28
C SER F 144 -12.28 40.02 -6.02
N LEU F 145 -12.49 41.06 -6.83
CA LEU F 145 -11.94 42.40 -6.58
C LEU F 145 -13.04 43.40 -6.27
N GLU F 146 -13.06 43.97 -5.08
CA GLU F 146 -14.13 44.94 -4.78
C GLU F 146 -13.55 46.15 -4.07
N ARG F 147 -14.03 47.34 -4.41
CA ARG F 147 -13.53 48.53 -3.74
C ARG F 147 -14.22 48.63 -2.37
N VAL F 148 -13.45 48.86 -1.31
CA VAL F 148 -14.01 49.01 0.03
C VAL F 148 -14.28 50.51 0.31
N PHE F 149 -15.11 50.82 1.27
CA PHE F 149 -15.38 52.21 1.55
C PHE F 149 -16.27 52.75 0.43
N GLU F 150 -16.82 51.83 -0.35
CA GLU F 150 -17.96 52.14 -1.21
C GLU F 150 -19.17 51.59 -0.49
N LYS F 151 -20.25 52.36 -0.46
CA LYS F 151 -21.51 51.82 -0.01
C LYS F 151 -21.40 51.42 1.45
N GLY F 152 -20.51 52.10 2.16
CA GLY F 152 -20.34 51.88 3.59
C GLY F 152 -19.66 50.61 3.98
N ASN F 153 -18.96 49.96 3.04
CA ASN F 153 -18.22 48.76 3.42
C ASN F 153 -16.92 49.08 4.14
N ARG F 154 -16.37 48.06 4.79
CA ARG F 154 -15.15 48.24 5.55
C ARG F 154 -14.23 47.09 5.21
N ILE F 155 -12.97 47.23 5.59
CA ILE F 155 -12.09 46.08 5.59
C ILE F 155 -12.40 45.30 6.86
N ASN F 156 -12.67 44.01 6.71
CA ASN F 156 -12.94 43.15 7.87
C ASN F 156 -12.35 41.76 7.66
N ILE F 157 -11.07 41.61 7.95
CA ILE F 157 -10.37 40.33 7.79
C ILE F 157 -10.32 39.66 9.16
N PRO F 158 -10.72 38.38 9.21
CA PRO F 158 -10.79 37.68 10.50
C PRO F 158 -9.39 37.41 11.07
N LYS F 159 -9.33 36.86 12.28
CA LYS F 159 -8.05 36.65 12.94
C LYS F 159 -7.32 35.45 12.33
N ILE F 160 -6.64 35.66 11.22
CA ILE F 160 -5.99 34.57 10.47
C ILE F 160 -4.64 34.96 9.90
N ILE F 161 -4.22 36.22 10.11
CA ILE F 161 -2.93 36.67 9.59
C ILE F 161 -1.83 36.29 10.58
N HIS F 162 -0.82 35.55 10.12
CA HIS F 162 0.27 35.10 10.98
C HIS F 162 1.50 35.94 10.80
N THR F 163 2.08 36.39 11.92
CA THR F 163 3.38 37.05 11.88
C THR F 163 4.28 36.46 12.95
N SER F 164 5.59 36.50 12.69
CA SER F 164 6.53 36.12 13.72
C SER F 164 7.49 37.26 14.04
N GLY F 165 7.11 38.49 13.67
CA GLY F 165 7.91 39.63 14.11
C GLY F 165 8.18 40.67 13.04
N ASN F 166 7.77 40.38 11.81
CA ASN F 166 7.87 41.38 10.75
C ASN F 166 6.71 41.24 9.78
N GLY F 167 6.58 42.21 8.89
CA GLY F 167 5.42 42.24 8.01
C GLY F 167 4.91 43.65 7.85
N TYR F 168 4.24 43.89 6.73
CA TYR F 168 3.69 45.21 6.45
C TYR F 168 2.34 45.05 5.80
N ILE F 169 1.45 46.00 6.09
CA ILE F 169 0.20 46.15 5.35
C ILE F 169 0.09 47.64 5.05
N SER F 170 -0.16 47.99 3.79
CA SER F 170 -0.36 49.39 3.44
C SER F 170 -1.72 49.54 2.76
N PHE F 171 -2.32 50.71 2.86
CA PHE F 171 -3.58 50.97 2.18
C PHE F 171 -3.80 52.46 2.08
N ARG F 172 -4.58 52.88 1.10
CA ARG F 172 -4.87 54.30 0.91
C ARG F 172 -6.23 54.58 1.52
N LEU F 173 -6.33 55.64 2.33
CA LEU F 173 -7.62 56.08 2.86
C LEU F 173 -7.93 57.48 2.37
N ARG F 174 -9.14 57.70 1.85
CA ARG F 174 -9.51 59.04 1.46
C ARG F 174 -9.91 59.80 2.71
N LYS F 175 -10.17 61.09 2.58
CA LYS F 175 -10.50 61.92 3.74
C LYS F 175 -11.59 61.29 4.61
N GLY F 176 -11.42 61.40 5.94
CA GLY F 176 -12.38 60.86 6.89
C GLY F 176 -11.65 60.51 8.16
N THR F 177 -12.39 60.12 9.19
CA THR F 177 -11.75 59.54 10.38
C THR F 177 -12.02 58.03 10.39
N TYR F 178 -11.01 57.24 10.75
CA TYR F 178 -11.13 55.79 10.68
C TYR F 178 -10.74 55.12 11.97
N ALA F 179 -11.42 54.02 12.27
CA ALA F 179 -10.96 53.10 13.31
C ALA F 179 -10.16 51.99 12.65
N ILE F 180 -9.06 51.60 13.26
CA ILE F 180 -8.33 50.44 12.82
C ILE F 180 -8.31 49.51 14.01
N LYS F 181 -8.93 48.35 13.85
CA LYS F 181 -9.07 47.40 14.96
C LYS F 181 -8.35 46.12 14.59
N MET F 182 -7.50 45.63 15.49
N MET F 182 -7.53 45.62 15.51
CA MET F 182 -6.76 44.39 15.25
CA MET F 182 -6.79 44.39 15.24
C MET F 182 -6.87 43.43 16.42
C MET F 182 -6.89 43.43 16.42
N PRO F 183 -7.85 42.52 16.35
CA PRO F 183 -7.94 41.44 17.35
C PRO F 183 -6.72 40.57 17.16
N TYR F 184 -6.10 40.12 18.24
CA TYR F 184 -4.90 39.30 18.12
C TYR F 184 -4.89 38.18 19.15
N SER F 185 -4.12 37.13 18.84
CA SER F 185 -3.70 36.18 19.85
C SER F 185 -2.21 35.98 19.69
N TYR F 186 -1.52 35.66 20.77
CA TYR F 186 -0.09 35.42 20.70
C TYR F 186 0.23 34.18 21.49
N ASN F 187 1.40 33.61 21.19
CA ASN F 187 1.98 32.61 22.05
C ASN F 187 3.44 32.96 22.30
N ASN F 188 3.77 33.24 23.56
CA ASN F 188 5.14 33.52 23.93
C ASN F 188 5.78 32.16 24.21
N THR F 189 6.41 31.55 23.21
CA THR F 189 7.08 30.26 23.40
C THR F 189 8.41 30.42 24.13
N THR F 190 8.82 31.66 24.37
CA THR F 190 10.06 31.93 25.11
C THR F 190 9.82 31.90 26.61
N SER F 191 10.91 31.78 27.37
CA SER F 191 10.87 31.84 28.82
C SER F 191 11.00 33.28 29.31
N THR F 192 10.68 34.23 28.45
CA THR F 192 10.80 35.65 28.81
C THR F 192 9.45 36.34 28.91
N THR F 193 9.27 37.12 29.97
CA THR F 193 8.11 38.01 30.09
C THR F 193 8.47 39.43 29.58
N PHE F 194 7.64 40.00 28.69
CA PHE F 194 7.92 41.33 28.10
C PHE F 194 6.99 42.45 28.66
N THR F 195 7.51 43.68 28.93
CA THR F 195 6.70 44.82 29.39
C THR F 195 6.70 45.94 28.36
N ASN F 196 5.57 46.63 28.20
CA ASN F 196 5.40 47.61 27.14
C ASN F 196 5.99 47.07 25.84
N PHE F 197 5.51 45.88 25.49
CA PHE F 197 5.85 45.19 24.25
C PHE F 197 5.26 45.89 23.06
N GLN F 198 6.11 46.44 22.20
CA GLN F 198 5.59 47.09 21.00
C GLN F 198 5.44 46.06 19.90
N PHE F 199 4.19 45.76 19.55
CA PHE F 199 3.88 44.80 18.50
C PHE F 199 4.19 45.39 17.13
N GLY F 200 3.84 46.66 16.95
CA GLY F 200 3.97 47.30 15.66
C GLY F 200 3.61 48.77 15.70
N THR F 201 3.48 49.38 14.54
CA THR F 201 3.13 50.79 14.45
C THR F 201 2.16 51.01 13.29
N ILE F 202 1.34 52.03 13.42
CA ILE F 202 0.54 52.49 12.29
C ILE F 202 1.01 53.91 12.02
N SER F 203 1.30 54.19 10.75
CA SER F 203 1.80 55.52 10.40
C SER F 203 1.29 56.03 9.06
N THR F 204 1.27 57.35 8.94
CA THR F 204 1.20 58.04 7.66
C THR F 204 2.55 58.72 7.57
N SER F 205 2.78 59.53 6.55
CA SER F 205 4.10 60.16 6.43
C SER F 205 4.57 60.84 7.71
N ALA F 207 3.23 61.05 11.13
CA ALA F 207 2.38 60.58 12.23
C ALA F 207 2.49 59.08 12.46
N THR F 208 2.81 58.71 13.71
CA THR F 208 3.03 57.31 14.07
C THR F 208 2.30 56.92 15.37
N ILE F 209 1.59 55.78 15.33
CA ILE F 209 0.91 55.26 16.51
C ILE F 209 1.47 53.87 16.88
N PRO F 210 2.13 53.78 18.03
CA PRO F 210 2.63 52.48 18.49
C PRO F 210 1.50 51.56 18.95
N LEU F 211 1.60 50.27 18.65
CA LEU F 211 0.64 49.29 19.14
C LEU F 211 1.33 48.51 20.26
N VAL F 212 0.94 48.79 21.49
CA VAL F 212 1.69 48.34 22.65
C VAL F 212 0.85 47.47 23.57
N ILE F 213 1.47 46.41 24.08
CA ILE F 213 0.82 45.53 25.05
C ILE F 213 1.52 45.68 26.41
N SER F 214 0.74 45.99 27.44
CA SER F 214 1.30 46.29 28.75
C SER F 214 2.30 45.24 29.21
N SER F 215 1.88 44.00 29.15
CA SER F 215 2.77 42.91 29.55
C SER F 215 2.43 41.60 28.85
N ILE F 216 3.47 40.88 28.49
CA ILE F 216 3.33 39.55 27.91
C ILE F 216 4.11 38.58 28.78
N PRO F 217 3.39 37.77 29.57
CA PRO F 217 3.99 36.92 30.59
C PRO F 217 4.87 35.88 29.94
N ALA F 218 5.96 35.50 30.61
CA ALA F 218 6.83 34.46 30.10
C ALA F 218 6.02 33.20 29.78
N ASN F 219 6.39 32.54 28.69
CA ASN F 219 5.75 31.29 28.33
C ASN F 219 4.23 31.39 28.26
N GLY F 220 3.72 32.62 28.26
CA GLY F 220 2.29 32.83 28.24
C GLY F 220 1.69 32.83 26.84
N SER F 221 0.39 32.61 26.77
CA SER F 221 -0.36 32.90 25.56
C SER F 221 -1.51 33.80 25.96
N GLY F 222 -2.01 34.58 25.01
CA GLY F 222 -3.01 35.55 25.36
C GLY F 222 -3.66 36.11 24.13
N SER F 223 -4.64 36.97 24.35
CA SER F 223 -5.34 37.58 23.24
C SER F 223 -5.82 38.95 23.68
N GLY F 224 -6.10 39.80 22.72
CA GLY F 224 -6.58 41.14 22.98
C GLY F 224 -6.94 41.81 21.69
N THR F 225 -7.11 43.13 21.75
CA THR F 225 -7.47 43.88 20.55
C THR F 225 -6.80 45.23 20.58
N PHE F 226 -6.12 45.57 19.49
CA PHE F 226 -5.65 46.93 19.29
C PHE F 226 -6.77 47.70 18.65
N LEU F 227 -7.01 48.92 19.13
CA LEU F 227 -8.00 49.80 18.51
C LEU F 227 -7.44 51.21 18.54
N VAL F 228 -7.10 51.74 17.38
CA VAL F 228 -6.62 53.11 17.28
C VAL F 228 -7.39 53.82 16.18
N TYR F 229 -7.23 55.14 16.09
CA TYR F 229 -8.01 55.92 15.15
C TYR F 229 -7.10 56.86 14.41
N LEU F 230 -7.40 57.09 13.13
CA LEU F 230 -6.67 58.04 12.30
C LEU F 230 -7.61 59.09 11.76
N LYS F 231 -7.25 60.35 11.92
CA LYS F 231 -7.95 61.41 11.21
C LYS F 231 -7.20 61.72 9.92
N ILE F 232 -7.76 61.27 8.80
CA ILE F 232 -7.17 61.55 7.49
C ILE F 232 -7.77 62.85 6.98
N THR F 233 -7.02 63.93 7.10
CA THR F 233 -7.42 65.20 6.51
C THR F 233 -7.65 65.01 5.00
N GLY F 234 -6.75 64.27 4.37
CA GLY F 234 -6.85 63.99 2.95
C GLY F 234 -5.59 64.30 2.17
N ASP F 235 -4.71 65.11 2.76
CA ASP F 235 -3.45 65.41 2.11
C ASP F 235 -2.37 64.34 2.27
N TYR F 236 -2.59 63.39 3.18
CA TYR F 236 -1.71 62.23 3.38
C TYR F 236 -2.61 61.04 3.53
N GLU F 237 -2.72 60.25 2.48
CA GLU F 237 -3.70 59.17 2.43
C GLU F 237 -3.12 57.77 2.59
N ASP F 238 -1.81 57.64 2.38
CA ASP F 238 -1.24 56.30 2.42
C ASP F 238 -0.89 55.90 3.85
N VAL F 239 -1.49 54.82 4.32
CA VAL F 239 -1.30 54.38 5.69
C VAL F 239 -0.47 53.12 5.66
N LYS F 240 0.42 52.99 6.66
CA LYS F 240 1.33 51.84 6.69
C LYS F 240 1.34 51.19 8.06
N PHE F 241 0.99 49.91 8.08
CA PHE F 241 1.09 49.13 9.29
C PHE F 241 2.37 48.30 9.22
N SER F 242 3.17 48.34 10.29
CA SER F 242 4.41 47.56 10.33
C SER F 242 4.43 46.74 11.59
N VAL F 243 4.75 45.45 11.47
CA VAL F 243 5.07 44.63 12.64
C VAL F 243 6.55 44.85 12.95
N THR F 244 6.86 45.24 14.19
CA THR F 244 8.21 45.71 14.51
C THR F 244 8.95 44.92 15.57
N TYR F 245 8.29 43.95 16.21
CA TYR F 245 8.93 43.31 17.35
C TYR F 245 10.12 42.39 17.04
N GLY F 246 10.26 41.99 15.78
CA GLY F 246 11.50 41.34 15.36
C GLY F 246 11.32 39.87 15.06
N GLY F 247 11.73 39.48 13.86
CA GLY F 247 11.53 38.12 13.36
C GLY F 247 11.94 36.93 14.21
N GLY F 248 13.02 37.05 14.98
CA GLY F 248 13.49 35.89 15.71
C GLY F 248 13.10 35.85 17.17
N LEU F 249 12.16 36.71 17.55
CA LEU F 249 11.86 36.89 18.98
C LEU F 249 11.28 35.64 19.66
N GLY F 250 10.46 34.89 18.93
CA GLY F 250 9.85 33.69 19.47
C GLY F 250 8.45 33.91 20.04
N VAL F 251 7.78 34.95 19.55
CA VAL F 251 6.44 35.29 19.98
C VAL F 251 5.53 35.43 18.76
N PRO F 252 5.09 34.29 18.20
CA PRO F 252 4.19 34.34 17.04
C PRO F 252 2.81 34.91 17.39
N PHE F 253 2.30 35.78 16.53
CA PHE F 253 0.98 36.39 16.68
C PHE F 253 0.10 35.94 15.53
N THR F 254 -1.19 35.85 15.80
CA THR F 254 -2.20 35.73 14.74
C THR F 254 -3.16 36.90 14.97
N PHE F 255 -3.49 37.64 13.92
CA PHE F 255 -4.32 38.83 14.09
C PHE F 255 -5.27 39.04 12.93
N GLY F 256 -6.29 39.85 13.19
CA GLY F 256 -7.24 40.23 12.17
C GLY F 256 -7.07 41.70 11.90
N LEU F 257 -7.82 42.22 10.94
CA LEU F 257 -7.70 43.62 10.56
C LEU F 257 -9.03 44.16 10.15
N GLU F 258 -9.48 45.17 10.87
CA GLU F 258 -10.72 45.82 10.55
C GLU F 258 -10.39 47.31 10.40
N VAL F 259 -10.78 47.89 9.27
CA VAL F 259 -10.58 49.31 9.01
C VAL F 259 -11.91 49.87 8.56
N GLU F 260 -12.42 50.84 9.29
CA GLU F 260 -13.77 51.33 9.03
C GLU F 260 -13.91 52.82 9.34
N GLU F 261 -14.74 53.50 8.56
N GLU F 261 -14.74 53.50 8.55
CA GLU F 261 -14.95 54.92 8.77
CA GLU F 261 -15.00 54.90 8.78
C GLU F 261 -15.86 55.12 9.99
C GLU F 261 -15.82 55.08 10.06
N ILE F 262 -15.55 56.15 10.78
CA ILE F 262 -16.36 56.49 11.94
C ILE F 262 -16.81 57.93 11.89
N ASN F 263 -17.86 58.24 12.64
CA ASN F 263 -18.24 59.63 12.89
C ASN F 263 -17.48 60.15 14.08
N GLU F 264 -17.56 61.45 14.34
CA GLU F 264 -16.74 62.01 15.40
C GLU F 264 -17.00 61.29 16.71
N LEU F 265 -15.91 60.99 17.42
CA LEU F 265 -15.97 60.26 18.67
C LEU F 265 -15.27 61.08 19.77
N VAL F 266 -16.08 61.66 20.65
CA VAL F 266 -15.55 62.35 21.82
C VAL F 266 -15.30 61.29 22.88
N GLU F 267 -14.02 60.99 23.14
CA GLU F 267 -13.68 59.89 24.01
C GLU F 267 -13.88 60.29 25.45
N ASN F 268 -13.62 61.56 25.73
CA ASN F 268 -13.98 62.13 27.04
C ASN F 268 -13.80 63.64 27.05
N THR F 269 -14.39 64.27 28.05
CA THR F 269 -14.30 65.71 28.18
C THR F 269 -13.91 65.92 29.64
N ASN F 270 -12.98 66.82 29.89
CA ASN F 270 -12.38 66.90 31.22
C ASN F 270 -12.12 68.31 31.66
N PHE F 271 -12.36 68.53 32.94
CA PHE F 271 -11.98 69.75 33.60
C PHE F 271 -10.73 69.36 34.37
N VAL F 272 -9.63 70.05 34.11
CA VAL F 272 -8.36 69.69 34.72
C VAL F 272 -7.67 70.91 35.30
N THR F 273 -6.88 70.66 36.33
CA THR F 273 -6.24 71.75 37.04
C THR F 273 -4.75 71.45 37.17
N GLN F 274 -3.94 72.49 37.10
CA GLN F 274 -2.50 72.32 37.18
C GLN F 274 -1.88 73.53 37.85
N SER F 275 -1.12 73.29 38.91
CA SER F 275 -0.42 74.39 39.57
C SER F 275 1.01 74.51 39.08
N VAL F 276 1.51 75.74 39.08
CA VAL F 276 2.89 76.00 38.70
C VAL F 276 3.48 76.99 39.69
N THR F 277 4.64 76.64 40.24
CA THR F 277 5.29 77.55 41.20
C THR F 277 6.43 78.30 40.52
N LEU F 278 6.38 79.62 40.59
CA LEU F 278 7.35 80.46 39.91
C LEU F 278 8.29 81.12 40.92
N SER F 279 9.59 81.04 40.66
CA SER F 279 10.57 81.62 41.57
C SER F 279 11.72 82.30 40.84
N GLY F 280 11.39 83.10 39.83
CA GLY F 280 12.39 83.91 39.15
C GLY F 280 12.82 83.41 37.77
N SER F 281 12.51 82.16 37.47
CA SER F 281 12.92 81.57 36.20
C SER F 281 11.72 81.15 35.36
N GLN F 282 11.88 81.19 34.04
CA GLN F 282 10.83 80.74 33.15
C GLN F 282 10.62 79.25 33.33
N VAL F 283 9.36 78.84 33.36
CA VAL F 283 8.98 77.43 33.46
C VAL F 283 8.13 77.08 32.27
N THR F 284 8.44 75.95 31.64
CA THR F 284 7.57 75.39 30.62
C THR F 284 6.97 74.11 31.14
N GLN F 285 5.67 74.13 31.41
CA GLN F 285 4.99 73.00 32.03
C GLN F 285 4.09 72.31 31.02
N SER F 286 4.36 71.04 30.75
CA SER F 286 3.45 70.27 29.90
C SER F 286 2.15 70.06 30.64
N ILE F 287 1.04 70.29 29.95
CA ILE F 287 -0.27 70.03 30.54
C ILE F 287 -0.80 68.70 30.01
N LEU F 288 -0.67 68.52 28.71
N LEU F 288 -0.69 68.51 28.71
CA LEU F 288 -1.24 67.38 28.01
CA LEU F 288 -1.21 67.31 28.07
C LEU F 288 -0.45 67.11 26.72
C LEU F 288 -0.52 67.09 26.72
N ASN F 289 -0.16 65.85 26.45
CA ASN F 289 0.45 65.47 25.18
C ASN F 289 -0.10 64.12 24.77
N VAL F 290 -0.93 64.08 23.74
CA VAL F 290 -1.51 62.82 23.30
C VAL F 290 -1.00 62.41 21.90
N GLN F 291 0.09 63.03 21.46
CA GLN F 291 0.72 62.61 20.21
C GLN F 291 1.01 61.12 20.21
N GLY F 292 0.63 60.42 19.14
CA GLY F 292 0.93 59.00 19.01
C GLY F 292 -0.09 58.09 19.69
N SER F 293 -1.15 58.68 20.25
CA SER F 293 -2.16 57.92 20.98
C SER F 293 -3.35 57.47 20.16
N GLY F 294 -3.49 58.01 18.96
CA GLY F 294 -4.69 57.74 18.15
C GLY F 294 -5.81 58.71 18.52
N SER F 295 -5.44 59.86 19.10
CA SER F 295 -6.42 60.87 19.46
C SER F 295 -5.85 62.27 19.35
N HIS F 296 -6.72 63.27 19.49
CA HIS F 296 -6.31 64.67 19.55
C HIS F 296 -7.19 65.43 20.50
N LEU F 297 -6.98 66.74 20.60
CA LEU F 297 -7.63 67.54 21.63
C LEU F 297 -8.43 68.68 21.05
N ARG F 298 -9.32 69.22 21.85
CA ARG F 298 -10.03 70.44 21.53
C ARG F 298 -10.17 71.21 22.83
N LEU F 299 -9.68 72.45 22.87
CA LEU F 299 -9.73 73.24 24.10
C LEU F 299 -10.93 74.16 24.06
N LYS F 300 -11.67 74.21 25.17
CA LYS F 300 -12.95 74.95 25.20
C LYS F 300 -12.88 76.15 26.13
N TYR F 301 -12.11 76.03 27.21
CA TYR F 301 -12.05 77.08 28.20
C TYR F 301 -10.77 76.97 29.01
N ALA F 302 -10.16 78.10 29.34
CA ALA F 302 -9.04 78.11 30.27
C ALA F 302 -9.05 79.33 31.17
N SER F 303 -8.52 79.17 32.37
CA SER F 303 -8.50 80.26 33.32
C SER F 303 -7.29 80.08 34.22
N VAL F 304 -6.70 81.18 34.66
CA VAL F 304 -5.59 81.10 35.60
C VAL F 304 -5.93 81.93 36.83
N SER F 305 -5.77 81.33 38.00
CA SER F 305 -5.92 82.07 39.26
C SER F 305 -4.57 82.27 39.92
N GLY F 306 -4.46 83.33 40.72
CA GLY F 306 -3.23 83.61 41.45
C GLY F 306 -2.31 84.58 40.75
N LEU F 307 -2.76 85.14 39.63
CA LEU F 307 -1.97 86.13 38.91
C LEU F 307 -1.77 87.38 39.75
N THR F 308 -0.53 87.85 39.81
CA THR F 308 -0.23 89.13 40.44
C THR F 308 0.76 89.87 39.56
N THR F 309 1.11 91.08 39.95
CA THR F 309 2.10 91.86 39.22
C THR F 309 3.47 91.20 39.28
N ALA F 310 3.61 90.19 40.13
CA ALA F 310 4.85 89.42 40.23
C ALA F 310 5.00 88.39 39.09
N VAL F 311 3.92 88.18 38.33
CA VAL F 311 3.94 87.26 37.19
C VAL F 311 4.11 88.06 35.92
N THR F 312 5.18 87.76 35.18
CA THR F 312 5.54 88.54 33.99
C THR F 312 5.15 87.82 32.72
N GLN F 313 5.00 86.51 32.80
CA GLN F 313 4.60 85.74 31.64
C GLN F 313 3.67 84.60 32.04
N CYS F 314 2.62 84.43 31.27
CA CYS F 314 1.70 83.33 31.49
C CYS F 314 0.96 83.11 30.19
N GLN F 315 1.51 82.20 29.37
CA GLN F 315 0.93 81.90 28.06
C GLN F 315 0.63 80.43 27.93
N LEU F 316 -0.60 80.13 27.50
CA LEU F 316 -1.00 78.79 27.15
C LEU F 316 -0.66 78.59 25.67
N GLN F 317 0.03 77.49 25.36
CA GLN F 317 0.48 77.23 24.00
C GLN F 317 0.06 75.83 23.60
N ALA F 318 -0.09 75.64 22.30
CA ALA F 318 -0.60 74.38 21.79
C ALA F 318 -0.05 74.14 20.40
N THR F 319 -0.04 72.89 19.99
CA THR F 319 0.33 72.60 18.61
C THR F 319 -0.15 71.23 18.22
N ASN F 320 -0.18 70.99 16.90
CA ASN F 320 -0.21 69.66 16.34
C ASN F 320 1.24 69.21 16.12
N LEU F 321 1.80 68.42 17.05
CA LEU F 321 3.20 68.00 16.98
C LEU F 321 3.54 67.20 15.73
N ASN F 322 2.53 66.61 15.10
CA ASN F 322 2.76 65.88 13.84
C ASN F 322 2.95 66.84 12.66
N ARG F 323 2.59 68.09 12.89
CA ARG F 323 2.78 69.12 11.87
C ARG F 323 3.96 70.02 12.22
N SER F 324 4.09 70.36 13.50
CA SER F 324 5.11 71.31 13.94
C SER F 324 5.52 71.10 15.40
N THR F 325 6.82 71.17 15.68
CA THR F 325 7.33 71.05 17.05
C THR F 325 7.35 72.40 17.74
N THR F 326 7.06 73.46 16.99
CA THR F 326 7.00 74.79 17.58
C THR F 326 5.58 75.09 18.07
N TYR F 327 5.45 75.37 19.35
CA TYR F 327 4.16 75.65 19.95
C TYR F 327 3.74 77.06 19.62
N SER F 328 2.45 77.27 19.39
CA SER F 328 1.96 78.63 19.26
C SER F 328 1.11 79.04 20.45
N THR F 329 1.20 80.31 20.82
CA THR F 329 0.44 80.84 21.96
C THR F 329 -1.04 80.92 21.55
N VAL F 330 -1.91 80.34 22.36
CA VAL F 330 -3.35 80.31 22.04
C VAL F 330 -4.09 81.21 23.00
N TRP F 331 -3.46 81.53 24.12
CA TRP F 331 -3.98 82.55 25.04
C TRP F 331 -2.90 83.09 25.94
N ASP F 332 -2.89 84.41 26.09
CA ASP F 332 -1.95 85.07 26.94
C ASP F 332 -2.75 85.67 28.10
N PHE F 333 -2.58 85.09 29.29
CA PHE F 333 -3.38 85.49 30.44
C PHE F 333 -2.99 86.85 31.00
N ILE F 334 -1.80 87.31 30.68
CA ILE F 334 -1.38 88.65 31.06
C ILE F 334 -1.99 89.67 30.10
N ALA F 335 -1.73 89.49 28.82
CA ALA F 335 -2.21 90.43 27.81
C ALA F 335 -3.72 90.37 27.59
N GLY F 336 -4.30 89.17 27.71
CA GLY F 336 -5.69 88.97 27.38
C GLY F 336 -6.65 88.89 28.55
N GLY F 337 -6.14 88.66 29.75
CA GLY F 337 -6.98 88.52 30.92
C GLY F 337 -7.01 87.09 31.44
N SER F 338 -7.49 86.94 32.66
CA SER F 338 -7.34 85.70 33.42
C SER F 338 -8.20 84.54 32.94
N SER F 339 -9.11 84.80 32.02
CA SER F 339 -9.88 83.70 31.44
C SER F 339 -10.21 83.89 29.96
N THR F 340 -10.39 82.78 29.26
CA THR F 340 -10.66 82.82 27.83
C THR F 340 -12.11 83.25 27.55
N PRO F 341 -12.30 83.95 26.43
CA PRO F 341 -13.63 84.44 26.05
C PRO F 341 -14.52 83.33 25.47
N PRO F 342 -15.83 83.59 25.37
CA PRO F 342 -16.78 82.59 24.91
C PRO F 342 -16.46 82.00 23.52
N SER F 343 -15.87 82.78 22.62
CA SER F 343 -15.62 82.29 21.27
C SER F 343 -14.32 81.49 21.16
N TRP F 344 -13.58 81.44 22.26
CA TRP F 344 -12.28 80.75 22.26
C TRP F 344 -12.46 79.24 22.16
N ASP F 345 -11.85 78.65 21.16
CA ASP F 345 -12.06 77.24 20.83
C ASP F 345 -10.84 76.84 20.02
N ILE F 346 -10.03 75.94 20.55
CA ILE F 346 -8.79 75.55 19.87
C ILE F 346 -8.91 74.13 19.39
N ARG F 347 -8.91 73.97 18.06
CA ARG F 347 -9.08 72.65 17.48
C ARG F 347 -7.80 72.13 16.86
N GLU F 348 -7.79 70.83 16.57
CA GLU F 348 -6.72 70.20 15.81
C GLU F 348 -5.35 70.42 16.43
N ILE F 349 -5.25 70.16 17.73
CA ILE F 349 -3.98 70.16 18.43
C ILE F 349 -3.83 68.84 19.15
N ASN F 350 -2.61 68.45 19.53
CA ASN F 350 -2.47 67.25 20.34
C ASN F 350 -1.49 67.40 21.49
N SER F 351 -1.02 68.63 21.71
CA SER F 351 -0.14 68.91 22.85
C SER F 351 -0.33 70.33 23.35
N ILE F 352 -0.36 70.48 24.68
CA ILE F 352 -0.63 71.75 25.34
C ILE F 352 0.42 71.98 26.41
N GLN F 353 0.95 73.20 26.50
CA GLN F 353 1.88 73.52 27.58
C GLN F 353 1.61 74.93 28.09
N LEU F 354 2.01 75.18 29.33
CA LEU F 354 1.94 76.50 29.91
C LEU F 354 3.36 77.04 30.10
N VAL F 355 3.61 78.22 29.53
CA VAL F 355 4.89 78.87 29.69
C VAL F 355 4.69 80.08 30.59
N ALA F 356 5.39 80.09 31.72
CA ALA F 356 5.20 81.16 32.70
C ALA F 356 6.53 81.61 33.29
N ASN F 357 6.51 82.82 33.83
CA ASN F 357 7.69 83.36 34.47
C ASN F 357 7.27 84.41 35.48
N GLY F 358 8.06 84.58 36.52
CA GLY F 358 7.74 85.53 37.56
C GLY F 358 8.25 85.06 38.91
N GLY F 359 7.85 85.76 39.97
CA GLY F 359 8.31 85.45 41.31
C GLY F 359 9.80 85.74 41.45
N SER F 360 10.36 85.37 42.60
CA SER F 360 11.79 85.53 42.86
C SER F 360 12.35 84.37 43.66
N SER F 361 13.67 84.29 43.73
CA SER F 361 14.34 83.23 44.47
C SER F 361 14.00 83.25 45.96
N THR F 362 13.47 84.37 46.42
CA THR F 362 13.13 84.57 47.82
C THR F 362 11.61 84.64 48.08
N SER F 363 10.85 84.85 47.01
CA SER F 363 9.41 85.01 47.12
C SER F 363 8.73 84.41 45.90
N SER F 364 8.32 83.14 46.01
CA SER F 364 7.74 82.41 44.88
C SER F 364 6.25 82.71 44.76
N VAL F 365 5.73 82.58 43.55
CA VAL F 365 4.30 82.76 43.28
C VAL F 365 3.76 81.49 42.69
N THR F 366 2.62 81.04 43.20
CA THR F 366 1.97 79.85 42.66
C THR F 366 0.69 80.21 41.93
N ILE F 367 0.61 79.84 40.66
CA ILE F 367 -0.58 80.08 39.86
C ILE F 367 -1.21 78.75 39.54
N THR F 368 -2.51 78.78 39.25
CA THR F 368 -3.23 77.54 38.97
C THR F 368 -4.00 77.69 37.67
N LEU F 369 -3.71 76.80 36.75
CA LEU F 369 -4.41 76.76 35.47
C LEU F 369 -5.56 75.79 35.58
N ILE F 370 -6.72 76.18 35.06
CA ILE F 370 -7.79 75.24 34.87
C ILE F 370 -8.10 75.20 33.39
N LEU F 371 -8.46 74.03 32.91
CA LEU F 371 -8.66 73.83 31.51
C LEU F 371 -9.80 72.85 31.32
N VAL F 372 -10.72 73.17 30.41
CA VAL F 372 -11.73 72.20 29.97
C VAL F 372 -11.37 71.85 28.53
N TYR F 373 -11.24 70.56 28.24
CA TYR F 373 -10.90 70.11 26.90
C TYR F 373 -11.60 68.81 26.57
N GLU F 374 -11.73 68.53 25.29
CA GLU F 374 -12.24 67.23 24.85
C GLU F 374 -11.07 66.45 24.27
N GLN F 375 -11.07 65.14 24.48
CA GLN F 375 -10.15 64.24 23.77
C GLN F 375 -10.98 63.54 22.71
N ILE F 376 -10.53 63.66 21.46
CA ILE F 376 -11.33 63.22 20.33
C ILE F 376 -10.55 62.16 19.55
N ALA F 377 -11.24 61.12 19.11
CA ALA F 377 -10.59 60.01 18.40
C ALA F 377 -10.00 60.52 17.11
N GLY F 378 -8.78 60.04 16.80
CA GLY F 378 -8.16 60.32 15.51
C GLY F 378 -6.80 60.97 15.66
N GLU F 379 -5.74 60.23 15.37
CA GLU F 379 -4.39 60.80 15.34
C GLU F 379 -4.35 61.86 14.24
N LEU F 380 -3.78 63.03 14.53
CA LEU F 380 -3.66 64.09 13.54
C LEU F 380 -2.55 63.77 12.53
N SER F 381 -2.75 64.12 11.26
CA SER F 381 -1.69 63.83 10.28
C SER F 381 -0.65 64.95 10.16
N HIS F 382 0.48 64.60 9.53
CA HIS F 382 1.53 65.56 9.21
C HIS F 382 0.99 66.63 8.25
N HIS F 383 1.64 67.79 8.19
CA HIS F 383 1.34 68.79 7.15
C HIS F 383 2.58 69.62 6.83
N LEU G 6 -28.88 13.04 6.15
CA LEU G 6 -29.60 14.31 6.05
C LEU G 6 -28.94 15.28 5.06
N GLY G 7 -27.60 15.27 5.02
CA GLY G 7 -26.87 16.10 4.07
C GLY G 7 -26.92 15.54 2.65
N GLN G 8 -26.91 16.42 1.66
CA GLN G 8 -26.97 16.01 0.25
C GLN G 8 -25.84 16.68 -0.51
N SER G 9 -25.43 16.08 -1.63
CA SER G 9 -24.49 16.77 -2.49
C SER G 9 -25.29 17.67 -3.43
N PHE G 10 -24.65 18.74 -3.92
CA PHE G 10 -25.28 19.59 -4.93
C PHE G 10 -24.23 20.21 -5.84
N PRO G 11 -24.58 20.40 -7.12
CA PRO G 11 -23.65 21.01 -8.08
C PRO G 11 -23.71 22.51 -7.89
N ALA G 12 -22.57 23.19 -8.00
CA ALA G 12 -22.54 24.61 -7.69
C ALA G 12 -21.59 25.37 -8.59
N ASN G 13 -21.52 25.01 -9.87
CA ASN G 13 -20.58 25.65 -10.77
C ASN G 13 -20.92 27.05 -11.22
N ALA G 14 -22.21 27.38 -11.29
CA ALA G 14 -22.66 28.62 -11.93
C ALA G 14 -22.51 29.82 -11.01
N LYS G 15 -22.24 30.97 -11.62
CA LYS G 15 -22.18 32.25 -10.92
C LYS G 15 -23.52 32.55 -10.23
N VAL G 16 -23.46 33.09 -9.01
CA VAL G 16 -24.68 33.46 -8.29
C VAL G 16 -25.24 34.77 -8.82
N LYS G 17 -26.57 34.90 -8.84
CA LYS G 17 -27.22 36.13 -9.31
C LYS G 17 -27.79 36.83 -8.10
N TYR G 18 -28.05 38.12 -8.21
CA TYR G 18 -28.64 38.84 -7.08
C TYR G 18 -30.15 38.85 -7.17
N TYR G 19 -30.66 38.37 -8.30
CA TYR G 19 -32.10 38.21 -8.44
C TYR G 19 -32.43 37.04 -9.35
N TYR G 20 -33.34 36.18 -8.90
CA TYR G 20 -33.82 35.05 -9.70
C TYR G 20 -35.32 35.13 -9.82
N LYS G 21 -35.85 34.99 -11.02
CA LYS G 21 -37.27 34.66 -11.14
C LYS G 21 -37.35 33.24 -11.67
N LEU G 22 -37.78 32.32 -10.83
CA LEU G 22 -37.52 30.91 -11.10
C LEU G 22 -38.47 30.33 -12.12
N SER G 23 -39.40 31.16 -12.58
CA SER G 23 -40.25 30.76 -13.71
C SER G 23 -39.59 31.07 -15.05
N GLU G 24 -38.40 31.68 -15.02
CA GLU G 24 -37.56 31.86 -16.21
C GLU G 24 -36.57 30.72 -16.21
N LYS G 25 -36.51 29.99 -17.32
CA LYS G 25 -35.65 28.83 -17.45
C LYS G 25 -34.20 29.12 -17.14
N GLN G 26 -33.69 30.23 -17.64
CA GLN G 26 -32.27 30.49 -17.45
C GLN G 26 -31.94 30.82 -15.99
N ASP G 27 -32.88 31.44 -15.29
CA ASP G 27 -32.67 31.68 -13.86
C ASP G 27 -32.74 30.40 -13.06
N LEU G 28 -33.72 29.55 -13.38
CA LEU G 28 -33.85 28.27 -12.70
C LEU G 28 -32.61 27.42 -12.92
N ASP G 29 -32.14 27.33 -14.17
CA ASP G 29 -30.96 26.52 -14.47
C ASP G 29 -29.75 26.97 -13.63
N ALA G 30 -29.58 28.27 -13.46
CA ALA G 30 -28.44 28.77 -12.70
C ALA G 30 -28.64 28.46 -11.21
N PHE G 31 -29.84 28.71 -10.73
CA PHE G 31 -30.23 28.52 -9.34
C PHE G 31 -29.89 27.09 -8.88
N VAL G 32 -30.18 26.10 -9.71
CA VAL G 32 -30.00 24.68 -9.31
C VAL G 32 -28.62 24.15 -9.71
N ASN G 33 -27.75 25.07 -10.15
CA ASN G 33 -26.33 24.74 -10.35
C ASN G 33 -25.49 25.75 -9.58
N SER G 34 -25.97 26.17 -8.41
CA SER G 34 -25.21 27.15 -7.64
C SER G 34 -25.58 27.19 -6.17
N ILE G 35 -26.85 27.43 -5.86
CA ILE G 35 -27.22 27.63 -4.46
C ILE G 35 -28.40 26.77 -3.95
N PHE G 36 -29.01 25.99 -4.84
CA PHE G 36 -30.14 25.15 -4.43
C PHE G 36 -29.69 23.72 -4.16
N VAL G 37 -30.12 23.19 -3.02
CA VAL G 37 -29.75 21.85 -2.60
C VAL G 37 -31.01 21.00 -2.55
N GLY G 38 -30.99 19.86 -3.25
CA GLY G 38 -32.15 18.97 -3.29
C GLY G 38 -32.74 18.91 -4.69
N SER G 39 -33.86 18.21 -4.85
N SER G 39 -33.88 18.21 -4.79
CA SER G 39 -34.53 18.15 -6.13
CA SER G 39 -34.61 18.07 -6.05
C SER G 39 -35.75 19.05 -6.13
C SER G 39 -35.75 19.08 -6.12
N TYR G 40 -36.31 19.26 -7.31
CA TYR G 40 -37.52 20.05 -7.46
C TYR G 40 -38.40 19.40 -8.51
N LYS G 41 -39.69 19.75 -8.50
CA LYS G 41 -40.60 19.37 -9.57
C LYS G 41 -41.17 20.67 -10.09
N LEU G 42 -41.15 20.84 -11.41
CA LEU G 42 -41.68 22.06 -12.00
C LEU G 42 -43.19 21.93 -12.04
N LYS G 43 -43.91 22.86 -11.44
CA LYS G 43 -45.37 22.78 -11.44
C LYS G 43 -46.02 24.10 -11.80
N GLN G 44 -47.22 24.00 -12.37
CA GLN G 44 -48.02 25.18 -12.59
C GLN G 44 -48.67 25.64 -11.29
N ILE G 45 -48.33 26.85 -10.87
CA ILE G 45 -48.77 27.45 -9.61
C ILE G 45 -49.74 28.59 -9.94
N SER G 46 -50.87 28.64 -9.26
CA SER G 46 -51.84 29.73 -9.43
C SER G 46 -52.16 30.35 -8.07
N TYR G 47 -52.26 31.68 -8.00
CA TYR G 47 -52.74 32.31 -6.79
C TYR G 47 -53.44 33.62 -7.10
N LEU G 48 -54.21 34.14 -6.15
CA LEU G 48 -55.06 35.31 -6.41
C LEU G 48 -54.39 36.63 -6.09
N LEU G 49 -54.53 37.59 -7.00
CA LEU G 49 -54.09 38.96 -6.79
C LEU G 49 -55.25 39.88 -7.20
N TYR G 50 -55.86 40.55 -6.22
CA TYR G 50 -57.01 41.43 -6.48
C TYR G 50 -58.03 40.71 -7.35
N GLY G 51 -58.26 39.44 -7.04
CA GLY G 51 -59.31 38.68 -7.69
C GLY G 51 -58.89 38.06 -9.00
N ASN G 52 -57.69 38.38 -9.46
CA ASN G 52 -57.17 37.81 -10.68
C ASN G 52 -56.25 36.65 -10.36
N THR G 53 -56.17 35.69 -11.28
CA THR G 53 -55.33 34.52 -11.02
C THR G 53 -54.00 34.59 -11.77
N LYS G 54 -52.93 34.83 -11.02
CA LYS G 54 -51.57 34.78 -11.56
C LYS G 54 -51.17 33.32 -11.75
N ILE G 55 -50.70 32.98 -12.94
CA ILE G 55 -50.25 31.62 -13.21
C ILE G 55 -48.78 31.57 -13.65
N VAL G 56 -47.97 30.78 -12.94
CA VAL G 56 -46.55 30.64 -13.29
C VAL G 56 -46.13 29.18 -13.17
N SER G 57 -45.06 28.80 -13.86
CA SER G 57 -44.48 27.48 -13.68
C SER G 57 -43.25 27.68 -12.80
N ALA G 58 -43.20 27.00 -11.67
CA ALA G 58 -42.16 27.25 -10.68
C ALA G 58 -41.73 25.93 -10.06
N PRO G 59 -40.47 25.86 -9.55
CA PRO G 59 -39.97 24.67 -8.86
C PRO G 59 -40.66 24.47 -7.51
N VAL G 60 -41.07 23.24 -7.22
CA VAL G 60 -41.69 22.89 -5.95
C VAL G 60 -40.83 21.83 -5.26
N VAL G 61 -40.62 22.00 -3.96
CA VAL G 61 -39.89 21.00 -3.19
C VAL G 61 -40.76 19.76 -3.10
N PRO G 62 -40.24 18.61 -3.53
CA PRO G 62 -41.04 17.38 -3.52
C PRO G 62 -41.07 16.70 -2.15
N LEU G 63 -41.96 15.72 -2.01
CA LEU G 63 -42.01 14.92 -0.79
C LEU G 63 -40.64 14.37 -0.48
N GLY G 64 -40.27 14.42 0.79
CA GLY G 64 -38.97 13.92 1.22
C GLY G 64 -38.29 14.93 2.11
N PRO G 65 -36.95 14.93 2.12
CA PRO G 65 -36.20 15.86 2.96
C PRO G 65 -36.39 17.29 2.52
N ASN G 66 -36.22 18.21 3.45
CA ASN G 66 -36.23 19.62 3.09
C ASN G 66 -35.16 19.92 2.05
N ALA G 67 -35.45 20.90 1.19
CA ALA G 67 -34.44 21.44 0.29
C ALA G 67 -33.71 22.54 1.06
N SER G 68 -32.61 23.02 0.52
CA SER G 68 -31.92 24.14 1.14
C SER G 68 -31.48 25.14 0.09
N ILE G 69 -31.31 26.37 0.52
CA ILE G 69 -30.57 27.34 -0.25
C ILE G 69 -29.32 27.64 0.56
N ILE G 70 -28.16 27.50 -0.07
CA ILE G 70 -26.87 27.72 0.59
C ILE G 70 -26.01 28.60 -0.31
N ILE G 71 -25.56 29.74 0.20
CA ILE G 71 -24.72 30.64 -0.59
C ILE G 71 -23.41 30.95 0.11
N ASP G 72 -22.31 30.37 -0.34
CA ASP G 72 -20.99 30.73 0.21
C ASP G 72 -20.18 31.57 -0.78
N ASP G 73 -20.77 31.91 -1.92
CA ASP G 73 -20.07 32.65 -2.98
C ASP G 73 -19.63 34.02 -2.52
N GLU G 74 -18.64 34.58 -3.22
CA GLU G 74 -18.08 35.88 -2.83
C GLU G 74 -18.95 37.04 -3.33
N LEU G 75 -20.16 37.14 -2.80
CA LEU G 75 -21.05 38.28 -3.08
C LEU G 75 -20.34 39.53 -2.65
N GLN G 76 -20.71 40.68 -3.23
CA GLN G 76 -20.20 41.93 -2.74
C GLN G 76 -20.52 42.02 -1.24
N GLU G 77 -19.55 42.45 -0.46
CA GLU G 77 -19.74 42.52 0.98
C GLU G 77 -20.81 43.54 1.33
N GLY G 78 -21.49 43.31 2.44
CA GLY G 78 -22.50 44.24 2.92
C GLY G 78 -23.62 43.51 3.61
N LEU G 79 -24.66 44.25 3.97
CA LEU G 79 -25.81 43.69 4.68
C LEU G 79 -26.94 43.53 3.70
N TYR G 80 -27.40 42.29 3.50
CA TYR G 80 -28.46 42.01 2.57
C TYR G 80 -29.79 41.75 3.23
N LEU G 81 -30.82 42.31 2.62
CA LEU G 81 -32.18 41.84 2.83
C LEU G 81 -32.50 40.84 1.75
N ILE G 82 -32.91 39.64 2.16
CA ILE G 82 -33.26 38.60 1.22
C ILE G 82 -34.79 38.49 1.24
N ARG G 83 -35.39 38.40 0.07
CA ARG G 83 -36.83 38.12 -0.05
C ARG G 83 -37.00 36.88 -0.89
N ILE G 84 -37.72 35.91 -0.37
CA ILE G 84 -38.05 34.71 -1.15
C ILE G 84 -39.54 34.64 -1.35
N LYS G 85 -39.99 34.71 -2.61
CA LYS G 85 -41.43 34.60 -2.85
C LYS G 85 -41.73 33.12 -3.01
N VAL G 86 -42.60 32.63 -2.15
CA VAL G 86 -42.97 31.22 -2.19
C VAL G 86 -44.48 31.05 -2.24
N TYR G 87 -44.91 29.85 -2.56
CA TYR G 87 -46.33 29.52 -2.55
C TYR G 87 -46.45 28.15 -1.95
N ASN G 88 -47.24 28.04 -0.89
CA ASN G 88 -47.40 26.78 -0.18
C ASN G 88 -48.49 25.98 -0.86
N THR G 89 -48.09 24.95 -1.61
CA THR G 89 -49.07 24.13 -2.33
C THR G 89 -49.77 23.15 -1.40
N ASN G 90 -49.31 23.02 -0.15
CA ASN G 90 -49.92 22.05 0.76
C ASN G 90 -51.25 22.53 1.32
N SER G 91 -52.11 21.60 1.70
CA SER G 91 -53.37 21.99 2.34
C SER G 91 -53.18 22.11 3.87
N PHE G 92 -51.93 22.28 4.29
CA PHE G 92 -51.62 22.48 5.70
C PHE G 92 -50.52 23.53 5.83
N SER G 93 -50.38 24.13 7.01
CA SER G 93 -49.33 25.11 7.23
C SER G 93 -47.94 24.48 7.24
N VAL G 94 -46.96 25.24 6.80
CA VAL G 94 -45.57 24.79 6.92
C VAL G 94 -44.75 25.89 7.56
N THR G 95 -43.63 25.53 8.16
CA THR G 95 -42.85 26.52 8.88
C THR G 95 -41.47 26.62 8.27
N VAL G 96 -40.90 27.81 8.31
CA VAL G 96 -39.57 28.05 7.80
C VAL G 96 -38.80 28.74 8.90
N THR G 97 -37.50 28.45 9.00
CA THR G 97 -36.64 29.10 10.00
C THR G 97 -35.65 30.02 9.30
N PRO G 98 -35.92 31.34 9.33
CA PRO G 98 -34.98 32.24 8.62
C PRO G 98 -33.59 32.26 9.27
N PHE G 99 -32.59 32.53 8.43
CA PHE G 99 -31.17 32.54 8.84
C PHE G 99 -30.91 33.66 9.86
N PHE G 100 -31.26 34.91 9.49
CA PHE G 100 -31.04 36.08 10.34
C PHE G 100 -29.61 36.11 10.91
N ASN G 101 -28.67 35.56 10.14
CA ASN G 101 -27.27 35.44 10.56
C ASN G 101 -26.99 34.45 11.69
N ASN G 102 -27.83 34.49 12.74
N ASN G 102 -27.79 34.44 12.75
CA ASN G 102 -27.61 33.67 13.93
CA ASN G 102 -27.58 33.43 13.79
C ASN G 102 -28.87 32.99 14.51
C ASN G 102 -28.86 32.97 14.49
N ASN G 103 -29.96 32.95 13.75
CA ASN G 103 -31.18 32.32 14.26
C ASN G 103 -31.23 30.84 13.91
N ASN G 104 -31.71 30.01 14.81
CA ASN G 104 -32.15 28.68 14.42
C ASN G 104 -33.37 28.20 15.19
N THR G 105 -34.14 29.13 15.76
CA THR G 105 -35.36 28.74 16.49
C THR G 105 -36.61 29.51 16.07
N MET G 106 -36.45 30.78 15.72
CA MET G 106 -37.59 31.59 15.32
C MET G 106 -38.09 31.23 13.94
N THR G 107 -39.40 31.33 13.74
CA THR G 107 -39.99 30.76 12.53
C THR G 107 -41.01 31.67 11.86
N TYR G 108 -41.22 31.44 10.57
CA TYR G 108 -42.41 31.92 9.88
C TYR G 108 -43.39 30.76 9.77
N SER G 109 -44.68 31.08 9.86
CA SER G 109 -45.73 30.10 9.64
C SER G 109 -46.45 30.45 8.34
N ILE G 110 -46.37 29.54 7.37
CA ILE G 110 -46.92 29.82 6.04
C ILE G 110 -48.22 29.06 5.85
N GLY G 111 -49.34 29.79 5.70
CA GLY G 111 -50.65 29.17 5.61
C GLY G 111 -50.85 28.28 4.39
N ALA G 112 -51.79 27.33 4.49
CA ALA G 112 -52.10 26.42 3.39
C ALA G 112 -52.51 27.20 2.14
N ASN G 113 -52.10 26.70 0.97
CA ASN G 113 -52.55 27.21 -0.32
C ASN G 113 -52.41 28.72 -0.43
N SER G 114 -51.27 29.25 -0.03
CA SER G 114 -51.09 30.69 -0.11
C SER G 114 -49.69 31.12 -0.49
N GLU G 115 -49.63 32.32 -1.05
CA GLU G 115 -48.38 32.95 -1.41
C GLU G 115 -47.82 33.57 -0.14
N PHE G 116 -46.51 33.68 -0.03
CA PHE G 116 -45.91 34.20 1.20
C PHE G 116 -44.55 34.80 0.86
N GLU G 117 -44.18 35.86 1.56
CA GLU G 117 -42.85 36.47 1.39
C GLU G 117 -41.96 36.11 2.57
N ILE G 118 -40.93 35.32 2.33
CA ILE G 118 -39.96 34.99 3.38
C ILE G 118 -38.93 36.13 3.40
N TYR G 119 -38.78 36.82 4.54
CA TYR G 119 -37.76 37.86 4.63
C TYR G 119 -36.59 37.27 5.36
N ASP G 120 -35.39 37.62 4.94
CA ASP G 120 -34.24 37.13 5.66
C ASP G 120 -33.16 38.19 5.67
N ILE G 121 -32.16 38.01 6.53
CA ILE G 121 -31.12 39.01 6.64
C ILE G 121 -29.80 38.27 6.61
N PHE G 122 -28.84 38.79 5.86
CA PHE G 122 -27.58 38.10 5.66
C PHE G 122 -26.47 39.14 5.62
N THR G 123 -25.53 39.07 6.57
CA THR G 123 -24.33 39.90 6.49
C THR G 123 -23.21 39.20 5.74
N LYS G 124 -22.90 39.68 4.54
CA LYS G 124 -21.73 39.14 3.81
C LYS G 124 -20.45 39.81 4.29
N GLU G 125 -19.82 39.17 5.28
CA GLU G 125 -18.50 39.54 5.79
C GLU G 125 -17.86 38.29 6.34
N GLN G 126 -16.53 38.27 6.34
CA GLN G 126 -15.77 37.17 6.93
C GLN G 126 -16.25 35.78 6.51
N GLY G 127 -16.59 35.61 5.24
CA GLY G 127 -16.94 34.29 4.71
C GLY G 127 -18.24 33.68 5.21
N ASN G 128 -19.12 34.51 5.77
CA ASN G 128 -20.42 34.07 6.22
C ASN G 128 -21.15 33.34 5.10
N ILE G 129 -21.84 32.26 5.43
CA ILE G 129 -22.56 31.45 4.45
C ILE G 129 -24.06 31.49 4.69
N TYR G 130 -24.81 31.98 3.71
CA TYR G 130 -26.26 31.98 3.84
C TYR G 130 -26.87 30.57 3.79
N TYR G 131 -27.87 30.31 4.62
CA TYR G 131 -28.48 28.97 4.73
C TYR G 131 -29.93 29.01 5.15
N ILE G 132 -30.81 28.41 4.35
CA ILE G 132 -32.19 28.25 4.81
C ILE G 132 -32.75 26.95 4.26
N GLN G 133 -33.56 26.25 5.06
CA GLN G 133 -34.21 25.04 4.57
C GLN G 133 -35.63 25.36 4.13
N LEU G 134 -36.11 24.65 3.12
CA LEU G 134 -37.45 24.84 2.59
C LEU G 134 -38.16 23.51 2.57
N PRO G 135 -39.30 23.41 3.27
CA PRO G 135 -40.02 22.13 3.39
C PRO G 135 -40.76 21.73 2.11
N PRO G 136 -41.10 20.43 1.99
CA PRO G 136 -41.83 19.88 0.85
C PRO G 136 -43.12 20.63 0.58
N GLY G 137 -43.44 20.85 -0.70
CA GLY G 137 -44.72 21.45 -1.06
C GLY G 137 -44.61 22.94 -1.28
N LEU G 138 -43.47 23.52 -0.91
CA LEU G 138 -43.28 24.97 -1.15
C LEU G 138 -42.80 25.15 -2.58
N ALA G 139 -43.47 26.02 -3.31
CA ALA G 139 -43.01 26.46 -4.63
C ALA G 139 -42.15 27.70 -4.42
N ILE G 140 -41.00 27.76 -5.09
N ILE G 140 -41.00 27.76 -5.09
CA ILE G 140 -40.09 28.89 -4.99
CA ILE G 140 -40.11 28.91 -4.96
C ILE G 140 -40.24 29.73 -6.24
C ILE G 140 -40.21 29.74 -6.22
N LEU G 141 -40.76 30.94 -6.10
CA LEU G 141 -41.07 31.76 -7.29
C LEU G 141 -39.97 32.77 -7.62
N GLU G 142 -39.41 33.41 -6.59
CA GLU G 142 -38.41 34.45 -6.80
C GLU G 142 -37.45 34.43 -5.64
N PHE G 143 -36.21 34.80 -5.89
CA PHE G 143 -35.21 34.91 -4.82
C PHE G 143 -34.44 36.20 -5.05
N SER G 144 -34.49 37.10 -4.07
CA SER G 144 -33.89 38.43 -4.22
C SER G 144 -32.86 38.69 -3.12
N LEU G 145 -31.69 39.15 -3.52
CA LEU G 145 -30.63 39.64 -2.61
C LEU G 145 -30.43 41.13 -2.86
N GLU G 146 -30.73 41.99 -1.87
CA GLU G 146 -30.47 43.42 -2.07
C GLU G 146 -29.81 44.00 -0.84
N ARG G 147 -28.88 44.93 -1.06
CA ARG G 147 -28.23 45.58 0.05
C ARG G 147 -29.16 46.68 0.60
N VAL G 148 -29.32 46.74 1.92
CA VAL G 148 -30.19 47.75 2.52
C VAL G 148 -29.34 48.92 2.97
N PHE G 149 -29.93 50.07 3.23
CA PHE G 149 -29.13 51.21 3.62
C PHE G 149 -28.35 51.72 2.41
N GLU G 150 -28.75 51.22 1.23
CA GLU G 150 -28.36 51.83 -0.04
C GLU G 150 -29.57 52.63 -0.49
N LYS G 151 -29.35 53.84 -0.96
CA LYS G 151 -30.44 54.56 -1.59
C LYS G 151 -31.58 54.81 -0.60
N GLY G 152 -31.23 54.89 0.68
CA GLY G 152 -32.18 55.24 1.70
C GLY G 152 -33.13 54.13 2.07
N ASN G 153 -32.83 52.89 1.70
CA ASN G 153 -33.71 51.81 2.12
C ASN G 153 -33.49 51.40 3.56
N ARG G 154 -34.46 50.66 4.11
CA ARG G 154 -34.39 50.24 5.49
C ARG G 154 -34.78 48.78 5.50
N ILE G 155 -34.50 48.13 6.61
CA ILE G 155 -35.06 46.82 6.88
C ILE G 155 -36.47 47.07 7.37
N ASN G 156 -37.46 46.45 6.71
CA ASN G 156 -38.85 46.57 7.13
C ASN G 156 -39.57 45.24 6.96
N ILE G 157 -39.43 44.37 7.95
CA ILE G 157 -40.09 43.06 7.98
C ILE G 157 -41.41 43.17 8.78
N PRO G 158 -42.52 42.73 8.16
CA PRO G 158 -43.83 42.83 8.84
C PRO G 158 -43.93 41.91 10.05
N LYS G 159 -45.02 42.02 10.81
CA LYS G 159 -45.15 41.29 12.07
C LYS G 159 -45.48 39.84 11.80
N ILE G 160 -44.45 39.04 11.49
CA ILE G 160 -44.63 37.65 11.11
C ILE G 160 -43.57 36.71 11.74
N ILE G 161 -42.65 37.28 12.51
CA ILE G 161 -41.59 36.45 13.12
C ILE G 161 -42.09 35.87 14.43
N HIS G 162 -42.07 34.55 14.54
CA HIS G 162 -42.57 33.86 15.75
C HIS G 162 -41.43 33.45 16.68
N THR G 163 -41.58 33.76 17.96
CA THR G 163 -40.65 33.24 18.94
C THR G 163 -41.41 32.70 20.12
N SER G 164 -40.84 31.71 20.81
CA SER G 164 -41.45 31.24 22.03
C SER G 164 -40.47 31.44 23.20
N GLY G 165 -39.48 32.31 23.00
CA GLY G 165 -38.61 32.67 24.11
C GLY G 165 -37.13 32.60 23.84
N ASN G 166 -36.74 32.15 22.66
CA ASN G 166 -35.36 32.29 22.25
C ASN G 166 -35.25 32.64 20.78
N GLY G 167 -34.05 32.97 20.34
CA GLY G 167 -33.85 33.39 18.96
C GLY G 167 -32.89 34.55 18.91
N TYR G 168 -32.22 34.70 17.78
CA TYR G 168 -31.26 35.78 17.58
C TYR G 168 -31.41 36.35 16.19
N ILE G 169 -31.17 37.65 16.06
CA ILE G 169 -31.00 38.27 14.75
C ILE G 169 -29.77 39.16 14.88
N SER G 170 -28.83 39.04 13.96
CA SER G 170 -27.67 39.92 13.94
C SER G 170 -27.63 40.66 12.63
N PHE G 171 -27.00 41.83 12.64
CA PHE G 171 -26.78 42.56 11.40
C PHE G 171 -25.68 43.59 11.61
N ARG G 172 -25.02 43.99 10.53
CA ARG G 172 -23.94 44.95 10.60
C ARG G 172 -24.47 46.31 10.21
N LEU G 173 -24.16 47.33 11.01
CA LEU G 173 -24.57 48.69 10.67
C LEU G 173 -23.35 49.56 10.52
N ARG G 174 -23.26 50.30 9.44
CA ARG G 174 -22.14 51.22 9.30
C ARG G 174 -22.45 52.47 10.10
N LYS G 175 -21.50 53.40 10.17
CA LYS G 175 -21.64 54.55 11.06
C LYS G 175 -22.96 55.27 10.79
N GLY G 176 -23.56 55.76 11.86
CA GLY G 176 -24.83 56.48 11.77
C GLY G 176 -25.63 56.26 13.03
N THR G 177 -26.79 56.91 13.14
CA THR G 177 -27.72 56.63 14.23
C THR G 177 -28.94 55.94 13.64
N TYR G 178 -29.41 54.89 14.30
CA TYR G 178 -30.50 54.08 13.76
C TYR G 178 -31.62 53.90 14.75
N ALA G 179 -32.84 53.84 14.23
CA ALA G 179 -33.98 53.38 15.01
C ALA G 179 -34.18 51.89 14.75
N ILE G 180 -34.47 51.15 15.80
CA ILE G 180 -34.85 49.75 15.65
C ILE G 180 -36.23 49.61 16.23
N LYS G 181 -37.19 49.27 15.37
CA LYS G 181 -38.59 49.29 15.80
C LYS G 181 -39.14 47.88 15.65
N MET G 182 -39.76 47.36 16.71
N MET G 182 -39.78 47.38 16.70
CA MET G 182 -40.31 46.02 16.68
CA MET G 182 -40.32 46.03 16.66
C MET G 182 -41.75 45.97 17.17
C MET G 182 -41.75 45.97 17.15
N PRO G 183 -42.71 46.05 16.22
CA PRO G 183 -44.12 45.90 16.56
C PRO G 183 -44.30 44.46 16.98
N TYR G 184 -45.08 44.19 18.01
CA TYR G 184 -45.24 42.83 18.48
C TYR G 184 -46.67 42.57 18.92
N SER G 185 -47.01 41.28 18.99
CA SER G 185 -48.21 40.82 19.67
C SER G 185 -47.78 39.62 20.49
N TYR G 186 -48.40 39.42 21.64
CA TYR G 186 -48.12 38.25 22.44
C TYR G 186 -49.41 37.59 22.89
N ASN G 187 -49.29 36.33 23.28
CA ASN G 187 -50.37 35.63 23.94
C ASN G 187 -49.80 34.94 25.17
N ASN G 188 -50.14 35.45 26.35
CA ASN G 188 -49.72 34.82 27.58
C ASN G 188 -50.69 33.69 27.85
N THR G 189 -50.20 32.47 27.71
CA THR G 189 -51.00 31.27 27.95
C THR G 189 -51.00 30.86 29.43
N THR G 190 -50.24 31.57 30.25
CA THR G 190 -50.16 31.26 31.66
C THR G 190 -51.01 32.27 32.39
N SER G 191 -51.31 32.00 33.67
CA SER G 191 -52.06 32.94 34.48
C SER G 191 -51.11 33.80 35.32
N THR G 192 -49.86 33.85 34.88
CA THR G 192 -48.85 34.68 35.54
C THR G 192 -48.98 36.14 35.07
N THR G 193 -48.96 37.08 36.01
CA THR G 193 -48.89 38.49 35.60
C THR G 193 -47.42 38.91 35.65
N PHE G 194 -46.86 39.25 34.51
CA PHE G 194 -45.46 39.61 34.46
C PHE G 194 -45.28 41.10 34.64
N THR G 195 -44.35 41.44 35.52
CA THR G 195 -44.03 42.85 35.66
C THR G 195 -42.59 43.08 35.19
N ASN G 196 -42.40 44.16 34.45
CA ASN G 196 -41.08 44.41 33.83
C ASN G 196 -40.54 43.18 33.12
N PHE G 197 -41.39 42.63 32.27
CA PHE G 197 -41.08 41.50 31.41
C PHE G 197 -40.00 41.88 30.42
N GLN G 198 -38.82 41.27 30.53
CA GLN G 198 -37.81 41.47 29.51
C GLN G 198 -38.01 40.49 28.34
N PHE G 199 -38.39 41.03 27.20
CA PHE G 199 -38.58 40.23 26.01
C PHE G 199 -37.24 39.84 25.41
N GLY G 200 -36.31 40.78 25.41
CA GLY G 200 -35.00 40.54 24.82
C GLY G 200 -34.05 41.70 25.02
N THR G 201 -32.96 41.68 24.27
CA THR G 201 -31.97 42.73 24.35
C THR G 201 -31.44 43.05 22.96
N ILE G 202 -31.03 44.30 22.79
CA ILE G 202 -30.26 44.69 21.63
C ILE G 202 -28.87 45.09 22.12
N SER G 203 -27.82 44.54 21.50
CA SER G 203 -26.49 44.89 21.94
C SER G 203 -25.46 44.98 20.83
N THR G 204 -24.43 45.78 21.07
CA THR G 204 -23.19 45.71 20.34
C THR G 204 -22.23 45.13 21.35
N SER G 205 -20.95 45.01 21.00
CA SER G 205 -19.98 44.47 21.98
C SER G 205 -20.09 45.09 23.37
N ALA G 207 -22.31 47.53 24.97
CA ALA G 207 -23.57 48.27 25.08
C ALA G 207 -24.77 47.35 24.88
N THR G 208 -25.72 47.42 25.83
CA THR G 208 -26.92 46.58 25.84
C THR G 208 -28.18 47.36 26.18
N ILE G 209 -29.20 47.21 25.35
CA ILE G 209 -30.52 47.81 25.61
C ILE G 209 -31.57 46.71 25.84
N PRO G 210 -32.15 46.66 27.04
CA PRO G 210 -33.23 45.71 27.33
C PRO G 210 -34.54 46.14 26.65
N LEU G 211 -35.28 45.19 26.12
CA LEU G 211 -36.62 45.45 25.58
C LEU G 211 -37.62 44.95 26.61
N VAL G 212 -38.26 45.88 27.32
CA VAL G 212 -39.05 45.55 28.50
C VAL G 212 -40.51 45.99 28.35
N ILE G 213 -41.42 45.11 28.76
CA ILE G 213 -42.83 45.45 28.84
C ILE G 213 -43.27 45.63 30.31
N SER G 214 -43.88 46.77 30.63
CA SER G 214 -44.29 47.08 32.01
C SER G 214 -45.05 45.96 32.71
N SER G 215 -46.09 45.47 32.04
CA SER G 215 -46.84 44.33 32.58
C SER G 215 -47.53 43.51 31.50
N ILE G 216 -47.48 42.20 31.68
CA ILE G 216 -48.22 41.28 30.85
C ILE G 216 -49.19 40.59 31.80
N PRO G 217 -50.48 40.90 31.66
CA PRO G 217 -51.53 40.32 32.52
C PRO G 217 -51.65 38.83 32.32
N ALA G 218 -52.03 38.12 33.37
CA ALA G 218 -52.25 36.68 33.30
C ALA G 218 -53.23 36.37 32.16
N ASN G 219 -52.94 35.31 31.40
CA ASN G 219 -53.83 34.81 30.37
C ASN G 219 -54.12 35.86 29.32
N GLY G 220 -53.37 36.95 29.36
CA GLY G 220 -53.67 38.08 28.51
C GLY G 220 -53.03 37.97 27.14
N SER G 221 -53.59 38.70 26.20
CA SER G 221 -52.94 38.85 24.90
C SER G 221 -52.86 40.34 24.67
N GLY G 222 -51.84 40.78 23.95
CA GLY G 222 -51.67 42.21 23.79
C GLY G 222 -50.76 42.50 22.63
N SER G 223 -50.59 43.78 22.36
CA SER G 223 -49.68 44.18 21.32
C SER G 223 -49.07 45.51 21.70
N GLY G 224 -47.96 45.84 21.07
CA GLY G 224 -47.26 47.08 21.32
C GLY G 224 -46.11 47.20 20.35
N THR G 225 -45.19 48.11 20.64
CA THR G 225 -44.02 48.32 19.79
C THR G 225 -42.81 48.68 20.63
N PHE G 226 -41.71 47.98 20.42
CA PHE G 226 -40.44 48.38 20.99
C PHE G 226 -39.81 49.35 20.02
N LEU G 227 -39.26 50.44 20.54
CA LEU G 227 -38.58 51.42 19.68
C LEU G 227 -37.36 51.91 20.43
N VAL G 228 -36.18 51.52 19.97
CA VAL G 228 -34.94 51.98 20.60
C VAL G 228 -34.01 52.51 19.54
N TYR G 229 -32.96 53.20 19.95
CA TYR G 229 -32.02 53.81 19.02
C TYR G 229 -30.60 53.44 19.36
N LEU G 230 -29.76 53.26 18.34
CA LEU G 230 -28.35 52.98 18.52
C LEU G 230 -27.53 54.05 17.84
N LYS G 231 -26.58 54.62 18.56
CA LYS G 231 -25.62 55.47 17.89
C LYS G 231 -24.41 54.64 17.49
N ILE G 232 -24.32 54.27 16.22
CA ILE G 232 -23.15 53.56 15.75
C ILE G 232 -22.05 54.53 15.37
N THR G 233 -21.06 54.69 16.24
CA THR G 233 -19.90 55.51 15.94
C THR G 233 -19.21 54.97 14.68
N GLY G 234 -19.13 53.65 14.60
CA GLY G 234 -18.49 52.99 13.46
C GLY G 234 -17.44 51.99 13.84
N ASP G 235 -16.94 52.06 15.07
CA ASP G 235 -15.90 51.11 15.49
C ASP G 235 -16.48 49.78 16.00
N TYR G 236 -17.79 49.77 16.24
CA TYR G 236 -18.51 48.54 16.62
C TYR G 236 -19.79 48.49 15.80
N GLU G 237 -19.81 47.64 14.78
CA GLU G 237 -20.87 47.67 13.78
C GLU G 237 -21.78 46.47 13.84
N ASP G 238 -21.33 45.40 14.46
CA ASP G 238 -22.20 44.21 14.54
C ASP G 238 -23.19 44.31 15.69
N VAL G 239 -24.47 44.33 15.34
CA VAL G 239 -25.56 44.47 16.29
C VAL G 239 -26.20 43.10 16.49
N LYS G 240 -26.52 42.76 17.73
CA LYS G 240 -27.16 41.48 17.99
C LYS G 240 -28.45 41.65 18.78
N PHE G 241 -29.55 41.11 18.25
CA PHE G 241 -30.82 41.08 18.95
C PHE G 241 -31.02 39.67 19.52
N SER G 242 -31.31 39.56 20.82
CA SER G 242 -31.56 38.27 21.43
C SER G 242 -32.90 38.24 22.11
N VAL G 243 -33.68 37.18 21.89
CA VAL G 243 -34.88 36.94 22.69
C VAL G 243 -34.43 36.23 23.95
N THR G 244 -34.82 36.74 25.11
CA THR G 244 -34.23 36.22 26.36
C THR G 244 -35.21 35.63 27.38
N TYR G 245 -36.50 35.72 27.12
CA TYR G 245 -37.46 35.36 28.16
C TYR G 245 -37.59 33.87 28.44
N GLY G 246 -37.08 33.03 27.54
CA GLY G 246 -36.97 31.61 27.86
C GLY G 246 -37.95 30.73 27.11
N GLY G 247 -37.42 29.72 26.43
CA GLY G 247 -38.20 28.87 25.56
C GLY G 247 -39.47 28.26 26.12
N GLY G 248 -39.46 27.88 27.40
CA GLY G 248 -40.58 27.13 27.93
C GLY G 248 -41.60 27.95 28.70
N LEU G 249 -41.49 29.26 28.61
CA LEU G 249 -42.30 30.15 29.44
C LEU G 249 -43.81 30.11 29.17
N GLY G 250 -44.21 29.96 27.90
CA GLY G 250 -45.63 29.88 27.59
C GLY G 250 -46.20 31.23 27.20
N VAL G 251 -45.32 32.11 26.72
CA VAL G 251 -45.75 33.40 26.19
C VAL G 251 -45.23 33.59 24.75
N PRO G 252 -45.86 32.93 23.78
CA PRO G 252 -45.42 33.13 22.38
C PRO G 252 -45.60 34.58 21.92
N PHE G 253 -44.62 35.10 21.19
CA PHE G 253 -44.69 36.46 20.60
C PHE G 253 -44.65 36.34 19.08
N THR G 254 -45.30 37.27 18.40
CA THR G 254 -45.09 37.45 16.95
C THR G 254 -44.64 38.89 16.80
N PHE G 255 -43.58 39.13 16.02
CA PHE G 255 -43.06 40.49 15.91
C PHE G 255 -42.52 40.82 14.55
N GLY G 256 -42.37 42.12 14.29
CA GLY G 256 -41.79 42.59 13.05
C GLY G 256 -40.46 43.25 13.39
N LEU G 257 -39.73 43.66 12.36
CA LEU G 257 -38.43 44.28 12.56
C LEU G 257 -38.21 45.38 11.55
N GLU G 258 -37.94 46.56 12.05
CA GLU G 258 -37.70 47.70 11.17
C GLU G 258 -36.42 48.33 11.67
N VAL G 259 -35.42 48.47 10.80
CA VAL G 259 -34.16 49.10 11.14
C VAL G 259 -33.88 50.17 10.11
N GLU G 260 -33.72 51.40 10.57
CA GLU G 260 -33.68 52.54 9.65
C GLU G 260 -32.80 53.65 10.19
N GLU G 261 -32.08 54.33 9.30
N GLU G 261 -32.09 54.32 9.29
CA GLU G 261 -31.24 55.42 9.72
CA GLU G 261 -31.26 55.45 9.68
C GLU G 261 -32.07 56.65 10.06
C GLU G 261 -32.13 56.62 10.11
N ILE G 262 -31.68 57.34 11.13
CA ILE G 262 -32.35 58.59 11.52
C ILE G 262 -31.37 59.75 11.55
N ASN G 263 -31.91 60.97 11.51
CA ASN G 263 -31.14 62.16 11.78
C ASN G 263 -31.23 62.44 13.26
N GLU G 264 -30.44 63.39 13.75
CA GLU G 264 -30.38 63.60 15.20
C GLU G 264 -31.77 63.80 15.79
N LEU G 265 -32.05 63.12 16.89
CA LEU G 265 -33.34 63.25 17.54
C LEU G 265 -33.15 63.73 18.98
N VAL G 266 -33.46 65.00 19.23
CA VAL G 266 -33.50 65.52 20.59
C VAL G 266 -34.83 65.12 21.20
N GLU G 267 -34.80 64.15 22.10
CA GLU G 267 -36.02 63.62 22.67
C GLU G 267 -36.63 64.61 23.66
N ASN G 268 -35.77 65.31 24.39
CA ASN G 268 -36.24 66.41 25.23
C ASN G 268 -35.08 67.20 25.77
N THR G 269 -35.36 68.40 26.26
CA THR G 269 -34.33 69.26 26.82
C THR G 269 -34.90 69.70 28.15
N ASN G 270 -34.10 69.61 29.21
CA ASN G 270 -34.60 69.83 30.56
C ASN G 270 -33.74 70.70 31.45
N PHE G 271 -34.41 71.52 32.25
CA PHE G 271 -33.78 72.24 33.33
C PHE G 271 -34.12 71.45 34.57
N VAL G 272 -33.11 70.97 35.27
CA VAL G 272 -33.35 70.14 36.42
C VAL G 272 -32.58 70.65 37.63
N THR G 273 -33.11 70.37 38.82
CA THR G 273 -32.49 70.86 40.03
C THR G 273 -32.32 69.71 41.01
N GLN G 274 -31.26 69.77 41.79
CA GLN G 274 -30.98 68.69 42.72
C GLN G 274 -30.27 69.24 43.95
N SER G 275 -30.81 68.99 45.13
CA SER G 275 -30.16 69.44 46.35
C SER G 275 -29.35 68.33 46.99
N VAL G 276 -28.28 68.73 47.65
CA VAL G 276 -27.43 67.79 48.37
C VAL G 276 -27.08 68.39 49.71
N THR G 277 -27.28 67.61 50.77
CA THR G 277 -26.98 68.09 52.12
C THR G 277 -25.69 67.48 52.63
N LEU G 278 -24.76 68.34 53.01
CA LEU G 278 -23.41 67.90 53.38
C LEU G 278 -23.23 68.05 54.89
N SER G 279 -22.72 67.00 55.53
CA SER G 279 -22.52 67.03 56.97
C SER G 279 -21.23 66.33 57.39
N GLY G 280 -20.13 66.64 56.69
CA GLY G 280 -18.82 66.16 57.09
C GLY G 280 -18.26 65.03 56.25
N SER G 281 -19.10 64.38 55.47
CA SER G 281 -18.68 63.23 54.69
C SER G 281 -18.89 63.45 53.20
N GLN G 282 -18.03 62.86 52.39
CA GLN G 282 -18.17 62.96 50.95
C GLN G 282 -19.46 62.28 50.52
N VAL G 283 -20.17 62.90 49.59
CA VAL G 283 -21.39 62.35 49.05
C VAL G 283 -21.23 62.24 47.55
N THR G 284 -21.61 61.09 47.00
CA THR G 284 -21.69 60.95 45.56
C THR G 284 -23.15 60.82 45.17
N GLN G 285 -23.68 61.83 44.51
CA GLN G 285 -25.12 61.87 44.19
C GLN G 285 -25.33 61.69 42.70
N SER G 286 -26.03 60.62 42.33
CA SER G 286 -26.41 60.42 40.94
C SER G 286 -27.42 61.49 40.54
N ILE G 287 -27.20 62.11 39.38
CA ILE G 287 -28.12 63.10 38.88
C ILE G 287 -28.96 62.45 37.79
N LEU G 288 -28.27 61.76 36.88
N LEU G 288 -28.28 61.77 36.87
CA LEU G 288 -28.90 61.17 35.71
CA LEU G 288 -28.98 61.14 35.77
C LEU G 288 -28.10 59.95 35.25
C LEU G 288 -28.14 60.01 35.20
N ASN G 289 -28.80 58.89 34.86
CA ASN G 289 -28.15 57.74 34.28
C ASN G 289 -29.08 57.12 33.25
N VAL G 290 -28.75 57.23 31.97
CA VAL G 290 -29.63 56.70 30.94
C VAL G 290 -28.98 55.56 30.16
N GLN G 291 -27.98 54.95 30.77
CA GLN G 291 -27.30 53.83 30.13
C GLN G 291 -28.30 52.69 29.90
N GLY G 292 -28.29 52.11 28.71
CA GLY G 292 -29.20 51.01 28.41
C GLY G 292 -30.59 51.45 27.98
N SER G 293 -30.79 52.76 27.79
CA SER G 293 -32.12 53.29 27.51
C SER G 293 -32.36 53.51 26.02
N GLY G 294 -31.29 53.45 25.23
CA GLY G 294 -31.38 53.80 23.81
C GLY G 294 -31.23 55.29 23.60
N SER G 295 -30.62 55.97 24.57
CA SER G 295 -30.38 57.39 24.44
C SER G 295 -29.08 57.82 25.15
N HIS G 296 -28.68 59.06 24.95
CA HIS G 296 -27.55 59.59 25.68
C HIS G 296 -27.81 61.06 25.99
N LEU G 297 -26.82 61.74 26.56
CA LEU G 297 -27.03 63.08 27.09
C LEU G 297 -26.09 64.09 26.48
N ARG G 298 -26.45 65.36 26.62
CA ARG G 298 -25.57 66.48 26.28
C ARG G 298 -25.78 67.57 27.31
N LEU G 299 -24.72 67.98 28.02
CA LEU G 299 -24.87 68.99 29.07
C LEU G 299 -24.55 70.36 28.50
N LYS G 300 -25.41 71.34 28.77
CA LYS G 300 -25.27 72.68 28.20
C LYS G 300 -24.91 73.72 29.23
N TYR G 301 -25.34 73.52 30.47
CA TYR G 301 -25.12 74.52 31.50
C TYR G 301 -25.30 73.90 32.88
N ALA G 302 -24.49 74.34 33.83
CA ALA G 302 -24.64 73.90 35.22
C ALA G 302 -24.26 75.02 36.17
N SER G 303 -24.87 75.00 37.35
CA SER G 303 -24.65 76.05 38.35
C SER G 303 -24.93 75.48 39.72
N VAL G 304 -24.20 75.93 40.72
CA VAL G 304 -24.45 75.49 42.08
C VAL G 304 -24.66 76.69 42.99
N SER G 305 -25.77 76.69 43.71
CA SER G 305 -25.99 77.75 44.68
C SER G 305 -25.79 77.21 46.08
N GLY G 306 -25.44 78.08 47.03
CA GLY G 306 -25.28 77.66 48.40
C GLY G 306 -23.85 77.35 48.78
N LEU G 307 -22.92 77.54 47.86
CA LEU G 307 -21.49 77.33 48.15
C LEU G 307 -21.00 78.28 49.22
N THR G 308 -20.28 77.74 50.20
CA THR G 308 -19.62 78.56 51.20
C THR G 308 -18.25 77.96 51.45
N THR G 309 -17.46 78.62 52.29
CA THR G 309 -16.13 78.11 52.64
C THR G 309 -16.25 76.77 53.37
N ALA G 310 -17.46 76.42 53.78
CA ALA G 310 -17.71 75.15 54.46
C ALA G 310 -17.77 73.98 53.46
N VAL G 311 -17.81 74.28 52.17
CA VAL G 311 -17.82 73.25 51.12
C VAL G 311 -16.43 73.09 50.53
N THR G 312 -15.88 71.88 50.64
CA THR G 312 -14.47 71.63 50.28
C THR G 312 -14.37 70.92 48.94
N GLN G 313 -15.46 70.29 48.52
CA GLN G 313 -15.47 69.65 47.22
C GLN G 313 -16.84 69.76 46.59
N CYS G 314 -16.85 70.06 45.30
CA CYS G 314 -18.09 70.14 44.55
C CYS G 314 -17.73 70.00 43.09
N GLN G 315 -17.75 68.75 42.63
CA GLN G 315 -17.39 68.42 41.25
C GLN G 315 -18.53 67.71 40.55
N LEU G 316 -18.91 68.24 39.38
CA LEU G 316 -19.79 67.53 38.46
C LEU G 316 -18.97 66.57 37.60
N GLN G 317 -19.38 65.30 37.55
CA GLN G 317 -18.67 64.29 36.79
C GLN G 317 -19.61 63.56 35.85
N ALA G 318 -19.05 63.05 34.76
CA ALA G 318 -19.86 62.43 33.73
C ALA G 318 -19.04 61.34 33.07
N THR G 319 -19.73 60.44 32.39
CA THR G 319 -19.01 59.45 31.59
C THR G 319 -19.94 58.78 30.61
N ASN G 320 -19.35 58.16 29.60
CA ASN G 320 -20.03 57.14 28.82
C ASN G 320 -19.78 55.78 29.49
N LEU G 321 -20.76 55.31 30.25
CA LEU G 321 -20.61 54.07 31.03
C LEU G 321 -20.35 52.83 30.16
N ASN G 322 -20.73 52.92 28.89
CA ASN G 322 -20.47 51.83 27.96
C ASN G 322 -19.00 51.79 27.54
N ARG G 323 -18.30 52.91 27.80
CA ARG G 323 -16.88 52.98 27.49
C ARG G 323 -16.04 52.85 28.75
N SER G 324 -16.50 53.46 29.84
CA SER G 324 -15.74 53.52 31.07
C SER G 324 -16.62 53.69 32.31
N THR G 325 -16.33 52.95 33.38
CA THR G 325 -17.06 53.07 34.64
C THR G 325 -16.44 54.13 35.53
N THR G 326 -15.31 54.67 35.09
CA THR G 326 -14.67 55.77 35.82
C THR G 326 -15.18 57.12 35.31
N TYR G 327 -15.76 57.89 36.22
CA TYR G 327 -16.31 59.18 35.88
C TYR G 327 -15.19 60.20 35.79
N SER G 328 -15.30 61.14 34.86
CA SER G 328 -14.33 62.23 34.83
C SER G 328 -15.02 63.52 35.21
N THR G 329 -14.27 64.37 35.90
CA THR G 329 -14.77 65.68 36.30
C THR G 329 -14.95 66.57 35.07
N VAL G 330 -16.15 67.12 34.90
CA VAL G 330 -16.42 68.00 33.78
C VAL G 330 -16.53 69.46 34.21
N TRP G 331 -16.78 69.66 35.50
CA TRP G 331 -16.69 70.99 36.07
C TRP G 331 -16.47 70.93 37.56
N ASP G 332 -15.56 71.77 38.03
CA ASP G 332 -15.29 71.86 39.44
C ASP G 332 -15.77 73.25 39.90
N PHE G 333 -16.81 73.26 40.73
CA PHE G 333 -17.46 74.51 41.09
C PHE G 333 -16.64 75.29 42.11
N ILE G 334 -15.72 74.62 42.80
CA ILE G 334 -14.84 75.32 43.74
C ILE G 334 -13.70 75.98 42.95
N ALA G 335 -13.01 75.17 42.14
CA ALA G 335 -11.85 75.63 41.39
C ALA G 335 -12.24 76.55 40.24
N GLY G 336 -13.38 76.27 39.61
CA GLY G 336 -13.77 76.96 38.40
C GLY G 336 -14.81 78.05 38.57
N GLY G 337 -15.53 78.04 39.69
CA GLY G 337 -16.59 79.02 39.93
C GLY G 337 -17.98 78.40 39.88
N SER G 338 -18.95 79.12 40.41
CA SER G 338 -20.27 78.58 40.69
C SER G 338 -21.13 78.26 39.46
N SER G 339 -20.70 78.69 38.28
CA SER G 339 -21.45 78.32 37.08
C SER G 339 -20.53 78.08 35.88
N THR G 340 -21.02 77.28 34.94
CA THR G 340 -20.24 76.90 33.77
C THR G 340 -20.19 78.03 32.74
N PRO G 341 -19.05 78.17 32.04
CA PRO G 341 -18.87 79.23 31.05
C PRO G 341 -19.64 78.94 29.76
N PRO G 342 -19.81 79.96 28.91
CA PRO G 342 -20.57 79.81 27.67
C PRO G 342 -20.11 78.67 26.77
N SER G 343 -18.82 78.39 26.70
CA SER G 343 -18.31 77.38 25.77
C SER G 343 -18.42 75.96 26.33
N TRP G 344 -18.87 75.83 27.57
CA TRP G 344 -18.98 74.53 28.23
C TRP G 344 -20.11 73.71 27.62
N ASP G 345 -19.76 72.54 27.10
CA ASP G 345 -20.69 71.70 26.36
C ASP G 345 -20.15 70.30 26.47
N ILE G 346 -20.90 69.41 27.13
CA ILE G 346 -20.39 68.06 27.38
C ILE G 346 -21.20 67.07 26.54
N ARG G 347 -20.55 66.44 25.57
CA ARG G 347 -21.25 65.54 24.67
C ARG G 347 -20.86 64.09 24.93
N GLU G 348 -21.65 63.18 24.36
CA GLU G 348 -21.35 61.74 24.36
C GLU G 348 -21.10 61.18 25.75
N ILE G 349 -22.03 61.46 26.65
CA ILE G 349 -22.05 60.87 27.97
C ILE G 349 -23.45 60.30 28.20
N ASN G 350 -23.58 59.39 29.15
CA ASN G 350 -24.89 58.85 29.49
C ASN G 350 -25.13 58.74 30.98
N SER G 351 -24.18 59.20 31.78
CA SER G 351 -24.39 59.25 33.23
C SER G 351 -23.67 60.44 33.87
N ILE G 352 -24.35 61.10 34.81
CA ILE G 352 -23.87 62.32 35.45
C ILE G 352 -24.00 62.15 36.95
N GLN G 353 -22.97 62.53 37.70
CA GLN G 353 -23.07 62.53 39.16
C GLN G 353 -22.41 63.77 39.76
N LEU G 354 -22.82 64.12 40.97
CA LEU G 354 -22.19 65.21 41.69
C LEU G 354 -21.47 64.62 42.87
N VAL G 355 -20.17 64.93 42.98
CA VAL G 355 -19.40 64.51 44.14
C VAL G 355 -19.07 65.74 44.98
N ALA G 356 -19.48 65.71 46.24
CA ALA G 356 -19.33 66.88 47.09
C ALA G 356 -18.94 66.48 48.49
N ASN G 357 -18.36 67.44 49.20
CA ASN G 357 -17.95 67.22 50.57
C ASN G 357 -17.88 68.54 51.29
N GLY G 358 -18.09 68.51 52.60
CA GLY G 358 -18.13 69.72 53.41
C GLY G 358 -19.12 69.63 54.55
N GLY G 359 -19.35 70.75 55.20
CA GLY G 359 -20.20 70.79 56.38
C GLY G 359 -19.62 69.98 57.51
N SER G 360 -20.39 69.85 58.60
CA SER G 360 -19.96 69.06 59.74
C SER G 360 -21.14 68.29 60.34
N SER G 361 -20.82 67.35 61.23
CA SER G 361 -21.85 66.55 61.90
C SER G 361 -22.80 67.42 62.72
N THR G 362 -22.40 68.66 63.00
CA THR G 362 -23.18 69.55 63.84
C THR G 362 -23.75 70.72 63.05
N SER G 363 -23.21 70.94 61.86
CA SER G 363 -23.60 72.08 61.04
C SER G 363 -23.55 71.70 59.56
N SER G 364 -24.68 71.27 59.04
CA SER G 364 -24.76 70.79 57.66
C SER G 364 -24.92 71.95 56.69
N VAL G 365 -24.49 71.74 55.45
CA VAL G 365 -24.63 72.72 54.39
C VAL G 365 -25.42 72.10 53.25
N THR G 366 -26.41 72.83 52.76
CA THR G 366 -27.18 72.34 51.63
C THR G 366 -26.86 73.16 50.38
N ILE G 367 -26.43 72.48 49.33
CA ILE G 367 -26.15 73.12 48.05
C ILE G 367 -27.15 72.62 47.02
N THR G 368 -27.40 73.42 46.00
CA THR G 368 -28.36 73.05 44.97
C THR G 368 -27.74 73.16 43.60
N LEU G 369 -27.73 72.04 42.88
CA LEU G 369 -27.23 71.99 41.54
C LEU G 369 -28.40 72.24 40.59
N ILE G 370 -28.18 73.11 39.60
CA ILE G 370 -29.12 73.18 38.49
C ILE G 370 -28.37 72.75 37.25
N LEU G 371 -29.08 72.10 36.34
CA LEU G 371 -28.45 71.56 35.15
C LEU G 371 -29.41 71.68 33.97
N VAL G 372 -28.89 72.09 32.82
CA VAL G 372 -29.68 72.06 31.59
C VAL G 372 -29.02 71.04 30.68
N TYR G 373 -29.79 70.05 30.26
CA TYR G 373 -29.24 69.02 29.37
C TYR G 373 -30.25 68.61 28.33
N GLU G 374 -29.75 68.02 27.24
CA GLU G 374 -30.59 67.39 26.25
C GLU G 374 -30.45 65.88 26.39
N GLN G 375 -31.55 65.18 26.16
CA GLN G 375 -31.54 63.75 26.02
C GLN G 375 -31.69 63.44 24.56
N ILE G 376 -30.73 62.70 24.02
CA ILE G 376 -30.62 62.52 22.58
C ILE G 376 -30.72 61.04 22.23
N ALA G 377 -31.48 60.71 21.19
CA ALA G 377 -31.67 59.33 20.78
C ALA G 377 -30.35 58.70 20.36
N GLY G 378 -30.15 57.47 20.79
CA GLY G 378 -29.01 56.67 20.39
C GLY G 378 -28.21 56.19 21.58
N GLU G 379 -28.21 54.88 21.82
CA GLU G 379 -27.35 54.28 22.85
C GLU G 379 -25.89 54.44 22.41
N LEU G 380 -25.01 54.83 23.34
CA LEU G 380 -23.59 55.02 23.01
C LEU G 380 -22.91 53.67 22.94
N SER G 381 -21.97 53.50 22.03
CA SER G 381 -21.29 52.22 21.97
C SER G 381 -20.06 52.14 22.88
N HIS G 382 -19.59 50.92 23.08
CA HIS G 382 -18.37 50.64 23.81
C HIS G 382 -17.18 51.26 23.05
N HIS G 383 -16.06 51.48 23.75
CA HIS G 383 -14.80 51.87 23.09
C HIS G 383 -13.61 51.39 23.92
N LEU H 6 -65.39 38.45 -12.80
CA LEU H 6 -64.64 39.70 -13.01
C LEU H 6 -63.12 39.44 -13.01
N GLY H 7 -62.65 38.50 -12.20
CA GLY H 7 -61.26 38.14 -12.20
C GLY H 7 -60.88 37.32 -13.41
N GLN H 8 -59.64 37.47 -13.88
CA GLN H 8 -59.13 36.68 -14.99
C GLN H 8 -57.84 36.02 -14.59
N SER H 9 -57.46 34.97 -15.32
CA SER H 9 -56.14 34.39 -15.14
C SER H 9 -55.15 35.07 -16.07
N PHE H 10 -53.88 35.09 -15.69
CA PHE H 10 -52.85 35.65 -16.55
C PHE H 10 -51.51 34.95 -16.36
N PRO H 11 -50.77 34.76 -17.46
CA PRO H 11 -49.43 34.16 -17.39
C PRO H 11 -48.45 35.20 -16.87
N ALA H 12 -47.54 34.77 -16.00
CA ALA H 12 -46.64 35.75 -15.38
C ALA H 12 -45.24 35.22 -15.22
N ASN H 13 -44.74 34.49 -16.22
CA ASN H 13 -43.43 33.86 -16.06
C ASN H 13 -42.22 34.76 -16.22
N ALA H 14 -42.38 35.84 -16.97
CA ALA H 14 -41.23 36.65 -17.38
C ALA H 14 -40.82 37.64 -16.30
N LYS H 15 -39.52 37.90 -16.24
CA LYS H 15 -38.95 38.91 -15.34
C LYS H 15 -39.55 40.27 -15.65
N VAL H 16 -39.87 41.03 -14.60
CA VAL H 16 -40.41 42.39 -14.77
C VAL H 16 -39.28 43.34 -15.15
N LYS H 17 -39.59 44.33 -15.98
CA LYS H 17 -38.63 45.37 -16.36
C LYS H 17 -39.03 46.64 -15.63
N TYR H 18 -38.09 47.58 -15.50
CA TYR H 18 -38.43 48.88 -14.93
C TYR H 18 -38.87 49.90 -15.97
N TYR H 19 -38.79 49.54 -17.25
CA TYR H 19 -39.26 50.41 -18.29
C TYR H 19 -39.70 49.55 -19.47
N TYR H 20 -40.87 49.84 -20.01
CA TYR H 20 -41.36 49.17 -21.20
C TYR H 20 -41.77 50.19 -22.22
N LYS H 21 -41.35 50.00 -23.47
CA LYS H 21 -41.99 50.74 -24.55
C LYS H 21 -42.75 49.69 -25.34
N LEU H 22 -44.07 49.74 -25.30
CA LEU H 22 -44.88 48.62 -25.71
C LEU H 22 -45.03 48.53 -27.23
N SER H 23 -44.44 49.48 -27.94
CA SER H 23 -44.35 49.41 -29.40
C SER H 23 -43.11 48.64 -29.82
N GLU H 24 -42.30 48.20 -28.84
CA GLU H 24 -41.20 47.26 -29.12
C GLU H 24 -41.73 45.87 -28.79
N LYS H 25 -41.61 44.98 -29.74
CA LYS H 25 -42.13 43.62 -29.61
C LYS H 25 -41.60 42.91 -28.37
N GLN H 26 -40.30 42.97 -28.14
CA GLN H 26 -39.75 42.24 -27.00
C GLN H 26 -40.27 42.76 -25.66
N ASP H 27 -40.47 44.07 -25.54
CA ASP H 27 -41.06 44.65 -24.32
C ASP H 27 -42.51 44.23 -24.15
N LEU H 28 -43.28 44.26 -25.24
CA LEU H 28 -44.69 43.86 -25.18
C LEU H 28 -44.81 42.39 -24.79
N ASP H 29 -43.99 41.56 -25.40
CA ASP H 29 -44.00 40.11 -25.13
C ASP H 29 -43.75 39.85 -23.65
N ALA H 30 -42.81 40.59 -23.07
CA ALA H 30 -42.50 40.41 -21.65
C ALA H 30 -43.69 40.93 -20.80
N PHE H 31 -44.19 42.12 -21.16
CA PHE H 31 -45.29 42.79 -20.47
C PHE H 31 -46.51 41.87 -20.30
N VAL H 32 -46.88 41.17 -21.37
CA VAL H 32 -48.08 40.32 -21.35
C VAL H 32 -47.79 38.88 -20.91
N ASN H 33 -46.59 38.64 -20.41
CA ASN H 33 -46.26 37.39 -19.74
C ASN H 33 -45.68 37.73 -18.35
N SER H 34 -46.19 38.78 -17.73
CA SER H 34 -45.65 39.16 -16.41
C SER H 34 -46.62 40.00 -15.58
N ILE H 35 -47.05 41.14 -16.12
CA ILE H 35 -47.81 42.08 -15.32
C ILE H 35 -49.13 42.56 -15.94
N PHE H 36 -49.40 42.16 -17.17
CA PHE H 36 -50.64 42.59 -17.84
C PHE H 36 -51.71 41.51 -17.77
N VAL H 37 -52.93 41.92 -17.41
CA VAL H 37 -54.04 41.00 -17.22
C VAL H 37 -55.09 41.39 -18.25
N GLY H 38 -55.50 40.42 -19.05
CA GLY H 38 -56.55 40.62 -20.03
C GLY H 38 -56.01 40.49 -21.46
N SER H 39 -56.81 40.81 -22.45
N SER H 39 -56.83 40.85 -22.43
CA SER H 39 -56.33 40.71 -23.82
CA SER H 39 -56.45 40.77 -23.83
C SER H 39 -56.05 42.10 -24.37
C SER H 39 -56.01 42.12 -24.35
N TYR H 40 -55.37 42.14 -25.52
CA TYR H 40 -55.08 43.40 -26.19
C TYR H 40 -55.21 43.23 -27.69
N LYS H 41 -55.33 44.34 -28.41
CA LYS H 41 -55.33 44.32 -29.87
C LYS H 41 -54.26 45.28 -30.26
N LEU H 42 -53.37 44.86 -31.15
CA LEU H 42 -52.30 45.76 -31.53
C LEU H 42 -52.85 46.70 -32.59
N LYS H 43 -52.72 48.01 -32.37
CA LYS H 43 -53.29 48.98 -33.31
C LYS H 43 -52.34 50.10 -33.61
N GLN H 44 -52.49 50.66 -34.78
CA GLN H 44 -51.69 51.83 -35.14
C GLN H 44 -52.31 53.05 -34.50
N ILE H 45 -51.52 53.74 -33.70
CA ILE H 45 -51.97 54.86 -32.88
C ILE H 45 -51.26 56.11 -33.39
N SER H 46 -52.00 57.20 -33.58
CA SER H 46 -51.41 58.46 -34.04
C SER H 46 -51.82 59.60 -33.12
N TYR H 47 -50.90 60.48 -32.77
CA TYR H 47 -51.29 61.70 -32.07
C TYR H 47 -50.33 62.84 -32.36
N LEU H 48 -50.76 64.06 -32.03
CA LEU H 48 -50.05 65.28 -32.45
C LEU H 48 -49.02 65.75 -31.44
N LEU H 49 -47.83 66.08 -31.92
CA LEU H 49 -46.79 66.66 -31.08
C LEU H 49 -46.21 67.87 -31.83
N TYR H 50 -46.53 69.08 -31.37
CA TYR H 50 -46.11 70.29 -32.07
C TYR H 50 -46.47 70.25 -33.55
N GLY H 51 -47.68 69.82 -33.86
CA GLY H 51 -48.16 69.82 -35.25
C GLY H 51 -47.72 68.62 -36.06
N ASN H 52 -46.81 67.81 -35.50
CA ASN H 52 -46.37 66.58 -36.16
C ASN H 52 -47.12 65.37 -35.65
N THR H 53 -47.28 64.36 -36.49
CA THR H 53 -48.04 63.16 -36.10
C THR H 53 -47.10 62.00 -35.78
N LYS H 54 -47.02 61.69 -34.49
CA LYS H 54 -46.30 60.53 -34.03
C LYS H 54 -47.13 59.29 -34.27
N ILE H 55 -46.55 58.30 -34.93
CA ILE H 55 -47.24 57.05 -35.23
C ILE H 55 -46.53 55.85 -34.60
N VAL H 56 -47.27 55.09 -33.81
CA VAL H 56 -46.76 53.85 -33.20
C VAL H 56 -47.80 52.73 -33.29
N SER H 57 -47.33 51.49 -33.26
CA SER H 57 -48.23 50.36 -33.07
C SER H 57 -48.18 49.97 -31.61
N ALA H 58 -49.33 49.99 -30.93
CA ALA H 58 -49.37 49.77 -29.48
C ALA H 58 -50.57 48.91 -29.12
N PRO H 59 -50.52 48.26 -27.95
CA PRO H 59 -51.60 47.39 -27.53
C PRO H 59 -52.78 48.25 -27.05
N VAL H 60 -54.00 47.91 -27.49
CA VAL H 60 -55.19 48.62 -27.05
C VAL H 60 -56.12 47.66 -26.30
N VAL H 61 -56.68 48.10 -25.17
CA VAL H 61 -57.64 47.29 -24.44
C VAL H 61 -58.90 47.17 -25.27
N PRO H 62 -59.33 45.94 -25.55
CA PRO H 62 -60.51 45.75 -26.41
C PRO H 62 -61.80 45.91 -25.62
N LEU H 63 -62.92 45.99 -26.33
CA LEU H 63 -64.24 45.98 -25.71
C LEU H 63 -64.38 44.80 -24.78
N GLY H 64 -64.99 45.03 -23.62
CA GLY H 64 -65.14 43.99 -22.63
C GLY H 64 -64.68 44.50 -21.28
N PRO H 65 -64.27 43.59 -20.40
CA PRO H 65 -63.83 43.96 -19.05
C PRO H 65 -62.59 44.84 -19.10
N ASN H 66 -62.36 45.62 -18.05
CA ASN H 66 -61.13 46.39 -17.97
C ASN H 66 -59.97 45.43 -18.00
N ALA H 67 -58.83 45.90 -18.50
CA ALA H 67 -57.56 45.19 -18.31
C ALA H 67 -56.97 45.64 -16.97
N SER H 68 -55.93 44.96 -16.49
CA SER H 68 -55.26 45.39 -15.28
C SER H 68 -53.75 45.28 -15.46
N ILE H 69 -53.02 46.08 -14.71
CA ILE H 69 -51.59 45.85 -14.54
C ILE H 69 -51.41 45.51 -13.07
N ILE H 70 -50.73 44.40 -12.80
CA ILE H 70 -50.58 43.91 -11.44
C ILE H 70 -49.13 43.49 -11.27
N ILE H 71 -48.44 44.04 -10.26
CA ILE H 71 -47.03 43.71 -10.06
C ILE H 71 -46.76 43.26 -8.65
N ASP H 72 -46.59 41.95 -8.42
CA ASP H 72 -46.19 41.48 -7.08
C ASP H 72 -44.73 41.04 -7.03
N ASP H 73 -44.00 41.22 -8.13
CA ASP H 73 -42.60 40.79 -8.22
C ASP H 73 -41.74 41.53 -7.23
N GLU H 74 -40.61 40.93 -6.88
CA GLU H 74 -39.67 41.50 -5.92
C GLU H 74 -38.81 42.60 -6.53
N LEU H 75 -39.45 43.70 -6.93
CA LEU H 75 -38.69 44.88 -7.38
C LEU H 75 -37.78 45.30 -6.24
N GLN H 76 -36.74 46.06 -6.57
CA GLN H 76 -35.91 46.69 -5.54
C GLN H 76 -36.81 47.51 -4.61
N GLU H 77 -36.59 47.40 -3.31
CA GLU H 77 -37.47 48.12 -2.40
C GLU H 77 -37.28 49.62 -2.56
N GLY H 78 -38.33 50.40 -2.29
CA GLY H 78 -38.23 51.85 -2.36
C GLY H 78 -39.55 52.44 -2.77
N LEU H 79 -39.54 53.75 -3.00
CA LEU H 79 -40.76 54.45 -3.37
C LEU H 79 -40.66 54.77 -4.85
N TYR H 80 -41.64 54.28 -5.61
CA TYR H 80 -41.63 54.44 -7.07
C TYR H 80 -42.63 55.46 -7.54
N LEU H 81 -42.21 56.24 -8.53
CA LEU H 81 -43.13 57.03 -9.35
C LEU H 81 -43.38 56.20 -10.59
N ILE H 82 -44.65 55.92 -10.86
CA ILE H 82 -45.01 55.19 -12.06
C ILE H 82 -45.58 56.17 -13.07
N ARG H 83 -45.15 56.06 -14.33
CA ARG H 83 -45.76 56.81 -15.39
C ARG H 83 -46.22 55.86 -16.46
N ILE H 84 -47.48 55.99 -16.86
CA ILE H 84 -48.00 55.18 -17.95
C ILE H 84 -48.44 56.12 -19.04
N LYS H 85 -47.79 56.03 -20.20
CA LYS H 85 -48.22 56.84 -21.32
C LYS H 85 -49.33 56.08 -22.04
N VAL H 86 -50.48 56.72 -22.17
CA VAL H 86 -51.63 56.08 -22.81
C VAL H 86 -52.22 56.99 -23.86
N TYR H 87 -53.06 56.41 -24.71
CA TYR H 87 -53.80 57.19 -25.69
C TYR H 87 -55.22 56.67 -25.73
N ASN H 88 -56.17 57.58 -25.52
CA ASN H 88 -57.56 57.19 -25.51
C ASN H 88 -58.11 57.17 -26.94
N THR H 89 -58.30 55.98 -27.49
CA THR H 89 -58.82 55.86 -28.86
C THR H 89 -60.32 56.07 -28.93
N ASN H 90 -60.99 56.16 -27.78
CA ASN H 90 -62.45 56.36 -27.79
C ASN H 90 -62.84 57.79 -28.13
N SER H 91 -64.05 57.95 -28.66
CA SER H 91 -64.56 59.30 -28.90
C SER H 91 -65.26 59.86 -27.65
N PHE H 92 -65.04 59.25 -26.49
CA PHE H 92 -65.58 59.72 -25.23
C PHE H 92 -64.51 59.64 -24.16
N SER H 93 -64.68 60.38 -23.08
CA SER H 93 -63.76 60.35 -21.96
C SER H 93 -63.81 59.01 -21.25
N VAL H 94 -62.68 58.62 -20.65
CA VAL H 94 -62.65 57.44 -19.80
C VAL H 94 -61.95 57.83 -18.51
N THR H 95 -62.15 57.05 -17.47
CA THR H 95 -61.52 57.38 -16.19
C THR H 95 -60.62 56.23 -15.77
N VAL H 96 -59.62 56.58 -14.96
CA VAL H 96 -58.71 55.61 -14.41
C VAL H 96 -58.59 55.95 -12.93
N THR H 97 -58.40 54.93 -12.10
CA THR H 97 -58.26 55.12 -10.65
C THR H 97 -56.86 54.73 -10.24
N PRO H 98 -55.96 55.71 -10.03
CA PRO H 98 -54.58 55.36 -9.66
C PRO H 98 -54.50 54.63 -8.31
N PHE H 99 -53.45 53.81 -8.15
CA PHE H 99 -53.24 52.97 -7.00
C PHE H 99 -52.91 53.85 -5.79
N PHE H 100 -51.92 54.71 -5.95
CA PHE H 100 -51.46 55.60 -4.87
C PHE H 100 -51.28 54.86 -3.55
N ASN H 101 -50.96 53.58 -3.63
CA ASN H 101 -50.82 52.71 -2.48
C ASN H 101 -52.12 52.35 -1.74
N ASN H 102 -52.99 53.35 -1.55
N ASN H 102 -53.01 53.31 -1.52
CA ASN H 102 -54.21 53.17 -0.77
CA ASN H 102 -54.28 52.95 -0.91
C ASN H 102 -55.46 53.82 -1.34
C ASN H 102 -55.45 53.80 -1.36
N ASN H 103 -55.39 54.27 -2.59
CA ASN H 103 -56.55 54.92 -3.19
C ASN H 103 -57.45 53.93 -3.91
N ASN H 104 -58.77 54.12 -3.79
CA ASN H 104 -59.68 53.46 -4.71
C ASN H 104 -60.89 54.30 -5.12
N THR H 105 -60.79 55.62 -4.97
CA THR H 105 -61.90 56.52 -5.31
C THR H 105 -61.49 57.69 -6.19
N MET H 106 -60.29 58.23 -5.98
CA MET H 106 -59.83 59.36 -6.78
C MET H 106 -59.47 58.92 -8.19
N THR H 107 -59.73 59.78 -9.17
CA THR H 107 -59.62 59.38 -10.57
C THR H 107 -58.88 60.40 -11.42
N TYR H 108 -58.42 59.92 -12.58
CA TYR H 108 -58.00 60.77 -13.67
C TYR H 108 -59.10 60.70 -14.72
N SER H 109 -59.36 61.83 -15.37
CA SER H 109 -60.30 61.89 -16.49
C SER H 109 -59.49 62.07 -17.78
N ILE H 110 -59.62 61.12 -18.70
CA ILE H 110 -58.80 61.12 -19.94
C ILE H 110 -59.68 61.46 -21.13
N GLY H 111 -59.40 62.58 -21.79
CA GLY H 111 -60.27 63.09 -22.84
C GLY H 111 -60.28 62.21 -24.08
N ALA H 112 -61.34 62.35 -24.87
CA ALA H 112 -61.49 61.59 -26.10
C ALA H 112 -60.29 61.84 -27.04
N ASN H 113 -59.85 60.81 -27.74
CA ASN H 113 -58.85 60.95 -28.80
C ASN H 113 -57.61 61.72 -28.34
N SER H 114 -57.10 61.42 -27.16
CA SER H 114 -55.92 62.15 -26.70
C SER H 114 -54.92 61.32 -25.94
N GLU H 115 -53.68 61.76 -26.01
CA GLU H 115 -52.57 61.17 -25.28
C GLU H 115 -52.68 61.66 -23.85
N PHE H 116 -52.24 60.86 -22.88
CA PHE H 116 -52.37 61.23 -21.46
C PHE H 116 -51.30 60.51 -20.64
N GLU H 117 -50.80 61.18 -19.60
CA GLU H 117 -49.81 60.57 -18.71
C GLU H 117 -50.49 60.21 -17.41
N ILE H 118 -50.58 58.92 -17.13
CA ILE H 118 -51.09 58.46 -15.85
C ILE H 118 -49.92 58.47 -14.88
N TYR H 119 -50.03 59.21 -13.78
CA TYR H 119 -49.00 59.17 -12.76
C TYR H 119 -49.48 58.30 -11.63
N ASP H 120 -48.60 57.46 -11.09
CA ASP H 120 -49.00 56.67 -9.96
C ASP H 120 -47.84 56.59 -8.96
N ILE H 121 -48.13 56.13 -7.76
CA ILE H 121 -47.13 56.05 -6.70
C ILE H 121 -47.22 54.67 -6.08
N PHE H 122 -46.07 54.01 -5.87
CA PHE H 122 -46.08 52.64 -5.40
C PHE H 122 -44.93 52.46 -4.45
N THR H 123 -45.24 52.15 -3.19
CA THR H 123 -44.18 51.82 -2.22
C THR H 123 -43.89 50.34 -2.23
N LYS H 124 -42.72 49.95 -2.68
CA LYS H 124 -42.35 48.53 -2.64
C LYS H 124 -41.72 48.24 -1.28
N GLU H 125 -42.56 47.80 -0.34
CA GLU H 125 -42.11 47.32 0.96
C GLU H 125 -43.15 46.33 1.43
N GLN H 126 -42.75 45.41 2.29
CA GLN H 126 -43.65 44.42 2.86
C GLN H 126 -44.58 43.73 1.86
N GLY H 127 -44.06 43.38 0.68
CA GLY H 127 -44.85 42.61 -0.27
C GLY H 127 -46.02 43.36 -0.91
N ASN H 128 -45.97 44.68 -0.90
CA ASN H 128 -47.04 45.48 -1.51
C ASN H 128 -47.17 45.10 -2.97
N ILE H 129 -48.41 45.12 -3.49
CA ILE H 129 -48.65 44.70 -4.88
C ILE H 129 -49.28 45.83 -5.67
N TYR H 130 -48.63 46.24 -6.76
CA TYR H 130 -49.12 47.36 -7.54
C TYR H 130 -50.34 46.89 -8.35
N TYR H 131 -51.35 47.74 -8.48
CA TYR H 131 -52.59 47.36 -9.17
C TYR H 131 -53.27 48.54 -9.81
N ILE H 132 -53.60 48.45 -11.09
CA ILE H 132 -54.43 49.48 -11.71
C ILE H 132 -55.24 48.87 -12.85
N GLN H 133 -56.48 49.31 -12.99
CA GLN H 133 -57.33 48.85 -14.08
C GLN H 133 -57.32 49.86 -15.23
N LEU H 134 -57.44 49.36 -16.45
CA LEU H 134 -57.41 50.22 -17.63
C LEU H 134 -58.62 49.88 -18.50
N PRO H 135 -59.42 50.89 -18.84
CA PRO H 135 -60.69 50.65 -19.55
C PRO H 135 -60.50 50.40 -21.02
N PRO H 136 -61.50 49.78 -21.65
CA PRO H 136 -61.49 49.49 -23.08
C PRO H 136 -61.20 50.74 -23.93
N GLY H 137 -60.37 50.58 -24.96
CA GLY H 137 -60.09 51.68 -25.87
C GLY H 137 -58.84 52.47 -25.51
N LEU H 138 -58.26 52.21 -24.34
CA LEU H 138 -56.98 52.84 -23.99
C LEU H 138 -55.84 52.06 -24.66
N ALA H 139 -55.01 52.76 -25.41
CA ALA H 139 -53.77 52.20 -25.90
C ALA H 139 -52.69 52.44 -24.83
N ILE H 140 -51.87 51.43 -24.58
N ILE H 140 -51.86 51.44 -24.58
CA ILE H 140 -50.77 51.54 -23.62
CA ILE H 140 -50.79 51.57 -23.60
C ILE H 140 -49.45 51.68 -24.37
C ILE H 140 -49.44 51.67 -24.34
N LEU H 141 -48.79 52.83 -24.25
CA LEU H 141 -47.60 53.09 -25.06
C LEU H 141 -46.33 52.81 -24.31
N GLU H 142 -46.28 53.24 -23.04
CA GLU H 142 -45.06 53.06 -22.25
C GLU H 142 -45.44 52.83 -20.81
N PHE H 143 -44.61 52.10 -20.08
CA PHE H 143 -44.80 51.91 -18.65
C PHE H 143 -43.46 52.08 -17.96
N SER H 144 -43.39 53.00 -16.99
CA SER H 144 -42.12 53.36 -16.37
C SER H 144 -42.22 53.26 -14.86
N LEU H 145 -41.25 52.57 -14.25
CA LEU H 145 -41.09 52.53 -12.80
C LEU H 145 -39.78 53.19 -12.45
N GLU H 146 -39.80 54.28 -11.70
CA GLU H 146 -38.53 54.88 -11.27
C GLU H 146 -38.58 55.28 -9.82
N ARG H 147 -37.47 55.09 -9.12
CA ARG H 147 -37.43 55.50 -7.72
C ARG H 147 -37.26 57.02 -7.63
N VAL H 148 -38.07 57.67 -6.81
CA VAL H 148 -37.96 59.13 -6.64
C VAL H 148 -37.07 59.44 -5.45
N PHE H 149 -36.56 60.65 -5.34
CA PHE H 149 -35.65 60.96 -4.24
C PHE H 149 -34.31 60.26 -4.49
N GLU H 150 -34.13 59.75 -5.70
CA GLU H 150 -32.79 59.37 -6.18
C GLU H 150 -32.34 60.52 -7.04
N LYS H 151 -31.09 60.91 -6.92
CA LYS H 151 -30.54 61.86 -7.88
C LYS H 151 -31.31 63.18 -7.83
N GLY H 152 -31.90 63.44 -6.67
CA GLY H 152 -32.52 64.72 -6.41
C GLY H 152 -33.86 64.89 -7.08
N ASN H 153 -34.49 63.79 -7.49
CA ASN H 153 -35.82 63.90 -8.08
C ASN H 153 -36.91 64.06 -7.03
N ARG H 154 -38.07 64.50 -7.47
CA ARG H 154 -39.20 64.73 -6.58
C ARG H 154 -40.42 64.11 -7.23
N ILE H 155 -41.45 63.95 -6.43
CA ILE H 155 -42.78 63.65 -6.98
C ILE H 155 -43.32 64.97 -7.48
N ASN H 156 -43.75 65.00 -8.74
CA ASN H 156 -44.34 66.20 -9.30
C ASN H 156 -45.49 65.85 -10.25
N ILE H 157 -46.67 65.68 -9.69
CA ILE H 157 -47.86 65.28 -10.44
C ILE H 157 -48.67 66.53 -10.70
N PRO H 158 -49.05 66.77 -11.96
CA PRO H 158 -49.79 67.99 -12.30
C PRO H 158 -51.20 67.99 -11.71
N LYS H 159 -51.90 69.12 -11.85
CA LYS H 159 -53.23 69.25 -11.25
C LYS H 159 -54.28 68.47 -12.04
N ILE H 160 -54.37 67.16 -11.82
CA ILE H 160 -55.22 66.28 -12.62
C ILE H 160 -55.95 65.23 -11.76
N ILE H 161 -55.70 65.23 -10.45
CA ILE H 161 -56.28 64.23 -9.58
C ILE H 161 -57.66 64.72 -9.13
N HIS H 162 -58.69 63.95 -9.42
CA HIS H 162 -60.06 64.34 -9.06
C HIS H 162 -60.50 63.66 -7.78
N THR H 163 -61.10 64.44 -6.89
CA THR H 163 -61.73 63.88 -5.73
C THR H 163 -63.08 64.52 -5.52
N SER H 164 -64.00 63.78 -4.93
CA SER H 164 -65.28 64.37 -4.55
C SER H 164 -65.51 64.26 -3.05
N GLY H 165 -64.46 64.01 -2.29
CA GLY H 165 -64.60 64.05 -0.84
C GLY H 165 -63.94 62.91 -0.09
N ASN H 166 -63.40 61.94 -0.83
CA ASN H 166 -62.60 60.92 -0.18
C ASN H 166 -61.46 60.48 -1.06
N GLY H 167 -60.56 59.69 -0.51
CA GLY H 167 -59.38 59.27 -1.23
C GLY H 167 -58.17 59.29 -0.32
N TYR H 168 -57.17 58.50 -0.68
CA TYR H 168 -55.94 58.40 0.09
C TYR H 168 -54.75 58.33 -0.85
N ILE H 169 -53.63 58.90 -0.43
CA ILE H 169 -52.36 58.67 -1.12
C ILE H 169 -51.37 58.39 -0.01
N SER H 170 -50.58 57.33 -0.12
CA SER H 170 -49.57 57.04 0.88
C SER H 170 -48.21 56.91 0.21
N PHE H 171 -47.16 57.21 0.94
CA PHE H 171 -45.82 57.03 0.40
C PHE H 171 -44.83 56.98 1.55
N ARG H 172 -43.68 56.36 1.32
CA ARG H 172 -42.64 56.22 2.34
C ARG H 172 -41.61 57.31 2.11
N LEU H 173 -41.20 58.01 3.16
CA LEU H 173 -40.14 59.00 3.02
C LEU H 173 -39.01 58.65 3.94
N ARG H 174 -37.78 58.62 3.43
CA ARG H 174 -36.65 58.35 4.31
C ARG H 174 -36.31 59.64 5.05
N LYS H 175 -35.41 59.56 6.00
CA LYS H 175 -35.03 60.72 6.81
C LYS H 175 -34.77 61.95 5.96
N GLY H 176 -35.24 63.09 6.44
CA GLY H 176 -35.05 64.36 5.76
C GLY H 176 -36.22 65.26 6.09
N THR H 177 -36.20 66.50 5.60
CA THR H 177 -37.36 67.37 5.71
C THR H 177 -37.93 67.54 4.32
N TYR H 178 -39.26 67.54 4.21
CA TYR H 178 -39.90 67.58 2.89
C TYR H 178 -40.97 68.63 2.82
N ALA H 179 -41.12 69.23 1.65
CA ALA H 179 -42.28 70.05 1.36
C ALA H 179 -43.29 69.19 0.59
N ILE H 180 -44.54 69.34 0.96
CA ILE H 180 -45.63 68.72 0.23
C ILE H 180 -46.49 69.85 -0.28
N LYS H 181 -46.60 69.95 -1.60
CA LYS H 181 -47.31 71.06 -2.19
C LYS H 181 -48.44 70.51 -3.02
N MET H 182 -49.64 71.04 -2.80
N MET H 182 -49.64 71.05 -2.81
CA MET H 182 -50.81 70.58 -3.55
CA MET H 182 -50.78 70.58 -3.56
C MET H 182 -51.59 71.74 -4.14
C MET H 182 -51.59 71.74 -4.14
N PRO H 183 -51.29 72.10 -5.39
CA PRO H 183 -52.10 73.10 -6.12
C PRO H 183 -53.47 72.48 -6.29
N TYR H 184 -54.54 73.28 -6.14
CA TYR H 184 -55.88 72.74 -6.27
C TYR H 184 -56.84 73.72 -6.92
N SER H 185 -57.91 73.16 -7.49
CA SER H 185 -59.04 73.95 -7.93
C SER H 185 -60.31 73.29 -7.39
N TYR H 186 -61.34 74.06 -7.11
CA TYR H 186 -62.56 73.45 -6.64
C TYR H 186 -63.75 74.12 -7.27
N ASN H 187 -64.85 73.39 -7.29
CA ASN H 187 -66.10 73.97 -7.69
C ASN H 187 -67.15 73.63 -6.64
N ASN H 188 -67.62 74.65 -5.92
CA ASN H 188 -68.66 74.45 -4.93
C ASN H 188 -70.04 74.55 -5.59
N THR H 189 -70.76 73.43 -5.59
CA THR H 189 -72.10 73.34 -6.18
C THR H 189 -73.21 73.42 -5.11
N THR H 190 -72.83 73.64 -3.85
CA THR H 190 -73.81 73.76 -2.78
C THR H 190 -74.06 75.22 -2.55
N SER H 191 -75.14 75.51 -1.81
CA SER H 191 -75.41 76.85 -1.33
C SER H 191 -74.95 76.97 0.12
N THR H 192 -74.01 76.13 0.51
CA THR H 192 -73.42 76.22 1.83
C THR H 192 -72.06 76.89 1.71
N THR H 193 -71.81 77.87 2.56
CA THR H 193 -70.47 78.44 2.69
C THR H 193 -69.73 77.69 3.80
N PHE H 194 -68.65 77.03 3.42
CA PHE H 194 -67.77 76.44 4.42
C PHE H 194 -66.69 77.46 4.79
N THR H 195 -66.55 77.67 6.09
CA THR H 195 -65.47 78.45 6.66
C THR H 195 -64.53 77.49 7.39
N ASN H 196 -63.24 77.72 7.27
CA ASN H 196 -62.23 76.76 7.76
C ASN H 196 -62.50 75.34 7.27
N PHE H 197 -62.72 75.24 5.97
CA PHE H 197 -63.02 73.99 5.28
C PHE H 197 -61.79 73.09 5.35
N GLN H 198 -61.93 71.94 5.97
CA GLN H 198 -60.83 71.00 5.98
C GLN H 198 -60.92 70.06 4.77
N PHE H 199 -59.97 70.19 3.87
CA PHE H 199 -59.98 69.43 2.64
C PHE H 199 -59.47 68.03 2.96
N GLY H 200 -58.43 67.97 3.79
CA GLY H 200 -57.83 66.69 4.12
C GLY H 200 -56.76 66.80 5.20
N THR H 201 -55.98 65.75 5.35
CA THR H 201 -54.91 65.74 6.35
C THR H 201 -53.72 65.02 5.80
N ILE H 202 -52.55 65.44 6.27
CA ILE H 202 -51.33 64.71 6.03
C ILE H 202 -50.82 64.21 7.38
N SER H 203 -50.55 62.91 7.47
CA SER H 203 -50.13 62.36 8.75
C SER H 203 -49.06 61.28 8.64
N THR H 204 -48.31 61.15 9.71
CA THR H 204 -47.52 59.97 9.99
C THR H 204 -48.23 59.34 11.18
N SER H 205 -47.70 58.26 11.74
CA SER H 205 -48.35 57.64 12.90
C SER H 205 -48.73 58.64 14.01
N ALA H 207 -48.60 62.28 14.32
CA ALA H 207 -48.52 63.65 13.80
C ALA H 207 -49.47 63.86 12.63
N THR H 208 -50.27 64.93 12.71
CA THR H 208 -51.30 65.24 11.72
C THR H 208 -51.31 66.71 11.34
N ILE H 209 -51.32 67.00 10.05
CA ILE H 209 -51.41 68.36 9.56
C ILE H 209 -52.69 68.52 8.75
N PRO H 210 -53.64 69.33 9.25
CA PRO H 210 -54.86 69.61 8.49
C PRO H 210 -54.58 70.53 7.31
N LEU H 211 -55.23 70.27 6.17
CA LEU H 211 -55.15 71.13 5.02
C LEU H 211 -56.45 71.89 4.97
N VAL H 212 -56.41 73.19 5.31
CA VAL H 212 -57.59 73.99 5.57
C VAL H 212 -57.69 75.20 4.64
N ILE H 213 -58.90 75.49 4.16
CA ILE H 213 -59.17 76.68 3.37
C ILE H 213 -60.05 77.64 4.17
N SER H 214 -59.61 78.89 4.30
CA SER H 214 -60.30 79.89 5.11
C SER H 214 -61.78 79.95 4.79
N SER H 215 -62.11 80.13 3.52
CA SER H 215 -63.50 80.19 3.11
C SER H 215 -63.69 79.71 1.68
N ILE H 216 -64.79 79.01 1.47
CA ILE H 216 -65.24 78.59 0.15
C ILE H 216 -66.62 79.17 -0.05
N PRO H 217 -66.72 80.27 -0.81
CA PRO H 217 -67.99 80.96 -1.07
C PRO H 217 -69.01 80.01 -1.69
N ALA H 218 -70.29 80.25 -1.38
CA ALA H 218 -71.38 79.48 -1.97
C ALA H 218 -71.35 79.58 -3.48
N ASN H 219 -71.60 78.45 -4.15
CA ASN H 219 -71.64 78.39 -5.61
C ASN H 219 -70.38 78.88 -6.28
N GLY H 220 -69.32 79.03 -5.51
CA GLY H 220 -68.09 79.60 -6.03
C GLY H 220 -67.19 78.53 -6.59
N SER H 221 -66.24 78.96 -7.40
CA SER H 221 -65.13 78.12 -7.80
C SER H 221 -63.89 78.90 -7.42
N GLY H 222 -62.80 78.20 -7.14
CA GLY H 222 -61.60 78.88 -6.73
C GLY H 222 -60.43 77.95 -6.89
N SER H 223 -59.24 78.45 -6.59
CA SER H 223 -58.03 77.68 -6.71
C SER H 223 -57.05 78.21 -5.68
N GLY H 224 -56.05 77.40 -5.36
CA GLY H 224 -55.06 77.79 -4.38
C GLY H 224 -54.01 76.72 -4.33
N THR H 225 -53.19 76.76 -3.28
CA THR H 225 -52.14 75.78 -3.10
C THR H 225 -51.94 75.46 -1.65
N PHE H 226 -51.98 74.19 -1.29
CA PHE H 226 -51.58 73.79 0.07
C PHE H 226 -50.08 73.61 0.05
N LEU H 227 -49.40 74.08 1.10
CA LEU H 227 -47.96 73.86 1.19
C LEU H 227 -47.63 73.63 2.64
N VAL H 228 -47.25 72.41 2.97
CA VAL H 228 -46.88 72.06 4.34
C VAL H 228 -45.54 71.33 4.32
N TYR H 229 -44.95 71.14 5.49
CA TYR H 229 -43.64 70.52 5.56
C TYR H 229 -43.64 69.47 6.64
N LEU H 230 -42.93 68.37 6.39
CA LEU H 230 -42.75 67.30 7.35
C LEU H 230 -41.29 67.11 7.67
N LYS H 231 -40.97 67.07 8.96
CA LYS H 231 -39.63 66.66 9.34
C LYS H 231 -39.64 65.16 9.63
N ILE H 232 -39.08 64.39 8.71
CA ILE H 232 -38.97 62.95 8.90
C ILE H 232 -37.66 62.63 9.64
N THR H 233 -37.73 62.43 10.94
CA THR H 233 -36.56 61.98 11.69
C THR H 233 -36.03 60.68 11.10
N GLY H 234 -36.97 59.79 10.74
CA GLY H 234 -36.63 58.54 10.10
C GLY H 234 -37.20 57.33 10.81
N ASP H 235 -37.71 57.51 12.02
CA ASP H 235 -38.30 56.38 12.74
C ASP H 235 -39.78 56.17 12.39
N TYR H 236 -40.36 57.16 11.72
CA TYR H 236 -41.72 57.05 11.17
C TYR H 236 -41.70 57.55 9.76
N GLU H 237 -41.73 56.64 8.80
CA GLU H 237 -41.48 57.01 7.40
C GLU H 237 -42.72 56.95 6.52
N ASP H 238 -43.74 56.24 6.96
CA ASP H 238 -44.92 56.13 6.10
C ASP H 238 -45.83 57.32 6.27
N VAL H 239 -46.05 58.05 5.19
CA VAL H 239 -46.88 59.24 5.21
C VAL H 239 -48.21 58.92 4.57
N LYS H 240 -49.29 59.43 5.16
CA LYS H 240 -50.60 59.23 4.58
C LYS H 240 -51.35 60.54 4.37
N PHE H 241 -51.80 60.75 3.13
CA PHE H 241 -52.66 61.87 2.81
C PHE H 241 -54.09 61.34 2.67
N SER H 242 -55.05 62.00 3.33
CA SER H 242 -56.46 61.59 3.30
C SER H 242 -57.31 62.77 2.93
N VAL H 243 -58.20 62.59 1.97
CA VAL H 243 -59.26 63.57 1.70
C VAL H 243 -60.38 63.33 2.70
N THR H 244 -60.80 64.34 3.45
CA THR H 244 -61.71 64.11 4.57
C THR H 244 -63.06 64.83 4.51
N TYR H 245 -63.26 65.71 3.53
CA TYR H 245 -64.46 66.55 3.56
C TYR H 245 -65.77 65.82 3.27
N GLY H 246 -65.70 64.61 2.71
CA GLY H 246 -66.89 63.80 2.59
C GLY H 246 -67.46 63.64 1.20
N GLY H 247 -67.64 62.39 0.78
CA GLY H 247 -68.03 62.05 -0.58
C GLY H 247 -69.23 62.75 -1.20
N GLY H 248 -70.25 63.04 -0.40
CA GLY H 248 -71.47 63.58 -0.97
C GLY H 248 -71.63 65.08 -0.86
N LEU H 249 -70.55 65.77 -0.47
CA LEU H 249 -70.67 67.18 -0.14
C LEU H 249 -71.08 68.07 -1.34
N GLY H 250 -70.58 67.75 -2.53
CA GLY H 250 -70.92 68.56 -3.70
C GLY H 250 -69.89 69.65 -3.97
N VAL H 251 -68.67 69.41 -3.49
CA VAL H 251 -67.54 70.27 -3.78
C VAL H 251 -66.41 69.46 -4.41
N PRO H 252 -66.53 69.17 -5.71
CA PRO H 252 -65.41 68.46 -6.35
C PRO H 252 -64.12 69.29 -6.37
N PHE H 253 -62.99 68.63 -6.14
CA PHE H 253 -61.66 69.26 -6.21
C PHE H 253 -60.87 68.56 -7.30
N THR H 254 -59.94 69.29 -7.92
CA THR H 254 -58.90 68.71 -8.77
C THR H 254 -57.60 69.22 -8.19
N PHE H 255 -56.63 68.35 -7.94
CA PHE H 255 -55.40 68.82 -7.32
C PHE H 255 -54.18 68.13 -7.89
N GLY H 256 -53.01 68.71 -7.64
CA GLY H 256 -51.74 68.09 -8.02
C GLY H 256 -51.01 67.70 -6.75
N LEU H 257 -49.86 67.07 -6.91
CA LEU H 257 -49.07 66.62 -5.76
C LEU H 257 -47.60 66.73 -6.05
N GLU H 258 -46.91 67.52 -5.24
CA GLU H 258 -45.47 67.68 -5.35
C GLU H 258 -44.89 67.37 -3.98
N VAL H 259 -43.96 66.44 -3.92
CA VAL H 259 -43.28 66.12 -2.68
C VAL H 259 -41.79 66.17 -2.98
N GLU H 260 -41.07 66.98 -2.22
CA GLU H 260 -39.67 67.27 -2.51
C GLU H 260 -38.88 67.53 -1.25
N GLU H 261 -37.64 67.07 -1.24
N GLU H 261 -37.63 67.08 -1.25
CA GLU H 261 -36.77 67.30 -0.09
CA GLU H 261 -36.74 67.33 -0.13
C GLU H 261 -36.32 68.76 -0.05
C GLU H 261 -36.40 68.81 -0.08
N ILE H 262 -36.27 69.35 1.14
CA ILE H 262 -35.80 70.72 1.30
C ILE H 262 -34.64 70.74 2.28
N ASN H 263 -33.89 71.84 2.26
CA ASN H 263 -32.92 72.13 3.30
C ASN H 263 -33.61 72.93 4.37
N GLU H 264 -32.94 73.15 5.49
CA GLU H 264 -33.60 73.83 6.60
C GLU H 264 -34.20 75.17 6.16
N LEU H 265 -35.44 75.40 6.56
CA LEU H 265 -36.12 76.63 6.21
C LEU H 265 -36.54 77.31 7.50
N VAL H 266 -35.88 78.42 7.84
CA VAL H 266 -36.31 79.27 8.94
C VAL H 266 -37.39 80.18 8.42
N GLU H 267 -38.64 79.93 8.83
CA GLU H 267 -39.77 80.68 8.30
C GLU H 267 -39.77 82.09 8.85
N ASN H 268 -39.41 82.21 10.13
CA ASN H 268 -39.25 83.52 10.74
C ASN H 268 -38.59 83.41 12.09
N THR H 269 -38.06 84.52 12.58
CA THR H 269 -37.44 84.56 13.89
C THR H 269 -38.09 85.73 14.57
N ASN H 270 -38.46 85.55 15.84
CA ASN H 270 -39.27 86.57 16.50
C ASN H 270 -38.83 86.83 17.92
N PHE H 271 -38.91 88.10 18.30
CA PHE H 271 -38.81 88.52 19.68
C PHE H 271 -40.26 88.77 20.10
N VAL H 272 -40.73 88.06 21.12
CA VAL H 272 -42.11 88.18 21.56
C VAL H 272 -42.15 88.43 23.07
N THR H 273 -43.24 89.06 23.52
CA THR H 273 -43.37 89.43 24.93
C THR H 273 -44.73 88.98 25.39
N GLN H 274 -44.85 88.62 26.67
CA GLN H 274 -46.10 88.12 27.22
C GLN H 274 -46.15 88.43 28.69
N SER H 275 -47.20 89.12 29.12
CA SER H 275 -47.38 89.42 30.53
C SER H 275 -48.31 88.43 31.20
N VAL H 276 -48.06 88.18 32.48
CA VAL H 276 -48.89 87.29 33.27
C VAL H 276 -49.11 87.94 34.62
N THR H 277 -50.38 88.04 35.03
CA THR H 277 -50.69 88.64 36.33
C THR H 277 -51.01 87.55 37.36
N LEU H 278 -50.30 87.59 38.48
CA LEU H 278 -50.41 86.55 39.49
C LEU H 278 -51.11 87.10 40.72
N SER H 279 -52.09 86.36 41.22
CA SER H 279 -52.84 86.79 42.40
C SER H 279 -53.19 85.63 43.34
N GLY H 280 -52.19 84.80 43.62
CA GLY H 280 -52.34 83.75 44.62
C GLY H 280 -52.52 82.35 44.08
N SER H 281 -52.83 82.24 42.78
CA SER H 281 -53.09 80.94 42.20
C SER H 281 -52.12 80.63 41.07
N GLN H 282 -51.82 79.35 40.89
CA GLN H 282 -50.96 78.96 39.80
C GLN H 282 -51.62 79.27 38.45
N VAL H 283 -50.85 79.80 37.52
CA VAL H 283 -51.35 80.09 36.19
C VAL H 283 -50.49 79.34 35.19
N THR H 284 -51.13 78.69 34.22
CA THR H 284 -50.42 78.06 33.12
C THR H 284 -50.77 78.83 31.86
N GLN H 285 -49.82 79.58 31.34
CA GLN H 285 -50.07 80.45 30.19
C GLN H 285 -49.42 79.92 28.92
N SER H 286 -50.21 79.61 27.90
CA SER H 286 -49.66 79.19 26.62
C SER H 286 -48.97 80.38 25.96
N ILE H 287 -47.76 80.16 25.47
CA ILE H 287 -47.03 81.22 24.78
C ILE H 287 -47.11 80.99 23.29
N LEU H 288 -46.92 79.73 22.90
N LEU H 288 -46.90 79.74 22.88
CA LEU H 288 -46.86 79.34 21.51
CA LEU H 288 -46.95 79.39 21.48
C LEU H 288 -47.25 77.87 21.33
C LEU H 288 -47.20 77.91 21.28
N ASN H 289 -48.02 77.57 20.29
CA ASN H 289 -48.35 76.18 19.99
C ASN H 289 -48.53 76.07 18.49
N VAL H 290 -47.57 75.44 17.84
CA VAL H 290 -47.64 75.29 16.39
C VAL H 290 -47.84 73.84 15.99
N GLN H 291 -48.32 73.01 16.91
CA GLN H 291 -48.58 71.61 16.57
C GLN H 291 -49.59 71.53 15.44
N GLY H 292 -49.29 70.74 14.42
CA GLY H 292 -50.23 70.52 13.32
C GLY H 292 -50.12 71.58 12.23
N SER H 293 -49.16 72.48 12.36
CA SER H 293 -49.02 73.59 11.42
C SER H 293 -48.06 73.28 10.27
N GLY H 294 -47.27 72.23 10.39
CA GLY H 294 -46.24 71.95 9.39
C GLY H 294 -44.96 72.67 9.76
N SER H 295 -44.82 73.02 11.05
CA SER H 295 -43.61 73.68 11.52
C SER H 295 -43.30 73.32 12.96
N HIS H 296 -42.11 73.69 13.41
CA HIS H 296 -41.73 73.57 14.81
C HIS H 296 -40.93 74.78 15.25
N LEU H 297 -40.41 74.73 16.47
CA LEU H 297 -39.80 75.90 17.07
C LEU H 297 -38.38 75.61 17.54
N ARG H 298 -37.62 76.67 17.74
CA ARG H 298 -36.32 76.58 18.38
C ARG H 298 -36.18 77.81 19.27
N LEU H 299 -35.90 77.60 20.55
CA LEU H 299 -35.84 78.72 21.50
C LEU H 299 -34.40 79.13 21.68
N LYS H 300 -34.13 80.43 21.57
CA LYS H 300 -32.76 80.93 21.65
C LYS H 300 -32.46 81.70 22.92
N TYR H 301 -33.47 82.40 23.44
CA TYR H 301 -33.26 83.26 24.60
C TYR H 301 -34.57 83.56 25.32
N ALA H 302 -34.53 83.62 26.64
CA ALA H 302 -35.72 84.00 27.39
C ALA H 302 -35.32 84.78 28.62
N SER H 303 -36.18 85.70 29.02
CA SER H 303 -35.94 86.53 30.20
C SER H 303 -37.27 86.93 30.81
N VAL H 304 -37.29 87.10 32.13
CA VAL H 304 -38.51 87.51 32.83
C VAL H 304 -38.20 88.72 33.66
N SER H 305 -38.98 89.77 33.49
CA SER H 305 -38.84 90.96 34.34
C SER H 305 -40.03 91.06 35.29
N GLY H 306 -39.81 91.68 36.44
CA GLY H 306 -40.85 91.86 37.44
C GLY H 306 -40.85 90.83 38.54
N LEU H 307 -39.85 89.95 38.55
CA LEU H 307 -39.74 88.94 39.59
C LEU H 307 -39.46 89.58 40.93
N THR H 308 -40.21 89.16 41.95
CA THR H 308 -39.96 89.58 43.32
C THR H 308 -40.11 88.36 44.20
N THR H 309 -39.82 88.53 45.50
CA THR H 309 -39.99 87.43 46.44
C THR H 309 -41.46 86.99 46.54
N ALA H 310 -42.35 87.77 45.94
CA ALA H 310 -43.76 87.43 45.91
C ALA H 310 -44.09 86.38 44.83
N VAL H 311 -43.13 86.10 43.96
CA VAL H 311 -43.28 85.06 42.94
C VAL H 311 -42.60 83.78 43.41
N THR H 312 -43.38 82.71 43.50
CA THR H 312 -42.89 81.45 44.07
C THR H 312 -42.60 80.43 42.99
N GLN H 313 -43.19 80.62 41.82
CA GLN H 313 -42.92 79.73 40.69
C GLN H 313 -42.92 80.50 39.39
N CYS H 314 -41.95 80.19 38.53
CA CYS H 314 -41.88 80.82 37.24
C CYS H 314 -40.99 79.93 36.37
N GLN H 315 -41.62 79.00 35.67
CA GLN H 315 -40.95 78.00 34.87
C GLN H 315 -41.42 78.06 33.42
N LEU H 316 -40.48 78.18 32.50
CA LEU H 316 -40.77 78.03 31.08
C LEU H 316 -40.71 76.54 30.76
N GLN H 317 -41.74 76.06 30.06
CA GLN H 317 -41.84 74.64 29.72
C GLN H 317 -42.12 74.47 28.25
N ALA H 318 -41.68 73.34 27.70
CA ALA H 318 -41.81 73.11 26.27
C ALA H 318 -41.99 71.65 26.04
N THR H 319 -42.51 71.29 24.86
CA THR H 319 -42.55 69.90 24.48
C THR H 319 -42.79 69.76 22.99
N ASN H 320 -42.48 68.56 22.50
CA ASN H 320 -42.97 68.10 21.22
C ASN H 320 -44.28 67.34 21.49
N LEU H 321 -45.40 68.01 21.27
CA LEU H 321 -46.73 67.46 21.57
C LEU H 321 -47.06 66.21 20.78
N ASN H 322 -46.39 66.03 19.64
CA ASN H 322 -46.55 64.80 18.85
C ASN H 322 -45.83 63.60 19.48
N ARG H 323 -44.93 63.90 20.41
CA ARG H 323 -44.21 62.86 21.14
C ARG H 323 -44.78 62.69 22.55
N SER H 324 -45.11 63.81 23.20
CA SER H 324 -45.53 63.79 24.59
C SER H 324 -46.42 64.99 24.94
N THR H 325 -47.50 64.74 25.67
CA THR H 325 -48.38 65.82 26.14
C THR H 325 -47.90 66.39 27.46
N THR H 326 -46.88 65.77 28.04
CA THR H 326 -46.31 66.28 29.28
C THR H 326 -45.19 67.26 28.97
N TYR H 327 -45.33 68.49 29.44
CA TYR H 327 -44.35 69.54 29.21
C TYR H 327 -43.17 69.35 30.13
N SER H 328 -41.97 69.60 29.66
CA SER H 328 -40.83 69.60 30.56
C SER H 328 -40.31 71.03 30.77
N THR H 329 -39.88 71.30 31.99
CA THR H 329 -39.29 72.60 32.29
C THR H 329 -37.98 72.75 31.55
N VAL H 330 -37.81 73.88 30.85
CA VAL H 330 -36.58 74.13 30.09
C VAL H 330 -35.79 75.28 30.72
N TRP H 331 -36.48 76.09 31.51
CA TRP H 331 -35.78 77.07 32.35
C TRP H 331 -36.64 77.46 33.54
N ASP H 332 -36.02 77.53 34.70
CA ASP H 332 -36.70 77.96 35.93
C ASP H 332 -36.11 79.31 36.30
N PHE H 333 -36.92 80.35 36.19
CA PHE H 333 -36.39 81.71 36.39
C PHE H 333 -36.12 82.00 37.84
N ILE H 334 -36.73 81.24 38.73
CA ILE H 334 -36.45 81.39 40.17
C ILE H 334 -35.14 80.69 40.52
N ALA H 335 -35.05 79.41 40.17
CA ALA H 335 -33.88 78.63 40.53
C ALA H 335 -32.65 79.02 39.71
N GLY H 336 -32.88 79.40 38.46
CA GLY H 336 -31.79 79.61 37.52
C GLY H 336 -31.41 81.06 37.29
N GLY H 337 -32.31 81.97 37.61
CA GLY H 337 -32.07 83.39 37.38
C GLY H 337 -32.96 83.95 36.29
N SER H 338 -33.03 85.28 36.21
CA SER H 338 -34.02 85.97 35.38
C SER H 338 -33.81 85.87 33.87
N SER H 339 -32.67 85.37 33.42
CA SER H 339 -32.47 85.19 31.99
C SER H 339 -31.63 83.95 31.67
N THR H 340 -31.86 83.40 30.47
CA THR H 340 -31.19 82.18 30.05
C THR H 340 -29.75 82.45 29.66
N PRO H 341 -28.87 81.48 29.92
CA PRO H 341 -27.44 81.58 29.63
C PRO H 341 -27.14 81.42 28.14
N PRO H 342 -25.94 81.84 27.71
CA PRO H 342 -25.58 81.82 26.30
C PRO H 342 -25.75 80.45 25.64
N SER H 343 -25.51 79.36 26.37
CA SER H 343 -25.57 78.04 25.76
C SER H 343 -26.99 77.46 25.70
N TRP H 344 -27.95 78.19 26.24
CA TRP H 344 -29.33 77.71 26.27
C TRP H 344 -29.94 77.77 24.88
N ASP H 345 -30.39 76.62 24.39
CA ASP H 345 -30.89 76.47 23.05
C ASP H 345 -31.85 75.28 23.08
N ILE H 346 -33.14 75.52 22.86
CA ILE H 346 -34.11 74.44 22.97
C ILE H 346 -34.60 74.07 21.58
N ARG H 347 -34.27 72.87 21.13
CA ARG H 347 -34.67 72.43 19.80
C ARG H 347 -35.78 71.40 19.82
N GLU H 348 -36.37 71.16 18.64
CA GLU H 348 -37.33 70.07 18.45
C GLU H 348 -38.49 70.13 19.44
N ILE H 349 -39.12 71.30 19.53
CA ILE H 349 -40.34 71.46 20.30
C ILE H 349 -41.37 72.13 19.41
N ASN H 350 -42.64 72.07 19.79
CA ASN H 350 -43.65 72.77 19.01
C ASN H 350 -44.68 73.44 19.88
N SER H 351 -44.47 73.42 21.19
CA SER H 351 -45.38 74.12 22.11
C SER H 351 -44.63 74.60 23.34
N ILE H 352 -44.92 75.84 23.75
CA ILE H 352 -44.23 76.50 24.86
C ILE H 352 -45.28 77.08 25.80
N GLN H 353 -45.12 76.87 27.10
CA GLN H 353 -45.98 77.53 28.08
C GLN H 353 -45.18 78.06 29.25
N LEU H 354 -45.76 79.01 29.96
CA LEU H 354 -45.15 79.52 31.19
C LEU H 354 -46.03 79.12 32.36
N VAL H 355 -45.45 78.47 33.36
CA VAL H 355 -46.19 78.12 34.55
C VAL H 355 -45.67 78.97 35.70
N ALA H 356 -46.56 79.68 36.35
CA ALA H 356 -46.14 80.64 37.35
C ALA H 356 -47.12 80.69 38.50
N ASN H 357 -46.64 81.15 39.65
CA ASN H 357 -47.48 81.27 40.82
C ASN H 357 -46.91 82.35 41.73
N GLY H 358 -47.77 82.96 42.54
CA GLY H 358 -47.34 84.04 43.40
C GLY H 358 -48.39 85.12 43.55
N GLY H 359 -48.02 86.20 44.21
CA GLY H 359 -48.95 87.28 44.50
C GLY H 359 -50.03 86.81 45.46
N SER H 360 -51.02 87.67 45.69
CA SER H 360 -52.13 87.34 46.58
C SER H 360 -53.43 87.92 46.05
N SER H 361 -54.54 87.48 46.62
CA SER H 361 -55.86 87.95 46.22
C SER H 361 -56.02 89.44 46.42
N THR H 362 -55.14 90.04 47.23
CA THR H 362 -55.22 91.46 47.56
C THR H 362 -54.07 92.26 46.96
N SER H 363 -53.03 91.56 46.50
CA SER H 363 -51.83 92.20 45.99
C SER H 363 -51.22 91.36 44.85
N SER H 364 -51.62 91.67 43.63
CA SER H 364 -51.19 90.89 42.47
C SER H 364 -49.82 91.35 41.98
N VAL H 365 -49.10 90.43 41.34
CA VAL H 365 -47.80 90.73 40.77
C VAL H 365 -47.87 90.44 39.28
N THR H 366 -47.36 91.35 38.48
CA THR H 366 -47.32 91.15 37.03
C THR H 366 -45.87 90.95 36.56
N ILE H 367 -45.63 89.84 35.90
CA ILE H 367 -44.31 89.56 35.35
C ILE H 367 -44.41 89.54 33.84
N THR H 368 -43.29 89.79 33.18
CA THR H 368 -43.28 89.85 31.73
C THR H 368 -42.19 88.97 31.16
N LEU H 369 -42.61 88.00 30.35
CA LEU H 369 -41.70 87.09 29.69
C LEU H 369 -41.33 87.65 28.32
N ILE H 370 -40.05 87.64 28.00
CA ILE H 370 -39.65 87.91 26.64
C ILE H 370 -38.95 86.67 26.11
N LEU H 371 -39.09 86.43 24.83
CA LEU H 371 -38.63 85.19 24.26
C LEU H 371 -38.21 85.43 22.83
N VAL H 372 -37.06 84.88 22.44
CA VAL H 372 -36.62 84.92 21.05
C VAL H 372 -36.66 83.49 20.56
N TYR H 373 -37.35 83.27 19.45
CA TYR H 373 -37.45 81.91 18.93
C TYR H 373 -37.46 81.94 17.42
N GLU H 374 -37.13 80.81 16.83
CA GLU H 374 -37.30 80.62 15.40
C GLU H 374 -38.45 79.68 15.16
N GLN H 375 -39.18 79.92 14.08
CA GLN H 375 -40.17 78.96 13.60
C GLN H 375 -39.57 78.32 12.36
N ILE H 376 -39.50 77.00 12.40
CA ILE H 376 -38.76 76.25 11.39
C ILE H 376 -39.69 75.28 10.66
N ALA H 377 -39.54 75.19 9.34
CA ALA H 377 -40.41 74.34 8.56
C ALA H 377 -40.24 72.88 8.98
N GLY H 378 -41.36 72.17 9.10
CA GLY H 378 -41.34 70.74 9.30
C GLY H 378 -42.10 70.34 10.55
N GLU H 379 -43.23 69.64 10.35
CA GLU H 379 -43.99 69.09 11.46
C GLU H 379 -43.12 68.00 12.12
N LEU H 380 -43.07 68.01 13.44
CA LEU H 380 -42.28 67.02 14.17
C LEU H 380 -43.04 65.70 14.21
N SER H 381 -42.33 64.58 14.12
CA SER H 381 -43.03 63.30 14.18
C SER H 381 -43.22 62.76 15.59
N HIS H 382 -44.09 61.76 15.68
CA HIS H 382 -44.32 61.02 16.92
C HIS H 382 -43.04 60.28 17.32
N HIS H 383 -42.90 59.94 18.61
CA HIS H 383 -41.82 59.04 19.06
C HIS H 383 -42.25 58.24 20.28
N LEU I 6 -46.84 71.83 -42.87
CA LEU I 6 -45.56 71.97 -42.17
C LEU I 6 -45.27 70.77 -41.26
N GLY I 7 -46.32 70.22 -40.66
CA GLY I 7 -46.19 69.03 -39.81
C GLY I 7 -46.01 67.78 -40.65
N GLN I 8 -45.28 66.80 -40.11
CA GLN I 8 -45.05 65.53 -40.80
C GLN I 8 -45.41 64.40 -39.86
N SER I 9 -45.68 63.23 -40.41
CA SER I 9 -45.81 62.05 -39.59
C SER I 9 -44.44 61.42 -39.40
N PHE I 10 -44.22 60.72 -38.30
CA PHE I 10 -42.98 59.98 -38.10
C PHE I 10 -43.23 58.72 -37.28
N PRO I 11 -42.51 57.63 -37.60
CA PRO I 11 -42.65 56.39 -36.83
C PRO I 11 -41.87 56.55 -35.53
N ALA I 12 -42.39 56.01 -34.45
CA ALA I 12 -41.73 56.20 -33.16
C ALA I 12 -41.80 54.96 -32.27
N ASN I 13 -41.62 53.80 -32.87
CA ASN I 13 -41.80 52.57 -32.09
C ASN I 13 -40.67 52.21 -31.16
N ALA I 14 -39.46 52.66 -31.48
CA ALA I 14 -38.26 52.16 -30.79
C ALA I 14 -38.00 52.90 -29.48
N LYS I 15 -37.44 52.16 -28.53
CA LYS I 15 -37.02 52.71 -27.24
C LYS I 15 -36.00 53.84 -27.45
N VAL I 16 -36.15 54.93 -26.68
CA VAL I 16 -35.20 56.04 -26.76
C VAL I 16 -33.92 55.69 -26.03
N LYS I 17 -32.79 56.17 -26.55
CA LYS I 17 -31.49 55.95 -25.92
C LYS I 17 -31.03 57.25 -25.29
N TYR I 18 -30.15 57.18 -24.30
CA TYR I 18 -29.59 58.40 -23.77
C TYR I 18 -28.34 58.88 -24.52
N TYR I 19 -27.87 58.09 -25.47
CA TYR I 19 -26.72 58.50 -26.25
C TYR I 19 -26.80 57.83 -27.61
N TYR I 20 -26.65 58.62 -28.65
CA TYR I 20 -26.64 58.06 -30.02
C TYR I 20 -25.39 58.52 -30.71
N LYS I 21 -24.69 57.60 -31.38
CA LYS I 21 -23.68 58.03 -32.32
C LYS I 21 -24.22 57.60 -33.65
N LEU I 22 -24.63 58.57 -34.47
CA LEU I 22 -25.47 58.28 -35.63
C LEU I 22 -24.70 57.69 -36.80
N SER I 23 -23.38 57.59 -36.66
CA SER I 23 -22.58 56.89 -37.64
C SER I 23 -22.54 55.38 -37.34
N GLU I 24 -23.20 54.96 -36.27
CA GLU I 24 -23.42 53.53 -36.03
C GLU I 24 -24.80 53.16 -36.51
N LYS I 25 -24.88 52.16 -37.37
CA LYS I 25 -26.15 51.77 -37.98
C LYS I 25 -27.27 51.55 -36.96
N GLN I 26 -26.98 50.82 -35.89
CA GLN I 26 -28.06 50.47 -34.98
C GLN I 26 -28.55 51.69 -34.21
N ASP I 27 -27.69 52.66 -33.95
CA ASP I 27 -28.14 53.90 -33.31
C ASP I 27 -28.97 54.73 -34.28
N LEU I 28 -28.55 54.80 -35.54
CA LEU I 28 -29.31 55.56 -36.54
C LEU I 28 -30.69 54.93 -36.69
N ASP I 29 -30.74 53.60 -36.81
CA ASP I 29 -32.01 52.91 -37.02
C ASP I 29 -32.98 53.22 -35.87
N ALA I 30 -32.49 53.26 -34.63
CA ALA I 30 -33.38 53.55 -33.50
C ALA I 30 -33.81 55.03 -33.53
N PHE I 31 -32.83 55.90 -33.77
CA PHE I 31 -33.04 57.35 -33.84
C PHE I 31 -34.20 57.74 -34.78
N VAL I 32 -34.24 57.14 -35.97
CA VAL I 32 -35.26 57.45 -36.98
C VAL I 32 -36.54 56.62 -36.87
N ASN I 33 -36.64 55.88 -35.77
CA ASN I 33 -37.87 55.14 -35.43
C ASN I 33 -38.22 55.48 -33.99
N SER I 34 -37.98 56.73 -33.60
CA SER I 34 -38.28 57.13 -32.22
C SER I 34 -38.42 58.64 -32.08
N ILE I 35 -37.38 59.37 -32.46
CA ILE I 35 -37.35 60.79 -32.13
C ILE I 35 -37.01 61.73 -33.27
N PHE I 36 -36.70 61.18 -34.44
CA PHE I 36 -36.35 62.00 -35.59
C PHE I 36 -37.52 62.16 -36.54
N VAL I 37 -37.81 63.40 -36.92
CA VAL I 37 -38.92 63.71 -37.80
C VAL I 37 -38.39 64.23 -39.13
N GLY I 38 -38.81 63.59 -40.23
CA GLY I 38 -38.37 64.02 -41.56
C GLY I 38 -37.46 62.99 -42.20
N SER I 39 -36.94 63.29 -43.38
N SER I 39 -36.92 63.34 -43.36
CA SER I 39 -36.04 62.35 -44.04
CA SER I 39 -36.03 62.46 -44.11
C SER I 39 -34.59 62.77 -43.85
C SER I 39 -34.57 62.76 -43.81
N TYR I 40 -33.67 61.89 -44.25
CA TYR I 40 -32.26 62.15 -44.13
C TYR I 40 -31.60 61.49 -45.30
N LYS I 41 -30.39 61.95 -45.63
CA LYS I 41 -29.54 61.32 -46.61
C LYS I 41 -28.27 60.97 -45.86
N LEU I 42 -27.80 59.74 -45.99
CA LEU I 42 -26.55 59.36 -45.34
C LEU I 42 -25.40 59.89 -46.20
N LYS I 43 -24.49 60.66 -45.60
CA LYS I 43 -23.38 61.22 -46.37
C LYS I 43 -22.05 61.07 -45.64
N GLN I 44 -20.96 61.00 -46.40
CA GLN I 44 -19.65 61.02 -45.81
C GLN I 44 -19.28 62.44 -45.42
N ILE I 45 -19.05 62.65 -44.13
CA ILE I 45 -18.75 63.95 -43.54
C ILE I 45 -17.30 63.95 -43.09
N SER I 46 -16.56 65.00 -43.43
CA SER I 46 -15.18 65.18 -43.01
C SER I 46 -15.02 66.53 -42.34
N TYR I 47 -14.24 66.58 -41.25
CA TYR I 47 -13.86 67.86 -40.64
C TYR I 47 -12.56 67.75 -39.87
N LEU I 48 -11.95 68.90 -39.60
CA LEU I 48 -10.56 68.94 -39.10
C LEU I 48 -10.50 68.93 -37.57
N LEU I 49 -9.61 68.10 -37.03
CA LEU I 49 -9.32 68.09 -35.60
C LEU I 49 -7.81 68.08 -35.45
N TYR I 50 -7.25 69.18 -34.95
CA TYR I 50 -5.80 69.32 -34.84
C TYR I 50 -5.08 68.93 -36.13
N GLY I 51 -5.62 69.37 -37.27
CA GLY I 51 -4.94 69.16 -38.55
C GLY I 51 -5.27 67.83 -39.18
N ASN I 52 -5.92 66.95 -38.41
CA ASN I 52 -6.31 65.66 -38.93
C ASN I 52 -7.75 65.65 -39.43
N THR I 53 -8.05 64.81 -40.41
CA THR I 53 -9.40 64.78 -40.96
C THR I 53 -10.22 63.60 -40.44
N LYS I 54 -11.21 63.90 -39.61
CA LYS I 54 -12.11 62.87 -39.12
C LYS I 54 -13.17 62.61 -40.19
N ILE I 55 -13.40 61.33 -40.48
CA ILE I 55 -14.34 60.97 -41.52
C ILE I 55 -15.39 60.02 -40.96
N VAL I 56 -16.65 60.39 -41.08
CA VAL I 56 -17.76 59.56 -40.65
C VAL I 56 -18.86 59.60 -41.70
N SER I 57 -19.71 58.58 -41.69
CA SER I 57 -20.94 58.62 -42.47
C SER I 57 -22.09 58.95 -41.53
N ALA I 58 -22.78 60.05 -41.79
CA ALA I 58 -23.82 60.52 -40.90
C ALA I 58 -25.05 61.00 -41.68
N PRO I 59 -26.20 61.03 -41.01
CA PRO I 59 -27.43 61.51 -41.65
C PRO I 59 -27.41 63.02 -41.84
N VAL I 60 -27.82 63.48 -43.01
CA VAL I 60 -27.86 64.92 -43.29
C VAL I 60 -29.29 65.29 -43.65
N VAL I 61 -29.76 66.42 -43.13
CA VAL I 61 -31.09 66.90 -43.45
C VAL I 61 -31.07 67.37 -44.91
N PRO I 62 -31.97 66.81 -45.73
CA PRO I 62 -31.98 67.18 -47.15
C PRO I 62 -32.69 68.49 -47.43
N LEU I 63 -32.57 69.00 -48.65
CA LEU I 63 -33.28 70.18 -49.08
C LEU I 63 -34.75 69.98 -48.80
N GLY I 64 -35.42 71.02 -48.31
CA GLY I 64 -36.83 70.91 -48.00
C GLY I 64 -37.10 71.48 -46.63
N PRO I 65 -38.19 71.01 -45.99
CA PRO I 65 -38.57 71.49 -44.67
C PRO I 65 -37.50 71.10 -43.64
N ASN I 66 -37.42 71.85 -42.56
CA ASN I 66 -36.54 71.46 -41.47
C ASN I 66 -36.91 70.08 -40.96
N ALA I 67 -35.93 69.33 -40.48
CA ALA I 67 -36.22 68.11 -39.74
C ALA I 67 -36.49 68.54 -38.29
N SER I 68 -36.97 67.61 -37.45
CA SER I 68 -37.10 67.90 -36.03
C SER I 68 -36.63 66.72 -35.21
N ILE I 69 -36.23 66.98 -33.97
CA ILE I 69 -36.09 65.94 -32.98
C ILE I 69 -37.16 66.20 -31.94
N ILE I 70 -37.95 65.17 -31.64
CA ILE I 70 -39.08 65.32 -30.71
C ILE I 70 -39.05 64.14 -29.76
N ILE I 71 -39.01 64.41 -28.46
CA ILE I 71 -38.96 63.33 -27.50
C ILE I 71 -40.05 63.46 -26.44
N ASP I 72 -41.10 62.64 -26.51
CA ASP I 72 -42.10 62.64 -25.45
C ASP I 72 -42.01 61.40 -24.57
N ASP I 73 -41.03 60.55 -24.85
CA ASP I 73 -40.88 59.30 -24.10
C ASP I 73 -40.64 59.51 -22.61
N GLU I 74 -40.96 58.49 -21.82
CA GLU I 74 -40.80 58.56 -20.36
C GLU I 74 -39.34 58.37 -19.94
N LEU I 75 -38.49 59.31 -20.32
CA LEU I 75 -37.12 59.33 -19.80
C LEU I 75 -37.15 59.42 -18.29
N GLN I 76 -36.07 58.99 -17.65
CA GLN I 76 -35.96 59.20 -16.20
C GLN I 76 -36.15 60.69 -15.91
N GLU I 77 -36.93 61.02 -14.88
CA GLU I 77 -37.16 62.42 -14.58
C GLU I 77 -35.90 63.14 -14.15
N GLY I 78 -35.82 64.44 -14.44
CA GLY I 78 -34.64 65.20 -14.01
C GLY I 78 -34.33 66.31 -14.99
N LEU I 79 -33.22 66.99 -14.77
CA LEU I 79 -32.84 68.09 -15.63
C LEU I 79 -31.70 67.60 -16.53
N TYR I 80 -31.92 67.64 -17.84
CA TYR I 80 -30.94 67.14 -18.81
C TYR I 80 -30.22 68.27 -19.50
N LEU I 81 -28.92 68.07 -19.68
CA LEU I 81 -28.15 68.84 -20.64
C LEU I 81 -28.11 68.02 -21.91
N ILE I 82 -28.52 68.62 -23.02
CA ILE I 82 -28.50 67.93 -24.31
C ILE I 82 -27.32 68.46 -25.11
N ARG I 83 -26.58 67.56 -25.76
CA ARG I 83 -25.52 67.98 -26.69
C ARG I 83 -25.77 67.28 -28.02
N ILE I 84 -25.86 68.08 -29.08
CA ILE I 84 -25.99 67.53 -30.42
C ILE I 84 -24.76 67.94 -31.20
N LYS I 85 -23.99 66.96 -31.64
CA LYS I 85 -22.83 67.27 -32.47
C LYS I 85 -23.29 67.29 -33.90
N VAL I 86 -23.14 68.43 -34.56
CA VAL I 86 -23.59 68.57 -35.95
C VAL I 86 -22.46 69.08 -36.83
N TYR I 87 -22.63 68.97 -38.16
CA TYR I 87 -21.70 69.55 -39.09
C TYR I 87 -22.51 70.23 -40.19
N ASN I 88 -22.22 71.51 -40.42
CA ASN I 88 -22.95 72.27 -41.40
C ASN I 88 -22.28 72.04 -42.77
N THR I 89 -22.92 71.25 -43.61
CA THR I 89 -22.38 70.95 -44.93
C THR I 89 -22.61 72.09 -45.93
N ASN I 90 -23.41 73.09 -45.56
CA ASN I 90 -23.69 74.22 -46.44
C ASN I 90 -22.52 75.20 -46.53
N SER I 91 -22.44 75.91 -47.64
CA SER I 91 -21.44 76.98 -47.78
C SER I 91 -21.97 78.31 -47.21
N PHE I 92 -23.03 78.24 -46.41
CA PHE I 92 -23.57 79.42 -45.75
C PHE I 92 -23.91 79.07 -44.29
N SER I 93 -24.03 80.09 -43.45
CA SER I 93 -24.45 79.88 -42.06
C SER I 93 -25.89 79.41 -41.98
N VAL I 94 -26.19 78.62 -40.96
CA VAL I 94 -27.56 78.27 -40.65
C VAL I 94 -27.81 78.58 -39.16
N THR I 95 -29.07 78.74 -38.80
CA THR I 95 -29.39 78.99 -37.39
C THR I 95 -30.24 77.86 -36.82
N VAL I 96 -30.16 77.70 -35.50
CA VAL I 96 -30.94 76.70 -34.80
C VAL I 96 -31.50 77.43 -33.58
N THR I 97 -32.69 77.03 -33.13
CA THR I 97 -33.35 77.64 -31.98
C THR I 97 -33.47 76.60 -30.88
N PRO I 98 -32.55 76.65 -29.89
CA PRO I 98 -32.61 75.62 -28.85
C PRO I 98 -33.91 75.69 -28.05
N PHE I 99 -34.35 74.53 -27.56
CA PHE I 99 -35.58 74.38 -26.76
C PHE I 99 -35.49 75.18 -25.45
N PHE I 100 -34.47 74.90 -24.65
CA PHE I 100 -34.29 75.55 -23.34
C PHE I 100 -35.58 75.54 -22.52
N ASN I 101 -36.40 74.52 -22.72
CA ASN I 101 -37.72 74.41 -22.06
C ASN I 101 -38.80 75.40 -22.49
N ASN I 102 -38.41 76.66 -22.65
N ASN I 102 -38.46 76.66 -22.67
CA ASN I 102 -39.37 77.73 -22.96
CA ASN I 102 -39.48 77.59 -23.17
C ASN I 102 -38.91 78.73 -24.03
C ASN I 102 -38.92 78.71 -24.04
N ASN I 103 -37.84 78.44 -24.76
CA ASN I 103 -37.34 79.39 -25.72
C ASN I 103 -37.92 79.15 -27.10
N ASN I 104 -38.23 80.22 -27.82
CA ASN I 104 -38.48 80.06 -29.24
C ASN I 104 -37.98 81.24 -30.07
N THR I 105 -37.05 82.03 -29.51
CA THR I 105 -36.50 83.18 -30.24
C THR I 105 -34.96 83.22 -30.28
N MET I 106 -34.31 82.76 -29.21
CA MET I 106 -32.85 82.82 -29.15
C MET I 106 -32.25 81.74 -30.01
N THR I 107 -31.11 82.05 -30.63
CA THR I 107 -30.56 81.16 -31.63
C THR I 107 -29.07 80.89 -31.48
N TYR I 108 -28.62 79.82 -32.12
CA TYR I 108 -27.21 79.57 -32.36
C TYR I 108 -26.99 79.86 -33.83
N SER I 109 -25.82 80.37 -34.15
CA SER I 109 -25.44 80.61 -35.55
C SER I 109 -24.31 79.65 -35.89
N ILE I 110 -24.54 78.79 -36.88
CA ILE I 110 -23.59 77.75 -37.20
C ILE I 110 -22.89 78.06 -38.52
N GLY I 111 -21.57 78.23 -38.46
CA GLY I 111 -20.81 78.71 -39.60
C GLY I 111 -20.76 77.68 -40.72
N ALA I 112 -20.50 78.16 -41.93
CA ALA I 112 -20.45 77.29 -43.11
C ALA I 112 -19.33 76.27 -42.94
N ASN I 113 -19.54 75.07 -43.49
CA ASN I 113 -18.53 74.03 -43.48
C ASN I 113 -17.85 73.83 -42.14
N SER I 114 -18.62 73.72 -41.08
CA SER I 114 -18.00 73.52 -39.78
C SER I 114 -18.79 72.64 -38.83
N GLU I 115 -18.04 72.00 -37.94
CA GLU I 115 -18.57 71.19 -36.86
C GLU I 115 -19.07 72.16 -35.80
N PHE I 116 -20.12 71.79 -35.10
CA PHE I 116 -20.69 72.65 -34.06
C PHE I 116 -21.37 71.81 -33.00
N GLU I 117 -21.30 72.26 -31.74
CA GLU I 117 -21.99 71.62 -30.63
C GLU I 117 -23.23 72.41 -30.26
N ILE I 118 -24.40 71.82 -30.46
CA ILE I 118 -25.65 72.44 -30.04
C ILE I 118 -25.89 72.04 -28.59
N TYR I 119 -25.95 73.01 -27.69
CA TYR I 119 -26.27 72.73 -26.29
C TYR I 119 -27.73 73.04 -26.06
N ASP I 120 -28.42 72.16 -25.35
CA ASP I 120 -29.82 72.43 -25.04
C ASP I 120 -30.14 72.00 -23.61
N ILE I 121 -31.26 72.44 -23.08
CA ILE I 121 -31.62 72.10 -21.70
C ILE I 121 -33.04 71.59 -21.72
N PHE I 122 -33.28 70.48 -21.02
CA PHE I 122 -34.60 69.86 -21.05
C PHE I 122 -34.94 69.36 -19.67
N THR I 123 -36.01 69.88 -19.07
CA THR I 123 -36.51 69.35 -17.80
C THR I 123 -37.53 68.27 -18.04
N LYS I 124 -37.19 67.03 -17.68
CA LYS I 124 -38.19 65.96 -17.80
C LYS I 124 -39.01 65.89 -16.51
N GLU I 125 -40.13 66.60 -16.52
CA GLU I 125 -41.14 66.53 -15.47
C GLU I 125 -42.48 66.83 -16.13
N GLN I 126 -43.57 66.38 -15.50
CA GLN I 126 -44.93 66.67 -15.98
C GLN I 126 -45.12 66.50 -17.49
N GLY I 127 -44.56 65.42 -18.05
CA GLY I 127 -44.76 65.12 -19.46
C GLY I 127 -44.22 66.13 -20.47
N ASN I 128 -43.24 66.92 -20.04
CA ASN I 128 -42.58 67.88 -20.93
C ASN I 128 -42.06 67.14 -22.18
N ILE I 129 -42.14 67.79 -23.33
CA ILE I 129 -41.71 67.17 -24.58
C ILE I 129 -40.57 67.93 -25.21
N TYR I 130 -39.43 67.27 -25.39
CA TYR I 130 -38.29 67.95 -26.02
C TYR I 130 -38.56 68.20 -27.52
N TYR I 131 -38.14 69.36 -28.03
CA TYR I 131 -38.38 69.72 -29.43
C TYR I 131 -37.29 70.65 -29.95
N ILE I 132 -36.69 70.28 -31.08
CA ILE I 132 -35.80 71.20 -31.79
C ILE I 132 -35.85 70.94 -33.31
N GLN I 133 -35.81 72.00 -34.12
CA GLN I 133 -35.82 71.88 -35.57
C GLN I 133 -34.40 72.02 -36.09
N LEU I 134 -34.09 71.27 -37.15
CA LEU I 134 -32.73 71.25 -37.73
C LEU I 134 -32.84 71.54 -39.23
N PRO I 135 -32.14 72.58 -39.68
CA PRO I 135 -32.29 73.05 -41.06
C PRO I 135 -31.54 72.18 -42.05
N PRO I 136 -31.93 72.25 -43.33
CA PRO I 136 -31.32 71.45 -44.38
C PRO I 136 -29.80 71.64 -44.45
N GLY I 137 -29.07 70.57 -44.71
CA GLY I 137 -27.63 70.66 -44.83
C GLY I 137 -26.87 70.34 -43.57
N LEU I 138 -27.57 70.28 -42.44
CA LEU I 138 -26.95 69.89 -41.19
C LEU I 138 -26.80 68.37 -41.11
N ALA I 139 -25.57 67.90 -40.91
CA ALA I 139 -25.33 66.50 -40.58
C ALA I 139 -25.45 66.33 -39.08
N ILE I 140 -26.09 65.26 -38.65
N ILE I 140 -26.08 65.25 -38.64
CA ILE I 140 -26.26 64.99 -37.22
CA ILE I 140 -26.25 65.02 -37.22
C ILE I 140 -25.35 63.83 -36.86
C ILE I 140 -25.37 63.84 -36.83
N LEU I 141 -24.34 64.10 -36.02
CA LEU I 141 -23.33 63.07 -35.74
C LEU I 141 -23.57 62.33 -34.44
N GLU I 142 -23.97 63.05 -33.39
CA GLU I 142 -24.18 62.46 -32.07
C GLU I 142 -25.30 63.22 -31.37
N PHE I 143 -26.03 62.50 -30.53
CA PHE I 143 -27.08 63.13 -29.73
C PHE I 143 -26.96 62.58 -28.32
N SER I 144 -26.76 63.47 -27.36
CA SER I 144 -26.47 63.05 -25.97
C SER I 144 -27.45 63.67 -24.99
N LEU I 145 -27.99 62.84 -24.11
CA LEU I 145 -28.89 63.27 -23.03
C LEU I 145 -28.20 62.91 -21.73
N GLU I 146 -27.81 63.90 -20.93
CA GLU I 146 -27.21 63.58 -19.63
C GLU I 146 -27.77 64.45 -18.50
N ARG I 147 -28.01 63.85 -17.35
CA ARG I 147 -28.53 64.58 -16.21
C ARG I 147 -27.39 65.39 -15.58
N VAL I 148 -27.60 66.67 -15.38
CA VAL I 148 -26.56 67.53 -14.77
C VAL I 148 -26.75 67.57 -13.25
N PHE I 149 -25.75 67.99 -12.50
CA PHE I 149 -25.90 68.01 -11.06
C PHE I 149 -25.89 66.56 -10.55
N GLU I 150 -25.46 65.64 -11.43
CA GLU I 150 -25.10 64.29 -11.01
C GLU I 150 -23.59 64.28 -11.00
N LYS I 151 -23.00 63.69 -9.98
CA LYS I 151 -21.55 63.48 -10.02
C LYS I 151 -20.82 64.82 -10.10
N GLY I 152 -21.46 65.87 -9.60
CA GLY I 152 -20.84 67.17 -9.52
C GLY I 152 -20.71 67.91 -10.82
N ASN I 153 -21.49 67.51 -11.83
CA ASN I 153 -21.47 68.27 -13.08
C ASN I 153 -22.29 69.52 -13.01
N ARG I 154 -22.04 70.44 -13.94
CA ARG I 154 -22.75 71.70 -13.97
C ARG I 154 -23.21 71.93 -15.39
N ILE I 155 -24.08 72.90 -15.57
CA ILE I 155 -24.39 73.40 -16.89
C ILE I 155 -23.27 74.36 -17.24
N ASN I 156 -22.64 74.17 -18.39
CA ASN I 156 -21.60 75.07 -18.83
C ASN I 156 -21.67 75.27 -20.34
N ILE I 157 -22.52 76.19 -20.76
CA ILE I 157 -22.70 76.47 -22.18
C ILE I 157 -21.85 77.68 -22.53
N PRO I 158 -21.01 77.57 -23.58
CA PRO I 158 -20.12 78.67 -23.96
C PRO I 158 -20.91 79.88 -24.49
N LYS I 159 -20.22 80.99 -24.71
CA LYS I 159 -20.87 82.22 -25.13
C LYS I 159 -21.27 82.16 -26.61
N ILE I 160 -22.40 81.52 -26.89
CA ILE I 160 -22.87 81.29 -28.26
C ILE I 160 -24.37 81.54 -28.42
N ILE I 161 -25.04 81.93 -27.33
CA ILE I 161 -26.50 82.08 -27.38
C ILE I 161 -26.83 83.50 -27.85
N HIS I 162 -27.56 83.63 -28.95
CA HIS I 162 -27.87 84.96 -29.49
C HIS I 162 -29.27 85.44 -29.12
N THR I 163 -29.36 86.67 -28.64
CA THR I 163 -30.66 87.25 -28.39
C THR I 163 -30.68 88.66 -28.94
N SER I 164 -31.86 89.11 -29.35
CA SER I 164 -31.98 90.50 -29.73
C SER I 164 -33.03 91.22 -28.87
N GLY I 165 -33.33 90.66 -27.70
CA GLY I 165 -34.19 91.37 -26.76
C GLY I 165 -35.29 90.55 -26.14
N ASN I 166 -35.45 89.31 -26.57
CA ASN I 166 -36.37 88.40 -25.89
C ASN I 166 -35.84 86.98 -25.90
N GLY I 167 -36.51 86.11 -25.15
CA GLY I 167 -36.05 84.74 -25.03
C GLY I 167 -36.18 84.27 -23.59
N TYR I 168 -36.26 82.96 -23.41
CA TYR I 168 -36.41 82.37 -22.09
C TYR I 168 -35.56 81.13 -21.99
N ILE I 169 -35.06 80.87 -20.79
CA ILE I 169 -34.46 79.58 -20.46
C ILE I 169 -35.02 79.18 -19.10
N SER I 170 -35.55 77.97 -18.98
CA SER I 170 -36.03 77.48 -17.70
C SER I 170 -35.30 76.21 -17.34
N PHE I 171 -35.20 75.94 -16.05
CA PHE I 171 -34.61 74.68 -15.57
C PHE I 171 -35.02 74.43 -14.13
N ARG I 172 -35.06 73.15 -13.73
CA ARG I 172 -35.41 72.79 -12.36
C ARG I 172 -34.14 72.61 -11.56
N LEU I 173 -34.06 73.22 -10.38
CA LEU I 173 -32.94 72.98 -9.47
C LEU I 173 -33.43 72.32 -8.18
N ARG I 174 -32.79 71.24 -7.78
CA ARG I 174 -33.16 70.65 -6.50
C ARG I 174 -32.50 71.47 -5.40
N LYS I 175 -32.80 71.15 -4.15
CA LYS I 175 -32.30 71.94 -3.01
C LYS I 175 -30.79 72.15 -3.09
N GLY I 176 -30.35 73.36 -2.77
CA GLY I 176 -28.94 73.71 -2.77
C GLY I 176 -28.80 75.19 -3.03
N THR I 177 -27.57 75.68 -3.00
CA THR I 177 -27.33 77.08 -3.42
C THR I 177 -26.57 76.99 -4.71
N TYR I 178 -26.92 77.84 -5.68
CA TYR I 178 -26.31 77.77 -6.99
C TYR I 178 -25.78 79.13 -7.46
N ALA I 179 -24.70 79.10 -8.22
CA ALA I 179 -24.25 80.28 -8.93
C ALA I 179 -24.80 80.16 -10.35
N ILE I 180 -25.32 81.26 -10.87
CA ILE I 180 -25.68 81.36 -12.29
C ILE I 180 -24.79 82.42 -12.88
N LYS I 181 -23.93 82.03 -13.81
CA LYS I 181 -22.97 82.94 -14.39
C LYS I 181 -23.26 83.06 -15.88
N MET I 182 -23.33 84.29 -16.38
N MET I 182 -23.31 84.29 -16.38
CA MET I 182 -23.60 84.51 -17.79
CA MET I 182 -23.59 84.48 -17.79
C MET I 182 -22.63 85.50 -18.39
C MET I 182 -22.66 85.48 -18.40
N PRO I 183 -21.55 84.99 -18.97
CA PRO I 183 -20.60 85.85 -19.70
C PRO I 183 -21.41 86.39 -20.87
N TYR I 184 -21.25 87.66 -21.22
CA TYR I 184 -21.95 88.19 -22.37
C TYR I 184 -21.10 89.18 -23.13
N SER I 185 -21.47 89.39 -24.40
CA SER I 185 -20.95 90.46 -25.24
C SER I 185 -22.16 91.12 -25.87
N TYR I 186 -22.08 92.43 -26.09
CA TYR I 186 -23.15 93.12 -26.78
C TYR I 186 -22.61 94.08 -27.80
N ASN I 187 -23.46 94.41 -28.77
CA ASN I 187 -23.14 95.44 -29.74
C ASN I 187 -24.33 96.40 -29.80
N ASN I 188 -24.11 97.61 -29.33
CA ASN I 188 -25.13 98.65 -29.39
C ASN I 188 -25.06 99.33 -30.74
N THR I 189 -26.06 99.11 -31.57
CA THR I 189 -26.03 99.63 -32.92
C THR I 189 -26.69 101.00 -32.95
N THR I 190 -27.45 101.32 -31.90
CA THR I 190 -28.18 102.59 -31.82
C THR I 190 -27.24 103.71 -31.36
N SER I 191 -27.67 104.96 -31.52
CA SER I 191 -26.87 106.09 -31.05
C SER I 191 -27.25 106.45 -29.61
N THR I 192 -28.10 105.61 -29.01
CA THR I 192 -28.62 105.84 -27.66
C THR I 192 -27.66 105.39 -26.56
N THR I 193 -27.57 106.20 -25.51
CA THR I 193 -26.83 105.81 -24.31
C THR I 193 -27.81 105.32 -23.25
N PHE I 194 -27.64 104.07 -22.83
CA PHE I 194 -28.48 103.48 -21.80
C PHE I 194 -27.75 103.44 -20.47
N THR I 195 -28.47 103.71 -19.39
CA THR I 195 -27.93 103.60 -18.04
C THR I 195 -28.81 102.66 -17.23
N ASN I 196 -28.20 101.86 -16.37
CA ASN I 196 -28.93 100.81 -15.67
C ASN I 196 -29.81 100.01 -16.64
N PHE I 197 -29.16 99.53 -17.69
CA PHE I 197 -29.78 98.71 -18.71
C PHE I 197 -30.13 97.35 -18.11
N GLN I 198 -31.42 97.03 -18.05
CA GLN I 198 -31.79 95.68 -17.62
C GLN I 198 -31.80 94.73 -18.81
N PHE I 199 -30.91 93.76 -18.77
CA PHE I 199 -30.79 92.79 -19.82
C PHE I 199 -31.91 91.78 -19.64
N GLY I 200 -32.18 91.39 -18.40
CA GLY I 200 -33.14 90.33 -18.15
C GLY I 200 -33.34 90.10 -16.66
N THR I 201 -34.01 88.99 -16.33
CA THR I 201 -34.27 88.64 -14.94
C THR I 201 -34.11 87.16 -14.73
N ILE I 202 -33.75 86.78 -13.50
CA ILE I 202 -33.78 85.37 -13.09
C ILE I 202 -34.81 85.32 -11.97
N SER I 203 -35.76 84.39 -12.07
CA SER I 203 -36.75 84.29 -11.03
C SER I 203 -37.16 82.86 -10.72
N THR I 204 -37.67 82.68 -9.50
CA THR I 204 -38.47 81.52 -9.14
C THR I 204 -39.86 82.12 -8.95
N SER I 205 -40.84 81.34 -8.53
CA SER I 205 -42.18 81.90 -8.31
C SER I 205 -42.18 83.20 -7.50
N ALA I 207 -39.59 85.43 -6.11
CA ALA I 207 -38.22 85.95 -6.08
C ALA I 207 -37.70 86.26 -7.48
N THR I 208 -37.18 87.48 -7.65
CA THR I 208 -36.69 87.98 -8.94
C THR I 208 -35.37 88.73 -8.79
N ILE I 209 -34.40 88.39 -9.64
CA ILE I 209 -33.10 89.06 -9.67
C ILE I 209 -32.90 89.73 -11.01
N PRO I 210 -32.88 91.07 -11.03
CA PRO I 210 -32.59 91.79 -12.28
C PRO I 210 -31.13 91.65 -12.69
N LEU I 211 -30.88 91.47 -13.99
CA LEU I 211 -29.52 91.44 -14.52
C LEU I 211 -29.29 92.79 -15.16
N VAL I 212 -28.49 93.64 -14.51
CA VAL I 212 -28.36 95.04 -14.91
C VAL I 212 -26.93 95.43 -15.26
N ILE I 213 -26.79 96.25 -16.31
CA ILE I 213 -25.50 96.78 -16.72
C ILE I 213 -25.49 98.28 -16.46
N SER I 214 -24.49 98.75 -15.72
CA SER I 214 -24.41 100.17 -15.33
C SER I 214 -24.61 101.12 -16.50
N SER I 215 -23.82 100.94 -17.54
CA SER I 215 -23.98 101.75 -18.73
C SER I 215 -23.56 101.04 -20.00
N ILE I 216 -24.31 101.29 -21.06
CA ILE I 216 -23.98 100.80 -22.40
C ILE I 216 -23.84 102.05 -23.26
N PRO I 217 -22.60 102.40 -23.60
CA PRO I 217 -22.30 103.61 -24.39
C PRO I 217 -22.96 103.55 -25.76
N ALA I 218 -23.31 104.71 -26.33
CA ALA I 218 -23.89 104.76 -27.68
C ALA I 218 -22.93 104.15 -28.70
N ASN I 219 -23.49 103.37 -29.63
CA ASN I 219 -22.70 102.74 -30.69
C ASN I 219 -21.55 101.88 -30.18
N GLY I 220 -21.58 101.57 -28.89
CA GLY I 220 -20.50 100.81 -28.28
C GLY I 220 -20.72 99.31 -28.36
N SER I 221 -19.62 98.58 -28.17
CA SER I 221 -19.70 97.15 -27.99
C SER I 221 -18.92 96.90 -26.72
N GLY I 222 -19.28 95.84 -25.99
CA GLY I 222 -18.64 95.56 -24.73
C GLY I 222 -18.91 94.13 -24.32
N SER I 223 -18.23 93.70 -23.27
CA SER I 223 -18.44 92.37 -22.75
C SER I 223 -18.36 92.43 -21.22
N GLY I 224 -18.97 91.46 -20.57
CA GLY I 224 -18.97 91.40 -19.12
C GLY I 224 -19.52 90.07 -18.68
N THR I 225 -19.83 89.96 -17.39
CA THR I 225 -20.36 88.71 -16.86
C THR I 225 -21.39 89.04 -15.79
N PHE I 226 -22.58 88.47 -15.93
CA PHE I 226 -23.55 88.46 -14.84
C PHE I 226 -23.27 87.27 -13.94
N LEU I 227 -23.28 87.50 -12.64
CA LEU I 227 -23.04 86.41 -11.70
C LEU I 227 -23.97 86.62 -10.52
N VAL I 228 -25.00 85.78 -10.43
CA VAL I 228 -25.91 85.86 -9.31
C VAL I 228 -26.08 84.50 -8.67
N TYR I 229 -26.69 84.47 -7.51
CA TYR I 229 -26.80 83.23 -6.77
C TYR I 229 -28.23 83.04 -6.29
N LEU I 230 -28.68 81.78 -6.29
CA LEU I 230 -30.00 81.44 -5.80
C LEU I 230 -29.88 80.44 -4.67
N LYS I 231 -30.54 80.71 -3.55
CA LYS I 231 -30.68 79.67 -2.55
C LYS I 231 -31.99 78.93 -2.75
N ILE I 232 -31.90 77.72 -3.27
CA ILE I 232 -33.06 76.89 -3.49
C ILE I 232 -33.31 76.07 -2.23
N THR I 233 -34.26 76.53 -1.41
CA THR I 233 -34.66 75.77 -0.24
C THR I 233 -35.11 74.38 -0.67
N GLY I 234 -35.84 74.34 -1.79
CA GLY I 234 -36.35 73.08 -2.30
C GLY I 234 -37.85 73.07 -2.55
N ASP I 235 -38.57 74.02 -1.98
CA ASP I 235 -40.02 74.06 -2.19
C ASP I 235 -40.41 74.82 -3.46
N TYR I 236 -39.47 75.58 -4.00
CA TYR I 236 -39.62 76.21 -5.33
C TYR I 236 -38.40 75.93 -6.17
N GLU I 237 -38.55 75.03 -7.13
CA GLU I 237 -37.39 74.49 -7.86
C GLU I 237 -37.29 74.95 -9.30
N ASP I 238 -38.39 75.44 -9.85
CA ASP I 238 -38.38 75.86 -11.25
C ASP I 238 -37.87 77.29 -11.41
N VAL I 239 -36.78 77.43 -12.14
CA VAL I 239 -36.09 78.70 -12.26
C VAL I 239 -36.31 79.18 -13.68
N LYS I 240 -36.59 80.47 -13.84
CA LYS I 240 -36.84 81.02 -15.17
C LYS I 240 -35.97 82.24 -15.47
N PHE I 241 -35.22 82.16 -16.55
CA PHE I 241 -34.44 83.29 -17.02
C PHE I 241 -35.20 83.93 -18.19
N SER I 242 -35.33 85.26 -18.17
CA SER I 242 -36.04 85.97 -19.23
C SER I 242 -35.19 87.12 -19.72
N VAL I 243 -35.07 87.24 -21.04
CA VAL I 243 -34.45 88.43 -21.62
C VAL I 243 -35.56 89.45 -21.74
N THR I 244 -35.36 90.65 -21.20
CA THR I 244 -36.47 91.59 -21.10
C THR I 244 -36.28 92.91 -21.83
N TYR I 245 -35.12 93.14 -22.43
CA TYR I 245 -34.84 94.49 -22.94
C TYR I 245 -35.64 94.88 -24.18
N GLY I 246 -36.24 93.90 -24.86
CA GLY I 246 -37.13 94.22 -25.95
C GLY I 246 -36.59 93.95 -27.34
N GLY I 247 -37.32 93.15 -28.10
CA GLY I 247 -36.87 92.63 -29.38
C GLY I 247 -36.36 93.62 -30.42
N GLY I 248 -36.90 94.82 -30.44
CA GLY I 248 -36.53 95.74 -31.50
C GLY I 248 -35.52 96.81 -31.11
N LEU I 249 -34.89 96.64 -29.95
CA LEU I 249 -34.05 97.70 -29.39
C LEU I 249 -32.81 98.00 -30.22
N GLY I 250 -32.23 97.00 -30.85
CA GLY I 250 -31.02 97.22 -31.65
C GLY I 250 -29.74 97.03 -30.86
N VAL I 251 -29.82 96.22 -29.81
CA VAL I 251 -28.64 95.86 -29.03
C VAL I 251 -28.55 94.36 -28.92
N PRO I 252 -28.06 93.69 -29.98
CA PRO I 252 -27.92 92.24 -29.90
C PRO I 252 -26.90 91.84 -28.83
N PHE I 253 -27.19 90.76 -28.09
CA PHE I 253 -26.25 90.19 -27.15
C PHE I 253 -25.91 88.78 -27.58
N THR I 254 -24.73 88.32 -27.18
CA THR I 254 -24.37 86.89 -27.27
C THR I 254 -23.95 86.55 -25.86
N PHE I 255 -24.42 85.42 -25.33
CA PHE I 255 -24.07 85.08 -23.96
C PHE I 255 -23.94 83.59 -23.74
N GLY I 256 -23.30 83.23 -22.63
CA GLY I 256 -23.16 81.85 -22.24
C GLY I 256 -23.97 81.62 -20.98
N LEU I 257 -23.98 80.39 -20.49
CA LEU I 257 -24.75 80.07 -19.30
C LEU I 257 -24.05 78.98 -18.52
N GLU I 258 -23.75 79.30 -17.29
CA GLU I 258 -23.10 78.36 -16.40
C GLU I 258 -23.96 78.32 -15.15
N VAL I 259 -24.42 77.12 -14.78
CA VAL I 259 -25.19 76.95 -13.55
C VAL I 259 -24.51 75.86 -12.74
N GLU I 260 -24.14 76.18 -11.50
CA GLU I 260 -23.34 75.25 -10.71
C GLU I 260 -23.65 75.36 -9.23
N GLU I 261 -23.62 74.23 -8.53
N GLU I 261 -23.62 74.22 -8.54
CA GLU I 261 -23.84 74.24 -7.10
CA GLU I 261 -23.79 74.23 -7.10
C GLU I 261 -22.63 74.81 -6.38
C GLU I 261 -22.61 74.88 -6.42
N ILE I 262 -22.86 75.61 -5.35
CA ILE I 262 -21.79 76.16 -4.54
C ILE I 262 -21.97 75.78 -3.06
N ASN I 263 -20.89 75.90 -2.31
CA ASN I 263 -20.95 75.81 -0.86
C ASN I 263 -21.19 77.21 -0.30
N GLU I 264 -21.45 77.33 0.99
CA GLU I 264 -21.82 78.63 1.50
C GLU I 264 -20.76 79.68 1.18
N LEU I 265 -21.21 80.84 0.71
CA LEU I 265 -20.31 81.92 0.36
C LEU I 265 -20.65 83.15 1.17
N VAL I 266 -19.80 83.47 2.14
CA VAL I 266 -19.93 84.71 2.88
C VAL I 266 -19.25 85.79 2.03
N GLU I 267 -20.06 86.63 1.40
CA GLU I 267 -19.51 87.67 0.55
C GLU I 267 -18.78 88.74 1.34
N ASN I 268 -19.33 89.10 2.50
CA ASN I 268 -18.63 90.01 3.39
C ASN I 268 -19.32 90.04 4.72
N THR I 269 -18.60 90.51 5.73
CA THR I 269 -19.14 90.67 7.08
C THR I 269 -18.85 92.09 7.46
N ASN I 270 -19.82 92.76 8.08
CA ASN I 270 -19.70 94.19 8.30
C ASN I 270 -20.22 94.63 9.65
N PHE I 271 -19.53 95.61 10.22
CA PHE I 271 -19.98 96.35 11.38
C PHE I 271 -20.49 97.66 10.80
N VAL I 272 -21.75 97.97 11.03
CA VAL I 272 -22.31 99.18 10.47
C VAL I 272 -23.03 99.97 11.55
N THR I 273 -23.11 101.29 11.35
CA THR I 273 -23.69 102.16 12.34
C THR I 273 -24.71 103.06 11.65
N GLN I 274 -25.78 103.40 12.37
CA GLN I 274 -26.84 104.21 11.80
C GLN I 274 -27.49 105.05 12.88
N SER I 275 -27.52 106.36 12.68
CA SER I 275 -28.16 107.25 13.66
C SER I 275 -29.58 107.57 13.23
N VAL I 276 -30.44 107.78 14.22
CA VAL I 276 -31.82 108.17 13.98
C VAL I 276 -32.17 109.26 14.97
N THR I 277 -32.72 110.36 14.47
CA THR I 277 -33.12 111.47 15.32
C THR I 277 -34.64 111.46 15.53
N LEU I 278 -35.06 111.44 16.79
CA LEU I 278 -36.46 111.31 17.13
C LEU I 278 -36.97 112.63 17.68
N SER I 279 -38.12 113.06 17.19
CA SER I 279 -38.70 114.32 17.64
C SER I 279 -40.22 114.26 17.75
N GLY I 280 -40.72 113.20 18.36
CA GLY I 280 -42.13 113.12 18.69
C GLY I 280 -42.92 112.19 17.81
N SER I 281 -42.36 111.82 16.66
CA SER I 281 -43.07 110.97 15.72
C SER I 281 -42.36 109.66 15.47
N GLN I 282 -43.13 108.62 15.17
CA GLN I 282 -42.53 107.33 14.87
C GLN I 282 -41.71 107.41 13.57
N VAL I 283 -40.54 106.81 13.57
CA VAL I 283 -39.69 106.79 12.41
C VAL I 283 -39.41 105.35 12.05
N THR I 284 -39.55 105.02 10.77
CA THR I 284 -39.15 103.70 10.28
C THR I 284 -37.95 103.88 9.37
N GLN I 285 -36.79 103.41 9.84
CA GLN I 285 -35.55 103.66 9.13
C GLN I 285 -35.02 102.38 8.51
N SER I 286 -34.91 102.35 7.19
CA SER I 286 -34.30 101.20 6.53
C SER I 286 -32.82 101.14 6.86
N ILE I 287 -32.34 99.97 7.23
CA ILE I 287 -30.92 99.80 7.53
C ILE I 287 -30.26 99.13 6.36
N LEU I 288 -30.90 98.08 5.87
N LEU I 288 -30.88 98.07 5.87
CA LEU I 288 -30.37 97.23 4.81
CA LEU I 288 -30.34 97.32 4.75
C LEU I 288 -31.50 96.56 4.05
C LEU I 288 -31.44 96.52 4.06
N ASN I 289 -31.39 96.53 2.72
CA ASN I 289 -32.35 95.78 1.91
C ASN I 289 -31.60 95.20 0.70
N VAL I 290 -31.38 93.88 0.68
CA VAL I 290 -30.67 93.26 -0.43
C VAL I 290 -31.60 92.36 -1.23
N GLN I 291 -32.91 92.57 -1.12
CA GLN I 291 -33.85 91.81 -1.94
C GLN I 291 -33.54 92.00 -3.42
N GLY I 292 -33.48 90.90 -4.18
CA GLY I 292 -33.27 90.98 -5.62
C GLY I 292 -31.80 91.10 -6.03
N SER I 293 -30.91 90.96 -5.05
CA SER I 293 -29.48 91.16 -5.29
C SER I 293 -28.74 89.86 -5.56
N GLY I 294 -29.39 88.73 -5.28
CA GLY I 294 -28.71 87.44 -5.38
C GLY I 294 -27.98 87.13 -4.07
N SER I 295 -28.43 87.74 -2.98
CA SER I 295 -27.82 87.48 -1.67
C SER I 295 -28.83 87.65 -0.55
N HIS I 296 -28.46 87.24 0.65
CA HIS I 296 -29.29 87.49 1.83
C HIS I 296 -28.39 87.82 3.02
N LEU I 297 -28.98 87.96 4.20
CA LEU I 297 -28.27 88.46 5.37
C LEU I 297 -28.33 87.50 6.55
N ARG I 298 -27.39 87.68 7.47
CA ARG I 298 -27.44 86.99 8.74
C ARG I 298 -26.98 87.98 9.81
N LEU I 299 -27.83 88.24 10.81
CA LEU I 299 -27.51 89.23 11.85
C LEU I 299 -26.87 88.54 13.04
N LYS I 300 -25.75 89.07 13.51
CA LYS I 300 -25.00 88.43 14.60
C LYS I 300 -25.06 89.22 15.90
N TYR I 301 -25.15 90.54 15.81
CA TYR I 301 -25.12 91.38 16.99
C TYR I 301 -25.71 92.75 16.70
N ALA I 302 -26.42 93.33 17.66
CA ALA I 302 -26.92 94.69 17.51
C ALA I 302 -26.93 95.38 18.85
N SER I 303 -26.74 96.69 18.82
CA SER I 303 -26.72 97.48 20.05
C SER I 303 -27.20 98.89 19.74
N VAL I 304 -27.84 99.52 20.71
CA VAL I 304 -28.28 100.90 20.54
C VAL I 304 -27.77 101.76 21.68
N SER I 305 -27.10 102.85 21.33
CA SER I 305 -26.66 103.80 22.34
C SER I 305 -27.51 105.06 22.26
N GLY I 306 -27.63 105.75 23.39
CA GLY I 306 -28.38 107.00 23.45
C GLY I 306 -29.82 106.83 23.93
N LEU I 307 -30.18 105.61 24.33
CA LEU I 307 -31.51 105.38 24.88
C LEU I 307 -31.72 106.14 26.18
N THR I 308 -32.87 106.79 26.29
CA THR I 308 -33.28 107.46 27.51
C THR I 308 -34.76 107.18 27.71
N THR I 309 -35.30 107.63 28.83
CA THR I 309 -36.72 107.48 29.10
C THR I 309 -37.55 108.26 28.08
N ALA I 310 -36.88 109.11 27.30
CA ALA I 310 -37.56 109.89 26.26
C ALA I 310 -37.82 109.04 25.00
N VAL I 311 -37.22 107.85 24.94
CA VAL I 311 -37.45 106.93 23.84
C VAL I 311 -38.49 105.88 24.24
N THR I 312 -39.58 105.82 23.49
CA THR I 312 -40.71 104.97 23.84
C THR I 312 -40.77 103.71 22.99
N GLN I 313 -40.11 103.75 21.84
CA GLN I 313 -40.06 102.59 20.98
C GLN I 313 -38.73 102.50 20.26
N CYS I 314 -38.16 101.30 20.25
CA CYS I 314 -36.93 101.06 19.53
C CYS I 314 -36.86 99.59 19.23
N GLN I 315 -37.35 99.21 18.06
CA GLN I 315 -37.39 97.81 17.67
C GLN I 315 -36.66 97.57 16.36
N LEU I 316 -35.76 96.58 16.37
CA LEU I 316 -35.11 96.12 15.15
C LEU I 316 -35.99 95.06 14.53
N GLN I 317 -36.27 95.21 13.23
CA GLN I 317 -37.19 94.31 12.55
C GLN I 317 -36.53 93.78 11.29
N ALA I 318 -36.94 92.59 10.88
CA ALA I 318 -36.33 91.96 9.73
C ALA I 318 -37.35 91.11 9.03
N THR I 319 -37.08 90.78 7.78
CA THR I 319 -37.93 89.83 7.07
C THR I 319 -37.25 89.27 5.84
N ASN I 320 -37.79 88.16 5.36
CA ASN I 320 -37.52 87.74 4.00
C ASN I 320 -38.63 88.30 3.09
N LEU I 321 -38.32 89.39 2.39
CA LEU I 321 -39.32 90.12 1.62
C LEU I 321 -39.92 89.28 0.49
N ASN I 322 -39.21 88.23 0.08
CA ASN I 322 -39.71 87.31 -0.92
C ASN I 322 -40.77 86.37 -0.34
N ARG I 323 -40.82 86.31 0.99
CA ARG I 323 -41.83 85.49 1.67
C ARG I 323 -42.93 86.36 2.24
N SER I 324 -42.55 87.51 2.80
CA SER I 324 -43.51 88.38 3.49
C SER I 324 -43.08 89.84 3.50
N THR I 325 -44.02 90.75 3.23
CA THR I 325 -43.74 92.18 3.27
C THR I 325 -43.93 92.73 4.68
N THR I 326 -44.44 91.89 5.57
CA THR I 326 -44.59 92.30 6.97
C THR I 326 -43.32 91.96 7.74
N TYR I 327 -42.71 92.98 8.32
CA TYR I 327 -41.49 92.80 9.09
C TYR I 327 -41.84 92.24 10.45
N SER I 328 -41.00 91.36 10.97
CA SER I 328 -41.17 90.94 12.37
C SER I 328 -40.07 91.50 13.25
N THR I 329 -40.44 91.85 14.48
CA THR I 329 -39.46 92.35 15.43
C THR I 329 -38.51 91.23 15.82
N VAL I 330 -37.21 91.50 15.67
CA VAL I 330 -36.21 90.51 16.06
C VAL I 330 -35.50 90.88 17.36
N TRP I 331 -35.55 92.16 17.71
CA TRP I 331 -35.07 92.61 19.03
C TRP I 331 -35.70 93.93 19.42
N ASP I 332 -36.15 94.00 20.67
CA ASP I 332 -36.75 95.22 21.20
C ASP I 332 -35.77 95.75 22.23
N PHE I 333 -35.13 96.89 21.92
CA PHE I 333 -34.09 97.44 22.78
C PHE I 333 -34.65 98.04 24.06
N ILE I 334 -35.93 98.38 24.07
CA ILE I 334 -36.56 98.87 25.29
C ILE I 334 -36.89 97.70 26.20
N ALA I 335 -37.64 96.74 25.67
CA ALA I 335 -38.09 95.59 26.47
C ALA I 335 -36.95 94.63 26.81
N GLY I 336 -36.00 94.49 25.90
CA GLY I 336 -34.97 93.46 26.03
C GLY I 336 -33.61 93.97 26.47
N GLY I 337 -33.38 95.28 26.34
CA GLY I 337 -32.12 95.85 26.75
C GLY I 337 -31.31 96.36 25.57
N SER I 338 -30.29 97.16 25.86
CA SER I 338 -29.60 97.93 24.83
C SER I 338 -28.72 97.12 23.87
N SER I 339 -28.46 95.85 24.19
CA SER I 339 -27.73 95.00 23.24
C SER I 339 -28.23 93.57 23.22
N THR I 340 -28.01 92.91 22.08
CA THR I 340 -28.49 91.56 21.87
C THR I 340 -27.62 90.56 22.62
N PRO I 341 -28.24 89.46 23.08
CA PRO I 341 -27.54 88.43 23.85
C PRO I 341 -26.71 87.50 22.96
N PRO I 342 -25.80 86.74 23.57
CA PRO I 342 -24.88 85.90 22.80
C PRO I 342 -25.58 84.93 21.84
N SER I 343 -26.74 84.39 22.21
CA SER I 343 -27.40 83.40 21.36
C SER I 343 -28.21 84.02 20.21
N TRP I 344 -28.27 85.35 20.17
CA TRP I 344 -29.07 86.04 19.17
C TRP I 344 -28.42 85.92 17.80
N ASP I 345 -29.15 85.35 16.86
CA ASP I 345 -28.62 85.06 15.52
C ASP I 345 -29.81 85.02 14.58
N ILE I 346 -29.87 85.96 13.64
CA ILE I 346 -31.06 86.07 12.80
C ILE I 346 -30.68 85.63 11.39
N ARG I 347 -31.25 84.50 10.95
CA ARG I 347 -30.92 83.97 9.64
C ARG I 347 -32.06 84.12 8.65
N GLU I 348 -31.73 83.92 7.38
CA GLU I 348 -32.72 83.86 6.31
C GLU I 348 -33.60 85.09 6.19
N ILE I 349 -32.97 86.24 6.16
CA ILE I 349 -33.67 87.51 6.00
C ILE I 349 -32.94 88.27 4.93
N ASN I 350 -33.59 89.24 4.30
CA ASN I 350 -32.90 90.04 3.31
C ASN I 350 -33.19 91.53 3.44
N SER I 351 -33.91 91.91 4.52
CA SER I 351 -34.20 93.33 4.76
C SER I 351 -34.32 93.58 6.24
N ILE I 352 -33.73 94.68 6.68
CA ILE I 352 -33.69 95.10 8.09
C ILE I 352 -34.11 96.53 8.21
N GLN I 353 -34.93 96.85 9.21
CA GLN I 353 -35.30 98.23 9.48
C GLN I 353 -35.37 98.47 10.98
N LEU I 354 -35.19 99.71 11.39
CA LEU I 354 -35.36 100.11 12.78
C LEU I 354 -36.61 100.96 12.88
N VAL I 355 -37.51 100.60 13.79
CA VAL I 355 -38.71 101.39 14.05
C VAL I 355 -38.57 101.99 15.43
N ALA I 356 -38.62 103.31 15.50
CA ALA I 356 -38.38 103.99 16.78
C ALA I 356 -39.33 105.15 16.95
N ASN I 357 -39.50 105.58 18.20
CA ASN I 357 -40.35 106.72 18.50
C ASN I 357 -39.90 107.31 19.83
N GLY I 358 -40.12 108.61 19.99
CA GLY I 358 -39.72 109.30 21.21
C GLY I 358 -39.32 110.73 20.91
N GLY I 359 -38.79 111.41 21.93
CA GLY I 359 -38.41 112.80 21.79
C GLY I 359 -39.63 113.66 21.63
N SER I 360 -39.41 114.95 21.42
CA SER I 360 -40.50 115.89 21.22
C SER I 360 -40.13 116.92 20.16
N SER I 361 -41.13 117.68 19.71
CA SER I 361 -40.95 118.71 18.70
C SER I 361 -39.98 119.80 19.16
N THR I 362 -39.73 119.85 20.47
CA THR I 362 -38.87 120.88 21.04
C THR I 362 -37.58 120.30 21.59
N SER I 363 -37.55 118.98 21.79
CA SER I 363 -36.39 118.32 22.37
C SER I 363 -36.21 116.96 21.73
N SER I 364 -35.36 116.91 20.71
CA SER I 364 -35.15 115.68 19.96
C SER I 364 -34.11 114.80 20.64
N VAL I 365 -34.20 113.49 20.38
CA VAL I 365 -33.26 112.53 20.92
C VAL I 365 -32.63 111.78 19.75
N THR I 366 -31.30 111.64 19.79
CA THR I 366 -30.62 110.88 18.75
C THR I 366 -30.06 109.59 19.31
N ILE I 367 -30.46 108.49 18.68
CA ILE I 367 -29.97 107.18 19.07
C ILE I 367 -29.12 106.61 17.94
N THR I 368 -28.19 105.73 18.30
CA THR I 368 -27.30 105.14 17.29
C THR I 368 -27.34 103.62 17.34
N LEU I 369 -27.71 103.02 16.23
CA LEU I 369 -27.74 101.58 16.10
C LEU I 369 -26.41 101.10 15.54
N ILE I 370 -25.85 100.07 16.15
CA ILE I 370 -24.73 99.38 15.55
C ILE I 370 -25.14 97.95 15.28
N LEU I 371 -24.63 97.40 14.20
CA LEU I 371 -25.06 96.10 13.75
C LEU I 371 -23.89 95.37 13.13
N VAL I 372 -23.74 94.09 13.45
CA VAL I 372 -22.79 93.23 12.77
C VAL I 372 -23.58 92.18 12.00
N TYR I 373 -23.34 92.11 10.70
CA TYR I 373 -24.08 91.15 9.89
C TYR I 373 -23.19 90.57 8.82
N GLU I 374 -23.59 89.41 8.30
CA GLU I 374 -22.94 88.83 7.15
C GLU I 374 -23.86 88.97 5.96
N GLN I 375 -23.28 89.21 4.79
CA GLN I 375 -24.01 89.11 3.54
C GLN I 375 -23.60 87.80 2.89
N ILE I 376 -24.59 86.96 2.61
CA ILE I 376 -24.35 85.60 2.17
C ILE I 376 -24.93 85.37 0.78
N ALA I 377 -24.19 84.70 -0.08
CA ALA I 377 -24.65 84.47 -1.45
C ALA I 377 -25.94 83.68 -1.45
N GLY I 378 -26.88 84.09 -2.29
CA GLY I 378 -28.07 83.30 -2.57
C GLY I 378 -29.35 84.09 -2.32
N GLU I 379 -30.09 84.37 -3.38
CA GLU I 379 -31.39 85.02 -3.24
C GLU I 379 -32.34 84.07 -2.51
N LEU I 380 -33.09 84.58 -1.53
CA LEU I 380 -34.05 83.75 -0.78
C LEU I 380 -35.29 83.50 -1.63
N SER I 381 -35.86 82.31 -1.52
CA SER I 381 -37.07 82.05 -2.32
C SER I 381 -38.36 82.43 -1.62
N HIS I 382 -39.43 82.50 -2.41
CA HIS I 382 -40.78 82.72 -1.90
C HIS I 382 -41.19 81.57 -0.98
N HIS I 383 -42.15 81.80 -0.07
CA HIS I 383 -42.77 80.72 0.71
C HIS I 383 -44.22 81.03 1.05
N LEU J 6 1.27 66.48 -42.64
CA LEU J 6 1.37 65.98 -41.27
C LEU J 6 0.04 65.42 -40.76
N GLY J 7 -1.06 66.06 -41.15
CA GLY J 7 -2.38 65.58 -40.78
C GLY J 7 -2.77 64.35 -41.60
N GLN J 8 -3.57 63.47 -40.99
CA GLN J 8 -4.06 62.27 -41.67
C GLN J 8 -5.55 62.16 -41.52
N SER J 9 -6.19 61.42 -42.42
CA SER J 9 -7.60 61.14 -42.26
C SER J 9 -7.76 59.86 -41.42
N PHE J 10 -8.86 59.75 -40.70
CA PHE J 10 -9.13 58.54 -39.94
C PHE J 10 -10.63 58.27 -39.87
N PRO J 11 -11.01 56.99 -39.91
CA PRO J 11 -12.42 56.60 -39.78
C PRO J 11 -12.82 56.70 -38.32
N ALA J 12 -14.00 57.22 -38.03
CA ALA J 12 -14.38 57.39 -36.63
C ALA J 12 -15.84 57.06 -36.37
N ASN J 13 -16.33 55.99 -37.00
CA ASN J 13 -17.77 55.67 -36.87
C ASN J 13 -18.23 55.05 -35.56
N ALA J 14 -17.32 54.38 -34.85
CA ALA J 14 -17.73 53.51 -33.76
C ALA J 14 -17.86 54.32 -32.48
N LYS J 15 -18.74 53.87 -31.61
CA LYS J 15 -18.92 54.43 -30.27
C LYS J 15 -17.61 54.34 -29.47
N VAL J 16 -17.28 55.41 -28.75
CA VAL J 16 -16.11 55.40 -27.87
C VAL J 16 -16.38 54.60 -26.59
N LYS J 17 -15.38 53.86 -26.13
CA LYS J 17 -15.49 53.10 -24.89
C LYS J 17 -14.71 53.84 -23.83
N TYR J 18 -15.00 53.60 -22.55
CA TYR J 18 -14.25 54.20 -21.46
C TYR J 18 -13.07 53.34 -21.03
N TYR J 19 -12.96 52.15 -21.61
CA TYR J 19 -11.82 51.29 -21.35
C TYR J 19 -11.58 50.40 -22.57
N TYR J 20 -10.33 50.31 -22.99
CA TYR J 20 -9.94 49.43 -24.10
C TYR J 20 -8.80 48.56 -23.64
N LYS J 21 -8.87 47.26 -23.90
CA LYS J 21 -7.66 46.46 -23.79
C LYS J 21 -7.35 46.03 -25.20
N LEU J 22 -6.28 46.57 -25.78
CA LEU J 22 -6.12 46.52 -27.24
C LEU J 22 -5.63 45.17 -27.73
N SER J 23 -5.37 44.25 -26.81
CA SER J 23 -5.05 42.88 -27.15
C SER J 23 -6.32 42.06 -27.31
N GLU J 24 -7.47 42.69 -27.10
CA GLU J 24 -8.76 42.08 -27.44
C GLU J 24 -9.22 42.59 -28.80
N LYS J 25 -9.52 41.68 -29.71
CA LYS J 25 -9.85 42.07 -31.08
C LYS J 25 -11.00 43.09 -31.15
N GLN J 26 -12.06 42.85 -30.39
CA GLN J 26 -13.19 43.77 -30.51
C GLN J 26 -12.88 45.17 -29.99
N ASP J 27 -12.04 45.29 -28.96
CA ASP J 27 -11.60 46.60 -28.49
C ASP J 27 -10.70 47.30 -29.50
N LEU J 28 -9.78 46.56 -30.10
CA LEU J 28 -8.88 47.16 -31.08
C LEU J 28 -9.72 47.65 -32.28
N ASP J 29 -10.65 46.81 -32.75
CA ASP J 29 -11.46 47.17 -33.94
C ASP J 29 -12.25 48.45 -33.67
N ALA J 30 -12.76 48.60 -32.46
CA ALA J 30 -13.46 49.84 -32.12
C ALA J 30 -12.48 51.03 -32.04
N PHE J 31 -11.35 50.82 -31.36
CA PHE J 31 -10.33 51.85 -31.15
C PHE J 31 -9.89 52.49 -32.50
N VAL J 32 -9.67 51.67 -33.53
CA VAL J 32 -9.17 52.16 -34.81
C VAL J 32 -10.29 52.56 -35.77
N ASN J 33 -11.51 52.63 -35.27
CA ASN J 33 -12.64 53.16 -36.01
C ASN J 33 -13.36 54.16 -35.08
N SER J 34 -12.57 54.91 -34.32
CA SER J 34 -13.16 55.93 -33.44
C SER J 34 -12.17 56.99 -33.01
N ILE J 35 -11.09 56.57 -32.34
CA ILE J 35 -10.19 57.56 -31.76
C ILE J 35 -8.71 57.44 -32.12
N PHE J 36 -8.33 56.43 -32.89
CA PHE J 36 -6.93 56.25 -33.24
C PHE J 36 -6.66 56.80 -34.63
N VAL J 37 -5.59 57.58 -34.77
CA VAL J 37 -5.22 58.16 -36.04
C VAL J 37 -3.88 57.58 -36.49
N GLY J 38 -3.83 57.01 -37.69
CA GLY J 38 -2.61 56.45 -38.23
C GLY J 38 -2.70 54.95 -38.42
N SER J 39 -1.61 54.31 -38.80
N SER J 39 -1.58 54.34 -38.77
CA SER J 39 -1.65 52.86 -38.95
CA SER J 39 -1.51 52.90 -38.96
C SER J 39 -0.99 52.21 -37.74
C SER J 39 -1.00 52.22 -37.71
N TYR J 40 -1.15 50.91 -37.63
CA TYR J 40 -0.53 50.14 -36.56
C TYR J 40 -0.10 48.82 -37.15
N LYS J 41 0.80 48.13 -36.45
CA LYS J 41 1.17 46.76 -36.81
C LYS J 41 0.89 45.98 -35.56
N LEU J 42 0.25 44.84 -35.67
CA LEU J 42 -0.02 44.02 -34.50
C LEU J 42 1.23 43.20 -34.19
N LYS J 43 1.76 43.32 -32.97
CA LYS J 43 3.00 42.59 -32.64
C LYS J 43 2.91 41.89 -31.30
N GLN J 44 3.66 40.81 -31.16
CA GLN J 44 3.76 40.14 -29.88
C GLN J 44 4.72 40.93 -28.98
N ILE J 45 4.22 41.34 -27.83
CA ILE J 45 4.93 42.20 -26.89
C ILE J 45 5.15 41.39 -25.61
N SER J 46 6.38 41.40 -25.10
CA SER J 46 6.70 40.71 -23.84
C SER J 46 7.37 41.68 -22.87
N TYR J 47 7.02 41.59 -21.59
CA TYR J 47 7.76 42.37 -20.59
C TYR J 47 7.70 41.67 -19.24
N LEU J 48 8.60 42.06 -18.34
CA LEU J 48 8.75 41.37 -17.05
C LEU J 48 7.88 41.93 -15.93
N LEU J 49 7.23 41.03 -15.21
CA LEU J 49 6.46 41.37 -14.01
C LEU J 49 6.87 40.39 -12.91
N TYR J 50 7.56 40.89 -11.88
CA TYR J 50 8.04 40.03 -10.83
C TYR J 50 8.73 38.78 -11.39
N GLY J 51 9.59 38.98 -12.39
CA GLY J 51 10.39 37.89 -12.93
C GLY J 51 9.66 37.02 -13.93
N ASN J 52 8.36 37.26 -14.08
CA ASN J 52 7.54 36.52 -15.05
C ASN J 52 7.35 37.32 -16.33
N THR J 53 7.18 36.63 -17.45
CA THR J 53 7.06 37.31 -18.73
C THR J 53 5.61 37.35 -19.21
N LYS J 54 5.03 38.54 -19.18
CA LYS J 54 3.68 38.74 -19.66
C LYS J 54 3.78 38.88 -21.18
N ILE J 55 2.94 38.13 -21.89
CA ILE J 55 2.96 38.18 -23.35
C ILE J 55 1.58 38.54 -23.90
N VAL J 56 1.53 39.64 -24.67
CA VAL J 56 0.29 40.04 -25.35
C VAL J 56 0.55 40.40 -26.81
N SER J 57 -0.51 40.37 -27.61
CA SER J 57 -0.42 40.90 -28.97
C SER J 57 -1.07 42.27 -28.93
N ALA J 58 -0.35 43.30 -29.37
CA ALA J 58 -0.86 44.65 -29.25
C ALA J 58 -0.44 45.50 -30.46
N PRO J 59 -1.21 46.56 -30.74
CA PRO J 59 -0.86 47.44 -31.86
C PRO J 59 0.37 48.29 -31.54
N VAL J 60 1.29 48.36 -32.50
CA VAL J 60 2.51 49.14 -32.39
C VAL J 60 2.50 50.23 -33.46
N VAL J 61 2.88 51.44 -33.08
CA VAL J 61 3.03 52.51 -34.07
C VAL J 61 4.22 52.21 -34.98
N PRO J 62 3.99 52.14 -36.29
CA PRO J 62 5.10 51.79 -37.20
C PRO J 62 6.00 52.98 -37.51
N LEU J 63 7.16 52.70 -38.12
CA LEU J 63 8.05 53.75 -38.61
C LEU J 63 7.25 54.74 -39.45
N GLY J 64 7.53 56.03 -39.27
CA GLY J 64 6.83 57.06 -40.00
C GLY J 64 6.32 58.12 -39.04
N PRO J 65 5.24 58.81 -39.42
CA PRO J 65 4.69 59.88 -38.58
C PRO J 65 4.15 59.35 -37.28
N ASN J 66 4.09 60.20 -36.27
CA ASN J 66 3.48 59.81 -35.02
C ASN J 66 2.03 59.45 -35.27
N ALA J 67 1.53 58.50 -34.50
CA ALA J 67 0.08 58.25 -34.45
C ALA J 67 -0.50 59.26 -33.48
N SER J 68 -1.83 59.34 -33.44
CA SER J 68 -2.52 60.19 -32.47
C SER J 68 -3.73 59.48 -31.90
N ILE J 69 -4.13 59.89 -30.71
CA ILE J 69 -5.43 59.53 -30.19
C ILE J 69 -6.18 60.83 -30.06
N ILE J 70 -7.37 60.88 -30.67
CA ILE J 70 -8.14 62.11 -30.70
C ILE J 70 -9.58 61.76 -30.31
N ILE J 71 -10.11 62.43 -29.30
CA ILE J 71 -11.47 62.12 -28.85
C ILE J 71 -12.34 63.36 -28.79
N ASP J 72 -13.22 63.54 -29.77
CA ASP J 72 -14.16 64.65 -29.67
C ASP J 72 -15.58 64.21 -29.33
N ASP J 73 -15.75 62.93 -29.03
CA ASP J 73 -17.09 62.36 -28.83
C ASP J 73 -17.74 62.93 -27.58
N GLU J 74 -19.06 62.88 -27.51
CA GLU J 74 -19.78 63.38 -26.33
C GLU J 74 -19.71 62.46 -25.12
N LEU J 75 -18.51 62.23 -24.59
CA LEU J 75 -18.34 61.52 -23.32
C LEU J 75 -19.18 62.21 -22.26
N GLN J 76 -19.53 61.47 -21.21
CA GLN J 76 -20.16 62.10 -20.05
C GLN J 76 -19.24 63.24 -19.57
N GLU J 77 -19.82 64.39 -19.26
CA GLU J 77 -19.01 65.52 -18.82
C GLU J 77 -18.36 65.24 -17.48
N GLY J 78 -17.19 65.84 -17.26
CA GLY J 78 -16.49 65.69 -15.99
C GLY J 78 -14.99 65.76 -16.21
N LEU J 79 -14.24 65.48 -15.16
CA LEU J 79 -12.79 65.54 -15.22
C LEU J 79 -12.31 64.09 -15.27
N TYR J 80 -11.56 63.76 -16.32
CA TYR J 80 -11.04 62.42 -16.51
C TYR J 80 -9.56 62.32 -16.22
N LEU J 81 -9.19 61.25 -15.55
CA LEU J 81 -7.82 60.78 -15.51
C LEU J 81 -7.72 59.74 -16.61
N ILE J 82 -6.79 59.95 -17.52
CA ILE J 82 -6.51 59.00 -18.57
C ILE J 82 -5.24 58.21 -18.23
N ARG J 83 -5.28 56.89 -18.43
CA ARG J 83 -4.10 56.07 -18.26
C ARG J 83 -3.92 55.29 -19.55
N ILE J 84 -2.74 55.38 -20.15
CA ILE J 84 -2.43 54.62 -21.35
C ILE J 84 -1.29 53.68 -21.01
N LYS J 85 -1.52 52.36 -21.05
CA LYS J 85 -0.41 51.45 -20.79
C LYS J 85 0.29 51.21 -22.12
N VAL J 86 1.59 51.51 -22.17
CA VAL J 86 2.34 51.36 -23.41
C VAL J 86 3.60 50.56 -23.17
N TYR J 87 4.21 50.07 -24.26
CA TYR J 87 5.49 49.42 -24.17
C TYR J 87 6.38 49.94 -25.30
N ASN J 88 7.55 50.43 -24.94
CA ASN J 88 8.47 51.00 -25.91
C ASN J 88 9.31 49.90 -26.51
N THR J 89 9.00 49.50 -27.74
CA THR J 89 9.74 48.42 -28.38
C THR J 89 11.08 48.88 -28.92
N ASN J 90 11.34 50.19 -28.92
CA ASN J 90 12.62 50.70 -29.44
C ASN J 90 13.77 50.47 -28.47
N SER J 91 14.99 50.39 -29.00
CA SER J 91 16.17 50.30 -28.15
C SER J 91 16.68 51.69 -27.74
N PHE J 92 15.83 52.70 -27.88
CA PHE J 92 16.16 54.06 -27.45
C PHE J 92 14.93 54.66 -26.77
N SER J 93 15.15 55.69 -25.97
CA SER J 93 14.05 56.40 -25.31
C SER J 93 13.17 57.15 -26.30
N VAL J 94 11.90 57.29 -25.97
CA VAL J 94 11.03 58.14 -26.75
C VAL J 94 10.33 59.07 -25.78
N THR J 95 9.79 60.17 -26.29
CA THR J 95 9.07 61.10 -25.43
C THR J 95 7.62 61.22 -25.89
N VAL J 96 6.76 61.56 -24.95
CA VAL J 96 5.37 61.79 -25.23
C VAL J 96 5.01 63.11 -24.56
N THR J 97 4.10 63.86 -25.14
CA THR J 97 3.67 65.14 -24.58
C THR J 97 2.22 65.02 -24.14
N PRO J 98 1.98 64.86 -22.82
CA PRO J 98 0.58 64.70 -22.39
C PRO J 98 -0.26 65.96 -22.67
N PHE J 99 -1.55 65.76 -22.86
CA PHE J 99 -2.50 66.82 -23.20
C PHE J 99 -2.67 67.78 -21.99
N PHE J 100 -2.99 67.22 -20.84
CA PHE J 100 -3.22 68.00 -19.62
C PHE J 100 -4.14 69.20 -19.88
N ASN J 101 -5.07 69.04 -20.81
CA ASN J 101 -5.94 70.14 -21.25
C ASN J 101 -5.27 71.29 -22.02
N ASN J 102 -4.13 71.76 -21.51
N ASN J 102 -4.13 71.79 -21.54
CA ASN J 102 -3.47 72.94 -22.06
CA ASN J 102 -3.49 72.86 -22.32
C ASN J 102 -1.95 72.84 -22.26
C ASN J 102 -1.96 72.82 -22.30
N ASN J 103 -1.40 71.63 -22.13
CA ASN J 103 0.06 71.48 -22.24
C ASN J 103 0.47 71.15 -23.67
N ASN J 104 1.56 71.76 -24.11
CA ASN J 104 2.21 71.26 -25.32
C ASN J 104 3.72 71.27 -25.25
N THR J 105 4.28 71.37 -24.04
CA THR J 105 5.75 71.39 -23.90
C THR J 105 6.28 70.34 -22.92
N MET J 106 5.53 70.06 -21.87
CA MET J 106 6.01 69.12 -20.84
C MET J 106 5.91 67.70 -21.35
N THR J 107 6.87 66.86 -20.98
CA THR J 107 6.99 65.54 -21.56
C THR J 107 7.15 64.41 -20.54
N TYR J 108 6.85 63.19 -21.00
CA TYR J 108 7.27 61.97 -20.32
C TYR J 108 8.41 61.39 -21.13
N SER J 109 9.40 60.84 -20.45
CA SER J 109 10.50 60.14 -21.11
C SER J 109 10.36 58.63 -20.87
N ILE J 110 10.20 57.86 -21.95
CA ILE J 110 9.92 56.43 -21.85
C ILE J 110 11.16 55.63 -22.25
N GLY J 111 11.67 54.85 -21.32
CA GLY J 111 12.93 54.14 -21.52
C GLY J 111 12.86 53.05 -22.57
N ALA J 112 14.03 52.71 -23.13
CA ALA J 112 14.10 51.65 -24.12
C ALA J 112 13.57 50.32 -23.57
N ASN J 113 12.86 49.58 -24.41
CA ASN J 113 12.42 48.23 -24.06
C ASN J 113 11.70 48.14 -22.73
N SER J 114 10.77 49.04 -22.47
CA SER J 114 10.10 49.01 -21.17
C SER J 114 8.62 49.39 -21.24
N GLU J 115 7.87 48.82 -20.31
CA GLU J 115 6.48 49.15 -20.10
C GLU J 115 6.44 50.52 -19.45
N PHE J 116 5.37 51.29 -19.69
CA PHE J 116 5.27 52.62 -19.11
C PHE J 116 3.81 53.02 -19.03
N GLU J 117 3.45 53.76 -17.99
CA GLU J 117 2.09 54.26 -17.79
C GLU J 117 2.05 55.73 -18.13
N ILE J 118 1.36 56.08 -19.22
CA ILE J 118 1.14 57.49 -19.55
C ILE J 118 -0.09 57.98 -18.76
N TYR J 119 0.09 58.97 -17.88
CA TYR J 119 -1.06 59.58 -17.20
C TYR J 119 -1.43 60.87 -17.91
N ASP J 120 -2.72 61.09 -18.11
CA ASP J 120 -3.13 62.34 -18.72
C ASP J 120 -4.40 62.85 -18.02
N ILE J 121 -4.73 64.11 -18.25
CA ILE J 121 -5.90 64.71 -17.62
C ILE J 121 -6.72 65.38 -18.71
N PHE J 122 -8.04 65.22 -18.67
CA PHE J 122 -8.91 65.72 -19.73
C PHE J 122 -10.19 66.20 -19.09
N THR J 123 -10.52 67.47 -19.27
CA THR J 123 -11.81 67.99 -18.81
C THR J 123 -12.80 67.94 -19.94
N LYS J 124 -13.79 67.06 -19.85
CA LYS J 124 -14.86 67.05 -20.85
C LYS J 124 -15.90 68.11 -20.47
N GLU J 125 -15.73 69.31 -21.01
CA GLU J 125 -16.73 70.38 -20.92
C GLU J 125 -16.59 71.21 -22.18
N GLN J 126 -17.64 71.92 -22.55
CA GLN J 126 -17.58 72.84 -23.71
C GLN J 126 -16.91 72.27 -24.97
N GLY J 127 -17.16 71.01 -25.27
CA GLY J 127 -16.66 70.45 -26.51
C GLY J 127 -15.15 70.28 -26.59
N ASN J 128 -14.50 70.23 -25.42
CA ASN J 128 -13.05 70.01 -25.39
C ASN J 128 -12.73 68.71 -26.13
N ILE J 129 -11.58 68.67 -26.80
CA ILE J 129 -11.19 67.51 -27.57
C ILE J 129 -9.87 66.93 -27.06
N TYR J 130 -9.87 65.67 -26.63
CA TYR J 130 -8.62 65.05 -26.16
C TYR J 130 -7.66 64.79 -27.33
N TYR J 131 -6.36 64.99 -27.10
CA TYR J 131 -5.38 64.82 -28.17
C TYR J 131 -4.03 64.41 -27.58
N ILE J 132 -3.45 63.34 -28.13
CA ILE J 132 -2.07 63.00 -27.77
C ILE J 132 -1.42 62.27 -28.93
N GLN J 133 -0.15 62.59 -29.19
CA GLN J 133 0.61 61.91 -30.23
C GLN J 133 1.45 60.81 -29.62
N LEU J 134 1.63 59.73 -30.38
CA LEU J 134 2.40 58.57 -29.94
C LEU J 134 3.44 58.26 -31.00
N PRO J 135 4.72 58.21 -30.60
CA PRO J 135 5.83 57.98 -31.55
C PRO J 135 5.98 56.55 -32.02
N PRO J 136 6.64 56.36 -33.16
CA PRO J 136 6.89 55.03 -33.73
C PRO J 136 7.55 54.09 -32.72
N GLY J 137 7.12 52.83 -32.71
CA GLY J 137 7.72 51.83 -31.85
C GLY J 137 7.02 51.68 -30.51
N LEU J 138 6.09 52.57 -30.21
CA LEU J 138 5.29 52.41 -28.98
C LEU J 138 4.18 51.43 -29.24
N ALA J 139 4.08 50.41 -28.39
CA ALA J 139 2.94 49.50 -28.40
C ALA J 139 1.87 50.07 -27.44
N ILE J 140 0.62 50.05 -27.88
N ILE J 140 0.62 50.06 -27.86
CA ILE J 140 -0.47 50.53 -27.04
CA ILE J 140 -0.45 50.55 -27.02
C ILE J 140 -1.24 49.34 -26.48
C ILE J 140 -1.26 49.38 -26.49
N LEU J 141 -1.19 49.14 -25.18
CA LEU J 141 -1.78 47.94 -24.59
C LEU J 141 -3.17 48.16 -24.03
N GLU J 142 -3.36 49.28 -23.34
CA GLU J 142 -4.63 49.62 -22.71
C GLU J 142 -4.87 51.11 -22.76
N PHE J 143 -6.14 51.51 -22.83
CA PHE J 143 -6.47 52.92 -22.78
C PHE J 143 -7.67 53.06 -21.85
N SER J 144 -7.50 53.86 -20.79
CA SER J 144 -8.53 53.96 -19.73
C SER J 144 -8.95 55.40 -19.52
N LEU J 145 -10.26 55.64 -19.51
CA LEU J 145 -10.85 56.94 -19.18
C LEU J 145 -11.66 56.80 -17.88
N GLU J 146 -11.25 57.47 -16.81
CA GLU J 146 -12.07 57.37 -15.60
C GLU J 146 -12.24 58.75 -14.96
N ARG J 147 -13.43 59.02 -14.45
CA ARG J 147 -13.66 60.26 -13.76
C ARG J 147 -13.03 60.19 -12.36
N VAL J 148 -12.29 61.22 -11.98
CA VAL J 148 -11.68 61.27 -10.64
C VAL J 148 -12.59 62.03 -9.70
N PHE J 149 -12.43 61.87 -8.41
CA PHE J 149 -13.29 62.57 -7.48
C PHE J 149 -14.66 61.92 -7.50
N GLU J 150 -14.71 60.74 -8.11
CA GLU J 150 -15.83 59.81 -7.92
C GLU J 150 -15.33 58.77 -6.93
N LYS J 151 -16.16 58.41 -5.97
CA LYS J 151 -15.84 57.28 -5.11
C LYS J 151 -14.55 57.54 -4.34
N GLY J 152 -14.25 58.83 -4.14
CA GLY J 152 -13.15 59.23 -3.29
C GLY J 152 -11.80 59.08 -3.93
N ASN J 153 -11.77 58.97 -5.26
CA ASN J 153 -10.47 58.91 -5.95
C ASN J 153 -9.81 60.26 -6.08
N ARG J 154 -8.52 60.26 -6.35
CA ARG J 154 -7.78 61.50 -6.49
C ARG J 154 -6.95 61.39 -7.74
N ILE J 155 -6.42 62.51 -8.19
CA ILE J 155 -5.36 62.49 -9.19
C ILE J 155 -4.08 62.18 -8.43
N ASN J 156 -3.33 61.19 -8.89
CA ASN J 156 -2.07 60.81 -8.24
C ASN J 156 -1.06 60.35 -9.31
N ILE J 157 -0.39 61.32 -9.92
CA ILE J 157 0.57 61.06 -10.99
C ILE J 157 1.97 61.07 -10.36
N PRO J 158 2.76 60.02 -10.63
CA PRO J 158 4.08 59.92 -9.98
C PRO J 158 5.05 60.97 -10.50
N LYS J 159 6.23 61.05 -9.92
CA LYS J 159 7.18 62.11 -10.30
C LYS J 159 7.87 61.78 -11.64
N ILE J 160 7.18 62.10 -12.74
CA ILE J 160 7.61 61.70 -14.08
C ILE J 160 7.42 62.80 -15.12
N ILE J 161 6.82 63.93 -14.71
CA ILE J 161 6.53 65.02 -15.64
C ILE J 161 7.78 65.90 -15.77
N HIS J 162 8.27 66.07 -16.99
CA HIS J 162 9.46 66.86 -17.21
C HIS J 162 9.14 68.24 -17.73
N THR J 163 9.77 69.26 -17.14
CA THR J 163 9.64 70.61 -17.66
C THR J 163 10.99 71.28 -17.70
N SER J 164 11.15 72.21 -18.63
CA SER J 164 12.38 72.97 -18.64
C SER J 164 12.06 74.46 -18.51
N GLY J 165 10.86 74.78 -18.04
CA GLY J 165 10.57 76.17 -17.74
C GLY J 165 9.24 76.69 -18.24
N ASN J 166 8.54 75.86 -19.01
CA ASN J 166 7.18 76.21 -19.35
C ASN J 166 6.31 74.98 -19.36
N GLY J 167 5.01 75.18 -19.50
CA GLY J 167 4.07 74.07 -19.43
C GLY J 167 2.83 74.49 -18.66
N TYR J 168 1.74 73.79 -18.93
CA TYR J 168 0.47 74.08 -18.27
C TYR J 168 -0.24 72.77 -17.94
N ILE J 169 -0.99 72.76 -16.85
CA ILE J 169 -1.93 71.68 -16.58
C ILE J 169 -3.18 72.38 -16.06
N SER J 170 -4.34 72.07 -16.64
CA SER J 170 -5.60 72.64 -16.19
C SER J 170 -6.54 71.52 -15.80
N PHE J 171 -7.46 71.79 -14.88
CA PHE J 171 -8.48 70.82 -14.56
C PHE J 171 -9.64 71.52 -13.87
N ARG J 172 -10.84 70.94 -13.96
CA ARG J 172 -12.03 71.52 -13.32
C ARG J 172 -12.23 70.86 -11.98
N LEU J 173 -12.49 71.65 -10.94
CA LEU J 173 -12.79 71.05 -9.62
C LEU J 173 -14.17 71.51 -9.19
N ARG J 174 -15.00 70.57 -8.78
CA ARG J 174 -16.31 70.98 -8.27
C ARG J 174 -16.11 71.49 -6.85
N LYS J 175 -17.16 72.05 -6.26
CA LYS J 175 -17.07 72.65 -4.91
C LYS J 175 -16.41 71.71 -3.94
N GLY J 176 -15.56 72.26 -3.08
CA GLY J 176 -14.87 71.49 -2.06
C GLY J 176 -13.56 72.20 -1.75
N THR J 177 -12.81 71.67 -0.78
CA THR J 177 -11.45 72.15 -0.54
C THR J 177 -10.49 71.05 -0.97
N TYR J 178 -9.41 71.42 -1.63
CA TYR J 178 -8.49 70.46 -2.22
C TYR J 178 -7.04 70.74 -1.86
N ALA J 179 -6.27 69.67 -1.74
CA ALA J 179 -4.83 69.79 -1.58
C ALA J 179 -4.25 69.51 -2.95
N ILE J 180 -3.26 70.30 -3.34
CA ILE J 180 -2.50 70.05 -4.57
C ILE J 180 -1.06 69.84 -4.16
N LYS J 181 -0.56 68.63 -4.35
CA LYS J 181 0.78 68.30 -3.90
C LYS J 181 1.64 67.98 -5.09
N MET J 182 2.82 68.60 -5.17
N MET J 182 2.82 68.57 -5.15
CA MET J 182 3.72 68.33 -6.29
CA MET J 182 3.72 68.32 -6.29
C MET J 182 5.14 68.00 -5.82
C MET J 182 5.14 68.01 -5.84
N PRO J 183 5.43 66.71 -5.65
CA PRO J 183 6.80 66.31 -5.33
C PRO J 183 7.64 66.68 -6.55
N TYR J 184 8.85 67.16 -6.35
CA TYR J 184 9.71 67.54 -7.46
C TYR J 184 11.19 67.24 -7.21
N SER J 185 11.92 67.13 -8.31
CA SER J 185 13.37 67.12 -8.27
C SER J 185 13.84 68.09 -9.33
N TYR J 186 14.93 68.79 -9.06
CA TYR J 186 15.51 69.66 -10.06
C TYR J 186 17.01 69.44 -10.21
N ASN J 187 17.53 69.82 -11.37
CA ASN J 187 18.95 69.88 -11.57
C ASN J 187 19.32 71.26 -12.13
N ASN J 188 20.00 72.06 -11.32
CA ASN J 188 20.45 73.36 -11.76
C ASN J 188 21.77 73.21 -12.55
N THR J 189 21.68 73.46 -13.87
CA THR J 189 22.84 73.39 -14.82
C THR J 189 23.56 74.74 -15.05
N THR J 190 23.09 75.79 -14.38
CA THR J 190 23.65 77.12 -14.55
C THR J 190 24.50 77.47 -13.34
N SER J 191 25.37 78.45 -13.50
CA SER J 191 26.20 78.90 -12.40
C SER J 191 25.50 80.03 -11.64
N THR J 192 24.24 80.28 -11.99
CA THR J 192 23.45 81.30 -11.32
C THR J 192 22.89 80.77 -10.01
N THR J 193 22.88 81.61 -9.00
CA THR J 193 22.17 81.29 -7.76
C THR J 193 20.85 82.02 -7.74
N PHE J 194 19.79 81.25 -7.52
CA PHE J 194 18.48 81.82 -7.39
C PHE J 194 18.08 81.77 -5.92
N THR J 195 17.31 82.77 -5.50
CA THR J 195 16.70 82.85 -4.19
C THR J 195 15.23 83.21 -4.43
N ASN J 196 14.32 82.61 -3.65
CA ASN J 196 12.91 82.75 -3.92
C ASN J 196 12.59 82.48 -5.39
N PHE J 197 13.05 81.33 -5.85
CA PHE J 197 12.82 80.84 -7.19
C PHE J 197 11.37 80.48 -7.37
N GLN J 198 10.67 81.19 -8.25
CA GLN J 198 9.30 80.83 -8.52
C GLN J 198 9.26 79.78 -9.63
N PHE J 199 8.83 78.57 -9.26
CA PHE J 199 8.71 77.46 -10.18
C PHE J 199 7.48 77.65 -11.08
N GLY J 200 6.38 78.09 -10.48
CA GLY J 200 5.14 78.21 -11.22
C GLY J 200 4.07 78.81 -10.35
N THR J 201 2.83 78.76 -10.84
CA THR J 201 1.68 79.30 -10.11
C THR J 201 0.50 78.36 -10.26
N ILE J 202 -0.36 78.36 -9.26
CA ILE J 202 -1.65 77.72 -9.37
C ILE J 202 -2.69 78.81 -9.23
N SER J 203 -3.65 78.86 -10.15
CA SER J 203 -4.65 79.92 -10.09
C SER J 203 -6.03 79.46 -10.50
N THR J 204 -7.02 80.23 -10.06
CA THR J 204 -8.36 80.19 -10.65
C THR J 204 -8.48 81.59 -11.24
N SER J 205 -9.63 81.95 -11.77
CA SER J 205 -9.78 83.28 -12.38
C SER J 205 -9.26 84.40 -11.47
N ALA J 207 -7.56 84.57 -8.24
CA ALA J 207 -6.76 83.94 -7.17
C ALA J 207 -5.54 83.18 -7.69
N THR J 208 -4.37 83.52 -7.16
CA THR J 208 -3.10 82.97 -7.61
C THR J 208 -2.20 82.57 -6.45
N ILE J 209 -1.63 81.36 -6.51
CA ILE J 209 -0.69 80.89 -5.49
C ILE J 209 0.66 80.58 -6.14
N PRO J 210 1.70 81.37 -5.79
CA PRO J 210 3.05 81.11 -6.31
C PRO J 210 3.65 79.86 -5.67
N LEU J 211 4.34 79.05 -6.48
CA LEU J 211 5.10 77.91 -5.97
C LEU J 211 6.57 78.26 -5.92
N VAL J 212 7.09 78.48 -4.72
CA VAL J 212 8.39 79.13 -4.55
C VAL J 212 9.36 78.27 -3.74
N ILE J 213 10.60 78.25 -4.19
CA ILE J 213 11.65 77.54 -3.48
C ILE J 213 12.62 78.55 -2.89
N SER J 214 12.87 78.45 -1.58
CA SER J 214 13.72 79.42 -0.89
C SER J 214 15.03 79.68 -1.60
N SER J 215 15.78 78.62 -1.86
CA SER J 215 17.02 78.75 -2.60
C SER J 215 17.36 77.52 -3.41
N ILE J 216 17.92 77.77 -4.59
CA ILE J 216 18.45 76.73 -5.44
C ILE J 216 19.94 77.04 -5.61
N PRO J 217 20.79 76.26 -4.94
CA PRO J 217 22.24 76.45 -5.00
C PRO J 217 22.78 76.31 -6.43
N ALA J 218 23.82 77.06 -6.77
CA ALA J 218 24.47 76.93 -8.08
C ALA J 218 24.90 75.49 -8.35
N ASN J 219 24.67 75.01 -9.57
CA ASN J 219 25.06 73.67 -9.99
C ASN J 219 24.48 72.57 -9.12
N GLY J 220 23.51 72.93 -8.28
CA GLY J 220 22.94 71.99 -7.34
C GLY J 220 21.82 71.18 -7.93
N SER J 221 21.54 70.04 -7.30
CA SER J 221 20.35 69.27 -7.60
C SER J 221 19.65 69.09 -6.26
N GLY J 222 18.34 68.98 -6.28
CA GLY J 222 17.61 68.80 -5.05
C GLY J 222 16.22 68.30 -5.33
N SER J 223 15.50 68.03 -4.25
CA SER J 223 14.12 67.60 -4.37
C SER J 223 13.35 68.18 -3.19
N GLY J 224 12.04 68.21 -3.33
CA GLY J 224 11.15 68.73 -2.32
C GLY J 224 9.74 68.50 -2.76
N THR J 225 8.80 69.16 -2.09
CA THR J 225 7.39 68.98 -2.42
C THR J 225 6.68 70.30 -2.25
N PHE J 226 5.93 70.72 -3.27
CA PHE J 226 5.00 71.83 -3.11
C PHE J 226 3.70 71.28 -2.58
N LEU J 227 3.09 71.98 -1.61
CA LEU J 227 1.79 71.56 -1.07
C LEU J 227 1.00 72.81 -0.82
N VAL J 228 -0.06 73.00 -1.60
CA VAL J 228 -0.94 74.14 -1.41
C VAL J 228 -2.39 73.68 -1.40
N TYR J 229 -3.30 74.58 -1.05
CA TYR J 229 -4.68 74.19 -0.90
C TYR J 229 -5.57 75.23 -1.59
N LEU J 230 -6.67 74.76 -2.17
CA LEU J 230 -7.63 75.65 -2.81
C LEU J 230 -8.99 75.43 -2.22
N LYS J 231 -9.66 76.50 -1.81
CA LYS J 231 -11.06 76.36 -1.45
C LYS J 231 -11.89 76.72 -2.67
N ILE J 232 -12.49 75.69 -3.27
CA ILE J 232 -13.35 75.94 -4.43
C ILE J 232 -14.77 76.13 -3.91
N THR J 233 -15.22 77.38 -3.87
CA THR J 233 -16.60 77.66 -3.48
C THR J 233 -17.54 76.98 -4.46
N GLY J 234 -17.14 77.01 -5.73
CA GLY J 234 -17.92 76.37 -6.78
C GLY J 234 -18.30 77.30 -7.91
N ASP J 235 -18.18 78.62 -7.69
CA ASP J 235 -18.47 79.54 -8.77
C ASP J 235 -17.28 79.77 -9.73
N TYR J 236 -16.09 79.33 -9.33
CA TYR J 236 -14.90 79.29 -10.20
C TYR J 236 -14.25 77.95 -10.09
N GLU J 237 -14.39 77.11 -11.12
CA GLU J 237 -14.03 75.70 -10.95
C GLU J 237 -12.80 75.32 -11.77
N ASP J 238 -12.45 76.13 -12.76
CA ASP J 238 -11.34 75.79 -13.62
C ASP J 238 -10.00 76.25 -13.00
N VAL J 239 -9.15 75.28 -12.70
CA VAL J 239 -7.87 75.54 -12.06
C VAL J 239 -6.76 75.44 -13.10
N LYS J 240 -5.81 76.37 -13.04
CA LYS J 240 -4.71 76.38 -14.00
C LYS J 240 -3.38 76.38 -13.29
N PHE J 241 -2.55 75.38 -13.61
CA PHE J 241 -1.18 75.34 -13.15
C PHE J 241 -0.27 75.75 -14.30
N SER J 242 0.66 76.67 -14.04
CA SER J 242 1.59 77.16 -15.06
C SER J 242 3.01 77.10 -14.54
N VAL J 243 3.92 76.56 -15.34
CA VAL J 243 5.34 76.62 -15.04
C VAL J 243 5.84 77.96 -15.59
N THR J 244 6.48 78.76 -14.75
CA THR J 244 6.76 80.14 -15.13
C THR J 244 8.23 80.53 -15.17
N TYR J 245 9.12 79.66 -14.75
CA TYR J 245 10.53 80.07 -14.60
C TYR J 245 11.28 80.34 -15.90
N GLY J 246 10.74 79.88 -17.02
CA GLY J 246 11.29 80.24 -18.33
C GLY J 246 12.06 79.15 -19.04
N GLY J 247 11.65 78.85 -20.26
CA GLY J 247 12.19 77.75 -21.05
C GLY J 247 13.69 77.59 -21.16
N GLY J 248 14.43 78.68 -21.20
CA GLY J 248 15.86 78.58 -21.45
C GLY J 248 16.76 78.69 -20.23
N LEU J 249 16.14 78.62 -19.04
CA LEU J 249 16.89 78.90 -17.82
C LEU J 249 18.03 77.91 -17.53
N GLY J 250 17.83 76.64 -17.86
CA GLY J 250 18.83 75.63 -17.59
C GLY J 250 18.65 74.96 -16.23
N VAL J 251 17.41 74.93 -15.75
CA VAL J 251 17.05 74.22 -14.53
C VAL J 251 15.88 73.28 -14.80
N PRO J 252 16.17 72.12 -15.41
CA PRO J 252 15.09 71.15 -15.63
C PRO J 252 14.51 70.62 -14.32
N PHE J 253 13.19 70.50 -14.25
CA PHE J 253 12.49 69.86 -13.14
C PHE J 253 11.82 68.56 -13.62
N THR J 254 11.67 67.62 -12.70
CA THR J 254 10.78 66.49 -12.88
C THR J 254 9.84 66.54 -11.70
N PHE J 255 8.54 66.44 -11.92
CA PHE J 255 7.58 66.56 -10.82
C PHE J 255 6.37 65.63 -10.99
N GLY J 256 5.64 65.44 -9.90
CA GLY J 256 4.45 64.62 -9.89
C GLY J 256 3.29 65.53 -9.55
N LEU J 257 2.07 64.99 -9.58
CA LEU J 257 0.90 65.81 -9.33
C LEU J 257 -0.13 64.99 -8.59
N GLU J 258 -0.50 65.48 -7.42
CA GLU J 258 -1.52 64.83 -6.64
C GLU J 258 -2.57 65.90 -6.31
N VAL J 259 -3.82 65.63 -6.66
CA VAL J 259 -4.92 66.53 -6.34
C VAL J 259 -5.97 65.72 -5.62
N GLU J 260 -6.33 66.15 -4.41
CA GLU J 260 -7.23 65.36 -3.60
C GLU J 260 -8.10 66.25 -2.72
N GLU J 261 -9.33 65.82 -2.49
N GLU J 261 -9.33 65.81 -2.50
CA GLU J 261 -10.24 66.58 -1.63
CA GLU J 261 -10.24 66.52 -1.61
C GLU J 261 -9.85 66.36 -0.18
C GLU J 261 -9.76 66.38 -0.18
N ILE J 262 -9.93 67.42 0.61
CA ILE J 262 -9.63 67.35 2.04
C ILE J 262 -10.81 67.84 2.85
N ASN J 263 -10.83 67.48 4.14
CA ASN J 263 -11.77 68.07 5.08
C ASN J 263 -11.12 69.30 5.69
N GLU J 264 -11.89 70.11 6.41
CA GLU J 264 -11.33 71.35 6.94
C GLU J 264 -10.02 71.10 7.68
N LEU J 265 -9.02 71.90 7.37
CA LEU J 265 -7.71 71.79 8.00
C LEU J 265 -7.38 73.10 8.69
N VAL J 266 -7.44 73.10 10.03
CA VAL J 266 -6.99 74.25 10.79
C VAL J 266 -5.50 74.13 10.94
N GLU J 267 -4.76 74.98 10.23
CA GLU J 267 -3.32 74.85 10.21
C GLU J 267 -2.73 75.31 11.55
N ASN J 268 -3.31 76.37 12.11
CA ASN J 268 -2.92 76.82 13.44
C ASN J 268 -3.91 77.84 13.96
N THR J 269 -3.88 78.04 15.27
CA THR J 269 -4.73 79.02 15.91
C THR J 269 -3.82 79.85 16.78
N ASN J 270 -3.97 81.18 16.71
CA ASN J 270 -2.99 82.06 17.32
C ASN J 270 -3.61 83.23 18.06
N PHE J 271 -2.98 83.55 19.19
CA PHE J 271 -3.25 84.78 19.93
C PHE J 271 -2.09 85.71 19.58
N VAL J 272 -2.41 86.86 19.00
CA VAL J 272 -1.35 87.73 18.53
C VAL J 272 -1.64 89.12 19.03
N THR J 273 -0.57 89.91 19.18
CA THR J 273 -0.66 91.25 19.72
C THR J 273 0.07 92.21 18.80
N GLN J 274 -0.45 93.43 18.68
CA GLN J 274 0.17 94.43 17.81
C GLN J 274 -0.05 95.80 18.40
N SER J 275 1.03 96.55 18.61
CA SER J 275 0.92 97.92 19.10
C SER J 275 0.95 98.92 17.95
N VAL J 276 0.23 100.03 18.13
CA VAL J 276 0.23 101.12 17.18
C VAL J 276 0.35 102.43 17.94
N THR J 277 1.29 103.26 17.52
CA THR J 277 1.49 104.56 18.17
C THR J 277 0.87 105.65 17.31
N LEU J 278 -0.03 106.42 17.92
CA LEU J 278 -0.75 107.47 17.23
C LEU J 278 -0.25 108.83 17.63
N SER J 279 0.01 109.69 16.64
CA SER J 279 0.50 111.03 16.93
C SER J 279 -0.11 112.09 16.00
N GLY J 280 -1.42 112.03 15.83
CA GLY J 280 -2.12 113.09 15.12
C GLY J 280 -2.56 112.71 13.71
N SER J 281 -2.00 111.64 13.18
CA SER J 281 -2.32 111.22 11.82
C SER J 281 -2.92 109.84 11.77
N GLN J 282 -3.78 109.61 10.77
CA GLN J 282 -4.36 108.30 10.59
C GLN J 282 -3.27 107.30 10.24
N VAL J 283 -3.35 106.11 10.84
CA VAL J 283 -2.42 105.04 10.56
C VAL J 283 -3.20 103.82 10.09
N THR J 284 -2.74 103.20 9.01
CA THR J 284 -3.30 101.93 8.57
C THR J 284 -2.25 100.88 8.78
N GLN J 285 -2.49 99.99 9.74
CA GLN J 285 -1.49 99.00 10.12
C GLN J 285 -1.93 97.61 9.67
N SER J 286 -1.14 96.99 8.80
CA SER J 286 -1.43 95.60 8.43
C SER J 286 -1.17 94.68 9.62
N ILE J 287 -2.12 93.80 9.90
CA ILE J 287 -1.97 92.85 10.99
C ILE J 287 -1.57 91.50 10.41
N LEU J 288 -2.27 91.11 9.34
N LEU J 288 -2.26 91.10 9.35
CA LEU J 288 -2.12 89.80 8.72
CA LEU J 288 -2.00 89.80 8.72
C LEU J 288 -2.54 89.86 7.27
C LEU J 288 -2.55 89.79 7.30
N ASN J 289 -1.75 89.24 6.39
CA ASN J 289 -2.14 89.11 4.99
C ASN J 289 -1.63 87.76 4.50
N VAL J 290 -2.54 86.82 4.24
CA VAL J 290 -2.15 85.51 3.76
C VAL J 290 -2.63 85.25 2.32
N GLN J 291 -2.94 86.32 1.61
CA GLN J 291 -3.39 86.17 0.22
C GLN J 291 -2.27 85.47 -0.57
N GLY J 292 -2.63 84.49 -1.39
CA GLY J 292 -1.65 83.82 -2.24
C GLY J 292 -0.86 82.73 -1.55
N SER J 293 -1.20 82.43 -0.31
CA SER J 293 -0.46 81.46 0.49
C SER J 293 -1.06 80.05 0.44
N GLY J 294 -2.25 79.91 -0.13
CA GLY J 294 -2.97 78.64 -0.02
C GLY J 294 -3.73 78.48 1.29
N SER J 295 -4.06 79.59 1.94
CA SER J 295 -4.81 79.54 3.18
C SER J 295 -5.64 80.81 3.36
N HIS J 296 -6.52 80.78 4.35
CA HIS J 296 -7.32 81.94 4.70
C HIS J 296 -7.47 82.01 6.21
N LEU J 297 -8.25 82.97 6.69
CA LEU J 297 -8.31 83.25 8.12
C LEU J 297 -9.73 83.18 8.65
N ARG J 298 -9.85 83.08 9.96
CA ARG J 298 -11.14 83.20 10.63
C ARG J 298 -10.85 83.89 11.96
N LEU J 299 -11.53 85.01 12.21
CA LEU J 299 -11.28 85.79 13.41
C LEU J 299 -12.30 85.42 14.47
N LYS J 300 -11.82 85.16 15.69
CA LYS J 300 -12.69 84.71 16.78
C LYS J 300 -12.89 85.76 17.87
N TYR J 301 -11.89 86.60 18.09
CA TYR J 301 -11.92 87.56 19.20
C TYR J 301 -10.91 88.67 18.96
N ALA J 302 -11.29 89.90 19.36
CA ALA J 302 -10.36 91.02 19.27
C ALA J 302 -10.61 91.97 20.41
N SER J 303 -9.55 92.64 20.86
CA SER J 303 -9.64 93.58 21.97
C SER J 303 -8.57 94.64 21.80
N VAL J 304 -8.87 95.86 22.22
CA VAL J 304 -7.87 96.92 22.17
C VAL J 304 -7.72 97.53 23.55
N SER J 305 -6.48 97.61 24.03
CA SER J 305 -6.25 98.28 25.29
C SER J 305 -5.53 99.59 25.00
N GLY J 306 -5.67 100.55 25.92
CA GLY J 306 -5.01 101.84 25.81
C GLY J 306 -5.88 102.92 25.20
N LEU J 307 -7.14 102.60 24.92
CA LEU J 307 -8.07 103.57 24.38
C LEU J 307 -8.33 104.70 25.36
N THR J 308 -8.26 105.93 24.86
CA THR J 308 -8.61 107.12 25.63
C THR J 308 -9.42 108.03 24.72
N THR J 309 -9.93 109.12 25.29
CA THR J 309 -10.64 110.12 24.50
C THR J 309 -9.73 110.75 23.46
N ALA J 310 -8.42 110.51 23.58
CA ALA J 310 -7.45 111.02 22.61
C ALA J 310 -7.45 110.18 21.32
N VAL J 311 -8.12 109.03 21.36
CA VAL J 311 -8.24 108.17 20.17
C VAL J 311 -9.58 108.41 19.50
N THR J 312 -9.55 108.81 18.23
CA THR J 312 -10.74 109.23 17.51
C THR J 312 -11.22 108.16 16.54
N GLN J 313 -10.31 107.27 16.15
CA GLN J 313 -10.65 106.17 15.27
C GLN J 313 -9.88 104.90 15.61
N CYS J 314 -10.58 103.79 15.63
CA CYS J 314 -9.95 102.52 15.89
C CYS J 314 -10.85 101.44 15.35
N GLN J 315 -10.61 101.09 14.08
CA GLN J 315 -11.44 100.13 13.38
C GLN J 315 -10.59 98.96 12.88
N LEU J 316 -11.04 97.75 13.19
CA LEU J 316 -10.47 96.54 12.62
C LEU J 316 -11.21 96.29 11.33
N GLN J 317 -10.46 96.03 10.27
CA GLN J 317 -11.03 95.81 8.93
C GLN J 317 -10.47 94.55 8.32
N ALA J 318 -11.26 93.93 7.46
CA ALA J 318 -10.85 92.66 6.89
C ALA J 318 -11.39 92.57 5.48
N THR J 319 -10.83 91.68 4.68
CA THR J 319 -11.42 91.38 3.39
C THR J 319 -10.89 90.07 2.83
N ASN J 320 -11.61 89.57 1.84
CA ASN J 320 -11.07 88.59 0.91
C ASN J 320 -10.48 89.32 -0.29
N LEU J 321 -9.16 89.51 -0.30
CA LEU J 321 -8.48 90.32 -1.32
C LEU J 321 -8.64 89.76 -2.73
N ASN J 322 -8.94 88.47 -2.83
CA ASN J 322 -9.22 87.85 -4.12
C ASN J 322 -10.60 88.24 -4.64
N ARG J 323 -11.44 88.75 -3.75
CA ARG J 323 -12.76 89.22 -4.13
C ARG J 323 -12.80 90.74 -4.24
N SER J 324 -12.13 91.41 -3.30
CA SER J 324 -12.21 92.87 -3.20
C SER J 324 -10.98 93.47 -2.52
N THR J 325 -10.46 94.57 -3.08
CA THR J 325 -9.33 95.27 -2.47
C THR J 325 -9.80 96.30 -1.46
N THR J 326 -11.12 96.49 -1.37
CA THR J 326 -11.67 97.40 -0.39
C THR J 326 -11.97 96.66 0.91
N TYR J 327 -11.35 97.11 2.00
CA TYR J 327 -11.52 96.45 3.29
C TYR J 327 -12.83 96.91 3.90
N SER J 328 -13.54 96.00 4.55
CA SER J 328 -14.70 96.41 5.33
C SER J 328 -14.42 96.37 6.83
N THR J 329 -15.00 97.30 7.55
CA THR J 329 -14.87 97.35 8.99
C THR J 329 -15.64 96.16 9.58
N VAL J 330 -14.95 95.36 10.39
CA VAL J 330 -15.57 94.21 11.03
C VAL J 330 -15.82 94.47 12.52
N TRP J 331 -15.10 95.43 13.09
CA TRP J 331 -15.38 95.91 14.45
C TRP J 331 -14.86 97.33 14.65
N ASP J 332 -15.68 98.17 15.26
CA ASP J 332 -15.26 99.52 15.59
C ASP J 332 -15.13 99.60 17.10
N PHE J 333 -13.90 99.76 17.59
CA PHE J 333 -13.65 99.72 19.04
C PHE J 333 -14.12 100.95 19.75
N ILE J 334 -14.33 102.04 19.00
CA ILE J 334 -14.83 103.26 19.61
C ILE J 334 -16.34 103.16 19.73
N ALA J 335 -16.99 102.84 18.62
CA ALA J 335 -18.45 102.76 18.55
C ALA J 335 -19.00 101.51 19.24
N GLY J 336 -18.25 100.42 19.18
CA GLY J 336 -18.74 99.15 19.69
C GLY J 336 -18.21 98.73 21.06
N GLY J 337 -17.12 99.32 21.51
CA GLY J 337 -16.50 98.92 22.75
C GLY J 337 -15.16 98.24 22.56
N SER J 338 -14.39 98.13 23.64
CA SER J 338 -12.98 97.73 23.57
C SER J 338 -12.77 96.25 23.23
N SER J 339 -13.82 95.45 23.28
CA SER J 339 -13.68 94.05 22.89
C SER J 339 -14.89 93.49 22.15
N THR J 340 -14.64 92.47 21.35
CA THR J 340 -15.69 91.90 20.51
C THR J 340 -16.61 91.00 21.32
N PRO J 341 -17.90 90.98 20.96
CA PRO J 341 -18.90 90.16 21.66
C PRO J 341 -18.81 88.67 21.31
N PRO J 342 -19.44 87.81 22.13
CA PRO J 342 -19.31 86.36 21.97
C PRO J 342 -19.69 85.86 20.59
N SER J 343 -20.68 86.48 19.95
CA SER J 343 -21.13 86.01 18.63
C SER J 343 -20.28 86.49 17.46
N TRP J 344 -19.28 87.33 17.75
CA TRP J 344 -18.45 87.88 16.70
C TRP J 344 -17.53 86.80 16.12
N ASP J 345 -17.60 86.62 14.81
CA ASP J 345 -16.89 85.54 14.15
C ASP J 345 -16.76 85.94 12.69
N ILE J 346 -15.54 86.17 12.22
CA ILE J 346 -15.34 86.68 10.89
C ILE J 346 -14.73 85.59 10.04
N ARG J 347 -15.48 85.12 9.05
CA ARG J 347 -15.02 84.03 8.19
C ARG J 347 -14.68 84.50 6.78
N GLU J 348 -14.00 83.66 6.04
CA GLU J 348 -13.74 83.90 4.62
C GLU J 348 -13.07 85.24 4.37
N ILE J 349 -11.99 85.51 5.09
CA ILE J 349 -11.14 86.65 4.83
C ILE J 349 -9.70 86.16 4.73
N ASN J 350 -8.82 86.96 4.14
CA ASN J 350 -7.41 86.57 4.09
C ASN J 350 -6.48 87.74 4.37
N SER J 351 -7.04 88.86 4.78
CA SER J 351 -6.23 90.03 5.14
C SER J 351 -6.95 90.88 6.17
N ILE J 352 -6.19 91.34 7.16
CA ILE J 352 -6.71 92.09 8.31
C ILE J 352 -5.82 93.32 8.51
N GLN J 353 -6.44 94.47 8.73
CA GLN J 353 -5.70 95.68 9.06
C GLN J 353 -6.43 96.47 10.15
N LEU J 354 -5.67 97.27 10.88
CA LEU J 354 -6.23 98.16 11.87
C LEU J 354 -6.06 99.59 11.35
N VAL J 355 -7.16 100.32 11.25
CA VAL J 355 -7.10 101.73 10.90
C VAL J 355 -7.40 102.54 12.16
N ALA J 356 -6.49 103.43 12.52
CA ALA J 356 -6.64 104.18 13.76
C ALA J 356 -6.16 105.62 13.59
N ASN J 357 -6.62 106.49 14.48
CA ASN J 357 -6.23 107.88 14.44
C ASN J 357 -6.41 108.48 15.82
N GLY J 358 -5.62 109.51 16.13
CA GLY J 358 -5.66 110.12 17.44
C GLY J 358 -4.29 110.60 17.88
N GLY J 359 -4.20 111.05 19.14
CA GLY J 359 -2.96 111.57 19.66
C GLY J 359 -2.63 112.89 18.98
N SER J 360 -1.46 113.43 19.31
CA SER J 360 -1.00 114.67 18.71
C SER J 360 0.50 114.62 18.47
N SER J 361 1.00 115.58 17.71
CA SER J 361 2.43 115.67 17.39
C SER J 361 3.27 115.86 18.65
N THR J 362 2.63 116.23 19.75
CA THR J 362 3.36 116.52 20.99
C THR J 362 3.02 115.49 22.07
N SER J 363 1.93 114.77 21.87
CA SER J 363 1.48 113.79 22.87
C SER J 363 0.89 112.57 22.18
N SER J 364 1.72 111.55 21.98
CA SER J 364 1.31 110.36 21.26
C SER J 364 0.57 109.38 22.17
N VAL J 365 -0.29 108.57 21.58
CA VAL J 365 -1.01 107.53 22.31
C VAL J 365 -0.69 106.19 21.71
N THR J 366 -0.38 105.21 22.56
CA THR J 366 -0.10 103.88 22.08
C THR J 366 -1.21 102.91 22.47
N ILE J 367 -1.81 102.26 21.48
CA ILE J 367 -2.84 101.28 21.73
C ILE J 367 -2.34 99.91 21.35
N THR J 368 -2.91 98.89 21.95
CA THR J 368 -2.48 97.52 21.66
C THR J 368 -3.66 96.64 21.28
N LEU J 369 -3.57 96.06 20.08
CA LEU J 369 -4.59 95.16 19.60
C LEU J 369 -4.21 93.74 19.97
N ILE J 370 -5.16 92.98 20.49
CA ILE J 370 -4.96 91.55 20.59
C ILE J 370 -6.00 90.85 19.72
N LEU J 371 -5.61 89.74 19.14
CA LEU J 371 -6.46 89.08 18.19
C LEU J 371 -6.27 87.59 18.34
N VAL J 372 -7.37 86.85 18.34
CA VAL J 372 -7.31 85.38 18.25
C VAL J 372 -7.90 84.99 16.91
N TYR J 373 -7.13 84.25 16.11
CA TYR J 373 -7.60 83.84 14.80
C TYR J 373 -7.13 82.43 14.47
N GLU J 374 -7.81 81.81 13.51
CA GLU J 374 -7.37 80.54 12.95
C GLU J 374 -6.87 80.78 11.55
N GLN J 375 -5.82 80.06 11.17
CA GLN J 375 -5.38 79.97 9.78
C GLN J 375 -5.84 78.65 9.23
N ILE J 376 -6.61 78.71 8.15
CA ILE J 376 -7.29 77.55 7.64
C ILE J 376 -6.85 77.28 6.20
N ALA J 377 -6.62 75.99 5.90
CA ALA J 377 -6.13 75.62 4.59
C ALA J 377 -7.18 76.01 3.54
N GLY J 378 -6.70 76.53 2.41
CA GLY J 378 -7.54 76.82 1.25
C GLY J 378 -7.45 78.27 0.84
N GLU J 379 -6.85 78.52 -0.32
CA GLU J 379 -6.86 79.86 -0.90
C GLU J 379 -8.29 80.20 -1.26
N LEU J 380 -8.73 81.43 -0.93
CA LEU J 380 -10.10 81.87 -1.27
C LEU J 380 -10.23 82.23 -2.75
N SER J 381 -11.37 81.95 -3.36
CA SER J 381 -11.50 82.29 -4.77
C SER J 381 -12.06 83.68 -5.02
N HIS J 382 -11.88 84.15 -6.25
CA HIS J 382 -12.44 85.41 -6.71
C HIS J 382 -13.98 85.36 -6.65
N HIS J 383 -14.63 86.52 -6.58
CA HIS J 383 -16.09 86.58 -6.73
C HIS J 383 -16.51 87.91 -7.35
N LEU K 6 -5.88 -68.23 -43.32
CA LEU K 6 -4.56 -68.20 -42.69
C LEU K 6 -4.29 -69.46 -41.85
N GLY K 7 -5.33 -69.97 -41.20
CA GLY K 7 -5.23 -71.20 -40.43
C GLY K 7 -5.16 -72.42 -41.34
N GLN K 8 -4.44 -73.46 -40.90
CA GLN K 8 -4.35 -74.71 -41.65
C GLN K 8 -4.70 -75.87 -40.74
N SER K 9 -5.13 -76.98 -41.33
CA SER K 9 -5.27 -78.21 -40.55
C SER K 9 -3.92 -78.92 -40.49
N PHE K 10 -3.68 -79.68 -39.42
CA PHE K 10 -2.49 -80.50 -39.31
C PHE K 10 -2.76 -81.77 -38.55
N PRO K 11 -2.10 -82.88 -38.97
CA PRO K 11 -2.28 -84.17 -38.28
C PRO K 11 -1.43 -84.13 -37.04
N ALA K 12 -1.92 -84.68 -35.93
CA ALA K 12 -1.17 -84.59 -34.69
C ALA K 12 -1.24 -85.85 -33.84
N ASN K 13 -1.19 -87.01 -34.48
CA ASN K 13 -1.39 -88.27 -33.75
C ASN K 13 -0.23 -88.76 -32.92
N ALA K 14 0.99 -88.38 -33.30
CA ALA K 14 2.18 -88.96 -32.70
C ALA K 14 2.52 -88.31 -31.37
N LYS K 15 3.10 -89.12 -30.48
CA LYS K 15 3.63 -88.65 -29.20
C LYS K 15 4.69 -87.57 -29.42
N VAL K 16 4.67 -86.53 -28.59
CA VAL K 16 5.67 -85.46 -28.71
C VAL K 16 6.99 -85.91 -28.09
N LYS K 17 8.10 -85.48 -28.65
CA LYS K 17 9.41 -85.80 -28.08
C LYS K 17 9.99 -84.55 -27.42
N TYR K 18 10.91 -84.73 -26.48
CA TYR K 18 11.58 -83.56 -25.92
C TYR K 18 12.80 -83.08 -26.72
N TYR K 19 13.18 -83.84 -27.74
CA TYR K 19 14.30 -83.47 -28.56
C TYR K 19 14.08 -84.09 -29.94
N TYR K 20 14.20 -83.26 -30.97
CA TYR K 20 14.13 -83.74 -32.36
C TYR K 20 15.38 -83.33 -33.09
N LYS K 21 15.99 -84.25 -33.84
CA LYS K 21 16.98 -83.83 -34.83
C LYS K 21 16.33 -84.17 -36.16
N LEU K 22 15.95 -83.14 -36.92
CA LEU K 22 15.01 -83.35 -38.05
C LEU K 22 15.67 -83.90 -39.28
N SER K 23 16.98 -84.09 -39.21
CA SER K 23 17.70 -84.80 -40.26
C SER K 23 17.65 -86.31 -40.02
N GLU K 24 17.04 -86.73 -38.91
CA GLU K 24 16.76 -88.16 -38.74
C GLU K 24 15.31 -88.42 -39.13
N LYS K 25 15.11 -89.36 -40.04
CA LYS K 25 13.80 -89.65 -40.62
C LYS K 25 12.73 -89.89 -39.54
N GLN K 26 13.05 -90.69 -38.53
CA GLN K 26 12.02 -91.03 -37.56
C GLN K 26 11.62 -89.83 -36.71
N ASP K 27 12.56 -88.91 -36.46
CA ASP K 27 12.22 -87.67 -35.76
C ASP K 27 11.38 -86.75 -36.62
N LEU K 28 11.73 -86.63 -37.89
CA LEU K 28 10.96 -85.78 -38.81
C LEU K 28 9.53 -86.30 -38.90
N ASP K 29 9.40 -87.61 -39.08
CA ASP K 29 8.08 -88.22 -39.25
C ASP K 29 7.19 -87.94 -38.04
N ALA K 30 7.76 -87.97 -36.83
CA ALA K 30 6.98 -87.67 -35.62
C ALA K 30 6.61 -86.19 -35.58
N PHE K 31 7.62 -85.37 -35.78
CA PHE K 31 7.49 -83.91 -35.81
C PHE K 31 6.30 -83.45 -36.67
N VAL K 32 6.18 -84.00 -37.87
CA VAL K 32 5.13 -83.55 -38.80
C VAL K 32 3.83 -84.32 -38.66
N ASN K 33 3.71 -85.09 -37.58
CA ASN K 33 2.46 -85.76 -37.23
C ASN K 33 2.21 -85.49 -35.75
N SER K 34 2.54 -84.28 -35.32
CA SER K 34 2.39 -83.91 -33.92
C SER K 34 2.35 -82.41 -33.70
N ILE K 35 3.42 -81.72 -34.09
CA ILE K 35 3.53 -80.33 -33.71
C ILE K 35 3.85 -79.36 -34.83
N PHE K 36 4.08 -79.87 -36.03
CA PHE K 36 4.39 -79.00 -37.15
C PHE K 36 3.18 -78.74 -38.03
N VAL K 37 2.95 -77.48 -38.35
CA VAL K 37 1.80 -77.05 -39.13
C VAL K 37 2.29 -76.49 -40.45
N GLY K 38 1.78 -77.03 -41.55
CA GLY K 38 2.14 -76.59 -42.88
C GLY K 38 2.95 -77.64 -43.64
N SER K 39 3.43 -77.30 -44.82
N SER K 39 3.45 -77.25 -44.80
CA SER K 39 4.24 -78.25 -45.57
CA SER K 39 4.25 -78.13 -45.64
C SER K 39 5.72 -77.93 -45.45
C SER K 39 5.74 -77.92 -45.41
N TYR K 40 6.56 -78.83 -45.94
CA TYR K 40 8.00 -78.65 -45.89
C TYR K 40 8.56 -79.30 -47.15
N LYS K 41 9.75 -78.89 -47.52
CA LYS K 41 10.51 -79.52 -48.59
C LYS K 41 11.79 -79.99 -47.91
N LEU K 42 12.20 -81.23 -48.18
CA LEU K 42 13.46 -81.72 -47.61
C LEU K 42 14.59 -81.23 -48.50
N LYS K 43 15.54 -80.50 -47.94
CA LYS K 43 16.65 -79.98 -48.73
C LYS K 43 17.99 -80.27 -48.09
N GLN K 44 19.03 -80.33 -48.92
CA GLN K 44 20.37 -80.43 -48.39
C GLN K 44 20.85 -79.06 -47.96
N ILE K 45 21.19 -78.95 -46.69
CA ILE K 45 21.58 -77.70 -46.07
C ILE K 45 23.06 -77.79 -45.70
N SER K 46 23.83 -76.75 -46.03
CA SER K 46 25.24 -76.67 -45.67
C SER K 46 25.51 -75.38 -44.93
N TYR K 47 26.37 -75.44 -43.91
CA TYR K 47 26.87 -74.21 -43.31
C TYR K 47 28.22 -74.43 -42.65
N LEU K 48 28.93 -73.35 -42.35
CA LEU K 48 30.31 -73.39 -41.91
C LEU K 48 30.44 -73.49 -40.38
N LEU K 49 31.34 -74.38 -39.93
CA LEU K 49 31.71 -74.48 -38.53
C LEU K 49 33.22 -74.59 -38.46
N TYR K 50 33.88 -73.55 -37.96
CA TYR K 50 35.34 -73.50 -37.93
C TYR K 50 35.93 -73.86 -39.29
N GLY K 51 35.34 -73.32 -40.35
CA GLY K 51 35.90 -73.49 -41.69
C GLY K 51 35.49 -74.79 -42.36
N ASN K 52 34.84 -75.66 -41.59
CA ASN K 52 34.36 -76.92 -42.13
C ASN K 52 32.91 -76.83 -42.52
N THR K 53 32.51 -77.61 -43.53
CA THR K 53 31.13 -77.55 -44.01
C THR K 53 30.28 -78.71 -43.50
N LYS K 54 29.38 -78.41 -42.57
CA LYS K 54 28.43 -79.37 -42.06
C LYS K 54 27.29 -79.54 -43.05
N ILE K 55 26.96 -80.78 -43.39
CA ILE K 55 25.94 -81.02 -44.40
C ILE K 55 24.85 -81.94 -43.86
N VAL K 56 23.61 -81.46 -43.90
CA VAL K 56 22.47 -82.25 -43.43
C VAL K 56 21.31 -82.11 -44.40
N SER K 57 20.42 -83.11 -44.41
CA SER K 57 19.14 -82.96 -45.10
C SER K 57 18.06 -82.60 -44.09
N ALA K 58 17.39 -81.45 -44.28
CA ALA K 58 16.47 -80.94 -43.28
C ALA K 58 15.22 -80.37 -43.94
N PRO K 59 14.13 -80.30 -43.18
CA PRO K 59 12.89 -79.70 -43.72
C PRO K 59 13.03 -78.19 -43.85
N VAL K 60 12.56 -77.65 -44.97
CA VAL K 60 12.59 -76.20 -45.20
C VAL K 60 11.17 -75.73 -45.44
N VAL K 61 10.82 -74.59 -44.84
CA VAL K 61 9.50 -74.01 -45.09
C VAL K 61 9.47 -73.49 -46.53
N PRO K 62 8.48 -73.94 -47.32
CA PRO K 62 8.42 -73.52 -48.72
C PRO K 62 7.77 -72.15 -48.89
N LEU K 63 7.86 -71.60 -50.10
CA LEU K 63 7.17 -70.35 -50.40
C LEU K 63 5.71 -70.47 -50.05
N GLY K 64 5.14 -69.41 -49.47
CA GLY K 64 3.74 -69.44 -49.11
C GLY K 64 3.56 -68.94 -47.70
N PRO K 65 2.49 -69.39 -47.03
CA PRO K 65 2.22 -68.95 -45.65
C PRO K 65 3.30 -69.44 -44.70
N ASN K 66 3.47 -68.78 -43.56
CA ASN K 66 4.40 -69.26 -42.56
C ASN K 66 3.96 -70.65 -42.11
N ALA K 67 4.93 -71.47 -41.72
CA ALA K 67 4.65 -72.72 -41.01
C ALA K 67 4.52 -72.33 -39.53
N SER K 68 4.06 -73.25 -38.68
CA SER K 68 3.99 -73.01 -37.24
C SER K 68 4.42 -74.28 -36.51
N ILE K 69 4.88 -74.11 -35.28
CA ILE K 69 5.04 -75.23 -34.37
C ILE K 69 4.05 -74.92 -33.24
N ILE K 70 3.19 -75.89 -32.94
CA ILE K 70 2.15 -75.75 -31.94
C ILE K 70 2.17 -76.98 -31.05
N ILE K 71 2.32 -76.77 -29.73
CA ILE K 71 2.36 -77.90 -28.82
C ILE K 71 1.34 -77.76 -27.71
N ASP K 72 0.27 -78.53 -27.76
CA ASP K 72 -0.69 -78.50 -26.63
C ASP K 72 -0.66 -79.79 -25.81
N ASP K 73 0.24 -80.69 -26.18
CA ASP K 73 0.35 -82.00 -25.53
C ASP K 73 0.72 -81.88 -24.06
N GLU K 74 0.37 -82.90 -23.28
CA GLU K 74 0.62 -82.90 -21.84
C GLU K 74 2.09 -83.17 -21.50
N LEU K 75 2.98 -82.28 -21.93
CA LEU K 75 4.38 -82.37 -21.49
C LEU K 75 4.43 -82.36 -19.96
N GLN K 76 5.53 -82.88 -19.40
CA GLN K 76 5.72 -82.75 -17.96
C GLN K 76 5.66 -81.27 -17.61
N GLU K 77 4.99 -80.94 -16.51
CA GLU K 77 4.83 -79.55 -16.17
C GLU K 77 6.16 -78.95 -15.80
N GLY K 78 6.30 -77.65 -16.04
CA GLY K 78 7.54 -76.97 -15.65
C GLY K 78 7.84 -75.83 -16.57
N LEU K 79 9.00 -75.22 -16.37
CA LEU K 79 9.45 -74.11 -17.21
C LEU K 79 10.48 -74.64 -18.19
N TYR K 80 10.17 -74.51 -19.48
CA TYR K 80 11.05 -75.00 -20.53
C TYR K 80 11.81 -73.88 -21.22
N LEU K 81 13.07 -74.16 -21.47
CA LEU K 81 13.84 -73.39 -22.44
C LEU K 81 13.75 -74.16 -23.75
N ILE K 82 13.29 -73.49 -24.79
CA ILE K 82 13.21 -74.11 -26.10
C ILE K 82 14.38 -73.59 -26.94
N ARG K 83 15.02 -74.48 -27.69
CA ARG K 83 16.04 -74.06 -28.63
C ARG K 83 15.70 -74.67 -29.97
N ILE K 84 15.61 -73.85 -31.01
CA ILE K 84 15.36 -74.33 -32.35
C ILE K 84 16.56 -73.96 -33.21
N LYS K 85 17.25 -74.96 -33.75
CA LYS K 85 18.38 -74.68 -34.62
C LYS K 85 17.82 -74.57 -36.03
N VAL K 86 18.03 -73.42 -36.66
CA VAL K 86 17.48 -73.21 -37.99
C VAL K 86 18.59 -72.71 -38.91
N TYR K 87 18.33 -72.74 -40.21
CA TYR K 87 19.24 -72.16 -41.18
C TYR K 87 18.44 -71.37 -42.19
N ASN K 88 18.80 -70.11 -42.38
CA ASN K 88 18.04 -69.25 -43.29
C ASN K 88 18.62 -69.44 -44.70
N THR K 89 17.89 -70.16 -45.55
CA THR K 89 18.32 -70.40 -46.93
C THR K 89 18.12 -69.22 -47.85
N ASN K 90 17.38 -68.21 -47.40
CA ASN K 90 17.14 -67.01 -48.22
C ASN K 90 18.36 -66.11 -48.29
N SER K 91 18.45 -65.33 -49.35
CA SER K 91 19.48 -64.32 -49.49
C SER K 91 19.07 -63.00 -48.84
N PHE K 92 18.03 -63.04 -48.02
CA PHE K 92 17.60 -61.86 -47.26
C PHE K 92 17.30 -62.24 -45.82
N SER K 93 17.29 -61.26 -44.93
CA SER K 93 16.97 -61.52 -43.52
C SER K 93 15.53 -61.92 -43.36
N VAL K 94 15.23 -62.74 -42.35
CA VAL K 94 13.85 -63.01 -41.99
C VAL K 94 13.71 -62.77 -40.50
N THR K 95 12.48 -62.60 -40.04
CA THR K 95 12.27 -62.38 -38.61
C THR K 95 11.40 -63.49 -38.03
N VAL K 96 11.56 -63.73 -36.75
CA VAL K 96 10.75 -64.69 -36.03
C VAL K 96 10.28 -63.99 -34.75
N THR K 97 9.09 -64.33 -34.28
CA THR K 97 8.54 -63.76 -33.04
C THR K 97 8.46 -64.87 -32.01
N PRO K 98 9.39 -64.89 -31.04
CA PRO K 98 9.34 -65.97 -30.04
C PRO K 98 8.09 -65.85 -29.14
N PHE K 99 7.63 -67.00 -28.64
CA PHE K 99 6.43 -67.11 -27.81
C PHE K 99 6.62 -66.39 -26.47
N PHE K 100 7.67 -66.78 -25.74
CA PHE K 100 7.98 -66.19 -24.44
C PHE K 100 6.74 -66.16 -23.53
N ASN K 101 5.83 -67.11 -23.75
CA ASN K 101 4.56 -67.21 -23.00
C ASN K 101 3.53 -66.15 -23.34
N ASN K 102 3.98 -64.90 -23.49
N ASN K 102 3.94 -64.89 -23.49
CA ASN K 102 3.07 -63.75 -23.68
CA ASN K 102 2.95 -63.87 -23.88
C ASN K 102 3.52 -62.72 -24.72
C ASN K 102 3.51 -62.74 -24.71
N ASN K 103 4.54 -63.04 -25.50
CA ASN K 103 5.04 -62.07 -26.45
C ASN K 103 4.37 -62.23 -27.80
N ASN K 104 4.06 -61.12 -28.45
CA ASN K 104 3.74 -61.18 -29.86
C ASN K 104 4.27 -60.00 -30.66
N THR K 105 5.25 -59.28 -30.12
CA THR K 105 5.85 -58.13 -30.83
C THR K 105 7.37 -58.18 -30.95
N MET K 106 8.05 -58.68 -29.92
CA MET K 106 9.50 -58.72 -29.96
C MET K 106 9.98 -59.79 -30.92
N THR K 107 11.09 -59.52 -31.62
CA THR K 107 11.54 -60.39 -32.69
C THR K 107 13.02 -60.76 -32.65
N TYR K 108 13.35 -61.84 -33.36
CA TYR K 108 14.74 -62.17 -33.69
C TYR K 108 14.91 -61.82 -35.15
N SER K 109 16.10 -61.36 -35.52
CA SER K 109 16.41 -61.07 -36.89
C SER K 109 17.46 -62.08 -37.38
N ILE K 110 17.13 -62.87 -38.39
CA ILE K 110 17.98 -63.95 -38.81
C ILE K 110 18.62 -63.64 -40.15
N GLY K 111 19.95 -63.53 -40.16
CA GLY K 111 20.66 -63.06 -41.33
C GLY K 111 20.57 -64.01 -42.50
N ALA K 112 20.72 -63.45 -43.70
CA ALA K 112 20.73 -64.26 -44.92
C ALA K 112 21.79 -65.38 -44.86
N ASN K 113 21.48 -66.54 -45.45
CA ASN K 113 22.41 -67.64 -45.56
C ASN K 113 23.15 -67.99 -44.27
N SER K 114 22.44 -68.06 -43.16
CA SER K 114 23.13 -68.35 -41.91
C SER K 114 22.36 -69.24 -40.94
N GLU K 115 23.13 -69.94 -40.12
CA GLU K 115 22.59 -70.78 -39.08
C GLU K 115 22.22 -69.85 -37.92
N PHE K 116 21.20 -70.21 -37.17
CA PHE K 116 20.73 -69.35 -36.09
C PHE K 116 20.05 -70.18 -35.02
N GLU K 117 20.22 -69.80 -33.75
CA GLU K 117 19.58 -70.46 -32.63
C GLU K 117 18.40 -69.63 -32.13
N ILE K 118 17.20 -70.13 -32.31
CA ILE K 118 16.03 -69.46 -31.79
C ILE K 118 15.87 -69.91 -30.33
N TYR K 119 15.91 -68.99 -29.37
CA TYR K 119 15.63 -69.37 -27.99
C TYR K 119 14.20 -68.98 -27.67
N ASP K 120 13.50 -69.83 -26.94
CA ASP K 120 12.15 -69.51 -26.53
C ASP K 120 11.90 -70.01 -25.12
N ILE K 121 10.84 -69.51 -24.50
CA ILE K 121 10.53 -69.87 -23.12
C ILE K 121 9.08 -70.29 -23.07
N PHE K 122 8.79 -71.41 -22.41
CA PHE K 122 7.45 -71.97 -22.39
C PHE K 122 7.14 -72.53 -21.02
N THR K 123 6.13 -71.96 -20.33
CA THR K 123 5.70 -72.52 -19.06
C THR K 123 4.60 -73.54 -19.30
N LYS K 124 4.89 -74.82 -19.04
CA LYS K 124 3.84 -75.84 -19.12
C LYS K 124 3.08 -75.90 -17.82
N GLU K 125 2.01 -75.10 -17.73
CA GLU K 125 1.07 -75.16 -16.62
C GLU K 125 -0.27 -74.73 -17.16
N GLN K 126 -1.35 -75.17 -16.50
CA GLN K 126 -2.70 -74.76 -16.85
C GLN K 126 -3.03 -74.86 -18.35
N GLY K 127 -2.59 -75.94 -19.00
CA GLY K 127 -2.94 -76.14 -20.40
C GLY K 127 -2.33 -75.15 -21.39
N ASN K 128 -1.28 -74.45 -20.98
CA ASN K 128 -0.62 -73.51 -21.87
C ASN K 128 -0.19 -74.20 -23.17
N ILE K 129 -0.28 -73.49 -24.29
CA ILE K 129 0.01 -74.06 -25.62
C ILE K 129 1.17 -73.33 -26.29
N TYR K 130 2.25 -74.03 -26.55
CA TYR K 130 3.37 -73.41 -27.25
C TYR K 130 3.04 -73.09 -28.72
N TYR K 131 3.52 -71.95 -29.19
CA TYR K 131 3.22 -71.50 -30.54
C TYR K 131 4.30 -70.59 -31.09
N ILE K 132 4.80 -70.93 -32.29
CA ILE K 132 5.71 -70.05 -33.00
C ILE K 132 5.57 -70.23 -34.52
N GLN K 133 5.61 -69.12 -35.26
CA GLN K 133 5.52 -69.18 -36.72
C GLN K 133 6.93 -69.11 -37.31
N LEU K 134 7.14 -69.81 -38.41
CA LEU K 134 8.44 -69.88 -39.09
C LEU K 134 8.26 -69.50 -40.56
N PRO K 135 9.01 -68.49 -41.02
CA PRO K 135 8.80 -67.96 -42.36
C PRO K 135 9.43 -68.82 -43.46
N PRO K 136 8.95 -68.66 -44.70
CA PRO K 136 9.48 -69.42 -45.84
C PRO K 136 10.99 -69.33 -45.99
N GLY K 137 11.64 -70.46 -46.28
CA GLY K 137 13.07 -70.47 -46.53
C GLY K 137 13.87 -70.82 -45.29
N LEU K 138 13.22 -70.90 -44.13
CA LEU K 138 13.92 -71.39 -42.95
C LEU K 138 13.98 -72.91 -42.99
N ALA K 139 15.18 -73.45 -42.82
CA ALA K 139 15.34 -74.89 -42.59
C ALA K 139 15.31 -75.14 -41.08
N ILE K 140 14.61 -76.19 -40.67
N ILE K 140 14.62 -76.19 -40.66
CA ILE K 140 14.52 -76.54 -39.25
CA ILE K 140 14.53 -76.51 -39.24
C ILE K 140 15.40 -77.75 -38.99
C ILE K 140 15.37 -77.74 -38.97
N LEU K 141 16.47 -77.57 -38.23
CA LEU K 141 17.43 -78.66 -38.02
C LEU K 141 17.22 -79.46 -36.74
N GLU K 142 16.92 -78.76 -35.64
CA GLU K 142 16.74 -79.41 -34.35
C GLU K 142 15.74 -78.63 -33.57
N PHE K 143 15.00 -79.35 -32.73
CA PHE K 143 14.07 -78.71 -31.80
C PHE K 143 14.22 -79.34 -30.44
N SER K 144 14.51 -78.52 -29.43
CA SER K 144 14.86 -79.04 -28.10
C SER K 144 13.98 -78.39 -27.04
N LEU K 145 13.43 -79.22 -26.15
CA LEU K 145 12.63 -78.77 -25.01
C LEU K 145 13.35 -79.23 -23.76
N GLU K 146 13.87 -78.30 -22.97
CA GLU K 146 14.50 -78.72 -21.71
C GLU K 146 14.02 -77.90 -20.55
N ARG K 147 13.88 -78.54 -19.40
CA ARG K 147 13.49 -77.81 -18.20
C ARG K 147 14.70 -77.09 -17.64
N VAL K 148 14.57 -75.81 -17.34
CA VAL K 148 15.68 -75.05 -16.74
C VAL K 148 15.58 -75.08 -15.21
N PHE K 149 16.65 -74.78 -14.50
CA PHE K 149 16.59 -74.81 -13.06
C PHE K 149 16.53 -76.27 -12.61
N GLU K 150 16.83 -77.16 -13.55
CA GLU K 150 17.15 -78.55 -13.23
C GLU K 150 18.66 -78.64 -13.30
N LYS K 151 19.28 -79.31 -12.34
CA LYS K 151 20.69 -79.61 -12.48
C LYS K 151 21.51 -78.32 -12.55
N GLY K 152 20.99 -77.26 -11.97
CA GLY K 152 21.71 -76.02 -11.86
C GLY K 152 21.77 -75.22 -13.13
N ASN K 153 20.87 -75.48 -14.08
CA ASN K 153 20.87 -74.69 -15.30
C ASN K 153 20.15 -73.36 -15.12
N ARG K 154 20.43 -72.45 -16.03
CA ARG K 154 19.80 -71.14 -15.98
C ARG K 154 19.27 -70.83 -17.36
N ILE K 155 18.43 -69.81 -17.44
CA ILE K 155 18.08 -69.23 -18.71
C ILE K 155 19.22 -68.31 -19.06
N ASN K 156 19.77 -68.48 -20.25
CA ASN K 156 20.86 -67.62 -20.73
C ASN K 156 20.70 -67.38 -22.23
N ILE K 157 19.91 -66.36 -22.57
CA ILE K 157 19.65 -65.99 -23.97
C ILE K 157 20.55 -64.82 -24.30
N PRO K 158 21.32 -64.94 -25.40
CA PRO K 158 22.25 -63.87 -25.76
C PRO K 158 21.52 -62.59 -26.18
N LYS K 159 22.27 -61.52 -26.41
CA LYS K 159 21.68 -60.22 -26.77
C LYS K 159 21.18 -60.19 -28.23
N ILE K 160 19.98 -60.74 -28.45
CA ILE K 160 19.41 -60.91 -29.79
C ILE K 160 17.92 -60.58 -29.86
N ILE K 161 17.32 -60.23 -28.72
CA ILE K 161 15.89 -59.92 -28.66
C ILE K 161 15.66 -58.46 -29.03
N HIS K 162 14.88 -58.23 -30.09
CA HIS K 162 14.61 -56.87 -30.53
C HIS K 162 13.26 -56.34 -30.06
N THR K 163 13.27 -55.11 -29.56
CA THR K 163 12.03 -54.45 -29.19
C THR K 163 12.07 -53.02 -29.65
N SER K 164 10.90 -52.49 -29.94
CA SER K 164 10.81 -51.08 -30.27
C SER K 164 9.85 -50.38 -29.33
N GLY K 165 9.59 -50.96 -28.17
CA GLY K 165 8.80 -50.26 -27.17
C GLY K 165 7.69 -51.05 -26.51
N ASN K 166 7.45 -52.26 -26.99
CA ASN K 166 6.54 -53.14 -26.28
C ASN K 166 6.99 -54.58 -26.38
N GLY K 167 6.32 -55.45 -25.63
CA GLY K 167 6.70 -56.85 -25.59
C GLY K 167 6.60 -57.37 -24.17
N TYR K 168 6.44 -58.68 -24.03
CA TYR K 168 6.33 -59.31 -22.72
C TYR K 168 7.10 -60.60 -22.74
N ILE K 169 7.66 -60.96 -21.60
CA ILE K 169 8.21 -62.30 -21.39
C ILE K 169 7.72 -62.74 -20.02
N SER K 170 7.13 -63.93 -19.93
CA SER K 170 6.68 -64.45 -18.63
C SER K 170 7.32 -65.80 -18.36
N PHE K 171 7.49 -66.14 -17.09
CA PHE K 171 8.03 -67.44 -16.71
C PHE K 171 7.70 -67.73 -15.26
N ARG K 172 7.62 -69.02 -14.92
CA ARG K 172 7.33 -69.44 -13.56
C ARG K 172 8.65 -69.70 -12.84
N LEU K 173 8.81 -69.17 -11.63
CA LEU K 173 9.98 -69.52 -10.80
C LEU K 173 9.53 -70.20 -9.52
N ARG K 174 10.15 -71.33 -9.19
CA ARG K 174 9.80 -71.96 -7.93
C ARG K 174 10.56 -71.22 -6.84
N LYS K 175 10.30 -71.57 -5.59
CA LYS K 175 10.90 -70.86 -4.45
C LYS K 175 12.41 -70.75 -4.60
N GLY K 176 12.93 -69.59 -4.22
CA GLY K 176 14.36 -69.34 -4.28
C GLY K 176 14.58 -67.86 -4.49
N THR K 177 15.84 -67.44 -4.51
CA THR K 177 16.15 -66.05 -4.89
C THR K 177 16.84 -66.10 -6.25
N TYR K 178 16.47 -65.20 -7.16
CA TYR K 178 16.99 -65.22 -8.51
C TYR K 178 17.57 -63.89 -8.93
N ALA K 179 18.60 -63.95 -9.77
CA ALA K 179 19.08 -62.77 -10.46
C ALA K 179 18.45 -62.76 -11.85
N ILE K 180 18.02 -61.59 -12.29
CA ILE K 180 17.56 -61.41 -13.67
C ILE K 180 18.47 -60.38 -14.30
N LYS K 181 19.22 -60.80 -15.30
CA LYS K 181 20.22 -59.93 -15.90
C LYS K 181 19.84 -59.73 -17.35
N MET K 182 19.81 -58.47 -17.78
N MET K 182 19.84 -58.48 -17.78
CA MET K 182 19.48 -58.16 -19.16
CA MET K 182 19.49 -58.18 -19.16
C MET K 182 20.48 -57.18 -19.76
C MET K 182 20.46 -57.20 -19.77
N PRO K 183 21.50 -57.72 -20.44
CA PRO K 183 22.45 -56.89 -21.17
C PRO K 183 21.63 -56.26 -22.28
N TYR K 184 21.86 -54.99 -22.59
CA TYR K 184 21.13 -54.33 -23.66
C TYR K 184 21.98 -53.35 -24.46
N SER K 185 21.52 -53.05 -25.67
CA SER K 185 22.08 -51.99 -26.48
C SER K 185 20.87 -51.26 -27.03
N TYR K 186 21.00 -49.94 -27.17
CA TYR K 186 19.93 -49.16 -27.77
C TYR K 186 20.48 -48.18 -28.79
N ASN K 187 19.59 -47.76 -29.67
CA ASN K 187 19.90 -46.70 -30.61
C ASN K 187 18.79 -45.67 -30.56
N ASN K 188 19.10 -44.50 -30.04
CA ASN K 188 18.14 -43.41 -30.00
C ASN K 188 18.19 -42.65 -31.32
N THR K 189 17.15 -42.78 -32.14
CA THR K 189 17.14 -42.17 -33.47
C THR K 189 16.57 -40.77 -33.42
N THR K 190 15.96 -40.42 -32.29
CA THR K 190 15.31 -39.13 -32.12
C THR K 190 16.30 -38.09 -31.61
N SER K 191 15.91 -36.83 -31.67
CA SER K 191 16.74 -35.77 -31.13
C SER K 191 16.35 -35.47 -29.68
N THR K 192 15.47 -36.31 -29.12
CA THR K 192 15.04 -36.15 -27.74
C THR K 192 16.09 -36.67 -26.76
N THR K 193 16.23 -35.99 -25.63
CA THR K 193 17.14 -36.42 -24.58
C THR K 193 16.34 -36.92 -23.40
N PHE K 194 16.42 -38.21 -23.10
CA PHE K 194 15.64 -38.78 -22.01
C PHE K 194 16.44 -38.88 -20.72
N THR K 195 15.75 -38.70 -19.60
CA THR K 195 16.32 -38.87 -18.26
C THR K 195 15.42 -39.79 -17.44
N ASN K 196 16.04 -40.68 -16.67
CA ASN K 196 15.30 -41.71 -15.97
C ASN K 196 14.31 -42.41 -16.91
N PHE K 197 14.84 -42.82 -18.04
CA PHE K 197 14.13 -43.60 -19.05
C PHE K 197 13.74 -44.96 -18.50
N GLN K 198 12.45 -45.20 -18.37
CA GLN K 198 12.02 -46.54 -17.96
C GLN K 198 11.89 -47.44 -19.18
N PHE K 199 12.73 -48.46 -19.26
CA PHE K 199 12.73 -49.40 -20.36
C PHE K 199 11.56 -50.37 -20.18
N GLY K 200 11.37 -50.82 -18.95
CA GLY K 200 10.34 -51.80 -18.65
C GLY K 200 10.18 -52.06 -17.16
N THR K 201 9.47 -53.14 -16.84
CA THR K 201 9.27 -53.55 -15.46
C THR K 201 9.36 -55.04 -15.35
N ILE K 202 9.76 -55.50 -14.17
CA ILE K 202 9.66 -56.91 -13.80
C ILE K 202 8.69 -56.95 -12.63
N SER K 203 7.69 -57.84 -12.71
CA SER K 203 6.75 -57.93 -11.62
C SER K 203 6.26 -59.35 -11.36
N THR K 204 5.82 -59.56 -10.13
CA THR K 204 4.98 -60.69 -9.76
C THR K 204 3.65 -60.02 -9.44
N SER K 205 2.66 -60.79 -9.00
CA SER K 205 1.37 -60.15 -8.67
C SER K 205 1.49 -58.88 -7.81
N ALA K 207 4.25 -56.87 -6.53
CA ALA K 207 5.64 -56.43 -6.52
C ALA K 207 6.14 -56.07 -7.93
N THR K 208 6.71 -54.87 -8.06
CA THR K 208 7.17 -54.34 -9.35
C THR K 208 8.54 -53.68 -9.25
N ILE K 209 9.43 -54.04 -10.17
CA ILE K 209 10.76 -53.45 -10.25
C ILE K 209 10.92 -52.73 -11.59
N PRO K 210 11.06 -51.40 -11.56
CA PRO K 210 11.31 -50.64 -12.78
C PRO K 210 12.73 -50.83 -13.29
N LEU K 211 12.89 -51.00 -14.60
CA LEU K 211 14.21 -51.06 -15.23
C LEU K 211 14.48 -49.68 -15.83
N VAL K 212 15.41 -48.92 -15.22
CA VAL K 212 15.58 -47.51 -15.53
C VAL K 212 17.00 -47.18 -15.94
N ILE K 213 17.12 -46.32 -16.95
CA ILE K 213 18.40 -45.83 -17.42
C ILE K 213 18.54 -44.34 -17.11
N SER K 214 19.61 -43.98 -16.40
CA SER K 214 19.78 -42.60 -15.93
C SER K 214 19.56 -41.59 -17.04
N SER K 215 20.26 -41.79 -18.15
CA SER K 215 20.09 -40.89 -19.29
C SER K 215 20.41 -41.57 -20.61
N ILE K 216 19.62 -41.21 -21.62
CA ILE K 216 19.83 -41.65 -22.98
C ILE K 216 19.98 -40.38 -23.81
N PRO K 217 21.23 -40.08 -24.20
CA PRO K 217 21.57 -38.87 -24.95
C PRO K 217 20.83 -38.83 -26.29
N ALA K 218 20.50 -37.63 -26.76
CA ALA K 218 19.86 -37.48 -28.07
C ALA K 218 20.72 -38.09 -29.17
N ASN K 219 20.07 -38.80 -30.09
CA ASN K 219 20.74 -39.40 -31.23
C ASN K 219 21.88 -40.34 -30.83
N GLY K 220 21.89 -40.71 -29.55
CA GLY K 220 22.96 -41.56 -29.04
C GLY K 220 22.66 -43.03 -29.18
N SER K 221 23.71 -43.84 -29.10
CA SER K 221 23.57 -45.27 -28.99
C SER K 221 24.40 -45.65 -27.77
N GLY K 222 23.98 -46.70 -27.08
CA GLY K 222 24.70 -47.09 -25.88
C GLY K 222 24.37 -48.52 -25.52
N SER K 223 25.04 -49.03 -24.50
CA SER K 223 24.80 -50.38 -24.06
C SER K 223 24.99 -50.40 -22.56
N GLY K 224 24.36 -51.37 -21.91
CA GLY K 224 24.48 -51.50 -20.46
C GLY K 224 23.85 -52.81 -20.05
N THR K 225 23.58 -52.93 -18.75
CA THR K 225 23.02 -54.17 -18.23
C THR K 225 22.05 -53.86 -17.11
N PHE K 226 20.84 -54.37 -17.19
CA PHE K 226 19.95 -54.37 -16.04
C PHE K 226 20.21 -55.62 -15.22
N LEU K 227 20.32 -55.46 -13.92
CA LEU K 227 20.53 -56.59 -13.03
C LEU K 227 19.66 -56.38 -11.80
N VAL K 228 18.61 -57.18 -11.66
CA VAL K 228 17.77 -57.06 -10.48
C VAL K 228 17.57 -58.43 -9.86
N TYR K 229 17.01 -58.48 -8.67
CA TYR K 229 16.87 -59.77 -8.00
C TYR K 229 15.46 -59.90 -7.46
N LEU K 230 14.93 -61.12 -7.49
CA LEU K 230 13.61 -61.42 -6.96
C LEU K 230 13.74 -62.48 -5.89
N LYS K 231 13.17 -62.23 -4.72
CA LYS K 231 13.03 -63.30 -3.74
C LYS K 231 11.67 -63.94 -3.91
N ILE K 232 11.67 -65.12 -4.50
CA ILE K 232 10.43 -65.88 -4.65
C ILE K 232 10.21 -66.73 -3.43
N THR K 233 9.37 -66.27 -2.51
CA THR K 233 8.95 -67.09 -1.38
C THR K 233 8.40 -68.42 -1.84
N GLY K 234 7.58 -68.38 -2.90
CA GLY K 234 6.94 -69.58 -3.39
C GLY K 234 5.44 -69.47 -3.58
N ASP K 235 4.82 -68.49 -2.95
CA ASP K 235 3.36 -68.36 -3.08
C ASP K 235 2.95 -67.53 -4.30
N TYR K 236 3.92 -66.82 -4.87
CA TYR K 236 3.73 -66.09 -6.14
C TYR K 236 4.89 -66.42 -7.06
N GLU K 237 4.64 -67.25 -8.06
CA GLU K 237 5.72 -67.81 -8.86
C GLU K 237 5.76 -67.31 -10.28
N ASP K 238 4.66 -66.74 -10.76
CA ASP K 238 4.64 -66.26 -12.14
C ASP K 238 5.22 -64.87 -12.25
N VAL K 239 6.31 -64.76 -13.00
CA VAL K 239 7.03 -63.50 -13.15
C VAL K 239 6.74 -62.91 -14.52
N LYS K 240 6.54 -61.60 -14.60
CA LYS K 240 6.24 -60.97 -15.87
C LYS K 240 7.17 -59.80 -16.17
N PHE K 241 7.84 -59.87 -17.31
CA PHE K 241 8.66 -58.77 -17.77
C PHE K 241 7.88 -58.04 -18.86
N SER K 242 7.78 -56.71 -18.78
CA SER K 242 7.07 -55.93 -19.79
C SER K 242 7.95 -54.80 -20.26
N VAL K 243 8.01 -54.61 -21.57
CA VAL K 243 8.67 -53.44 -22.13
C VAL K 243 7.63 -52.32 -22.16
N THR K 244 7.94 -51.17 -21.59
CA THR K 244 6.91 -50.17 -21.34
C THR K 244 7.13 -48.81 -22.01
N TYR K 245 8.28 -48.61 -22.64
CA TYR K 245 8.60 -47.27 -23.14
C TYR K 245 7.76 -46.79 -24.33
N GLY K 246 7.08 -47.71 -25.01
CA GLY K 246 6.12 -47.31 -26.03
C GLY K 246 6.56 -47.53 -27.46
N GLY K 247 5.70 -48.23 -28.21
CA GLY K 247 6.04 -48.71 -29.54
C GLY K 247 6.57 -47.71 -30.56
N GLY K 248 6.12 -46.47 -30.50
CA GLY K 248 6.50 -45.53 -31.54
C GLY K 248 7.60 -44.55 -31.16
N LEU K 249 8.27 -44.81 -30.04
CA LEU K 249 9.20 -43.83 -29.49
C LEU K 249 10.41 -43.54 -30.40
N GLY K 250 10.91 -44.57 -31.09
CA GLY K 250 12.06 -44.39 -31.96
C GLY K 250 13.38 -44.68 -31.26
N VAL K 251 13.32 -45.54 -30.25
CA VAL K 251 14.51 -45.99 -29.54
C VAL K 251 14.53 -47.51 -29.47
N PRO K 252 14.88 -48.16 -30.59
CA PRO K 252 14.96 -49.62 -30.60
C PRO K 252 16.00 -50.14 -29.61
N PHE K 253 15.68 -51.24 -28.93
CA PHE K 253 16.63 -51.91 -28.06
C PHE K 253 16.88 -53.31 -28.58
N THR K 254 18.08 -53.83 -28.32
CA THR K 254 18.34 -55.27 -28.45
C THR K 254 18.81 -55.69 -27.08
N PHE K 255 18.30 -56.81 -26.56
CA PHE K 255 18.69 -57.23 -25.22
C PHE K 255 18.73 -58.75 -25.11
N GLY K 256 19.40 -59.21 -24.05
CA GLY K 256 19.48 -60.63 -23.76
C GLY K 256 18.75 -60.88 -22.45
N LEU K 257 18.69 -62.12 -22.03
CA LEU K 257 17.98 -62.43 -20.80
C LEU K 257 18.63 -63.60 -20.12
N GLU K 258 19.04 -63.37 -18.88
CA GLU K 258 19.69 -64.38 -18.08
C GLU K 258 18.90 -64.45 -16.78
N VAL K 259 18.42 -65.64 -16.41
CA VAL K 259 17.70 -65.81 -15.17
C VAL K 259 18.33 -66.97 -14.45
N GLU K 260 18.78 -66.75 -13.21
CA GLU K 260 19.59 -67.75 -12.53
C GLU K 260 19.39 -67.69 -11.03
N GLU K 261 19.44 -68.85 -10.38
N GLU K 261 19.43 -68.85 -10.39
CA GLU K 261 19.28 -68.89 -8.93
CA GLU K 261 19.32 -68.92 -8.94
C GLU K 261 20.56 -68.42 -8.27
C GLU K 261 20.58 -68.35 -8.31
N ILE K 262 20.42 -67.68 -7.17
CA ILE K 262 21.57 -67.22 -6.41
C ILE K 262 21.45 -67.65 -4.95
N ASN K 263 22.58 -67.68 -4.26
CA ASN K 263 22.57 -67.80 -2.81
C ASN K 263 22.42 -66.42 -2.20
N GLU K 264 22.22 -66.34 -0.89
CA GLU K 264 21.99 -65.04 -0.27
C GLU K 264 23.10 -64.05 -0.61
N LEU K 265 22.71 -62.85 -1.02
CA LEU K 265 23.67 -61.82 -1.39
C LEU K 265 23.45 -60.59 -0.51
N VAL K 266 24.35 -60.39 0.45
CA VAL K 266 24.35 -59.17 1.25
C VAL K 266 25.05 -58.07 0.44
N GLU K 267 24.26 -57.13 -0.06
CA GLU K 267 24.80 -56.10 -0.93
C GLU K 267 25.63 -55.09 -0.14
N ASN K 268 25.18 -54.80 1.08
CA ASN K 268 25.97 -53.97 1.97
C ASN K 268 25.38 -53.96 3.34
N THR K 269 26.19 -53.57 4.31
CA THR K 269 25.75 -53.47 5.69
C THR K 269 26.13 -52.08 6.14
N ASN K 270 25.21 -51.37 6.78
CA ASN K 270 25.43 -49.97 7.09
C ASN K 270 25.04 -49.55 8.49
N PHE K 271 25.85 -48.68 9.06
CA PHE K 271 25.50 -47.97 10.29
C PHE K 271 25.04 -46.61 9.80
N VAL K 272 23.81 -46.24 10.10
CA VAL K 272 23.29 -44.97 9.64
C VAL K 272 22.69 -44.18 10.80
N THR K 273 22.67 -42.86 10.66
CA THR K 273 22.19 -41.99 11.72
C THR K 273 21.19 -41.01 11.14
N GLN K 274 20.18 -40.66 11.92
CA GLN K 274 19.14 -39.76 11.46
C GLN K 274 18.62 -38.92 12.62
N SER K 275 18.65 -37.60 12.48
CA SER K 275 18.14 -36.73 13.52
C SER K 275 16.71 -36.28 13.21
N VAL K 276 15.92 -36.11 14.26
CA VAL K 276 14.56 -35.63 14.13
C VAL K 276 14.31 -34.56 15.19
N THR K 277 13.81 -33.42 14.76
CA THR K 277 13.53 -32.32 15.69
C THR K 277 12.04 -32.25 15.98
N LEU K 278 11.70 -32.32 17.26
CA LEU K 278 10.31 -32.37 17.69
C LEU K 278 9.90 -31.05 18.33
N SER K 279 8.76 -30.53 17.92
CA SER K 279 8.30 -29.25 18.47
C SER K 279 6.79 -29.22 18.70
N GLY K 280 6.25 -30.28 19.30
CA GLY K 280 4.85 -30.31 19.67
C GLY K 280 3.95 -31.17 18.79
N SER K 281 4.43 -31.51 17.59
CA SER K 281 3.61 -32.27 16.65
C SER K 281 4.24 -33.60 16.30
N GLN K 282 3.41 -34.59 16.02
CA GLN K 282 3.91 -35.90 15.62
C GLN K 282 4.64 -35.77 14.28
N VAL K 283 5.78 -36.46 14.19
CA VAL K 283 6.55 -36.47 12.95
C VAL K 283 6.72 -37.90 12.51
N THR K 284 6.48 -38.16 11.22
CA THR K 284 6.77 -39.47 10.65
C THR K 284 7.92 -39.31 9.69
N GLN K 285 9.08 -39.85 10.07
CA GLN K 285 10.30 -39.66 9.30
C GLN K 285 10.72 -40.94 8.61
N SER K 286 10.74 -40.92 7.27
CA SER K 286 11.23 -42.06 6.52
C SER K 286 12.72 -42.22 6.78
N ILE K 287 13.16 -43.44 7.06
CA ILE K 287 14.58 -43.70 7.24
C ILE K 287 15.14 -44.35 6.01
N LEU K 288 14.40 -45.34 5.51
N LEU K 288 14.41 -45.36 5.50
CA LEU K 288 14.82 -46.16 4.38
CA LEU K 288 14.85 -46.08 4.33
C LEU K 288 13.60 -46.73 3.66
C LEU K 288 13.66 -46.77 3.66
N ASN K 289 13.63 -46.70 2.34
CA ASN K 289 12.59 -47.36 1.57
C ASN K 289 13.24 -47.91 0.29
N VAL K 290 13.34 -49.24 0.19
CA VAL K 290 13.95 -49.84 -0.99
C VAL K 290 12.95 -50.64 -1.82
N GLN K 291 11.66 -50.36 -1.62
CA GLN K 291 10.62 -51.03 -2.40
C GLN K 291 10.86 -50.78 -3.88
N GLY K 292 10.81 -51.85 -4.68
CA GLY K 292 10.94 -51.70 -6.12
C GLY K 292 12.37 -51.65 -6.61
N SER K 293 13.32 -51.90 -5.71
CA SER K 293 14.74 -51.77 -6.02
C SER K 293 15.38 -53.10 -6.38
N GLY K 294 14.68 -54.20 -6.11
CA GLY K 294 15.27 -55.51 -6.28
C GLY K 294 16.05 -55.94 -5.06
N SER K 295 15.71 -55.36 -3.90
CA SER K 295 16.38 -55.72 -2.67
C SER K 295 15.44 -55.55 -1.49
N HIS K 296 15.88 -56.01 -0.32
CA HIS K 296 15.13 -55.79 0.91
C HIS K 296 16.11 -55.56 2.06
N LEU K 297 15.58 -55.46 3.28
CA LEU K 297 16.39 -55.05 4.41
C LEU K 297 16.36 -56.07 5.54
N ARG K 298 17.35 -55.98 6.43
CA ARG K 298 17.33 -56.71 7.67
C ARG K 298 17.90 -55.80 8.75
N LEU K 299 17.13 -55.56 9.80
CA LEU K 299 17.57 -54.63 10.86
C LEU K 299 18.25 -55.43 11.96
N LYS K 300 19.43 -54.98 12.40
CA LYS K 300 20.18 -55.71 13.44
C LYS K 300 20.24 -55.00 14.77
N TYR K 301 20.23 -53.67 14.73
CA TYR K 301 20.38 -52.88 15.97
C TYR K 301 19.87 -51.47 15.78
N ALA K 302 19.24 -50.91 16.81
CA ALA K 302 18.81 -49.53 16.76
C ALA K 302 18.91 -48.91 18.13
N SER K 303 19.16 -47.60 18.16
CA SER K 303 19.32 -46.88 19.40
C SER K 303 18.91 -45.43 19.18
N VAL K 304 18.36 -44.81 20.22
CA VAL K 304 18.00 -43.40 20.11
C VAL K 304 18.65 -42.63 21.25
N SER K 305 19.35 -41.56 20.91
CA SER K 305 19.91 -40.69 21.94
C SER K 305 19.13 -39.38 21.98
N GLY K 306 19.12 -38.74 23.14
CA GLY K 306 18.45 -37.45 23.30
C GLY K 306 17.05 -37.57 23.86
N LEU K 307 16.64 -38.78 24.23
CA LEU K 307 15.34 -38.96 24.84
C LEU K 307 15.24 -38.24 26.20
N THR K 308 14.15 -37.52 26.39
CA THR K 308 13.84 -36.90 27.67
C THR K 308 12.35 -37.09 27.93
N THR K 309 11.91 -36.71 29.11
CA THR K 309 10.51 -36.76 29.45
C THR K 309 9.66 -35.87 28.54
N ALA K 310 10.33 -35.01 27.78
CA ALA K 310 9.65 -34.16 26.79
C ALA K 310 9.27 -34.94 25.52
N VAL K 311 9.78 -36.17 25.38
CA VAL K 311 9.45 -37.02 24.23
C VAL K 311 8.37 -38.03 24.64
N THR K 312 7.23 -37.97 23.96
CA THR K 312 6.07 -38.78 24.34
C THR K 312 5.90 -40.00 23.46
N GLN K 313 6.49 -39.95 22.27
CA GLN K 313 6.40 -41.05 21.35
C GLN K 313 7.71 -41.19 20.59
N CYS K 314 8.20 -42.41 20.51
CA CYS K 314 9.38 -42.68 19.68
C CYS K 314 9.37 -44.16 19.30
N GLN K 315 8.79 -44.46 18.14
CA GLN K 315 8.61 -45.82 17.70
C GLN K 315 9.23 -46.01 16.32
N LEU K 316 10.07 -47.03 16.21
CA LEU K 316 10.62 -47.47 14.94
C LEU K 316 9.62 -48.44 14.33
N GLN K 317 9.30 -48.23 13.04
CA GLN K 317 8.29 -49.04 12.37
C GLN K 317 8.83 -49.54 11.05
N ALA K 318 8.34 -50.69 10.63
CA ALA K 318 8.84 -51.31 9.40
C ALA K 318 7.71 -52.06 8.73
N THR K 319 7.89 -52.35 7.45
CA THR K 319 6.95 -53.24 6.78
C THR K 319 7.54 -53.75 5.49
N ASN K 320 6.93 -54.83 4.99
CA ASN K 320 7.07 -55.19 3.59
C ASN K 320 5.94 -54.51 2.80
N LEU K 321 6.25 -53.42 2.11
CA LEU K 321 5.25 -52.60 1.41
C LEU K 321 4.57 -53.35 0.29
N ASN K 322 5.20 -54.41 -0.20
CA ASN K 322 4.59 -55.25 -1.22
C ASN K 322 3.50 -56.14 -0.63
N ARG K 323 3.51 -56.26 0.69
CA ARG K 323 2.51 -57.05 1.40
C ARG K 323 1.48 -56.15 2.07
N SER K 324 1.95 -55.05 2.64
CA SER K 324 1.10 -54.17 3.44
C SER K 324 1.63 -52.73 3.50
N THR K 325 0.73 -51.77 3.33
CA THR K 325 1.09 -50.35 3.43
C THR K 325 0.99 -49.87 4.87
N THR K 326 0.51 -50.72 5.76
CA THR K 326 0.46 -50.37 7.16
C THR K 326 1.75 -50.81 7.87
N TYR K 327 2.45 -49.85 8.45
CA TYR K 327 3.70 -50.12 9.14
C TYR K 327 3.40 -50.72 10.50
N SER K 328 4.21 -51.68 10.92
CA SER K 328 4.11 -52.17 12.29
C SER K 328 5.30 -51.73 13.13
N THR K 329 5.03 -51.41 14.39
CA THR K 329 6.07 -51.02 15.32
C THR K 329 6.98 -52.19 15.63
N VAL K 330 8.29 -51.99 15.44
CA VAL K 330 9.25 -53.07 15.67
C VAL K 330 10.07 -52.80 16.93
N TRP K 331 10.10 -51.55 17.35
CA TRP K 331 10.67 -51.21 18.66
C TRP K 331 10.13 -49.88 19.14
N ASP K 332 9.75 -49.83 20.42
CA ASP K 332 9.27 -48.61 21.03
C ASP K 332 10.34 -48.18 22.03
N PHE K 333 11.01 -47.06 21.76
CA PHE K 333 12.14 -46.63 22.56
C PHE K 333 11.72 -46.07 23.91
N ILE K 334 10.47 -45.64 24.02
CA ILE K 334 9.94 -45.18 25.29
C ILE K 334 9.60 -46.38 26.16
N ALA K 335 8.76 -47.27 25.62
CA ALA K 335 8.27 -48.43 26.37
C ALA K 335 9.35 -49.47 26.61
N GLY K 336 10.25 -49.61 25.64
CA GLY K 336 11.21 -50.69 25.66
C GLY K 336 12.62 -50.28 26.07
N GLY K 337 12.93 -49.00 25.98
CA GLY K 337 14.27 -48.52 26.32
C GLY K 337 15.03 -48.01 25.11
N SER K 338 16.11 -47.29 25.35
CA SER K 338 16.76 -46.49 24.34
C SER K 338 17.53 -47.31 23.30
N SER K 339 17.70 -48.61 23.53
CA SER K 339 18.35 -49.44 22.52
C SER K 339 17.75 -50.83 22.43
N THR K 340 17.90 -51.45 21.27
CA THR K 340 17.33 -52.76 21.03
C THR K 340 18.17 -53.85 21.68
N PRO K 341 17.50 -54.94 22.14
CA PRO K 341 18.19 -56.05 22.80
C PRO K 341 18.91 -56.95 21.82
N PRO K 342 19.81 -57.79 22.34
CA PRO K 342 20.63 -58.68 21.49
C PRO K 342 19.81 -59.56 20.54
N SER K 343 18.62 -60.03 20.94
CA SER K 343 17.85 -60.94 20.09
C SER K 343 17.04 -60.22 19.01
N TRP K 344 17.07 -58.89 19.02
CA TRP K 344 16.23 -58.09 18.12
C TRP K 344 16.79 -58.16 16.72
N ASP K 345 15.97 -58.63 15.78
CA ASP K 345 16.42 -58.90 14.41
C ASP K 345 15.17 -58.87 13.54
N ILE K 346 15.07 -57.85 12.68
CA ILE K 346 13.86 -57.65 11.89
C ILE K 346 14.15 -58.04 10.44
N ARG K 347 13.53 -59.13 9.98
CA ARG K 347 13.73 -59.60 8.63
C ARG K 347 12.54 -59.34 7.74
N GLU K 348 12.77 -59.49 6.43
CA GLU K 348 11.71 -59.42 5.43
C GLU K 348 10.91 -58.14 5.45
N ILE K 349 11.61 -57.01 5.49
CA ILE K 349 11.00 -55.70 5.37
C ILE K 349 11.71 -54.93 4.27
N ASN K 350 11.08 -53.88 3.75
CA ASN K 350 11.76 -53.07 2.73
C ASN K 350 11.54 -51.59 2.94
N SER K 351 10.93 -51.24 4.06
CA SER K 351 10.74 -49.83 4.39
C SER K 351 10.71 -49.60 5.90
N ILE K 352 11.38 -48.53 6.34
CA ILE K 352 11.56 -48.24 7.77
C ILE K 352 11.23 -46.78 8.00
N GLN K 353 10.45 -46.51 9.04
CA GLN K 353 10.21 -45.11 9.43
C GLN K 353 10.27 -44.94 10.94
N LEU K 354 10.52 -43.72 11.36
CA LEU K 354 10.47 -43.39 12.77
C LEU K 354 9.28 -42.47 12.99
N VAL K 355 8.43 -42.82 13.94
CA VAL K 355 7.30 -41.99 14.30
C VAL K 355 7.55 -41.46 15.69
N ALA K 356 7.54 -40.14 15.85
CA ALA K 356 7.92 -39.54 17.11
C ALA K 356 7.07 -38.33 17.39
N ASN K 357 6.98 -37.98 18.68
CA ASN K 357 6.24 -36.83 19.10
C ASN K 357 6.78 -36.30 20.42
N GLY K 358 6.65 -35.01 20.65
CA GLY K 358 7.16 -34.39 21.85
C GLY K 358 7.62 -32.97 21.61
N GLY K 359 8.27 -32.38 22.61
CA GLY K 359 8.73 -31.01 22.51
C GLY K 359 7.55 -30.06 22.49
N SER K 360 7.84 -28.77 22.31
CA SER K 360 6.80 -27.76 22.22
C SER K 360 7.15 -26.71 21.18
N SER K 361 6.19 -25.88 20.82
CA SER K 361 6.38 -24.83 19.84
C SER K 361 7.43 -23.82 20.29
N THR K 362 7.76 -23.84 21.57
CA THR K 362 8.70 -22.89 22.14
C THR K 362 10.00 -23.57 22.58
N SER K 363 9.95 -24.89 22.73
CA SER K 363 11.10 -25.65 23.21
C SER K 363 11.18 -26.99 22.50
N SER K 364 11.94 -27.03 21.42
CA SER K 364 12.04 -28.23 20.60
C SER K 364 13.06 -29.21 21.18
N VAL K 365 12.87 -30.50 20.87
CA VAL K 365 13.78 -31.54 21.31
C VAL K 365 14.30 -32.26 20.08
N THR K 366 15.61 -32.48 20.02
CA THR K 366 16.19 -33.21 18.91
C THR K 366 16.70 -34.56 19.35
N ILE K 367 16.20 -35.63 18.72
CA ILE K 367 16.64 -36.98 19.03
C ILE K 367 17.38 -37.54 17.83
N THR K 368 18.24 -38.50 18.07
CA THR K 368 19.05 -39.06 17.00
C THR K 368 18.95 -40.58 16.99
N LEU K 369 18.47 -41.11 15.88
CA LEU K 369 18.36 -42.54 15.69
C LEU K 369 19.63 -43.06 15.04
N ILE K 370 20.17 -44.15 15.57
CA ILE K 370 21.20 -44.87 14.85
C ILE K 370 20.66 -46.26 14.55
N LEU K 371 21.08 -46.80 13.42
CA LEU K 371 20.51 -48.03 12.93
C LEU K 371 21.61 -48.79 12.21
N VAL K 372 21.74 -50.08 12.49
CA VAL K 372 22.58 -50.97 11.69
C VAL K 372 21.67 -51.92 10.94
N TYR K 373 21.83 -51.98 9.62
CA TYR K 373 20.98 -52.83 8.81
C TYR K 373 21.78 -53.41 7.66
N GLU K 374 21.25 -54.51 7.10
CA GLU K 374 21.81 -55.09 5.90
C GLU K 374 20.85 -54.84 4.76
N GLN K 375 21.40 -54.60 3.58
CA GLN K 375 20.59 -54.58 2.37
C GLN K 375 20.87 -55.86 1.62
N ILE K 376 19.80 -56.61 1.37
CA ILE K 376 19.94 -57.96 0.86
C ILE K 376 19.27 -58.09 -0.51
N ALA K 377 19.94 -58.73 -1.46
CA ALA K 377 19.39 -58.91 -2.79
C ALA K 377 18.07 -59.64 -2.73
N GLY K 378 17.10 -59.17 -3.54
CA GLY K 378 15.83 -59.85 -3.74
C GLY K 378 14.64 -58.99 -3.39
N GLU K 379 13.85 -58.60 -4.39
CA GLU K 379 12.60 -57.88 -4.14
C GLU K 379 11.63 -58.81 -3.40
N LEU K 380 10.99 -58.30 -2.33
CA LEU K 380 10.03 -59.11 -1.59
C LEU K 380 8.72 -59.26 -2.38
N SER K 381 8.08 -60.41 -2.30
CA SER K 381 6.82 -60.57 -3.02
C SER K 381 5.59 -60.14 -2.21
N HIS K 382 4.47 -60.00 -2.92
CA HIS K 382 3.18 -59.71 -2.33
C HIS K 382 2.76 -60.88 -1.44
N HIS K 383 1.85 -60.64 -0.49
CA HIS K 383 1.22 -61.73 0.27
C HIS K 383 -0.19 -61.32 0.71
N LEU L 6 41.78 -76.43 -46.24
CA LEU L 6 41.93 -77.01 -44.91
C LEU L 6 40.60 -77.51 -44.35
N GLY L 7 39.52 -76.79 -44.64
CA GLY L 7 38.20 -77.23 -44.22
C GLY L 7 37.68 -78.39 -45.06
N GLN L 8 36.86 -79.23 -44.44
CA GLN L 8 36.25 -80.36 -45.15
C GLN L 8 34.76 -80.39 -44.91
N SER L 9 34.02 -81.03 -45.81
CA SER L 9 32.60 -81.24 -45.58
C SER L 9 32.43 -82.55 -44.80
N PHE L 10 31.37 -82.62 -44.00
CA PHE L 10 31.05 -83.86 -43.30
C PHE L 10 29.54 -84.03 -43.16
N PRO L 11 29.06 -85.28 -43.25
CA PRO L 11 27.65 -85.59 -43.01
C PRO L 11 27.36 -85.57 -41.52
N ALA L 12 26.20 -85.02 -41.13
CA ALA L 12 25.93 -84.87 -39.70
C ALA L 12 24.48 -85.11 -39.37
N ASN L 13 23.87 -86.11 -40.01
CA ASN L 13 22.45 -86.33 -39.85
C ASN L 13 22.02 -86.98 -38.54
N ALA L 14 22.91 -87.74 -37.92
CA ALA L 14 22.50 -88.63 -36.85
C ALA L 14 22.52 -87.90 -35.52
N LYS L 15 21.65 -88.32 -34.62
CA LYS L 15 21.59 -87.80 -33.26
C LYS L 15 22.91 -88.04 -32.53
N VAL L 16 23.35 -87.04 -31.80
CA VAL L 16 24.58 -87.15 -31.00
C VAL L 16 24.34 -87.99 -29.76
N LYS L 17 25.33 -88.80 -29.39
CA LYS L 17 25.23 -89.61 -28.18
C LYS L 17 26.12 -88.98 -27.11
N TYR L 18 25.86 -89.28 -25.85
CA TYR L 18 26.72 -88.79 -24.76
C TYR L 18 27.87 -89.74 -24.45
N TYR L 19 27.84 -90.91 -25.04
CA TYR L 19 28.97 -91.85 -24.93
C TYR L 19 29.09 -92.68 -26.18
N TYR L 20 30.30 -92.81 -26.70
CA TYR L 20 30.57 -93.66 -27.86
C TYR L 20 31.69 -94.62 -27.53
N LYS L 21 31.49 -95.91 -27.78
CA LYS L 21 32.66 -96.79 -27.81
C LYS L 21 32.84 -97.17 -29.28
N LEU L 22 33.93 -96.70 -29.87
CA LEU L 22 33.99 -96.67 -31.34
C LEU L 22 34.37 -98.01 -31.91
N SER L 23 34.62 -98.98 -31.03
CA SER L 23 34.83 -100.37 -31.47
C SER L 23 33.49 -101.10 -31.63
N GLU L 24 32.39 -100.42 -31.32
CA GLU L 24 31.04 -100.93 -31.60
C GLU L 24 30.57 -100.28 -32.88
N LYS L 25 30.18 -101.10 -33.84
CA LYS L 25 29.80 -100.64 -35.16
C LYS L 25 28.72 -99.56 -35.10
N GLN L 26 27.66 -99.80 -34.34
CA GLN L 26 26.59 -98.81 -34.33
C GLN L 26 27.01 -97.45 -33.74
N ASP L 27 27.94 -97.45 -32.79
CA ASP L 27 28.46 -96.18 -32.28
C ASP L 27 29.35 -95.48 -33.29
N LEU L 28 30.23 -96.24 -33.95
CA LEU L 28 31.08 -95.67 -34.98
C LEU L 28 30.20 -95.07 -36.10
N ASP L 29 29.20 -95.81 -36.53
CA ASP L 29 28.34 -95.36 -37.63
C ASP L 29 27.67 -94.03 -37.30
N ALA L 30 27.24 -93.89 -36.05
CA ALA L 30 26.62 -92.63 -35.63
C ALA L 30 27.67 -91.52 -35.58
N PHE L 31 28.82 -91.84 -34.98
CA PHE L 31 29.92 -90.90 -34.79
C PHE L 31 30.31 -90.21 -36.09
N VAL L 32 30.43 -90.99 -37.17
CA VAL L 32 30.88 -90.46 -38.47
C VAL L 32 29.74 -89.98 -39.34
N ASN L 33 28.56 -89.84 -38.74
CA ASN L 33 27.42 -89.21 -39.41
C ASN L 33 26.82 -88.20 -38.40
N SER L 34 27.69 -87.52 -37.67
CA SER L 34 27.24 -86.52 -36.70
C SER L 34 28.31 -85.55 -36.28
N ILE L 35 29.40 -86.04 -35.70
CA ILE L 35 30.37 -85.14 -35.12
C ILE L 35 31.84 -85.34 -35.57
N PHE L 36 32.10 -86.39 -36.33
CA PHE L 36 33.45 -86.62 -36.84
C PHE L 36 33.68 -86.05 -38.24
N VAL L 37 34.78 -85.32 -38.42
CA VAL L 37 35.12 -84.68 -39.69
C VAL L 37 36.40 -85.31 -40.22
N GLY L 38 36.35 -85.82 -41.46
CA GLY L 38 37.53 -86.40 -42.09
C GLY L 38 37.32 -87.89 -42.34
N SER L 39 38.34 -88.59 -42.83
N SER L 39 38.38 -88.56 -42.79
CA SER L 39 38.21 -90.02 -43.03
CA SER L 39 38.34 -90.00 -43.05
C SER L 39 38.90 -90.78 -41.92
C SER L 39 38.89 -90.77 -41.87
N TYR L 40 38.65 -92.08 -41.85
CA TYR L 40 39.26 -92.94 -40.84
C TYR L 40 39.57 -94.26 -41.49
N LYS L 41 40.44 -95.04 -40.86
CA LYS L 41 40.75 -96.39 -41.29
C LYS L 41 40.48 -97.22 -40.07
N LEU L 42 39.76 -98.32 -40.23
CA LEU L 42 39.51 -99.18 -39.08
C LEU L 42 40.72 -100.08 -38.86
N LYS L 43 41.33 -100.04 -37.67
CA LYS L 43 42.52 -100.86 -37.46
C LYS L 43 42.46 -101.63 -36.18
N GLN L 44 43.16 -102.75 -36.13
CA GLN L 44 43.29 -103.49 -34.88
C GLN L 44 44.35 -102.82 -34.01
N ILE L 45 43.96 -102.42 -32.81
CA ILE L 45 44.79 -101.65 -31.88
C ILE L 45 45.02 -102.54 -30.67
N SER L 46 46.27 -102.58 -30.19
CA SER L 46 46.61 -103.35 -28.98
C SER L 46 47.41 -102.50 -28.00
N TYR L 47 47.11 -102.62 -26.72
CA TYR L 47 47.93 -101.95 -25.71
C TYR L 47 47.92 -102.70 -24.40
N LEU L 48 48.90 -102.41 -23.54
CA LEU L 48 49.08 -103.17 -22.31
C LEU L 48 48.31 -102.62 -21.11
N LEU L 49 47.64 -103.51 -20.39
CA LEU L 49 46.94 -103.16 -19.13
C LEU L 49 47.35 -104.21 -18.09
N TYR L 50 48.17 -103.82 -17.13
CA TYR L 50 48.65 -104.75 -16.10
C TYR L 50 49.25 -106.02 -16.75
N GLY L 51 50.02 -105.83 -17.81
CA GLY L 51 50.71 -106.93 -18.47
C GLY L 51 49.88 -107.72 -19.46
N ASN L 52 48.58 -107.43 -19.52
CA ASN L 52 47.68 -108.05 -20.47
C ASN L 52 47.51 -107.15 -21.69
N THR L 53 47.27 -107.78 -22.85
CA THR L 53 47.08 -107.01 -24.08
C THR L 53 45.59 -106.86 -24.43
N LYS L 54 45.08 -105.64 -24.30
CA LYS L 54 43.73 -105.34 -24.73
C LYS L 54 43.77 -105.16 -26.25
N ILE L 55 42.86 -105.83 -26.95
CA ILE L 55 42.77 -105.73 -28.41
C ILE L 55 41.39 -105.24 -28.84
N VAL L 56 41.35 -104.12 -29.56
CA VAL L 56 40.11 -103.59 -30.15
C VAL L 56 40.32 -103.16 -31.59
N SER L 57 39.23 -103.12 -32.35
CA SER L 57 39.24 -102.50 -33.66
C SER L 57 38.69 -101.09 -33.51
N ALA L 58 39.46 -100.10 -33.93
CA ALA L 58 39.03 -98.71 -33.76
C ALA L 58 39.42 -97.85 -34.94
N PRO L 59 38.71 -96.73 -35.13
CA PRO L 59 39.02 -95.82 -36.23
C PRO L 59 40.33 -95.07 -35.97
N VAL L 60 41.18 -95.04 -36.98
CA VAL L 60 42.44 -94.31 -36.88
C VAL L 60 42.44 -93.18 -37.91
N VAL L 61 42.94 -92.01 -37.52
CA VAL L 61 43.10 -90.91 -38.47
C VAL L 61 44.22 -91.26 -39.47
N PRO L 62 43.92 -91.25 -40.77
CA PRO L 62 44.95 -91.62 -41.75
C PRO L 62 45.90 -90.47 -42.06
N LEU L 63 46.97 -90.78 -42.78
CA LEU L 63 47.91 -89.76 -43.23
C LEU L 63 47.16 -88.67 -43.98
N GLY L 64 47.55 -87.42 -43.76
CA GLY L 64 46.87 -86.30 -44.39
C GLY L 64 46.49 -85.26 -43.36
N PRO L 65 45.43 -84.49 -43.64
CA PRO L 65 45.02 -83.42 -42.74
C PRO L 65 44.53 -83.98 -41.43
N ASN L 66 44.55 -83.17 -40.38
CA ASN L 66 43.98 -83.59 -39.12
C ASN L 66 42.50 -83.87 -39.31
N ALA L 67 41.97 -84.78 -38.50
CA ALA L 67 40.53 -84.98 -38.40
C ALA L 67 40.05 -84.00 -37.37
N SER L 68 38.73 -83.83 -37.26
CA SER L 68 38.16 -82.99 -36.21
C SER L 68 36.95 -83.65 -35.60
N ILE L 69 36.65 -83.28 -34.36
CA ILE L 69 35.36 -83.58 -33.76
C ILE L 69 34.70 -82.24 -33.55
N ILE L 70 33.48 -82.08 -34.05
CA ILE L 70 32.77 -80.81 -33.99
C ILE L 70 31.34 -81.09 -33.55
N ILE L 71 30.91 -80.45 -32.47
CA ILE L 71 29.56 -80.68 -31.94
C ILE L 71 28.79 -79.40 -31.76
N ASP L 72 27.84 -79.12 -32.67
CA ASP L 72 27.01 -77.94 -32.49
C ASP L 72 25.59 -78.31 -32.09
N ASP L 73 25.35 -79.60 -31.84
CA ASP L 73 23.99 -80.10 -31.58
C ASP L 73 23.47 -79.56 -30.26
N GLU L 74 22.15 -79.54 -30.11
CA GLU L 74 21.51 -79.05 -28.89
C GLU L 74 21.62 -80.04 -27.72
N LEU L 75 22.83 -80.29 -27.25
CA LEU L 75 23.00 -81.09 -26.05
C LEU L 75 22.27 -80.42 -24.90
N GLN L 76 21.93 -81.19 -23.90
CA GLN L 76 21.40 -80.60 -22.66
C GLN L 76 22.40 -79.54 -22.19
N GLU L 77 21.90 -78.40 -21.77
CA GLU L 77 22.81 -77.35 -21.36
C GLU L 77 23.57 -77.73 -20.07
N GLY L 78 24.75 -77.16 -19.90
CA GLY L 78 25.52 -77.41 -18.69
C GLY L 78 27.00 -77.44 -18.99
N LEU L 79 27.78 -77.79 -17.97
CA LEU L 79 29.23 -77.85 -18.13
C LEU L 79 29.62 -79.30 -18.26
N TYR L 80 30.26 -79.64 -19.39
CA TYR L 80 30.70 -81.00 -19.67
C TYR L 80 32.18 -81.22 -19.45
N LEU L 81 32.50 -82.37 -18.88
CA LEU L 81 33.85 -82.92 -18.93
C LEU L 81 33.83 -83.89 -20.08
N ILE L 82 34.73 -83.69 -21.02
CA ILE L 82 34.88 -84.60 -22.14
C ILE L 82 36.11 -85.48 -21.89
N ARG L 83 35.97 -86.79 -22.10
CA ARG L 83 37.11 -87.69 -22.11
C ARG L 83 37.18 -88.42 -23.46
N ILE L 84 38.35 -88.39 -24.10
CA ILE L 84 38.53 -89.09 -25.35
C ILE L 84 39.65 -90.10 -25.11
N LYS L 85 39.33 -91.39 -25.18
CA LYS L 85 40.38 -92.39 -25.07
C LYS L 85 40.99 -92.58 -26.45
N VAL L 86 42.29 -92.38 -26.55
CA VAL L 86 42.96 -92.52 -27.84
C VAL L 86 44.20 -93.40 -27.71
N TYR L 87 44.71 -93.86 -28.84
CA TYR L 87 45.94 -94.61 -28.86
C TYR L 87 46.79 -94.09 -30.01
N ASN L 88 48.01 -93.69 -29.69
CA ASN L 88 48.89 -93.13 -30.70
C ASN L 88 49.61 -94.26 -31.42
N THR L 89 49.20 -94.57 -32.65
CA THR L 89 49.83 -95.66 -33.39
C THR L 89 51.19 -95.27 -33.99
N ASN L 90 51.53 -93.97 -33.97
CA ASN L 90 52.81 -93.52 -34.51
C ASN L 90 53.99 -93.87 -33.62
N SER L 91 55.16 -94.00 -34.21
CA SER L 91 56.38 -94.20 -33.43
C SER L 91 57.00 -92.86 -32.98
N PHE L 92 56.21 -91.79 -33.03
CA PHE L 92 56.66 -90.48 -32.55
C PHE L 92 55.54 -89.83 -31.79
N SER L 93 55.87 -88.84 -30.96
CA SER L 93 54.85 -88.13 -30.19
C SER L 93 54.00 -87.29 -31.11
N VAL L 94 52.75 -87.06 -30.72
CA VAL L 94 51.88 -86.13 -31.40
C VAL L 94 51.27 -85.22 -30.35
N THR L 95 50.76 -84.08 -30.77
CA THR L 95 50.15 -83.14 -29.83
C THR L 95 48.70 -82.89 -30.19
N VAL L 96 47.92 -82.53 -29.18
CA VAL L 96 46.52 -82.21 -29.36
C VAL L 96 46.31 -80.92 -28.60
N THR L 97 45.42 -80.06 -29.10
CA THR L 97 45.09 -78.80 -28.45
C THR L 97 43.65 -78.85 -27.93
N PRO L 98 43.47 -79.07 -26.62
CA PRO L 98 42.09 -79.16 -26.13
C PRO L 98 41.32 -77.84 -26.29
N PHE L 99 40.00 -77.96 -26.45
CA PHE L 99 39.10 -76.82 -26.60
C PHE L 99 39.07 -75.92 -25.35
N PHE L 100 38.77 -76.52 -24.21
CA PHE L 100 38.70 -75.78 -22.95
C PHE L 100 37.86 -74.51 -23.10
N ASN L 101 36.89 -74.54 -24.01
CA ASN L 101 36.04 -73.39 -24.36
C ASN L 101 36.71 -72.24 -25.09
N ASN L 102 37.92 -71.88 -24.65
N ASN L 102 37.91 -71.83 -24.68
CA ASN L 102 38.62 -70.71 -25.17
CA ASN L 102 38.59 -70.78 -25.43
C ASN L 102 40.12 -70.90 -25.45
C ASN L 102 40.12 -70.90 -25.48
N ASN L 103 40.61 -72.14 -25.42
CA ASN L 103 42.03 -72.38 -25.62
C ASN L 103 42.32 -72.65 -27.09
N ASN L 104 43.44 -72.12 -27.57
CA ASN L 104 43.98 -72.59 -28.83
C ASN L 104 45.51 -72.66 -28.86
N THR L 105 46.15 -72.65 -27.69
CA THR L 105 47.61 -72.73 -27.64
C THR L 105 48.12 -73.85 -26.72
N MET L 106 47.39 -74.15 -25.65
CA MET L 106 47.87 -75.16 -24.71
C MET L 106 47.67 -76.56 -25.27
N THR L 107 48.60 -77.46 -24.99
CA THR L 107 48.59 -78.78 -25.62
C THR L 107 48.75 -79.95 -24.68
N TYR L 108 48.34 -81.12 -25.15
CA TYR L 108 48.73 -82.41 -24.59
C TYR L 108 49.80 -83.01 -25.47
N SER L 109 50.76 -83.67 -24.86
CA SER L 109 51.80 -84.39 -25.61
C SER L 109 51.55 -85.89 -25.45
N ILE L 110 51.27 -86.57 -26.55
CA ILE L 110 50.93 -87.99 -26.49
C ILE L 110 52.07 -88.87 -26.99
N GLY L 111 52.59 -89.72 -26.12
CA GLY L 111 53.76 -90.50 -26.44
C GLY L 111 53.57 -91.51 -27.54
N ALA L 112 54.67 -91.88 -28.18
CA ALA L 112 54.62 -92.91 -29.23
C ALA L 112 54.07 -94.23 -28.69
N ASN L 113 53.27 -94.90 -29.51
CA ASN L 113 52.77 -96.23 -29.20
C ASN L 113 52.11 -96.35 -27.83
N SER L 114 51.29 -95.39 -27.47
CA SER L 114 50.66 -95.45 -26.15
C SER L 114 49.21 -94.98 -26.15
N GLU L 115 48.47 -95.54 -25.21
CA GLU L 115 47.12 -95.11 -24.89
C GLU L 115 47.19 -93.78 -24.15
N PHE L 116 46.17 -92.95 -24.29
CA PHE L 116 46.17 -91.64 -23.64
C PHE L 116 44.75 -91.15 -23.47
N GLU L 117 44.49 -90.45 -22.37
CA GLU L 117 43.18 -89.87 -22.08
C GLU L 117 43.23 -88.39 -22.34
N ILE L 118 42.50 -87.94 -23.35
CA ILE L 118 42.37 -86.51 -23.63
C ILE L 118 41.21 -85.97 -22.78
N TYR L 119 41.50 -85.03 -21.88
CA TYR L 119 40.43 -84.40 -21.11
C TYR L 119 40.11 -83.08 -21.74
N ASP L 120 38.83 -82.72 -21.77
CA ASP L 120 38.47 -81.43 -22.32
C ASP L 120 37.27 -80.91 -21.55
N ILE L 121 37.01 -79.62 -21.68
CA ILE L 121 35.90 -78.98 -20.96
C ILE L 121 35.07 -78.21 -21.98
N PHE L 122 33.75 -78.32 -21.86
CA PHE L 122 32.86 -77.71 -22.84
C PHE L 122 31.62 -77.19 -22.11
N THR L 123 31.40 -75.87 -22.21
CA THR L 123 30.19 -75.28 -21.67
C THR L 123 29.12 -75.24 -22.75
N LYS L 124 28.08 -76.06 -22.61
CA LYS L 124 26.94 -75.96 -23.54
C LYS L 124 25.99 -74.85 -23.06
N GLU L 125 26.22 -73.64 -23.55
CA GLU L 125 25.31 -72.50 -23.38
C GLU L 125 25.46 -71.61 -24.59
N GLN L 126 24.43 -70.83 -24.88
CA GLN L 126 24.45 -69.87 -25.98
C GLN L 126 25.02 -70.41 -27.29
N GLY L 127 24.67 -71.64 -27.65
CA GLY L 127 25.07 -72.14 -28.96
C GLY L 127 26.57 -72.42 -29.13
N ASN L 128 27.28 -72.55 -28.03
CA ASN L 128 28.70 -72.90 -28.08
C ASN L 128 28.93 -74.19 -28.85
N ILE L 129 30.03 -74.27 -29.58
CA ILE L 129 30.29 -75.41 -30.45
C ILE L 129 31.60 -76.07 -30.04
N TYR L 130 31.54 -77.33 -29.66
CA TYR L 130 32.74 -78.07 -29.30
C TYR L 130 33.63 -78.33 -30.52
N TYR L 131 34.93 -78.18 -30.37
CA TYR L 131 35.85 -78.38 -31.50
C TYR L 131 37.20 -78.91 -31.04
N ILE L 132 37.68 -79.98 -31.67
CA ILE L 132 39.06 -80.43 -31.41
C ILE L 132 39.59 -81.13 -32.64
N GLN L 133 40.87 -80.92 -32.95
CA GLN L 133 41.51 -81.56 -34.08
C GLN L 133 42.32 -82.75 -33.58
N LEU L 134 42.39 -83.80 -34.39
CA LEU L 134 43.12 -85.01 -34.02
C LEU L 134 44.09 -85.36 -35.15
N PRO L 135 45.38 -85.49 -34.83
CA PRO L 135 46.42 -85.72 -35.84
C PRO L 135 46.43 -87.15 -36.40
N PRO L 136 47.03 -87.32 -37.58
CA PRO L 136 47.14 -88.64 -38.21
C PRO L 136 47.79 -89.65 -37.29
N GLY L 137 47.29 -90.88 -37.31
CA GLY L 137 47.88 -91.97 -36.55
C GLY L 137 47.25 -92.16 -35.19
N LEU L 138 46.36 -91.25 -34.79
CA LEU L 138 45.65 -91.41 -33.53
C LEU L 138 44.43 -92.31 -33.75
N ALA L 139 44.35 -93.38 -32.98
CA ALA L 139 43.14 -94.20 -32.95
C ALA L 139 42.20 -93.61 -31.91
N ILE L 140 40.92 -93.51 -32.25
N ILE L 140 40.91 -93.51 -32.23
CA ILE L 140 39.89 -93.00 -31.33
CA ILE L 140 39.92 -92.98 -31.30
C ILE L 140 39.09 -94.16 -30.79
C ILE L 140 39.07 -94.13 -30.78
N LEU L 141 39.24 -94.46 -29.50
CA LEU L 141 38.59 -95.63 -28.92
C LEU L 141 37.24 -95.34 -28.27
N GLU L 142 37.15 -94.24 -27.53
CA GLU L 142 35.93 -93.88 -26.79
C GLU L 142 35.78 -92.38 -26.75
N PHE L 143 34.55 -91.89 -26.74
CA PHE L 143 34.30 -90.47 -26.60
C PHE L 143 33.17 -90.28 -25.57
N SER L 144 33.45 -89.54 -24.49
CA SER L 144 32.51 -89.41 -23.38
C SER L 144 32.16 -87.96 -23.08
N LEU L 145 30.86 -87.67 -22.97
CA LEU L 145 30.38 -86.36 -22.56
C LEU L 145 29.63 -86.53 -21.25
N GLU L 146 30.13 -85.95 -20.16
CA GLU L 146 29.40 -86.06 -18.91
C GLU L 146 29.36 -84.71 -18.20
N ARG L 147 28.24 -84.40 -17.56
CA ARG L 147 28.13 -83.15 -16.87
C ARG L 147 28.82 -83.31 -15.52
N VAL L 148 29.65 -82.35 -15.14
CA VAL L 148 30.31 -82.40 -13.83
C VAL L 148 29.51 -81.63 -12.79
N PHE L 149 29.72 -81.89 -11.51
CA PHE L 149 28.98 -81.17 -10.50
C PHE L 149 27.57 -81.74 -10.48
N GLU L 150 27.40 -82.88 -11.13
CA GLU L 150 26.24 -83.73 -10.92
C GLU L 150 26.72 -84.83 -10.00
N LYS L 151 25.92 -85.19 -9.02
CA LYS L 151 26.22 -86.38 -8.24
C LYS L 151 27.57 -86.24 -7.54
N GLY L 152 27.96 -85.00 -7.29
CA GLY L 152 29.13 -84.71 -6.50
C GLY L 152 30.44 -84.91 -7.24
N ASN L 153 30.40 -84.95 -8.57
CA ASN L 153 31.64 -85.05 -9.32
C ASN L 153 32.36 -83.72 -9.44
N ARG L 154 33.65 -83.79 -9.75
CA ARG L 154 34.46 -82.60 -9.89
C ARG L 154 35.21 -82.73 -11.19
N ILE L 155 35.79 -81.62 -11.64
CA ILE L 155 36.76 -81.65 -12.71
C ILE L 155 38.07 -82.06 -12.06
N ASN L 156 38.71 -83.11 -12.60
CA ASN L 156 39.99 -83.59 -12.06
C ASN L 156 40.89 -84.03 -13.20
N ILE L 157 41.61 -83.07 -13.77
CA ILE L 157 42.49 -83.33 -14.91
C ILE L 157 43.90 -83.44 -14.36
N PRO L 158 44.60 -84.54 -14.70
CA PRO L 158 45.97 -84.75 -14.19
C PRO L 158 46.96 -83.73 -14.73
N LYS L 159 48.19 -83.73 -14.20
CA LYS L 159 49.18 -82.74 -14.59
C LYS L 159 49.75 -83.05 -15.98
N ILE L 160 49.04 -82.63 -17.02
CA ILE L 160 49.39 -83.01 -18.40
C ILE L 160 49.18 -81.84 -19.38
N ILE L 161 48.70 -80.71 -18.87
CA ILE L 161 48.44 -79.56 -19.74
C ILE L 161 49.71 -78.73 -19.90
N HIS L 162 50.17 -78.57 -21.14
CA HIS L 162 51.40 -77.83 -21.41
C HIS L 162 51.12 -76.39 -21.83
N THR L 163 51.86 -75.45 -21.25
CA THR L 163 51.77 -74.07 -21.68
C THR L 163 53.17 -73.51 -21.76
N SER L 164 53.36 -72.55 -22.65
CA SER L 164 54.62 -71.84 -22.69
C SER L 164 54.40 -70.35 -22.49
N GLY L 165 53.27 -69.97 -21.90
CA GLY L 165 53.08 -68.57 -21.54
C GLY L 165 51.75 -67.96 -21.94
N ASN L 166 50.97 -68.70 -22.72
CA ASN L 166 49.61 -68.27 -22.96
C ASN L 166 48.65 -69.44 -23.00
N GLY L 167 47.36 -69.15 -23.08
CA GLY L 167 46.35 -70.18 -22.99
C GLY L 167 45.20 -69.74 -22.11
N TYR L 168 44.02 -70.33 -22.34
CA TYR L 168 42.83 -69.98 -21.57
C TYR L 168 42.07 -71.26 -21.27
N ILE L 169 41.38 -71.28 -20.14
CA ILE L 169 40.36 -72.30 -19.87
C ILE L 169 39.19 -71.54 -19.28
N SER L 170 37.97 -71.80 -19.76
CA SER L 170 36.78 -71.15 -19.20
C SER L 170 35.79 -72.21 -18.78
N PHE L 171 34.97 -71.94 -17.78
CA PHE L 171 33.90 -72.86 -17.46
C PHE L 171 32.82 -72.13 -16.68
N ARG L 172 31.59 -72.64 -16.75
CA ARG L 172 30.47 -72.05 -16.01
C ARG L 172 30.30 -72.77 -14.69
N LEU L 173 30.14 -72.02 -13.60
CA LEU L 173 29.89 -72.62 -12.29
C LEU L 173 28.58 -72.09 -11.75
N ARG L 174 27.70 -72.98 -11.31
CA ARG L 174 26.45 -72.52 -10.75
C ARG L 174 26.76 -72.09 -9.33
N LYS L 175 25.77 -71.53 -8.66
CA LYS L 175 25.98 -71.03 -7.31
C LYS L 175 26.66 -72.06 -6.40
N GLY L 176 27.56 -71.56 -5.54
CA GLY L 176 28.28 -72.40 -4.61
C GLY L 176 29.64 -71.80 -4.33
N THR L 177 30.40 -72.38 -3.41
CA THR L 177 31.81 -72.04 -3.28
C THR L 177 32.67 -73.19 -3.82
N TYR L 178 33.73 -72.84 -4.55
CA TYR L 178 34.56 -73.84 -5.21
C TYR L 178 36.02 -73.67 -4.91
N ALA L 179 36.74 -74.79 -4.82
CA ALA L 179 38.20 -74.77 -4.81
C ALA L 179 38.67 -74.99 -6.23
N ILE L 180 39.69 -74.24 -6.64
CA ILE L 180 40.37 -74.49 -7.90
C ILE L 180 41.82 -74.80 -7.61
N LYS L 181 42.23 -76.03 -7.94
CA LYS L 181 43.55 -76.50 -7.55
C LYS L 181 44.32 -76.83 -8.81
N MET L 182 45.52 -76.28 -8.93
N MET L 182 45.54 -76.32 -8.91
CA MET L 182 46.35 -76.54 -10.10
CA MET L 182 46.34 -76.55 -10.09
C MET L 182 47.78 -76.96 -9.73
C MET L 182 47.77 -76.97 -9.74
N PRO L 183 48.00 -78.28 -9.66
CA PRO L 183 49.35 -78.82 -9.46
C PRO L 183 50.14 -78.43 -10.70
N TYR L 184 51.39 -78.05 -10.54
CA TYR L 184 52.20 -77.62 -11.66
C TYR L 184 53.66 -78.03 -11.52
N SER L 185 54.31 -78.16 -12.66
CA SER L 185 55.77 -78.26 -12.70
C SER L 185 56.24 -77.28 -13.74
N TYR L 186 57.40 -76.67 -13.52
CA TYR L 186 57.96 -75.78 -14.51
C TYR L 186 59.42 -76.11 -14.75
N ASN L 187 59.91 -75.68 -15.90
CA ASN L 187 61.33 -75.69 -16.17
C ASN L 187 61.75 -74.31 -16.66
N ASN L 188 62.54 -73.59 -15.86
CA ASN L 188 63.08 -72.30 -16.26
C ASN L 188 64.36 -72.53 -17.08
N THR L 189 64.26 -72.31 -18.40
CA THR L 189 65.39 -72.43 -19.33
C THR L 189 66.16 -71.11 -19.46
N THR L 190 65.54 -70.01 -19.02
CA THR L 190 66.20 -68.73 -18.93
C THR L 190 67.32 -68.77 -17.89
N SER L 191 68.16 -67.74 -17.91
CA SER L 191 69.03 -67.49 -16.76
C SER L 191 68.29 -66.54 -15.82
N THR L 192 67.43 -65.69 -16.39
CA THR L 192 66.66 -64.74 -15.59
C THR L 192 66.06 -65.41 -14.36
N THR L 193 66.23 -64.75 -13.22
CA THR L 193 65.50 -65.10 -12.00
C THR L 193 64.22 -64.28 -11.95
N PHE L 194 63.15 -64.90 -11.45
CA PHE L 194 61.86 -64.24 -11.35
C PHE L 194 61.44 -64.23 -9.88
N THR L 195 60.92 -63.10 -9.42
CA THR L 195 60.33 -62.98 -8.08
C THR L 195 58.88 -62.52 -8.23
N ASN L 196 58.00 -63.09 -7.41
CA ASN L 196 56.56 -62.85 -7.56
C ASN L 196 56.14 -63.03 -9.02
N PHE L 197 56.51 -64.18 -9.57
CA PHE L 197 56.20 -64.58 -10.91
C PHE L 197 54.69 -64.85 -11.06
N GLN L 198 54.02 -64.04 -11.87
CA GLN L 198 52.60 -64.31 -12.08
C GLN L 198 52.42 -65.31 -13.22
N PHE L 199 51.95 -66.49 -12.87
CA PHE L 199 51.71 -67.55 -13.83
C PHE L 199 50.45 -67.22 -14.63
N GLY L 200 49.42 -66.77 -13.95
CA GLY L 200 48.16 -66.50 -14.61
C GLY L 200 47.16 -65.86 -13.66
N THR L 201 45.89 -65.85 -14.07
CA THR L 201 44.81 -65.28 -13.26
C THR L 201 43.57 -66.12 -13.39
N ILE L 202 42.75 -66.10 -12.34
CA ILE L 202 41.43 -66.67 -12.41
C ILE L 202 40.49 -65.52 -12.16
N SER L 203 39.49 -65.36 -13.03
CA SER L 203 38.55 -64.26 -12.87
C SER L 203 37.12 -64.62 -13.22
N THR L 204 36.19 -63.87 -12.63
CA THR L 204 34.84 -63.74 -13.15
C THR L 204 34.79 -62.31 -13.67
N SER L 205 33.63 -61.84 -14.12
CA SER L 205 33.55 -60.48 -14.67
C SER L 205 34.18 -59.43 -13.76
N ALA L 207 36.04 -59.58 -10.61
CA ALA L 207 36.86 -60.27 -9.63
C ALA L 207 38.01 -61.06 -10.26
N THR L 208 39.23 -60.82 -9.78
CA THR L 208 40.44 -61.44 -10.33
C THR L 208 41.38 -61.95 -9.23
N ILE L 209 41.84 -63.18 -9.39
CA ILE L 209 42.81 -63.78 -8.48
C ILE L 209 44.11 -64.13 -9.21
N PRO L 210 45.21 -63.44 -8.88
CA PRO L 210 46.51 -63.75 -9.47
C PRO L 210 47.09 -65.06 -8.93
N LEU L 211 47.70 -65.85 -9.81
CA LEU L 211 48.36 -67.08 -9.40
C LEU L 211 49.84 -66.80 -9.42
N VAL L 212 50.43 -66.66 -8.23
CA VAL L 212 51.78 -66.13 -8.10
C VAL L 212 52.73 -67.10 -7.40
N ILE L 213 53.94 -67.20 -7.93
CA ILE L 213 55.00 -68.00 -7.33
C ILE L 213 56.06 -67.07 -6.76
N SER L 214 56.38 -67.23 -5.46
CA SER L 214 57.33 -66.37 -4.77
C SER L 214 58.60 -66.18 -5.56
N SER L 215 59.24 -67.29 -5.91
CA SER L 215 60.46 -67.18 -6.70
C SER L 215 60.69 -68.39 -7.57
N ILE L 216 61.19 -68.11 -8.77
CA ILE L 216 61.60 -69.15 -9.70
C ILE L 216 63.08 -68.93 -9.98
N PRO L 217 63.92 -69.81 -9.40
CA PRO L 217 65.39 -69.67 -9.51
C PRO L 217 65.83 -69.78 -10.97
N ALA L 218 66.90 -69.09 -11.32
CA ALA L 218 67.46 -69.19 -12.66
C ALA L 218 67.79 -70.64 -13.03
N ASN L 219 67.51 -71.02 -14.28
CA ASN L 219 67.81 -72.36 -14.75
C ASN L 219 67.21 -73.47 -13.89
N GLY L 220 66.29 -73.10 -13.01
CA GLY L 220 65.70 -74.06 -12.10
C GLY L 220 64.50 -74.78 -12.68
N SER L 221 64.17 -75.92 -12.09
CA SER L 221 62.90 -76.58 -12.33
C SER L 221 62.28 -76.79 -10.97
N GLY L 222 60.96 -76.80 -10.91
CA GLY L 222 60.29 -76.95 -9.64
C GLY L 222 58.85 -77.37 -9.85
N SER L 223 58.18 -77.64 -8.74
CA SER L 223 56.78 -78.00 -8.80
C SER L 223 56.09 -77.45 -7.57
N GLY L 224 54.78 -77.31 -7.66
CA GLY L 224 53.98 -76.79 -6.56
C GLY L 224 52.52 -76.94 -6.93
N THR L 225 51.67 -76.25 -6.18
CA THR L 225 50.25 -76.29 -6.42
C THR L 225 49.64 -74.93 -6.13
N PHE L 226 48.89 -74.40 -7.10
CA PHE L 226 48.01 -73.26 -6.83
C PHE L 226 46.71 -73.77 -6.27
N LEU L 227 46.20 -73.10 -5.24
CA LEU L 227 44.92 -73.46 -4.65
C LEU L 227 44.21 -72.18 -4.27
N VAL L 228 43.14 -71.86 -4.98
CA VAL L 228 42.36 -70.66 -4.67
C VAL L 228 40.88 -71.02 -4.60
N TYR L 229 40.07 -70.11 -4.09
CA TYR L 229 38.66 -70.40 -3.91
C TYR L 229 37.82 -69.26 -4.49
N LEU L 230 36.68 -69.61 -5.07
CA LEU L 230 35.75 -68.63 -5.61
C LEU L 230 34.42 -68.84 -4.93
N LYS L 231 33.84 -67.74 -4.43
CA LYS L 231 32.44 -67.81 -4.01
C LYS L 231 31.56 -67.34 -5.16
N ILE L 232 30.84 -68.29 -5.76
CA ILE L 232 29.94 -67.95 -6.86
C ILE L 232 28.56 -67.72 -6.26
N THR L 233 28.20 -66.45 -6.13
CA THR L 233 26.87 -66.08 -5.64
C THR L 233 25.83 -66.65 -6.59
N GLY L 234 26.12 -66.57 -7.88
CA GLY L 234 25.25 -67.10 -8.90
C GLY L 234 24.92 -66.10 -9.97
N ASP L 235 25.14 -64.82 -9.70
CA ASP L 235 24.86 -63.84 -10.74
C ASP L 235 26.00 -63.66 -11.75
N TYR L 236 27.16 -64.19 -11.42
CA TYR L 236 28.27 -64.22 -12.38
C TYR L 236 28.84 -65.61 -12.36
N GLU L 237 28.58 -66.38 -13.41
CA GLU L 237 28.90 -67.81 -13.35
C GLU L 237 30.05 -68.22 -14.25
N ASP L 238 30.42 -67.36 -15.19
CA ASP L 238 31.45 -67.76 -16.15
C ASP L 238 32.82 -67.44 -15.62
N VAL L 239 33.61 -68.47 -15.39
CA VAL L 239 34.93 -68.31 -14.80
C VAL L 239 35.98 -68.41 -15.90
N LYS L 240 37.00 -67.56 -15.85
CA LYS L 240 38.04 -67.60 -16.89
C LYS L 240 39.42 -67.73 -16.28
N PHE L 241 40.15 -68.78 -16.68
CA PHE L 241 41.55 -68.91 -16.32
C PHE L 241 42.41 -68.48 -17.50
N SER L 242 43.41 -67.62 -17.25
CA SER L 242 44.32 -67.17 -18.30
C SER L 242 45.76 -67.36 -17.87
N VAL L 243 46.58 -67.92 -18.76
CA VAL L 243 48.03 -67.94 -18.56
C VAL L 243 48.57 -66.61 -19.04
N THR L 244 49.32 -65.89 -18.21
CA THR L 244 49.66 -64.51 -18.53
C THR L 244 51.14 -64.20 -18.63
N TYR L 245 52.00 -65.15 -18.30
CA TYR L 245 53.43 -64.84 -18.23
C TYR L 245 54.14 -64.56 -19.56
N GLY L 246 53.52 -64.94 -20.67
CA GLY L 246 54.02 -64.53 -21.96
C GLY L 246 54.70 -65.61 -22.80
N GLY L 247 54.18 -65.83 -23.99
CA GLY L 247 54.59 -66.93 -24.85
C GLY L 247 56.07 -67.20 -25.07
N GLY L 248 56.89 -66.14 -25.09
CA GLY L 248 58.29 -66.32 -25.43
C GLY L 248 59.24 -66.32 -24.25
N LEU L 249 58.71 -66.41 -23.05
CA LEU L 249 59.53 -66.24 -21.86
C LEU L 249 60.62 -67.32 -21.67
N GLY L 250 60.31 -68.56 -22.04
CA GLY L 250 61.27 -69.64 -21.87
C GLY L 250 61.12 -70.39 -20.56
N VAL L 251 59.91 -70.34 -19.99
CA VAL L 251 59.58 -71.10 -18.79
C VAL L 251 58.34 -71.94 -19.04
N PRO L 252 58.51 -73.09 -19.74
CA PRO L 252 57.37 -73.98 -19.94
C PRO L 252 56.83 -74.56 -18.64
N PHE L 253 55.52 -74.62 -18.50
CA PHE L 253 54.84 -75.24 -17.35
C PHE L 253 54.04 -76.44 -17.85
N THR L 254 53.89 -77.43 -16.99
CA THR L 254 52.89 -78.48 -17.19
C THR L 254 52.03 -78.43 -15.95
N PHE L 255 50.71 -78.42 -16.10
CA PHE L 255 49.84 -78.33 -14.95
C PHE L 255 48.56 -79.15 -15.09
N GLY L 256 47.93 -79.36 -13.96
CA GLY L 256 46.66 -80.08 -13.89
C GLY L 256 45.56 -79.12 -13.48
N LEU L 257 44.33 -79.60 -13.44
CA LEU L 257 43.22 -78.73 -13.08
C LEU L 257 42.18 -79.50 -12.31
N GLU L 258 41.93 -79.05 -11.08
CA GLU L 258 40.92 -79.67 -10.28
C GLU L 258 39.95 -78.55 -9.86
N VAL L 259 38.66 -78.73 -10.15
CA VAL L 259 37.65 -77.76 -9.74
C VAL L 259 36.56 -78.52 -8.98
N GLU L 260 36.30 -78.12 -7.74
CA GLU L 260 35.41 -78.92 -6.89
C GLU L 260 34.66 -78.05 -5.92
N GLU L 261 33.42 -78.42 -5.64
N GLU L 261 33.41 -78.42 -5.65
CA GLU L 261 32.61 -77.66 -4.70
CA GLU L 261 32.60 -77.71 -4.67
C GLU L 261 33.05 -77.95 -3.27
C GLU L 261 33.14 -77.94 -3.28
N ILE L 262 33.07 -76.92 -2.42
CA ILE L 262 33.43 -77.10 -1.03
C ILE L 262 32.33 -76.57 -0.14
N ASN L 263 32.35 -76.98 1.12
CA ASN L 263 31.53 -76.37 2.15
C ASN L 263 32.29 -75.22 2.77
N GLU L 264 31.64 -74.44 3.62
CA GLU L 264 32.30 -73.24 4.13
C GLU L 264 33.64 -73.59 4.77
N LEU L 265 34.66 -72.80 4.46
CA LEU L 265 36.00 -73.02 5.01
C LEU L 265 36.48 -71.79 5.74
N VAL L 266 36.47 -71.85 7.06
CA VAL L 266 37.04 -70.78 7.88
C VAL L 266 38.54 -71.01 7.94
N GLU L 267 39.29 -70.16 7.24
CA GLU L 267 40.73 -70.35 7.11
C GLU L 267 41.42 -70.01 8.41
N ASN L 268 40.94 -68.96 9.06
CA ASN L 268 41.41 -68.62 10.39
C ASN L 268 40.53 -67.56 11.01
N THR L 269 40.64 -67.42 12.32
CA THR L 269 39.87 -66.41 13.05
C THR L 269 40.89 -65.69 13.90
N ASN L 270 40.83 -64.35 13.90
CA ASN L 270 41.89 -63.56 14.50
C ASN L 270 41.39 -62.41 15.33
N PHE L 271 42.08 -62.18 16.45
CA PHE L 271 41.93 -60.98 17.24
C PHE L 271 43.12 -60.12 16.82
N VAL L 272 42.85 -58.92 16.33
CA VAL L 272 43.94 -58.07 15.86
C VAL L 272 43.79 -56.68 16.44
N THR L 273 44.91 -55.99 16.56
CA THR L 273 44.94 -54.68 17.18
C THR L 273 45.69 -53.71 16.26
N GLN L 274 45.26 -52.46 16.25
CA GLN L 274 45.87 -51.46 15.38
C GLN L 274 45.78 -50.10 16.05
N SER L 275 46.92 -49.43 16.20
CA SER L 275 46.93 -48.09 16.76
C SER L 275 46.95 -47.03 15.67
N VAL L 276 46.33 -45.90 15.95
CA VAL L 276 46.32 -44.76 15.04
C VAL L 276 46.57 -43.51 15.87
N THR L 277 47.53 -42.71 15.42
CA THR L 277 47.85 -41.47 16.11
C THR L 277 47.27 -40.29 15.35
N LEU L 278 46.46 -39.49 16.05
CA LEU L 278 45.75 -38.38 15.44
C LEU L 278 46.35 -37.06 15.88
N SER L 279 46.62 -36.18 14.91
CA SER L 279 47.21 -34.88 15.23
C SER L 279 46.63 -33.77 14.38
N GLY L 280 45.31 -33.71 14.29
CA GLY L 280 44.62 -32.60 13.65
C GLY L 280 44.07 -32.89 12.27
N SER L 281 44.53 -33.97 11.66
CA SER L 281 44.14 -34.28 10.29
C SER L 281 43.44 -35.62 10.22
N GLN L 282 42.53 -35.75 9.27
CA GLN L 282 41.83 -37.00 9.08
C GLN L 282 42.82 -38.06 8.61
N VAL L 283 42.71 -39.26 9.19
CA VAL L 283 43.55 -40.36 8.78
C VAL L 283 42.67 -41.52 8.31
N THR L 284 43.02 -42.10 7.17
CA THR L 284 42.35 -43.30 6.71
C THR L 284 43.33 -44.45 6.80
N GLN L 285 43.11 -45.34 7.74
CA GLN L 285 44.05 -46.44 8.00
C GLN L 285 43.51 -47.78 7.53
N SER L 286 44.19 -48.40 6.57
CA SER L 286 43.82 -49.74 6.15
C SER L 286 44.06 -50.73 7.30
N ILE L 287 43.09 -51.58 7.56
CA ILE L 287 43.24 -52.60 8.60
C ILE L 287 43.51 -53.94 7.93
N LEU L 288 42.74 -54.22 6.88
N LEU L 288 42.74 -54.23 6.89
CA LEU L 288 42.77 -55.50 6.21
CA LEU L 288 42.88 -55.50 6.20
C LEU L 288 42.26 -55.34 4.79
C LEU L 288 42.26 -55.40 4.82
N ASN L 289 42.95 -55.98 3.83
CA ASN L 289 42.46 -56.00 2.47
C ASN L 289 42.85 -57.33 1.86
N VAL L 290 41.87 -58.20 1.63
CA VAL L 290 42.15 -59.51 1.08
C VAL L 290 41.59 -59.68 -0.32
N GLN L 291 41.31 -58.56 -0.99
CA GLN L 291 40.82 -58.62 -2.37
C GLN L 291 41.84 -59.31 -3.27
N GLY L 292 41.38 -60.24 -4.10
CA GLY L 292 42.24 -60.94 -5.03
C GLY L 292 43.00 -62.12 -4.42
N SER L 293 42.69 -62.45 -3.18
CA SER L 293 43.39 -63.50 -2.44
C SER L 293 42.71 -64.86 -2.50
N GLY L 294 41.47 -64.90 -2.99
CA GLY L 294 40.69 -66.14 -2.97
C GLY L 294 40.00 -66.31 -1.62
N SER L 295 39.81 -65.21 -0.90
CA SER L 295 39.14 -65.28 0.39
C SER L 295 38.37 -63.98 0.67
N HIS L 296 37.57 -64.00 1.73
CA HIS L 296 36.86 -62.81 2.18
C HIS L 296 36.78 -62.79 3.70
N LEU L 297 36.09 -61.80 4.25
CA LEU L 297 36.11 -61.58 5.68
C LEU L 297 34.72 -61.59 6.29
N ARG L 298 34.68 -61.77 7.61
CA ARG L 298 33.47 -61.62 8.38
C ARG L 298 33.89 -61.01 9.70
N LEU L 299 33.30 -59.85 10.04
CA LEU L 299 33.66 -59.13 11.27
C LEU L 299 32.67 -59.49 12.37
N LYS L 300 33.20 -59.81 13.55
CA LYS L 300 32.38 -60.30 14.65
C LYS L 300 32.29 -59.31 15.79
N TYR L 301 33.36 -58.54 16.00
CA TYR L 301 33.43 -57.65 17.16
C TYR L 301 34.50 -56.59 16.94
N ALA L 302 34.23 -55.37 17.39
CA ALA L 302 35.22 -54.29 17.31
C ALA L 302 35.08 -53.36 18.49
N SER L 303 36.21 -52.79 18.90
CA SER L 303 36.24 -51.90 20.05
C SER L 303 37.38 -50.92 19.86
N VAL L 304 37.19 -49.70 20.36
CA VAL L 304 38.25 -48.70 20.31
C VAL L 304 38.52 -48.16 21.70
N SER L 305 39.78 -48.17 22.10
CA SER L 305 40.15 -47.59 23.39
C SER L 305 40.93 -46.31 23.13
N GLY L 306 40.88 -45.40 24.10
CA GLY L 306 41.62 -44.15 24.01
C GLY L 306 40.79 -43.00 23.48
N LEU L 307 39.50 -43.23 23.25
CA LEU L 307 38.59 -42.17 22.82
C LEU L 307 38.47 -41.07 23.87
N THR L 308 38.60 -39.81 23.43
CA THR L 308 38.36 -38.65 24.27
C THR L 308 37.58 -37.63 23.46
N THR L 309 37.18 -36.55 24.09
CA THR L 309 36.48 -35.47 23.40
C THR L 309 37.37 -34.83 22.34
N ALA L 310 38.66 -35.16 22.37
CA ALA L 310 39.60 -34.67 21.36
C ALA L 310 39.49 -35.44 20.04
N VAL L 311 38.74 -36.55 20.05
CA VAL L 311 38.50 -37.34 18.85
C VAL L 311 37.14 -36.99 18.27
N THR L 312 37.13 -36.51 17.03
CA THR L 312 35.92 -36.01 16.39
C THR L 312 35.33 -37.01 15.39
N GLN L 313 36.16 -37.93 14.92
CA GLN L 313 35.70 -38.96 14.00
C GLN L 313 36.41 -40.27 14.27
N CYS L 314 35.64 -41.35 14.28
CA CYS L 314 36.20 -42.67 14.42
C CYS L 314 35.19 -43.65 13.88
N GLN L 315 35.32 -43.96 12.59
CA GLN L 315 34.40 -44.85 11.90
C GLN L 315 35.14 -46.03 11.31
N LEU L 316 34.63 -47.23 11.59
CA LEU L 316 35.08 -48.44 10.93
C LEU L 316 34.28 -48.59 9.64
N GLN L 317 34.96 -48.81 8.53
CA GLN L 317 34.31 -48.94 7.24
C GLN L 317 34.75 -50.22 6.55
N ALA L 318 33.88 -50.75 5.69
CA ALA L 318 34.14 -52.01 5.03
C ALA L 318 33.51 -51.99 3.66
N THR L 319 33.98 -52.87 2.77
CA THR L 319 33.29 -53.06 1.52
C THR L 319 33.70 -54.36 0.87
N ASN L 320 32.92 -54.77 -0.11
CA ASN L 320 33.35 -55.75 -1.09
C ASN L 320 33.92 -55.00 -2.28
N LEU L 321 35.25 -54.92 -2.37
CA LEU L 321 35.91 -54.10 -3.39
C LEU L 321 35.63 -54.56 -4.81
N ASN L 322 35.23 -55.83 -4.93
CA ASN L 322 34.86 -56.36 -6.25
C ASN L 322 33.47 -55.86 -6.67
N ARG L 323 32.72 -55.34 -5.72
CA ARG L 323 31.42 -54.78 -6.01
C ARG L 323 31.46 -53.25 -6.04
N SER L 324 32.21 -52.66 -5.11
CA SER L 324 32.24 -51.22 -4.95
C SER L 324 33.55 -50.73 -4.30
N THR L 325 34.11 -49.66 -4.84
CA THR L 325 35.32 -49.05 -4.28
C THR L 325 34.97 -48.04 -3.19
N THR L 326 33.68 -47.78 -3.01
CA THR L 326 33.25 -46.89 -1.94
C THR L 326 32.97 -47.67 -0.67
N TYR L 327 33.69 -47.33 0.40
CA TYR L 327 33.54 -48.00 1.66
C TYR L 327 32.29 -47.51 2.36
N SER L 328 31.59 -48.40 3.06
CA SER L 328 30.49 -47.95 3.89
C SER L 328 30.84 -48.09 5.37
N THR L 329 30.33 -47.16 6.17
CA THR L 329 30.55 -47.19 7.61
C THR L 329 29.76 -48.35 8.21
N VAL L 330 30.44 -49.22 8.96
CA VAL L 330 29.76 -50.36 9.56
C VAL L 330 29.64 -50.17 11.07
N TRP L 331 30.45 -49.27 11.61
CA TRP L 331 30.27 -48.84 13.00
C TRP L 331 30.90 -47.49 13.24
N ASP L 332 30.19 -46.64 13.99
CA ASP L 332 30.70 -45.33 14.33
C ASP L 332 30.92 -45.31 15.83
N PHE L 333 32.18 -45.27 16.24
CA PHE L 333 32.52 -45.41 17.66
C PHE L 333 32.17 -44.17 18.45
N ILE L 334 32.01 -43.03 17.77
CA ILE L 334 31.59 -41.81 18.45
C ILE L 334 30.08 -41.83 18.66
N ALA L 335 29.34 -42.01 17.57
CA ALA L 335 27.89 -42.01 17.61
C ALA L 335 27.32 -43.27 18.29
N GLY L 336 27.99 -44.40 18.12
CA GLY L 336 27.45 -45.67 18.57
C GLY L 336 27.99 -46.20 19.89
N GLY L 337 29.17 -45.70 20.30
CA GLY L 337 29.82 -46.20 21.49
C GLY L 337 31.09 -46.97 21.19
N SER L 338 31.91 -47.16 22.21
CA SER L 338 33.27 -47.63 22.03
C SER L 338 33.39 -49.10 21.60
N SER L 339 32.30 -49.86 21.67
CA SER L 339 32.34 -51.24 21.22
C SER L 339 31.06 -51.68 20.53
N THR L 340 31.19 -52.67 19.63
CA THR L 340 30.06 -53.14 18.86
C THR L 340 29.13 -54.01 19.70
N PRO L 341 27.82 -53.94 19.41
CA PRO L 341 26.81 -54.74 20.14
C PRO L 341 26.80 -56.21 19.71
N PRO L 342 26.18 -57.05 20.53
CA PRO L 342 26.18 -58.50 20.30
C PRO L 342 25.69 -58.92 18.92
N SER L 343 24.70 -58.22 18.37
CA SER L 343 24.12 -58.58 17.08
C SER L 343 24.95 -58.10 15.86
N TRP L 344 26.01 -57.35 16.12
CA TRP L 344 26.84 -56.80 15.05
C TRP L 344 27.68 -57.89 14.39
N ASP L 345 27.54 -58.00 13.08
CA ASP L 345 28.10 -59.09 12.32
C ASP L 345 28.16 -58.59 10.88
N ILE L 346 29.37 -58.40 10.36
CA ILE L 346 29.53 -57.86 9.02
C ILE L 346 30.01 -58.94 8.08
N ARG L 347 29.16 -59.32 7.13
CA ARG L 347 29.50 -60.40 6.19
C ARG L 347 29.77 -59.88 4.79
N GLU L 348 30.35 -60.75 3.97
CA GLU L 348 30.58 -60.48 2.55
C GLU L 348 31.32 -59.17 2.29
N ILE L 349 32.43 -58.99 2.97
CA ILE L 349 33.35 -57.88 2.71
C ILE L 349 34.75 -58.44 2.51
N ASN L 350 35.65 -57.66 1.94
CA ASN L 350 37.02 -58.13 1.78
C ASN L 350 38.04 -57.04 2.05
N SER L 351 37.57 -55.88 2.50
CA SER L 351 38.48 -54.81 2.87
C SER L 351 37.88 -53.97 3.99
N ILE L 352 38.72 -53.64 4.98
CA ILE L 352 38.32 -52.91 6.18
C ILE L 352 39.28 -51.74 6.39
N GLN L 353 38.74 -50.55 6.69
CA GLN L 353 39.58 -49.42 7.05
C GLN L 353 38.99 -48.65 8.23
N LEU L 354 39.85 -47.93 8.93
CA LEU L 354 39.40 -47.05 10.00
C LEU L 354 39.63 -45.61 9.56
N VAL L 355 38.57 -44.81 9.60
CA VAL L 355 38.69 -43.39 9.27
C VAL L 355 38.53 -42.60 10.56
N ALA L 356 39.52 -41.79 10.89
CA ALA L 356 39.50 -41.11 12.17
C ALA L 356 40.06 -39.71 12.03
N ASN L 357 39.67 -38.85 12.98
CA ASN L 357 40.17 -37.48 13.00
C ASN L 357 40.10 -36.96 14.42
N GLY L 358 40.97 -36.01 14.73
CA GLY L 358 41.03 -35.45 16.07
C GLY L 358 42.46 -35.07 16.44
N GLY L 359 42.64 -34.70 17.69
CA GLY L 359 43.94 -34.27 18.17
C GLY L 359 44.33 -32.96 17.54
N SER L 360 45.55 -32.51 17.83
CA SER L 360 46.05 -31.26 17.27
C SER L 360 47.53 -31.40 16.94
N SER L 361 48.05 -30.44 16.18
CA SER L 361 49.45 -30.44 15.78
C SER L 361 50.39 -30.35 16.98
N THR L 362 49.83 -29.97 18.13
CA THR L 362 50.63 -29.81 19.35
C THR L 362 50.30 -30.86 20.39
N SER L 363 49.15 -31.51 20.24
CA SER L 363 48.69 -32.49 21.20
C SER L 363 47.98 -33.64 20.49
N SER L 364 48.74 -34.69 20.20
CA SER L 364 48.21 -35.82 19.46
C SER L 364 47.48 -36.80 20.38
N VAL L 365 46.53 -37.52 19.80
CA VAL L 365 45.78 -38.55 20.53
C VAL L 365 45.98 -39.89 19.85
N THR L 366 46.28 -40.91 20.64
CA THR L 366 46.43 -42.25 20.09
C THR L 366 45.28 -43.15 20.50
N ILE L 367 44.58 -43.71 19.51
CA ILE L 367 43.50 -44.63 19.78
C ILE L 367 43.91 -46.01 19.30
N THR L 368 43.29 -47.04 19.87
CA THR L 368 43.64 -48.41 19.51
C THR L 368 42.40 -49.20 19.17
N LEU L 369 42.36 -49.73 17.95
CA LEU L 369 41.26 -50.53 17.47
C LEU L 369 41.57 -51.98 17.76
N ILE L 370 40.59 -52.71 18.30
CA ILE L 370 40.71 -54.15 18.31
C ILE L 370 39.58 -54.73 17.48
N LEU L 371 39.86 -55.83 16.82
CA LEU L 371 38.91 -56.39 15.89
C LEU L 371 39.02 -57.91 15.97
N VAL L 372 37.88 -58.58 16.01
CA VAL L 372 37.83 -60.03 15.82
C VAL L 372 37.14 -60.32 14.50
N TYR L 373 37.79 -61.10 13.64
CA TYR L 373 37.24 -61.38 12.33
C TYR L 373 37.61 -62.78 11.91
N GLU L 374 36.83 -63.32 10.98
CA GLU L 374 37.18 -64.57 10.35
C GLU L 374 37.62 -64.28 8.93
N GLN L 375 38.58 -65.05 8.43
CA GLN L 375 38.92 -65.07 7.02
C GLN L 375 38.35 -66.35 6.46
N ILE L 376 37.53 -66.19 5.42
CA ILE L 376 36.76 -67.30 4.90
C ILE L 376 37.11 -67.55 3.43
N ALA L 377 37.24 -68.81 3.05
CA ALA L 377 37.63 -69.15 1.68
C ALA L 377 36.56 -68.68 0.71
N GLY L 378 37.01 -68.08 -0.40
CA GLY L 378 36.13 -67.75 -1.50
C GLY L 378 36.25 -66.28 -1.86
N GLU L 379 36.83 -66.00 -3.03
CA GLU L 379 36.85 -64.65 -3.58
C GLU L 379 35.41 -64.20 -3.85
N LEU L 380 35.07 -62.99 -3.43
CA LEU L 380 33.75 -62.42 -3.64
C LEU L 380 33.58 -61.96 -5.09
N SER L 381 32.40 -62.18 -5.66
CA SER L 381 32.21 -61.75 -7.05
C SER L 381 31.72 -60.31 -7.19
N HIS L 382 31.84 -59.80 -8.41
CA HIS L 382 31.33 -58.48 -8.76
C HIS L 382 29.82 -58.46 -8.60
N HIS L 383 29.24 -57.25 -8.47
CA HIS L 383 27.79 -57.08 -8.52
C HIS L 383 27.42 -55.69 -9.05
N LEU M 6 52.75 -114.65 -18.09
CA LEU M 6 51.64 -114.46 -17.15
C LEU M 6 50.53 -113.59 -17.75
N GLY M 7 50.91 -112.62 -18.57
CA GLY M 7 49.94 -111.76 -19.23
C GLY M 7 49.27 -112.44 -20.41
N GLN M 8 48.01 -112.11 -20.67
CA GLN M 8 47.28 -112.67 -21.79
C GLN M 8 46.67 -111.55 -22.61
N SER M 9 46.35 -111.84 -23.87
CA SER M 9 45.60 -110.89 -24.68
C SER M 9 44.09 -111.14 -24.47
N PHE M 10 43.31 -110.09 -24.63
CA PHE M 10 41.86 -110.23 -24.52
C PHE M 10 41.17 -109.26 -25.47
N PRO M 11 40.06 -109.70 -26.07
CA PRO M 11 39.27 -108.83 -26.94
C PRO M 11 38.43 -107.91 -26.06
N ALA M 12 38.32 -106.64 -26.43
CA ALA M 12 37.61 -105.65 -25.60
C ALA M 12 36.77 -104.67 -26.40
N ASN M 13 36.11 -105.15 -27.46
CA ASN M 13 35.36 -104.24 -28.30
C ASN M 13 34.02 -103.74 -27.77
N ALA M 14 33.40 -104.50 -26.88
CA ALA M 14 32.03 -104.20 -26.49
C ALA M 14 31.95 -103.14 -25.40
N LYS M 15 30.87 -102.37 -25.44
CA LYS M 15 30.58 -101.37 -24.41
C LYS M 15 30.46 -102.04 -23.03
N VAL M 16 31.05 -101.41 -22.02
CA VAL M 16 30.94 -101.91 -20.65
C VAL M 16 29.55 -101.66 -20.06
N LYS M 17 29.03 -102.60 -19.27
CA LYS M 17 27.75 -102.39 -18.59
C LYS M 17 28.02 -102.15 -17.13
N TYR M 18 27.05 -101.57 -16.42
CA TYR M 18 27.21 -101.32 -14.98
C TYR M 18 26.63 -102.48 -14.18
N TYR M 19 26.01 -103.42 -14.87
CA TYR M 19 25.54 -104.64 -14.22
C TYR M 19 25.53 -105.81 -15.20
N TYR M 20 26.06 -106.95 -14.79
CA TYR M 20 26.04 -108.16 -15.60
C TYR M 20 25.47 -109.29 -14.79
N LYS M 21 24.55 -110.03 -15.38
CA LYS M 21 24.20 -111.31 -14.77
C LYS M 21 24.69 -112.35 -15.74
N LEU M 22 25.74 -113.08 -15.37
CA LEU M 22 26.52 -113.82 -16.34
C LEU M 22 25.89 -115.14 -16.75
N SER M 23 24.76 -115.44 -16.15
CA SER M 23 23.92 -116.55 -16.58
C SER M 23 22.98 -116.13 -17.71
N GLU M 24 23.02 -114.85 -18.10
CA GLU M 24 22.30 -114.40 -19.31
C GLU M 24 23.32 -114.36 -20.47
N LYS M 25 23.00 -115.04 -21.55
CA LYS M 25 23.91 -115.13 -22.68
C LYS M 25 24.44 -113.78 -23.20
N GLN M 26 23.55 -112.79 -23.34
CA GLN M 26 23.98 -111.49 -23.88
C GLN M 26 24.93 -110.75 -22.92
N ASP M 27 24.72 -110.90 -21.61
CA ASP M 27 25.65 -110.28 -20.66
C ASP M 27 27.00 -110.97 -20.69
N LEU M 28 26.99 -112.30 -20.76
CA LEU M 28 28.23 -113.04 -20.77
C LEU M 28 29.03 -112.71 -22.02
N ASP M 29 28.36 -112.66 -23.15
CA ASP M 29 29.00 -112.31 -24.41
C ASP M 29 29.68 -110.96 -24.33
N ALA M 30 29.00 -109.97 -23.74
CA ALA M 30 29.57 -108.63 -23.62
C ALA M 30 30.76 -108.67 -22.68
N PHE M 31 30.58 -109.37 -21.56
CA PHE M 31 31.57 -109.45 -20.48
C PHE M 31 32.91 -109.97 -21.00
N VAL M 32 32.86 -110.98 -21.87
CA VAL M 32 34.10 -111.58 -22.38
C VAL M 32 34.57 -110.95 -23.70
N ASN M 33 34.00 -109.79 -24.02
CA ASN M 33 34.48 -108.99 -25.14
C ASN M 33 34.65 -107.56 -24.65
N SER M 34 35.06 -107.42 -23.39
CA SER M 34 35.23 -106.07 -22.83
C SER M 34 36.14 -106.02 -21.62
N ILE M 35 35.84 -106.81 -20.60
CA ILE M 35 36.58 -106.68 -19.35
C ILE M 35 37.08 -107.97 -18.73
N PHE M 36 36.74 -109.11 -19.35
CA PHE M 36 37.20 -110.39 -18.82
C PHE M 36 38.44 -110.89 -19.55
N VAL M 37 39.46 -111.28 -18.78
CA VAL M 37 40.72 -111.76 -19.35
C VAL M 37 40.87 -113.24 -19.02
N GLY M 38 41.07 -114.05 -20.04
CA GLY M 38 41.26 -115.48 -19.84
C GLY M 38 40.13 -116.29 -20.45
N SER M 39 40.14 -117.61 -20.26
N SER M 39 40.15 -117.60 -20.18
CA SER M 39 39.05 -118.43 -20.74
CA SER M 39 39.12 -118.52 -20.66
C SER M 39 38.09 -118.80 -19.61
C SER M 39 38.07 -118.76 -19.57
N TYR M 40 36.93 -119.33 -19.96
CA TYR M 40 35.95 -119.78 -18.97
C TYR M 40 35.33 -121.09 -19.46
N LYS M 41 34.76 -121.83 -18.54
CA LYS M 41 33.94 -122.98 -18.88
C LYS M 41 32.54 -122.69 -18.40
N LEU M 42 31.54 -122.93 -19.22
CA LEU M 42 30.17 -122.66 -18.76
C LEU M 42 29.68 -123.92 -18.03
N LYS M 43 29.30 -123.78 -16.77
CA LYS M 43 28.93 -124.93 -15.96
C LYS M 43 27.64 -124.67 -15.21
N GLN M 44 26.94 -125.75 -14.91
CA GLN M 44 25.76 -125.62 -14.05
C GLN M 44 26.22 -125.53 -12.59
N ILE M 45 25.81 -124.45 -11.92
CA ILE M 45 26.20 -124.14 -10.54
C ILE M 45 24.96 -124.24 -9.66
N SER M 46 25.08 -124.87 -8.48
CA SER M 46 23.96 -124.97 -7.54
C SER M 46 24.42 -124.54 -6.16
N TYR M 47 23.60 -123.77 -5.46
CA TYR M 47 23.90 -123.51 -4.07
C TYR M 47 22.62 -123.26 -3.28
N LEU M 48 22.72 -123.34 -1.95
CA LEU M 48 21.54 -123.31 -1.08
C LEU M 48 21.12 -121.90 -0.66
N LEU M 49 19.83 -121.62 -0.78
CA LEU M 49 19.25 -120.41 -0.21
C LEU M 49 18.02 -120.79 0.60
N TYR M 50 18.10 -120.62 1.93
CA TYR M 50 17.00 -121.01 2.81
C TYR M 50 16.50 -122.41 2.50
N GLY M 51 17.42 -123.33 2.26
CA GLY M 51 17.06 -124.72 2.07
C GLY M 51 16.69 -125.07 0.64
N ASN M 52 16.56 -124.04 -0.19
CA ASN M 52 16.25 -124.25 -1.60
C ASN M 52 17.52 -124.20 -2.45
N THR M 53 17.51 -124.92 -3.56
CA THR M 53 18.70 -125.01 -4.42
C THR M 53 18.56 -124.11 -5.65
N LYS M 54 19.29 -123.01 -5.63
CA LYS M 54 19.32 -122.12 -6.78
C LYS M 54 20.24 -122.74 -7.83
N ILE M 55 19.75 -122.86 -9.06
CA ILE M 55 20.55 -123.43 -10.14
C ILE M 55 20.73 -122.44 -11.30
N VAL M 56 21.98 -122.18 -11.67
CA VAL M 56 22.28 -121.31 -12.81
C VAL M 56 23.40 -121.90 -13.66
N SER M 57 23.46 -121.49 -14.93
CA SER M 57 24.64 -121.78 -15.75
C SER M 57 25.55 -120.56 -15.80
N ALA M 58 26.79 -120.71 -15.34
CA ALA M 58 27.67 -119.57 -15.18
C ALA M 58 29.06 -119.91 -15.62
N PRO M 59 29.86 -118.89 -15.97
CA PRO M 59 31.25 -119.12 -16.38
C PRO M 59 32.11 -119.44 -15.16
N VAL M 60 32.95 -120.46 -15.28
CA VAL M 60 33.87 -120.85 -14.23
C VAL M 60 35.31 -120.71 -14.73
N VAL M 61 36.19 -120.16 -13.90
CA VAL M 61 37.60 -120.07 -14.28
C VAL M 61 38.19 -121.46 -14.30
N PRO M 62 38.81 -121.87 -15.42
CA PRO M 62 39.31 -123.24 -15.51
C PRO M 62 40.69 -123.39 -14.87
N LEU M 63 41.12 -124.61 -14.65
CA LEU M 63 42.50 -124.88 -14.25
C LEU M 63 43.47 -124.13 -15.15
N GLY M 64 44.46 -123.53 -14.51
CA GLY M 64 45.46 -122.77 -15.23
C GLY M 64 45.70 -121.46 -14.52
N PRO M 65 46.17 -120.45 -15.27
CA PRO M 65 46.44 -119.13 -14.71
C PRO M 65 45.16 -118.47 -14.19
N ASN M 66 45.28 -117.55 -13.23
CA ASN M 66 44.08 -116.82 -12.81
C ASN M 66 43.49 -116.06 -13.98
N ALA M 67 42.18 -115.87 -13.95
CA ALA M 67 41.53 -114.97 -14.89
C ALA M 67 41.65 -113.58 -14.27
N SER M 68 41.33 -112.55 -15.05
CA SER M 68 41.28 -111.18 -14.51
C SER M 68 40.06 -110.46 -15.01
N ILE M 69 39.61 -109.48 -14.23
CA ILE M 69 38.68 -108.49 -14.73
C ILE M 69 39.45 -107.18 -14.77
N ILE M 70 39.40 -106.50 -15.91
CA ILE M 70 40.16 -105.26 -16.09
C ILE M 70 39.26 -104.22 -16.77
N ILE M 71 39.09 -103.06 -16.16
CA ILE M 71 38.21 -102.06 -16.75
C ILE M 71 38.91 -100.72 -16.91
N ASP M 72 39.27 -100.37 -18.15
CA ASP M 72 39.85 -99.02 -18.36
C ASP M 72 38.88 -98.11 -19.12
N ASP M 73 37.67 -98.60 -19.33
CA ASP M 73 36.68 -97.83 -20.12
C ASP M 73 36.28 -96.54 -19.42
N GLU M 74 35.80 -95.56 -20.19
CA GLU M 74 35.39 -94.28 -19.61
C GLU M 74 34.05 -94.36 -18.88
N LEU M 75 33.98 -95.13 -17.79
CA LEU M 75 32.79 -95.11 -16.94
C LEU M 75 32.49 -93.70 -16.48
N GLN M 76 31.24 -93.42 -16.12
CA GLN M 76 30.95 -92.13 -15.48
C GLN M 76 31.86 -91.97 -14.28
N GLU M 77 32.44 -90.80 -14.08
CA GLU M 77 33.38 -90.59 -12.97
C GLU M 77 32.66 -90.70 -11.64
N GLY M 78 33.39 -91.09 -10.61
CA GLY M 78 32.82 -91.19 -9.27
C GLY M 78 33.42 -92.35 -8.51
N LEU M 79 32.90 -92.57 -7.30
CA LEU M 79 33.39 -93.66 -6.47
C LEU M 79 32.43 -94.83 -6.58
N TYR M 80 32.94 -95.98 -7.01
CA TYR M 80 32.11 -97.18 -7.19
C TYR M 80 32.31 -98.22 -6.11
N LEU M 81 31.19 -98.78 -5.66
CA LEU M 81 31.19 -100.03 -4.93
C LEU M 81 30.99 -101.12 -5.95
N ILE M 82 31.91 -102.08 -5.99
CA ILE M 82 31.79 -103.20 -6.88
C ILE M 82 31.40 -104.42 -6.07
N ARG M 83 30.43 -105.18 -6.56
CA ARG M 83 30.03 -106.46 -5.95
C ARG M 83 30.15 -107.54 -6.99
N ILE M 84 30.93 -108.56 -6.68
CA ILE M 84 31.02 -109.73 -7.57
C ILE M 84 30.44 -110.92 -6.85
N LYS M 85 29.36 -111.48 -7.38
CA LYS M 85 28.81 -112.69 -6.79
C LYS M 85 29.53 -113.86 -7.41
N VAL M 86 30.18 -114.65 -6.58
CA VAL M 86 30.92 -115.81 -7.09
C VAL M 86 30.50 -117.08 -6.32
N TYR M 87 30.86 -118.22 -6.87
CA TYR M 87 30.67 -119.48 -6.16
C TYR M 87 31.95 -120.30 -6.31
N ASN M 88 32.50 -120.73 -5.19
CA ASN M 88 33.72 -121.51 -5.24
C ASN M 88 33.40 -122.98 -5.45
N THR M 89 33.67 -123.49 -6.64
CA THR M 89 33.36 -124.88 -6.98
C THR M 89 34.40 -125.85 -6.41
N ASN M 90 35.53 -125.33 -5.95
CA ASN M 90 36.60 -126.18 -5.43
C ASN M 90 36.24 -126.75 -4.05
N SER M 91 36.83 -127.89 -3.73
CA SER M 91 36.64 -128.48 -2.42
C SER M 91 37.67 -127.93 -1.43
N PHE M 92 38.27 -126.80 -1.78
CA PHE M 92 39.25 -126.15 -0.91
C PHE M 92 39.01 -124.65 -0.95
N SER M 93 39.49 -123.91 0.04
CA SER M 93 39.39 -122.44 0.04
C SER M 93 40.25 -121.82 -1.03
N VAL M 94 39.82 -120.67 -1.54
CA VAL M 94 40.65 -119.90 -2.45
C VAL M 94 40.69 -118.47 -1.91
N THR M 95 41.67 -117.69 -2.34
CA THR M 95 41.74 -116.31 -1.91
C THR M 95 41.62 -115.36 -3.10
N VAL M 96 41.13 -114.16 -2.82
CA VAL M 96 41.07 -113.13 -3.82
C VAL M 96 41.69 -111.89 -3.19
N THR M 97 42.32 -111.05 -4.00
CA THR M 97 42.91 -109.79 -3.52
C THR M 97 42.16 -108.63 -4.12
N PRO M 98 41.29 -107.97 -3.32
CA PRO M 98 40.50 -106.89 -3.92
C PRO M 98 41.39 -105.69 -4.32
N PHE M 99 40.93 -104.95 -5.33
CA PHE M 99 41.64 -103.77 -5.84
C PHE M 99 41.73 -102.67 -4.78
N PHE M 100 40.59 -102.25 -4.25
CA PHE M 100 40.53 -101.18 -3.26
C PHE M 100 41.33 -99.94 -3.68
N ASN M 101 41.45 -99.74 -4.99
CA ASN M 101 42.28 -98.67 -5.56
C ASN M 101 43.78 -98.81 -5.41
N ASN M 102 44.24 -99.22 -4.22
N ASN M 102 44.28 -99.21 -4.25
CA ASN M 102 45.67 -99.29 -3.91
CA ASN M 102 45.73 -99.43 -4.15
C ASN M 102 46.14 -100.55 -3.18
C ASN M 102 46.14 -100.54 -3.19
N ASN M 103 45.29 -101.56 -3.07
CA ASN M 103 45.65 -102.75 -2.30
C ASN M 103 46.31 -103.79 -3.20
N ASN M 104 47.29 -104.47 -2.66
CA ASN M 104 47.73 -105.71 -3.31
C ASN M 104 48.19 -106.77 -2.32
N THR M 105 47.75 -106.64 -1.06
CA THR M 105 48.13 -107.64 -0.04
C THR M 105 46.94 -108.19 0.76
N MET M 106 45.95 -107.35 1.02
CA MET M 106 44.79 -107.80 1.79
C MET M 106 43.89 -108.71 0.98
N THR M 107 43.34 -109.74 1.62
CA THR M 107 42.62 -110.78 0.89
C THR M 107 41.24 -111.08 1.48
N TYR M 108 40.41 -111.70 0.65
CA TYR M 108 39.23 -112.42 1.09
C TYR M 108 39.55 -113.89 1.03
N SER M 109 38.99 -114.65 1.96
CA SER M 109 39.11 -116.09 1.96
C SER M 109 37.74 -116.71 1.66
N ILE M 110 37.63 -117.44 0.55
CA ILE M 110 36.34 -117.95 0.10
C ILE M 110 36.29 -119.47 0.35
N GLY M 111 35.36 -119.89 1.18
CA GLY M 111 35.30 -121.28 1.60
C GLY M 111 34.95 -122.24 0.48
N ALA M 112 35.31 -123.51 0.65
CA ALA M 112 35.01 -124.56 -0.32
C ALA M 112 33.51 -124.67 -0.56
N ASN M 113 33.11 -124.92 -1.80
CA ASN M 113 31.73 -125.18 -2.15
C ASN M 113 30.74 -124.15 -1.60
N SER M 114 31.04 -122.88 -1.76
CA SER M 114 30.14 -121.88 -1.24
C SER M 114 30.06 -120.62 -2.09
N GLU M 115 28.92 -119.96 -1.96
CA GLU M 115 28.66 -118.68 -2.60
C GLU M 115 29.36 -117.61 -1.80
N PHE M 116 29.75 -116.51 -2.44
CA PHE M 116 30.51 -115.48 -1.73
C PHE M 116 30.33 -114.17 -2.48
N GLU M 117 30.25 -113.07 -1.73
CA GLU M 117 30.19 -111.72 -2.29
C GLU M 117 31.54 -111.04 -2.16
N ILE M 118 32.19 -110.81 -3.29
CA ILE M 118 33.43 -110.03 -3.32
C ILE M 118 33.06 -108.56 -3.39
N TYR M 119 33.44 -107.78 -2.39
CA TYR M 119 33.19 -106.35 -2.39
C TYR M 119 34.47 -105.67 -2.82
N ASP M 120 34.36 -104.63 -3.64
CA ASP M 120 35.57 -103.90 -4.04
C ASP M 120 35.24 -102.44 -4.18
N ILE M 121 36.26 -101.61 -4.26
CA ILE M 121 36.04 -100.16 -4.31
C ILE M 121 36.91 -99.63 -5.40
N PHE M 122 36.36 -98.76 -6.23
CA PHE M 122 37.05 -98.28 -7.41
C PHE M 122 36.71 -96.82 -7.64
N THR M 123 37.72 -95.96 -7.59
CA THR M 123 37.51 -94.56 -7.93
C THR M 123 37.77 -94.32 -9.41
N LYS M 124 36.73 -93.99 -10.16
CA LYS M 124 36.92 -93.62 -11.55
C LYS M 124 37.24 -92.13 -11.65
N GLU M 125 38.52 -91.82 -11.64
CA GLU M 125 39.05 -90.49 -11.90
C GLU M 125 40.43 -90.68 -12.52
N GLN M 126 40.87 -89.69 -13.30
CA GLN M 126 42.24 -89.66 -13.83
C GLN M 126 42.67 -90.96 -14.51
N GLY M 127 41.75 -91.57 -15.25
CA GLY M 127 42.06 -92.77 -16.01
C GLY M 127 42.38 -94.02 -15.20
N ASN M 128 41.95 -94.06 -13.95
CA ASN M 128 42.19 -95.21 -13.08
C ASN M 128 41.62 -96.47 -13.73
N ILE M 129 42.31 -97.59 -13.56
CA ILE M 129 41.91 -98.83 -14.20
C ILE M 129 41.61 -99.89 -13.15
N TYR M 130 40.39 -100.42 -13.18
CA TYR M 130 40.00 -101.46 -12.23
C TYR M 130 40.68 -102.78 -12.59
N TYR M 131 41.12 -103.52 -11.58
CA TYR M 131 41.81 -104.79 -11.80
C TYR M 131 41.62 -105.75 -10.66
N ILE M 132 41.20 -106.97 -10.97
CA ILE M 132 41.17 -108.03 -9.96
C ILE M 132 41.40 -109.38 -10.64
N GLN M 133 42.16 -110.25 -9.99
CA GLN M 133 42.38 -111.60 -10.47
C GLN M 133 41.43 -112.56 -9.77
N LEU M 134 41.02 -113.60 -10.48
CA LEU M 134 40.10 -114.62 -9.98
C LEU M 134 40.71 -116.00 -10.21
N PRO M 135 40.84 -116.79 -9.15
CA PRO M 135 41.51 -118.09 -9.24
C PRO M 135 40.64 -119.18 -9.84
N PRO M 136 41.28 -120.26 -10.31
CA PRO M 136 40.59 -121.39 -10.95
C PRO M 136 39.50 -121.98 -10.06
N GLY M 137 38.36 -122.35 -10.66
CA GLY M 137 37.28 -122.97 -9.92
C GLY M 137 36.25 -122.00 -9.38
N LEU M 138 36.52 -120.69 -9.47
CA LEU M 138 35.49 -119.71 -9.13
C LEU M 138 34.51 -119.55 -10.28
N ALA M 139 33.23 -119.70 -9.98
CA ALA M 139 32.16 -119.34 -10.92
C ALA M 139 31.83 -117.87 -10.72
N ILE M 140 31.70 -117.13 -11.81
N ILE M 140 31.69 -117.13 -11.80
CA ILE M 140 31.32 -115.72 -11.72
CA ILE M 140 31.33 -115.73 -11.69
C ILE M 140 29.84 -115.58 -12.08
C ILE M 140 29.87 -115.56 -12.08
N LEU M 141 29.02 -115.20 -11.12
CA LEU M 141 27.58 -115.15 -11.35
C LEU M 141 27.05 -113.77 -11.71
N GLU M 142 27.53 -112.74 -11.04
CA GLU M 142 27.07 -111.37 -11.30
C GLU M 142 28.22 -110.41 -11.06
N PHE M 143 28.19 -109.28 -11.74
CA PHE M 143 29.19 -108.24 -11.57
C PHE M 143 28.49 -106.92 -11.57
N SER M 144 28.62 -106.17 -10.48
CA SER M 144 27.84 -104.94 -10.30
C SER M 144 28.76 -103.75 -10.02
N LEU M 145 28.53 -102.67 -10.75
CA LEU M 145 29.20 -101.39 -10.51
C LEU M 145 28.16 -100.37 -10.09
N GLU M 146 28.23 -99.86 -8.87
CA GLU M 146 27.27 -98.82 -8.48
C GLU M 146 28.00 -97.68 -7.75
N ARG M 147 27.59 -96.45 -8.01
CA ARG M 147 28.19 -95.33 -7.32
C ARG M 147 27.59 -95.27 -5.91
N VAL M 148 28.43 -95.09 -4.89
CA VAL M 148 27.92 -94.97 -3.50
C VAL M 148 27.76 -93.51 -3.15
N PHE M 149 27.01 -93.19 -2.11
CA PHE M 149 26.82 -91.79 -1.77
C PHE M 149 25.88 -91.16 -2.78
N GLU M 150 25.24 -92.00 -3.57
CA GLU M 150 24.07 -91.59 -4.35
C GLU M 150 22.89 -92.10 -3.57
N LYS M 151 21.84 -91.30 -3.47
CA LYS M 151 20.58 -91.80 -2.95
C LYS M 151 20.76 -92.28 -1.52
N GLY M 152 21.75 -91.72 -0.84
CA GLY M 152 21.97 -91.97 0.57
C GLY M 152 22.58 -93.32 0.85
N ASN M 153 23.26 -93.91 -0.14
CA ASN M 153 23.95 -95.16 0.11
C ASN M 153 25.30 -94.97 0.77
N ARG M 154 25.81 -96.02 1.38
CA ARG M 154 27.09 -95.98 2.07
C ARG M 154 27.91 -97.15 1.59
N ILE M 155 29.20 -97.11 1.87
CA ILE M 155 30.03 -98.29 1.78
C ILE M 155 29.78 -99.12 3.03
N ASN M 156 29.42 -100.39 2.85
CA ASN M 156 29.17 -101.27 3.99
C ASN M 156 29.65 -102.69 3.71
N ILE M 157 30.95 -102.90 3.91
CA ILE M 157 31.60 -104.19 3.70
C ILE M 157 31.67 -104.94 5.02
N PRO M 158 31.20 -106.19 5.02
CA PRO M 158 31.18 -106.96 6.27
C PRO M 158 32.60 -107.30 6.74
N LYS M 159 32.72 -107.89 7.92
CA LYS M 159 34.04 -108.19 8.49
C LYS M 159 34.67 -109.42 7.80
N ILE M 160 35.30 -109.19 6.65
CA ILE M 160 35.82 -110.29 5.82
C ILE M 160 37.17 -109.96 5.19
N ILE M 161 37.67 -108.77 5.42
CA ILE M 161 38.94 -108.33 4.87
C ILE M 161 40.08 -108.80 5.77
N HIS M 162 40.99 -109.58 5.20
CA HIS M 162 42.11 -110.11 5.97
C HIS M 162 43.39 -109.31 5.74
N THR M 163 44.07 -108.97 6.84
CA THR M 163 45.38 -108.36 6.74
C THR M 163 46.32 -109.00 7.72
N SER M 164 47.60 -109.04 7.39
CA SER M 164 48.58 -109.51 8.34
C SER M 164 49.60 -108.43 8.65
N GLY M 165 49.24 -107.18 8.36
CA GLY M 165 50.09 -106.07 8.77
C GLY M 165 50.37 -105.00 7.73
N ASN M 166 49.89 -105.22 6.51
CA ASN M 166 49.99 -104.19 5.49
C ASN M 166 48.77 -104.23 4.59
N GLY M 167 48.63 -103.22 3.76
CA GLY M 167 47.44 -103.10 2.92
C GLY M 167 46.99 -101.66 2.84
N TYR M 168 46.31 -101.33 1.76
CA TYR M 168 45.77 -99.98 1.58
C TYR M 168 44.36 -100.05 0.99
N ILE M 169 43.54 -99.09 1.38
CA ILE M 169 42.25 -98.85 0.72
C ILE M 169 42.17 -97.35 0.53
N SER M 170 41.87 -96.92 -0.70
CA SER M 170 41.71 -95.49 -0.99
C SER M 170 40.33 -95.23 -1.57
N PHE M 171 39.82 -94.04 -1.36
CA PHE M 171 38.53 -93.67 -1.95
C PHE M 171 38.39 -92.16 -1.97
N ARG M 172 37.57 -91.65 -2.89
CA ARG M 172 37.36 -90.22 -3.01
C ARG M 172 36.05 -89.87 -2.30
N LEU M 173 36.07 -88.86 -1.45
CA LEU M 173 34.84 -88.40 -0.79
C LEU M 173 34.56 -86.95 -1.21
N ARG M 174 33.35 -86.66 -1.64
CA ARG M 174 33.04 -85.29 -1.97
C ARG M 174 32.74 -84.58 -0.64
N LYS M 175 32.54 -83.28 -0.69
CA LYS M 175 32.34 -82.49 0.52
C LYS M 175 31.26 -83.09 1.43
N GLY M 176 31.49 -83.01 2.73
CA GLY M 176 30.58 -83.60 3.69
C GLY M 176 31.38 -84.01 4.92
N THR M 177 30.70 -84.44 5.97
CA THR M 177 31.38 -85.09 7.08
C THR M 177 31.04 -86.58 7.07
N TYR M 178 32.03 -87.43 7.34
CA TYR M 178 31.78 -88.87 7.19
C TYR M 178 32.22 -89.63 8.42
N ALA M 179 31.53 -90.73 8.69
CA ALA M 179 31.99 -91.68 9.69
C ALA M 179 32.67 -92.82 8.97
N ILE M 180 33.80 -93.26 9.50
CA ILE M 180 34.46 -94.44 8.97
C ILE M 180 34.47 -95.44 10.10
N LYS M 181 33.77 -96.55 9.92
CA LYS M 181 33.66 -97.53 11.00
C LYS M 181 34.28 -98.83 10.56
N MET M 182 35.17 -99.39 11.38
N MET M 182 35.15 -99.40 11.39
CA MET M 182 35.83 -100.65 11.04
CA MET M 182 35.81 -100.64 11.03
C MET M 182 35.74 -101.66 12.18
C MET M 182 35.75 -101.66 12.16
N PRO M 183 34.73 -102.53 12.13
CA PRO M 183 34.65 -103.64 13.09
C PRO M 183 35.82 -104.56 12.80
N TYR M 184 36.46 -105.09 13.82
CA TYR M 184 37.59 -105.96 13.59
C TYR M 184 37.67 -107.09 14.59
N SER M 185 38.36 -108.15 14.20
CA SER M 185 38.78 -109.21 15.11
C SER M 185 40.25 -109.44 14.86
N TYR M 186 40.98 -109.82 15.91
CA TYR M 186 42.38 -110.15 15.72
C TYR M 186 42.74 -111.40 16.50
N ASN M 187 43.84 -112.02 16.10
CA ASN M 187 44.39 -113.13 16.83
C ASN M 187 45.87 -112.86 17.01
N ASN M 188 46.27 -112.58 18.25
CA ASN M 188 47.68 -112.39 18.56
C ASN M 188 48.40 -113.70 18.83
N THR M 189 49.44 -113.93 18.04
CA THR M 189 50.25 -115.12 18.15
C THR M 189 51.61 -114.79 18.78
N THR M 190 51.85 -113.51 19.10
CA THR M 190 53.11 -113.18 19.78
C THR M 190 52.98 -113.31 21.28
N SER M 191 54.12 -113.31 21.97
CA SER M 191 54.11 -113.29 23.42
C SER M 191 54.35 -111.87 23.91
N THR M 192 54.15 -110.90 23.02
CA THR M 192 54.28 -109.49 23.37
C THR M 192 52.89 -108.88 23.59
N THR M 193 52.69 -108.27 24.75
CA THR M 193 51.48 -107.47 24.93
C THR M 193 51.73 -106.10 24.33
N PHE M 194 51.03 -105.81 23.25
CA PHE M 194 51.15 -104.51 22.66
C PHE M 194 50.27 -103.53 23.40
N THR M 195 50.86 -102.41 23.72
CA THR M 195 50.10 -101.35 24.34
C THR M 195 50.10 -100.20 23.35
N ASN M 196 48.95 -99.56 23.23
CA ASN M 196 48.76 -98.53 22.22
C ASN M 196 49.15 -98.98 20.82
N PHE M 197 48.65 -100.17 20.47
CA PHE M 197 48.92 -100.81 19.21
C PHE M 197 48.31 -99.98 18.13
N GLN M 198 49.13 -99.44 17.23
CA GLN M 198 48.57 -98.78 16.06
C GLN M 198 48.32 -99.76 14.93
N PHE M 199 47.05 -100.00 14.65
CA PHE M 199 46.63 -100.90 13.59
C PHE M 199 46.89 -100.26 12.24
N GLY M 200 46.61 -98.97 12.14
CA GLY M 200 46.70 -98.29 10.84
C GLY M 200 46.39 -96.82 10.96
N THR M 201 46.20 -96.17 9.81
CA THR M 201 45.93 -94.74 9.79
C THR M 201 44.92 -94.44 8.72
N ILE M 202 44.14 -93.39 8.95
CA ILE M 202 43.30 -92.85 7.90
C ILE M 202 43.80 -91.43 7.64
N SER M 203 44.02 -91.11 6.37
CA SER M 203 44.59 -89.80 6.06
C SER M 203 44.05 -89.19 4.78
N THR M 204 44.10 -87.87 4.73
CA THR M 204 44.02 -87.12 3.47
C THR M 204 45.42 -86.54 3.33
N SER M 205 45.65 -85.71 2.33
CA SER M 205 46.97 -85.10 2.18
C SER M 205 47.54 -84.49 3.48
N ALA M 207 46.39 -84.36 6.93
CA ALA M 207 45.61 -84.83 8.08
C ALA M 207 45.65 -86.35 8.23
N THR M 208 45.95 -86.81 9.44
CA THR M 208 46.15 -88.24 9.73
C THR M 208 45.48 -88.64 11.04
N ILE M 209 44.70 -89.71 11.01
CA ILE M 209 44.07 -90.24 12.20
C ILE M 209 44.56 -91.66 12.47
N PRO M 210 45.30 -91.85 13.58
CA PRO M 210 45.76 -93.19 13.93
C PRO M 210 44.60 -94.04 14.43
N LEU M 211 44.60 -95.32 14.07
CA LEU M 211 43.63 -96.28 14.59
C LEU M 211 44.37 -97.12 15.63
N VAL M 212 44.07 -96.88 16.90
CA VAL M 212 44.87 -97.42 18.01
C VAL M 212 44.06 -98.30 18.94
N ILE M 213 44.65 -99.40 19.40
CA ILE M 213 44.01 -100.29 20.36
C ILE M 213 44.81 -100.20 21.66
N SER M 214 44.11 -99.92 22.77
CA SER M 214 44.77 -99.74 24.07
C SER M 214 45.74 -100.85 24.41
N SER M 215 45.25 -102.09 24.35
CA SER M 215 46.12 -103.23 24.62
C SER M 215 45.64 -104.47 23.91
N ILE M 216 46.61 -105.23 23.42
CA ILE M 216 46.38 -106.54 22.82
C ILE M 216 47.20 -107.52 23.65
N PRO M 217 46.50 -108.30 24.50
CA PRO M 217 47.14 -109.27 25.41
C PRO M 217 47.91 -110.31 24.62
N ALA M 218 48.98 -110.83 25.19
CA ALA M 218 49.75 -111.90 24.58
C ALA M 218 48.86 -113.08 24.28
N ASN M 219 49.12 -113.75 23.16
CA ASN M 219 48.37 -114.94 22.76
C ASN M 219 46.88 -114.77 22.80
N GLY M 220 46.42 -113.52 22.85
CA GLY M 220 45.01 -113.26 22.96
C GLY M 220 44.35 -113.13 21.61
N SER M 221 43.04 -113.28 21.59
CA SER M 221 42.24 -112.89 20.44
C SER M 221 41.19 -111.94 20.97
N GLY M 222 40.71 -111.04 20.12
CA GLY M 222 39.74 -110.06 20.59
C GLY M 222 39.06 -109.43 19.41
N SER M 223 38.12 -108.54 19.70
CA SER M 223 37.38 -107.86 18.65
C SER M 223 37.00 -106.50 19.17
N GLY M 224 36.71 -105.59 18.26
CA GLY M 224 36.31 -104.25 18.64
C GLY M 224 35.87 -103.53 17.39
N THR M 225 35.76 -102.20 17.48
CA THR M 225 35.38 -101.39 16.33
C THR M 225 36.11 -100.08 16.35
N PHE M 226 36.77 -99.74 15.24
CA PHE M 226 37.29 -98.38 15.08
C PHE M 226 36.17 -97.53 14.55
N LEU M 227 36.04 -96.32 15.08
CA LEU M 227 35.07 -95.36 14.57
C LEU M 227 35.67 -93.96 14.63
N VAL M 228 35.95 -93.40 13.46
CA VAL M 228 36.51 -92.05 13.40
C VAL M 228 35.72 -91.26 12.37
N TYR M 229 35.93 -89.96 12.33
CA TYR M 229 35.17 -89.10 11.47
C TYR M 229 36.09 -88.16 10.72
N LEU M 230 35.73 -87.86 9.47
CA LEU M 230 36.50 -86.93 8.64
C LEU M 230 35.57 -85.81 8.20
N LYS M 231 36.00 -84.58 8.36
CA LYS M 231 35.28 -83.46 7.77
C LYS M 231 35.98 -83.13 6.45
N ILE M 232 35.35 -83.51 5.34
CA ILE M 232 35.87 -83.21 4.04
C ILE M 232 35.30 -81.86 3.60
N THR M 233 36.12 -80.82 3.71
CA THR M 233 35.76 -79.48 3.22
C THR M 233 35.43 -79.57 1.73
N GLY M 234 36.24 -80.32 1.00
CA GLY M 234 36.03 -80.54 -0.42
C GLY M 234 37.29 -80.25 -1.24
N ASP M 235 38.25 -79.55 -0.67
CA ASP M 235 39.48 -79.28 -1.41
C ASP M 235 40.50 -80.43 -1.34
N TYR M 236 40.26 -81.37 -0.44
CA TYR M 236 41.08 -82.59 -0.36
C TYR M 236 40.15 -83.78 -0.24
N GLU M 237 39.95 -84.50 -1.35
CA GLU M 237 38.90 -85.52 -1.36
C GLU M 237 39.38 -86.96 -1.31
N ASP M 238 40.66 -87.15 -1.62
CA ASP M 238 41.17 -88.51 -1.69
C ASP M 238 41.61 -88.98 -0.31
N VAL M 239 40.97 -90.04 0.16
CA VAL M 239 41.22 -90.54 1.51
C VAL M 239 42.01 -91.83 1.39
N LYS M 240 42.94 -92.06 2.31
CA LYS M 240 43.76 -93.25 2.23
C LYS M 240 43.80 -93.95 3.58
N PHE M 241 43.40 -95.22 3.59
CA PHE M 241 43.55 -96.07 4.77
C PHE M 241 44.76 -96.97 4.58
N SER M 242 45.64 -97.00 5.59
CA SER M 242 46.83 -97.83 5.54
C SER M 242 46.91 -98.71 6.78
N VAL M 243 47.16 -100.00 6.59
CA VAL M 243 47.51 -100.88 7.69
C VAL M 243 49.00 -100.71 7.92
N THR M 244 49.40 -100.41 9.16
CA THR M 244 50.77 -100.03 9.41
C THR M 244 51.55 -100.91 10.38
N TYR M 245 50.89 -101.88 11.02
CA TYR M 245 51.56 -102.62 12.09
C TYR M 245 52.67 -103.57 11.66
N GLY M 246 52.75 -103.89 10.37
CA GLY M 246 53.89 -104.63 9.85
C GLY M 246 53.64 -106.09 9.52
N GLY M 247 53.94 -106.45 8.28
CA GLY M 247 53.60 -107.75 7.72
C GLY M 247 53.99 -109.00 8.51
N GLY M 248 55.12 -108.96 9.19
CA GLY M 248 55.61 -110.16 9.85
C GLY M 248 55.32 -110.26 11.34
N LEU M 249 54.46 -109.37 11.84
CA LEU M 249 54.25 -109.27 13.28
C LEU M 249 53.64 -110.51 13.92
N GLY M 250 52.69 -111.15 13.25
CA GLY M 250 52.08 -112.36 13.78
C GLY M 250 50.78 -112.04 14.50
N VAL M 251 50.14 -110.96 14.08
CA VAL M 251 48.83 -110.58 14.60
C VAL M 251 47.86 -110.35 13.44
N PRO M 252 47.34 -111.44 12.85
CA PRO M 252 46.38 -111.26 11.75
C PRO M 252 45.08 -110.61 12.22
N PHE M 253 44.54 -109.70 11.42
CA PHE M 253 43.26 -109.04 11.69
C PHE M 253 42.29 -109.40 10.58
N THR M 254 41.00 -109.44 10.91
CA THR M 254 39.93 -109.48 9.90
C THR M 254 39.08 -108.29 10.23
N PHE M 255 38.72 -107.49 9.23
CA PHE M 255 37.94 -106.28 9.50
C PHE M 255 36.92 -105.99 8.43
N GLY M 256 35.98 -105.13 8.79
CA GLY M 256 34.97 -104.66 7.85
C GLY M 256 35.19 -103.19 7.61
N LEU M 257 34.42 -102.59 6.72
CA LEU M 257 34.60 -101.19 6.39
C LEU M 257 33.26 -100.55 6.08
N GLU M 258 32.92 -99.54 6.86
CA GLU M 258 31.69 -98.83 6.65
C GLU M 258 32.06 -97.34 6.53
N VAL M 259 31.68 -96.70 5.43
CA VAL M 259 31.90 -95.27 5.22
C VAL M 259 30.56 -94.63 4.90
N GLU M 260 30.15 -93.68 5.72
CA GLU M 260 28.82 -93.11 5.56
C GLU M 260 28.78 -91.64 5.93
N GLU M 261 27.93 -90.88 5.24
N GLU M 261 27.93 -90.88 5.24
CA GLU M 261 27.83 -89.45 5.51
CA GLU M 261 27.77 -89.47 5.52
C GLU M 261 27.04 -89.25 6.79
C GLU M 261 27.07 -89.31 6.85
N ILE M 262 27.44 -88.27 7.60
CA ILE M 262 26.72 -87.95 8.83
C ILE M 262 26.33 -86.48 8.85
N ASN M 263 25.35 -86.15 9.69
CA ASN M 263 25.05 -84.75 9.98
C ASN M 263 25.90 -84.33 11.15
N GLU M 264 25.93 -83.03 11.46
CA GLU M 264 26.82 -82.56 12.53
C GLU M 264 26.63 -83.36 13.81
N LEU M 265 27.75 -83.76 14.41
CA LEU M 265 27.70 -84.54 15.65
C LEU M 265 28.49 -83.80 16.73
N VAL M 266 27.76 -83.20 17.67
CA VAL M 266 28.40 -82.62 18.84
C VAL M 266 28.68 -83.72 19.85
N GLU M 267 29.94 -84.10 19.99
CA GLU M 267 30.31 -85.23 20.83
C GLU M 267 30.18 -84.87 22.30
N ASN M 268 30.55 -83.65 22.64
CA ASN M 268 30.30 -83.14 23.97
C ASN M 268 30.54 -81.64 24.05
N THR M 269 30.01 -81.01 25.09
CA THR M 269 30.21 -79.60 25.31
C THR M 269 30.71 -79.51 26.73
N ASN M 270 31.73 -78.69 26.96
CA ASN M 270 32.42 -78.66 28.25
C ASN M 270 32.78 -77.27 28.73
N PHE M 271 32.61 -77.09 30.02
CA PHE M 271 33.11 -75.94 30.72
C PHE M 271 34.40 -76.44 31.37
N VAL M 272 35.53 -75.80 31.06
CA VAL M 272 36.80 -76.28 31.60
C VAL M 272 37.58 -75.12 32.18
N THR M 273 38.42 -75.43 33.17
CA THR M 273 39.16 -74.40 33.86
C THR M 273 40.63 -74.79 33.86
N GLN M 274 41.50 -73.78 33.80
CA GLN M 274 42.93 -74.03 33.78
C GLN M 274 43.67 -72.89 34.47
N SER M 275 44.48 -73.22 35.46
CA SER M 275 45.27 -72.18 36.13
C SER M 275 46.68 -72.12 35.57
N VAL M 276 47.26 -70.93 35.57
CA VAL M 276 48.63 -70.73 35.13
C VAL M 276 49.31 -69.79 36.12
N THR M 277 50.49 -70.19 36.58
CA THR M 277 51.23 -69.38 37.52
C THR M 277 52.38 -68.66 36.84
N LEU M 278 52.41 -67.34 36.96
CA LEU M 278 53.39 -66.52 36.25
C LEU M 278 54.41 -65.97 37.23
N SER M 279 55.68 -66.11 36.88
CA SER M 279 56.75 -65.61 37.75
C SER M 279 57.90 -64.96 36.98
N GLY M 280 57.56 -64.11 36.01
CA GLY M 280 58.56 -63.33 35.30
C GLY M 280 58.85 -63.78 33.87
N SER M 281 58.44 -64.99 33.54
CA SER M 281 58.74 -65.54 32.23
C SER M 281 57.48 -65.88 31.45
N GLN M 282 57.56 -65.76 30.12
CA GLN M 282 56.44 -66.13 29.29
C GLN M 282 56.14 -67.61 29.44
N VAL M 283 54.87 -67.95 29.55
CA VAL M 283 54.43 -69.34 29.60
C VAL M 283 53.47 -69.60 28.46
N THR M 284 53.68 -70.72 27.76
CA THR M 284 52.75 -71.17 26.75
C THR M 284 52.10 -72.45 27.28
N GLN M 285 50.82 -72.37 27.62
CA GLN M 285 50.13 -73.49 28.23
C GLN M 285 49.11 -74.09 27.27
N SER M 286 49.30 -75.35 26.89
CA SER M 286 48.33 -76.05 26.08
C SER M 286 47.05 -76.25 26.90
N ILE M 287 45.91 -75.95 26.29
CA ILE M 287 44.62 -76.13 26.94
C ILE M 287 43.98 -77.39 26.39
N LEU M 288 44.01 -77.50 25.07
N LEU M 288 43.98 -77.52 25.07
CA LEU M 288 43.35 -78.59 24.36
CA LEU M 288 43.38 -78.67 24.42
C LEU M 288 44.04 -78.84 23.03
C LEU M 288 43.97 -78.86 23.03
N ASN M 289 44.25 -80.11 22.70
CA ASN M 289 44.74 -80.46 21.37
C ASN M 289 44.10 -81.78 20.94
N VAL M 290 43.20 -81.73 19.96
CA VAL M 290 42.53 -82.94 19.49
C VAL M 290 42.92 -83.29 18.07
N GLN M 291 44.06 -82.78 17.62
CA GLN M 291 44.55 -83.11 16.27
C GLN M 291 44.77 -84.62 16.15
N GLY M 292 44.28 -85.22 15.07
CA GLY M 292 44.44 -86.65 14.85
C GLY M 292 43.44 -87.54 15.57
N SER M 293 42.45 -86.93 16.21
CA SER M 293 41.49 -87.66 17.02
C SER M 293 40.23 -88.02 16.24
N GLY M 294 40.06 -87.43 15.05
CA GLY M 294 38.81 -87.58 14.32
C GLY M 294 37.76 -86.59 14.80
N SER M 295 38.21 -85.51 15.45
CA SER M 295 37.27 -84.46 15.87
C SER M 295 37.92 -83.08 15.77
N HIS M 296 37.13 -82.05 16.00
CA HIS M 296 37.64 -80.68 16.09
C HIS M 296 36.87 -79.91 17.15
N LEU M 297 37.15 -78.62 17.27
CA LEU M 297 36.61 -77.84 18.39
C LEU M 297 35.84 -76.62 17.91
N ARG M 298 35.02 -76.08 18.81
CA ARG M 298 34.36 -74.81 18.59
C ARG M 298 34.35 -74.08 19.93
N LEU M 299 34.92 -72.87 19.99
CA LEU M 299 34.99 -72.13 21.25
C LEU M 299 33.82 -71.15 21.35
N LYS M 300 33.15 -71.13 22.49
CA LYS M 300 31.93 -70.32 22.64
C LYS M 300 32.12 -69.18 23.61
N TYR M 301 32.98 -69.38 24.60
CA TYR M 301 33.14 -68.39 25.65
C TYR M 301 34.45 -68.60 26.41
N ALA M 302 35.12 -67.51 26.75
CA ALA M 302 36.32 -67.60 27.58
C ALA M 302 36.40 -66.41 28.54
N SER M 303 37.02 -66.66 29.68
CA SER M 303 37.16 -65.62 30.68
C SER M 303 38.40 -65.91 31.49
N VAL M 304 39.05 -64.85 31.96
CA VAL M 304 40.22 -65.01 32.80
C VAL M 304 40.04 -64.23 34.10
N SER M 305 40.23 -64.90 35.22
CA SER M 305 40.17 -64.21 36.50
C SER M 305 41.58 -64.12 37.09
N GLY M 306 41.81 -63.11 37.92
CA GLY M 306 43.10 -62.95 38.54
C GLY M 306 44.03 -61.99 37.83
N LEU M 307 43.54 -61.35 36.78
CA LEU M 307 44.33 -60.35 36.07
C LEU M 307 44.63 -59.13 36.95
N THR M 308 45.89 -58.73 36.96
CA THR M 308 46.32 -57.50 37.61
C THR M 308 47.31 -56.78 36.71
N THR M 309 47.73 -55.60 37.12
CA THR M 309 48.71 -54.85 36.35
C THR M 309 50.05 -55.60 36.30
N ALA M 310 50.18 -56.64 37.13
CA ALA M 310 51.39 -57.47 37.12
C ALA M 310 51.41 -58.45 35.94
N VAL M 311 50.28 -58.58 35.24
CA VAL M 311 50.17 -59.44 34.05
C VAL M 311 50.32 -58.59 32.79
N THR M 312 51.32 -58.91 31.97
CA THR M 312 51.65 -58.11 30.80
C THR M 312 51.16 -58.74 29.50
N GLN M 313 50.90 -60.04 29.56
CA GLN M 313 50.41 -60.75 28.38
C GLN M 313 49.47 -61.87 28.80
N CYS M 314 48.36 -61.97 28.08
CA CYS M 314 47.40 -63.01 28.33
C CYS M 314 46.55 -63.15 27.07
N GLN M 315 46.99 -64.03 26.18
CA GLN M 315 46.35 -64.23 24.90
C GLN M 315 45.91 -65.67 24.74
N LEU M 316 44.64 -65.87 24.38
CA LEU M 316 44.16 -67.18 23.99
C LEU M 316 44.42 -67.34 22.50
N GLN M 317 45.02 -68.47 22.11
CA GLN M 317 45.38 -68.71 20.71
C GLN M 317 44.86 -70.06 20.24
N ALA M 318 44.56 -70.16 18.94
CA ALA M 318 44.00 -71.38 18.42
C ALA M 318 44.49 -71.59 17.02
N THR M 319 44.37 -72.81 16.54
CA THR M 319 44.64 -73.07 15.12
C THR M 319 44.05 -74.40 14.69
N ASN M 320 43.90 -74.55 13.37
CA ASN M 320 43.79 -75.86 12.76
C ASN M 320 45.22 -76.35 12.42
N LEU M 321 45.77 -77.23 13.27
CA LEU M 321 47.14 -77.71 13.12
C LEU M 321 47.37 -78.48 11.82
N ASN M 322 46.30 -78.99 11.22
CA ASN M 322 46.40 -79.66 9.92
C ASN M 322 46.59 -78.66 8.78
N ARG M 323 46.29 -77.40 9.07
CA ARG M 323 46.48 -76.33 8.09
C ARG M 323 47.72 -75.50 8.40
N SER M 324 47.96 -75.24 9.68
CA SER M 324 49.05 -74.36 10.10
C SER M 324 49.52 -74.66 11.52
N THR M 325 50.84 -74.68 11.71
CA THR M 325 51.43 -74.88 13.04
C THR M 325 51.59 -73.57 13.78
N THR M 326 51.29 -72.46 13.11
CA THR M 326 51.33 -71.15 13.75
C THR M 326 49.96 -70.82 14.34
N TYR M 327 49.94 -70.59 15.65
CA TYR M 327 48.70 -70.28 16.34
C TYR M 327 48.34 -68.82 16.11
N SER M 328 47.06 -68.53 15.97
CA SER M 328 46.65 -67.13 15.92
C SER M 328 45.90 -66.76 17.19
N THR M 329 46.11 -65.53 17.64
CA THR M 329 45.41 -65.01 18.80
C THR M 329 43.92 -64.88 18.46
N VAL M 330 43.06 -65.43 19.32
CA VAL M 330 41.62 -65.35 19.10
C VAL M 330 40.97 -64.45 20.14
N TRP M 331 41.68 -64.22 21.24
CA TRP M 331 41.26 -63.22 22.19
C TRP M 331 42.42 -62.74 23.05
N ASP M 332 42.54 -61.43 23.22
CA ASP M 332 43.56 -60.87 24.08
C ASP M 332 42.87 -60.31 25.32
N PHE M 333 43.11 -60.93 26.47
CA PHE M 333 42.39 -60.55 27.69
C PHE M 333 42.87 -59.22 28.27
N ILE M 334 44.08 -58.81 27.91
CA ILE M 334 44.57 -57.51 28.33
C ILE M 334 43.96 -56.42 27.45
N ALA M 335 44.13 -56.56 26.14
CA ALA M 335 43.66 -55.55 25.20
C ALA M 335 42.13 -55.51 25.10
N GLY M 336 41.50 -56.68 25.20
CA GLY M 336 40.08 -56.81 24.92
C GLY M 336 39.19 -56.88 26.15
N GLY M 337 39.77 -57.18 27.30
CA GLY M 337 38.98 -57.34 28.51
C GLY M 337 38.92 -58.76 28.98
N SER M 338 38.52 -58.94 30.24
CA SER M 338 38.63 -60.23 30.92
C SER M 338 37.69 -61.33 30.43
N SER M 339 36.71 -61.01 29.60
CA SER M 339 35.85 -62.04 29.04
C SER M 339 35.44 -61.77 27.60
N THR M 340 35.15 -62.83 26.86
CA THR M 340 34.82 -62.71 25.45
C THR M 340 33.39 -62.19 25.28
N PRO M 341 33.16 -61.42 24.20
CA PRO M 341 31.83 -60.84 23.93
C PRO M 341 30.85 -61.87 23.36
N PRO M 342 29.56 -61.55 23.37
CA PRO M 342 28.51 -62.48 22.92
C PRO M 342 28.75 -63.04 21.51
N SER M 343 29.29 -62.24 20.60
CA SER M 343 29.44 -62.66 19.20
C SER M 343 30.70 -63.52 18.96
N TRP M 344 31.51 -63.67 19.99
CA TRP M 344 32.77 -64.42 19.88
C TRP M 344 32.49 -65.90 19.75
N ASP M 345 32.98 -66.50 18.67
CA ASP M 345 32.69 -67.87 18.32
C ASP M 345 33.81 -68.31 17.41
N ILE M 346 34.64 -69.24 17.88
CA ILE M 346 35.79 -69.69 17.11
C ILE M 346 35.57 -71.09 16.54
N ARG M 347 35.47 -71.20 15.23
CA ARG M 347 35.18 -72.47 14.59
C ARG M 347 36.40 -73.03 13.86
N GLU M 348 36.34 -74.32 13.53
CA GLU M 348 37.33 -74.97 12.67
C GLU M 348 38.74 -74.83 13.21
N ILE M 349 38.91 -75.18 14.49
CA ILE M 349 40.21 -75.25 15.11
C ILE M 349 40.33 -76.62 15.76
N ASN M 350 41.54 -77.06 16.06
CA ASN M 350 41.67 -78.32 16.80
C ASN M 350 42.73 -78.26 17.87
N SER M 351 43.27 -77.07 18.10
CA SER M 351 44.22 -76.89 19.20
C SER M 351 44.13 -75.48 19.80
N ILE M 352 44.20 -75.40 21.12
CA ILE M 352 44.04 -74.15 21.86
C ILE M 352 45.18 -74.04 22.87
N GLN M 353 45.79 -72.87 22.96
CA GLN M 353 46.78 -72.63 24.00
C GLN M 353 46.60 -71.24 24.57
N LEU M 354 47.11 -71.06 25.79
CA LEU M 354 47.15 -69.75 26.44
C LEU M 354 48.60 -69.31 26.54
N VAL M 355 48.89 -68.12 26.02
CA VAL M 355 50.22 -67.55 26.15
C VAL M 355 50.12 -66.37 27.11
N ALA M 356 50.91 -66.41 28.19
CA ALA M 356 50.82 -65.39 29.21
C ALA M 356 52.20 -65.04 29.74
N ASN M 357 52.29 -63.86 30.33
CA ASN M 357 53.53 -63.41 30.92
C ASN M 357 53.23 -62.38 32.00
N GLY M 358 54.11 -62.29 32.99
CA GLY M 358 53.89 -61.38 34.09
C GLY M 358 54.46 -61.94 35.38
N GLY M 359 54.17 -61.26 36.49
CA GLY M 359 54.69 -61.67 37.77
C GLY M 359 56.20 -61.50 37.82
N SER M 360 56.80 -61.91 38.93
CA SER M 360 58.24 -61.82 39.10
C SER M 360 58.78 -63.06 39.82
N SER M 361 60.10 -63.21 39.79
CA SER M 361 60.76 -64.33 40.44
C SER M 361 60.50 -64.35 41.94
N THR M 362 60.06 -63.22 42.48
CA THR M 362 59.84 -63.09 43.93
C THR M 362 58.35 -62.96 44.27
N SER M 363 57.54 -62.65 43.27
CA SER M 363 56.11 -62.43 43.47
C SER M 363 55.32 -62.94 42.27
N SER M 364 54.86 -64.18 42.36
CA SER M 364 54.17 -64.82 41.26
C SER M 364 52.69 -64.44 41.26
N VAL M 365 52.08 -64.49 40.08
CA VAL M 365 50.66 -64.22 39.92
C VAL M 365 50.01 -65.45 39.28
N THR M 366 48.88 -65.85 39.83
CA THR M 366 48.14 -66.98 39.28
C THR M 366 46.85 -66.52 38.65
N ILE M 367 46.66 -66.85 37.38
CA ILE M 367 45.44 -66.50 36.68
C ILE M 367 44.70 -67.78 36.35
N THR M 368 43.38 -67.68 36.20
CA THR M 368 42.58 -68.86 35.88
C THR M 368 41.75 -68.61 34.64
N LEU M 369 41.92 -69.48 33.65
CA LEU M 369 41.15 -69.42 32.41
C LEU M 369 39.96 -70.36 32.54
N ILE M 370 38.79 -69.88 32.12
CA ILE M 370 37.66 -70.76 31.98
C ILE M 370 37.25 -70.70 30.52
N LEU M 371 36.78 -71.81 30.02
CA LEU M 371 36.51 -71.92 28.59
C LEU M 371 35.32 -72.85 28.40
N VAL M 372 34.38 -72.44 27.56
CA VAL M 372 33.29 -73.32 27.16
C VAL M 372 33.54 -73.64 25.68
N TYR M 373 33.57 -74.93 25.36
CA TYR M 373 33.80 -75.34 23.98
C TYR M 373 33.00 -76.59 23.66
N GLU M 374 32.78 -76.81 22.36
CA GLU M 374 32.19 -78.04 21.89
C GLU M 374 33.28 -78.85 21.19
N GLN M 375 33.19 -80.17 21.32
CA GLN M 375 34.01 -81.07 20.54
C GLN M 375 33.10 -81.71 19.53
N ILE M 376 33.48 -81.57 18.26
CA ILE M 376 32.60 -81.88 17.16
C ILE M 376 33.26 -82.93 16.27
N ALA M 377 32.47 -83.93 15.87
CA ALA M 377 33.00 -85.01 15.05
C ALA M 377 33.57 -84.49 13.74
N GLY M 378 34.74 -85.01 13.36
CA GLY M 378 35.30 -84.75 12.05
C GLY M 378 36.69 -84.17 12.12
N GLU M 379 37.68 -84.93 11.66
CA GLU M 379 39.05 -84.43 11.61
C GLU M 379 39.12 -83.33 10.57
N LEU M 380 39.80 -82.22 10.88
CA LEU M 380 39.88 -81.11 9.93
C LEU M 380 40.90 -81.44 8.83
N SER M 381 40.63 -81.03 7.60
CA SER M 381 41.62 -81.31 6.56
C SER M 381 42.71 -80.23 6.43
N HIS M 382 43.79 -80.60 5.72
CA HIS M 382 44.87 -79.69 5.37
C HIS M 382 44.33 -78.56 4.47
N HIS M 383 45.03 -77.43 4.42
CA HIS M 383 44.72 -76.38 3.44
C HIS M 383 45.98 -75.60 3.09
N LEU N 6 11.28 -130.27 1.87
CA LEU N 6 10.62 -128.98 1.88
C LEU N 6 11.27 -128.01 0.89
N GLY N 7 12.59 -128.09 0.76
CA GLY N 7 13.32 -127.26 -0.20
C GLY N 7 13.16 -127.74 -1.63
N GLN N 8 13.15 -126.81 -2.58
CA GLN N 8 13.02 -127.16 -3.99
C GLN N 8 14.15 -126.52 -4.76
N SER N 9 14.45 -127.04 -5.95
CA SER N 9 15.40 -126.37 -6.83
C SER N 9 14.62 -125.40 -7.71
N PHE N 10 15.30 -124.36 -8.18
CA PHE N 10 14.66 -123.41 -9.08
C PHE N 10 15.69 -122.81 -10.00
N PRO N 11 15.29 -122.57 -11.27
CA PRO N 11 16.18 -121.95 -12.25
C PRO N 11 16.21 -120.47 -11.98
N ALA N 12 17.38 -119.84 -12.12
CA ALA N 12 17.52 -118.43 -11.77
C ALA N 12 18.44 -117.68 -12.69
N ASN N 13 18.39 -117.97 -13.99
CA ASN N 13 19.34 -117.37 -14.90
C ASN N 13 19.09 -115.94 -15.29
N ALA N 14 17.83 -115.52 -15.26
CA ALA N 14 17.44 -114.25 -15.82
C ALA N 14 17.68 -113.10 -14.87
N LYS N 15 17.97 -111.94 -15.44
CA LYS N 15 18.14 -110.71 -14.69
C LYS N 15 16.86 -110.37 -13.90
N VAL N 16 17.01 -109.90 -12.67
CA VAL N 16 15.88 -109.47 -11.87
C VAL N 16 15.38 -108.12 -12.33
N LYS N 17 14.05 -107.92 -12.23
CA LYS N 17 13.45 -106.65 -12.62
C LYS N 17 12.98 -105.97 -11.34
N TYR N 18 12.83 -104.66 -11.39
CA TYR N 18 12.34 -103.94 -10.21
C TYR N 18 10.81 -103.82 -10.20
N TYR N 19 10.18 -104.23 -11.30
CA TYR N 19 8.73 -104.27 -11.34
C TYR N 19 8.30 -105.38 -12.28
N TYR N 20 7.36 -106.21 -11.83
CA TYR N 20 6.80 -107.27 -12.67
C TYR N 20 5.29 -107.14 -12.67
N LYS N 21 4.69 -107.18 -13.85
CA LYS N 21 3.25 -107.41 -13.90
C LYS N 21 3.05 -108.78 -14.49
N LEU N 22 2.62 -109.73 -13.67
CA LEU N 22 2.78 -111.14 -14.04
C LEU N 22 1.73 -111.63 -15.02
N SER N 23 0.78 -110.74 -15.34
CA SER N 23 -0.13 -111.00 -16.46
C SER N 23 0.51 -110.66 -17.81
N GLU N 24 1.73 -110.14 -17.80
CA GLU N 24 2.50 -109.95 -19.03
C GLU N 24 3.44 -111.14 -19.16
N LYS N 25 3.37 -111.80 -20.31
CA LYS N 25 4.15 -113.01 -20.55
C LYS N 25 5.64 -112.84 -20.31
N GLN N 26 6.20 -111.74 -20.79
CA GLN N 26 7.64 -111.59 -20.68
C GLN N 26 8.07 -111.35 -19.23
N ASP N 27 7.21 -110.71 -18.45
CA ASP N 27 7.51 -110.54 -17.02
C ASP N 27 7.40 -111.86 -16.30
N LEU N 28 6.34 -112.62 -16.58
CA LEU N 28 6.17 -113.93 -15.96
C LEU N 28 7.35 -114.84 -16.27
N ASP N 29 7.74 -114.89 -17.55
CA ASP N 29 8.87 -115.71 -17.97
C ASP N 29 10.14 -115.40 -17.21
N ALA N 30 10.42 -114.12 -17.00
CA ALA N 30 11.62 -113.73 -16.27
C ALA N 30 11.48 -114.11 -14.80
N PHE N 31 10.32 -113.78 -14.23
CA PHE N 31 9.98 -114.05 -12.82
C PHE N 31 10.26 -115.50 -12.43
N VAL N 32 9.86 -116.44 -13.29
CA VAL N 32 10.00 -117.86 -12.94
C VAL N 32 11.35 -118.43 -13.44
N ASN N 33 12.25 -117.55 -13.83
CA ASN N 33 13.63 -117.96 -14.17
C ASN N 33 14.58 -117.04 -13.42
N SER N 34 14.19 -116.65 -12.22
CA SER N 34 15.03 -115.74 -11.47
C SER N 34 14.74 -115.79 -9.98
N ILE N 35 13.52 -115.47 -9.60
CA ILE N 35 13.20 -115.31 -8.17
C ILE N 35 12.04 -116.14 -7.62
N PHE N 36 11.33 -116.86 -8.49
CA PHE N 36 10.18 -117.64 -8.06
C PHE N 36 10.54 -119.10 -7.86
N VAL N 37 10.18 -119.63 -6.70
CA VAL N 37 10.46 -121.02 -6.39
C VAL N 37 9.16 -121.80 -6.33
N GLY N 38 9.06 -122.89 -7.09
CA GLY N 38 7.87 -123.74 -7.09
C GLY N 38 7.17 -123.70 -8.44
N SER N 39 6.01 -124.33 -8.54
N SER N 39 5.99 -124.30 -8.50
CA SER N 39 5.27 -124.30 -9.80
CA SER N 39 5.19 -124.35 -9.71
C SER N 39 4.12 -123.32 -9.70
C SER N 39 4.11 -123.27 -9.68
N TYR N 40 3.51 -123.00 -10.84
CA TYR N 40 2.33 -122.15 -10.88
C TYR N 40 1.34 -122.69 -11.89
N LYS N 41 0.09 -122.25 -11.78
CA LYS N 41 -0.92 -122.53 -12.80
C LYS N 41 -1.44 -121.18 -13.26
N LEU N 42 -1.50 -120.97 -14.56
CA LEU N 42 -1.98 -119.69 -15.06
C LEU N 42 -3.51 -119.74 -15.02
N LYS N 43 -4.13 -118.79 -14.34
CA LYS N 43 -5.59 -118.79 -14.26
C LYS N 43 -6.18 -117.42 -14.51
N GLN N 44 -7.42 -117.41 -14.96
CA GLN N 44 -8.13 -116.16 -15.12
C GLN N 44 -8.67 -115.69 -13.76
N ILE N 45 -8.24 -114.52 -13.34
CA ILE N 45 -8.54 -113.97 -12.03
C ILE N 45 -9.46 -112.77 -12.21
N SER N 46 -10.55 -112.71 -11.45
CA SER N 46 -11.47 -111.57 -11.50
C SER N 46 -11.69 -110.98 -10.12
N TYR N 47 -11.73 -109.67 -10.00
CA TYR N 47 -12.08 -109.04 -8.74
C TYR N 47 -12.69 -107.67 -8.97
N LEU N 48 -13.41 -107.17 -7.96
CA LEU N 48 -14.17 -105.94 -8.08
C LEU N 48 -13.40 -104.67 -7.74
N LEU N 49 -13.57 -103.64 -8.58
CA LEU N 49 -13.00 -102.33 -8.37
C LEU N 49 -14.10 -101.33 -8.66
N TYR N 50 -14.63 -100.68 -7.62
CA TYR N 50 -15.73 -99.72 -7.80
C TYR N 50 -16.85 -100.34 -8.63
N GLY N 51 -17.16 -101.60 -8.36
CA GLY N 51 -18.29 -102.25 -9.00
C GLY N 51 -17.98 -102.84 -10.35
N ASN N 52 -16.77 -102.58 -10.86
CA ASN N 52 -16.34 -103.13 -12.13
C ASN N 52 -15.47 -104.35 -11.91
N THR N 53 -15.48 -105.27 -12.87
CA THR N 53 -14.72 -106.51 -12.72
C THR N 53 -13.45 -106.50 -13.53
N LYS N 54 -12.32 -106.39 -12.82
CA LYS N 54 -11.01 -106.44 -13.47
C LYS N 54 -10.70 -107.90 -13.74
N ILE N 55 -10.36 -108.22 -14.99
CA ILE N 55 -9.99 -109.58 -15.34
C ILE N 55 -8.55 -109.70 -15.87
N VAL N 56 -7.76 -110.56 -15.25
CA VAL N 56 -6.37 -110.78 -15.68
C VAL N 56 -6.04 -112.27 -15.65
N SER N 57 -5.02 -112.67 -16.42
CA SER N 57 -4.51 -114.02 -16.32
C SER N 57 -3.23 -113.97 -15.51
N ALA N 58 -3.20 -114.70 -14.41
CA ALA N 58 -2.08 -114.58 -13.47
C ALA N 58 -1.66 -115.95 -12.95
N PRO N 59 -0.40 -116.08 -12.52
CA PRO N 59 0.06 -117.33 -11.94
C PRO N 59 -0.56 -117.58 -10.56
N VAL N 60 -1.02 -118.79 -10.30
CA VAL N 60 -1.59 -119.14 -9.01
C VAL N 60 -0.76 -120.27 -8.42
N VAL N 61 -0.46 -120.18 -7.11
CA VAL N 61 0.26 -121.25 -6.44
C VAL N 61 -0.66 -122.46 -6.33
N PRO N 62 -0.21 -123.62 -6.83
CA PRO N 62 -1.12 -124.77 -6.85
C PRO N 62 -1.13 -125.52 -5.52
N LEU N 63 -2.08 -126.44 -5.36
CA LEU N 63 -2.10 -127.30 -4.18
C LEU N 63 -0.73 -127.93 -3.99
N GLY N 64 -0.30 -128.00 -2.74
CA GLY N 64 0.99 -128.58 -2.42
C GLY N 64 1.79 -127.66 -1.51
N PRO N 65 3.11 -127.75 -1.58
CA PRO N 65 3.98 -126.92 -0.72
C PRO N 65 3.88 -125.44 -1.08
N ASN N 66 4.17 -124.56 -0.13
CA ASN N 66 4.19 -123.14 -0.45
C ASN N 66 5.20 -122.84 -1.54
N ALA N 67 4.91 -121.84 -2.36
CA ALA N 67 5.92 -121.32 -3.29
C ALA N 67 6.75 -120.31 -2.50
N SER N 68 7.88 -119.87 -3.05
CA SER N 68 8.64 -118.80 -2.43
C SER N 68 9.09 -117.79 -3.45
N ILE N 69 9.36 -116.58 -2.96
CA ILE N 69 10.11 -115.62 -3.77
C ILE N 69 11.42 -115.42 -3.05
N ILE N 70 12.52 -115.58 -3.76
CA ILE N 70 13.85 -115.48 -3.15
C ILE N 70 14.72 -114.61 -4.04
N ILE N 71 15.30 -113.55 -3.48
CA ILE N 71 16.11 -112.64 -4.30
C ILE N 71 17.49 -112.44 -3.69
N ASP N 72 18.51 -113.08 -4.25
CA ASP N 72 19.87 -112.82 -3.74
C ASP N 72 20.70 -111.98 -4.72
N ASP N 73 20.06 -111.54 -5.80
CA ASP N 73 20.76 -110.80 -6.86
C ASP N 73 21.31 -109.48 -6.37
N GLU N 74 22.31 -108.97 -7.08
CA GLU N 74 22.93 -107.69 -6.71
C GLU N 74 22.07 -106.48 -7.11
N LEU N 75 20.90 -106.34 -6.49
CA LEU N 75 20.09 -105.14 -6.66
C LEU N 75 20.89 -103.94 -6.24
N GLN N 76 20.53 -102.77 -6.74
CA GLN N 76 21.16 -101.55 -6.24
C GLN N 76 20.97 -101.53 -4.72
N GLU N 77 22.00 -101.14 -4.00
CA GLU N 77 21.90 -101.15 -2.54
C GLU N 77 20.89 -100.10 -2.07
N GLY N 78 20.25 -100.36 -0.94
CA GLY N 78 19.34 -99.39 -0.34
C GLY N 78 18.22 -100.08 0.38
N LEU N 79 17.27 -99.29 0.87
CA LEU N 79 16.14 -99.84 1.61
C LEU N 79 14.95 -99.92 0.68
N TYR N 80 14.41 -101.12 0.49
CA TYR N 80 13.28 -101.29 -0.44
C TYR N 80 11.96 -101.49 0.29
N LEU N 81 10.94 -100.82 -0.22
CA LEU N 81 9.56 -101.20 0.07
C LEU N 81 9.13 -102.15 -1.04
N ILE N 82 8.71 -103.35 -0.65
CA ILE N 82 8.20 -104.30 -1.60
C ILE N 82 6.67 -104.34 -1.52
N ARG N 83 6.02 -104.37 -2.67
CA ARG N 83 4.56 -104.52 -2.72
C ARG N 83 4.28 -105.69 -3.62
N ILE N 84 3.52 -106.66 -3.11
CA ILE N 84 3.08 -107.78 -3.93
C ILE N 84 1.55 -107.73 -4.04
N LYS N 85 1.03 -107.59 -5.25
CA LYS N 85 -0.42 -107.59 -5.38
C LYS N 85 -0.83 -109.04 -5.58
N VAL N 86 -1.69 -109.53 -4.70
CA VAL N 86 -2.12 -110.92 -4.78
C VAL N 86 -3.65 -111.00 -4.76
N TYR N 87 -4.17 -112.17 -5.12
CA TYR N 87 -5.59 -112.44 -5.01
C TYR N 87 -5.75 -113.83 -4.45
N ASN N 88 -6.48 -113.93 -3.37
CA ASN N 88 -6.71 -115.21 -2.72
C ASN N 88 -7.88 -115.91 -3.37
N THR N 89 -7.59 -116.95 -4.17
CA THR N 89 -8.64 -117.66 -4.87
C THR N 89 -9.34 -118.68 -3.97
N ASN N 90 -8.82 -118.88 -2.75
CA ASN N 90 -9.44 -119.84 -1.83
C ASN N 90 -10.69 -119.28 -1.17
N SER N 91 -11.60 -120.16 -0.79
CA SER N 91 -12.79 -119.75 -0.06
C SER N 91 -12.51 -119.70 1.45
N PHE N 92 -11.23 -119.66 1.79
CA PHE N 92 -10.82 -119.51 3.19
C PHE N 92 -9.65 -118.54 3.29
N SER N 93 -9.41 -118.02 4.49
CA SER N 93 -8.30 -117.08 4.69
C SER N 93 -6.96 -117.77 4.60
N VAL N 94 -5.96 -117.05 4.15
CA VAL N 94 -4.60 -117.61 4.16
C VAL N 94 -3.69 -116.60 4.81
N THR N 95 -2.58 -117.08 5.36
CA THR N 95 -1.67 -116.16 6.03
C THR N 95 -0.32 -116.12 5.33
N VAL N 96 0.33 -114.96 5.42
CA VAL N 96 1.63 -114.77 4.83
C VAL N 96 2.51 -114.17 5.92
N THR N 97 3.78 -114.52 5.92
CA THR N 97 4.74 -113.99 6.91
C THR N 97 5.74 -113.10 6.20
N PRO N 98 5.58 -111.77 6.31
CA PRO N 98 6.51 -110.89 5.60
C PRO N 98 7.95 -110.99 6.12
N PHE N 99 8.90 -110.74 5.25
CA PHE N 99 10.32 -110.79 5.57
C PHE N 99 10.71 -109.74 6.60
N PHE N 100 10.48 -108.47 6.27
CA PHE N 100 10.78 -107.37 7.17
C PHE N 100 12.23 -107.46 7.66
N ASN N 101 13.08 -108.06 6.84
CA ASN N 101 14.50 -108.26 7.18
C ASN N 101 14.80 -109.31 8.26
N ASN N 102 14.02 -109.28 9.34
N ASN N 102 14.04 -109.33 9.33
CA ASN N 102 14.25 -110.16 10.47
CA ASN N 102 14.27 -110.40 10.31
C ASN N 102 13.01 -110.81 11.08
C ASN N 102 13.02 -110.84 11.06
N ASN N 103 11.88 -110.76 10.40
CA ASN N 103 10.65 -111.30 10.96
C ASN N 103 10.47 -112.74 10.55
N ASN N 104 9.97 -113.57 11.47
CA ASN N 104 9.44 -114.86 11.04
C ASN N 104 8.24 -115.30 11.85
N THR N 105 7.57 -114.34 12.53
CA THR N 105 6.37 -114.70 13.29
C THR N 105 5.15 -113.85 12.96
N MET N 106 5.37 -112.59 12.60
CA MET N 106 4.25 -111.69 12.34
C MET N 106 3.66 -111.96 10.99
N THR N 107 2.33 -111.80 10.88
CA THR N 107 1.64 -112.26 9.69
C THR N 107 0.64 -111.25 9.13
N TYR N 108 0.35 -111.41 7.84
CA TYR N 108 -0.84 -110.83 7.23
C TYR N 108 -1.89 -111.92 7.12
N SER N 109 -3.15 -111.53 7.29
CA SER N 109 -4.28 -112.45 7.12
C SER N 109 -5.04 -111.98 5.88
N ILE N 110 -5.08 -112.83 4.86
CA ILE N 110 -5.68 -112.47 3.58
C ILE N 110 -7.03 -113.17 3.44
N GLY N 111 -8.10 -112.37 3.38
CA GLY N 111 -9.45 -112.91 3.35
C GLY N 111 -9.77 -113.74 2.12
N ALA N 112 -10.77 -114.62 2.23
CA ALA N 112 -11.21 -115.46 1.12
C ALA N 112 -11.65 -114.62 -0.07
N ASN N 113 -11.32 -115.07 -1.28
CA ASN N 113 -11.81 -114.45 -2.49
C ASN N 113 -11.60 -112.95 -2.54
N SER N 114 -10.39 -112.51 -2.20
CA SER N 114 -10.13 -111.08 -2.25
C SER N 114 -8.73 -110.70 -2.67
N GLU N 115 -8.63 -109.49 -3.20
CA GLU N 115 -7.38 -108.89 -3.59
C GLU N 115 -6.72 -108.39 -2.33
N PHE N 116 -5.40 -108.35 -2.30
CA PHE N 116 -4.68 -107.94 -1.09
C PHE N 116 -3.31 -107.43 -1.50
N GLU N 117 -2.84 -106.42 -0.78
CA GLU N 117 -1.50 -105.88 -0.99
C GLU N 117 -0.58 -106.35 0.13
N ILE N 118 0.38 -107.19 -0.22
CA ILE N 118 1.43 -107.60 0.71
C ILE N 118 2.51 -106.52 0.70
N TYR N 119 2.76 -105.89 1.84
CA TYR N 119 3.86 -104.94 1.95
C TYR N 119 5.03 -105.63 2.61
N ASP N 120 6.23 -105.38 2.12
CA ASP N 120 7.39 -105.93 2.78
C ASP N 120 8.52 -104.92 2.76
N ILE N 121 9.56 -105.17 3.55
CA ILE N 121 10.67 -104.25 3.66
C ILE N 121 11.95 -105.09 3.53
N PHE N 122 12.90 -104.59 2.75
CA PHE N 122 14.09 -105.36 2.43
C PHE N 122 15.27 -104.42 2.35
N THR N 123 16.27 -104.64 3.20
CA THR N 123 17.47 -103.82 3.13
C THR N 123 18.49 -104.52 2.26
N LYS N 124 18.81 -103.95 1.10
CA LYS N 124 19.88 -104.54 0.29
C LYS N 124 21.22 -103.99 0.72
N GLU N 125 21.85 -104.71 1.66
CA GLU N 125 23.21 -104.44 2.09
C GLU N 125 23.84 -105.77 2.51
N GLN N 126 25.15 -105.86 2.44
CA GLN N 126 25.86 -107.03 2.95
C GLN N 126 25.28 -108.38 2.49
N GLY N 127 24.89 -108.47 1.23
CA GLY N 127 24.40 -109.73 0.69
C GLY N 127 23.08 -110.27 1.23
N ASN N 128 22.30 -109.41 1.87
CA ASN N 128 21.00 -109.80 2.38
C ASN N 128 20.15 -110.44 1.28
N ILE N 129 19.41 -111.48 1.63
CA ILE N 129 18.60 -112.19 0.63
C ILE N 129 17.13 -112.08 0.95
N TYR N 130 16.35 -111.54 0.02
CA TYR N 130 14.91 -111.43 0.26
C TYR N 130 14.24 -112.82 0.20
N TYR N 131 13.29 -113.05 1.09
CA TYR N 131 12.59 -114.35 1.14
C TYR N 131 11.17 -114.22 1.66
N ILE N 132 10.20 -114.72 0.90
CA ILE N 132 8.83 -114.84 1.40
C ILE N 132 8.17 -116.08 0.83
N GLN N 133 7.38 -116.79 1.64
CA GLN N 133 6.62 -117.94 1.17
C GLN N 133 5.20 -117.51 0.84
N LEU N 134 4.63 -118.13 -0.19
CA LEU N 134 3.26 -117.85 -0.64
C LEU N 134 2.48 -119.15 -0.67
N PRO N 135 1.34 -119.18 0.04
CA PRO N 135 0.55 -120.42 0.15
C PRO N 135 -0.25 -120.76 -1.11
N PRO N 136 -0.68 -122.01 -1.20
CA PRO N 136 -1.51 -122.47 -2.32
C PRO N 136 -2.77 -121.62 -2.49
N GLY N 137 -3.13 -121.33 -3.73
CA GLY N 137 -4.37 -120.63 -4.03
C GLY N 137 -4.21 -119.13 -4.15
N LEU N 138 -3.03 -118.62 -3.81
CA LEU N 138 -2.72 -117.20 -4.01
C LEU N 138 -2.32 -116.97 -5.46
N ALA N 139 -3.00 -116.05 -6.14
CA ALA N 139 -2.59 -115.56 -7.43
C ALA N 139 -1.63 -114.40 -7.21
N ILE N 140 -0.54 -114.36 -7.97
N ILE N 140 -0.54 -114.35 -7.96
CA ILE N 140 0.43 -113.28 -7.87
CA ILE N 140 0.41 -113.27 -7.85
C ILE N 140 0.25 -112.38 -9.08
C ILE N 140 0.29 -112.37 -9.07
N LEU N 141 -0.21 -111.14 -8.85
CA LEU N 141 -0.50 -110.24 -9.98
C LEU N 141 0.64 -109.30 -10.34
N GLU N 142 1.29 -108.73 -9.32
CA GLU N 142 2.36 -107.77 -9.53
C GLU N 142 3.37 -107.91 -8.43
N PHE N 143 4.63 -107.60 -8.75
CA PHE N 143 5.70 -107.58 -7.74
C PHE N 143 6.53 -106.32 -7.95
N SER N 144 6.62 -105.49 -6.92
CA SER N 144 7.26 -104.20 -7.05
C SER N 144 8.36 -104.01 -5.99
N LEU N 145 9.54 -103.60 -6.45
CA LEU N 145 10.66 -103.23 -5.57
C LEU N 145 10.94 -101.74 -5.76
N GLU N 146 10.74 -100.91 -4.74
CA GLU N 146 11.06 -99.49 -4.90
C GLU N 146 11.84 -99.01 -3.69
N ARG N 147 12.81 -98.13 -3.91
CA ARG N 147 13.55 -97.57 -2.80
C ARG N 147 12.72 -96.46 -2.15
N VAL N 148 12.62 -96.46 -0.83
CA VAL N 148 11.86 -95.43 -0.13
C VAL N 148 12.82 -94.32 0.30
N PHE N 149 12.32 -93.16 0.64
CA PHE N 149 13.22 -92.09 1.04
C PHE N 149 13.95 -91.59 -0.19
N GLU N 150 13.45 -92.00 -1.35
CA GLU N 150 13.80 -91.34 -2.61
C GLU N 150 12.62 -90.44 -2.93
N LYS N 151 12.89 -89.22 -3.36
CA LYS N 151 11.82 -88.41 -3.92
C LYS N 151 10.77 -88.15 -2.85
N GLY N 152 11.20 -88.16 -1.60
CA GLY N 152 10.33 -87.79 -0.50
C GLY N 152 9.29 -88.84 -0.14
N ASN N 153 9.49 -90.08 -0.59
CA ASN N 153 8.59 -91.14 -0.16
C ASN N 153 8.84 -91.62 1.24
N ARG N 154 7.86 -92.30 1.83
CA ARG N 154 7.99 -92.81 3.18
C ARG N 154 7.53 -94.23 3.15
N ILE N 155 7.81 -94.96 4.21
CA ILE N 155 7.20 -96.26 4.43
C ILE N 155 5.83 -95.96 5.02
N ASN N 156 4.79 -96.53 4.43
CA ASN N 156 3.43 -96.33 4.93
C ASN N 156 2.62 -97.61 4.75
N ILE N 157 2.76 -98.52 5.69
CA ILE N 157 2.03 -99.79 5.67
C ILE N 157 0.79 -99.62 6.54
N PRO N 158 -0.39 -99.98 6.00
CA PRO N 158 -1.65 -99.84 6.77
C PRO N 158 -1.72 -100.80 7.95
N LYS N 159 -2.76 -100.64 8.77
CA LYS N 159 -2.86 -101.43 9.98
C LYS N 159 -3.29 -102.86 9.65
N ILE N 160 -2.34 -103.70 9.28
CA ILE N 160 -2.63 -105.07 8.83
C ILE N 160 -1.60 -106.08 9.35
N ILE N 161 -0.61 -105.61 10.10
CA ILE N 161 0.43 -106.52 10.60
C ILE N 161 -0.03 -107.16 11.90
N HIS N 162 -0.07 -108.49 11.94
CA HIS N 162 -0.56 -109.20 13.15
C HIS N 162 0.58 -109.70 14.01
N THR N 163 0.51 -109.45 15.31
CA THR N 163 1.48 -110.05 16.22
C THR N 163 0.76 -110.60 17.41
N SER N 164 1.34 -111.63 18.03
CA SER N 164 0.77 -112.14 19.25
C SER N 164 1.80 -112.09 20.37
N GLY N 165 2.86 -111.29 20.17
CA GLY N 165 3.79 -111.04 21.26
C GLY N 165 5.26 -111.14 20.90
N ASN N 166 5.54 -111.54 19.66
CA ASN N 166 6.91 -111.46 19.18
C ASN N 166 6.95 -111.05 17.74
N GLY N 167 8.14 -110.72 17.26
CA GLY N 167 8.27 -110.25 15.89
C GLY N 167 9.33 -109.18 15.78
N TYR N 168 9.89 -109.04 14.58
CA TYR N 168 10.92 -108.03 14.38
C TYR N 168 10.73 -107.35 13.06
N ILE N 169 11.05 -106.07 13.00
CA ILE N 169 11.18 -105.37 11.73
C ILE N 169 12.45 -104.56 11.80
N SER N 170 13.33 -104.70 10.80
CA SER N 170 14.55 -103.93 10.75
C SER N 170 14.60 -103.13 9.46
N PHE N 171 15.28 -101.99 9.50
CA PHE N 171 15.47 -101.20 8.29
C PHE N 171 16.64 -100.26 8.46
N ARG N 172 17.26 -99.88 7.37
CA ARG N 172 18.39 -98.96 7.40
C ARG N 172 17.89 -97.55 7.14
N LEU N 173 18.31 -96.59 7.96
CA LEU N 173 17.98 -95.18 7.70
C LEU N 173 19.24 -94.37 7.52
N ARG N 174 19.31 -93.58 6.47
CA ARG N 174 20.47 -92.74 6.30
C ARG N 174 20.28 -91.52 7.17
N LYS N 175 21.28 -90.66 7.22
CA LYS N 175 21.26 -89.52 8.13
C LYS N 175 19.97 -88.73 7.98
N GLY N 176 19.46 -88.25 9.10
CA GLY N 176 18.23 -87.49 9.12
C GLY N 176 17.52 -87.69 10.45
N THR N 177 16.40 -86.99 10.63
CA THR N 177 15.52 -87.27 11.76
C THR N 177 14.23 -87.87 11.23
N TYR N 178 13.76 -88.93 11.87
CA TYR N 178 12.58 -89.64 11.39
C TYR N 178 11.50 -89.78 12.43
N ALA N 179 10.26 -89.79 11.97
CA ALA N 179 9.12 -90.18 12.78
C ALA N 179 8.81 -91.63 12.48
N ILE N 180 8.56 -92.40 13.52
CA ILE N 180 8.08 -93.77 13.33
C ILE N 180 6.73 -93.82 13.99
N LYS N 181 5.70 -94.05 13.19
CA LYS N 181 4.34 -94.00 13.70
C LYS N 181 3.71 -95.37 13.51
N MET N 182 3.14 -95.91 14.58
N MET N 182 3.11 -95.88 14.57
CA MET N 182 2.49 -97.23 14.51
CA MET N 182 2.48 -97.21 14.50
C MET N 182 1.08 -97.19 15.08
C MET N 182 1.08 -97.19 15.07
N PRO N 183 0.08 -97.02 14.20
CA PRO N 183 -1.33 -97.12 14.61
C PRO N 183 -1.54 -98.57 14.99
N TYR N 184 -2.28 -98.82 16.05
CA TYR N 184 -2.50 -100.20 16.49
C TYR N 184 -3.91 -100.41 17.00
N SER N 185 -4.31 -101.69 17.03
CA SER N 185 -5.50 -102.13 17.73
C SER N 185 -5.11 -103.38 18.50
N TYR N 186 -5.69 -103.59 19.66
CA TYR N 186 -5.42 -104.82 20.38
C TYR N 186 -6.71 -105.42 20.91
N ASN N 187 -6.65 -106.71 21.19
CA ASN N 187 -7.72 -107.38 21.88
C ASN N 187 -7.13 -108.14 23.05
N ASN N 188 -7.39 -107.67 24.25
CA ASN N 188 -6.97 -108.38 25.44
C ASN N 188 -7.99 -109.47 25.71
N THR N 189 -7.58 -110.71 25.46
CA THR N 189 -8.45 -111.85 25.70
C THR N 189 -8.38 -112.31 27.18
N THR N 190 -7.54 -111.66 27.98
CA THR N 190 -7.39 -111.99 29.40
C THR N 190 -8.17 -111.03 30.28
N SER N 191 -8.35 -111.38 31.54
CA SER N 191 -9.04 -110.50 32.46
C SER N 191 -8.02 -109.65 33.19
N THR N 192 -6.79 -109.65 32.69
CA THR N 192 -5.71 -108.89 33.30
C THR N 192 -5.80 -107.43 32.86
N THR N 193 -5.69 -106.53 33.82
CA THR N 193 -5.52 -105.11 33.50
C THR N 193 -4.03 -104.78 33.51
N PHE N 194 -3.50 -104.39 32.36
CA PHE N 194 -2.08 -104.11 32.27
C PHE N 194 -1.79 -102.67 32.55
N THR N 195 -0.77 -102.44 33.36
CA THR N 195 -0.32 -101.08 33.52
C THR N 195 1.10 -100.91 33.00
N ASN N 196 1.33 -99.84 32.26
CA ASN N 196 2.60 -99.61 31.60
C ASN N 196 3.04 -100.83 30.78
N PHE N 197 2.11 -101.29 29.96
CA PHE N 197 2.29 -102.43 29.09
C PHE N 197 3.34 -102.06 28.07
N GLN N 198 4.49 -102.72 28.10
CA GLN N 198 5.45 -102.51 27.01
C GLN N 198 5.09 -103.40 25.82
N PHE N 199 4.67 -102.78 24.73
CA PHE N 199 4.37 -103.51 23.50
C PHE N 199 5.65 -103.95 22.79
N GLY N 200 6.63 -103.07 22.77
CA GLY N 200 7.88 -103.36 22.07
C GLY N 200 8.93 -102.27 22.25
N THR N 201 9.98 -102.33 21.45
CA THR N 201 11.04 -101.34 21.51
C THR N 201 11.50 -101.01 20.12
N ILE N 202 12.00 -99.79 19.97
CA ILE N 202 12.72 -99.39 18.77
C ILE N 202 14.13 -99.06 19.19
N SER N 203 15.12 -99.61 18.48
CA SER N 203 16.50 -99.38 18.87
C SER N 203 17.45 -99.31 17.71
N THR N 204 18.56 -98.61 17.95
CA THR N 204 19.76 -98.72 17.13
C THR N 204 20.73 -99.41 18.06
N SER N 205 21.98 -99.57 17.64
CA SER N 205 22.96 -100.22 18.53
C SER N 205 22.97 -99.66 19.95
N ALA N 207 20.99 -97.18 21.75
CA ALA N 207 19.79 -96.37 21.98
C ALA N 207 18.50 -97.19 21.82
N THR N 208 17.62 -97.11 22.82
CA THR N 208 16.39 -97.89 22.87
C THR N 208 15.19 -97.04 23.31
N ILE N 209 14.11 -97.14 22.54
CA ILE N 209 12.84 -96.46 22.90
C ILE N 209 11.73 -97.47 23.17
N PRO N 210 11.23 -97.52 24.41
CA PRO N 210 10.11 -98.42 24.72
C PRO N 210 8.81 -97.89 24.15
N LEU N 211 7.97 -98.77 23.61
CA LEU N 211 6.63 -98.40 23.15
C LEU N 211 5.64 -98.89 24.18
N VAL N 212 5.09 -97.97 24.97
CA VAL N 212 4.38 -98.30 26.20
C VAL N 212 2.95 -97.77 26.19
N ILE N 213 2.02 -98.62 26.63
CA ILE N 213 0.62 -98.22 26.77
C ILE N 213 0.28 -98.09 28.26
N SER N 214 -0.24 -96.94 28.65
CA SER N 214 -0.56 -96.67 30.07
C SER N 214 -1.32 -97.77 30.76
N SER N 215 -2.45 -98.16 30.17
CA SER N 215 -3.22 -99.28 30.70
C SER N 215 -4.00 -100.00 29.61
N ILE N 216 -4.06 -101.32 29.75
CA ILE N 216 -4.89 -102.16 28.91
C ILE N 216 -5.83 -102.86 29.89
N PRO N 217 -7.11 -102.45 29.86
CA PRO N 217 -8.15 -103.01 30.74
C PRO N 217 -8.37 -104.49 30.49
N ALA N 218 -8.72 -105.22 31.53
CA ALA N 218 -9.03 -106.64 31.38
C ALA N 218 -10.08 -106.82 30.29
N ASN N 219 -9.88 -107.81 29.43
CA ASN N 219 -10.88 -108.26 28.46
C ASN N 219 -11.20 -107.15 27.48
N GLY N 220 -10.40 -106.10 27.54
CA GLY N 220 -10.67 -104.92 26.76
C GLY N 220 -10.11 -104.99 25.36
N SER N 221 -10.67 -104.19 24.47
CA SER N 221 -10.08 -104.03 23.17
C SER N 221 -9.93 -102.54 23.00
N GLY N 222 -8.92 -102.12 22.25
CA GLY N 222 -8.67 -100.71 22.13
C GLY N 222 -7.78 -100.43 20.95
N SER N 223 -7.53 -99.16 20.71
CA SER N 223 -6.66 -98.77 19.61
C SER N 223 -5.98 -97.48 20.01
N GLY N 224 -4.87 -97.21 19.35
CA GLY N 224 -4.11 -95.99 19.61
C GLY N 224 -3.02 -95.86 18.59
N THR N 225 -2.03 -95.03 18.88
CA THR N 225 -0.92 -94.83 17.95
C THR N 225 0.35 -94.59 18.72
N PHE N 226 1.40 -95.36 18.42
CA PHE N 226 2.72 -95.06 18.93
C PHE N 226 3.36 -94.08 17.97
N LEU N 227 4.03 -93.08 18.49
CA LEU N 227 4.72 -92.09 17.66
C LEU N 227 6.01 -91.69 18.36
N VAL N 228 7.14 -92.14 17.82
CA VAL N 228 8.43 -91.78 18.38
C VAL N 228 9.34 -91.28 17.27
N TYR N 229 10.46 -90.70 17.64
CA TYR N 229 11.33 -90.07 16.67
C TYR N 229 12.76 -90.52 16.92
N LEU N 230 13.53 -90.70 15.84
CA LEU N 230 14.94 -91.08 15.91
C LEU N 230 15.78 -90.03 15.21
N LYS N 231 16.78 -89.52 15.90
CA LYS N 231 17.76 -88.70 15.22
C LYS N 231 18.91 -89.58 14.74
N ILE N 232 18.95 -89.85 13.44
CA ILE N 232 20.04 -90.65 12.90
C ILE N 232 21.14 -89.72 12.46
N THR N 233 22.17 -89.63 13.28
CA THR N 233 23.38 -88.88 12.94
C THR N 233 23.94 -89.42 11.62
N GLY N 234 23.92 -90.74 11.49
CA GLY N 234 24.43 -91.42 10.31
C GLY N 234 25.49 -92.47 10.60
N ASP N 235 26.04 -92.47 11.81
CA ASP N 235 27.05 -93.49 12.12
C ASP N 235 26.43 -94.81 12.61
N TYR N 236 25.13 -94.78 12.92
CA TYR N 236 24.37 -95.98 13.27
C TYR N 236 23.05 -95.92 12.51
N GLU N 237 22.96 -96.69 11.44
CA GLU N 237 21.82 -96.54 10.53
C GLU N 237 20.84 -97.69 10.61
N ASP N 238 21.26 -98.82 11.18
CA ASP N 238 20.33 -99.96 11.21
C ASP N 238 19.39 -99.88 12.40
N VAL N 239 18.09 -99.79 12.11
CA VAL N 239 17.09 -99.64 13.15
C VAL N 239 16.34 -100.97 13.32
N LYS N 240 16.05 -101.33 14.55
CA LYS N 240 15.39 -102.59 14.82
C LYS N 240 14.16 -102.35 15.70
N PHE N 241 13.00 -102.79 15.21
CA PHE N 241 11.77 -102.81 15.99
C PHE N 241 11.52 -104.23 16.49
N SER N 242 11.26 -104.39 17.80
CA SER N 242 11.00 -105.71 18.38
C SER N 242 9.70 -105.66 19.15
N VAL N 243 8.84 -106.64 18.93
CA VAL N 243 7.67 -106.86 19.80
C VAL N 243 8.16 -107.67 20.99
N THR N 244 7.87 -107.22 22.21
CA THR N 244 8.51 -107.81 23.37
C THR N 244 7.56 -108.37 24.42
N TYR N 245 6.25 -108.19 24.25
CA TYR N 245 5.34 -108.54 25.33
C TYR N 245 5.14 -110.04 25.54
N GLY N 246 5.52 -110.86 24.57
CA GLY N 246 5.57 -112.30 24.81
C GLY N 246 4.49 -113.09 24.12
N GLY N 247 4.91 -114.08 23.34
CA GLY N 247 4.02 -114.85 22.48
C GLY N 247 2.76 -115.43 23.09
N GLY N 248 2.83 -115.87 24.34
CA GLY N 248 1.69 -116.58 24.91
C GLY N 248 0.77 -115.74 25.77
N LEU N 249 0.95 -114.43 25.74
CA LEU N 249 0.25 -113.53 26.66
C LEU N 249 -1.27 -113.47 26.47
N GLY N 250 -1.75 -113.57 25.24
CA GLY N 250 -3.18 -113.54 25.00
C GLY N 250 -3.70 -112.14 24.69
N VAL N 251 -2.80 -111.30 24.19
CA VAL N 251 -3.17 -109.95 23.74
C VAL N 251 -2.73 -109.71 22.29
N PRO N 252 -3.45 -110.27 21.32
CA PRO N 252 -3.09 -110.03 19.91
C PRO N 252 -3.19 -108.55 19.56
N PHE N 253 -2.19 -108.04 18.83
CA PHE N 253 -2.24 -106.69 18.26
C PHE N 253 -2.30 -106.75 16.74
N THR N 254 -2.92 -105.75 16.14
CA THR N 254 -2.77 -105.50 14.71
C THR N 254 -2.24 -104.08 14.57
N PHE N 255 -1.21 -103.89 13.75
CA PHE N 255 -0.61 -102.56 13.65
C PHE N 255 -0.14 -102.18 12.27
N GLY N 256 0.05 -100.88 12.06
CA GLY N 256 0.59 -100.37 10.83
C GLY N 256 1.98 -99.83 11.10
N LEU N 257 2.67 -99.41 10.05
CA LEU N 257 4.01 -98.87 10.20
C LEU N 257 4.23 -97.74 9.24
N GLU N 258 4.56 -96.59 9.79
CA GLU N 258 4.85 -95.43 8.97
C GLU N 258 6.20 -94.89 9.42
N VAL N 259 7.13 -94.77 8.47
CA VAL N 259 8.46 -94.24 8.76
C VAL N 259 8.73 -93.11 7.79
N GLU N 260 8.99 -91.92 8.29
CA GLU N 260 9.08 -90.76 7.39
C GLU N 260 10.06 -89.74 7.93
N GLU N 261 10.76 -89.06 7.04
N GLU N 261 10.76 -89.07 7.03
CA GLU N 261 11.72 -88.04 7.45
CA GLU N 261 11.68 -88.00 7.40
C GLU N 261 10.98 -86.77 7.88
C GLU N 261 10.91 -86.79 7.93
N ILE N 262 11.47 -86.13 8.94
CA ILE N 262 10.89 -84.89 9.42
C ILE N 262 11.94 -83.76 9.43
N ASN N 263 11.45 -82.53 9.49
CA ASN N 263 12.33 -81.40 9.78
C ASN N 263 12.34 -81.21 11.28
N GLU N 264 13.21 -80.32 11.77
CA GLU N 264 13.38 -80.21 13.22
C GLU N 264 12.03 -79.92 13.89
N LEU N 265 11.76 -80.64 14.97
CA LEU N 265 10.50 -80.45 15.68
C LEU N 265 10.78 -80.06 17.13
N VAL N 266 10.57 -78.80 17.44
CA VAL N 266 10.67 -78.37 18.83
C VAL N 266 9.37 -78.73 19.54
N GLU N 267 9.40 -79.75 20.37
CA GLU N 267 8.18 -80.20 21.02
C GLU N 267 7.69 -79.22 22.07
N ASN N 268 8.64 -78.62 22.79
CA ASN N 268 8.31 -77.54 23.70
C ASN N 268 9.54 -76.84 24.20
N THR N 269 9.34 -75.67 24.78
CA THR N 269 10.43 -74.87 25.30
C THR N 269 9.96 -74.49 26.68
N ASN N 270 10.83 -74.64 27.66
CA ASN N 270 10.41 -74.48 29.05
C ASN N 270 11.39 -73.72 29.91
N PHE N 271 10.82 -72.93 30.82
CA PHE N 271 11.55 -72.27 31.88
C PHE N 271 11.21 -73.11 33.10
N VAL N 272 12.24 -73.66 33.74
CA VAL N 272 12.01 -74.53 34.86
C VAL N 272 12.89 -74.15 36.02
N THR N 273 12.41 -74.43 37.22
CA THR N 273 13.11 -74.02 38.43
C THR N 273 13.27 -75.24 39.33
N GLN N 274 14.37 -75.28 40.06
CA GLN N 274 14.64 -76.42 40.93
C GLN N 274 15.46 -75.96 42.12
N SER N 275 14.95 -76.23 43.33
CA SER N 275 15.70 -75.88 44.53
C SER N 275 16.48 -77.08 45.07
N VAL N 276 17.61 -76.78 45.70
CA VAL N 276 18.44 -77.81 46.31
C VAL N 276 18.90 -77.28 47.64
N THR N 277 18.71 -78.08 48.67
CA THR N 277 19.12 -77.68 50.02
C THR N 277 20.40 -78.39 50.41
N LEU N 278 21.42 -77.61 50.78
CA LEU N 278 22.74 -78.14 51.07
C LEU N 278 23.02 -78.08 52.56
N SER N 279 23.49 -79.19 53.11
CA SER N 279 23.78 -79.24 54.54
C SER N 279 25.05 -80.01 54.87
N GLY N 280 26.12 -79.74 54.12
CA GLY N 280 27.43 -80.31 54.42
C GLY N 280 27.86 -81.44 53.51
N SER N 281 26.93 -82.00 52.74
CA SER N 281 27.24 -83.14 51.90
C SER N 281 26.98 -82.84 50.43
N GLN N 282 27.76 -83.46 49.55
CA GLN N 282 27.54 -83.28 48.12
C GLN N 282 26.19 -83.87 47.75
N VAL N 283 25.46 -83.15 46.90
CA VAL N 283 24.17 -83.59 46.42
C VAL N 283 24.21 -83.63 44.91
N THR N 284 23.74 -84.72 44.32
CA THR N 284 23.59 -84.80 42.88
C THR N 284 22.10 -84.85 42.56
N GLN N 285 21.59 -83.77 41.99
CA GLN N 285 20.16 -83.64 41.76
C GLN N 285 19.85 -83.73 40.28
N SER N 286 19.07 -84.74 39.90
CA SER N 286 18.60 -84.84 38.52
C SER N 286 17.63 -83.69 38.23
N ILE N 287 17.81 -83.03 37.10
CA ILE N 287 16.92 -81.96 36.69
C ILE N 287 15.99 -82.49 35.61
N LEU N 288 16.58 -83.18 34.64
N LEU N 288 16.56 -83.18 34.63
CA LEU N 288 15.86 -83.67 33.47
CA LEU N 288 15.78 -83.72 33.54
C LEU N 288 16.55 -84.92 32.92
C LEU N 288 16.50 -84.88 32.88
N ASN N 289 15.75 -85.94 32.59
CA ASN N 289 16.28 -87.11 31.89
C ASN N 289 15.27 -87.61 30.86
N VAL N 290 15.53 -87.41 29.57
CA VAL N 290 14.58 -87.85 28.56
C VAL N 290 15.13 -89.00 27.73
N GLN N 291 16.15 -89.67 28.24
CA GLN N 291 16.68 -90.84 27.53
C GLN N 291 15.59 -91.89 27.28
N GLY N 292 15.49 -92.37 26.04
CA GLY N 292 14.54 -93.42 25.73
C GLY N 292 13.14 -92.91 25.42
N SER N 293 13.00 -91.59 25.35
CA SER N 293 11.70 -90.96 25.15
C SER N 293 11.41 -90.65 23.68
N GLY N 294 12.42 -90.76 22.82
CA GLY N 294 12.27 -90.34 21.44
C GLY N 294 12.48 -88.85 21.31
N SER N 295 13.19 -88.25 22.27
CA SER N 295 13.52 -86.85 22.19
C SER N 295 14.87 -86.54 22.82
N HIS N 296 15.35 -85.32 22.61
CA HIS N 296 16.56 -84.85 23.31
C HIS N 296 16.38 -83.40 23.72
N LEU N 297 17.43 -82.80 24.27
CA LEU N 297 17.32 -81.48 24.87
C LEU N 297 18.31 -80.51 24.25
N ARG N 298 18.06 -79.22 24.46
CA ARG N 298 18.99 -78.17 24.08
C ARG N 298 18.88 -77.13 25.18
N LEU N 299 20.00 -76.79 25.83
CA LEU N 299 19.98 -75.82 26.96
C LEU N 299 20.36 -74.43 26.46
N LYS N 300 19.56 -73.43 26.81
CA LYS N 300 19.76 -72.07 26.28
C LYS N 300 20.26 -71.11 27.34
N TYR N 301 19.85 -71.33 28.59
CA TYR N 301 20.18 -70.40 29.66
C TYR N 301 20.06 -71.06 31.03
N ALA N 302 20.95 -70.71 31.95
CA ALA N 302 20.83 -71.20 33.33
C ALA N 302 21.33 -70.18 34.28
N SER N 303 20.75 -70.18 35.47
CA SER N 303 21.14 -69.24 36.51
C SER N 303 20.89 -69.87 37.86
N VAL N 304 21.72 -69.50 38.85
CA VAL N 304 21.52 -69.98 40.20
C VAL N 304 21.45 -68.81 41.15
N SER N 305 20.40 -68.77 41.96
CA SER N 305 20.29 -67.75 42.99
C SER N 305 20.50 -68.39 44.36
N GLY N 306 20.98 -67.59 45.31
CA GLY N 306 21.20 -68.07 46.66
C GLY N 306 22.63 -68.48 46.94
N LEU N 307 23.53 -68.25 45.98
CA LEU N 307 24.92 -68.61 46.18
C LEU N 307 25.54 -67.72 47.24
N THR N 308 26.28 -68.36 48.15
CA THR N 308 27.05 -67.64 49.16
C THR N 308 28.39 -68.33 49.29
N THR N 309 29.28 -67.76 50.09
CA THR N 309 30.58 -68.36 50.34
C THR N 309 30.43 -69.71 51.04
N ALA N 310 29.23 -70.01 51.52
CA ALA N 310 28.95 -71.30 52.15
C ALA N 310 28.74 -72.41 51.10
N VAL N 311 28.63 -72.03 49.83
CA VAL N 311 28.51 -73.00 48.74
C VAL N 311 29.88 -73.23 48.07
N THR N 312 30.35 -74.47 48.09
CA THR N 312 31.70 -74.80 47.62
C THR N 312 31.69 -75.44 46.24
N GLN N 313 30.54 -75.98 45.86
CA GLN N 313 30.42 -76.57 44.52
C GLN N 313 29.03 -76.36 43.97
N CYS N 314 28.96 -76.02 42.69
CA CYS N 314 27.68 -75.84 42.04
C CYS N 314 27.94 -75.93 40.56
N GLN N 315 27.82 -77.14 40.04
CA GLN N 315 28.08 -77.40 38.62
C GLN N 315 26.88 -78.02 37.95
N LEU N 316 26.49 -77.44 36.82
CA LEU N 316 25.48 -78.02 35.96
C LEU N 316 26.20 -78.99 35.03
N GLN N 317 25.69 -80.21 34.94
CA GLN N 317 26.30 -81.23 34.08
C GLN N 317 25.27 -81.85 33.15
N ALA N 318 25.74 -82.33 32.01
CA ALA N 318 24.86 -82.86 31.00
C ALA N 318 25.57 -83.97 30.25
N THR N 319 24.79 -84.80 29.58
CA THR N 319 25.38 -85.78 28.70
C THR N 319 24.34 -86.35 27.75
N ASN N 320 24.85 -86.99 26.70
CA ASN N 320 24.05 -87.90 25.90
C ASN N 320 24.27 -89.29 26.49
N LEU N 321 23.30 -89.78 27.26
CA LEU N 321 23.43 -91.04 27.99
C LEU N 321 23.57 -92.24 27.07
N ASN N 322 23.09 -92.10 25.84
CA ASN N 322 23.26 -93.15 24.82
C ASN N 322 24.69 -93.23 24.30
N ARG N 323 25.47 -92.18 24.55
CA ARG N 323 26.87 -92.16 24.18
C ARG N 323 27.77 -92.41 25.39
N SER N 324 27.42 -91.83 26.54
CA SER N 324 28.27 -91.87 27.73
C SER N 324 27.47 -91.70 29.03
N THR N 325 27.76 -92.51 30.04
CA THR N 325 27.11 -92.41 31.34
C THR N 325 27.83 -91.42 32.24
N THR N 326 28.98 -90.93 31.76
CA THR N 326 29.71 -89.92 32.51
C THR N 326 29.27 -88.52 32.10
N TYR N 327 28.78 -87.76 33.08
CA TYR N 327 28.30 -86.41 32.82
C TYR N 327 29.47 -85.47 32.70
N SER N 328 29.38 -84.50 31.79
CA SER N 328 30.39 -83.45 31.76
C SER N 328 29.82 -82.14 32.26
N THR N 329 30.67 -81.36 32.92
CA THR N 329 30.26 -80.07 33.44
C THR N 329 30.07 -79.12 32.27
N VAL N 330 28.91 -78.47 32.20
CA VAL N 330 28.64 -77.53 31.11
C VAL N 330 28.63 -76.08 31.61
N TRP N 331 28.46 -75.92 32.92
CA TRP N 331 28.64 -74.63 33.55
C TRP N 331 28.95 -74.77 35.03
N ASP N 332 29.92 -74.01 35.48
CA ASP N 332 30.30 -73.98 36.90
C ASP N 332 29.92 -72.61 37.45
N PHE N 333 28.91 -72.58 38.31
CA PHE N 333 28.37 -71.30 38.77
C PHE N 333 29.30 -70.62 39.77
N ILE N 334 30.22 -71.39 40.35
CA ILE N 334 31.19 -70.80 41.26
C ILE N 334 32.32 -70.18 40.45
N ALA N 335 32.92 -70.98 39.59
CA ALA N 335 34.06 -70.54 38.78
C ALA N 335 33.66 -69.55 37.70
N GLY N 336 32.47 -69.74 37.12
CA GLY N 336 32.04 -68.97 35.98
C GLY N 336 31.07 -67.83 36.24
N GLY N 337 30.42 -67.86 37.40
CA GLY N 337 29.46 -66.83 37.75
C GLY N 337 28.05 -67.36 37.77
N SER N 338 27.15 -66.59 38.38
CA SER N 338 25.79 -67.07 38.70
C SER N 338 24.86 -67.29 37.51
N SER N 339 25.22 -66.81 36.32
CA SER N 339 24.41 -67.08 35.15
C SER N 339 25.25 -67.33 33.90
N THR N 340 24.67 -68.05 32.96
CA THR N 340 25.38 -68.40 31.73
C THR N 340 25.43 -67.23 30.75
N PRO N 341 26.52 -67.16 29.96
CA PRO N 341 26.70 -66.06 29.01
C PRO N 341 25.82 -66.24 27.77
N PRO N 342 25.69 -65.17 26.99
CA PRO N 342 24.85 -65.21 25.79
C PRO N 342 25.19 -66.32 24.82
N SER N 343 26.47 -66.68 24.68
CA SER N 343 26.86 -67.67 23.67
C SER N 343 26.69 -69.12 24.14
N TRP N 344 26.30 -69.29 25.39
CA TRP N 344 26.15 -70.61 26.01
C TRP N 344 24.93 -71.33 25.45
N ASP N 345 25.16 -72.50 24.88
CA ASP N 345 24.13 -73.23 24.15
C ASP N 345 24.59 -74.69 24.16
N ILE N 346 23.85 -75.54 24.85
CA ILE N 346 24.26 -76.92 25.00
C ILE N 346 23.38 -77.82 24.15
N ARG N 347 23.95 -78.42 23.10
CA ARG N 347 23.16 -79.26 22.20
C ARG N 347 23.45 -80.76 22.37
N GLU N 348 22.57 -81.57 21.79
CA GLU N 348 22.77 -83.02 21.73
C GLU N 348 23.03 -83.66 23.10
N ILE N 349 22.17 -83.34 24.06
CA ILE N 349 22.20 -83.99 25.35
C ILE N 349 20.80 -84.52 25.63
N ASN N 350 20.69 -85.49 26.52
CA ASN N 350 19.35 -85.95 26.93
C ASN N 350 19.20 -86.12 28.44
N SER N 351 20.21 -85.68 29.19
CA SER N 351 20.12 -85.73 30.65
C SER N 351 20.94 -84.63 31.29
N ILE N 352 20.37 -84.01 32.31
CA ILE N 352 20.94 -82.84 32.97
C ILE N 352 20.86 -83.07 34.47
N GLN N 353 21.95 -82.79 35.19
CA GLN N 353 21.91 -82.85 36.64
C GLN N 353 22.68 -81.68 37.24
N LEU N 354 22.39 -81.38 38.50
CA LEU N 354 23.12 -80.35 39.22
C LEU N 354 23.88 -81.02 40.34
N VAL N 355 25.18 -80.80 40.39
CA VAL N 355 26.01 -81.32 41.45
C VAL N 355 26.45 -80.17 42.32
N ALA N 356 26.13 -80.23 43.61
CA ALA N 356 26.39 -79.10 44.49
C ALA N 356 26.86 -79.58 45.86
N ASN N 357 27.51 -78.68 46.57
CA ASN N 357 27.98 -78.99 47.91
C ASN N 357 28.16 -77.70 48.69
N GLY N 358 28.01 -77.79 50.01
CA GLY N 358 28.14 -76.63 50.87
C GLY N 358 27.20 -76.72 52.06
N GLY N 359 27.09 -75.62 52.81
CA GLY N 359 26.27 -75.60 54.00
C GLY N 359 26.87 -76.50 55.06
N SER N 360 26.18 -76.63 56.18
CA SER N 360 26.62 -77.48 57.26
C SER N 360 25.44 -78.21 57.91
N SER N 361 25.74 -79.19 58.74
CA SER N 361 24.71 -79.97 59.43
C SER N 361 23.86 -79.10 60.35
N THR N 362 24.35 -77.90 60.66
CA THR N 362 23.66 -77.01 61.58
C THR N 362 23.13 -75.76 60.87
N SER N 363 23.63 -75.51 59.66
CA SER N 363 23.25 -74.32 58.90
C SER N 363 23.19 -74.64 57.41
N SER N 364 22.00 -74.98 56.94
CA SER N 364 21.82 -75.38 55.55
C SER N 364 21.67 -74.16 54.65
N VAL N 365 22.04 -74.34 53.39
CA VAL N 365 21.88 -73.30 52.38
C VAL N 365 20.98 -73.83 51.27
N THR N 366 20.02 -73.02 50.86
CA THR N 366 19.16 -73.40 49.74
C THR N 366 19.46 -72.55 48.51
N ILE N 367 19.79 -73.20 47.41
CA ILE N 367 20.03 -72.53 46.16
C ILE N 367 18.95 -72.93 45.18
N THR N 368 18.70 -72.07 44.19
CA THR N 368 17.64 -72.32 43.22
C THR N 368 18.17 -72.18 41.82
N LEU N 369 18.08 -73.26 41.06
CA LEU N 369 18.48 -73.29 39.67
C LEU N 369 17.30 -72.93 38.81
N ILE N 370 17.49 -72.02 37.86
CA ILE N 370 16.51 -71.84 36.80
C ILE N 370 17.18 -72.23 35.51
N LEU N 371 16.39 -72.77 34.59
CA LEU N 371 16.94 -73.31 33.36
C LEU N 371 15.92 -73.10 32.25
N VAL N 372 16.37 -72.61 31.09
CA VAL N 372 15.53 -72.58 29.91
C VAL N 372 16.07 -73.60 28.93
N TYR N 373 15.22 -74.51 28.48
CA TYR N 373 15.65 -75.54 27.54
C TYR N 373 14.56 -75.85 26.55
N GLU N 374 14.95 -76.42 25.40
CA GLU N 374 14.01 -76.93 24.44
C GLU N 374 14.04 -78.45 24.50
N GLN N 375 12.89 -79.06 24.30
CA GLN N 375 12.82 -80.50 24.09
C GLN N 375 12.57 -80.71 22.61
N ILE N 376 13.47 -81.46 21.98
CA ILE N 376 13.47 -81.59 20.53
C ILE N 376 13.25 -83.04 20.11
N ALA N 377 12.43 -83.25 19.10
CA ALA N 377 12.14 -84.61 18.63
C ALA N 377 13.40 -85.31 18.17
N GLY N 378 13.51 -86.59 18.52
CA GLY N 378 14.60 -87.42 18.04
C GLY N 378 15.46 -88.01 19.13
N GLU N 379 15.38 -89.34 19.31
CA GLU N 379 16.24 -90.04 20.27
C GLU N 379 17.68 -89.93 19.74
N LEU N 380 18.63 -89.58 20.62
CA LEU N 380 20.05 -89.51 20.23
C LEU N 380 20.62 -90.90 20.08
N SER N 381 21.52 -91.08 19.11
CA SER N 381 22.11 -92.40 18.94
C SER N 381 23.37 -92.59 19.78
N HIS N 382 23.78 -93.85 19.87
CA HIS N 382 25.04 -94.23 20.52
C HIS N 382 26.23 -93.65 19.72
N HIS N 383 27.39 -93.53 20.36
CA HIS N 383 28.63 -93.19 19.64
C HIS N 383 29.83 -93.77 20.38
N LEU O 6 -24.67 -101.85 -13.76
CA LEU O 6 -23.85 -100.65 -13.96
C LEU O 6 -22.36 -100.99 -14.07
N GLY O 7 -21.91 -101.99 -13.33
CA GLY O 7 -20.52 -102.44 -13.40
C GLY O 7 -20.26 -103.24 -14.66
N GLN O 8 -19.04 -103.15 -15.19
CA GLN O 8 -18.65 -103.92 -16.36
C GLN O 8 -17.37 -104.68 -16.07
N SER O 9 -17.10 -105.72 -16.86
CA SER O 9 -15.80 -106.38 -16.78
C SER O 9 -14.83 -105.70 -17.74
N PHE O 10 -13.53 -105.75 -17.44
CA PHE O 10 -12.53 -105.22 -18.35
C PHE O 10 -11.24 -106.02 -18.27
N PRO O 11 -10.57 -106.19 -19.42
CA PRO O 11 -9.27 -106.87 -19.44
C PRO O 11 -8.20 -105.92 -18.92
N ALA O 12 -7.26 -106.44 -18.14
CA ALA O 12 -6.29 -105.55 -17.52
C ALA O 12 -4.90 -106.17 -17.44
N ASN O 13 -4.52 -106.90 -18.48
CA ASN O 13 -3.25 -107.60 -18.45
C ASN O 13 -2.01 -106.75 -18.65
N ALA O 14 -2.15 -105.63 -19.36
CA ALA O 14 -0.97 -104.91 -19.82
C ALA O 14 -0.42 -104.02 -18.74
N LYS O 15 0.88 -103.80 -18.75
CA LYS O 15 1.57 -102.89 -17.83
C LYS O 15 1.01 -101.48 -18.02
N VAL O 16 0.80 -100.76 -16.93
CA VAL O 16 0.38 -99.36 -16.99
C VAL O 16 1.54 -98.46 -17.41
N LYS O 17 1.24 -97.39 -18.13
CA LYS O 17 2.24 -96.40 -18.54
C LYS O 17 1.97 -95.13 -17.76
N TYR O 18 2.95 -94.25 -17.68
CA TYR O 18 2.74 -92.98 -17.00
C TYR O 18 2.29 -91.89 -17.95
N TYR O 19 2.25 -92.22 -19.23
CA TYR O 19 1.79 -91.27 -20.22
C TYR O 19 1.24 -92.05 -21.39
N TYR O 20 0.06 -91.67 -21.85
CA TYR O 20 -0.54 -92.25 -23.05
C TYR O 20 -0.93 -91.13 -24.00
N LYS O 21 -0.60 -91.30 -25.28
CA LYS O 21 -1.22 -90.46 -26.31
C LYS O 21 -2.09 -91.42 -27.11
N LEU O 22 -3.40 -91.30 -26.97
CA LEU O 22 -4.31 -92.36 -27.40
C LEU O 22 -4.54 -92.38 -28.90
N SER O 23 -3.93 -91.41 -29.58
CA SER O 23 -3.94 -91.41 -31.05
C SER O 23 -2.78 -92.24 -31.60
N GLU O 24 -1.96 -92.78 -30.69
CA GLU O 24 -0.92 -93.77 -31.07
C GLU O 24 -1.50 -95.14 -30.78
N LYS O 25 -1.50 -96.00 -31.79
CA LYS O 25 -2.06 -97.33 -31.70
C LYS O 25 -1.55 -98.13 -30.50
N GLN O 26 -0.24 -98.13 -30.30
CA GLN O 26 0.32 -98.96 -29.24
C GLN O 26 -0.08 -98.45 -27.87
N ASP O 27 -0.19 -97.14 -27.70
CA ASP O 27 -0.68 -96.60 -26.43
C ASP O 27 -2.12 -96.99 -26.19
N LEU O 28 -2.95 -96.88 -27.22
CA LEU O 28 -4.38 -97.16 -27.07
C LEU O 28 -4.59 -98.63 -26.75
N ASP O 29 -3.86 -99.50 -27.44
CA ASP O 29 -3.93 -100.95 -27.21
C ASP O 29 -3.60 -101.30 -25.76
N ALA O 30 -2.60 -100.64 -25.17
CA ALA O 30 -2.24 -100.90 -23.78
C ALA O 30 -3.34 -100.34 -22.86
N PHE O 31 -3.78 -99.13 -23.15
CA PHE O 31 -4.78 -98.40 -22.36
C PHE O 31 -6.04 -99.24 -22.15
N VAL O 32 -6.50 -99.87 -23.23
CA VAL O 32 -7.76 -100.63 -23.19
C VAL O 32 -7.55 -102.09 -22.81
N ASN O 33 -6.34 -102.43 -22.36
CA ASN O 33 -6.03 -103.74 -21.79
C ASN O 33 -5.33 -103.53 -20.45
N SER O 34 -5.75 -102.48 -19.72
CA SER O 34 -5.11 -102.20 -18.44
C SER O 34 -6.00 -101.34 -17.54
N ILE O 35 -6.41 -100.16 -18.02
CA ILE O 35 -7.05 -99.20 -17.12
C ILE O 35 -8.36 -98.62 -17.64
N PHE O 36 -8.71 -98.92 -18.89
CA PHE O 36 -9.96 -98.40 -19.46
C PHE O 36 -11.09 -99.41 -19.36
N VAL O 37 -12.25 -98.94 -18.88
CA VAL O 37 -13.41 -99.78 -18.69
C VAL O 37 -14.47 -99.29 -19.66
N GLY O 38 -14.97 -100.19 -20.49
CA GLY O 38 -16.07 -99.88 -21.39
C GLY O 38 -15.63 -100.00 -22.85
N SER O 39 -16.48 -99.60 -23.78
N SER O 39 -16.49 -99.54 -23.75
CA SER O 39 -16.07 -99.64 -25.17
CA SER O 39 -16.19 -99.58 -25.17
C SER O 39 -15.75 -98.25 -25.67
C SER O 39 -15.71 -98.21 -25.65
N TYR O 40 -15.14 -98.18 -26.85
CA TYR O 40 -14.83 -96.91 -27.50
C TYR O 40 -15.06 -97.03 -29.00
N LYS O 41 -15.17 -95.88 -29.67
CA LYS O 41 -15.23 -95.83 -31.12
C LYS O 41 -14.11 -94.91 -31.52
N LEU O 42 -13.26 -95.34 -32.44
CA LEU O 42 -12.17 -94.48 -32.87
C LEU O 42 -12.72 -93.46 -33.85
N LYS O 43 -12.52 -92.18 -33.56
CA LYS O 43 -13.08 -91.16 -34.44
C LYS O 43 -12.09 -90.09 -34.77
N GLN O 44 -12.31 -89.43 -35.90
CA GLN O 44 -11.44 -88.32 -36.25
C GLN O 44 -11.93 -87.07 -35.53
N ILE O 45 -11.07 -86.48 -34.72
CA ILE O 45 -11.38 -85.36 -33.84
C ILE O 45 -10.61 -84.14 -34.32
N SER O 46 -11.30 -83.00 -34.44
CA SER O 46 -10.68 -81.75 -34.88
C SER O 46 -10.97 -80.62 -33.90
N TYR O 47 -9.96 -79.82 -33.58
CA TYR O 47 -10.24 -78.62 -32.79
C TYR O 47 -9.24 -77.50 -33.08
N LEU O 48 -9.60 -76.29 -32.69
CA LEU O 48 -8.81 -75.11 -33.06
C LEU O 48 -7.70 -74.77 -32.07
N LEU O 49 -6.53 -74.46 -32.60
CA LEU O 49 -5.38 -73.97 -31.83
C LEU O 49 -4.78 -72.79 -32.59
N TYR O 50 -4.96 -71.59 -32.04
CA TYR O 50 -4.51 -70.37 -32.71
C TYR O 50 -4.97 -70.34 -34.18
N GLY O 51 -6.22 -70.70 -34.43
CA GLY O 51 -6.78 -70.60 -35.77
C GLY O 51 -6.46 -71.78 -36.67
N ASN O 52 -5.60 -72.68 -36.19
CA ASN O 52 -5.25 -73.88 -36.95
C ASN O 52 -6.05 -75.07 -36.45
N THR O 53 -6.32 -76.03 -37.32
CA THR O 53 -7.13 -77.19 -36.94
C THR O 53 -6.26 -78.40 -36.70
N LYS O 54 -6.14 -78.79 -35.45
CA LYS O 54 -5.43 -80.00 -35.09
C LYS O 54 -6.35 -81.17 -35.33
N ILE O 55 -5.87 -82.18 -36.05
CA ILE O 55 -6.69 -83.36 -36.35
C ILE O 55 -6.00 -84.62 -35.82
N VAL O 56 -6.72 -85.37 -34.98
CA VAL O 56 -6.26 -86.67 -34.51
C VAL O 56 -7.37 -87.71 -34.58
N SER O 57 -6.98 -88.98 -34.61
CA SER O 57 -7.92 -90.09 -34.45
C SER O 57 -7.81 -90.55 -33.01
N ALA O 58 -8.92 -90.47 -32.27
CA ALA O 58 -8.92 -90.77 -30.83
C ALA O 58 -10.15 -91.57 -30.42
N PRO O 59 -10.05 -92.32 -29.33
CA PRO O 59 -11.18 -93.12 -28.85
C PRO O 59 -12.24 -92.20 -28.27
N VAL O 60 -13.50 -92.46 -28.61
CA VAL O 60 -14.62 -91.67 -28.09
C VAL O 60 -15.56 -92.60 -27.32
N VAL O 61 -16.04 -92.16 -26.16
CA VAL O 61 -17.01 -92.95 -25.43
C VAL O 61 -18.32 -92.98 -26.22
N PRO O 62 -18.83 -94.18 -26.52
CA PRO O 62 -20.08 -94.26 -27.29
C PRO O 62 -21.32 -94.06 -26.43
N LEU O 63 -22.46 -93.89 -27.07
CA LEU O 63 -23.75 -93.82 -26.38
C LEU O 63 -23.92 -95.04 -25.47
N GLY O 64 -24.43 -94.81 -24.27
CA GLY O 64 -24.62 -95.89 -23.32
C GLY O 64 -24.08 -95.48 -21.97
N PRO O 65 -23.65 -96.45 -21.16
CA PRO O 65 -23.10 -96.16 -19.83
C PRO O 65 -21.79 -95.39 -19.91
N ASN O 66 -21.49 -94.64 -18.88
CA ASN O 66 -20.20 -93.98 -18.81
C ASN O 66 -19.08 -95.01 -18.92
N ALA O 67 -17.96 -94.60 -19.49
CA ALA O 67 -16.74 -95.39 -19.43
C ALA O 67 -16.05 -95.02 -18.12
N SER O 68 -15.01 -95.76 -17.73
CA SER O 68 -14.26 -95.42 -16.55
C SER O 68 -12.78 -95.64 -16.79
N ILE O 69 -11.96 -94.97 -16.02
CA ILE O 69 -10.54 -95.26 -15.97
C ILE O 69 -10.31 -95.70 -14.55
N ILE O 70 -9.71 -96.88 -14.39
CA ILE O 70 -9.49 -97.43 -13.07
C ILE O 70 -8.06 -97.94 -12.99
N ILE O 71 -7.30 -97.47 -12.00
CA ILE O 71 -5.89 -97.85 -11.87
C ILE O 71 -5.55 -98.38 -10.48
N ASP O 72 -5.42 -99.71 -10.34
CA ASP O 72 -5.01 -100.24 -9.04
C ASP O 72 -3.59 -100.80 -9.09
N ASP O 73 -2.92 -100.61 -10.21
CA ASP O 73 -1.56 -101.13 -10.39
C ASP O 73 -0.57 -100.50 -9.43
N GLU O 74 0.54 -101.20 -9.19
CA GLU O 74 1.58 -100.73 -8.25
C GLU O 74 2.45 -99.63 -8.86
N LEU O 75 1.86 -98.49 -9.19
CA LEU O 75 2.65 -97.32 -9.59
C LEU O 75 3.64 -97.01 -8.50
N GLN O 76 4.72 -96.30 -8.85
CA GLN O 76 5.65 -95.80 -7.87
C GLN O 76 4.83 -94.97 -6.87
N GLU O 77 5.09 -95.13 -5.58
CA GLU O 77 4.32 -94.38 -4.59
C GLU O 77 4.60 -92.90 -4.69
N GLY O 78 3.62 -92.07 -4.34
CA GLY O 78 3.80 -90.63 -4.30
C GLY O 78 2.50 -89.94 -4.64
N LEU O 79 2.57 -88.63 -4.80
CA LEU O 79 1.38 -87.84 -5.09
C LEU O 79 1.41 -87.46 -6.56
N TYR O 80 0.37 -87.85 -7.28
CA TYR O 80 0.30 -87.63 -8.73
C TYR O 80 -0.66 -86.53 -9.09
N LEU O 81 -0.23 -85.67 -10.01
CA LEU O 81 -1.14 -84.81 -10.75
C LEU O 81 -1.48 -85.57 -12.02
N ILE O 82 -2.77 -85.79 -12.27
CA ILE O 82 -3.23 -86.46 -13.48
C ILE O 82 -3.81 -85.40 -14.40
N ARG O 83 -3.47 -85.49 -15.68
CA ARG O 83 -4.07 -84.62 -16.69
C ARG O 83 -4.66 -85.50 -17.77
N ILE O 84 -5.93 -85.29 -18.05
CA ILE O 84 -6.56 -85.98 -19.17
C ILE O 84 -7.00 -84.97 -20.22
N LYS O 85 -6.45 -85.07 -21.42
CA LYS O 85 -6.88 -84.19 -22.50
C LYS O 85 -8.09 -84.85 -23.17
N VAL O 86 -9.20 -84.15 -23.20
CA VAL O 86 -10.41 -84.70 -23.79
C VAL O 86 -11.00 -83.70 -24.77
N TYR O 87 -11.90 -84.18 -25.62
CA TYR O 87 -12.64 -83.29 -26.49
C TYR O 87 -14.09 -83.72 -26.45
N ASN O 88 -14.97 -82.77 -26.18
CA ASN O 88 -16.39 -83.08 -26.06
C ASN O 88 -17.00 -82.98 -27.44
N THR O 89 -17.30 -84.13 -28.06
CA THR O 89 -17.89 -84.17 -29.40
C THR O 89 -19.38 -83.86 -29.38
N ASN O 90 -19.97 -83.80 -28.19
CA ASN O 90 -21.41 -83.50 -28.11
C ASN O 90 -21.71 -82.03 -28.37
N SER O 91 -22.95 -81.75 -28.80
CA SER O 91 -23.39 -80.37 -28.95
C SER O 91 -24.00 -79.84 -27.64
N PHE O 92 -23.73 -80.52 -26.53
CA PHE O 92 -24.19 -80.07 -25.22
C PHE O 92 -23.08 -80.26 -24.21
N SER O 93 -23.17 -79.59 -23.07
CA SER O 93 -22.15 -79.71 -22.04
C SER O 93 -22.24 -81.07 -21.39
N VAL O 94 -21.11 -81.55 -20.88
CA VAL O 94 -21.10 -82.76 -20.07
C VAL O 94 -20.31 -82.47 -18.83
N THR O 95 -20.51 -83.29 -17.79
CA THR O 95 -19.81 -83.06 -16.54
C THR O 95 -18.96 -84.28 -16.19
N VAL O 96 -17.92 -84.04 -15.42
CA VAL O 96 -17.03 -85.10 -15.00
C VAL O 96 -16.80 -84.84 -13.51
N THR O 97 -16.64 -85.91 -12.73
CA THR O 97 -16.39 -85.80 -11.30
C THR O 97 -15.00 -86.28 -10.99
N PRO O 98 -14.05 -85.34 -10.76
CA PRO O 98 -12.68 -85.80 -10.53
C PRO O 98 -12.54 -86.59 -9.22
N PHE O 99 -11.55 -87.48 -9.18
CA PHE O 99 -11.31 -88.36 -8.03
C PHE O 99 -10.85 -87.57 -6.80
N PHE O 100 -9.79 -86.79 -6.97
CA PHE O 100 -9.25 -85.96 -5.88
C PHE O 100 -9.05 -86.77 -4.60
N ASN O 101 -8.81 -88.06 -4.76
CA ASN O 101 -8.67 -89.00 -3.65
C ASN O 101 -9.95 -89.29 -2.86
N ASN O 102 -10.75 -88.26 -2.60
N ASN O 102 -10.78 -88.30 -2.59
CA ASN O 102 -11.94 -88.40 -1.76
CA ASN O 102 -12.04 -88.61 -1.91
C ASN O 102 -13.19 -87.65 -2.22
C ASN O 102 -13.19 -87.68 -2.24
N ASN O 103 -13.19 -87.18 -3.46
CA ASN O 103 -14.33 -86.41 -3.96
C ASN O 103 -15.31 -87.30 -4.68
N ASN O 104 -16.59 -87.03 -4.48
CA ASN O 104 -17.58 -87.61 -5.38
C ASN O 104 -18.75 -86.68 -5.67
N THR O 105 -18.56 -85.38 -5.46
CA THR O 105 -19.61 -84.41 -5.73
C THR O 105 -19.17 -83.23 -6.58
N MET O 106 -17.92 -82.82 -6.43
CA MET O 106 -17.44 -81.66 -7.18
C MET O 106 -17.22 -82.04 -8.62
N THR O 107 -17.48 -81.13 -9.55
CA THR O 107 -17.47 -81.45 -10.97
C THR O 107 -16.71 -80.44 -11.82
N TYR O 108 -16.32 -80.89 -13.02
CA TYR O 108 -15.92 -80.00 -14.10
C TYR O 108 -17.07 -79.97 -15.11
N SER O 109 -17.26 -78.82 -15.74
CA SER O 109 -18.30 -78.65 -16.74
C SER O 109 -17.58 -78.44 -18.06
N ILE O 110 -17.79 -79.36 -19.01
CA ILE O 110 -17.07 -79.34 -20.28
C ILE O 110 -17.97 -78.89 -21.41
N GLY O 111 -17.66 -77.73 -22.00
CA GLY O 111 -18.55 -77.14 -22.98
C GLY O 111 -18.68 -77.95 -24.25
N ALA O 112 -19.79 -77.73 -24.97
CA ALA O 112 -20.03 -78.41 -26.24
C ALA O 112 -18.88 -78.18 -27.25
N ASN O 113 -18.55 -79.22 -28.02
CA ASN O 113 -17.59 -79.09 -29.11
C ASN O 113 -16.29 -78.42 -28.72
N SER O 114 -15.70 -78.80 -27.60
CA SER O 114 -14.48 -78.16 -27.18
C SER O 114 -13.51 -79.08 -26.48
N GLU O 115 -12.24 -78.73 -26.60
CA GLU O 115 -11.15 -79.42 -25.95
C GLU O 115 -11.16 -79.01 -24.49
N PHE O 116 -10.73 -79.90 -23.60
CA PHE O 116 -10.74 -79.59 -22.18
C PHE O 116 -9.67 -80.39 -21.46
N GLU O 117 -9.05 -79.79 -20.43
CA GLU O 117 -8.07 -80.47 -19.61
C GLU O 117 -8.68 -80.85 -18.29
N ILE O 118 -8.85 -82.15 -18.06
CA ILE O 118 -9.32 -82.66 -16.77
C ILE O 118 -8.10 -82.80 -15.87
N TYR O 119 -8.07 -82.07 -14.76
CA TYR O 119 -6.99 -82.21 -13.79
C TYR O 119 -7.50 -83.08 -12.66
N ASP O 120 -6.66 -83.99 -12.19
CA ASP O 120 -7.04 -84.81 -11.05
C ASP O 120 -5.83 -85.00 -10.15
N ILE O 121 -6.09 -85.48 -8.94
CA ILE O 121 -5.04 -85.71 -7.95
C ILE O 121 -5.18 -87.11 -7.38
N PHE O 122 -4.06 -87.82 -7.26
CA PHE O 122 -4.13 -89.21 -6.85
C PHE O 122 -2.94 -89.52 -5.97
N THR O 123 -3.20 -89.86 -4.71
CA THR O 123 -2.12 -90.31 -3.84
C THR O 123 -1.93 -91.81 -3.92
N LYS O 124 -0.81 -92.24 -4.50
CA LYS O 124 -0.51 -93.67 -4.52
C LYS O 124 0.17 -94.07 -3.21
N GLU O 125 -0.64 -94.47 -2.24
CA GLU O 125 -0.16 -95.03 -0.99
C GLU O 125 -1.24 -95.98 -0.51
N GLN O 126 -0.84 -96.97 0.27
CA GLN O 126 -1.76 -97.93 0.88
C GLN O 126 -2.80 -98.53 -0.08
N GLY O 127 -2.38 -98.90 -1.29
CA GLY O 127 -3.28 -99.55 -2.23
C GLY O 127 -4.42 -98.71 -2.78
N ASN O 128 -4.29 -97.39 -2.69
CA ASN O 128 -5.30 -96.50 -3.25
C ASN O 128 -5.54 -96.81 -4.73
N ILE O 129 -6.79 -96.68 -5.17
CA ILE O 129 -7.15 -97.03 -6.54
C ILE O 129 -7.73 -95.81 -7.26
N TYR O 130 -7.09 -95.38 -8.34
CA TYR O 130 -7.61 -94.22 -9.07
C TYR O 130 -8.88 -94.59 -9.83
N TYR O 131 -9.84 -93.66 -9.87
CA TYR O 131 -11.14 -93.92 -10.48
C TYR O 131 -11.77 -92.66 -11.03
N ILE O 132 -12.15 -92.67 -12.30
CA ILE O 132 -12.95 -91.59 -12.85
C ILE O 132 -13.87 -92.10 -13.95
N GLN O 133 -15.10 -91.58 -14.00
CA GLN O 133 -16.06 -91.92 -15.06
C GLN O 133 -16.03 -90.87 -16.15
N LEU O 134 -16.22 -91.30 -17.39
CA LEU O 134 -16.20 -90.41 -18.54
C LEU O 134 -17.49 -90.63 -19.33
N PRO O 135 -18.26 -89.54 -19.56
CA PRO O 135 -19.57 -89.67 -20.21
C PRO O 135 -19.49 -89.89 -21.72
N PRO O 136 -20.57 -90.42 -22.31
CA PRO O 136 -20.65 -90.64 -23.76
C PRO O 136 -20.32 -89.37 -24.55
N GLY O 137 -19.55 -89.50 -25.63
CA GLY O 137 -19.26 -88.39 -26.51
C GLY O 137 -17.94 -87.71 -26.20
N LEU O 138 -17.33 -88.06 -25.07
CA LEU O 138 -15.99 -87.55 -24.78
C LEU O 138 -14.96 -88.35 -25.55
N ALA O 139 -14.08 -87.64 -26.27
CA ALA O 139 -12.92 -88.25 -26.88
C ALA O 139 -11.80 -88.11 -25.88
N ILE O 140 -11.03 -89.18 -25.70
N ILE O 140 -11.03 -89.17 -25.70
CA ILE O 140 -9.88 -89.17 -24.80
CA ILE O 140 -9.90 -89.14 -24.77
C ILE O 140 -8.61 -89.09 -25.63
C ILE O 140 -8.61 -89.09 -25.60
N LEU O 141 -7.89 -87.97 -25.53
CA LEU O 141 -6.72 -87.77 -26.39
C LEU O 141 -5.42 -88.18 -25.74
N GLU O 142 -5.25 -87.81 -24.47
CA GLU O 142 -4.00 -88.09 -23.74
C GLU O 142 -4.31 -88.35 -22.30
N PHE O 143 -3.50 -89.18 -21.65
CA PHE O 143 -3.63 -89.42 -20.21
C PHE O 143 -2.26 -89.37 -19.59
N SER O 144 -2.08 -88.51 -18.60
CA SER O 144 -0.75 -88.24 -18.05
C SER O 144 -0.73 -88.40 -16.53
N LEU O 145 0.24 -89.17 -16.04
CA LEU O 145 0.46 -89.32 -14.61
C LEU O 145 1.81 -88.74 -14.28
N GLU O 146 1.87 -87.69 -13.46
CA GLU O 146 3.19 -87.15 -13.08
C GLU O 146 3.24 -86.85 -11.60
N ARG O 147 4.39 -87.10 -10.97
CA ARG O 147 4.52 -86.79 -9.56
C ARG O 147 4.80 -85.29 -9.41
N VAL O 148 4.07 -84.62 -8.53
CA VAL O 148 4.31 -83.19 -8.30
C VAL O 148 5.27 -82.99 -7.14
N PHE O 149 5.88 -81.82 -7.03
CA PHE O 149 6.86 -81.63 -5.96
C PHE O 149 8.13 -82.40 -6.31
N GLU O 150 8.21 -82.87 -7.56
CA GLU O 150 9.48 -83.28 -8.12
C GLU O 150 9.95 -82.12 -8.96
N LYS O 151 11.24 -81.80 -8.90
CA LYS O 151 11.80 -80.86 -9.85
C LYS O 151 11.12 -79.51 -9.70
N GLY O 152 10.66 -79.23 -8.48
CA GLY O 152 10.08 -77.95 -8.14
C GLY O 152 8.72 -77.67 -8.74
N ASN O 153 8.00 -78.72 -9.15
CA ASN O 153 6.65 -78.51 -9.67
C ASN O 153 5.67 -78.31 -8.55
N ARG O 154 4.51 -77.77 -8.89
CA ARG O 154 3.44 -77.54 -7.91
C ARG O 154 2.17 -78.07 -8.50
N ILE O 155 1.16 -78.21 -7.67
CA ILE O 155 -0.19 -78.39 -8.15
C ILE O 155 -0.70 -77.02 -8.56
N ASN O 156 -1.18 -76.90 -9.79
CA ASN O 156 -1.75 -75.63 -10.27
C ASN O 156 -2.98 -75.89 -11.16
N ILE O 157 -4.13 -76.05 -10.54
CA ILE O 157 -5.38 -76.30 -11.25
C ILE O 157 -6.13 -74.97 -11.41
N PRO O 158 -6.56 -74.66 -12.65
CA PRO O 158 -7.20 -73.37 -12.89
C PRO O 158 -8.58 -73.32 -12.25
N LYS O 159 -9.22 -72.16 -12.31
CA LYS O 159 -10.50 -71.98 -11.62
C LYS O 159 -11.63 -72.66 -12.42
N ILE O 160 -11.79 -73.96 -12.21
CA ILE O 160 -12.74 -74.76 -12.98
C ILE O 160 -13.46 -75.82 -12.13
N ILE O 161 -13.13 -75.90 -10.85
CA ILE O 161 -13.75 -76.89 -9.97
C ILE O 161 -15.06 -76.29 -9.46
N HIS O 162 -16.16 -77.00 -9.71
CA HIS O 162 -17.49 -76.53 -9.24
C HIS O 162 -17.92 -77.25 -7.99
N THR O 163 -18.45 -76.48 -7.04
CA THR O 163 -19.04 -77.08 -5.85
C THR O 163 -20.31 -76.34 -5.54
N SER O 164 -21.25 -77.03 -4.92
CA SER O 164 -22.45 -76.38 -4.46
C SER O 164 -22.62 -76.55 -2.96
N GLY O 165 -21.54 -76.91 -2.27
CA GLY O 165 -21.60 -76.91 -0.81
C GLY O 165 -20.99 -78.13 -0.14
N ASN O 166 -20.56 -79.09 -0.94
CA ASN O 166 -19.80 -80.20 -0.38
C ASN O 166 -18.73 -80.66 -1.36
N GLY O 167 -17.88 -81.55 -0.90
CA GLY O 167 -16.75 -81.98 -1.71
C GLY O 167 -15.49 -82.10 -0.87
N TYR O 168 -14.55 -82.91 -1.34
CA TYR O 168 -13.29 -83.12 -0.63
C TYR O 168 -12.17 -83.21 -1.63
N ILE O 169 -11.00 -82.74 -1.22
CA ILE O 169 -9.78 -83.02 -1.98
C ILE O 169 -8.75 -83.40 -0.93
N SER O 170 -8.06 -84.51 -1.12
CA SER O 170 -7.00 -84.90 -0.18
C SER O 170 -5.70 -85.05 -0.94
N PHE O 171 -4.58 -84.88 -0.26
CA PHE O 171 -3.29 -85.12 -0.88
C PHE O 171 -2.24 -85.29 0.20
N ARG O 172 -1.14 -85.98 -0.13
CA ARG O 172 -0.07 -86.20 0.83
C ARG O 172 1.02 -85.17 0.56
N LEU O 173 1.53 -84.55 1.62
CA LEU O 173 2.64 -83.63 1.45
C LEU O 173 3.79 -84.09 2.32
N ARG O 174 4.97 -84.20 1.72
CA ARG O 174 6.15 -84.55 2.51
C ARG O 174 6.62 -83.31 3.27
N LYS O 175 7.61 -83.49 4.12
CA LYS O 175 8.04 -82.41 5.01
C LYS O 175 8.34 -81.16 4.22
N GLY O 176 7.97 -80.02 4.78
CA GLY O 176 8.19 -78.72 4.15
C GLY O 176 7.11 -77.76 4.60
N THR O 177 7.19 -76.50 4.17
CA THR O 177 6.08 -75.56 4.39
C THR O 177 5.46 -75.26 3.02
N TYR O 178 4.13 -75.20 2.96
CA TYR O 178 3.42 -75.07 1.70
C TYR O 178 2.39 -73.96 1.74
N ALA O 179 2.21 -73.32 0.59
CA ALA O 179 1.12 -72.40 0.40
C ALA O 179 0.01 -73.14 -0.32
N ILE O 180 -1.22 -72.91 0.13
CA ILE O 180 -2.37 -73.46 -0.56
C ILE O 180 -3.21 -72.27 -0.99
N LYS O 181 -3.31 -72.08 -2.29
CA LYS O 181 -4.01 -70.89 -2.79
C LYS O 181 -5.21 -71.36 -3.58
N MET O 182 -6.37 -70.78 -3.28
N MET O 182 -6.36 -70.76 -3.30
CA MET O 182 -7.60 -71.14 -3.99
CA MET O 182 -7.58 -71.13 -4.00
C MET O 182 -8.34 -69.91 -4.49
C MET O 182 -8.34 -69.91 -4.49
N PRO O 183 -8.08 -69.52 -5.75
CA PRO O 183 -8.86 -68.44 -6.37
C PRO O 183 -10.28 -68.96 -6.52
N TYR O 184 -11.27 -68.12 -6.26
CA TYR O 184 -12.66 -68.56 -6.37
C TYR O 184 -13.55 -67.49 -6.95
N SER O 185 -14.70 -67.94 -7.45
CA SER O 185 -15.82 -67.07 -7.81
C SER O 185 -17.07 -67.70 -7.25
N TYR O 186 -18.05 -66.88 -6.86
CA TYR O 186 -19.29 -67.44 -6.34
C TYR O 186 -20.44 -66.68 -6.92
N ASN O 187 -21.59 -67.32 -6.92
CA ASN O 187 -22.83 -66.64 -7.20
C ASN O 187 -23.86 -66.94 -6.13
N ASN O 188 -24.21 -65.94 -5.33
CA ASN O 188 -25.24 -66.11 -4.31
C ASN O 188 -26.60 -65.96 -4.99
N THR O 189 -27.28 -67.08 -5.21
CA THR O 189 -28.63 -67.08 -5.80
C THR O 189 -29.76 -66.89 -4.76
N THR O 190 -29.41 -66.86 -3.49
CA THR O 190 -30.39 -66.64 -2.43
C THR O 190 -30.49 -65.16 -2.12
N SER O 191 -31.56 -64.77 -1.43
CA SER O 191 -31.70 -63.41 -0.97
C SER O 191 -31.11 -63.25 0.43
N THR O 192 -30.17 -64.12 0.77
CA THR O 192 -29.55 -64.04 2.08
C THR O 192 -28.12 -63.55 1.94
N THR O 193 -27.74 -62.60 2.80
CA THR O 193 -26.36 -62.14 2.91
C THR O 193 -25.70 -62.91 4.04
N PHE O 194 -24.59 -63.58 3.76
CA PHE O 194 -23.83 -64.31 4.79
C PHE O 194 -22.61 -63.52 5.32
N THR O 195 -22.40 -63.49 6.65
CA THR O 195 -21.22 -62.85 7.27
C THR O 195 -20.34 -63.93 7.88
N ASN O 196 -19.03 -63.76 7.76
CA ASN O 196 -18.09 -64.79 8.18
C ASN O 196 -18.53 -66.14 7.67
N PHE O 197 -18.76 -66.18 6.36
CA PHE O 197 -19.15 -67.37 5.66
C PHE O 197 -17.99 -68.33 5.59
N GLN O 198 -18.15 -69.50 6.20
CA GLN O 198 -17.10 -70.51 6.08
C GLN O 198 -17.35 -71.34 4.85
N PHE O 199 -16.44 -71.24 3.90
CA PHE O 199 -16.51 -72.00 2.64
C PHE O 199 -16.07 -73.43 2.89
N GLY O 200 -15.00 -73.59 3.65
CA GLY O 200 -14.45 -74.91 3.86
C GLY O 200 -13.34 -74.89 4.89
N THR O 201 -12.60 -75.99 4.97
CA THR O 201 -11.52 -76.12 5.93
C THR O 201 -10.39 -76.87 5.26
N ILE O 202 -9.18 -76.60 5.71
CA ILE O 202 -8.02 -77.39 5.36
C ILE O 202 -7.52 -77.95 6.68
N SER O 203 -7.29 -79.26 6.71
CA SER O 203 -6.82 -79.89 7.95
C SER O 203 -5.83 -81.03 7.71
N THR O 204 -5.02 -81.27 8.73
CA THR O 204 -4.29 -82.52 8.88
C THR O 204 -4.96 -83.16 10.07
N SER O 205 -4.45 -84.29 10.55
CA SER O 205 -5.08 -84.93 11.71
C SER O 205 -5.36 -83.96 12.88
N ALA O 207 -4.97 -80.36 13.42
CA ALA O 207 -4.83 -78.99 12.90
C ALA O 207 -5.85 -78.66 11.81
N THR O 208 -6.57 -77.56 11.98
CA THR O 208 -7.65 -77.13 11.07
C THR O 208 -7.61 -75.64 10.75
N ILE O 209 -7.69 -75.30 9.48
CA ILE O 209 -7.70 -73.89 9.05
C ILE O 209 -9.02 -73.59 8.31
N PRO O 210 -9.87 -72.76 8.90
CA PRO O 210 -11.12 -72.37 8.23
C PRO O 210 -10.85 -71.41 7.07
N LEU O 211 -11.54 -71.63 5.95
CA LEU O 211 -11.51 -70.72 4.82
C LEU O 211 -12.75 -69.86 4.88
N VAL O 212 -12.60 -68.59 5.26
CA VAL O 212 -13.72 -67.73 5.61
C VAL O 212 -13.78 -66.47 4.75
N ILE O 213 -14.99 -66.09 4.34
CA ILE O 213 -15.22 -64.86 3.59
C ILE O 213 -15.99 -63.87 4.45
N SER O 214 -15.48 -62.65 4.60
CA SER O 214 -16.06 -61.66 5.52
C SER O 214 -17.54 -61.48 5.29
N SER O 215 -17.90 -61.27 4.02
CA SER O 215 -19.32 -61.11 3.71
C SER O 215 -19.62 -61.49 2.28
N ILE O 216 -20.76 -62.15 2.13
CA ILE O 216 -21.29 -62.48 0.82
C ILE O 216 -22.65 -61.83 0.66
N PRO O 217 -22.72 -60.73 -0.10
CA PRO O 217 -23.93 -59.91 -0.21
C PRO O 217 -25.07 -60.72 -0.80
N ALA O 218 -26.30 -60.43 -0.36
CA ALA O 218 -27.47 -61.08 -0.92
C ALA O 218 -27.49 -60.94 -2.45
N ASN O 219 -27.87 -62.02 -3.12
CA ASN O 219 -28.00 -62.01 -4.57
C ASN O 219 -26.73 -61.54 -5.27
N GLY O 220 -25.63 -61.50 -4.54
CA GLY O 220 -24.38 -61.02 -5.09
C GLY O 220 -23.59 -62.11 -5.80
N SER O 221 -22.65 -61.68 -6.63
CA SER O 221 -21.62 -62.57 -7.14
C SER O 221 -20.30 -61.88 -6.85
N GLY O 222 -19.24 -62.66 -6.68
CA GLY O 222 -17.99 -62.07 -6.29
C GLY O 222 -16.87 -63.03 -6.58
N SER O 223 -15.66 -62.60 -6.30
CA SER O 223 -14.51 -63.47 -6.47
C SER O 223 -13.48 -63.05 -5.46
N GLY O 224 -12.53 -63.95 -5.20
CA GLY O 224 -11.44 -63.65 -4.30
C GLY O 224 -10.46 -64.79 -4.36
N THR O 225 -9.54 -64.83 -3.39
CA THR O 225 -8.57 -65.90 -3.29
C THR O 225 -8.34 -66.26 -1.83
N PHE O 226 -8.46 -67.54 -1.49
CA PHE O 226 -8.00 -68.03 -0.19
C PHE O 226 -6.52 -68.32 -0.32
N LEU O 227 -5.76 -67.94 0.69
CA LEU O 227 -4.33 -68.27 0.70
C LEU O 227 -3.94 -68.59 2.14
N VAL O 228 -3.63 -69.86 2.38
CA VAL O 228 -3.19 -70.27 3.72
C VAL O 228 -1.91 -71.08 3.59
N TYR O 229 -1.26 -71.34 4.72
CA TYR O 229 0.00 -72.05 4.70
C TYR O 229 0.01 -73.16 5.74
N LEU O 230 0.65 -74.28 5.37
CA LEU O 230 0.80 -75.42 6.28
C LEU O 230 2.25 -75.68 6.51
N LYS O 231 2.65 -75.80 7.77
CA LYS O 231 3.97 -76.32 8.05
C LYS O 231 3.85 -77.81 8.29
N ILE O 232 4.32 -78.59 7.33
CA ILE O 232 4.35 -80.04 7.46
C ILE O 232 5.68 -80.47 8.06
N THR O 233 5.68 -80.72 9.36
CA THR O 233 6.85 -81.28 10.02
C THR O 233 7.27 -82.57 9.33
N GLY O 234 6.29 -83.37 8.96
CA GLY O 234 6.54 -84.64 8.28
C GLY O 234 5.88 -85.83 8.98
N ASP O 235 5.47 -85.66 10.25
CA ASP O 235 4.82 -86.79 10.93
C ASP O 235 3.32 -86.88 10.64
N TYR O 236 2.76 -85.82 10.06
CA TYR O 236 1.37 -85.84 9.57
C TYR O 236 1.36 -85.28 8.19
N GLU O 237 1.21 -86.14 7.19
CA GLU O 237 1.41 -85.71 5.81
C GLU O 237 0.13 -85.66 5.00
N ASP O 238 -0.91 -86.33 5.47
CA ASP O 238 -2.16 -86.33 4.69
C ASP O 238 -2.99 -85.09 4.99
N VAL O 239 -3.20 -84.30 3.94
CA VAL O 239 -3.94 -83.05 4.07
C VAL O 239 -5.32 -83.23 3.47
N LYS O 240 -6.33 -82.66 4.12
CA LYS O 240 -7.70 -82.81 3.63
C LYS O 240 -8.39 -81.47 3.49
N PHE O 241 -8.83 -81.17 2.28
CA PHE O 241 -9.67 -79.99 2.06
C PHE O 241 -11.15 -80.41 2.00
N SER O 242 -12.00 -79.73 2.77
CA SER O 242 -13.43 -80.03 2.77
C SER O 242 -14.23 -78.77 2.49
N VAL O 243 -15.21 -78.87 1.57
CA VAL O 243 -16.20 -77.81 1.41
C VAL O 243 -17.28 -78.07 2.46
N THR O 244 -17.60 -77.05 3.26
CA THR O 244 -18.46 -77.29 4.42
C THR O 244 -19.74 -76.48 4.47
N TYR O 245 -19.94 -75.58 3.51
CA TYR O 245 -21.08 -74.67 3.63
C TYR O 245 -22.46 -75.30 3.40
N GLY O 246 -22.49 -76.47 2.79
CA GLY O 246 -23.74 -77.21 2.74
C GLY O 246 -24.38 -77.27 1.37
N GLY O 247 -24.65 -78.49 0.92
CA GLY O 247 -25.14 -78.73 -0.43
C GLY O 247 -26.33 -77.94 -0.93
N GLY O 248 -27.29 -77.63 -0.07
CA GLY O 248 -28.49 -76.99 -0.56
C GLY O 248 -28.55 -75.49 -0.39
N LEU O 249 -27.42 -74.87 -0.06
CA LEU O 249 -27.44 -73.47 0.35
C LEU O 249 -27.86 -72.52 -0.78
N GLY O 250 -27.45 -72.81 -2.01
CA GLY O 250 -27.77 -71.95 -3.13
C GLY O 250 -26.67 -70.94 -3.46
N VAL O 251 -25.44 -71.29 -3.11
CA VAL O 251 -24.29 -70.44 -3.39
C VAL O 251 -23.22 -71.28 -4.10
N PRO O 252 -23.42 -71.51 -5.40
CA PRO O 252 -22.41 -72.26 -6.14
C PRO O 252 -21.07 -71.52 -6.25
N PHE O 253 -19.96 -72.23 -6.05
CA PHE O 253 -18.62 -71.67 -6.17
C PHE O 253 -17.92 -72.36 -7.32
N THR O 254 -17.01 -71.64 -7.96
CA THR O 254 -16.06 -72.26 -8.89
C THR O 254 -14.70 -71.86 -8.36
N PHE O 255 -13.79 -72.81 -8.20
CA PHE O 255 -12.48 -72.46 -7.62
C PHE O 255 -11.33 -73.22 -8.28
N GLY O 256 -10.12 -72.71 -8.06
CA GLY O 256 -8.91 -73.35 -8.53
C GLY O 256 -8.13 -73.85 -7.32
N LEU O 257 -7.03 -74.55 -7.55
CA LEU O 257 -6.25 -75.07 -6.46
C LEU O 257 -4.78 -75.03 -6.82
N GLU O 258 -4.02 -74.35 -6.00
CA GLU O 258 -2.59 -74.26 -6.22
C GLU O 258 -1.96 -74.66 -4.91
N VAL O 259 -1.07 -75.66 -4.94
CA VAL O 259 -0.35 -76.11 -3.76
C VAL O 259 1.13 -76.11 -4.11
N GLU O 260 1.93 -75.40 -3.32
CA GLU O 260 3.32 -75.16 -3.68
C GLU O 260 4.20 -75.01 -2.47
N GLU O 261 5.42 -75.55 -2.56
N GLU O 261 5.42 -75.56 -2.57
CA GLU O 261 6.37 -75.40 -1.47
CA GLU O 261 6.40 -75.37 -1.51
C GLU O 261 6.91 -73.96 -1.41
C GLU O 261 6.83 -73.91 -1.42
N ILE O 262 7.05 -73.45 -0.19
CA ILE O 262 7.63 -72.11 0.01
C ILE O 262 8.84 -72.16 0.94
N ASN O 263 9.63 -71.11 0.92
CA ASN O 263 10.68 -70.93 1.90
C ASN O 263 10.10 -70.13 3.06
N GLU O 264 10.85 -70.01 4.15
CA GLU O 264 10.29 -69.38 5.33
C GLU O 264 9.75 -68.00 5.01
N LEU O 265 8.54 -67.71 5.47
CA LEU O 265 7.90 -66.43 5.22
C LEU O 265 7.59 -65.75 6.55
N VAL O 266 8.36 -64.72 6.89
CA VAL O 266 8.06 -63.91 8.04
C VAL O 266 7.01 -62.90 7.61
N GLU O 267 5.78 -63.10 8.07
CA GLU O 267 4.66 -62.27 7.65
C GLU O 267 4.75 -60.89 8.28
N ASN O 268 5.19 -60.85 9.54
CA ASN O 268 5.48 -59.59 10.19
C ASN O 268 6.22 -59.79 11.49
N THR O 269 6.83 -58.73 11.96
CA THR O 269 7.52 -58.77 13.25
C THR O 269 7.00 -57.60 14.04
N ASN O 270 6.70 -57.83 15.31
CA ASN O 270 5.97 -56.82 16.08
C ASN O 270 6.49 -56.65 17.49
N PHE O 271 6.51 -55.40 17.92
CA PHE O 271 6.71 -55.04 19.31
C PHE O 271 5.32 -54.73 19.82
N VAL O 272 4.89 -55.45 20.85
CA VAL O 272 3.54 -55.28 21.38
C VAL O 272 3.57 -55.11 22.90
N THR O 273 2.57 -54.42 23.41
CA THR O 273 2.52 -54.12 24.82
C THR O 273 1.16 -54.50 25.35
N GLN O 274 1.11 -54.93 26.61
CA GLN O 274 -0.14 -55.37 27.23
C GLN O 274 -0.09 -55.11 28.72
N SER O 275 -1.08 -54.38 29.23
CA SER O 275 -1.13 -54.15 30.66
C SER O 275 -2.10 -55.11 31.34
N VAL O 276 -1.79 -55.43 32.58
CA VAL O 276 -2.64 -56.30 33.38
C VAL O 276 -2.74 -55.69 34.78
N THR O 277 -3.97 -55.56 35.26
CA THR O 277 -4.19 -55.00 36.58
C THR O 277 -4.52 -56.11 37.58
N LEU O 278 -3.71 -56.19 38.63
CA LEU O 278 -3.85 -57.26 39.62
C LEU O 278 -4.46 -56.74 40.90
N SER O 279 -5.45 -57.45 41.43
CA SER O 279 -6.12 -57.01 42.65
C SER O 279 -6.47 -58.16 43.57
N GLY O 280 -5.53 -59.07 43.78
CA GLY O 280 -5.68 -60.16 44.73
C GLY O 280 -5.97 -61.52 44.13
N SER O 281 -6.35 -61.56 42.86
CA SER O 281 -6.74 -62.82 42.24
C SER O 281 -5.86 -63.12 41.06
N GLN O 282 -5.64 -64.41 40.80
CA GLN O 282 -4.87 -64.80 39.63
C GLN O 282 -5.60 -64.36 38.36
N VAL O 283 -4.83 -63.86 37.39
CA VAL O 283 -5.37 -63.47 36.10
C VAL O 283 -4.63 -64.23 35.01
N THR O 284 -5.36 -64.81 34.07
CA THR O 284 -4.76 -65.40 32.89
C THR O 284 -5.15 -64.55 31.69
N GLN O 285 -4.17 -63.83 31.16
CA GLN O 285 -4.43 -62.90 30.07
C GLN O 285 -3.87 -63.41 28.75
N SER O 286 -4.75 -63.63 27.78
CA SER O 286 -4.29 -64.01 26.44
C SER O 286 -3.56 -62.82 25.81
N ILE O 287 -2.39 -63.08 25.24
CA ILE O 287 -1.64 -62.05 24.54
C ILE O 287 -1.84 -62.22 23.04
N LEU O 288 -1.73 -63.46 22.59
N LEU O 288 -1.72 -63.46 22.57
CA LEU O 288 -1.79 -63.79 21.16
CA LEU O 288 -1.88 -63.73 21.15
C LEU O 288 -2.27 -65.23 20.98
C LEU O 288 -2.21 -65.20 20.93
N ASN O 289 -3.14 -65.44 20.01
CA ASN O 289 -3.54 -66.81 19.65
C ASN O 289 -3.80 -66.84 18.15
N VAL O 290 -2.93 -67.51 17.40
CA VAL O 290 -3.08 -67.57 15.95
C VAL O 290 -3.37 -69.00 15.49
N GLN O 291 -3.82 -69.85 16.40
CA GLN O 291 -4.23 -71.20 16.02
C GLN O 291 -5.32 -71.15 14.95
N GLY O 292 -5.13 -71.91 13.86
CA GLY O 292 -6.14 -72.00 12.82
C GLY O 292 -6.04 -70.91 11.78
N SER O 293 -5.02 -70.09 11.88
CA SER O 293 -4.83 -68.94 10.98
C SER O 293 -3.98 -69.23 9.75
N GLY O 294 -3.24 -70.34 9.77
CA GLY O 294 -2.28 -70.61 8.71
C GLY O 294 -0.94 -70.02 9.05
N SER O 295 -0.71 -69.74 10.33
CA SER O 295 0.57 -69.16 10.74
C SER O 295 0.93 -69.58 12.17
N HIS O 296 2.15 -69.25 12.59
CA HIS O 296 2.61 -69.55 13.94
C HIS O 296 3.53 -68.43 14.40
N LEU O 297 4.11 -68.58 15.58
CA LEU O 297 4.81 -67.47 16.20
C LEU O 297 6.22 -67.85 16.58
N ARG O 298 7.04 -66.83 16.80
CA ARG O 298 8.37 -67.00 17.35
C ARG O 298 8.64 -65.83 18.26
N LEU O 299 8.91 -66.10 19.54
CA LEU O 299 9.14 -65.05 20.53
C LEU O 299 10.63 -64.76 20.64
N LYS O 300 11.00 -63.47 20.61
CA LYS O 300 12.40 -63.08 20.60
C LYS O 300 12.82 -62.40 21.90
N TYR O 301 11.89 -61.67 22.52
CA TYR O 301 12.22 -60.87 23.68
C TYR O 301 10.96 -60.52 24.47
N ALA O 302 11.06 -60.56 25.79
CA ALA O 302 9.95 -60.12 26.63
C ALA O 302 10.45 -59.41 27.86
N SER O 303 9.64 -58.48 28.35
CA SER O 303 10.02 -57.72 29.53
C SER O 303 8.76 -57.27 30.26
N VAL O 304 8.84 -57.18 31.58
CA VAL O 304 7.70 -56.71 32.35
C VAL O 304 8.14 -55.56 33.23
N SER O 305 7.39 -54.46 33.17
CA SER O 305 7.68 -53.32 34.03
C SER O 305 6.56 -53.21 35.05
N GLY O 306 6.87 -52.62 36.21
CA GLY O 306 5.87 -52.43 37.25
C GLY O 306 5.88 -53.51 38.31
N LEU O 307 6.84 -54.44 38.22
CA LEU O 307 6.94 -55.50 39.22
C LEU O 307 7.31 -54.93 40.57
N THR O 308 6.61 -55.38 41.61
CA THR O 308 6.94 -55.04 42.98
C THR O 308 6.78 -56.29 43.84
N THR O 309 7.14 -56.18 45.11
CA THR O 309 6.95 -57.29 46.02
C THR O 309 5.47 -57.66 46.19
N ALA O 310 4.59 -56.78 45.70
CA ALA O 310 3.14 -57.05 45.72
C ALA O 310 2.71 -58.04 44.63
N VAL O 311 3.61 -58.33 43.69
CA VAL O 311 3.35 -59.30 42.63
C VAL O 311 3.96 -60.64 43.00
N THR O 312 3.12 -61.67 43.09
CA THR O 312 3.55 -62.98 43.56
C THR O 312 3.73 -63.97 42.42
N GLN O 313 3.10 -63.70 41.28
CA GLN O 313 3.26 -64.57 40.12
C GLN O 313 3.24 -63.74 38.85
N CYS O 314 4.14 -64.07 37.93
CA CYS O 314 4.17 -63.39 36.64
C CYS O 314 4.92 -64.30 35.70
N GLN O 315 4.19 -65.18 35.02
CA GLN O 315 4.76 -66.14 34.10
C GLN O 315 4.22 -65.96 32.68
N LEU O 316 5.13 -65.92 31.70
CA LEU O 316 4.75 -65.96 30.30
C LEU O 316 4.66 -67.43 29.91
N GLN O 317 3.57 -67.81 29.26
CA GLN O 317 3.37 -69.19 28.88
C GLN O 317 3.02 -69.27 27.40
N ALA O 318 3.36 -70.39 26.79
CA ALA O 318 3.13 -70.55 25.36
C ALA O 318 2.85 -71.99 25.09
N THR O 319 2.25 -72.27 23.93
CA THR O 319 2.14 -73.63 23.49
C THR O 319 1.81 -73.70 22.01
N ASN O 320 2.00 -74.88 21.45
CA ASN O 320 1.40 -75.23 20.18
C ASN O 320 0.07 -75.91 20.47
N LEU O 321 -1.02 -75.16 20.35
CA LEU O 321 -2.36 -75.66 20.70
C LEU O 321 -2.81 -76.87 19.88
N ASN O 322 -2.22 -77.03 18.70
CA ASN O 322 -2.52 -78.20 17.86
C ASN O 322 -1.84 -79.46 18.42
N ARG O 323 -0.88 -79.26 19.31
CA ARG O 323 -0.19 -80.38 19.94
C ARG O 323 -0.69 -80.59 21.37
N SER O 324 -0.89 -79.48 22.08
CA SER O 324 -1.25 -79.54 23.49
C SER O 324 -2.03 -78.30 23.95
N THR O 325 -3.10 -78.52 24.72
CA THR O 325 -3.89 -77.42 25.28
C THR O 325 -3.30 -76.93 26.61
N THR O 326 -2.28 -77.63 27.09
CA THR O 326 -1.61 -77.22 28.32
C THR O 326 -0.46 -76.29 27.98
N TYR O 327 -0.50 -75.08 28.53
CA TYR O 327 0.54 -74.09 28.28
C TYR O 327 1.76 -74.40 29.13
N SER O 328 2.95 -74.20 28.59
CA SER O 328 4.14 -74.31 29.41
C SER O 328 4.75 -72.94 29.64
N THR O 329 5.30 -72.74 30.84
CA THR O 329 5.96 -71.49 31.19
C THR O 329 7.25 -71.39 30.38
N VAL O 330 7.41 -70.27 29.68
CA VAL O 330 8.63 -70.05 28.89
C VAL O 330 9.52 -68.99 29.55
N TRP O 331 8.94 -68.19 30.43
CA TRP O 331 9.73 -67.28 31.24
C TRP O 331 8.97 -66.89 32.50
N ASP O 332 9.68 -66.87 33.62
CA ASP O 332 9.08 -66.48 34.90
C ASP O 332 9.76 -65.20 35.32
N PHE O 333 9.02 -64.10 35.29
CA PHE O 333 9.64 -62.80 35.53
C PHE O 333 10.01 -62.59 36.98
N ILE O 334 9.43 -63.37 37.87
CA ILE O 334 9.76 -63.25 39.29
C ILE O 334 11.03 -64.04 39.55
N ALA O 335 11.04 -65.30 39.13
CA ALA O 335 12.16 -66.19 39.37
C ALA O 335 13.37 -65.86 38.49
N GLY O 336 13.12 -65.41 37.27
CA GLY O 336 14.17 -65.22 36.29
C GLY O 336 14.62 -63.79 36.11
N GLY O 337 13.80 -62.83 36.52
CA GLY O 337 14.11 -61.42 36.33
C GLY O 337 13.19 -60.76 35.32
N SER O 338 13.21 -59.42 35.28
CA SER O 338 12.21 -58.64 34.57
C SER O 338 12.31 -58.65 33.06
N SER O 339 13.41 -59.18 32.52
CA SER O 339 13.52 -59.33 31.07
C SER O 339 14.23 -60.61 30.66
N THR O 340 13.93 -61.09 29.46
CA THR O 340 14.49 -62.33 28.94
C THR O 340 15.93 -62.11 28.49
N PRO O 341 16.75 -63.17 28.62
CA PRO O 341 18.17 -63.09 28.25
C PRO O 341 18.37 -63.23 26.73
N PRO O 342 19.56 -62.85 26.26
CA PRO O 342 19.86 -62.84 24.82
C PRO O 342 19.58 -64.15 24.11
N SER O 343 19.76 -65.29 24.79
CA SER O 343 19.60 -66.59 24.14
C SER O 343 18.16 -67.10 24.11
N TRP O 344 17.27 -66.36 24.75
CA TRP O 344 15.85 -66.74 24.84
C TRP O 344 15.17 -66.57 23.50
N ASP O 345 14.61 -67.67 23.01
CA ASP O 345 14.03 -67.73 21.67
C ASP O 345 13.01 -68.86 21.71
N ILE O 346 11.74 -68.51 21.61
CA ILE O 346 10.69 -69.54 21.69
C ILE O 346 10.10 -69.81 20.32
N ARG O 347 10.36 -71.00 19.77
CA ARG O 347 9.84 -71.35 18.45
C ARG O 347 8.69 -72.34 18.51
N GLU O 348 8.00 -72.49 17.38
CA GLU O 348 6.95 -73.49 17.20
C GLU O 348 5.86 -73.42 18.26
N ILE O 349 5.32 -72.22 18.45
CA ILE O 349 4.17 -72.02 19.29
C ILE O 349 3.13 -71.22 18.48
N ASN O 350 1.88 -71.24 18.91
CA ASN O 350 0.88 -70.43 18.22
C ASN O 350 -0.08 -69.76 19.17
N SER O 351 0.20 -69.86 20.47
CA SER O 351 -0.57 -69.13 21.46
C SER O 351 0.27 -68.76 22.67
N ILE O 352 0.08 -67.53 23.15
CA ILE O 352 0.87 -66.97 24.24
C ILE O 352 -0.10 -66.38 25.28
N GLN O 353 0.17 -66.64 26.56
CA GLN O 353 -0.63 -65.99 27.60
C GLN O 353 0.26 -65.57 28.76
N LEU O 354 -0.23 -64.63 29.56
CA LEU O 354 0.46 -64.19 30.76
C LEU O 354 -0.39 -64.57 31.94
N VAL O 355 0.20 -65.30 32.88
CA VAL O 355 -0.49 -65.69 34.10
C VAL O 355 0.17 -64.94 35.25
N ALA O 356 -0.64 -64.16 35.97
CA ALA O 356 -0.10 -63.29 36.99
C ALA O 356 -1.01 -63.24 38.20
N ASN O 357 -0.43 -62.88 39.33
CA ASN O 357 -1.19 -62.76 40.56
C ASN O 357 -0.50 -61.77 41.49
N GLY O 358 -1.28 -61.14 42.36
CA GLY O 358 -0.74 -60.14 43.26
C GLY O 358 -1.73 -59.02 43.52
N GLY O 359 -1.25 -57.98 44.19
CA GLY O 359 -2.10 -56.86 44.56
C GLY O 359 -3.14 -57.29 45.57
N SER O 360 -4.05 -56.38 45.90
CA SER O 360 -5.14 -56.67 46.82
C SER O 360 -6.43 -55.98 46.39
N SER O 361 -7.54 -56.36 47.02
CA SER O 361 -8.86 -55.82 46.70
C SER O 361 -8.91 -54.32 46.98
N THR O 362 -7.94 -53.84 47.75
CA THR O 362 -7.90 -52.43 48.15
C THR O 362 -6.73 -51.69 47.51
N SER O 363 -5.76 -52.44 46.99
CA SER O 363 -4.56 -51.84 46.42
C SER O 363 -4.08 -52.65 45.23
N SER O 364 -4.52 -52.25 44.04
CA SER O 364 -4.22 -53.00 42.83
C SER O 364 -2.84 -52.61 42.29
N VAL O 365 -2.22 -53.53 41.54
CA VAL O 365 -0.94 -53.29 40.92
C VAL O 365 -1.09 -53.52 39.43
N THR O 366 -0.55 -52.60 38.64
CA THR O 366 -0.61 -52.73 37.19
C THR O 366 0.79 -53.00 36.64
N ILE O 367 0.92 -54.10 35.93
CA ILE O 367 2.19 -54.44 35.30
C ILE O 367 1.99 -54.37 33.80
N THR O 368 3.09 -54.15 33.08
CA THR O 368 3.02 -54.04 31.63
C THR O 368 4.01 -54.97 30.96
N LEU O 369 3.51 -55.86 30.12
CA LEU O 369 4.32 -56.78 29.39
C LEU O 369 4.66 -56.15 28.04
N ILE O 370 5.93 -56.23 27.64
CA ILE O 370 6.24 -55.93 26.26
C ILE O 370 6.81 -57.19 25.66
N LEU O 371 6.59 -57.38 24.36
CA LEU O 371 6.94 -58.60 23.73
C LEU O 371 7.34 -58.29 22.28
N VAL O 372 8.42 -58.90 21.81
CA VAL O 372 8.78 -58.84 20.40
C VAL O 372 8.64 -60.25 19.85
N TYR O 373 7.86 -60.39 18.79
CA TYR O 373 7.62 -61.69 18.20
C TYR O 373 7.52 -61.59 16.69
N GLU O 374 7.77 -62.71 16.02
CA GLU O 374 7.51 -62.79 14.59
C GLU O 374 6.29 -63.66 14.37
N GLN O 375 5.51 -63.30 13.35
CA GLN O 375 4.45 -64.18 12.89
C GLN O 375 4.94 -64.82 11.61
N ILE O 376 4.94 -66.15 11.59
CA ILE O 376 5.57 -66.89 10.51
C ILE O 376 4.53 -67.74 9.80
N ALA O 377 4.55 -67.74 8.48
CA ALA O 377 3.59 -68.55 7.71
C ALA O 377 3.73 -70.02 8.05
N GLY O 378 2.58 -70.68 8.15
CA GLY O 378 2.51 -72.14 8.30
C GLY O 378 1.78 -72.54 9.57
N GLU O 379 0.61 -73.14 9.42
CA GLU O 379 -0.12 -73.71 10.55
C GLU O 379 0.70 -74.86 11.12
N LEU O 380 0.84 -74.93 12.44
CA LEU O 380 1.60 -76.02 13.07
C LEU O 380 0.77 -77.29 13.09
N SER O 381 1.39 -78.45 12.90
CA SER O 381 0.63 -79.68 12.91
C SER O 381 0.50 -80.29 14.31
N HIS O 382 -0.43 -81.23 14.42
CA HIS O 382 -0.64 -82.02 15.64
C HIS O 382 0.62 -82.84 15.95
N HIS O 383 0.80 -83.26 17.20
CA HIS O 383 1.84 -84.24 17.56
C HIS O 383 1.42 -85.07 18.76
N LEU P 6 46.37 0.59 100.05
CA LEU P 6 46.72 0.95 98.68
C LEU P 6 45.77 2.00 98.09
N GLY P 7 44.49 1.90 98.44
CA GLY P 7 43.49 2.87 97.99
C GLY P 7 43.61 4.19 98.75
N GLN P 8 43.31 5.29 98.08
CA GLN P 8 43.34 6.61 98.72
C GLN P 8 42.01 7.32 98.50
N SER P 9 41.73 8.33 99.31
CA SER P 9 40.57 9.16 99.05
C SER P 9 40.98 10.33 98.16
N PHE P 10 40.04 10.87 97.39
CA PHE P 10 40.32 12.05 96.60
C PHE P 10 39.11 12.93 96.44
N PRO P 11 39.32 14.25 96.40
CA PRO P 11 38.20 15.18 96.22
C PRO P 11 37.84 15.23 94.73
N ALA P 12 36.55 15.27 94.42
CA ALA P 12 36.16 15.19 93.00
C ALA P 12 35.00 16.11 92.64
N ASN P 13 34.96 17.28 93.27
CA ASN P 13 33.84 18.19 93.04
C ASN P 13 33.76 18.90 91.66
N ALA P 14 34.90 19.10 91.02
CA ALA P 14 34.95 19.98 89.87
C ALA P 14 34.54 19.25 88.60
N LYS P 15 33.98 20.00 87.67
CA LYS P 15 33.58 19.46 86.37
C LYS P 15 34.83 18.99 85.62
N VAL P 16 34.72 17.84 84.95
CA VAL P 16 35.82 17.29 84.15
C VAL P 16 35.93 18.08 82.86
N LYS P 17 37.17 18.25 82.37
CA LYS P 17 37.45 18.94 81.10
C LYS P 17 37.90 17.90 80.09
N TYR P 18 37.79 18.22 78.81
CA TYR P 18 38.24 17.28 77.77
C TYR P 18 39.71 17.51 77.39
N TYR P 19 40.26 18.58 77.92
CA TYR P 19 41.66 18.90 77.71
C TYR P 19 42.22 19.66 78.89
N TYR P 20 43.39 19.24 79.37
CA TYR P 20 44.07 19.90 80.47
C TYR P 20 45.51 20.16 80.06
N LYS P 21 45.97 21.40 80.21
CA LYS P 21 47.40 21.63 80.19
C LYS P 21 47.80 21.93 81.63
N LEU P 22 48.52 21.01 82.26
CA LEU P 22 48.65 21.08 83.74
C LEU P 22 49.67 22.09 84.23
N SER P 23 50.32 22.76 83.28
CA SER P 23 51.15 23.92 83.60
C SER P 23 50.34 25.22 83.66
N GLU P 24 49.04 25.13 83.38
CA GLU P 24 48.12 26.24 83.65
C GLU P 24 47.47 25.98 85.01
N LYS P 25 47.57 26.96 85.89
CA LYS P 25 47.06 26.84 87.25
C LYS P 25 45.58 26.42 87.29
N GLN P 26 44.74 27.03 86.47
CA GLN P 26 43.30 26.72 86.57
C GLN P 26 43.00 25.31 86.11
N ASP P 27 43.75 24.81 85.13
CA ASP P 27 43.61 23.41 84.72
C ASP P 27 44.05 22.43 85.78
N LEU P 28 45.20 22.71 86.39
CA LEU P 28 45.70 21.86 87.44
C LEU P 28 44.75 21.84 88.63
N ASP P 29 44.27 23.01 89.01
CA ASP P 29 43.31 23.09 90.13
C ASP P 29 42.08 22.23 89.91
N ALA P 30 41.56 22.22 88.69
CA ALA P 30 40.38 21.41 88.37
C ALA P 30 40.74 19.92 88.38
N PHE P 31 41.88 19.60 87.76
CA PHE P 31 42.39 18.24 87.62
C PHE P 31 42.48 17.54 88.98
N VAL P 32 43.06 18.21 89.96
CA VAL P 32 43.26 17.60 91.29
C VAL P 32 42.04 17.80 92.23
N ASN P 33 40.93 18.25 91.66
CA ASN P 33 39.64 18.25 92.36
C ASN P 33 38.59 17.58 91.49
N SER P 34 39.01 16.57 90.73
CA SER P 34 38.07 15.86 89.87
C SER P 34 38.52 14.45 89.55
N ILE P 35 39.70 14.32 88.95
CA ILE P 35 40.07 13.03 88.42
C ILE P 35 41.46 12.50 88.84
N PHE P 36 42.22 13.31 89.58
CA PHE P 36 43.57 12.90 89.99
C PHE P 36 43.58 12.39 91.43
N VAL P 37 44.20 11.24 91.64
CA VAL P 37 44.22 10.59 92.95
C VAL P 37 45.66 10.58 93.42
N GLY P 38 45.89 11.11 94.61
CA GLY P 38 47.23 11.12 95.20
C GLY P 38 47.77 12.53 95.33
N SER P 39 49.03 12.67 95.73
N SER P 39 49.04 12.64 95.69
CA SER P 39 49.59 14.01 95.83
CA SER P 39 49.69 13.93 95.86
C SER P 39 50.53 14.28 94.67
C SER P 39 50.52 14.28 94.62
N TYR P 40 50.95 15.53 94.54
CA TYR P 40 51.86 15.93 93.47
C TYR P 40 52.79 17.00 94.02
N LYS P 41 53.92 17.20 93.33
CA LYS P 41 54.85 18.27 93.65
C LYS P 41 55.03 19.05 92.37
N LEU P 42 54.91 20.37 92.45
CA LEU P 42 55.03 21.17 91.23
C LEU P 42 56.51 21.37 90.95
N LYS P 43 56.96 20.96 89.77
CA LYS P 43 58.40 21.10 89.49
C LYS P 43 58.67 21.69 88.14
N GLN P 44 59.83 22.31 88.02
CA GLN P 44 60.22 22.84 86.73
C GLN P 44 60.80 21.69 85.89
N ILE P 45 60.18 21.46 84.74
CA ILE P 45 60.52 20.33 83.87
C ILE P 45 61.11 20.90 82.58
N SER P 46 62.22 20.32 82.12
CA SER P 46 62.85 20.74 80.87
C SER P 46 63.08 19.54 79.94
N TYR P 47 62.80 19.70 78.65
CA TYR P 47 63.15 18.67 77.70
C TYR P 47 63.45 19.25 76.32
N LEU P 48 64.13 18.48 75.49
CA LEU P 48 64.61 18.97 74.20
C LEU P 48 63.62 18.77 73.05
N LEU P 49 63.47 19.81 72.24
CA LEU P 49 62.64 19.77 71.03
C LEU P 49 63.47 20.43 69.93
N TYR P 50 63.96 19.64 68.99
CA TYR P 50 64.79 20.16 67.90
C TYR P 50 65.95 21.01 68.44
N GLY P 51 66.59 20.54 69.50
CA GLY P 51 67.74 21.23 70.07
C GLY P 51 67.40 22.35 71.03
N ASN P 52 66.13 22.70 71.11
CA ASN P 52 65.68 23.77 72.00
C ASN P 52 65.15 23.17 73.29
N THR P 53 65.23 23.91 74.39
CA THR P 53 64.78 23.40 75.67
C THR P 53 63.44 24.02 76.07
N LYS P 54 62.39 23.21 75.99
CA LYS P 54 61.07 23.62 76.46
C LYS P 54 61.08 23.53 77.99
N ILE P 55 60.64 24.60 78.65
CA ILE P 55 60.58 24.59 80.09
C ILE P 55 59.13 24.87 80.54
N VAL P 56 58.59 23.97 81.39
CA VAL P 56 57.27 24.15 82.01
C VAL P 56 57.30 23.79 83.49
N SER P 57 56.38 24.34 84.27
CA SER P 57 56.15 23.88 85.65
C SER P 57 54.98 22.93 85.63
N ALA P 58 55.19 21.70 86.11
CA ALA P 58 54.17 20.65 85.98
C ALA P 58 54.16 19.80 87.22
N PRO P 59 53.01 19.17 87.51
CA PRO P 59 52.91 18.29 88.68
C PRO P 59 53.73 17.02 88.45
N VAL P 60 54.46 16.61 89.47
CA VAL P 60 55.21 15.37 89.45
C VAL P 60 54.75 14.43 90.55
N VAL P 61 54.56 13.15 90.23
CA VAL P 61 54.18 12.16 91.24
C VAL P 61 55.36 11.99 92.20
N PRO P 62 55.13 12.22 93.50
CA PRO P 62 56.25 12.10 94.45
C PRO P 62 56.53 10.66 94.86
N LEU P 63 57.64 10.45 95.56
CA LEU P 63 57.98 9.13 96.06
C LEU P 63 56.82 8.60 96.89
N GLY P 64 56.56 7.30 96.76
CA GLY P 64 55.46 6.68 97.49
C GLY P 64 54.61 5.86 96.55
N PRO P 65 53.31 5.74 96.87
CA PRO P 65 52.40 4.94 96.05
C PRO P 65 52.16 5.61 94.71
N ASN P 66 51.79 4.81 93.71
CA ASN P 66 51.44 5.39 92.43
C ASN P 66 50.29 6.34 92.61
N ALA P 67 50.25 7.37 91.76
CA ALA P 67 49.05 8.21 91.66
C ALA P 67 48.10 7.53 90.68
N SER P 68 46.84 7.98 90.60
CA SER P 68 45.93 7.45 89.58
C SER P 68 45.13 8.57 88.94
N ILE P 69 44.68 8.33 87.72
CA ILE P 69 43.66 9.17 87.12
C ILE P 69 42.43 8.28 86.99
N ILE P 70 41.31 8.75 87.52
CA ILE P 70 40.08 7.98 87.53
C ILE P 70 38.95 8.88 87.06
N ILE P 71 38.23 8.47 86.02
CA ILE P 71 37.14 9.29 85.51
C ILE P 71 35.83 8.53 85.44
N ASP P 72 34.92 8.80 86.38
CA ASP P 72 33.59 8.17 86.27
C ASP P 72 32.49 9.17 85.85
N ASP P 73 32.90 10.39 85.53
CA ASP P 73 31.96 11.45 85.18
C ASP P 73 31.21 11.15 83.90
N GLU P 74 30.05 11.77 83.73
CA GLU P 74 29.18 11.54 82.57
C GLU P 74 29.67 12.29 81.34
N LEU P 75 30.86 11.93 80.85
CA LEU P 75 31.37 12.45 79.60
C LEU P 75 30.37 12.13 78.52
N GLN P 76 30.40 12.88 77.43
CA GLN P 76 29.59 12.54 76.28
C GLN P 76 29.93 11.11 75.88
N GLU P 77 28.93 10.30 75.56
CA GLU P 77 29.19 8.91 75.22
C GLU P 77 29.98 8.81 73.92
N GLY P 78 30.77 7.76 73.78
CA GLY P 78 31.53 7.54 72.55
C GLY P 78 32.85 6.86 72.85
N LEU P 79 33.68 6.70 71.82
CA LEU P 79 34.98 6.04 71.96
C LEU P 79 36.03 7.14 71.96
N TYR P 80 36.82 7.18 73.02
CA TYR P 80 37.82 8.21 73.20
C TYR P 80 39.22 7.68 73.00
N LEU P 81 40.03 8.48 72.33
CA LEU P 81 41.49 8.32 72.36
C LEU P 81 41.99 9.26 73.42
N ILE P 82 42.70 8.74 74.40
CA ILE P 82 43.28 9.56 75.44
C ILE P 82 44.77 9.72 75.17
N ARG P 83 45.28 10.94 75.26
CA ARG P 83 46.72 11.16 75.19
C ARG P 83 47.19 11.83 76.49
N ILE P 84 48.18 11.25 77.14
CA ILE P 84 48.77 11.90 78.31
C ILE P 84 50.22 12.23 78.01
N LYS P 85 50.56 13.53 78.02
CA LYS P 85 51.96 13.89 77.81
C LYS P 85 52.65 13.87 79.16
N VAL P 86 53.71 13.09 79.27
CA VAL P 86 54.40 12.96 80.55
C VAL P 86 55.89 13.14 80.35
N TYR P 87 56.61 13.35 81.45
CA TYR P 87 58.05 13.40 81.40
C TYR P 87 58.59 12.62 82.56
N ASN P 88 59.47 11.67 82.27
CA ASN P 88 60.03 10.82 83.32
C ASN P 88 61.23 11.51 83.92
N THR P 89 61.07 12.07 85.12
CA THR P 89 62.18 12.77 85.80
C THR P 89 63.17 11.80 86.44
N ASN P 90 62.83 10.52 86.48
CA ASN P 90 63.76 9.54 87.07
C ASN P 90 64.92 9.22 86.14
N SER P 91 66.03 8.80 86.72
CA SER P 91 67.18 8.34 85.93
C SER P 91 67.07 6.85 85.61
N PHE P 92 65.87 6.30 85.75
CA PHE P 92 65.61 4.92 85.36
C PHE P 92 64.26 4.84 84.64
N SER P 93 64.06 3.76 83.88
CA SER P 93 62.82 3.55 83.16
C SER P 93 61.68 3.27 84.13
N VAL P 94 60.48 3.69 83.76
CA VAL P 94 59.29 3.33 84.52
C VAL P 94 58.27 2.76 83.56
N THR P 95 57.27 2.06 84.09
CA THR P 95 56.30 1.44 83.20
C THR P 95 54.91 1.94 83.56
N VAL P 96 54.02 1.92 82.57
CA VAL P 96 52.65 2.31 82.79
C VAL P 96 51.79 1.24 82.14
N THR P 97 50.61 1.00 82.71
CA THR P 97 49.70 -0.01 82.16
C THR P 97 48.45 0.68 81.65
N PRO P 98 48.36 0.86 80.31
CA PRO P 98 47.18 1.56 79.81
C PRO P 98 45.87 0.79 80.08
N PHE P 99 44.77 1.53 80.22
CA PHE P 99 43.45 0.96 80.46
C PHE P 99 42.95 0.11 79.29
N PHE P 100 42.86 0.71 78.11
CA PHE P 100 42.43 0.01 76.90
C PHE P 100 41.10 -0.70 77.14
N ASN P 101 40.30 -0.14 78.04
CA ASN P 101 39.02 -0.72 78.45
C ASN P 101 39.11 -2.00 79.26
N ASN P 102 39.98 -2.92 78.83
N ASN P 102 39.98 -2.93 78.88
CA ASN P 102 40.07 -4.24 79.45
CA ASN P 102 40.10 -4.13 79.71
C ASN P 102 41.49 -4.77 79.70
C ASN P 102 41.48 -4.75 79.72
N ASN P 103 42.50 -3.92 79.57
CA ASN P 103 43.88 -4.38 79.76
C ASN P 103 44.32 -4.22 81.22
N ASN P 104 45.06 -5.18 81.73
CA ASN P 104 45.81 -4.94 82.95
C ASN P 104 47.16 -5.62 82.97
N THR P 105 47.67 -6.01 81.79
CA THR P 105 48.98 -6.62 81.71
C THR P 105 49.95 -5.94 80.74
N MET P 106 49.44 -5.39 79.65
CA MET P 106 50.34 -4.81 78.65
C MET P 106 50.82 -3.46 79.13
N THR P 107 52.04 -3.10 78.74
CA THR P 107 52.67 -1.91 79.32
C THR P 107 53.34 -1.02 78.30
N TYR P 108 53.56 0.23 78.70
CA TYR P 108 54.50 1.13 78.02
C TYR P 108 55.75 1.19 78.87
N SER P 109 56.90 1.29 78.21
CA SER P 109 58.17 1.46 78.90
C SER P 109 58.66 2.88 78.64
N ILE P 110 58.80 3.68 79.69
CA ILE P 110 59.15 5.09 79.53
C ILE P 110 60.59 5.34 79.96
N GLY P 111 61.43 5.76 79.02
CA GLY P 111 62.85 5.88 79.29
C GLY P 111 63.19 6.94 80.31
N ALA P 112 64.36 6.80 80.92
CA ALA P 112 64.86 7.78 81.89
C ALA P 112 64.96 9.17 81.25
N ASN P 113 64.63 10.20 82.02
CA ASN P 113 64.80 11.59 81.60
C ASN P 113 64.26 11.90 80.21
N SER P 114 63.06 11.42 79.92
CA SER P 114 62.49 11.71 78.61
C SER P 114 61.00 11.96 78.60
N GLU P 115 60.58 12.75 77.61
CA GLU P 115 59.18 13.02 77.34
C GLU P 115 58.58 11.77 76.73
N PHE P 116 57.30 11.51 77.00
CA PHE P 116 56.64 10.34 76.44
C PHE P 116 55.16 10.60 76.26
N GLU P 117 54.57 10.06 75.20
CA GLU P 117 53.12 10.13 74.97
C GLU P 117 52.46 8.82 75.36
N ILE P 118 51.66 8.84 76.42
CA ILE P 118 50.86 7.69 76.80
C ILE P 118 49.54 7.71 76.00
N TYR P 119 49.29 6.68 75.19
CA TYR P 119 48.05 6.62 74.42
C TYR P 119 47.14 5.65 75.12
N ASP P 120 45.87 5.98 75.21
CA ASP P 120 44.93 5.06 75.84
C ASP P 120 43.61 5.12 75.10
N ILE P 121 42.76 4.12 75.36
CA ILE P 121 41.48 4.02 74.68
C ILE P 121 40.41 3.81 75.74
N PHE P 122 39.30 4.51 75.61
CA PHE P 122 38.27 4.51 76.64
C PHE P 122 36.89 4.60 76.00
N THR P 123 36.07 3.56 76.18
CA THR P 123 34.71 3.60 75.66
C THR P 123 33.79 4.13 76.75
N LYS P 124 33.25 5.33 76.54
CA LYS P 124 32.25 5.85 77.51
C LYS P 124 30.89 5.33 77.12
N GLU P 125 30.52 4.18 77.68
CA GLU P 125 29.18 3.61 77.57
C GLU P 125 28.93 2.83 78.85
N GLN P 126 27.66 2.67 79.21
CA GLN P 126 27.25 1.85 80.36
C GLN P 126 28.05 2.14 81.63
N GLY P 127 28.35 3.41 81.88
CA GLY P 127 29.00 3.78 83.14
C GLY P 127 30.46 3.35 83.28
N ASN P 128 31.11 3.05 82.17
CA ASN P 128 32.50 2.66 82.21
C ASN P 128 33.30 3.73 82.94
N ILE P 129 34.31 3.31 83.69
CA ILE P 129 35.16 4.24 84.43
C ILE P 129 36.61 4.17 83.96
N TYR P 130 37.18 5.30 83.53
CA TYR P 130 38.57 5.30 83.07
C TYR P 130 39.51 5.22 84.27
N TYR P 131 40.59 4.46 84.13
CA TYR P 131 41.52 4.23 85.25
C TYR P 131 42.93 3.99 84.74
N ILE P 132 43.89 4.76 85.25
CA ILE P 132 45.32 4.50 84.98
C ILE P 132 46.18 4.92 86.17
N GLN P 133 47.20 4.11 86.49
CA GLN P 133 48.14 4.43 87.56
C GLN P 133 49.39 5.05 86.97
N LEU P 134 49.96 6.02 87.70
CA LEU P 134 51.16 6.72 87.26
C LEU P 134 52.20 6.62 88.35
N PRO P 135 53.39 6.11 88.02
CA PRO P 135 54.42 5.88 89.04
C PRO P 135 55.16 7.16 89.47
N PRO P 136 55.82 7.11 90.63
CA PRO P 136 56.58 8.23 91.16
C PRO P 136 57.62 8.76 90.19
N GLY P 137 57.77 10.09 90.13
CA GLY P 137 58.78 10.67 89.25
C GLY P 137 58.26 11.08 87.88
N LEU P 138 57.03 10.64 87.55
CA LEU P 138 56.44 11.07 86.27
C LEU P 138 55.84 12.44 86.47
N ALA P 139 56.23 13.38 85.60
CA ALA P 139 55.55 14.67 85.49
C ALA P 139 54.40 14.52 84.52
N ILE P 140 53.24 15.08 84.86
N ILE P 140 53.24 15.08 84.85
CA ILE P 140 52.08 15.06 83.98
CA ILE P 140 52.10 15.03 83.96
C ILE P 140 51.91 16.44 83.36
C ILE P 140 51.89 16.42 83.35
N LEU P 141 52.11 16.54 82.04
CA LEU P 141 52.08 17.85 81.38
C LEU P 141 50.76 18.21 80.76
N GLU P 142 50.11 17.23 80.11
CA GLU P 142 48.83 17.45 79.42
C GLU P 142 48.00 16.19 79.50
N PHE P 143 46.68 16.35 79.50
CA PHE P 143 45.75 15.23 79.45
C PHE P 143 44.65 15.56 78.46
N SER P 144 44.49 14.70 77.46
CA SER P 144 43.56 14.99 76.35
C SER P 144 42.57 13.83 76.18
N LEU P 145 41.29 14.16 76.10
CA LEU P 145 40.23 13.22 75.75
C LEU P 145 39.64 13.67 74.44
N GLU P 146 39.76 12.87 73.38
CA GLU P 146 39.08 13.23 72.12
C GLU P 146 38.37 12.00 71.54
N ARG P 147 37.20 12.23 70.93
CA ARG P 147 36.47 11.17 70.29
C ARG P 147 37.12 10.90 68.92
N VAL P 148 37.40 9.64 68.62
CA VAL P 148 37.96 9.26 67.32
C VAL P 148 36.84 8.90 66.33
N PHE P 149 37.11 8.90 65.04
CA PHE P 149 36.06 8.60 64.09
C PHE P 149 35.11 9.79 64.02
N GLU P 150 35.54 10.91 64.58
CA GLU P 150 34.91 12.19 64.32
C GLU P 150 35.82 12.88 63.31
N LYS P 151 35.26 13.49 62.30
CA LYS P 151 36.05 14.35 61.44
C LYS P 151 37.14 13.54 60.75
N GLY P 152 36.86 12.25 60.57
CA GLY P 152 37.74 11.37 59.80
C GLY P 152 38.99 10.96 60.54
N ASN P 153 39.02 11.12 61.85
CA ASN P 153 40.19 10.65 62.60
C ASN P 153 40.19 9.17 62.78
N ARG P 154 41.35 8.63 63.10
CA ARG P 154 41.49 7.21 63.32
C ARG P 154 42.25 7.02 64.61
N ILE P 155 42.23 5.81 65.12
CA ILE P 155 43.13 5.43 66.19
C ILE P 155 44.46 5.14 65.50
N ASN P 156 45.53 5.75 65.98
CA ASN P 156 46.87 5.54 65.44
C ASN P 156 47.90 5.60 66.58
N ILE P 157 48.06 4.48 67.26
CA ILE P 157 49.05 4.34 68.33
C ILE P 157 50.33 3.73 67.75
N PRO P 158 51.49 4.36 68.02
CA PRO P 158 52.77 3.88 67.46
C PRO P 158 53.20 2.56 68.09
N LYS P 159 54.25 1.94 67.57
CA LYS P 159 54.67 0.61 68.01
C LYS P 159 55.36 0.73 69.36
N ILE P 160 54.57 0.80 70.44
CA ILE P 160 55.07 0.98 71.79
C ILE P 160 54.36 0.14 72.83
N ILE P 161 53.40 -0.66 72.42
CA ILE P 161 52.67 -1.51 73.37
C ILE P 161 53.44 -2.82 73.58
N HIS P 162 53.80 -3.12 74.83
CA HIS P 162 54.54 -4.34 75.14
C HIS P 162 53.63 -5.44 75.65
N THR P 163 53.79 -6.64 75.11
CA THR P 163 53.10 -7.81 75.67
C THR P 163 54.06 -8.95 75.78
N SER P 164 53.79 -9.85 76.73
CA SER P 164 54.58 -11.04 76.83
C SER P 164 53.68 -12.26 76.73
N GLY P 165 52.48 -12.10 76.18
CA GLY P 165 51.63 -13.24 75.90
C GLY P 165 50.17 -13.13 76.35
N ASN P 166 49.84 -12.05 77.04
CA ASN P 166 48.44 -11.79 77.34
C ASN P 166 48.16 -10.30 77.29
N GLY P 167 46.89 -9.94 77.35
CA GLY P 167 46.49 -8.55 77.25
C GLY P 167 45.24 -8.44 76.41
N TYR P 168 44.49 -7.37 76.62
CA TYR P 168 43.26 -7.13 75.88
C TYR P 168 43.20 -5.68 75.49
N ILE P 169 42.59 -5.41 74.34
CA ILE P 169 42.17 -4.05 74.01
C ILE P 169 40.73 -4.16 73.50
N SER P 170 39.83 -3.34 73.99
CA SER P 170 38.45 -3.33 73.51
C SER P 170 38.06 -1.95 73.03
N PHE P 171 37.14 -1.87 72.09
CA PHE P 171 36.66 -0.56 71.65
C PHE P 171 35.33 -0.75 70.93
N ARG P 172 34.51 0.29 70.92
CA ARG P 172 33.23 0.25 70.23
C ARG P 172 33.38 0.87 68.86
N LEU P 173 32.90 0.21 67.81
CA LEU P 173 32.88 0.79 66.47
C LEU P 173 31.45 0.92 65.99
N ARG P 174 31.10 2.07 65.46
CA ARG P 174 29.75 2.24 64.92
C ARG P 174 29.76 1.65 63.51
N LYS P 175 28.58 1.59 62.88
CA LYS P 175 28.47 0.95 61.59
C LYS P 175 29.51 1.44 60.59
N GLY P 176 30.03 0.52 59.79
CA GLY P 176 31.08 0.85 58.81
C GLY P 176 31.97 -0.36 58.58
N THR P 177 32.91 -0.25 57.65
CA THR P 177 33.95 -1.27 57.52
C THR P 177 35.25 -0.64 57.96
N TYR P 178 36.05 -1.39 58.72
CA TYR P 178 37.27 -0.85 59.31
C TYR P 178 38.47 -1.74 59.04
N ALA P 179 39.62 -1.11 58.87
CA ALA P 179 40.91 -1.80 58.86
C ALA P 179 41.47 -1.70 60.28
N ILE P 180 41.97 -2.83 60.77
CA ILE P 180 42.73 -2.84 62.00
C ILE P 180 44.16 -3.28 61.63
N LYS P 181 45.11 -2.38 61.81
CA LYS P 181 46.49 -2.64 61.41
C LYS P 181 47.33 -2.64 62.68
N MET P 182 48.16 -3.68 62.82
N MET P 182 48.17 -3.66 62.81
CA MET P 182 49.06 -3.77 63.96
CA MET P 182 49.05 -3.75 63.95
C MET P 182 50.49 -4.10 63.54
C MET P 182 50.47 -4.09 63.55
N PRO P 183 51.31 -3.06 63.36
CA PRO P 183 52.73 -3.27 63.12
C PRO P 183 53.31 -3.86 64.39
N TYR P 184 54.21 -4.81 64.28
CA TYR P 184 54.76 -5.46 65.47
C TYR P 184 56.22 -5.77 65.24
N SER P 185 56.92 -5.97 66.36
CA SER P 185 58.25 -6.59 66.40
C SER P 185 58.24 -7.62 67.51
N TYR P 186 58.97 -8.72 67.33
CA TYR P 186 59.10 -9.71 68.39
C TYR P 186 60.54 -10.09 68.59
N ASN P 187 60.80 -10.69 69.76
CA ASN P 187 62.07 -11.32 70.03
C ASN P 187 61.78 -12.69 70.62
N ASN P 188 62.06 -13.74 69.85
CA ASN P 188 61.96 -15.09 70.36
C ASN P 188 63.23 -15.39 71.15
N THR P 189 63.12 -15.33 72.47
CA THR P 189 64.24 -15.63 73.37
C THR P 189 64.41 -17.14 73.56
N THR P 190 63.66 -17.92 72.80
CA THR P 190 63.71 -19.38 72.90
C THR P 190 64.39 -19.99 71.68
N SER P 191 64.74 -21.27 71.78
CA SER P 191 65.34 -22.00 70.68
C SER P 191 64.25 -22.67 69.83
N THR P 192 63.00 -22.47 70.20
CA THR P 192 61.89 -23.07 69.48
C THR P 192 61.61 -22.30 68.19
N THR P 193 61.37 -23.04 67.12
CA THR P 193 60.86 -22.42 65.90
C THR P 193 59.35 -22.66 65.87
N PHE P 194 58.58 -21.59 65.69
CA PHE P 194 57.13 -21.70 65.74
C PHE P 194 56.56 -21.71 64.36
N THR P 195 55.51 -22.49 64.16
CA THR P 195 54.81 -22.47 62.89
C THR P 195 53.34 -22.16 63.09
N ASN P 196 52.81 -21.27 62.26
CA ASN P 196 51.44 -20.81 62.43
C ASN P 196 51.20 -20.37 63.86
N PHE P 197 52.09 -19.49 64.32
CA PHE P 197 52.04 -18.88 65.63
C PHE P 197 50.87 -17.94 65.73
N GLN P 198 49.90 -18.27 66.58
CA GLN P 198 48.80 -17.35 66.78
C GLN P 198 49.20 -16.33 67.84
N PHE P 199 49.32 -15.09 67.43
CA PHE P 199 49.65 -13.99 68.34
C PHE P 199 48.41 -13.61 69.17
N GLY P 200 47.26 -13.56 68.50
CA GLY P 200 46.05 -13.12 69.18
C GLY P 200 44.83 -13.25 68.28
N THR P 201 43.74 -12.63 68.70
CA THR P 201 42.50 -12.69 67.94
C THR P 201 41.80 -11.37 68.00
N ILE P 202 41.05 -11.07 66.95
CA ILE P 202 40.15 -9.93 66.98
C ILE P 202 38.76 -10.51 66.87
N SER P 203 37.86 -10.09 67.75
CA SER P 203 36.50 -10.62 67.69
C SER P 203 35.41 -9.61 68.04
N THR P 204 34.22 -9.86 67.51
CA THR P 204 32.99 -9.29 68.03
C THR P 204 32.30 -10.49 68.66
N SER P 205 31.07 -10.31 69.14
CA SER P 205 30.35 -11.43 69.76
C SER P 205 30.36 -12.71 68.90
N ALA P 207 31.98 -13.67 65.78
CA ALA P 207 32.99 -13.54 64.73
C ALA P 207 34.39 -13.37 65.29
N THR P 208 35.33 -14.18 64.81
CA THR P 208 36.71 -14.18 65.31
C THR P 208 37.75 -14.24 64.19
N ILE P 209 38.74 -13.35 64.25
CA ILE P 209 39.84 -13.36 63.28
C ILE P 209 41.18 -13.63 63.98
N PRO P 210 41.79 -14.78 63.68
CA PRO P 210 43.11 -15.08 64.25
C PRO P 210 44.21 -14.23 63.61
N LEU P 211 45.15 -13.76 64.42
CA LEU P 211 46.30 -13.04 63.91
C LEU P 211 47.47 -13.99 63.97
N VAL P 212 47.92 -14.46 62.81
CA VAL P 212 48.83 -15.58 62.74
C VAL P 212 50.11 -15.23 61.98
N ILE P 213 51.24 -15.71 62.48
CA ILE P 213 52.51 -15.55 61.80
C ILE P 213 53.01 -16.90 61.29
N SER P 214 53.33 -16.98 60.00
CA SER P 214 53.70 -18.26 59.37
C SER P 214 54.74 -19.01 60.15
N SER P 215 55.83 -18.32 60.46
CA SER P 215 56.90 -18.93 61.23
C SER P 215 57.72 -17.92 62.03
N ILE P 216 58.07 -18.31 63.25
CA ILE P 216 58.94 -17.53 64.08
C ILE P 216 60.14 -18.42 64.38
N PRO P 217 61.27 -18.13 63.72
CA PRO P 217 62.51 -18.92 63.86
C PRO P 217 63.01 -18.94 65.29
N ALA P 218 63.64 -20.04 65.69
CA ALA P 218 64.22 -20.15 67.01
C ALA P 218 65.18 -18.98 67.25
N ASN P 219 65.17 -18.45 68.46
CA ASN P 219 66.10 -17.39 68.87
C ASN P 219 66.07 -16.19 67.94
N GLY P 220 65.04 -16.12 67.11
CA GLY P 220 64.94 -15.08 66.12
C GLY P 220 64.26 -13.83 66.62
N SER P 221 64.50 -12.73 65.92
CA SER P 221 63.74 -11.52 66.13
C SER P 221 63.24 -11.06 64.77
N GLY P 222 62.08 -10.42 64.74
CA GLY P 222 61.51 -10.05 63.48
C GLY P 222 60.46 -8.98 63.64
N SER P 223 59.96 -8.51 62.53
CA SER P 223 58.89 -7.53 62.56
C SER P 223 57.96 -7.75 61.38
N GLY P 224 56.76 -7.22 61.49
CA GLY P 224 55.79 -7.37 60.42
C GLY P 224 54.58 -6.55 60.74
N THR P 225 53.50 -6.76 60.00
CA THR P 225 52.26 -6.05 60.25
C THR P 225 51.06 -6.96 60.11
N PHE P 226 50.17 -6.95 61.10
CA PHE P 226 48.88 -7.61 60.94
C PHE P 226 47.93 -6.59 60.33
N LEU P 227 47.15 -7.01 59.36
CA LEU P 227 46.16 -6.13 58.74
C LEU P 227 44.91 -6.95 58.48
N VAL P 228 43.85 -6.67 59.24
CA VAL P 228 42.59 -7.35 59.01
C VAL P 228 41.46 -6.35 58.93
N TYR P 229 40.29 -6.80 58.50
CA TYR P 229 39.19 -5.87 58.28
C TYR P 229 37.93 -6.42 58.94
N LEU P 230 37.12 -5.53 59.49
CA LEU P 230 35.84 -5.91 60.08
C LEU P 230 34.73 -5.15 59.39
N LYS P 231 33.70 -5.88 58.97
CA LYS P 231 32.49 -5.18 58.52
C LYS P 231 31.53 -5.08 59.70
N ILE P 232 31.43 -3.89 60.28
CA ILE P 232 30.48 -3.68 61.38
C ILE P 232 29.12 -3.28 60.79
N THR P 233 28.22 -4.25 60.69
CA THR P 233 26.85 -3.94 60.29
C THR P 233 26.27 -2.84 61.20
N GLY P 234 26.57 -2.96 62.49
CA GLY P 234 26.08 -2.01 63.49
C GLY P 234 25.31 -2.64 64.64
N ASP P 235 24.89 -3.89 64.49
CA ASP P 235 24.20 -4.55 65.60
C ASP P 235 25.14 -5.19 66.61
N TYR P 236 26.41 -5.33 66.24
CA TYR P 236 27.47 -5.77 67.17
C TYR P 236 28.63 -4.82 67.05
N GLU P 237 28.74 -3.91 68.03
CA GLU P 237 29.71 -2.83 67.91
C GLU P 237 30.96 -2.97 68.78
N ASP P 238 30.89 -3.82 69.78
CA ASP P 238 32.04 -3.94 70.69
C ASP P 238 33.07 -4.94 70.15
N VAL P 239 34.26 -4.44 69.90
CA VAL P 239 35.34 -5.25 69.31
C VAL P 239 36.35 -5.55 70.41
N LYS P 240 36.87 -6.77 70.41
CA LYS P 240 37.83 -7.19 71.44
C LYS P 240 39.07 -7.79 70.80
N PHE P 241 40.21 -7.21 71.11
CA PHE P 241 41.48 -7.78 70.70
C PHE P 241 42.09 -8.49 71.93
N SER P 242 42.50 -9.74 71.74
CA SER P 242 43.13 -10.52 72.81
C SER P 242 44.47 -11.06 72.35
N VAL P 243 45.50 -10.92 73.19
CA VAL P 243 46.77 -11.58 72.96
C VAL P 243 46.64 -12.97 73.57
N THR P 244 46.92 -14.01 72.80
CA THR P 244 46.55 -15.37 73.22
C THR P 244 47.71 -16.33 73.33
N TYR P 245 48.90 -15.92 72.94
CA TYR P 245 50.01 -16.89 72.89
C TYR P 245 50.55 -17.38 74.24
N GLY P 246 50.24 -16.68 75.32
CA GLY P 246 50.54 -17.20 76.64
C GLY P 246 51.68 -16.51 77.36
N GLY P 247 51.39 -16.05 78.58
CA GLY P 247 52.30 -15.21 79.35
C GLY P 247 53.74 -15.67 79.55
N GLY P 248 53.94 -16.97 79.67
CA GLY P 248 55.28 -17.47 79.99
C GLY P 248 56.07 -17.99 78.81
N LEU P 249 55.60 -17.73 77.59
CA LEU P 249 56.18 -18.35 76.41
C LEU P 249 57.64 -17.94 76.14
N GLY P 250 57.98 -16.69 76.41
CA GLY P 250 59.33 -16.21 76.18
C GLY P 250 59.51 -15.58 74.81
N VAL P 251 58.40 -15.06 74.28
CA VAL P 251 58.43 -14.33 73.00
C VAL P 251 57.77 -12.97 73.16
N PRO P 252 58.50 -12.01 73.75
CA PRO P 252 57.92 -10.67 73.91
C PRO P 252 57.65 -9.97 72.58
N PHE P 253 56.54 -9.27 72.49
CA PHE P 253 56.18 -8.50 71.30
C PHE P 253 56.07 -7.03 71.70
N THR P 254 56.39 -6.14 70.76
CA THR P 254 56.02 -4.73 70.87
C THR P 254 55.17 -4.41 69.64
N PHE P 255 54.02 -3.78 69.82
CA PHE P 255 53.16 -3.53 68.68
C PHE P 255 52.44 -2.19 68.74
N GLY P 256 51.91 -1.76 67.61
CA GLY P 256 51.16 -0.53 67.55
C GLY P 256 49.73 -0.90 67.18
N LEU P 257 48.88 0.11 67.06
CA LEU P 257 47.48 -0.17 66.79
C LEU P 257 46.88 0.96 65.99
N GLU P 258 46.34 0.61 64.84
CA GLU P 258 45.78 1.59 63.96
C GLU P 258 44.39 1.05 63.61
N VAL P 259 43.35 1.84 63.88
CA VAL P 259 41.98 1.45 63.53
C VAL P 259 41.36 2.57 62.74
N GLU P 260 40.91 2.27 61.52
CA GLU P 260 40.48 3.31 60.63
C GLU P 260 39.36 2.84 59.70
N GLU P 261 38.44 3.74 59.39
N GLU P 261 38.44 3.75 59.40
CA GLU P 261 37.34 3.42 58.50
CA GLU P 261 37.36 3.46 58.47
C GLU P 261 37.82 3.37 57.04
C GLU P 261 37.89 3.32 57.05
N ILE P 262 37.34 2.39 56.30
CA ILE P 262 37.66 2.26 54.87
C ILE P 262 36.41 2.26 54.02
N ASN P 263 36.59 2.55 52.73
CA ASN P 263 35.54 2.37 51.76
C ASN P 263 35.63 0.95 51.23
N GLU P 264 34.65 0.52 50.46
CA GLU P 264 34.64 -0.86 50.02
C GLU P 264 35.96 -1.25 49.34
N LEU P 265 36.50 -2.40 49.73
CA LEU P 265 37.76 -2.88 49.15
C LEU P 265 37.54 -4.24 48.52
N VAL P 266 37.51 -4.28 47.20
CA VAL P 266 37.48 -5.55 46.47
C VAL P 266 38.91 -6.06 46.38
N GLU P 267 39.22 -7.12 47.14
CA GLU P 267 40.58 -7.58 47.26
C GLU P 267 40.98 -8.32 46.00
N ASN P 268 40.02 -9.04 45.44
CA ASN P 268 40.21 -9.67 44.14
C ASN P 268 38.91 -10.22 43.57
N THR P 269 38.91 -10.50 42.28
CA THR P 269 37.75 -11.05 41.63
C THR P 269 38.26 -12.23 40.84
N ASN P 270 37.57 -13.36 40.94
CA ASN P 270 38.11 -14.59 40.41
C ASN P 270 37.08 -15.42 39.65
N PHE P 271 37.53 -16.00 38.54
CA PHE P 271 36.80 -17.04 37.85
C PHE P 271 37.43 -18.33 38.29
N VAL P 272 36.65 -19.22 38.90
CA VAL P 272 37.21 -20.46 39.44
C VAL P 272 36.41 -21.65 38.95
N THR P 273 37.06 -22.80 38.89
CA THR P 273 36.43 -24.00 38.38
C THR P 273 36.66 -25.15 39.35
N GLN P 274 35.67 -26.02 39.46
CA GLN P 274 35.74 -27.15 40.39
C GLN P 274 35.00 -28.34 39.82
N SER P 275 35.67 -29.48 39.73
CA SER P 275 35.02 -30.69 39.27
C SER P 275 34.60 -31.58 40.44
N VAL P 276 33.49 -32.27 40.24
CA VAL P 276 32.98 -33.21 41.23
C VAL P 276 32.57 -34.46 40.51
N THR P 277 33.06 -35.61 41.00
CA THR P 277 32.73 -36.88 40.40
C THR P 277 31.68 -37.61 41.24
N LEU P 278 30.57 -37.96 40.61
CA LEU P 278 29.43 -38.56 41.31
C LEU P 278 29.31 -40.03 40.96
N SER P 279 29.15 -40.87 41.98
CA SER P 279 29.04 -42.30 41.75
C SER P 279 28.01 -42.97 42.65
N GLY P 280 26.83 -42.37 42.76
CA GLY P 280 25.73 -42.97 43.51
C GLY P 280 25.46 -42.37 44.88
N SER P 281 26.42 -41.61 45.41
CA SER P 281 26.24 -41.05 46.74
C SER P 281 26.27 -39.53 46.72
N GLN P 282 25.55 -38.91 47.65
CA GLN P 282 25.57 -37.47 47.74
C GLN P 282 26.97 -37.03 48.11
N VAL P 283 27.42 -35.96 47.48
CA VAL P 283 28.70 -35.34 47.80
C VAL P 283 28.49 -33.88 48.19
N THR P 284 29.11 -33.46 49.28
CA THR P 284 29.12 -32.05 49.65
C THR P 284 30.55 -31.54 49.48
N GLN P 285 30.74 -30.69 48.49
CA GLN P 285 32.07 -30.22 48.13
C GLN P 285 32.23 -28.76 48.50
N SER P 286 33.15 -28.47 49.42
CA SER P 286 33.47 -27.07 49.73
C SER P 286 34.12 -26.41 48.51
N ILE P 287 33.66 -25.22 48.17
CA ILE P 287 34.26 -24.46 47.08
C ILE P 287 35.17 -23.38 47.66
N LEU P 288 34.65 -22.68 48.66
N LEU P 288 34.66 -22.67 48.66
CA LEU P 288 35.32 -21.54 49.26
CA LEU P 288 35.42 -21.59 49.26
C LEU P 288 34.86 -21.34 50.70
C LEU P 288 34.88 -21.29 50.66
N ASN P 289 35.79 -21.05 51.58
CA ASN P 289 35.43 -20.71 52.96
C ASN P 289 36.43 -19.68 53.47
N VAL P 290 35.98 -18.45 53.66
CA VAL P 290 36.90 -17.41 54.09
C VAL P 290 36.51 -16.90 55.48
N GLN P 291 35.73 -17.70 56.22
CA GLN P 291 35.40 -17.35 57.59
C GLN P 291 36.66 -17.14 58.43
N GLY P 292 36.70 -16.05 59.20
CA GLY P 292 37.84 -15.80 60.07
C GLY P 292 39.05 -15.21 59.37
N SER P 293 38.88 -14.80 58.12
CA SER P 293 40.00 -14.28 57.30
C SER P 293 40.07 -12.76 57.28
N GLY P 294 39.02 -12.09 57.73
CA GLY P 294 38.96 -10.65 57.60
C GLY P 294 38.36 -10.25 56.26
N SER P 295 37.59 -11.16 55.67
CA SER P 295 36.98 -10.88 54.36
C SER P 295 35.71 -11.67 54.17
N HIS P 296 34.95 -11.33 53.12
CA HIS P 296 33.76 -12.09 52.77
C HIS P 296 33.65 -12.19 51.24
N LEU P 297 32.53 -12.71 50.74
CA LEU P 297 32.42 -13.00 49.33
C LEU P 297 31.18 -12.38 48.73
N ARG P 298 31.18 -12.29 47.41
CA ARG P 298 30.01 -11.89 46.66
C ARG P 298 30.01 -12.72 45.40
N LEU P 299 28.96 -13.50 45.18
CA LEU P 299 28.87 -14.35 43.98
C LEU P 299 28.15 -13.62 42.85
N LYS P 300 28.72 -13.67 41.64
CA LYS P 300 28.17 -12.93 40.52
C LYS P 300 27.58 -13.85 39.43
N TYR P 301 28.16 -15.04 39.28
CA TYR P 301 27.78 -15.92 38.20
C TYR P 301 28.21 -17.35 38.50
N ALA P 302 27.35 -18.29 38.15
CA ALA P 302 27.72 -19.69 38.29
C ALA P 302 27.13 -20.53 37.17
N SER P 303 27.84 -21.58 36.81
CA SER P 303 27.40 -22.46 35.74
C SER P 303 27.92 -23.86 35.98
N VAL P 304 27.14 -24.86 35.59
CA VAL P 304 27.58 -26.24 35.69
C VAL P 304 27.51 -26.91 34.34
N SER P 305 28.61 -27.54 33.94
CA SER P 305 28.61 -28.32 32.71
C SER P 305 28.69 -29.80 33.03
N GLY P 306 28.19 -30.63 32.13
CA GLY P 306 28.22 -32.07 32.33
C GLY P 306 26.97 -32.65 32.94
N LEU P 307 25.95 -31.80 33.14
CA LEU P 307 24.67 -32.27 33.68
C LEU P 307 23.99 -33.25 32.72
N THR P 308 23.55 -34.37 33.26
CA THR P 308 22.74 -35.33 32.51
C THR P 308 21.61 -35.80 33.39
N THR P 309 20.71 -36.60 32.83
CA THR P 309 19.61 -37.16 33.59
C THR P 309 20.13 -38.09 34.70
N ALA P 310 21.41 -38.43 34.64
CA ALA P 310 22.05 -39.22 35.69
C ALA P 310 22.36 -38.39 36.95
N VAL P 311 22.23 -37.07 36.86
CA VAL P 311 22.44 -36.20 38.01
C VAL P 311 21.10 -35.83 38.62
N THR P 312 20.91 -36.17 39.88
CA THR P 312 19.63 -35.99 40.56
C THR P 312 19.63 -34.77 41.47
N GLN P 313 20.81 -34.33 41.87
CA GLN P 313 20.93 -33.15 42.70
C GLN P 313 22.17 -32.36 42.34
N CYS P 314 22.01 -31.05 42.26
CA CYS P 314 23.14 -30.17 42.02
C CYS P 314 22.74 -28.79 42.48
N GLN P 315 23.06 -28.50 43.73
CA GLN P 315 22.69 -27.24 44.37
C GLN P 315 23.92 -26.51 44.88
N LEU P 316 24.05 -25.25 44.49
CA LEU P 316 25.04 -24.35 45.07
C LEU P 316 24.44 -23.77 46.35
N GLN P 317 25.20 -23.80 47.43
CA GLN P 317 24.73 -23.30 48.72
C GLN P 317 25.75 -22.37 49.31
N ALA P 318 25.27 -21.43 50.13
CA ALA P 318 26.12 -20.41 50.70
C ALA P 318 25.61 -20.03 52.06
N THR P 319 26.47 -19.43 52.87
CA THR P 319 26.03 -18.86 54.13
C THR P 319 27.04 -17.88 54.70
N ASN P 320 26.56 -17.08 55.65
CA ASN P 320 27.44 -16.35 56.54
C ASN P 320 27.61 -17.21 57.78
N LEU P 321 28.72 -17.94 57.84
CA LEU P 321 28.96 -18.89 58.95
C LEU P 321 28.99 -18.23 60.33
N ASN P 322 29.25 -16.93 60.37
CA ASN P 322 29.24 -16.20 61.64
C ASN P 322 27.80 -15.95 62.12
N ARG P 323 26.85 -16.12 61.21
CA ARG P 323 25.44 -15.96 61.52
C ARG P 323 24.75 -17.32 61.65
N SER P 324 25.11 -18.23 60.77
CA SER P 324 24.45 -19.53 60.71
C SER P 324 25.34 -20.62 60.11
N THR P 325 25.33 -21.80 60.72
CA THR P 325 26.09 -22.95 60.20
C THR P 325 25.27 -23.74 59.18
N THR P 326 24.00 -23.37 59.03
CA THR P 326 23.15 -24.02 58.04
C THR P 326 23.26 -23.26 56.71
N TYR P 327 23.66 -23.99 55.68
CA TYR P 327 23.80 -23.40 54.35
C TYR P 327 22.43 -23.28 53.70
N SER P 328 22.22 -22.21 52.94
CA SER P 328 21.00 -22.11 52.14
C SER P 328 21.34 -22.26 50.66
N THR P 329 20.47 -22.94 49.94
CA THR P 329 20.60 -23.08 48.49
C THR P 329 20.42 -21.72 47.83
N VAL P 330 21.39 -21.31 47.02
CA VAL P 330 21.32 -20.03 46.31
C VAL P 330 21.08 -20.24 44.81
N TRP P 331 21.29 -21.46 44.34
CA TRP P 331 20.93 -21.83 42.99
C TRP P 331 20.83 -23.33 42.83
N ASP P 332 19.77 -23.79 42.20
CA ASP P 332 19.58 -25.21 41.95
C ASP P 332 19.71 -25.43 40.45
N PHE P 333 20.79 -26.09 40.03
CA PHE P 333 21.09 -26.20 38.61
C PHE P 333 20.15 -27.17 37.90
N ILE P 334 19.50 -28.03 38.67
CA ILE P 334 18.54 -28.95 38.08
C ILE P 334 17.21 -28.22 37.88
N ALA P 335 16.71 -27.59 38.95
CA ALA P 335 15.42 -26.94 38.91
C ALA P 335 15.47 -25.63 38.13
N GLY P 336 16.58 -24.92 38.21
CA GLY P 336 16.67 -23.58 37.64
C GLY P 336 17.40 -23.50 36.32
N GLY P 337 18.18 -24.52 35.98
CA GLY P 337 18.94 -24.47 34.74
C GLY P 337 20.45 -24.39 34.98
N SER P 338 21.21 -24.66 33.93
CA SER P 338 22.65 -24.89 34.05
C SER P 338 23.48 -23.65 34.35
N SER P 339 22.89 -22.46 34.23
CA SER P 339 23.60 -21.24 34.61
C SER P 339 22.69 -20.21 35.28
N THR P 340 23.28 -19.35 36.09
CA THR P 340 22.55 -18.36 36.83
C THR P 340 22.11 -17.20 35.93
N PRO P 341 20.97 -16.57 36.27
CA PRO P 341 20.45 -15.46 35.46
C PRO P 341 21.17 -14.15 35.75
N PRO P 342 20.97 -13.15 34.88
CA PRO P 342 21.69 -11.88 35.00
C PRO P 342 21.50 -11.19 36.35
N SER P 343 20.32 -11.32 36.97
CA SER P 343 20.03 -10.63 38.23
C SER P 343 20.55 -11.36 39.48
N TRP P 344 21.13 -12.54 39.26
CA TRP P 344 21.63 -13.36 40.37
C TRP P 344 22.91 -12.77 40.95
N ASP P 345 22.88 -12.48 42.25
CA ASP P 345 23.94 -11.76 42.92
C ASP P 345 23.82 -12.13 44.39
N ILE P 346 24.78 -12.90 44.89
CA ILE P 346 24.71 -13.34 46.29
C ILE P 346 25.70 -12.56 47.15
N ARG P 347 25.19 -11.74 48.07
CA ARG P 347 26.03 -10.93 48.92
C ARG P 347 26.07 -11.44 50.36
N GLU P 348 27.02 -10.91 51.11
CA GLU P 348 27.12 -11.14 52.55
C GLU P 348 27.16 -12.63 52.91
N ILE P 349 28.04 -13.36 52.25
CA ILE P 349 28.29 -14.76 52.60
C ILE P 349 29.80 -14.93 52.76
N ASN P 350 30.24 -15.99 53.41
CA ASN P 350 31.67 -16.21 53.52
C ASN P 350 32.04 -17.67 53.32
N SER P 351 31.06 -18.48 52.96
CA SER P 351 31.33 -19.89 52.66
C SER P 351 30.37 -20.43 51.59
N ILE P 352 30.92 -21.20 50.66
CA ILE P 352 30.19 -21.70 49.49
C ILE P 352 30.45 -23.18 49.37
N GLN P 353 29.40 -23.98 49.18
CA GLN P 353 29.58 -25.40 48.87
C GLN P 353 28.65 -25.86 47.75
N LEU P 354 29.04 -26.93 47.08
CA LEU P 354 28.19 -27.58 46.09
C LEU P 354 27.74 -28.92 46.64
N VAL P 355 26.42 -29.12 46.69
CA VAL P 355 25.87 -30.40 47.10
C VAL P 355 25.28 -31.08 45.87
N ALA P 356 25.76 -32.28 45.58
CA ALA P 356 25.36 -32.97 44.38
C ALA P 356 25.19 -34.46 44.60
N ASN P 357 24.40 -35.08 43.73
CA ASN P 357 24.17 -36.49 43.81
C ASN P 357 23.81 -37.04 42.43
N GLY P 358 24.12 -38.31 42.21
CA GLY P 358 23.86 -38.91 40.92
C GLY P 358 24.92 -39.93 40.55
N GLY P 359 24.84 -40.44 39.32
CA GLY P 359 25.77 -41.45 38.87
C GLY P 359 25.50 -42.76 39.60
N SER P 360 26.35 -43.74 39.36
CA SER P 360 26.22 -45.04 40.01
C SER P 360 27.60 -45.62 40.32
N SER P 361 27.61 -46.67 41.13
CA SER P 361 28.85 -47.32 41.54
C SER P 361 29.60 -47.91 40.35
N THR P 362 28.91 -48.04 39.23
CA THR P 362 29.48 -48.64 38.02
C THR P 362 29.64 -47.62 36.90
N SER P 363 28.97 -46.50 37.01
CA SER P 363 29.00 -45.48 35.97
C SER P 363 28.95 -44.09 36.60
N SER P 364 30.12 -43.50 36.81
CA SER P 364 30.22 -42.21 37.47
C SER P 364 30.00 -41.07 36.48
N VAL P 365 29.55 -39.93 37.01
CA VAL P 365 29.35 -38.73 36.20
C VAL P 365 30.20 -37.61 36.81
N THR P 366 30.89 -36.88 35.95
CA THR P 366 31.70 -35.76 36.41
C THR P 366 31.09 -34.46 35.91
N ILE P 367 30.80 -33.57 36.85
CA ILE P 367 30.28 -32.25 36.51
C ILE P 367 31.29 -31.22 36.90
N THR P 368 31.24 -30.07 36.24
CA THR P 368 32.20 -29.02 36.51
C THR P 368 31.50 -27.71 36.79
N LEU P 369 31.77 -27.16 37.97
CA LEU P 369 31.21 -25.89 38.38
C LEU P 369 32.19 -24.79 38.00
N ILE P 370 31.67 -23.73 37.41
CA ILE P 370 32.45 -22.52 37.30
C ILE P 370 31.75 -21.44 38.07
N LEU P 371 32.54 -20.55 38.66
CA LEU P 371 32.00 -19.54 39.55
C LEU P 371 32.82 -18.28 39.36
N VAL P 372 32.13 -17.14 39.26
CA VAL P 372 32.78 -15.83 39.33
C VAL P 372 32.37 -15.16 40.63
N TYR P 373 33.35 -14.78 41.44
CA TYR P 373 33.06 -14.18 42.73
C TYR P 373 34.08 -13.09 43.06
N GLU P 374 33.71 -12.18 43.95
CA GLU P 374 34.62 -11.18 44.46
C GLU P 374 34.90 -11.55 45.91
N GLN P 375 36.13 -11.30 46.34
CA GLN P 375 36.48 -11.34 47.75
C GLN P 375 36.59 -9.92 48.21
N ILE P 376 35.86 -9.60 49.28
CA ILE P 376 35.70 -8.22 49.71
C ILE P 376 36.18 -8.10 51.14
N ALA P 377 36.92 -7.03 51.44
CA ALA P 377 37.44 -6.83 52.79
C ALA P 377 36.31 -6.73 53.78
N GLY P 378 36.50 -7.34 54.96
CA GLY P 378 35.57 -7.16 56.06
C GLY P 378 35.01 -8.49 56.54
N GLU P 379 35.43 -8.93 57.72
CA GLU P 379 34.83 -10.09 58.35
C GLU P 379 33.36 -9.79 58.64
N LEU P 380 32.47 -10.72 58.32
CA LEU P 380 31.05 -10.54 58.58
C LEU P 380 30.74 -10.75 60.08
N SER P 381 29.82 -9.97 60.63
CA SER P 381 29.52 -10.16 62.05
C SER P 381 28.43 -11.21 62.29
N HIS P 382 28.33 -11.63 63.55
CA HIS P 382 27.25 -12.51 64.01
C HIS P 382 25.89 -11.82 63.84
N HIS P 383 24.81 -12.61 63.78
CA HIS P 383 23.46 -12.05 63.86
C HIS P 383 22.49 -13.05 64.48
N LEU Q 6 73.18 26.76 69.42
CA LEU Q 6 72.09 27.06 68.48
C LEU Q 6 70.72 26.88 69.12
N GLY Q 7 70.59 25.88 69.99
CA GLY Q 7 69.34 25.64 70.70
C GLY Q 7 69.14 26.66 71.80
N GLN Q 8 67.88 26.99 72.09
CA GLN Q 8 67.56 27.90 73.19
C GLN Q 8 66.53 27.26 74.08
N SER Q 9 66.44 27.73 75.32
CA SER Q 9 65.34 27.31 76.18
C SER Q 9 64.15 28.23 75.92
N PHE Q 10 62.94 27.72 76.16
CA PHE Q 10 61.74 28.56 76.07
C PHE Q 10 60.67 28.11 77.06
N PRO Q 11 59.92 29.08 77.61
CA PRO Q 11 58.84 28.75 78.54
C PRO Q 11 57.64 28.27 77.74
N ALA Q 12 56.93 27.24 78.21
CA ALA Q 12 55.83 26.69 77.42
C ALA Q 12 54.65 26.29 78.27
N ASN Q 13 54.33 27.08 79.29
CA ASN Q 13 53.26 26.69 80.21
C ASN Q 13 51.84 26.84 79.73
N ALA Q 14 51.61 27.77 78.79
CA ALA Q 14 50.26 28.16 78.42
C ALA Q 14 49.66 27.22 77.38
N LYS Q 15 48.34 27.08 77.43
CA LYS Q 15 47.57 26.26 76.50
C LYS Q 15 47.76 26.81 75.09
N VAL Q 16 47.95 25.92 74.11
CA VAL Q 16 48.06 26.35 72.71
C VAL Q 16 46.69 26.74 72.13
N LYS Q 17 46.67 27.76 71.28
CA LYS Q 17 45.42 28.19 70.64
C LYS Q 17 45.50 27.74 69.20
N TYR Q 18 44.35 27.64 68.54
CA TYR Q 18 44.30 27.27 67.12
C TYR Q 18 44.35 28.49 66.21
N TYR Q 19 44.27 29.67 66.81
CA TYR Q 19 44.39 30.91 66.07
C TYR Q 19 44.97 31.99 66.99
N TYR Q 20 45.99 32.69 66.50
CA TYR Q 20 46.58 33.80 67.22
C TYR Q 20 46.58 35.03 66.33
N LYS Q 21 46.14 36.16 66.84
CA LYS Q 21 46.45 37.42 66.16
C LYS Q 21 47.39 38.16 67.08
N LEU Q 22 48.66 38.24 66.67
CA LEU Q 22 49.72 38.57 67.62
C LEU Q 22 49.78 40.04 67.95
N SER Q 23 48.92 40.82 67.31
CA SER Q 23 48.73 42.24 67.67
C SER Q 23 47.72 42.40 68.79
N GLU Q 24 47.10 41.30 69.23
CA GLU Q 24 46.37 41.27 70.50
C GLU Q 24 47.26 40.82 71.66
N LYS Q 25 47.29 41.61 72.73
CA LYS Q 25 48.20 41.35 73.83
C LYS Q 25 48.03 39.94 74.40
N GLN Q 26 46.80 39.53 74.64
CA GLN Q 26 46.59 38.22 75.26
C GLN Q 26 47.00 37.05 74.34
N ASP Q 27 46.82 37.20 73.03
CA ASP Q 27 47.34 36.19 72.11
C ASP Q 27 48.86 36.15 72.09
N LEU Q 28 49.49 37.33 72.05
CA LEU Q 28 50.96 37.38 72.06
C LEU Q 28 51.51 36.73 73.34
N ASP Q 29 50.92 37.07 74.48
CA ASP Q 29 51.40 36.55 75.77
C ASP Q 29 51.33 35.02 75.81
N ALA Q 30 50.26 34.45 75.27
CA ALA Q 30 50.13 32.99 75.23
C ALA Q 30 51.18 32.40 74.29
N PHE Q 31 51.28 33.02 73.12
CA PHE Q 31 52.19 32.57 72.04
C PHE Q 31 53.64 32.42 72.55
N VAL Q 32 54.11 33.41 73.30
CA VAL Q 32 55.50 33.39 73.78
C VAL Q 32 55.67 32.69 75.12
N ASN Q 33 54.62 32.00 75.57
CA ASN Q 33 54.69 31.12 76.74
C ASN Q 33 54.12 29.76 76.33
N SER Q 34 54.36 29.37 75.07
CA SER Q 34 53.87 28.07 74.63
C SER Q 34 54.63 27.52 73.43
N ILE Q 35 54.66 28.25 72.34
CA ILE Q 35 55.19 27.70 71.10
C ILE Q 35 56.27 28.54 70.42
N PHE Q 36 56.48 29.76 70.91
CA PHE Q 36 57.53 30.61 70.34
C PHE Q 36 58.89 30.49 71.03
N VAL Q 37 59.94 30.27 70.24
CA VAL Q 37 61.29 30.12 70.78
C VAL Q 37 62.13 31.32 70.36
N GLY Q 38 62.71 32.01 71.34
CA GLY Q 38 63.60 33.13 71.06
C GLY Q 38 63.01 34.44 71.58
N SER Q 39 63.66 35.55 71.29
N SER Q 39 63.68 35.54 71.24
CA SER Q 39 63.11 36.83 71.72
CA SER Q 39 63.23 36.86 71.64
C SER Q 39 62.43 37.54 70.59
C SER Q 39 62.40 37.53 70.56
N TYR Q 40 61.71 38.61 70.90
CA TYR Q 40 61.01 39.41 69.91
C TYR Q 40 61.09 40.86 70.35
N LYS Q 41 60.86 41.77 69.42
CA LYS Q 41 60.74 43.18 69.70
C LYS Q 41 59.38 43.54 69.15
N LEU Q 42 58.60 44.28 69.93
CA LEU Q 42 57.28 44.69 69.44
C LEU Q 42 57.46 45.94 68.58
N LYS Q 43 56.97 45.91 67.35
CA LYS Q 43 57.16 47.05 66.45
C LYS Q 43 55.89 47.43 65.73
N GLN Q 44 55.80 48.70 65.36
CA GLN Q 44 54.70 49.11 64.53
C GLN Q 44 55.00 48.73 63.08
N ILE Q 45 54.09 47.95 62.50
CA ILE Q 45 54.24 47.40 61.15
C ILE Q 45 53.14 48.02 60.28
N SER Q 46 53.49 48.49 59.09
CA SER Q 46 52.54 49.05 58.14
C SER Q 46 52.72 48.35 56.80
N TYR Q 47 51.61 48.04 56.13
CA TYR Q 47 51.71 47.58 54.74
C TYR Q 47 50.45 47.93 53.97
N LEU Q 48 50.53 47.84 52.65
CA LEU Q 48 49.50 48.36 51.76
C LEU Q 48 48.45 47.30 51.41
N LEU Q 49 47.19 47.68 51.48
CA LEU Q 49 46.09 46.84 51.03
C LEU Q 49 45.16 47.71 50.21
N TYR Q 50 45.11 47.45 48.90
CA TYR Q 50 44.32 48.28 48.00
C TYR Q 50 44.58 49.77 48.19
N GLY Q 51 45.84 50.15 48.40
CA GLY Q 51 46.23 51.56 48.49
C GLY Q 51 46.08 52.14 49.89
N ASN Q 52 45.49 51.35 50.79
CA ASN Q 52 45.32 51.78 52.18
C ASN Q 52 46.42 51.17 53.05
N THR Q 53 46.74 51.85 54.15
CA THR Q 53 47.86 51.41 54.96
C THR Q 53 47.34 50.79 56.25
N LYS Q 54 47.43 49.48 56.33
CA LYS Q 54 47.10 48.76 57.53
C LYS Q 54 48.24 48.88 58.52
N ILE Q 55 47.91 49.30 59.75
CA ILE Q 55 48.92 49.49 60.78
C ILE Q 55 48.61 48.62 62.00
N VAL Q 56 49.58 47.79 62.40
CA VAL Q 56 49.47 46.96 63.60
C VAL Q 56 50.78 46.96 64.37
N SER Q 57 50.70 46.66 65.67
CA SER Q 57 51.91 46.39 66.45
C SER Q 57 52.09 44.89 66.58
N ALA Q 58 53.27 44.39 66.18
CA ALA Q 58 53.47 42.95 66.08
C ALA Q 58 54.89 42.61 66.50
N PRO Q 59 55.10 41.38 66.97
CA PRO Q 59 56.43 40.91 67.35
C PRO Q 59 57.30 40.72 66.11
N VAL Q 60 58.54 41.21 66.17
CA VAL Q 60 59.52 41.04 65.09
C VAL Q 60 60.71 40.27 65.64
N VAL Q 61 61.22 39.34 64.84
CA VAL Q 61 62.42 38.60 65.22
C VAL Q 61 63.61 39.55 65.15
N PRO Q 62 64.35 39.72 66.27
CA PRO Q 62 65.47 40.66 66.28
C PRO Q 62 66.73 40.07 65.63
N LEU Q 63 67.72 40.92 65.39
CA LEU Q 63 69.03 40.48 64.93
C LEU Q 63 69.54 39.37 65.82
N GLY Q 64 70.14 38.34 65.23
CA GLY Q 64 70.66 37.22 65.99
C GLY Q 64 70.19 35.92 65.39
N PRO Q 65 70.11 34.86 66.21
CA PRO Q 65 69.67 33.55 65.72
C PRO Q 65 68.24 33.62 65.22
N ASN Q 66 67.86 32.71 64.33
CA ASN Q 66 66.47 32.58 63.94
C ASN Q 66 65.64 32.28 65.18
N ALA Q 67 64.39 32.71 65.16
CA ALA Q 67 63.41 32.26 66.15
C ALA Q 67 62.82 30.96 65.61
N SER Q 68 62.03 30.27 66.42
CA SER Q 68 61.34 29.06 65.96
C SER Q 68 59.94 29.07 66.52
N ILE Q 69 59.05 28.34 65.85
CA ILE Q 69 57.76 27.98 66.42
C ILE Q 69 57.81 26.47 66.52
N ILE Q 70 57.57 25.95 67.71
CA ILE Q 70 57.62 24.51 67.97
C ILE Q 70 56.33 24.13 68.72
N ILE Q 71 55.60 23.15 68.23
CA ILE Q 71 54.35 22.74 68.87
C ILE Q 71 54.34 21.23 69.12
N ASP Q 72 54.50 20.80 70.36
CA ASP Q 72 54.38 19.36 70.66
C ASP Q 72 53.10 19.06 71.44
N ASP Q 73 52.27 20.08 71.62
CA ASP Q 73 51.07 19.94 72.46
C ASP Q 73 50.07 18.98 71.86
N GLU Q 74 49.20 18.42 72.70
CA GLU Q 74 48.20 17.46 72.23
C GLU Q 74 47.05 18.14 71.51
N LEU Q 75 47.33 18.77 70.37
CA LEU Q 75 46.26 19.28 69.51
C LEU Q 75 45.30 18.13 69.16
N GLN Q 76 44.05 18.46 68.82
CA GLN Q 76 43.16 17.44 68.27
C GLN Q 76 43.88 16.80 67.06
N GLU Q 77 43.81 15.49 66.94
CA GLU Q 77 44.49 14.80 65.85
C GLU Q 77 43.87 15.16 64.51
N GLY Q 78 44.66 15.10 63.45
CA GLY Q 78 44.16 15.39 62.11
C GLY Q 78 45.20 16.06 61.24
N LEU Q 79 44.81 16.47 60.03
CA LEU Q 79 45.74 17.10 59.13
C LEU Q 79 45.45 18.59 59.13
N TYR Q 80 46.46 19.38 59.48
CA TYR Q 80 46.34 20.83 59.61
C TYR Q 80 46.98 21.55 58.46
N LEU Q 81 46.26 22.55 57.95
CA LEU Q 81 46.88 23.59 57.15
C LEU Q 81 47.26 24.70 58.09
N ILE Q 82 48.52 25.09 58.05
CA ILE Q 82 48.98 26.21 58.86
C ILE Q 82 49.18 27.41 57.97
N ARG Q 83 48.70 28.57 58.42
CA ARG Q 83 48.99 29.82 57.74
C ARG Q 83 49.64 30.78 58.72
N ILE Q 84 50.81 31.31 58.35
CA ILE Q 84 51.45 32.32 59.18
C ILE Q 84 51.49 33.61 58.37
N LYS Q 85 50.80 34.64 58.83
CA LYS Q 85 50.92 35.96 58.18
C LYS Q 85 52.15 36.68 58.74
N VAL Q 86 53.09 37.00 57.86
CA VAL Q 86 54.32 37.67 58.26
C VAL Q 86 54.56 38.92 57.44
N TYR Q 87 55.41 39.79 57.94
CA TYR Q 87 55.83 40.95 57.17
C TYR Q 87 57.35 41.05 57.26
N ASN Q 88 58.01 41.08 56.12
CA ASN Q 88 59.46 41.17 56.08
C ASN Q 88 59.87 42.63 56.20
N THR Q 89 60.32 43.03 57.39
CA THR Q 89 60.80 44.40 57.61
C THR Q 89 62.17 44.70 57.02
N ASN Q 90 62.90 43.68 56.59
CA ASN Q 90 64.22 43.90 55.99
C ASN Q 90 64.14 44.50 54.59
N SER Q 91 65.21 45.17 54.19
CA SER Q 91 65.31 45.67 52.82
C SER Q 91 65.92 44.61 51.88
N PHE Q 92 65.92 43.36 52.33
CA PHE Q 92 66.41 42.25 51.49
C PHE Q 92 65.49 41.05 51.66
N SER Q 93 65.54 40.14 50.70
CA SER Q 93 64.72 38.92 50.78
C SER Q 93 65.21 38.04 51.90
N VAL Q 94 64.29 37.28 52.48
CA VAL Q 94 64.65 36.24 53.45
C VAL Q 94 63.98 34.97 53.00
N THR Q 95 64.49 33.84 53.47
CA THR Q 95 63.87 32.55 53.14
C THR Q 95 63.36 31.84 54.38
N VAL Q 96 62.36 31.01 54.17
CA VAL Q 96 61.82 30.19 55.21
C VAL Q 96 61.72 28.77 54.67
N THR Q 97 61.88 27.78 55.53
CA THR Q 97 61.78 26.38 55.14
C THR Q 97 60.56 25.78 55.82
N PRO Q 98 59.46 25.61 55.09
CA PRO Q 98 58.26 25.04 55.72
C PRO Q 98 58.47 23.58 56.18
N PHE Q 99 57.76 23.19 57.23
CA PHE Q 99 57.86 21.88 57.84
C PHE Q 99 57.35 20.80 56.87
N PHE Q 100 56.11 20.95 56.40
CA PHE Q 100 55.51 19.98 55.48
C PHE Q 100 55.67 18.54 56.00
N ASN Q 101 55.73 18.40 57.31
CA ASN Q 101 55.94 17.10 57.98
C ASN Q 101 57.34 16.50 57.82
N ASN Q 102 57.89 16.54 56.59
N ASN Q 102 57.92 16.53 56.63
CA ASN Q 102 59.17 15.90 56.29
CA ASN Q 102 59.30 16.02 56.50
C ASN Q 102 60.15 16.72 55.44
C ASN Q 102 60.16 16.72 55.46
N ASN Q 103 59.90 18.01 55.27
CA ASN Q 103 60.77 18.83 54.43
C ASN Q 103 61.85 19.48 55.26
N ASN Q 104 63.05 19.56 54.72
CA ASN Q 104 64.04 20.46 55.28
C ASN Q 104 64.93 21.14 54.25
N THR Q 105 64.50 21.12 52.98
CA THR Q 105 65.26 21.77 51.91
C THR Q 105 64.46 22.79 51.10
N MET Q 106 63.18 22.52 50.87
CA MET Q 106 62.37 23.41 50.04
C MET Q 106 62.05 24.68 50.78
N THR Q 107 62.03 25.80 50.05
CA THR Q 107 61.92 27.12 50.70
C THR Q 107 60.86 28.03 50.10
N TYR Q 108 60.44 29.00 50.90
CA TYR Q 108 59.72 30.16 50.41
C TYR Q 108 60.70 31.33 50.37
N SER Q 109 60.53 32.19 49.38
CA SER Q 109 61.35 33.40 49.29
C SER Q 109 60.46 34.61 49.54
N ILE Q 110 60.77 35.35 50.61
CA ILE Q 110 59.92 36.45 51.02
C ILE Q 110 60.58 37.80 50.66
N GLY Q 111 59.91 38.57 49.81
CA GLY Q 111 60.51 39.79 49.28
C GLY Q 111 60.71 40.86 50.34
N ALA Q 112 61.63 41.77 50.08
CA ALA Q 112 61.90 42.90 50.99
C ALA Q 112 60.62 43.72 51.21
N ASN Q 113 60.44 44.21 52.44
CA ASN Q 113 59.36 45.14 52.75
C ASN Q 113 58.01 44.68 52.26
N SER Q 114 57.64 43.44 52.55
CA SER Q 114 56.38 42.95 52.06
C SER Q 114 55.71 41.93 52.96
N GLU Q 115 54.39 41.92 52.89
CA GLU Q 115 53.56 40.99 53.64
C GLU Q 115 53.64 39.66 52.91
N PHE Q 116 53.54 38.55 53.63
CA PHE Q 116 53.65 37.24 52.96
C PHE Q 116 52.91 36.20 53.77
N GLU Q 117 52.29 35.24 53.07
CA GLU Q 117 51.58 34.16 53.75
C GLU Q 117 52.42 32.91 53.68
N ILE Q 118 52.88 32.43 54.83
CA ILE Q 118 53.59 31.16 54.88
C ILE Q 118 52.55 30.07 55.05
N TYR Q 119 52.47 29.13 54.10
CA TYR Q 119 51.57 27.99 54.22
C TYR Q 119 52.38 26.80 54.69
N ASP Q 120 51.82 26.01 55.58
CA ASP Q 120 52.53 24.83 56.03
C ASP Q 120 51.53 23.71 56.25
N ILE Q 121 52.03 22.49 56.37
CA ILE Q 121 51.18 21.33 56.54
C ILE Q 121 51.70 20.50 57.71
N PHE Q 122 50.81 20.07 58.59
CA PHE Q 122 51.24 19.40 59.81
C PHE Q 122 50.25 18.30 60.13
N THR Q 123 50.73 17.06 60.17
CA THR Q 123 49.89 15.94 60.56
C THR Q 123 50.01 15.70 62.04
N LYS Q 124 48.96 16.00 62.80
CA LYS Q 124 48.98 15.66 64.22
C LYS Q 124 48.57 14.19 64.43
N GLU Q 125 49.56 13.31 64.42
CA GLU Q 125 49.38 11.91 64.76
C GLU Q 125 50.69 11.43 65.34
N GLN Q 126 50.61 10.39 66.17
CA GLN Q 126 51.79 9.77 66.75
C GLN Q 126 52.80 10.76 67.34
N GLY Q 127 52.31 11.78 68.02
CA GLY Q 127 53.21 12.69 68.73
C GLY Q 127 54.07 13.59 67.83
N ASN Q 128 53.66 13.75 66.56
CA ASN Q 128 54.41 14.60 65.63
C ASN Q 128 54.56 16.00 66.21
N ILE Q 129 55.70 16.64 65.94
CA ILE Q 129 55.97 17.95 66.53
C ILE Q 129 56.16 18.99 65.44
N TYR Q 130 55.34 20.04 65.45
CA TYR Q 130 55.47 21.08 64.44
C TYR Q 130 56.72 21.95 64.68
N TYR Q 131 57.42 22.30 63.61
CA TYR Q 131 58.68 23.06 63.73
C TYR Q 131 58.92 23.94 62.51
N ILE Q 132 59.12 25.23 62.75
CA ILE Q 132 59.59 26.12 61.69
C ILE Q 132 60.47 27.23 62.24
N GLN Q 133 61.53 27.59 61.52
CA GLN Q 133 62.42 28.67 61.96
C GLN Q 133 62.08 29.93 61.18
N LEU Q 134 62.24 31.07 61.84
CA LEU Q 134 61.88 32.36 61.29
C LEU Q 134 63.07 33.31 61.44
N PRO Q 135 63.54 33.87 60.32
CA PRO Q 135 64.76 34.68 60.33
C PRO Q 135 64.54 36.09 60.87
N PRO Q 136 65.63 36.74 61.30
CA PRO Q 136 65.60 38.10 61.85
C PRO Q 136 64.92 39.08 60.89
N GLY Q 137 64.11 39.98 61.44
CA GLY Q 137 63.43 40.98 60.65
C GLY Q 137 62.02 40.62 60.21
N LEU Q 138 61.63 39.36 60.40
CA LEU Q 138 60.26 38.96 60.10
C LEU Q 138 59.37 39.36 61.26
N ALA Q 139 58.30 40.09 60.95
CA ALA Q 139 57.23 40.35 61.90
C ALA Q 139 56.20 39.24 61.76
N ILE Q 140 55.73 38.72 62.88
N ILE Q 140 55.72 38.73 62.88
CA ILE Q 140 54.73 37.66 62.90
CA ILE Q 140 54.73 37.66 62.87
C ILE Q 140 53.38 38.27 63.27
C ILE Q 140 53.38 38.24 63.27
N LEU Q 141 52.45 38.29 62.32
CA LEU Q 141 51.15 38.94 62.55
C LEU Q 141 50.04 38.01 63.02
N GLU Q 142 49.99 36.82 62.45
CA GLU Q 142 48.91 35.88 62.77
C GLU Q 142 49.44 34.49 62.60
N PHE Q 143 48.87 33.55 63.35
CA PHE Q 143 49.25 32.16 63.22
C PHE Q 143 47.98 31.34 63.30
N SER Q 144 47.72 30.54 62.27
CA SER Q 144 46.43 29.83 62.16
C SER Q 144 46.65 28.33 61.95
N LEU Q 145 45.98 27.54 62.77
CA LEU Q 145 45.95 26.08 62.62
C LEU Q 145 44.55 25.66 62.29
N GLU Q 146 44.32 25.11 61.09
CA GLU Q 146 42.95 24.67 60.75
C GLU Q 146 42.99 23.30 60.12
N ARG Q 147 42.04 22.44 60.45
CA ARG Q 147 41.98 21.13 59.85
C ARG Q 147 41.37 21.23 58.45
N VAL Q 148 42.01 20.62 57.46
CA VAL Q 148 41.52 20.66 56.08
C VAL Q 148 40.64 19.42 55.82
N PHE Q 149 39.81 19.44 54.79
CA PHE Q 149 38.97 18.29 54.53
C PHE Q 149 37.87 18.25 55.59
N GLU Q 150 37.77 19.35 56.34
CA GLU Q 150 36.57 19.62 57.13
C GLU Q 150 35.74 20.59 56.33
N LYS Q 151 34.43 20.38 56.28
CA LYS Q 151 33.56 21.39 55.70
C LYS Q 151 33.93 21.64 54.24
N GLY Q 152 34.49 20.61 53.61
CA GLY Q 152 34.76 20.66 52.19
C GLY Q 152 35.94 21.51 51.80
N ASN Q 153 36.83 21.82 52.74
CA ASN Q 153 38.02 22.57 52.39
C ASN Q 153 39.09 21.68 51.77
N ARG Q 154 40.05 22.31 51.13
CA ARG Q 154 41.11 21.59 50.46
C ARG Q 154 42.42 22.25 50.84
N ILE Q 155 43.52 21.57 50.56
CA ILE Q 155 44.81 22.21 50.59
C ILE Q 155 44.92 22.98 49.29
N ASN Q 156 45.27 24.27 49.38
CA ASN Q 156 45.43 25.10 48.19
C ASN Q 156 46.55 26.11 48.39
N ILE Q 157 47.78 25.67 48.12
CA ILE Q 157 48.99 26.49 48.28
C ILE Q 157 49.40 27.04 46.92
N PRO Q 158 49.58 28.36 46.83
CA PRO Q 158 49.90 28.95 45.52
C PRO Q 158 51.31 28.53 45.05
N LYS Q 159 51.66 28.90 43.83
CA LYS Q 159 52.94 28.49 43.25
C LYS Q 159 54.11 29.29 43.84
N ILE Q 160 54.57 28.89 45.03
CA ILE Q 160 55.59 29.64 45.78
C ILE Q 160 56.63 28.72 46.41
N ILE Q 161 56.46 27.41 46.26
CA ILE Q 161 57.40 26.47 46.86
C ILE Q 161 58.62 26.26 45.95
N HIS Q 162 59.81 26.53 46.48
CA HIS Q 162 61.02 26.43 45.68
C HIS Q 162 61.78 25.16 45.97
N THR Q 163 62.19 24.48 44.91
CA THR Q 163 63.03 23.30 45.05
C THR Q 163 64.13 23.34 44.00
N SER Q 164 65.27 22.76 44.33
CA SER Q 164 66.34 22.66 43.37
C SER Q 164 66.73 21.21 43.16
N GLY Q 165 65.85 20.29 43.55
CA GLY Q 165 66.06 18.89 43.23
C GLY Q 165 65.82 17.90 44.35
N ASN Q 166 65.52 18.41 45.54
CA ASN Q 166 65.08 17.54 46.61
C ASN Q 166 64.04 18.21 47.48
N GLY Q 167 63.47 17.44 48.40
CA GLY Q 167 62.38 17.94 49.24
C GLY Q 167 61.31 16.89 49.38
N TYR Q 168 60.56 16.99 50.47
CA TYR Q 168 59.45 16.10 50.76
C TYR Q 168 58.27 16.87 51.31
N ILE Q 169 57.08 16.39 50.99
CA ILE Q 169 55.85 16.85 51.64
C ILE Q 169 55.07 15.58 51.97
N SER Q 170 54.61 15.44 53.21
CA SER Q 170 53.78 14.30 53.57
C SER Q 170 52.47 14.80 54.16
N PHE Q 171 51.42 14.01 54.03
CA PHE Q 171 50.14 14.33 54.65
C PHE Q 171 49.28 13.10 54.76
N ARG Q 172 48.35 13.09 55.70
CA ARG Q 172 47.48 11.93 55.91
C ARG Q 172 46.17 12.22 55.21
N LEU Q 173 45.66 11.26 54.45
CA LEU Q 173 44.33 11.42 53.84
C LEU Q 173 43.42 10.33 54.34
N ARG Q 174 42.24 10.68 54.81
CA ARG Q 174 41.30 9.65 55.19
C ARG Q 174 40.64 9.10 53.93
N LYS Q 175 39.84 8.05 54.06
CA LYS Q 175 39.24 7.40 52.94
C LYS Q 175 38.56 8.39 52.00
N GLY Q 176 38.68 8.14 50.70
CA GLY Q 176 38.15 9.03 49.69
C GLY Q 176 39.00 8.91 48.44
N THR Q 177 38.57 9.57 47.37
CA THR Q 177 39.46 9.72 46.19
C THR Q 177 39.85 11.18 46.15
N TYR Q 178 41.12 11.45 45.86
CA TYR Q 178 41.64 12.84 45.85
C TYR Q 178 42.36 13.18 44.56
N ALA Q 179 42.30 14.46 44.21
CA ALA Q 179 43.13 14.99 43.15
C ALA Q 179 44.29 15.71 43.83
N ILE Q 180 45.48 15.51 43.29
CA ILE Q 180 46.66 16.26 43.73
C ILE Q 180 47.16 17.03 42.53
N LYS Q 181 47.07 18.35 42.61
CA LYS Q 181 47.42 19.20 41.48
C LYS Q 181 48.62 20.04 41.86
N MET Q 182 49.62 20.07 40.99
N MET Q 182 49.62 20.06 41.00
CA MET Q 182 50.79 20.89 41.25
CA MET Q 182 50.79 20.87 41.28
C MET Q 182 51.18 21.73 40.06
C MET Q 182 51.18 21.71 40.07
N PRO Q 183 50.71 22.98 40.03
CA PRO Q 183 51.13 23.91 39.00
C PRO Q 183 52.63 24.11 39.23
N TYR Q 184 53.40 24.19 38.16
CA TYR Q 184 54.83 24.44 38.33
C TYR Q 184 55.41 25.32 37.25
N SER Q 185 56.57 25.90 37.55
CA SER Q 185 57.38 26.62 36.59
C SER Q 185 58.80 26.15 36.83
N TYR Q 186 59.58 26.03 35.76
CA TYR Q 186 60.98 25.69 35.92
C TYR Q 186 61.87 26.57 35.07
N ASN Q 187 63.13 26.66 35.47
CA ASN Q 187 64.15 27.32 34.68
C ASN Q 187 65.35 26.37 34.51
N ASN Q 188 65.51 25.86 33.30
CA ASN Q 188 66.66 25.00 33.03
C ASN Q 188 67.87 25.86 32.71
N THR Q 189 68.85 25.86 33.60
CA THR Q 189 70.02 26.73 33.45
C THR Q 189 71.17 26.03 32.73
N THR Q 190 71.01 24.73 32.47
CA THR Q 190 72.05 23.91 31.85
C THR Q 190 71.85 23.78 30.34
N SER Q 191 72.86 23.24 29.66
CA SER Q 191 72.76 23.02 28.22
C SER Q 191 72.25 21.61 27.90
N THR Q 192 71.85 20.86 28.92
CA THR Q 192 71.31 19.51 28.71
C THR Q 192 69.86 19.56 28.24
N THR Q 193 69.54 18.81 27.19
CA THR Q 193 68.14 18.54 26.87
C THR Q 193 67.66 17.29 27.60
N PHE Q 194 66.58 17.45 28.37
CA PHE Q 194 65.99 16.31 29.07
C PHE Q 194 64.75 15.80 28.36
N THR Q 195 64.55 14.49 28.46
CA THR Q 195 63.33 13.85 27.95
C THR Q 195 62.80 12.89 29.01
N ASN Q 196 61.48 12.88 29.18
CA ASN Q 196 60.86 12.14 30.26
C ASN Q 196 61.56 12.45 31.59
N PHE Q 197 61.67 13.75 31.85
CA PHE Q 197 62.23 14.26 33.09
C PHE Q 197 61.31 13.92 34.23
N GLN Q 198 61.80 13.10 35.17
CA GLN Q 198 61.01 12.84 36.37
C GLN Q 198 61.28 13.87 37.45
N PHE Q 199 60.27 14.67 37.75
CA PHE Q 199 60.39 15.75 38.71
C PHE Q 199 60.35 15.13 40.11
N GLY Q 200 59.48 14.13 40.29
CA GLY Q 200 59.27 13.57 41.61
C GLY Q 200 58.31 12.40 41.58
N THR Q 201 57.86 11.97 42.75
CA THR Q 201 56.89 10.88 42.89
C THR Q 201 55.90 11.20 43.99
N ILE Q 202 54.68 10.67 43.84
CA ILE Q 202 53.71 10.65 44.91
C ILE Q 202 53.51 9.19 45.26
N SER Q 203 53.57 8.86 46.54
CA SER Q 203 53.36 7.47 46.94
C SER Q 203 52.64 7.30 48.25
N THR Q 204 52.04 6.13 48.39
CA THR Q 204 51.62 5.60 49.69
C THR Q 204 52.57 4.42 49.87
N SER Q 205 52.39 3.63 50.92
CA SER Q 205 53.28 2.49 51.14
C SER Q 205 53.46 1.61 49.91
N ALA Q 207 52.32 1.82 46.47
CA ALA Q 207 51.83 2.54 45.29
C ALA Q 207 52.61 3.83 45.05
N THR Q 208 53.10 3.99 43.81
CA THR Q 208 53.91 5.14 43.40
C THR Q 208 53.48 5.74 42.06
N ILE Q 209 53.32 7.05 42.02
CA ILE Q 209 53.01 7.76 40.79
C ILE Q 209 54.15 8.71 40.44
N PRO Q 210 54.85 8.46 39.32
CA PRO Q 210 55.88 9.39 38.85
C PRO Q 210 55.28 10.66 38.25
N LEU Q 211 55.93 11.79 38.52
CA LEU Q 211 55.52 13.08 37.97
C LEU Q 211 56.55 13.37 36.88
N VAL Q 212 56.13 13.23 35.63
CA VAL Q 212 57.04 13.29 34.49
C VAL Q 212 56.71 14.37 33.48
N ILE Q 213 57.75 15.02 32.97
CA ILE Q 213 57.61 16.06 31.95
C ILE Q 213 58.21 15.53 30.66
N SER Q 214 57.41 15.53 29.58
CA SER Q 214 57.86 14.98 28.29
C SER Q 214 59.22 15.47 27.88
N SER Q 215 59.41 16.79 27.88
CA SER Q 215 60.69 17.37 27.52
C SER Q 215 60.92 18.71 28.18
N ILE Q 216 62.17 18.94 28.55
CA ILE Q 216 62.61 20.22 29.08
C ILE Q 216 63.75 20.67 28.18
N PRO Q 217 63.48 21.65 27.31
CA PRO Q 217 64.47 22.14 26.35
C PRO Q 217 65.70 22.72 27.05
N ALA Q 218 66.86 22.61 26.42
CA ALA Q 218 68.09 23.21 26.95
C ALA Q 218 67.93 24.71 27.16
N ASN Q 219 68.39 25.20 28.31
CA ASN Q 219 68.35 26.62 28.64
C ASN Q 219 66.93 27.20 28.62
N GLY Q 220 65.94 26.32 28.59
CA GLY Q 220 64.56 26.74 28.50
C GLY Q 220 63.96 27.02 29.86
N SER Q 221 62.86 27.77 29.85
CA SER Q 221 62.02 27.93 31.04
C SER Q 221 60.63 27.55 30.59
N GLY Q 222 59.82 27.04 31.50
CA GLY Q 222 58.50 26.58 31.13
C GLY Q 222 57.61 26.45 32.34
N SER Q 223 56.35 26.15 32.08
CA SER Q 223 55.41 26.01 33.17
C SER Q 223 54.41 24.97 32.73
N GLY Q 224 53.80 24.30 33.70
CA GLY Q 224 52.78 23.32 33.41
C GLY Q 224 52.13 22.91 34.72
N THR Q 225 51.38 21.81 34.68
CA THR Q 225 50.66 21.36 35.86
C THR Q 225 50.70 19.84 35.92
N PHE Q 226 51.17 19.29 37.04
CA PHE Q 226 50.93 17.88 37.33
C PHE Q 226 49.56 17.68 37.97
N LEU Q 227 48.82 16.69 37.49
CA LEU Q 227 47.51 16.38 38.03
C LEU Q 227 47.37 14.89 38.12
N VAL Q 228 47.39 14.36 39.34
CA VAL Q 228 47.21 12.92 39.53
C VAL Q 228 46.16 12.65 40.59
N TYR Q 229 45.71 11.41 40.68
CA TYR Q 229 44.60 11.11 41.59
C TYR Q 229 44.95 9.87 42.41
N LEU Q 230 44.56 9.87 43.67
CA LEU Q 230 44.80 8.75 44.55
C LEU Q 230 43.47 8.24 45.05
N LYS Q 231 43.23 6.96 44.92
CA LYS Q 231 42.12 6.34 45.64
C LYS Q 231 42.59 5.84 46.98
N ILE Q 232 42.21 6.54 48.04
CA ILE Q 232 42.54 6.11 49.38
C ILE Q 232 41.42 5.21 49.90
N THR Q 233 41.65 3.90 49.88
CA THR Q 233 40.69 2.96 50.43
C THR Q 233 40.50 3.28 51.91
N GLY Q 234 41.62 3.57 52.59
CA GLY Q 234 41.59 3.97 53.99
C GLY Q 234 42.53 3.17 54.85
N ASP Q 235 43.02 2.05 54.33
CA ASP Q 235 44.01 1.27 55.09
C ASP Q 235 45.44 1.77 54.96
N TYR Q 236 45.68 2.66 53.99
CA TYR Q 236 46.98 3.33 53.83
C TYR Q 236 46.73 4.80 53.60
N GLU Q 237 46.97 5.61 54.63
CA GLU Q 237 46.50 6.99 54.59
C GLU Q 237 47.62 8.01 54.46
N ASP Q 238 48.84 7.60 54.80
CA ASP Q 238 49.97 8.53 54.73
C ASP Q 238 50.54 8.63 53.33
N VAL Q 239 50.44 9.83 52.77
CA VAL Q 239 50.88 10.09 51.41
C VAL Q 239 52.20 10.84 51.47
N LYS Q 240 53.12 10.48 50.59
CA LYS Q 240 54.41 11.14 50.56
C LYS Q 240 54.76 11.64 49.15
N PHE Q 241 55.01 12.95 49.04
CA PHE Q 241 55.52 13.53 47.82
C PHE Q 241 57.04 13.71 47.98
N SER Q 242 57.82 13.26 46.99
CA SER Q 242 59.26 13.45 46.99
C SER Q 242 59.73 14.09 45.69
N VAL Q 243 60.57 15.12 45.81
CA VAL Q 243 61.25 15.67 44.64
C VAL Q 243 62.48 14.79 44.41
N THR Q 244 62.65 14.28 43.19
CA THR Q 244 63.67 13.25 42.96
C THR Q 244 64.77 13.60 41.96
N TYR Q 245 64.64 14.71 41.24
CA TYR Q 245 65.55 14.95 40.13
C TYR Q 245 66.99 15.27 40.52
N GLY Q 246 67.22 15.63 41.79
CA GLY Q 246 68.58 15.73 42.28
C GLY Q 246 69.08 17.14 42.49
N GLY Q 247 69.57 17.40 43.70
CA GLY Q 247 69.89 18.74 44.16
C GLY Q 247 70.80 19.60 43.31
N GLY Q 248 71.76 19.00 42.63
CA GLY Q 248 72.72 19.79 41.89
C GLY Q 248 72.46 19.92 40.40
N LEU Q 249 71.27 19.53 39.96
CA LEU Q 249 71.02 19.43 38.52
C LEU Q 249 71.07 20.78 37.78
N GLY Q 250 70.65 21.86 38.43
CA GLY Q 250 70.63 23.15 37.77
C GLY Q 250 69.31 23.45 37.08
N VAL Q 251 68.23 22.83 37.55
CA VAL Q 251 66.89 23.10 37.07
C VAL Q 251 65.97 23.43 38.24
N PRO Q 252 66.07 24.67 38.76
CA PRO Q 252 65.16 25.04 39.85
C PRO Q 252 63.69 25.02 39.42
N PHE Q 253 62.80 24.57 40.30
CA PHE Q 253 61.36 24.61 40.07
C PHE Q 253 60.72 25.49 41.12
N THR Q 254 59.59 26.10 40.77
CA THR Q 254 58.69 26.70 41.76
C THR Q 254 57.37 26.02 41.50
N PHE Q 255 56.72 25.51 42.54
CA PHE Q 255 55.44 24.85 42.36
C PHE Q 255 54.44 25.12 43.48
N GLY Q 256 53.17 24.83 43.21
CA GLY Q 256 52.12 25.00 44.18
C GLY Q 256 51.59 23.62 44.53
N LEU Q 257 50.62 23.55 45.43
CA LEU Q 257 50.10 22.24 45.82
C LEU Q 257 48.63 22.37 46.16
N GLU Q 258 47.83 21.61 45.44
CA GLU Q 258 46.40 21.59 45.70
C GLU Q 258 46.02 20.13 45.93
N VAL Q 259 45.36 19.85 47.04
CA VAL Q 259 44.89 18.50 47.35
C VAL Q 259 43.45 18.59 47.72
N GLU Q 260 42.59 17.90 46.98
CA GLU Q 260 41.16 18.06 47.17
C GLU Q 260 40.41 16.75 46.92
N GLU Q 261 39.33 16.55 47.65
N GLU Q 261 39.33 16.55 47.65
CA GLU Q 261 38.52 15.35 47.46
CA GLU Q 261 38.48 15.39 47.44
C GLU Q 261 37.65 15.48 46.20
C GLU Q 261 37.72 15.52 46.12
N ILE Q 262 37.53 14.39 45.44
CA ILE Q 262 36.71 14.39 44.23
C ILE Q 262 35.64 13.30 44.31
N ASN Q 263 34.61 13.42 43.50
CA ASN Q 263 33.69 12.33 43.30
C ASN Q 263 34.21 11.46 42.17
N GLU Q 264 33.60 10.30 41.95
CA GLU Q 264 34.11 9.40 40.92
C GLU Q 264 34.29 10.09 39.59
N LEU Q 265 35.45 9.86 38.98
CA LEU Q 265 35.74 10.48 37.71
C LEU Q 265 36.03 9.39 36.70
N VAL Q 266 35.11 9.17 35.77
CA VAL Q 266 35.36 8.27 34.64
C VAL Q 266 36.10 9.06 33.58
N GLU Q 267 37.39 8.82 33.45
CA GLU Q 267 38.22 9.55 32.50
C GLU Q 267 37.86 9.20 31.06
N ASN Q 268 37.55 7.93 30.81
CA ASN Q 268 37.08 7.51 29.50
C ASN Q 268 36.57 6.09 29.55
N THR Q 269 35.78 5.73 28.55
CA THR Q 269 35.27 4.38 28.42
C THR Q 269 35.59 3.97 26.98
N ASN Q 270 36.11 2.75 26.82
CA ASN Q 270 36.66 2.32 25.54
C ASN Q 270 36.27 0.91 25.17
N PHE Q 271 36.01 0.74 23.87
CA PHE Q 271 35.90 -0.56 23.24
C PHE Q 271 37.24 -0.76 22.56
N VAL Q 272 37.96 -1.81 22.94
CA VAL Q 272 39.28 -2.06 22.35
C VAL Q 272 39.36 -3.48 21.85
N THR Q 273 40.22 -3.69 20.86
CA THR Q 273 40.38 -5.00 20.25
C THR Q 273 41.87 -5.37 20.21
N GLN Q 274 42.15 -6.66 20.32
CA GLN Q 274 43.52 -7.12 20.34
C GLN Q 274 43.57 -8.51 19.77
N SER Q 275 44.41 -8.71 18.75
CA SER Q 275 44.61 -10.03 18.17
C SER Q 275 45.83 -10.72 18.75
N VAL Q 276 45.76 -12.04 18.82
CA VAL Q 276 46.87 -12.87 19.27
C VAL Q 276 46.99 -14.06 18.35
N THR Q 277 48.19 -14.30 17.86
CA THR Q 277 48.43 -15.43 16.96
C THR Q 277 49.10 -16.56 17.72
N LEU Q 278 48.48 -17.74 17.70
CA LEU Q 278 48.97 -18.88 18.46
C LEU Q 278 49.58 -19.90 17.54
N SER Q 279 50.76 -20.41 17.90
CA SER Q 279 51.45 -21.40 17.08
C SER Q 279 52.16 -22.47 17.89
N GLY Q 280 51.48 -23.01 18.90
CA GLY Q 280 52.00 -24.15 19.64
C GLY Q 280 52.53 -23.80 21.01
N SER Q 281 52.77 -22.51 21.25
CA SER Q 281 53.32 -22.08 22.53
C SER Q 281 52.39 -21.14 23.29
N GLN Q 282 52.45 -21.20 24.62
CA GLN Q 282 51.66 -20.29 25.43
C GLN Q 282 52.13 -18.87 25.19
N VAL Q 283 51.17 -17.95 25.09
CA VAL Q 283 51.46 -16.54 24.92
C VAL Q 283 50.77 -15.75 26.03
N THR Q 284 51.51 -14.86 26.66
CA THR Q 284 50.94 -13.93 27.63
C THR Q 284 50.97 -12.54 27.03
N GLN Q 285 49.80 -12.03 26.68
CA GLN Q 285 49.71 -10.75 25.99
C GLN Q 285 49.15 -9.67 26.90
N SER Q 286 49.93 -8.63 27.14
CA SER Q 286 49.43 -7.50 27.91
C SER Q 286 48.36 -6.76 27.12
N ILE Q 287 47.23 -6.43 27.77
CA ILE Q 287 46.19 -5.69 27.07
C ILE Q 287 46.24 -4.26 27.52
N LEU Q 288 46.39 -4.09 28.83
N LEU Q 288 46.37 -4.06 28.82
CA LEU Q 288 46.35 -2.78 29.46
CA LEU Q 288 46.41 -2.74 29.39
C LEU Q 288 47.10 -2.81 30.78
C LEU Q 288 47.03 -2.77 30.78
N ASN Q 289 47.87 -1.78 31.05
CA ASN Q 289 48.54 -1.64 32.35
C ASN Q 289 48.61 -0.17 32.68
N VAL Q 290 47.83 0.26 33.67
CA VAL Q 290 47.83 1.68 34.05
C VAL Q 290 48.41 1.89 35.45
N GLN Q 291 49.14 0.91 35.95
CA GLN Q 291 49.79 1.06 37.25
C GLN Q 291 50.70 2.29 37.23
N GLY Q 292 50.60 3.11 38.27
CA GLY Q 292 51.49 4.27 38.39
C GLY Q 292 51.02 5.48 37.61
N SER Q 293 49.83 5.41 37.03
CA SER Q 293 49.30 6.48 36.19
C SER Q 293 48.38 7.45 36.95
N GLY Q 294 47.95 7.07 38.14
CA GLY Q 294 46.94 7.87 38.84
C GLY Q 294 45.53 7.46 38.45
N SER Q 295 45.40 6.25 37.93
CA SER Q 295 44.07 5.76 37.52
C SER Q 295 43.96 4.26 37.69
N HIS Q 296 42.75 3.74 37.55
CA HIS Q 296 42.54 2.31 37.53
C HIS Q 296 41.46 1.93 36.52
N LEU Q 297 41.07 0.66 36.51
CA LEU Q 297 40.21 0.18 35.44
C LEU Q 297 38.98 -0.48 36.01
N ARG Q 298 37.97 -0.62 35.16
CA ARG Q 298 36.79 -1.41 35.45
C ARG Q 298 36.38 -2.11 34.16
N LEU Q 299 36.33 -3.44 34.17
CA LEU Q 299 35.98 -4.19 32.95
C LEU Q 299 34.49 -4.48 32.95
N LYS Q 300 33.85 -4.24 31.80
CA LYS Q 300 32.40 -4.40 31.69
C LYS Q 300 31.98 -5.56 30.82
N TYR Q 301 32.78 -5.87 29.82
CA TYR Q 301 32.41 -6.88 28.83
C TYR Q 301 33.64 -7.33 28.08
N ALA Q 302 33.73 -8.63 27.79
CA ALA Q 302 34.81 -9.16 26.97
C ALA Q 302 34.28 -10.29 26.10
N SER Q 303 34.90 -10.47 24.93
CA SER Q 303 34.49 -11.50 24.02
C SER Q 303 35.69 -11.91 23.18
N VAL Q 304 35.76 -13.18 22.80
CA VAL Q 304 36.85 -13.63 21.93
C VAL Q 304 36.26 -14.30 20.70
N SER Q 305 36.71 -13.87 19.52
CA SER Q 305 36.30 -14.53 18.30
C SER Q 305 37.47 -15.31 17.71
N GLY Q 306 37.18 -16.39 16.98
CA GLY Q 306 38.21 -17.19 16.35
C GLY Q 306 38.56 -18.44 17.12
N LEU Q 307 37.85 -18.69 18.21
CA LEU Q 307 38.08 -19.90 19.01
C LEU Q 307 37.75 -21.16 18.22
N THR Q 308 38.65 -22.13 18.24
CA THR Q 308 38.41 -23.44 17.67
C THR Q 308 38.97 -24.49 18.61
N THR Q 309 38.75 -25.76 18.26
CA THR Q 309 39.26 -26.84 19.10
C THR Q 309 40.78 -26.82 19.12
N ALA Q 310 41.38 -26.02 18.24
CA ALA Q 310 42.81 -25.87 18.20
C ALA Q 310 43.35 -24.94 19.30
N VAL Q 311 42.44 -24.25 19.99
CA VAL Q 311 42.82 -23.39 21.11
C VAL Q 311 42.57 -24.09 22.43
N THR Q 312 43.63 -24.26 23.21
CA THR Q 312 43.57 -25.06 24.44
C THR Q 312 43.47 -24.19 25.66
N GLN Q 313 43.92 -22.95 25.55
CA GLN Q 313 43.84 -22.03 26.65
C GLN Q 313 43.52 -20.63 26.16
N CYS Q 314 42.60 -19.97 26.85
CA CYS Q 314 42.27 -18.59 26.55
C CYS Q 314 41.63 -17.98 27.79
N GLN Q 315 42.47 -17.37 28.62
CA GLN Q 315 42.05 -16.81 29.89
C GLN Q 315 42.38 -15.33 29.97
N LEU Q 316 41.38 -14.53 30.31
CA LEU Q 316 41.58 -13.11 30.62
C LEU Q 316 41.92 -13.02 32.10
N GLN Q 317 42.99 -12.30 32.41
CA GLN Q 317 43.46 -12.19 33.79
C GLN Q 317 43.66 -10.74 34.14
N ALA Q 318 43.48 -10.41 35.41
CA ALA Q 318 43.58 -9.03 35.86
C ALA Q 318 44.15 -9.01 37.27
N THR Q 319 44.66 -7.85 37.68
CA THR Q 319 45.06 -7.68 39.06
C THR Q 319 45.21 -6.22 39.41
N ASN Q 320 45.21 -5.95 40.71
CA ASN Q 320 45.75 -4.71 41.22
C ASN Q 320 47.24 -4.92 41.52
N LEU Q 321 48.11 -4.46 40.61
CA LEU Q 321 49.55 -4.69 40.73
C LEU Q 321 50.16 -4.07 42.00
N ASN Q 322 49.50 -3.06 42.56
CA ASN Q 322 49.97 -2.46 43.80
C ASN Q 322 49.66 -3.35 45.01
N ARG Q 323 48.79 -4.34 44.80
CA ARG Q 323 48.47 -5.28 45.85
C ARG Q 323 49.15 -6.62 45.61
N SER Q 324 49.19 -7.05 44.34
CA SER Q 324 49.70 -8.37 43.99
C SER Q 324 50.22 -8.42 42.56
N THR Q 325 51.38 -9.05 42.37
CA THR Q 325 51.95 -9.23 41.04
C THR Q 325 51.43 -10.50 40.38
N THR Q 326 50.68 -11.29 41.13
CA THR Q 326 50.06 -12.49 40.59
C THR Q 326 48.68 -12.15 40.00
N TYR Q 327 48.52 -12.40 38.70
CA TYR Q 327 47.26 -12.14 38.04
C TYR Q 327 46.24 -13.24 38.36
N SER Q 328 44.99 -12.86 38.53
CA SER Q 328 43.95 -13.88 38.67
C SER Q 328 43.08 -13.93 37.42
N THR Q 329 42.64 -15.13 37.08
CA THR Q 329 41.76 -15.32 35.94
C THR Q 329 40.40 -14.70 36.27
N VAL Q 330 39.93 -13.81 35.40
CA VAL Q 330 38.61 -13.20 35.59
C VAL Q 330 37.58 -13.75 34.61
N TRP Q 331 38.06 -14.34 33.52
CA TRP Q 331 37.16 -15.10 32.64
C TRP Q 331 37.95 -16.10 31.83
N ASP Q 332 37.40 -17.31 31.71
CA ASP Q 332 38.00 -18.36 30.91
C ASP Q 332 37.09 -18.59 29.72
N PHE Q 333 37.56 -18.23 28.53
CA PHE Q 333 36.71 -18.28 27.33
C PHE Q 333 36.48 -19.71 26.83
N ILE Q 334 37.34 -20.63 27.22
CA ILE Q 334 37.14 -22.04 26.91
C ILE Q 334 36.10 -22.65 27.85
N ALA Q 335 36.34 -22.51 29.14
CA ALA Q 335 35.48 -23.13 30.16
C ALA Q 335 34.13 -22.41 30.27
N GLY Q 336 34.14 -21.10 30.07
CA GLY Q 336 32.96 -20.29 30.34
C GLY Q 336 32.19 -19.87 29.09
N GLY Q 337 32.82 -19.95 27.93
CA GLY Q 337 32.18 -19.52 26.70
C GLY Q 337 32.77 -18.24 26.16
N SER Q 338 32.48 -17.95 24.90
CA SER Q 338 33.16 -16.91 24.13
C SER Q 338 32.87 -15.47 24.55
N SER Q 339 31.89 -15.27 25.42
CA SER Q 339 31.64 -13.92 25.88
C SER Q 339 31.19 -13.87 27.34
N THR Q 340 31.45 -12.76 27.99
CA THR Q 340 31.16 -12.63 29.40
C THR Q 340 29.68 -12.37 29.61
N PRO Q 341 29.13 -12.88 30.73
CA PRO Q 341 27.71 -12.74 31.04
C PRO Q 341 27.36 -11.35 31.57
N PRO Q 342 26.07 -11.01 31.58
CA PRO Q 342 25.64 -9.66 31.95
C PRO Q 342 26.14 -9.20 33.32
N SER Q 343 26.27 -10.12 34.27
CA SER Q 343 26.65 -9.71 35.63
C SER Q 343 28.15 -9.54 35.80
N TRP Q 344 28.91 -9.87 34.76
CA TRP Q 344 30.36 -9.81 34.85
C TRP Q 344 30.83 -8.35 34.88
N ASP Q 345 31.58 -8.01 35.93
CA ASP Q 345 32.00 -6.64 36.17
C ASP Q 345 33.25 -6.75 37.04
N ILE Q 346 34.39 -6.31 36.53
CA ILE Q 346 35.64 -6.47 37.26
C ILE Q 346 36.14 -5.12 37.73
N ARG Q 347 36.13 -4.92 39.06
CA ARG Q 347 36.52 -3.63 39.61
C ARG Q 347 37.87 -3.69 40.31
N GLU Q 348 38.42 -2.50 40.58
CA GLU Q 348 39.64 -2.36 41.35
C GLU Q 348 40.80 -3.19 40.82
N ILE Q 349 41.06 -3.05 39.53
CA ILE Q 349 42.23 -3.64 38.91
C ILE Q 349 42.97 -2.53 38.15
N ASN Q 350 44.24 -2.74 37.83
CA ASN Q 350 44.92 -1.74 37.03
C ASN Q 350 45.80 -2.37 35.95
N SER Q 351 45.70 -3.68 35.82
CA SER Q 351 46.41 -4.38 34.73
C SER Q 351 45.63 -5.59 34.24
N ILE Q 352 45.61 -5.77 32.92
CA ILE Q 352 44.85 -6.83 32.27
C ILE Q 352 45.76 -7.54 31.27
N GLN Q 353 45.72 -8.86 31.25
CA GLN Q 353 46.47 -9.62 30.23
C GLN Q 353 45.65 -10.79 29.74
N LEU Q 354 45.98 -11.27 28.55
CA LEU Q 354 45.35 -12.47 28.02
C LEU Q 354 46.39 -13.57 27.94
N VAL Q 355 46.08 -14.72 28.52
CA VAL Q 355 47.00 -15.85 28.44
C VAL Q 355 46.33 -16.90 27.56
N ALA Q 356 47.01 -17.28 26.49
CA ALA Q 356 46.42 -18.20 25.52
C ALA Q 356 47.41 -19.21 25.01
N ASN Q 357 46.89 -20.31 24.52
CA ASN Q 357 47.75 -21.36 23.98
C ASN Q 357 46.97 -22.18 22.95
N GLY Q 358 47.68 -22.73 21.97
CA GLY Q 358 47.04 -23.49 20.93
C GLY Q 358 47.76 -23.34 19.60
N GLY Q 359 47.15 -23.87 18.55
CA GLY Q 359 47.74 -23.86 17.24
C GLY Q 359 48.96 -24.74 17.20
N SER Q 360 49.67 -24.73 16.07
CA SER Q 360 50.91 -25.48 15.95
C SER Q 360 51.94 -24.71 15.15
N SER Q 361 53.17 -25.22 15.17
CA SER Q 361 54.27 -24.62 14.44
C SER Q 361 54.01 -24.56 12.94
N THR Q 362 53.05 -25.37 12.47
CA THR Q 362 52.75 -25.48 11.05
C THR Q 362 51.38 -24.88 10.71
N SER Q 363 50.56 -24.70 11.73
CA SER Q 363 49.20 -24.22 11.52
C SER Q 363 48.80 -23.33 12.69
N SER Q 364 49.00 -22.03 12.51
CA SER Q 364 48.71 -21.06 13.56
C SER Q 364 47.23 -20.66 13.60
N VAL Q 365 46.76 -20.28 14.78
CA VAL Q 365 45.40 -19.81 14.96
C VAL Q 365 45.43 -18.38 15.47
N THR Q 366 44.63 -17.51 14.87
CA THR Q 366 44.53 -16.13 15.34
C THR Q 366 43.17 -15.86 16.00
N ILE Q 367 43.22 -15.42 17.25
CA ILE Q 367 42.00 -15.10 17.98
C ILE Q 367 41.97 -13.60 18.24
N THR Q 368 40.78 -13.05 18.42
CA THR Q 368 40.65 -11.61 18.64
C THR Q 368 39.83 -11.32 19.88
N LEU Q 369 40.45 -10.62 20.82
CA LEU Q 369 39.79 -10.20 22.04
C LEU Q 369 39.16 -8.83 21.84
N ILE Q 370 37.92 -8.68 22.26
CA ILE Q 370 37.35 -7.35 22.37
C ILE Q 370 37.01 -7.11 23.81
N LEU Q 371 37.18 -5.88 24.25
CA LEU Q 371 37.01 -5.55 25.64
C LEU Q 371 36.38 -4.17 25.75
N VAL Q 372 35.39 -4.03 26.64
CA VAL Q 372 34.87 -2.72 27.01
C VAL Q 372 35.25 -2.43 28.46
N TYR Q 373 35.92 -1.31 28.68
CA TYR Q 373 36.40 -1.01 30.03
C TYR Q 373 36.31 0.49 30.26
N GLU Q 374 36.23 0.87 31.54
CA GLU Q 374 36.35 2.26 31.94
C GLU Q 374 37.71 2.49 32.58
N GLN Q 375 38.27 3.68 32.35
CA GLN Q 375 39.44 4.12 33.08
C GLN Q 375 38.97 5.16 34.05
N ILE Q 376 39.27 4.92 35.32
CA ILE Q 376 38.70 5.71 36.41
C ILE Q 376 39.81 6.37 37.21
N ALA Q 377 39.62 7.65 37.54
CA ALA Q 377 40.65 8.38 38.26
C ALA Q 377 40.90 7.71 39.60
N GLY Q 378 42.18 7.66 39.99
CA GLY Q 378 42.58 7.21 41.32
C GLY Q 378 43.55 6.03 41.29
N GLU Q 379 44.79 6.26 41.67
CA GLU Q 379 45.77 5.17 41.76
C GLU Q 379 45.30 4.24 42.89
N LEU Q 380 45.34 2.92 42.65
CA LEU Q 380 44.93 1.97 43.67
C LEU Q 380 46.01 1.82 44.73
N SER Q 381 45.63 1.70 45.99
CA SER Q 381 46.66 1.50 47.02
C SER Q 381 47.11 0.05 47.23
N HIS Q 382 48.23 -0.11 47.92
CA HIS Q 382 48.75 -1.40 48.35
C HIS Q 382 47.77 -2.07 49.31
N HIS Q 383 47.83 -3.40 49.44
CA HIS Q 383 47.08 -4.10 50.49
C HIS Q 383 47.83 -5.37 50.89
N LEU R 6 43.92 59.22 48.17
CA LEU R 6 42.71 58.39 48.24
C LEU R 6 42.82 57.30 49.31
N GLY R 7 44.01 56.72 49.45
CA GLY R 7 44.23 55.71 50.47
C GLY R 7 44.34 56.32 51.86
N GLN R 8 43.94 55.56 52.87
CA GLN R 8 44.04 56.00 54.27
C GLN R 8 44.70 54.95 55.12
N SER R 9 45.23 55.35 56.25
CA SER R 9 45.77 54.38 57.19
C SER R 9 44.66 53.97 58.15
N PHE R 10 44.74 52.76 58.69
CA PHE R 10 43.74 52.29 59.66
C PHE R 10 44.37 51.31 60.62
N PRO R 11 43.98 51.40 61.90
CA PRO R 11 44.47 50.48 62.92
C PRO R 11 43.77 49.15 62.75
N ALA R 12 44.48 48.04 62.91
CA ALA R 12 43.88 46.73 62.63
C ALA R 12 44.34 45.67 63.62
N ASN R 13 44.44 46.04 64.88
CA ASN R 13 45.02 45.13 65.86
C ASN R 13 44.11 44.00 66.33
N ALA R 14 42.80 44.24 66.28
CA ALA R 14 41.88 43.37 66.98
C ALA R 14 41.49 42.20 66.12
N LYS R 15 41.22 41.08 66.76
CA LYS R 15 40.74 39.87 66.09
C LYS R 15 39.43 40.13 65.32
N VAL R 16 39.30 39.55 64.13
CA VAL R 16 38.08 39.71 63.33
C VAL R 16 36.98 38.81 63.86
N LYS R 17 35.73 39.29 63.84
CA LYS R 17 34.57 38.49 64.25
C LYS R 17 33.82 38.04 63.02
N TYR R 18 33.05 36.97 63.12
CA TYR R 18 32.25 36.55 61.98
C TYR R 18 30.88 37.19 61.96
N TYR R 19 30.56 37.92 63.03
CA TYR R 19 29.32 38.68 63.08
C TYR R 19 29.50 39.94 63.92
N TYR R 20 29.07 41.09 63.39
CA TYR R 20 29.10 42.34 64.14
C TYR R 20 27.70 42.95 64.18
N LYS R 21 27.27 43.40 65.33
CA LYS R 21 26.10 44.28 65.34
C LYS R 21 26.64 45.58 65.86
N LEU R 22 26.71 46.59 65.00
CA LEU R 22 27.55 47.76 65.28
C LEU R 22 26.89 48.75 66.21
N SER R 23 25.65 48.45 66.61
CA SER R 23 25.00 49.20 67.67
C SER R 23 25.37 48.69 69.07
N GLU R 24 26.18 47.63 69.12
CA GLU R 24 26.82 47.17 70.36
C GLU R 24 28.21 47.76 70.42
N LYS R 25 28.51 48.44 71.52
CA LYS R 25 29.77 49.13 71.67
C LYS R 25 30.97 48.21 71.45
N GLN R 26 30.93 47.00 71.95
CA GLN R 26 32.13 46.16 71.88
C GLN R 26 32.35 45.64 70.48
N ASP R 27 31.25 45.46 69.74
CA ASP R 27 31.39 45.08 68.32
C ASP R 27 31.92 46.23 67.47
N LEU R 28 31.41 47.43 67.70
CA LEU R 28 31.92 48.62 67.02
C LEU R 28 33.40 48.85 67.32
N ASP R 29 33.78 48.75 68.60
CA ASP R 29 35.18 48.97 68.94
C ASP R 29 36.12 48.00 68.23
N ALA R 30 35.71 46.75 68.10
CA ALA R 30 36.52 45.78 67.39
C ALA R 30 36.57 46.11 65.89
N PHE R 31 35.40 46.40 65.33
CA PHE R 31 35.22 46.69 63.91
C PHE R 31 36.15 47.80 63.45
N VAL R 32 36.25 48.88 64.24
CA VAL R 32 37.10 50.01 63.83
C VAL R 32 38.56 49.87 64.28
N ASN R 33 38.90 48.68 64.78
CA ASN R 33 40.29 48.36 65.07
C ASN R 33 40.63 47.04 64.40
N SER R 34 40.11 46.85 63.18
CA SER R 34 40.39 45.59 62.49
C SER R 34 40.10 45.66 61.02
N ILE R 35 38.87 46.00 60.64
CA ILE R 35 38.49 45.88 59.24
C ILE R 35 37.89 47.13 58.59
N PHE R 36 37.61 48.15 59.41
CA PHE R 36 36.99 49.38 58.93
C PHE R 36 38.03 50.47 58.67
N VAL R 37 37.94 51.10 57.50
CA VAL R 37 38.87 52.12 57.09
C VAL R 37 38.12 53.43 56.94
N GLY R 38 38.61 54.46 57.62
CA GLY R 38 37.99 55.78 57.53
C GLY R 38 37.37 56.18 58.87
N SER R 39 36.70 57.32 58.92
N SER R 39 36.67 57.30 58.87
CA SER R 39 36.04 57.72 60.16
CA SER R 39 36.00 57.81 60.08
C SER R 39 34.55 57.44 60.11
C SER R 39 34.54 57.39 60.10
N TYR R 40 33.89 57.59 61.24
CA TYR R 40 32.46 57.36 61.34
C TYR R 40 31.91 58.35 62.34
N LYS R 41 30.61 58.58 62.27
CA LYS R 41 29.91 59.39 63.26
C LYS R 41 28.85 58.45 63.78
N LEU R 42 28.70 58.38 65.09
CA LEU R 42 27.64 57.56 65.66
C LEU R 42 26.33 58.34 65.61
N LYS R 43 25.31 57.77 64.96
CA LYS R 43 24.03 58.48 64.83
C LYS R 43 22.86 57.59 65.14
N GLN R 44 21.80 58.20 65.67
CA GLN R 44 20.55 57.49 65.89
C GLN R 44 19.84 57.32 64.54
N ILE R 45 19.52 56.07 64.22
CA ILE R 45 18.98 55.67 62.92
C ILE R 45 17.60 55.08 63.20
N SER R 46 16.62 55.47 62.39
CA SER R 46 15.26 54.93 62.52
C SER R 46 14.74 54.43 61.17
N TYR R 47 14.10 53.28 61.14
CA TYR R 47 13.42 52.84 59.93
C TYR R 47 12.21 51.98 60.25
N LEU R 48 11.32 51.85 59.27
CA LEU R 48 10.04 51.17 59.48
C LEU R 48 10.07 49.65 59.25
N LEU R 49 9.46 48.91 60.17
CA LEU R 49 9.30 47.46 60.02
C LEU R 49 7.84 47.14 60.38
N TYR R 50 7.04 46.77 59.37
CA TYR R 50 5.63 46.49 59.60
C TYR R 50 4.93 47.62 60.36
N GLY R 51 5.28 48.86 60.01
CA GLY R 51 4.65 50.02 60.59
C GLY R 51 5.26 50.48 61.91
N ASN R 52 6.19 49.69 62.44
CA ASN R 52 6.87 50.03 63.68
C ASN R 52 8.22 50.68 63.39
N THR R 53 8.65 51.59 64.25
CA THR R 53 9.93 52.25 64.03
C THR R 53 11.04 51.65 64.86
N LYS R 54 11.96 50.96 64.19
CA LYS R 54 13.15 50.41 64.82
C LYS R 54 14.13 51.55 65.00
N ILE R 55 14.68 51.70 66.21
CA ILE R 55 15.65 52.75 66.47
C ILE R 55 16.95 52.16 67.02
N VAL R 56 18.07 52.47 66.36
CA VAL R 56 19.40 52.03 66.80
C VAL R 56 20.40 53.15 66.64
N SER R 57 21.51 53.07 67.37
CA SER R 57 22.61 54.00 67.19
C SER R 57 23.66 53.22 66.40
N ALA R 58 24.08 53.75 65.27
CA ALA R 58 25.00 53.05 64.39
C ALA R 58 26.00 54.01 63.75
N PRO R 59 27.17 53.49 63.33
CA PRO R 59 28.19 54.32 62.70
C PRO R 59 27.74 54.72 61.30
N VAL R 60 27.89 55.99 60.95
CA VAL R 60 27.54 56.52 59.66
C VAL R 60 28.81 57.04 59.02
N VAL R 61 28.98 56.75 57.73
CA VAL R 61 30.11 57.31 57.00
C VAL R 61 29.89 58.81 56.81
N PRO R 62 30.85 59.64 57.25
CA PRO R 62 30.66 61.08 57.14
C PRO R 62 30.99 61.63 55.76
N LEU R 63 30.61 62.88 55.51
CA LEU R 63 30.97 63.57 54.27
C LEU R 63 32.47 63.44 54.06
N GLY R 64 32.86 63.21 52.81
CA GLY R 64 34.26 63.06 52.47
C GLY R 64 34.46 61.82 51.65
N PRO R 65 35.66 61.23 51.73
CA PRO R 65 35.97 60.02 50.95
C PRO R 65 35.14 58.84 51.41
N ASN R 66 34.98 57.85 50.54
CA ASN R 66 34.32 56.64 50.93
C ASN R 66 35.07 55.97 52.06
N ALA R 67 34.34 55.26 52.91
CA ALA R 67 34.97 54.37 53.88
C ALA R 67 35.19 53.04 53.17
N SER R 68 35.94 52.13 53.79
CA SER R 68 36.10 50.80 53.23
C SER R 68 36.02 49.77 54.33
N ILE R 69 35.67 48.56 53.94
CA ILE R 69 35.86 47.42 54.81
C ILE R 69 36.88 46.55 54.10
N ILE R 70 37.95 46.18 54.81
CA ILE R 70 39.05 45.42 54.21
C ILE R 70 39.41 44.29 55.17
N ILE R 71 39.35 43.04 54.70
CA ILE R 71 39.66 41.89 55.56
C ILE R 71 40.74 41.00 54.96
N ASP R 72 41.95 41.08 55.50
CA ASP R 72 43.01 40.17 55.03
C ASP R 72 43.35 39.11 56.09
N ASP R 73 42.59 39.10 57.18
CA ASP R 73 42.88 38.19 58.30
C ASP R 73 42.69 36.73 57.91
N GLU R 74 43.32 35.83 58.69
CA GLU R 74 43.25 34.41 58.39
C GLU R 74 41.92 33.80 58.82
N LEU R 75 40.82 34.18 58.18
CA LEU R 75 39.53 33.57 58.43
C LEU R 75 39.63 32.11 58.10
N GLN R 76 38.70 31.31 58.62
CA GLN R 76 38.67 29.91 58.25
C GLN R 76 38.46 29.88 56.74
N GLU R 77 39.18 29.00 56.06
CA GLU R 77 39.05 28.97 54.61
C GLU R 77 37.66 28.49 54.18
N GLY R 78 37.21 28.96 53.02
CA GLY R 78 35.93 28.52 52.51
C GLY R 78 35.26 29.63 51.74
N LEU R 79 34.01 29.39 51.35
CA LEU R 79 33.27 30.36 50.57
C LEU R 79 32.26 31.05 51.48
N TYR R 80 32.37 32.37 51.60
CA TYR R 80 31.52 33.15 52.48
C TYR R 80 30.48 33.94 51.74
N LEU R 81 29.26 33.91 52.27
CA LEU R 81 28.25 34.88 51.93
C LEU R 81 28.37 36.00 52.95
N ILE R 82 28.55 37.22 52.45
CA ILE R 82 28.59 38.38 53.32
C ILE R 82 27.26 39.13 53.25
N ARG R 83 26.75 39.54 54.41
CA ARG R 83 25.57 40.40 54.44
C ARG R 83 25.91 41.63 55.26
N ILE R 84 25.68 42.79 54.68
CA ILE R 84 25.88 44.03 55.40
C ILE R 84 24.55 44.74 55.48
N LYS R 85 24.03 44.93 56.68
CA LYS R 85 22.76 45.67 56.80
C LYS R 85 23.15 47.15 56.90
N VAL R 86 22.62 47.97 56.00
CA VAL R 86 22.94 49.39 56.01
C VAL R 86 21.68 50.22 55.95
N TYR R 87 21.80 51.51 56.24
CA TYR R 87 20.68 52.41 56.09
C TYR R 87 21.19 53.68 55.45
N ASN R 88 20.57 54.09 54.36
CA ASN R 88 21.01 55.26 53.61
C ASN R 88 20.37 56.49 54.21
N THR R 89 21.15 57.28 54.93
CA THR R 89 20.57 58.47 55.59
C THR R 89 20.43 59.63 54.64
N ASN R 90 20.98 59.51 53.44
CA ASN R 90 20.86 60.58 52.44
C ASN R 90 19.47 60.65 51.82
N SER R 91 19.10 61.84 51.35
CA SER R 91 17.85 62.01 50.62
C SER R 91 18.03 61.74 49.12
N PHE R 92 19.13 61.08 48.76
CA PHE R 92 19.37 60.67 47.38
C PHE R 92 19.89 59.26 47.37
N SER R 93 19.81 58.58 46.23
CA SER R 93 20.32 57.22 46.08
C SER R 93 21.83 57.21 46.17
N VAL R 94 22.39 56.11 46.66
CA VAL R 94 23.82 55.91 46.58
C VAL R 94 24.07 54.55 45.97
N THR R 95 25.28 54.32 45.47
CA THR R 95 25.60 53.03 44.90
C THR R 95 26.76 52.39 45.66
N VAL R 96 26.79 51.07 45.66
CA VAL R 96 27.86 50.30 46.24
C VAL R 96 28.28 49.28 45.19
N THR R 97 29.57 48.94 45.15
CA THR R 97 30.10 47.97 44.20
C THR R 97 30.57 46.74 44.99
N PRO R 98 29.78 45.65 44.94
CA PRO R 98 30.20 44.48 45.73
C PRO R 98 31.46 43.83 45.17
N PHE R 99 32.23 43.23 46.07
CA PHE R 99 33.48 42.54 45.77
C PHE R 99 33.27 41.36 44.81
N PHE R 100 32.43 40.41 45.21
CA PHE R 100 32.15 39.23 44.40
C PHE R 100 33.46 38.56 43.94
N ASN R 101 34.51 38.69 44.75
CA ASN R 101 35.85 38.17 44.41
C ASN R 101 36.58 38.88 43.26
N ASN R 102 35.85 39.17 42.19
N ASN R 102 35.91 39.18 42.16
CA ASN R 102 36.46 39.73 40.98
CA ASN R 102 36.60 39.93 41.11
C ASN R 102 35.69 40.87 40.31
C ASN R 102 35.71 40.88 40.33
N ASN R 103 34.70 41.44 40.99
CA ASN R 103 33.88 42.47 40.37
C ASN R 103 34.44 43.84 40.69
N ASN R 104 34.39 44.74 39.72
CA ASN R 104 34.57 46.15 40.07
C ASN R 104 33.71 47.09 39.25
N THR R 105 32.66 46.56 38.63
CA THR R 105 31.78 47.40 37.81
C THR R 105 30.30 47.26 38.19
N MET R 106 29.88 46.07 38.59
CA MET R 106 28.47 45.86 38.92
C MET R 106 28.11 46.52 40.24
N THR R 107 26.89 47.04 40.33
CA THR R 107 26.53 47.84 41.51
C THR R 107 25.18 47.48 42.13
N TYR R 108 25.04 47.86 43.39
CA TYR R 108 23.74 47.95 44.04
C TYR R 108 23.31 49.41 44.09
N SER R 109 22.03 49.67 43.92
CA SER R 109 21.49 51.01 44.03
C SER R 109 20.63 51.07 45.29
N ILE R 110 21.01 51.95 46.21
CA ILE R 110 20.37 52.01 47.52
C ILE R 110 19.53 53.27 47.63
N GLY R 111 18.22 53.09 47.78
CA GLY R 111 17.30 54.21 47.75
C GLY R 111 17.47 55.18 48.90
N ALA R 112 17.01 56.41 48.70
CA ALA R 112 17.07 57.43 49.75
C ALA R 112 16.33 56.98 51.00
N ASN R 113 16.88 57.30 52.17
CA ASN R 113 16.18 57.06 53.43
C ASN R 113 15.64 55.66 53.60
N SER R 114 16.45 54.65 53.27
CA SER R 114 15.97 53.29 53.40
C SER R 114 17.01 52.31 53.88
N GLU R 115 16.52 51.25 54.51
CA GLU R 115 17.35 50.14 54.94
C GLU R 115 17.65 49.31 53.71
N PHE R 116 18.81 48.65 53.67
CA PHE R 116 19.17 47.84 52.49
C PHE R 116 20.12 46.74 52.92
N GLU R 117 20.02 45.58 52.28
CA GLU R 117 20.90 44.45 52.55
C GLU R 117 21.92 44.34 51.43
N ILE R 118 23.19 44.58 51.74
CA ILE R 118 24.25 44.38 50.75
C ILE R 118 24.68 42.94 50.84
N TYR R 119 24.57 42.19 49.73
CA TYR R 119 25.05 40.81 49.71
C TYR R 119 26.38 40.81 49.01
N ASP R 120 27.32 40.02 49.51
CA ASP R 120 28.59 39.91 48.83
C ASP R 120 29.10 38.49 48.93
N ILE R 121 30.12 38.15 48.14
CA ILE R 121 30.63 36.79 48.12
C ILE R 121 32.15 36.87 48.22
N PHE R 122 32.74 36.04 49.06
CA PHE R 122 34.17 36.14 49.34
C PHE R 122 34.73 34.75 49.49
N THR R 123 35.72 34.40 48.65
CA THR R 123 36.35 33.10 48.76
C THR R 123 37.64 33.28 49.59
N LYS R 124 37.64 32.74 50.81
CA LYS R 124 38.88 32.76 51.59
C LYS R 124 39.75 31.58 51.20
N GLU R 125 40.64 31.81 50.23
CA GLU R 125 41.69 30.88 49.85
C GLU R 125 42.88 31.72 49.36
N GLN R 126 44.08 31.16 49.43
CA GLN R 126 45.27 31.80 48.86
C GLN R 126 45.41 33.28 49.20
N GLY R 127 45.17 33.63 50.45
CA GLY R 127 45.38 34.99 50.90
C GLY R 127 44.49 36.06 50.28
N ASN R 128 43.34 35.66 49.75
CA ASN R 128 42.41 36.60 49.16
C ASN R 128 42.01 37.64 50.20
N ILE R 129 41.78 38.88 49.77
CA ILE R 129 41.48 39.99 50.69
C ILE R 129 40.12 40.60 50.39
N TYR R 130 39.20 40.55 51.34
CA TYR R 130 37.88 41.14 51.09
C TYR R 130 37.96 42.68 51.04
N TYR R 131 37.21 43.29 50.12
CA TYR R 131 37.25 44.74 49.98
C TYR R 131 35.96 45.31 49.46
N ILE R 132 35.42 46.31 50.16
CA ILE R 132 34.26 47.04 49.65
C ILE R 132 34.30 48.49 50.14
N GLN R 133 33.92 49.42 49.27
CA GLN R 133 33.83 50.81 49.65
C GLN R 133 32.39 51.18 50.00
N LEU R 134 32.24 52.08 50.97
CA LEU R 134 30.92 52.52 51.45
C LEU R 134 30.85 54.05 51.37
N PRO R 135 29.86 54.59 50.65
CA PRO R 135 29.77 56.03 50.45
C PRO R 135 29.25 56.81 51.66
N PRO R 136 29.53 58.12 51.69
CA PRO R 136 29.07 59.00 52.77
C PRO R 136 27.58 58.89 52.98
N GLY R 137 27.15 58.87 54.25
CA GLY R 137 25.73 58.89 54.58
C GLY R 137 25.16 57.51 54.83
N LEU R 138 25.94 56.47 54.54
CA LEU R 138 25.47 55.12 54.81
C LEU R 138 25.76 54.77 56.25
N ALA R 139 24.74 54.32 56.97
CA ALA R 139 24.91 53.81 58.32
C ALA R 139 25.15 52.32 58.18
N ILE R 140 26.11 51.81 58.95
N ILE R 140 26.09 51.81 58.95
CA ILE R 140 26.40 50.39 58.93
CA ILE R 140 26.39 50.39 58.91
C ILE R 140 25.83 49.75 60.19
C ILE R 140 25.86 49.72 60.18
N LEU R 141 24.84 48.88 60.04
CA LEU R 141 24.16 48.32 61.21
C LEU R 141 24.69 46.96 61.64
N GLU R 142 24.95 46.09 60.68
CA GLU R 142 25.40 44.73 60.97
C GLU R 142 26.31 44.27 59.85
N PHE R 143 27.26 43.41 60.20
CA PHE R 143 28.16 42.83 59.19
C PHE R 143 28.30 41.35 59.50
N SER R 144 27.93 40.52 58.54
CA SER R 144 27.87 39.06 58.77
C SER R 144 28.70 38.29 57.76
N LEU R 145 29.54 37.38 58.25
CA LEU R 145 30.31 36.46 57.40
C LEU R 145 29.84 35.06 57.70
N GLU R 146 29.23 34.38 56.74
CA GLU R 146 28.85 32.99 57.00
C GLU R 146 29.28 32.11 55.82
N ARG R 147 29.70 30.88 56.11
CA ARG R 147 30.05 29.95 55.04
C ARG R 147 28.77 29.35 54.46
N VAL R 148 28.66 29.32 53.14
CA VAL R 148 27.47 28.75 52.50
C VAL R 148 27.73 27.30 52.13
N PHE R 149 26.71 26.51 51.90
CA PHE R 149 26.94 25.11 51.59
C PHE R 149 27.36 24.38 52.87
N GLU R 150 27.17 25.06 54.00
CA GLU R 150 27.20 24.40 55.30
C GLU R 150 25.74 24.24 55.67
N LYS R 151 25.38 23.08 56.21
CA LYS R 151 24.07 22.93 56.79
C LYS R 151 22.98 23.14 55.76
N GLY R 152 23.34 22.88 54.49
CA GLY R 152 22.36 22.90 53.42
C GLY R 152 21.98 24.28 52.96
N ASN R 153 22.79 25.29 53.30
CA ASN R 153 22.50 26.64 52.80
C ASN R 153 22.93 26.86 51.38
N ARG R 154 22.37 27.89 50.76
CA ARG R 154 22.70 28.18 49.37
C ARG R 154 23.01 29.65 49.30
N ILE R 155 23.61 30.07 48.21
CA ILE R 155 23.67 31.49 47.89
C ILE R 155 22.33 31.84 47.29
N ASN R 156 21.68 32.87 47.84
CA ASN R 156 20.38 33.34 47.34
C ASN R 156 20.31 34.85 47.42
N ILE R 157 20.85 35.50 46.39
CA ILE R 157 20.87 36.98 46.31
C ILE R 157 19.70 37.42 45.44
N PRO R 158 18.86 38.33 45.96
CA PRO R 158 17.66 38.77 45.21
C PRO R 158 18.03 39.56 43.97
N LYS R 159 17.03 39.89 43.15
CA LYS R 159 17.30 40.56 41.87
C LYS R 159 17.64 42.03 42.08
N ILE R 160 18.89 42.31 42.40
CA ILE R 160 19.31 43.67 42.77
C ILE R 160 20.69 44.04 42.19
N ILE R 161 21.32 43.10 41.51
CA ILE R 161 22.66 43.36 40.96
C ILE R 161 22.51 44.06 39.63
N HIS R 162 23.10 45.24 39.50
CA HIS R 162 23.04 45.99 38.24
C HIS R 162 24.27 45.84 37.37
N THR R 163 24.05 45.60 36.07
CA THR R 163 25.15 45.57 35.13
C THR R 163 24.76 46.32 33.88
N SER R 164 25.75 46.91 33.22
CA SER R 164 25.48 47.53 31.92
C SER R 164 26.34 46.89 30.83
N GLY R 165 26.84 45.68 31.07
CA GLY R 165 27.54 44.96 30.03
C GLY R 165 28.85 44.32 30.43
N ASN R 166 29.32 44.62 31.64
CA ASN R 166 30.48 43.92 32.15
C ASN R 166 30.35 43.66 33.65
N GLY R 167 31.27 42.86 34.19
CA GLY R 167 31.19 42.43 35.58
C GLY R 167 31.58 40.98 35.70
N TYR R 168 32.02 40.60 36.90
CA TYR R 168 32.42 39.23 37.17
C TYR R 168 31.94 38.86 38.55
N ILE R 169 31.61 37.60 38.71
CA ILE R 169 31.42 37.02 40.04
C ILE R 169 32.16 35.69 40.03
N SER R 170 32.95 35.42 41.05
CA SER R 170 33.65 34.13 41.15
C SER R 170 33.37 33.50 42.49
N PHE R 171 33.39 32.18 42.53
CA PHE R 171 33.20 31.47 43.80
C PHE R 171 33.75 30.07 43.68
N ARG R 172 34.18 29.50 44.80
CA ARG R 172 34.72 28.14 44.82
C ARG R 172 33.61 27.17 45.18
N LEU R 173 33.47 26.07 44.46
CA LEU R 173 32.49 25.03 44.80
C LEU R 173 33.21 23.74 45.05
N ARG R 174 32.93 23.09 46.17
CA ARG R 174 33.50 21.78 46.41
C ARG R 174 32.72 20.75 45.61
N LYS R 175 33.20 19.51 45.60
CA LYS R 175 32.61 18.48 44.76
C LYS R 175 31.09 18.43 44.96
N GLY R 176 30.35 18.20 43.87
CA GLY R 176 28.89 18.15 43.92
C GLY R 176 28.31 18.58 42.59
N THR R 177 27.00 18.48 42.44
CA THR R 177 26.36 19.09 41.27
C THR R 177 25.56 20.29 41.76
N TYR R 178 25.60 21.37 41.01
CA TYR R 178 24.96 22.61 41.45
C TYR R 178 24.07 23.20 40.39
N ALA R 179 23.00 23.85 40.84
CA ALA R 179 22.19 24.67 39.96
C ALA R 179 22.62 26.11 40.17
N ILE R 180 22.71 26.86 39.08
CA ILE R 180 22.97 28.29 39.17
C ILE R 180 21.82 28.97 38.51
N LYS R 181 21.06 29.74 39.30
CA LYS R 181 19.85 30.36 38.78
C LYS R 181 20.01 31.86 38.85
N MET R 182 19.69 32.53 37.75
N MET R 182 19.67 32.54 37.76
CA MET R 182 19.80 33.99 37.70
CA MET R 182 19.80 33.98 37.72
C MET R 182 18.55 34.63 37.12
C MET R 182 18.56 34.63 37.13
N PRO R 183 17.62 35.03 38.00
CA PRO R 183 16.43 35.79 37.57
C PRO R 183 16.95 37.13 37.10
N TYR R 184 16.42 37.64 36.01
CA TYR R 184 16.90 38.91 35.48
C TYR R 184 15.75 39.75 34.94
N SER R 185 16.00 41.04 34.84
CA SER R 185 15.15 41.95 34.08
C SER R 185 16.09 42.81 33.25
N TYR R 186 15.65 43.21 32.07
CA TYR R 186 16.47 44.09 31.24
C TYR R 186 15.62 45.20 30.68
N ASN R 187 16.28 46.28 30.31
CA ASN R 187 15.65 47.33 29.55
C ASN R 187 16.50 47.64 28.32
N ASN R 188 16.00 47.31 27.14
CA ASN R 188 16.69 47.65 25.91
C ASN R 188 16.35 49.08 25.53
N THR R 189 17.29 49.99 25.82
CA THR R 189 17.16 51.41 25.46
C THR R 189 17.26 51.60 23.95
N THR R 190 18.19 50.87 23.33
CA THR R 190 18.57 51.04 21.92
C THR R 190 17.50 50.56 20.94
N SER R 191 17.28 51.33 19.88
CA SER R 191 16.25 50.99 18.90
C SER R 191 16.39 49.55 18.39
N THR R 192 17.58 48.96 18.58
CA THR R 192 17.90 47.63 18.06
C THR R 192 17.01 46.49 18.58
N THR R 193 17.06 45.37 17.88
CA THR R 193 16.41 44.14 18.27
C THR R 193 17.46 43.04 18.20
N PHE R 194 17.57 42.21 19.24
CA PHE R 194 18.68 41.27 19.37
C PHE R 194 18.25 39.81 19.20
N THR R 195 19.10 38.99 18.58
CA THR R 195 18.79 37.56 18.49
C THR R 195 19.94 36.73 19.02
N ASN R 196 19.62 35.69 19.78
CA ASN R 196 20.65 34.92 20.46
C ASN R 196 21.65 35.82 21.18
N PHE R 197 21.09 36.74 21.98
CA PHE R 197 21.84 37.68 22.79
C PHE R 197 22.57 36.95 23.89
N GLN R 198 23.90 36.99 23.88
CA GLN R 198 24.66 36.38 24.94
C GLN R 198 24.87 37.38 26.08
N PHE R 199 24.21 37.12 27.21
CA PHE R 199 24.31 37.98 28.37
C PHE R 199 25.67 37.78 29.06
N GLY R 200 26.09 36.53 29.17
CA GLY R 200 27.33 36.22 29.86
C GLY R 200 27.70 34.75 29.72
N THR R 201 28.66 34.32 30.53
CA THR R 201 29.10 32.93 30.52
C THR R 201 29.37 32.48 31.93
N ILE R 202 29.20 31.19 32.17
CA ILE R 202 29.64 30.58 33.41
C ILE R 202 30.71 29.57 33.04
N SER R 203 31.83 29.60 33.72
CA SER R 203 32.91 28.69 33.36
C SER R 203 33.72 28.19 34.55
N THR R 204 34.34 27.04 34.36
CA THR R 204 35.46 26.61 35.17
C THR R 204 36.62 26.65 34.21
N SER R 205 37.80 26.18 34.63
CA SER R 205 38.96 26.24 33.73
C SER R 205 38.69 25.68 32.33
N ALA R 207 35.71 24.39 30.64
CA ALA R 207 34.26 24.27 30.49
C ALA R 207 33.53 25.60 30.58
N THR R 208 32.72 25.91 29.57
CA THR R 208 32.01 27.19 29.46
C THR R 208 30.54 27.02 29.08
N ILE R 209 29.66 27.67 29.82
CA ILE R 209 28.23 27.69 29.52
C ILE R 209 27.74 29.11 29.17
N PRO R 210 27.35 29.34 27.91
CA PRO R 210 26.79 30.63 27.52
C PRO R 210 25.40 30.86 28.10
N LEU R 211 25.13 32.08 28.56
CA LEU R 211 23.80 32.46 29.01
C LEU R 211 23.16 33.29 27.91
N VAL R 212 22.20 32.69 27.21
CA VAL R 212 21.69 33.26 25.96
C VAL R 212 20.20 33.52 26.01
N ILE R 213 19.79 34.67 25.50
CA ILE R 213 18.38 35.00 25.37
C ILE R 213 17.98 34.96 23.90
N SER R 214 16.93 34.19 23.57
CA SER R 214 16.49 34.01 22.18
C SER R 214 16.38 35.32 21.43
N SER R 215 15.60 36.24 21.98
CA SER R 215 15.47 37.54 21.36
C SER R 215 15.14 38.62 22.36
N ILE R 216 15.74 39.79 22.14
CA ILE R 216 15.46 40.99 22.91
C ILE R 216 14.93 42.03 21.94
N PRO R 217 13.62 42.30 21.99
CA PRO R 217 12.95 43.20 21.05
C PRO R 217 13.50 44.61 21.18
N ALA R 218 13.52 45.36 20.08
CA ALA R 218 13.94 46.76 20.12
C ALA R 218 13.14 47.56 21.14
N ASN R 219 13.83 48.43 21.87
CA ASN R 219 13.17 49.31 22.84
C ASN R 219 12.33 48.54 23.86
N GLY R 220 12.53 47.23 23.93
CA GLY R 220 11.75 46.40 24.82
C GLY R 220 12.35 46.30 26.21
N SER R 221 11.51 45.91 27.17
CA SER R 221 11.96 45.49 28.48
C SER R 221 11.38 44.11 28.74
N GLY R 222 12.05 43.32 29.54
CA GLY R 222 11.62 41.95 29.75
C GLY R 222 12.28 41.36 30.97
N SER R 223 11.87 40.15 31.32
CA SER R 223 12.43 39.48 32.45
C SER R 223 12.39 38.00 32.17
N GLY R 224 13.27 37.26 32.84
CA GLY R 224 13.34 35.82 32.66
C GLY R 224 14.26 35.24 33.70
N THR R 225 14.72 34.03 33.47
CA THR R 225 15.60 33.37 34.42
C THR R 225 16.57 32.48 33.69
N PHE R 226 17.86 32.67 33.95
CA PHE R 226 18.85 31.70 33.49
C PHE R 226 18.92 30.60 34.52
N LEU R 227 18.96 29.37 34.05
CA LEU R 227 19.12 28.23 34.95
C LEU R 227 20.05 27.23 34.29
N VAL R 228 21.25 27.07 34.85
CA VAL R 228 22.19 26.09 34.31
C VAL R 228 22.75 25.25 35.45
N TYR R 229 23.45 24.17 35.10
CA TYR R 229 23.95 23.26 36.12
C TYR R 229 25.39 22.92 35.84
N LEU R 230 26.17 22.79 36.90
CA LEU R 230 27.57 22.42 36.82
C LEU R 230 27.79 21.15 37.59
N LYS R 231 28.45 20.18 36.98
CA LYS R 231 28.94 19.03 37.74
C LYS R 231 30.38 19.28 38.16
N ILE R 232 30.60 19.57 39.44
CA ILE R 232 31.95 19.79 39.95
C ILE R 232 32.46 18.45 40.45
N THR R 233 33.32 17.84 39.65
CA THR R 233 33.97 16.61 40.06
C THR R 233 34.78 16.87 41.33
N GLY R 234 35.41 18.04 41.38
CA GLY R 234 36.21 18.41 42.52
C GLY R 234 37.63 18.82 42.18
N ASP R 235 38.12 18.45 41.00
CA ASP R 235 39.46 18.85 40.60
C ASP R 235 39.54 20.25 40.00
N TYR R 236 38.39 20.82 39.64
CA TYR R 236 38.32 22.23 39.21
C TYR R 236 37.15 22.84 39.96
N GLU R 237 37.46 23.67 40.95
CA GLU R 237 36.42 24.15 41.86
C GLU R 237 36.10 25.62 41.72
N ASP R 238 36.98 26.37 41.07
CA ASP R 238 36.76 27.80 40.95
C ASP R 238 35.87 28.11 39.75
N VAL R 239 34.71 28.67 40.04
CA VAL R 239 33.72 28.98 39.01
C VAL R 239 33.75 30.47 38.73
N LYS R 240 33.61 30.85 37.47
CA LYS R 240 33.65 32.25 37.12
C LYS R 240 32.45 32.63 36.27
N PHE R 241 31.69 33.62 36.72
CA PHE R 241 30.62 34.20 35.93
C PHE R 241 31.08 35.52 35.33
N SER R 242 30.88 35.73 34.04
CA SER R 242 31.28 36.97 33.38
C SER R 242 30.11 37.52 32.59
N VAL R 243 29.88 38.83 32.72
CA VAL R 243 28.93 39.51 31.84
C VAL R 243 29.69 39.93 30.59
N THR R 244 29.20 39.55 29.41
CA THR R 244 30.02 39.68 28.21
C THR R 244 29.44 40.57 27.11
N TYR R 245 28.22 41.06 27.29
CA TYR R 245 27.55 41.74 26.18
C TYR R 245 28.12 43.13 25.87
N GLY R 246 28.88 43.71 26.80
CA GLY R 246 29.63 44.91 26.47
C GLY R 246 29.11 46.19 27.09
N GLY R 247 29.99 46.89 27.78
CA GLY R 247 29.63 48.05 28.59
C GLY R 247 28.80 49.15 27.96
N GLY R 248 29.00 49.43 26.67
CA GLY R 248 28.31 50.55 26.06
C GLY R 248 27.08 50.21 25.24
N LEU R 249 26.60 48.98 25.36
CA LEU R 249 25.53 48.49 24.48
C LEU R 249 24.19 49.23 24.64
N GLY R 250 23.86 49.62 25.87
CA GLY R 250 22.61 50.31 26.10
C GLY R 250 21.46 49.38 26.48
N VAL R 251 21.82 48.23 27.06
CA VAL R 251 20.85 47.28 27.56
C VAL R 251 21.19 46.93 29.02
N PRO R 252 20.83 47.82 29.96
CA PRO R 252 21.07 47.51 31.39
C PRO R 252 20.26 46.30 31.86
N PHE R 253 20.88 45.45 32.66
CA PHE R 253 20.21 44.32 33.28
C PHE R 253 20.22 44.51 34.79
N THR R 254 19.21 43.95 35.45
CA THR R 254 19.26 43.75 36.91
C THR R 254 19.06 42.26 37.12
N PHE R 255 19.88 41.63 37.95
CA PHE R 255 19.73 40.20 38.13
C PHE R 255 20.03 39.74 39.55
N GLY R 256 19.58 38.51 39.85
CA GLY R 256 19.86 37.92 41.14
C GLY R 256 20.75 36.72 40.90
N LEU R 257 21.15 36.07 41.99
CA LEU R 257 22.04 34.92 41.90
C LEU R 257 21.71 33.90 42.96
N GLU R 258 21.37 32.70 42.50
CA GLU R 258 21.09 31.61 43.39
C GLU R 258 22.04 30.46 43.00
N VAL R 259 22.80 29.95 43.96
CA VAL R 259 23.67 28.81 43.71
C VAL R 259 23.40 27.77 44.76
N GLU R 260 23.02 26.58 44.32
CA GLU R 260 22.55 25.56 45.28
C GLU R 260 22.89 24.16 44.84
N GLU R 261 23.19 23.30 45.80
N GLU R 261 23.19 23.31 45.81
CA GLU R 261 23.52 21.92 45.48
CA GLU R 261 23.48 21.91 45.51
C GLU R 261 22.27 21.15 45.13
C GLU R 261 22.22 21.20 45.08
N ILE R 262 22.35 20.28 44.12
CA ILE R 262 21.23 19.45 43.73
C ILE R 262 21.59 17.97 43.80
N ASN R 263 20.58 17.12 43.83
CA ASN R 263 20.78 15.69 43.64
C ASN R 263 20.66 15.40 42.15
N GLU R 264 20.94 14.17 41.74
CA GLU R 264 20.98 13.90 40.30
C GLU R 264 19.67 14.26 39.64
N LEU R 265 19.76 14.97 38.53
CA LEU R 265 18.56 15.37 37.80
C LEU R 265 18.60 14.79 36.40
N VAL R 266 17.78 13.77 36.15
CA VAL R 266 17.59 13.27 34.79
C VAL R 266 16.59 14.16 34.08
N GLU R 267 17.08 14.95 33.13
CA GLU R 267 16.25 15.93 32.45
C GLU R 267 15.29 15.25 31.49
N ASN R 268 15.80 14.23 30.80
CA ASN R 268 14.94 13.40 29.99
C ASN R 268 15.67 12.15 29.58
N THR R 269 14.92 11.19 29.06
CA THR R 269 15.49 9.94 28.58
C THR R 269 14.85 9.71 27.23
N ASN R 270 15.64 9.33 26.24
CA ASN R 270 15.15 9.34 24.86
C ASN R 270 15.63 8.14 24.09
N PHE R 271 14.74 7.62 23.25
CA PHE R 271 15.06 6.64 22.24
C PHE R 271 15.12 7.45 20.97
N VAL R 272 16.26 7.42 20.27
CA VAL R 272 16.45 8.24 19.08
C VAL R 272 16.97 7.38 17.95
N THR R 273 16.69 7.79 16.73
CA THR R 273 17.09 7.03 15.56
C THR R 273 17.79 7.95 14.56
N GLN R 274 18.76 7.40 13.83
CA GLN R 274 19.52 8.20 12.89
C GLN R 274 19.98 7.33 11.75
N SER R 275 19.64 7.74 10.54
CA SER R 275 20.09 7.00 9.37
C SER R 275 21.34 7.64 8.75
N VAL R 276 22.16 6.79 8.15
CA VAL R 276 23.37 7.22 7.49
C VAL R 276 23.46 6.46 6.20
N THR R 277 23.69 7.18 5.10
CA THR R 277 23.81 6.55 3.80
C THR R 277 25.27 6.52 3.39
N LEU R 278 25.76 5.32 3.07
CA LEU R 278 27.17 5.12 2.77
C LEU R 278 27.35 4.82 1.29
N SER R 279 28.28 5.52 0.66
CA SER R 279 28.54 5.32 -0.77
C SER R 279 30.01 5.38 -1.10
N GLY R 280 30.83 4.64 -0.35
CA GLY R 280 32.24 4.49 -0.69
C GLY R 280 33.20 5.31 0.14
N SER R 281 32.69 6.32 0.85
CA SER R 281 33.54 7.19 1.64
C SER R 281 33.18 7.15 3.11
N GLN R 282 34.17 7.36 3.97
CA GLN R 282 33.93 7.41 5.39
C GLN R 282 33.04 8.59 5.73
N VAL R 283 32.09 8.38 6.63
CA VAL R 283 31.19 9.44 7.08
C VAL R 283 31.29 9.54 8.59
N THR R 284 31.43 10.77 9.07
CA THR R 284 31.38 10.99 10.52
C THR R 284 30.11 11.78 10.82
N GLN R 285 29.15 11.12 11.45
CA GLN R 285 27.84 11.72 11.67
C GLN R 285 27.64 12.06 13.14
N SER R 286 27.45 13.35 13.44
CA SER R 286 27.14 13.75 14.82
C SER R 286 25.76 13.25 15.19
N ILE R 287 25.64 12.65 16.36
CA ILE R 287 24.34 12.18 16.83
C ILE R 287 23.80 13.15 17.85
N LEU R 288 24.68 13.57 18.75
N LEU R 288 24.66 13.56 18.76
CA LEU R 288 24.33 14.41 19.87
CA LEU R 288 24.27 14.49 19.80
C LEU R 288 25.54 15.17 20.35
C LEU R 288 25.49 15.16 20.39
N ASN R 289 25.36 16.46 20.65
CA ASN R 289 26.42 17.25 21.26
C ASN R 289 25.77 18.24 22.22
N VAL R 290 25.96 18.02 23.50
CA VAL R 290 25.39 18.95 24.49
C VAL R 290 26.44 19.76 25.24
N GLN R 291 27.65 19.82 24.69
CA GLN R 291 28.70 20.62 25.31
C GLN R 291 28.25 22.08 25.46
N GLY R 292 28.44 22.65 26.65
CA GLY R 292 28.12 24.05 26.86
C GLY R 292 26.66 24.29 27.17
N SER R 293 25.90 23.21 27.36
CA SER R 293 24.46 23.30 27.62
C SER R 293 24.09 23.28 29.10
N GLY R 294 25.03 22.94 29.97
CA GLY R 294 24.72 22.75 31.38
C GLY R 294 24.20 21.33 31.62
N SER R 295 24.54 20.43 30.71
CA SER R 295 24.12 19.03 30.87
C SER R 295 25.13 18.04 30.25
N HIS R 296 24.94 16.76 30.53
CA HIS R 296 25.74 15.72 29.91
C HIS R 296 24.88 14.49 29.62
N LEU R 297 25.50 13.41 29.16
CA LEU R 297 24.75 12.29 28.66
C LEU R 297 25.14 11.00 29.32
N ARG R 298 24.27 10.01 29.20
CA ARG R 298 24.57 8.65 29.62
C ARG R 298 23.94 7.72 28.61
N LEU R 299 24.74 6.87 27.98
CA LEU R 299 24.23 5.97 26.94
C LEU R 299 23.91 4.62 27.57
N LYS R 300 22.73 4.09 27.26
CA LYS R 300 22.24 2.83 27.85
C LYS R 300 22.20 1.68 26.88
N TYR R 301 21.92 1.98 25.62
CA TYR R 301 21.70 0.93 24.63
C TYR R 301 21.89 1.50 23.24
N ALA R 302 22.50 0.72 22.35
CA ALA R 302 22.61 1.11 20.95
C ALA R 302 22.52 -0.09 20.03
N SER R 303 21.97 0.13 18.84
CA SER R 303 21.80 -0.95 17.89
C SER R 303 21.86 -0.38 16.48
N VAL R 304 22.38 -1.16 15.54
CA VAL R 304 22.40 -0.72 14.15
C VAL R 304 21.73 -1.77 13.26
N SER R 305 20.79 -1.33 12.43
CA SER R 305 20.15 -2.23 11.49
C SER R 305 20.63 -1.88 10.09
N GLY R 306 20.63 -2.87 9.20
CA GLY R 306 21.00 -2.64 7.83
C GLY R 306 22.45 -2.99 7.54
N LEU R 307 23.15 -3.52 8.53
CA LEU R 307 24.54 -3.95 8.31
C LEU R 307 24.63 -5.09 7.30
N THR R 308 25.55 -4.97 6.35
CA THR R 308 25.85 -6.04 5.41
C THR R 308 27.35 -6.09 5.24
N THR R 309 27.83 -7.08 4.49
CA THR R 309 29.24 -7.19 4.23
C THR R 309 29.76 -5.98 3.44
N ALA R 310 28.84 -5.16 2.95
CA ALA R 310 29.21 -3.94 2.22
C ALA R 310 29.61 -2.81 3.18
N VAL R 311 29.37 -3.01 4.47
CA VAL R 311 29.76 -2.03 5.49
C VAL R 311 31.05 -2.45 6.16
N THR R 312 32.07 -1.60 6.08
CA THR R 312 33.42 -1.96 6.51
C THR R 312 33.76 -1.31 7.83
N GLN R 313 33.04 -0.24 8.17
CA GLN R 313 33.25 0.41 9.44
C GLN R 313 31.94 0.93 10.00
N CYS R 314 31.74 0.71 11.29
CA CYS R 314 30.56 1.24 11.95
C CYS R 314 30.88 1.31 13.43
N GLN R 315 31.41 2.45 13.85
CA GLN R 315 31.78 2.66 15.25
C GLN R 315 31.04 3.81 15.87
N LEU R 316 30.47 3.57 17.05
CA LEU R 316 29.88 4.62 17.87
C LEU R 316 30.99 5.17 18.77
N GLN R 317 31.14 6.48 18.76
CA GLN R 317 32.20 7.12 19.53
C GLN R 317 31.61 8.21 20.39
N ALA R 318 32.28 8.47 21.51
CA ALA R 318 31.79 9.44 22.48
C ALA R 318 33.00 10.12 23.13
N THR R 319 32.76 11.28 23.72
CA THR R 319 33.78 11.87 24.54
C THR R 319 33.18 12.92 25.44
N ASN R 320 33.96 13.32 26.43
CA ASN R 320 33.73 14.55 27.19
C ASN R 320 34.58 15.65 26.54
N LEU R 321 33.95 16.47 25.70
CA LEU R 321 34.67 17.47 24.90
C LEU R 321 35.39 18.51 25.74
N ASN R 322 34.94 18.67 26.98
CA ASN R 322 35.62 19.57 27.90
C ASN R 322 36.93 18.98 28.43
N ARG R 323 37.08 17.68 28.25
CA ARG R 323 38.31 16.99 28.65
C ARG R 323 39.19 16.69 27.44
N SER R 324 38.56 16.28 26.34
CA SER R 324 39.28 15.84 25.16
C SER R 324 38.46 16.00 23.88
N THR R 325 39.11 16.49 22.82
CA THR R 325 38.46 16.63 21.52
C THR R 325 38.60 15.35 20.70
N THR R 326 39.35 14.40 21.21
CA THR R 326 39.48 13.12 20.54
C THR R 326 38.40 12.15 21.04
N TYR R 327 37.57 11.69 20.12
CA TYR R 327 36.50 10.76 20.46
C TYR R 327 37.07 9.38 20.67
N SER R 328 36.53 8.63 21.64
CA SER R 328 36.90 7.22 21.74
C SER R 328 35.74 6.33 21.33
N THR R 329 36.08 5.21 20.69
CA THR R 329 35.08 4.23 20.28
C THR R 329 34.50 3.56 21.50
N VAL R 330 33.17 3.58 21.62
CA VAL R 330 32.50 2.97 22.76
C VAL R 330 31.79 1.68 22.35
N TRP R 331 31.57 1.52 21.05
CA TRP R 331 31.07 0.26 20.53
C TRP R 331 31.35 0.13 19.05
N ASP R 332 31.82 -1.04 18.65
CA ASP R 332 32.09 -1.31 17.25
C ASP R 332 31.08 -2.35 16.77
N PHE R 333 30.16 -1.94 15.91
CA PHE R 333 29.06 -2.80 15.50
C PHE R 333 29.48 -3.93 14.59
N ILE R 334 30.63 -3.75 13.92
CA ILE R 334 31.21 -4.80 13.09
C ILE R 334 31.92 -5.84 13.96
N ALA R 335 32.85 -5.38 14.78
CA ALA R 335 33.63 -6.27 15.63
C ALA R 335 32.82 -6.86 16.80
N GLY R 336 31.91 -6.07 17.36
CA GLY R 336 31.18 -6.49 18.55
C GLY R 336 29.79 -7.03 18.34
N GLY R 337 29.19 -6.76 17.17
CA GLY R 337 27.83 -7.20 16.91
C GLY R 337 26.86 -6.03 16.82
N SER R 338 25.67 -6.30 16.28
CA SER R 338 24.75 -5.25 15.88
C SER R 338 24.08 -4.53 17.02
N SER R 339 24.23 -5.03 18.24
CA SER R 339 23.66 -4.32 19.39
C SER R 339 24.53 -4.44 20.64
N THR R 340 24.41 -3.46 21.53
CA THR R 340 25.23 -3.44 22.73
C THR R 340 24.71 -4.44 23.76
N PRO R 341 25.64 -5.00 24.56
CA PRO R 341 25.31 -5.96 25.60
C PRO R 341 24.70 -5.30 26.85
N PRO R 342 24.07 -6.09 27.71
CA PRO R 342 23.35 -5.58 28.89
C PRO R 342 24.22 -4.73 29.81
N SER R 343 25.51 -5.06 29.94
CA SER R 343 26.38 -4.31 30.85
C SER R 343 26.93 -2.99 30.27
N TRP R 344 26.64 -2.73 29.00
CA TRP R 344 27.13 -1.53 28.31
C TRP R 344 26.42 -0.30 28.83
N ASP R 345 27.20 0.66 29.30
CA ASP R 345 26.68 1.85 29.97
C ASP R 345 27.80 2.90 29.87
N ILE R 346 27.54 3.97 29.15
CA ILE R 346 28.57 4.97 28.90
C ILE R 346 28.24 6.24 29.65
N ARG R 347 29.05 6.55 30.67
CA ARG R 347 28.79 7.72 31.51
C ARG R 347 29.78 8.85 31.23
N GLU R 348 29.45 10.03 31.74
CA GLU R 348 30.34 11.19 31.71
C GLU R 348 30.85 11.51 30.31
N ILE R 349 29.93 11.60 29.36
CA ILE R 349 30.24 12.07 28.02
C ILE R 349 29.24 13.20 27.68
N ASN R 350 29.56 14.03 26.70
CA ASN R 350 28.62 15.06 26.29
C ASN R 350 28.50 15.20 24.79
N SER R 351 29.15 14.29 24.06
CA SER R 351 29.07 14.29 22.60
C SER R 351 29.22 12.88 22.05
N ILE R 352 28.40 12.56 21.06
CA ILE R 352 28.33 11.21 20.49
C ILE R 352 28.34 11.35 18.98
N GLN R 353 29.16 10.53 18.30
CA GLN R 353 29.14 10.50 16.84
C GLN R 353 29.22 9.06 16.33
N LEU R 354 28.75 8.86 15.10
CA LEU R 354 28.89 7.58 14.44
C LEU R 354 29.85 7.74 13.27
N VAL R 355 30.88 6.89 13.24
CA VAL R 355 31.82 6.88 12.13
C VAL R 355 31.61 5.59 11.36
N ALA R 356 31.32 5.73 10.07
CA ALA R 356 30.97 4.57 9.29
C ALA R 356 31.56 4.68 7.90
N ASN R 357 31.71 3.54 7.24
CA ASN R 357 32.23 3.51 5.89
C ASN R 357 31.72 2.24 5.21
N GLY R 358 31.61 2.30 3.88
CA GLY R 358 31.11 1.17 3.12
C GLY R 358 30.33 1.63 1.91
N GLY R 359 29.63 0.69 1.27
CA GLY R 359 28.91 1.01 0.06
C GLY R 359 29.86 1.42 -1.05
N SER R 360 29.30 1.79 -2.20
CA SER R 360 30.07 2.25 -3.32
C SER R 360 29.38 3.42 -4.02
N SER R 361 30.11 4.07 -4.93
CA SER R 361 29.59 5.19 -5.69
C SER R 361 28.40 4.80 -6.55
N THR R 362 28.22 3.50 -6.77
CA THR R 362 27.15 3.00 -7.64
C THR R 362 26.10 2.22 -6.86
N SER R 363 26.44 1.83 -5.64
CA SER R 363 25.56 1.03 -4.82
C SER R 363 25.70 1.43 -3.35
N SER R 364 24.85 2.36 -2.92
CA SER R 364 24.92 2.87 -1.55
C SER R 364 24.20 1.95 -0.56
N VAL R 365 24.63 2.01 0.70
CA VAL R 365 24.01 1.24 1.77
C VAL R 365 23.54 2.21 2.84
N THR R 366 22.31 2.01 3.31
CA THR R 366 21.78 2.84 4.38
C THR R 366 21.64 2.03 5.66
N ILE R 367 22.29 2.50 6.73
CA ILE R 367 22.19 1.87 8.02
C ILE R 367 21.43 2.79 8.95
N THR R 368 20.84 2.24 10.00
CA THR R 368 20.07 3.03 10.94
C THR R 368 20.51 2.74 12.37
N LEU R 369 20.98 3.79 13.03
CA LEU R 369 21.37 3.67 14.41
C LEU R 369 20.17 3.98 15.31
N ILE R 370 19.98 3.18 16.34
CA ILE R 370 19.03 3.57 17.37
C ILE R 370 19.82 3.64 18.66
N LEU R 371 19.43 4.57 19.52
CA LEU R 371 20.19 4.85 20.72
C LEU R 371 19.19 5.24 21.80
N VAL R 372 19.38 4.69 23.00
CA VAL R 372 18.66 5.14 24.18
C VAL R 372 19.66 5.82 25.09
N TYR R 373 19.37 7.05 25.51
CA TYR R 373 20.30 7.79 26.35
C TYR R 373 19.53 8.65 27.33
N GLU R 374 20.20 9.03 28.42
CA GLU R 374 19.68 10.03 29.34
C GLU R 374 20.44 11.32 29.17
N GLN R 375 19.74 12.44 29.32
CA GLN R 375 20.38 13.74 29.44
C GLN R 375 20.28 14.11 30.89
N ILE R 376 21.43 14.40 31.47
CA ILE R 376 21.54 14.59 32.92
C ILE R 376 22.07 15.98 33.20
N ALA R 377 21.47 16.65 34.18
CA ALA R 377 21.90 17.99 34.54
C ALA R 377 23.35 18.00 34.98
N GLY R 378 24.10 19.02 34.54
CA GLY R 378 25.45 19.27 35.02
C GLY R 378 26.45 19.30 33.86
N GLU R 379 27.01 20.47 33.56
CA GLU R 379 28.09 20.58 32.59
C GLU R 379 29.30 19.82 33.15
N LEU R 380 29.96 19.04 32.29
CA LEU R 380 31.15 18.28 32.71
C LEU R 380 32.36 19.20 32.75
N SER R 381 33.24 18.98 33.72
CA SER R 381 34.41 19.86 33.82
C SER R 381 35.60 19.35 33.02
N HIS R 382 36.56 20.25 32.84
CA HIS R 382 37.83 19.93 32.18
C HIS R 382 38.60 18.89 33.00
N HIS R 383 39.53 18.18 32.37
CA HIS R 383 40.46 17.31 33.11
C HIS R 383 41.78 17.16 32.36
N LEU S 6 -1.27 52.70 65.23
CA LEU S 6 -1.11 51.28 65.52
C LEU S 6 0.36 50.88 65.62
N GLY S 7 1.22 51.51 64.82
CA GLY S 7 2.64 51.24 64.87
C GLY S 7 3.31 51.92 66.05
N GLN S 8 4.35 51.31 66.61
CA GLN S 8 5.09 51.90 67.72
C GLN S 8 6.56 51.93 67.40
N SER S 9 7.30 52.78 68.10
CA SER S 9 8.77 52.74 67.95
C SER S 9 9.35 51.78 68.98
N PHE S 10 10.50 51.18 68.68
CA PHE S 10 11.15 50.28 69.64
C PHE S 10 12.65 50.36 69.49
N PRO S 11 13.39 50.25 70.61
CA PRO S 11 14.86 50.26 70.59
C PRO S 11 15.35 48.89 70.18
N ALA S 12 16.40 48.83 69.36
CA ALA S 12 16.82 47.55 68.78
C ALA S 12 18.33 47.44 68.68
N ASN S 13 19.03 47.94 69.69
CA ASN S 13 20.49 47.94 69.62
C ASN S 13 21.22 46.64 69.89
N ALA S 14 20.59 45.77 70.65
CA ALA S 14 21.29 44.60 71.17
C ALA S 14 21.28 43.46 70.16
N LYS S 15 22.35 42.67 70.17
CA LYS S 15 22.47 41.48 69.34
C LYS S 15 21.34 40.49 69.65
N VAL S 16 20.78 39.88 68.61
CA VAL S 16 19.71 38.90 68.77
C VAL S 16 20.28 37.58 69.27
N LYS S 17 19.54 36.85 70.07
CA LYS S 17 19.98 35.55 70.56
C LYS S 17 19.11 34.50 69.91
N TYR S 18 19.57 33.24 69.89
CA TYR S 18 18.76 32.17 69.29
C TYR S 18 17.89 31.49 70.33
N TYR S 19 18.10 31.86 71.60
CA TYR S 19 17.27 31.36 72.67
C TYR S 19 17.19 32.39 73.79
N TYR S 20 15.99 32.66 74.26
CA TYR S 20 15.76 33.55 75.39
C TYR S 20 14.92 32.86 76.43
N LYS S 21 15.31 32.95 77.70
CA LYS S 21 14.42 32.54 78.75
C LYS S 21 14.12 33.84 79.50
N LEU S 22 12.90 34.34 79.35
CA LEU S 22 12.63 35.73 79.66
C LEU S 22 12.48 35.97 81.15
N SER S 23 12.56 34.91 81.93
CA SER S 23 12.62 35.03 83.38
C SER S 23 14.04 35.25 83.87
N GLU S 24 15.01 35.24 82.95
CA GLU S 24 16.38 35.67 83.27
C GLU S 24 16.51 37.15 82.90
N LYS S 25 16.95 37.95 83.85
CA LYS S 25 17.08 39.39 83.62
C LYS S 25 17.89 39.78 82.37
N GLN S 26 19.04 39.15 82.16
CA GLN S 26 19.87 39.52 81.02
C GLN S 26 19.21 39.18 79.69
N ASP S 27 18.42 38.09 79.67
CA ASP S 27 17.74 37.74 78.42
C ASP S 27 16.60 38.71 78.15
N LEU S 28 15.88 39.08 79.20
CA LEU S 28 14.74 39.98 79.02
C LEU S 28 15.26 41.34 78.56
N ASP S 29 16.33 41.81 79.19
CA ASP S 29 16.92 43.10 78.80
C ASP S 29 17.34 43.12 77.32
N ALA S 30 17.91 42.02 76.83
CA ALA S 30 18.32 41.97 75.42
C ALA S 30 17.08 41.94 74.55
N PHE S 31 16.10 41.12 74.95
CA PHE S 31 14.87 40.89 74.19
C PHE S 31 14.17 42.22 73.90
N VAL S 32 14.05 43.07 74.92
CA VAL S 32 13.34 44.34 74.78
C VAL S 32 14.24 45.48 74.29
N ASN S 33 15.42 45.14 73.83
CA ASN S 33 16.29 46.10 73.14
C ASN S 33 16.75 45.47 71.83
N SER S 34 15.86 44.70 71.21
CA SER S 34 16.23 44.06 69.94
C SER S 34 15.02 43.67 69.10
N ILE S 35 14.15 42.86 69.67
CA ILE S 35 13.07 42.28 68.86
C ILE S 35 11.66 42.43 69.41
N PHE S 36 11.54 42.95 70.63
CA PHE S 36 10.23 43.14 71.23
C PHE S 36 9.68 44.56 71.05
N VAL S 37 8.43 44.66 70.61
CA VAL S 37 7.80 45.95 70.36
C VAL S 37 6.64 46.11 71.33
N GLY S 38 6.64 47.22 72.06
CA GLY S 38 5.59 47.51 73.03
C GLY S 38 6.11 47.48 74.46
N SER S 39 5.24 47.64 75.43
N SER S 39 5.18 47.59 75.40
CA SER S 39 5.67 47.56 76.82
CA SER S 39 5.50 47.57 76.82
C SER S 39 5.31 46.22 77.41
C SER S 39 5.31 46.16 77.40
N TYR S 40 5.85 45.93 78.59
CA TYR S 40 5.52 44.69 79.30
C TYR S 40 5.38 45.02 80.79
N LYS S 41 4.71 44.14 81.53
CA LYS S 41 4.72 44.19 82.98
C LYS S 41 5.36 42.90 83.48
N LEU S 42 6.28 43.00 84.43
CA LEU S 42 6.91 41.79 84.93
C LEU S 42 5.98 41.23 86.00
N LYS S 43 5.55 39.98 85.85
CA LYS S 43 4.60 39.40 86.79
C LYS S 43 5.01 38.01 87.20
N GLN S 44 4.56 37.61 88.38
CA GLN S 44 4.77 36.23 88.79
C GLN S 44 3.72 35.32 88.15
N ILE S 45 4.20 34.34 87.38
CA ILE S 45 3.36 33.42 86.63
C ILE S 45 3.47 32.02 87.23
N SER S 46 2.34 31.34 87.43
CA SER S 46 2.33 29.99 87.97
C SER S 46 1.52 29.10 87.06
N TYR S 47 2.00 27.90 86.79
CA TYR S 47 1.16 26.91 86.11
C TYR S 47 1.52 25.49 86.52
N LEU S 48 0.62 24.55 86.24
CA LEU S 48 0.77 23.17 86.71
C LEU S 48 1.55 22.27 85.75
N LEU S 49 2.48 21.51 86.31
CA LEU S 49 3.20 20.47 85.58
C LEU S 49 3.19 19.20 86.43
N TYR S 50 2.45 18.19 85.98
CA TYR S 50 2.31 16.95 86.75
C TYR S 50 1.94 17.21 88.21
N GLY S 51 1.03 18.17 88.43
CA GLY S 51 0.52 18.44 89.76
C GLY S 51 1.37 19.40 90.56
N ASN S 52 2.54 19.72 90.04
CA ASN S 52 3.42 20.69 90.68
C ASN S 52 3.25 22.08 90.07
N THR S 53 3.50 23.10 90.87
CA THR S 53 3.33 24.48 90.42
C THR S 53 4.65 25.14 90.08
N LYS S 54 4.90 25.31 88.78
CA LYS S 54 6.08 26.02 88.32
C LYS S 54 5.82 27.53 88.50
N ILE S 55 6.78 28.22 89.08
CA ILE S 55 6.64 29.65 89.31
C ILE S 55 7.82 30.41 88.71
N VAL S 56 7.49 31.37 87.85
CA VAL S 56 8.51 32.22 87.24
C VAL S 56 8.05 33.68 87.24
N SER S 57 9.00 34.60 87.14
CA SER S 57 8.67 36.00 86.88
C SER S 57 8.91 36.27 85.40
N ALA S 58 7.87 36.67 84.66
CA ALA S 58 7.95 36.80 83.21
C ALA S 58 7.26 38.07 82.74
N PRO S 59 7.63 38.58 81.56
CA PRO S 59 6.95 39.76 81.00
C PRO S 59 5.57 39.41 80.47
N VAL S 60 4.61 40.26 80.78
CA VAL S 60 3.23 40.07 80.32
C VAL S 60 2.84 41.27 79.45
N VAL S 61 2.18 41.01 78.32
CA VAL S 61 1.67 42.10 77.51
C VAL S 61 0.53 42.79 78.24
N PRO S 62 0.63 44.12 78.47
CA PRO S 62 -0.41 44.80 79.24
C PRO S 62 -1.64 45.15 78.40
N LEU S 63 -2.70 45.59 79.07
CA LEU S 63 -3.88 46.11 78.39
C LEU S 63 -3.47 47.18 77.42
N GLY S 64 -4.05 47.15 76.24
CA GLY S 64 -3.73 48.11 75.22
C GLY S 64 -3.48 47.39 73.92
N PRO S 65 -2.68 48.00 73.03
CA PRO S 65 -2.39 47.40 71.71
C PRO S 65 -1.60 46.12 71.83
N ASN S 66 -1.69 45.24 70.83
CA ASN S 66 -0.90 44.03 70.85
C ASN S 66 0.57 44.42 70.87
N ALA S 67 1.39 43.60 71.53
CA ALA S 67 2.84 43.71 71.40
C ALA S 67 3.21 42.96 70.13
N SER S 68 4.45 43.13 69.66
CA SER S 68 4.95 42.37 68.51
C SER S 68 6.36 41.86 68.79
N ILE S 69 6.72 40.78 68.10
CA ILE S 69 8.10 40.39 67.99
C ILE S 69 8.47 40.57 66.54
N ILE S 70 9.58 41.28 66.28
CA ILE S 70 9.98 41.58 64.93
C ILE S 70 11.46 41.35 64.82
N ILE S 71 11.88 40.54 63.85
CA ILE S 71 13.31 40.21 63.73
C ILE S 71 13.80 40.41 62.31
N ASP S 72 14.54 41.49 62.07
CA ASP S 72 15.12 41.67 60.73
C ASP S 72 16.63 41.48 60.76
N ASP S 73 17.16 41.09 61.91
CA ASP S 73 18.61 40.91 62.06
C ASP S 73 19.18 39.84 61.13
N GLU S 74 20.49 39.91 60.87
CA GLU S 74 21.14 38.94 59.99
C GLU S 74 21.41 37.61 60.71
N LEU S 75 20.36 36.90 61.11
CA LEU S 75 20.51 35.53 61.61
C LEU S 75 21.21 34.68 60.56
N GLN S 76 21.85 33.59 60.99
CA GLN S 76 22.37 32.63 60.03
C GLN S 76 21.24 32.22 59.10
N GLU S 77 21.53 32.09 57.80
CA GLU S 77 20.45 31.75 56.86
C GLU S 77 19.99 30.31 57.09
N GLY S 78 18.72 30.05 56.76
CA GLY S 78 18.19 28.71 56.90
C GLY S 78 16.72 28.74 57.25
N LEU S 79 16.15 27.56 57.47
CA LEU S 79 14.75 27.45 57.82
C LEU S 79 14.70 27.24 59.34
N TYR S 80 13.98 28.12 60.02
CA TYR S 80 13.87 28.04 61.48
C TYR S 80 12.51 27.58 61.92
N LEU S 81 12.51 26.71 62.93
CA LEU S 81 11.32 26.45 63.71
C LEU S 81 11.40 27.36 64.91
N ILE S 82 10.35 28.14 65.11
CA ILE S 82 10.28 29.04 66.26
C ILE S 82 9.32 28.45 67.26
N ARG S 83 9.70 28.48 68.55
CA ARG S 83 8.82 28.06 69.63
C ARG S 83 8.75 29.20 70.63
N ILE S 84 7.55 29.64 70.96
CA ILE S 84 7.36 30.66 71.98
C ILE S 84 6.54 30.06 73.09
N LYS S 85 7.09 29.98 74.30
CA LYS S 85 6.34 29.40 75.40
C LYS S 85 5.62 30.58 76.01
N VAL S 86 4.31 30.48 76.09
CA VAL S 86 3.54 31.58 76.68
C VAL S 86 2.57 31.04 77.71
N TYR S 87 2.00 31.94 78.49
CA TYR S 87 0.96 31.61 79.45
C TYR S 87 -0.09 32.66 79.34
N ASN S 88 -1.34 32.24 79.15
CA ASN S 88 -2.44 33.18 79.02
C ASN S 88 -2.99 33.48 80.41
N THR S 89 -2.71 34.69 80.90
CA THR S 89 -3.16 35.08 82.24
C THR S 89 -4.63 35.49 82.23
N ASN S 90 -5.22 35.65 81.05
CA ASN S 90 -6.62 36.08 80.98
C ASN S 90 -7.58 34.95 81.35
N SER S 91 -8.77 35.30 81.81
CA SER S 91 -9.78 34.30 82.09
C SER S 91 -10.62 34.02 80.83
N PHE S 92 -10.10 34.42 79.67
CA PHE S 92 -10.77 34.16 78.41
C PHE S 92 -9.73 33.71 77.38
N SER S 93 -10.17 33.06 76.31
CA SER S 93 -9.25 32.63 75.26
C SER S 93 -8.73 33.82 74.49
N VAL S 94 -7.53 33.69 73.94
CA VAL S 94 -6.99 34.71 73.07
C VAL S 94 -6.47 33.99 71.84
N THR S 95 -6.28 34.72 70.75
CA THR S 95 -5.78 34.09 69.53
C THR S 95 -4.46 34.72 69.11
N VAL S 96 -3.67 33.94 68.37
CA VAL S 96 -2.42 34.42 67.85
C VAL S 96 -2.37 33.99 66.38
N THR S 97 -1.80 34.83 65.52
CA THR S 97 -1.69 34.51 64.09
C THR S 97 -0.22 34.24 63.74
N PRO S 98 0.16 32.96 63.61
CA PRO S 98 1.60 32.73 63.36
C PRO S 98 2.03 33.27 61.99
N PHE S 99 3.32 33.59 61.86
CA PHE S 99 3.92 34.15 60.66
C PHE S 99 3.91 33.13 59.52
N PHE S 100 4.50 31.97 59.75
CA PHE S 100 4.53 30.91 58.76
C PHE S 100 5.04 31.42 57.40
N ASN S 101 5.89 32.44 57.43
CA ASN S 101 6.39 33.12 56.24
C ASN S 101 5.38 33.92 55.43
N ASN S 102 4.18 33.37 55.25
N ASN S 102 4.17 33.41 55.22
CA ASN S 102 3.17 34.00 54.40
CA ASN S 102 3.18 34.24 54.54
C ASN S 102 1.73 33.99 54.93
C ASN S 102 1.74 34.01 54.94
N ASN S 103 1.55 33.66 56.21
CA ASN S 103 0.20 33.55 56.76
C ASN S 103 -0.24 34.85 57.39
N ASN S 104 -1.51 35.20 57.22
CA ASN S 104 -2.09 36.24 58.06
C ASN S 104 -3.55 35.99 58.39
N THR S 105 -3.98 34.73 58.28
CA THR S 105 -5.38 34.39 58.61
C THR S 105 -5.52 33.19 59.56
N MET S 106 -4.63 32.21 59.44
CA MET S 106 -4.72 31.04 60.31
C MET S 106 -4.27 31.38 61.72
N THR S 107 -4.90 30.75 62.70
CA THR S 107 -4.69 31.16 64.10
C THR S 107 -4.46 29.98 65.03
N TYR S 108 -3.87 30.28 66.19
CA TYR S 108 -3.90 29.39 67.34
C TYR S 108 -4.91 29.97 68.32
N SER S 109 -5.60 29.09 69.04
CA SER S 109 -6.54 29.52 70.09
C SER S 109 -5.97 29.09 71.42
N ILE S 110 -5.67 30.07 72.28
CA ILE S 110 -4.98 29.77 73.55
C ILE S 110 -5.99 29.91 74.69
N GLY S 111 -6.24 28.80 75.39
CA GLY S 111 -7.25 28.75 76.42
C GLY S 111 -6.96 29.65 77.61
N ALA S 112 -8.01 29.99 78.36
CA ALA S 112 -7.85 30.81 79.55
C ALA S 112 -6.90 30.13 80.57
N ASN S 113 -6.10 30.94 81.25
CA ASN S 113 -5.28 30.46 82.38
C ASN S 113 -4.48 29.20 82.03
N SER S 114 -3.81 29.21 80.89
CA SER S 114 -3.04 28.04 80.54
C SER S 114 -1.76 28.34 79.79
N GLU S 115 -0.82 27.41 79.92
CA GLU S 115 0.46 27.45 79.22
C GLU S 115 0.21 26.97 77.80
N PHE S 116 0.97 27.49 76.85
CA PHE S 116 0.75 27.14 75.46
C PHE S 116 2.05 27.33 74.71
N GLU S 117 2.30 26.44 73.73
CA GLU S 117 3.48 26.52 72.85
C GLU S 117 3.08 27.07 71.49
N ILE S 118 3.54 28.27 71.15
CA ILE S 118 3.29 28.82 69.83
C ILE S 118 4.41 28.30 68.92
N TYR S 119 4.05 27.56 67.89
CA TYR S 119 5.02 27.11 66.91
C TYR S 119 4.96 28.04 65.70
N ASP S 120 6.11 28.38 65.15
CA ASP S 120 6.14 29.21 63.97
C ASP S 120 7.26 28.79 63.05
N ILE S 121 7.21 29.26 61.81
CA ILE S 121 8.21 28.84 60.82
C ILE S 121 8.72 30.10 60.15
N PHE S 122 10.02 30.18 59.98
CA PHE S 122 10.63 31.40 59.47
C PHE S 122 11.79 31.04 58.57
N THR S 123 11.69 31.39 57.28
CA THR S 123 12.81 31.19 56.38
C THR S 123 13.69 32.42 56.36
N LYS S 124 14.91 32.30 56.87
CA LYS S 124 15.85 33.43 56.81
C LYS S 124 16.60 33.38 55.50
N GLU S 125 16.05 34.04 54.47
CA GLU S 125 16.70 34.24 53.19
C GLU S 125 16.20 35.56 52.64
N GLN S 126 16.99 36.18 51.77
CA GLN S 126 16.57 37.41 51.08
C GLN S 126 15.99 38.49 52.00
N GLY S 127 16.58 38.66 53.18
CA GLY S 127 16.15 39.70 54.08
C GLY S 127 14.77 39.56 54.68
N ASN S 128 14.25 38.33 54.71
CA ASN S 128 12.92 38.07 55.26
C ASN S 128 12.89 38.57 56.72
N ILE S 129 11.75 39.08 57.18
CA ILE S 129 11.64 39.66 58.51
C ILE S 129 10.58 38.94 59.30
N TYR S 130 10.96 38.34 60.43
CA TYR S 130 9.99 37.59 61.24
C TYR S 130 9.05 38.57 61.96
N TYR S 131 7.77 38.22 62.05
CA TYR S 131 6.77 39.13 62.64
C TYR S 131 5.63 38.34 63.26
N ILE S 132 5.31 38.64 64.52
CA ILE S 132 4.12 38.08 65.12
C ILE S 132 3.61 39.05 66.18
N GLN S 133 2.30 39.20 66.25
CA GLN S 133 1.69 39.98 67.30
C GLN S 133 1.24 39.11 68.47
N LEU S 134 1.24 39.68 69.68
CA LEU S 134 0.89 38.99 70.90
C LEU S 134 -0.12 39.85 71.68
N PRO S 135 -1.29 39.29 71.99
CA PRO S 135 -2.38 40.05 72.61
C PRO S 135 -2.16 40.26 74.10
N PRO S 136 -2.83 41.27 74.67
CA PRO S 136 -2.74 41.61 76.09
C PRO S 136 -3.02 40.39 76.97
N GLY S 137 -2.26 40.24 78.05
CA GLY S 137 -2.52 39.18 79.01
C GLY S 137 -1.66 37.96 78.79
N LEU S 138 -0.97 37.88 77.63
CA LEU S 138 -0.03 36.79 77.40
C LEU S 138 1.29 37.08 78.10
N ALA S 139 1.74 36.12 78.90
CA ALA S 139 3.07 36.15 79.49
C ALA S 139 3.98 35.42 78.50
N ILE S 140 5.15 36.01 78.22
N ILE S 140 5.15 35.99 78.22
CA ILE S 140 6.13 35.39 77.32
CA ILE S 140 6.10 35.37 77.30
C ILE S 140 7.24 34.79 78.16
C ILE S 140 7.25 34.79 78.12
N LEU S 141 7.34 33.46 78.17
CA LEU S 141 8.30 32.79 79.05
C LEU S 141 9.62 32.46 78.37
N GLU S 142 9.55 32.00 77.12
CA GLU S 142 10.74 31.60 76.37
C GLU S 142 10.54 31.87 74.89
N PHE S 143 11.63 32.13 74.19
CA PHE S 143 11.57 32.31 72.75
C PHE S 143 12.77 31.61 72.15
N SER S 144 12.51 30.67 71.23
CA SER S 144 13.52 29.76 70.72
C SER S 144 13.53 29.81 69.19
N LEU S 145 14.73 29.96 68.64
CA LEU S 145 14.93 29.89 67.17
C LEU S 145 15.85 28.73 66.91
N GLU S 146 15.42 27.71 66.18
CA GLU S 146 16.31 26.59 65.87
C GLU S 146 16.14 26.20 64.41
N ARG S 147 17.25 25.85 63.76
CA ARG S 147 17.18 25.37 62.38
C ARG S 147 16.71 23.92 62.36
N VAL S 148 15.72 23.61 61.53
CA VAL S 148 15.23 22.23 61.42
C VAL S 148 15.96 21.51 60.30
N PHE S 149 15.95 20.19 60.27
CA PHE S 149 16.68 19.50 59.21
C PHE S 149 18.17 19.59 59.50
N GLU S 150 18.50 20.01 60.72
CA GLU S 150 19.84 19.84 61.26
C GLU S 150 19.75 18.66 62.20
N LYS S 151 20.73 17.77 62.15
CA LYS S 151 20.80 16.75 63.18
C LYS S 151 19.57 15.86 63.14
N GLY S 152 18.96 15.79 61.95
CA GLY S 152 17.86 14.88 61.72
C GLY S 152 16.56 15.33 62.34
N ASN S 153 16.45 16.61 62.69
CA ASN S 153 15.17 17.11 63.18
C ASN S 153 14.13 17.34 62.08
N ARG S 154 12.88 17.46 62.47
CA ARG S 154 11.81 17.64 61.51
C ARG S 154 10.94 18.76 62.04
N ILE S 155 10.07 19.28 61.18
CA ILE S 155 9.00 20.13 61.64
C ILE S 155 7.92 19.20 62.15
N ASN S 156 7.44 19.42 63.37
CA ASN S 156 6.39 18.59 63.96
C ASN S 156 5.48 19.46 64.83
N ILE S 157 4.53 20.11 64.18
CA ILE S 157 3.57 20.98 64.88
C ILE S 157 2.29 20.17 65.12
N PRO S 158 1.81 20.15 66.37
CA PRO S 158 0.65 19.35 66.72
C PRO S 158 -0.63 19.91 66.05
N LYS S 159 -1.74 19.21 66.18
CA LYS S 159 -2.98 19.62 65.51
C LYS S 159 -3.66 20.81 66.23
N ILE S 160 -3.18 22.02 65.94
CA ILE S 160 -3.62 23.20 66.68
C ILE S 160 -3.81 24.41 65.75
N ILE S 161 -3.51 24.22 64.47
CA ILE S 161 -3.61 25.31 63.50
C ILE S 161 -5.06 25.42 63.02
N HIS S 162 -5.67 26.58 63.20
CA HIS S 162 -7.06 26.75 62.78
C HIS S 162 -7.18 27.48 61.46
N THR S 163 -8.01 26.96 60.56
CA THR S 163 -8.32 27.68 59.32
C THR S 163 -9.79 27.63 59.07
N SER S 164 -10.30 28.65 58.39
CA SER S 164 -11.69 28.60 57.98
C SER S 164 -11.83 28.71 56.46
N GLY S 165 -10.73 28.45 55.77
CA GLY S 165 -10.80 28.36 54.32
C GLY S 165 -9.71 29.09 53.55
N ASN S 166 -8.87 29.81 54.28
CA ASN S 166 -7.70 30.41 53.65
C ASN S 166 -6.51 30.38 54.58
N GLY S 167 -5.33 30.67 54.04
CA GLY S 167 -4.10 30.62 54.82
C GLY S 167 -2.96 30.08 53.98
N TYR S 168 -1.75 30.40 54.37
CA TYR S 168 -0.55 29.94 53.68
C TYR S 168 0.50 29.58 54.70
N ILE S 169 1.30 28.57 54.36
CA ILE S 169 2.52 28.30 55.08
C ILE S 169 3.60 28.06 54.02
N SER S 170 4.74 28.73 54.13
CA SER S 170 5.83 28.51 53.16
C SER S 170 7.08 28.11 53.90
N PHE S 171 7.95 27.35 53.25
CA PHE S 171 9.22 26.99 53.85
C PHE S 171 10.20 26.57 52.77
N ARG S 172 11.49 26.66 53.06
CA ARG S 172 12.51 26.28 52.12
C ARG S 172 12.99 24.88 52.47
N LEU S 173 13.09 24.00 51.47
CA LEU S 173 13.66 22.67 51.69
C LEU S 173 14.86 22.50 50.79
N ARG S 174 15.99 22.06 51.35
CA ARG S 174 17.15 21.79 50.53
C ARG S 174 16.94 20.44 49.87
N LYS S 175 17.86 20.05 49.00
CA LYS S 175 17.70 18.82 48.23
C LYS S 175 17.38 17.64 49.14
N GLY S 176 16.53 16.75 48.66
CA GLY S 176 16.13 15.58 49.43
C GLY S 176 14.71 15.21 49.05
N THR S 177 14.21 14.08 49.57
CA THR S 177 12.80 13.74 49.42
C THR S 177 12.14 13.90 50.79
N TYR S 178 10.94 14.47 50.82
CA TYR S 178 10.32 14.78 52.09
C TYR S 178 8.89 14.27 52.15
N ALA S 179 8.46 13.89 53.34
CA ALA S 179 7.06 13.60 53.61
C ALA S 179 6.46 14.84 54.26
N ILE S 180 5.25 15.20 53.85
CA ILE S 180 4.50 16.28 54.48
C ILE S 180 3.23 15.66 54.98
N LYS S 181 3.05 15.67 56.28
CA LYS S 181 1.93 14.97 56.89
C LYS S 181 1.11 15.98 57.63
N MET S 182 -0.19 16.01 57.36
N MET S 182 -0.19 15.99 57.38
CA MET S 182 -1.09 16.95 58.03
CA MET S 182 -1.08 16.94 58.03
C MET S 182 -2.30 16.26 58.63
C MET S 182 -2.30 16.26 58.63
N PRO S 183 -2.22 15.91 59.93
CA PRO S 183 -3.39 15.36 60.62
C PRO S 183 -4.41 16.48 60.70
N TYR S 184 -5.68 16.19 60.50
CA TYR S 184 -6.68 17.24 60.55
C TYR S 184 -7.99 16.77 61.17
N SER S 185 -8.77 17.73 61.64
CA SER S 185 -10.14 17.50 62.06
C SER S 185 -10.95 18.62 61.45
N TYR S 186 -12.21 18.34 61.13
CA TYR S 186 -13.07 19.37 60.56
C TYR S 186 -14.46 19.29 61.15
N ASN S 187 -15.16 20.40 61.08
CA ASN S 187 -16.56 20.43 61.45
C ASN S 187 -17.30 21.08 60.28
N ASN S 188 -18.13 20.31 59.61
CA ASN S 188 -18.97 20.86 58.54
C ASN S 188 -20.30 21.35 59.09
N THR S 189 -20.54 22.65 58.95
CA THR S 189 -21.78 23.26 59.44
C THR S 189 -22.77 23.45 58.30
N THR S 190 -22.40 23.06 57.10
CA THR S 190 -23.29 23.25 55.95
C THR S 190 -24.20 22.02 55.80
N SER S 191 -25.26 22.17 55.01
CA SER S 191 -26.12 21.05 54.66
C SER S 191 -25.69 20.45 53.32
N THR S 192 -24.46 20.75 52.91
CA THR S 192 -23.91 20.21 51.68
C THR S 192 -22.91 19.12 51.97
N THR S 193 -23.05 18.00 51.29
CA THR S 193 -22.05 16.95 51.33
C THR S 193 -21.07 17.22 50.21
N PHE S 194 -19.84 17.58 50.55
CA PHE S 194 -18.82 17.82 49.56
C PHE S 194 -18.18 16.53 49.13
N THR S 195 -18.04 16.38 47.83
CA THR S 195 -17.33 15.24 47.31
C THR S 195 -16.04 15.73 46.65
N ASN S 196 -14.97 14.97 46.83
CA ASN S 196 -13.65 15.40 46.35
C ASN S 196 -13.33 16.82 46.75
N PHE S 197 -13.53 17.08 48.04
CA PHE S 197 -13.30 18.36 48.64
C PHE S 197 -11.81 18.63 48.58
N GLN S 198 -11.42 19.68 47.88
CA GLN S 198 -10.03 20.12 47.97
C GLN S 198 -9.80 21.06 49.13
N PHE S 199 -9.02 20.61 50.11
CA PHE S 199 -8.73 21.40 51.29
C PHE S 199 -7.69 22.44 50.93
N GLY S 200 -6.69 22.03 50.15
CA GLY S 200 -5.60 22.93 49.84
C GLY S 200 -4.64 22.32 48.85
N THR S 201 -3.49 22.95 48.69
CA THR S 201 -2.49 22.47 47.74
C THR S 201 -1.12 22.64 48.34
N ILE S 202 -0.21 21.75 47.96
CA ILE S 202 1.20 21.96 48.23
C ILE S 202 1.90 22.12 46.90
N SER S 203 2.70 23.17 46.77
CA SER S 203 3.36 23.42 45.50
C SER S 203 4.77 23.97 45.63
N THR S 204 5.55 23.75 44.59
CA THR S 204 6.78 24.48 44.32
C THR S 204 6.43 25.26 43.07
N SER S 205 7.39 25.97 42.50
CA SER S 205 7.10 26.73 41.28
C SER S 205 6.36 25.95 40.18
N ALA S 207 5.01 22.57 40.03
CA ALA S 207 4.51 21.32 40.61
C ALA S 207 3.52 21.58 41.74
N THR S 208 2.34 20.95 41.65
CA THR S 208 1.24 21.17 42.58
C THR S 208 0.60 19.85 43.01
N ILE S 209 0.39 19.69 44.32
CA ILE S 209 -0.26 18.49 44.84
C ILE S 209 -1.52 18.86 45.58
N PRO S 210 -2.70 18.49 45.03
CA PRO S 210 -3.95 18.80 45.74
C PRO S 210 -4.10 17.93 47.00
N LEU S 211 -4.64 18.51 48.07
CA LEU S 211 -4.97 17.76 49.26
C LEU S 211 -6.49 17.58 49.27
N VAL S 212 -6.95 16.36 48.99
CA VAL S 212 -8.35 16.11 48.70
C VAL S 212 -8.96 15.10 49.66
N ILE S 213 -10.17 15.39 50.12
CA ILE S 213 -10.96 14.48 50.93
C ILE S 213 -12.12 13.91 50.11
N SER S 214 -12.22 12.58 50.05
CA SER S 214 -13.24 11.90 49.25
C SER S 214 -14.64 12.46 49.45
N SER S 215 -15.07 12.52 50.72
CA SER S 215 -16.36 13.08 51.04
C SER S 215 -16.38 13.66 52.44
N ILE S 216 -17.10 14.77 52.58
CA ILE S 216 -17.35 15.40 53.87
C ILE S 216 -18.86 15.48 53.98
N PRO S 217 -19.46 14.58 54.79
CA PRO S 217 -20.92 14.49 54.99
C PRO S 217 -21.49 15.80 55.50
N ALA S 218 -22.73 16.08 55.15
CA ALA S 218 -23.43 17.27 55.64
C ALA S 218 -23.47 17.26 57.17
N ASN S 219 -23.31 18.44 57.76
CA ASN S 219 -23.36 18.58 59.21
C ASN S 219 -22.43 17.64 59.97
N GLY S 220 -21.50 17.04 59.27
CA GLY S 220 -20.63 16.06 59.89
C GLY S 220 -19.38 16.70 60.48
N SER S 221 -18.73 15.95 61.35
CA SER S 221 -17.38 16.27 61.77
C SER S 221 -16.57 15.03 61.53
N GLY S 222 -15.27 15.17 61.30
CA GLY S 222 -14.43 14.04 60.98
C GLY S 222 -12.99 14.41 61.16
N SER S 223 -12.12 13.43 60.96
CA SER S 223 -10.70 13.65 61.08
C SER S 223 -10.00 12.70 60.12
N GLY S 224 -8.77 13.01 59.79
CA GLY S 224 -7.97 12.17 58.92
C GLY S 224 -6.58 12.74 58.88
N THR S 225 -5.80 12.29 57.89
CA THR S 225 -4.44 12.76 57.74
C THR S 225 -4.07 12.86 56.27
N PHE S 226 -3.59 14.02 55.85
CA PHE S 226 -3.01 14.13 54.51
C PHE S 226 -1.56 13.70 54.61
N LEU S 227 -1.10 12.94 53.64
CA LEU S 227 0.29 12.51 53.61
C LEU S 227 0.74 12.53 52.18
N VAL S 228 1.61 13.48 51.84
CA VAL S 228 2.14 13.55 50.48
C VAL S 228 3.65 13.66 50.52
N TYR S 229 4.27 13.49 49.37
CA TYR S 229 5.73 13.53 49.34
C TYR S 229 6.21 14.44 48.24
N LEU S 230 7.34 15.11 48.49
CA LEU S 230 7.97 15.99 47.51
C LEU S 230 9.38 15.54 47.26
N LYS S 231 9.73 15.33 46.00
CA LYS S 231 11.16 15.15 45.68
C LYS S 231 11.78 16.51 45.33
N ILE S 232 12.58 17.05 46.26
CA ILE S 232 13.25 18.31 46.00
C ILE S 232 14.60 18.02 45.37
N THR S 233 14.70 18.16 44.05
CA THR S 233 15.97 18.04 43.35
C THR S 233 16.99 19.02 43.91
N GLY S 234 16.52 20.24 44.17
CA GLY S 234 17.33 21.27 44.78
C GLY S 234 17.35 22.57 44.00
N ASP S 235 16.88 22.55 42.76
CA ASP S 235 16.80 23.78 41.97
C ASP S 235 15.53 24.60 42.28
N TYR S 236 14.55 23.98 42.92
CA TYR S 236 13.34 24.68 43.37
C TYR S 236 13.12 24.28 44.81
N GLU S 237 13.44 25.19 45.73
CA GLU S 237 13.44 24.82 47.14
C GLU S 237 12.30 25.42 47.97
N ASP S 238 11.66 26.45 47.44
CA ASP S 238 10.61 27.11 48.22
C ASP S 238 9.29 26.41 48.03
N VAL S 239 8.74 25.91 49.13
CA VAL S 239 7.50 25.13 49.08
C VAL S 239 6.39 25.98 49.65
N LYS S 240 5.21 25.92 49.03
CA LYS S 240 4.10 26.72 49.52
C LYS S 240 2.88 25.84 49.76
N PHE S 241 2.34 25.90 50.98
CA PHE S 241 1.07 25.27 51.30
C PHE S 241 -0.01 26.34 51.30
N SER S 242 -1.12 26.10 50.58
CA SER S 242 -2.24 27.04 50.53
C SER S 242 -3.52 26.33 50.92
N VAL S 243 -4.31 26.94 51.81
CA VAL S 243 -5.67 26.48 52.06
C VAL S 243 -6.54 27.15 50.99
N THR S 244 -7.33 26.35 50.28
CA THR S 244 -8.01 26.87 49.10
C THR S 244 -9.52 26.76 49.12
N TYR S 245 -10.09 26.11 50.12
CA TYR S 245 -11.53 25.84 50.05
C TYR S 245 -12.45 27.05 50.22
N GLY S 246 -11.91 28.17 50.72
CA GLY S 246 -12.67 29.41 50.73
C GLY S 246 -13.19 29.87 52.08
N GLY S 247 -12.87 31.11 52.43
CA GLY S 247 -13.10 31.63 53.77
C GLY S 247 -14.49 31.54 54.36
N GLY S 248 -15.51 31.65 53.52
CA GLY S 248 -16.86 31.72 54.05
C GLY S 248 -17.64 30.42 53.95
N LEU S 249 -16.95 29.32 53.66
CA LEU S 249 -17.64 28.06 53.38
C LEU S 249 -18.41 27.48 54.57
N GLY S 250 -17.87 27.63 55.78
CA GLY S 250 -18.54 27.10 56.97
C GLY S 250 -18.06 25.70 57.33
N VAL S 251 -16.82 25.41 56.96
CA VAL S 251 -16.18 24.16 57.33
C VAL S 251 -14.83 24.45 57.98
N PRO S 252 -14.83 24.82 59.26
CA PRO S 252 -13.54 25.07 59.92
C PRO S 252 -12.73 23.77 60.06
N PHE S 253 -11.44 23.87 59.82
CA PHE S 253 -10.50 22.77 60.03
C PHE S 253 -9.51 23.14 61.13
N THR S 254 -9.03 22.13 61.85
CA THR S 254 -7.85 22.27 62.70
C THR S 254 -6.87 21.23 62.22
N PHE S 255 -5.61 21.62 61.98
CA PHE S 255 -4.64 20.67 61.48
C PHE S 255 -3.26 20.84 62.09
N GLY S 256 -2.44 19.82 61.93
CA GLY S 256 -1.06 19.84 62.38
C GLY S 256 -0.19 19.83 61.13
N LEU S 257 1.11 19.91 61.31
CA LEU S 257 2.04 19.92 60.17
C LEU S 257 3.33 19.25 60.56
N GLU S 258 3.67 18.23 59.79
CA GLU S 258 4.88 17.48 60.03
C GLU S 258 5.61 17.43 58.70
N VAL S 259 6.85 17.88 58.68
CA VAL S 259 7.66 17.86 57.44
C VAL S 259 8.96 17.19 57.79
N GLU S 260 9.29 16.11 57.08
CA GLU S 260 10.44 15.31 57.49
C GLU S 260 11.11 14.67 56.30
N GLU S 261 12.42 14.51 56.37
N GLU S 261 12.42 14.52 56.37
CA GLU S 261 13.16 13.90 55.27
CA GLU S 261 13.17 13.87 55.31
C GLU S 261 12.98 12.39 55.29
C GLU S 261 12.88 12.38 55.30
N ILE S 262 12.82 11.78 54.11
CA ILE S 262 12.68 10.32 54.02
C ILE S 262 13.73 9.74 53.09
N ASN S 263 13.95 8.42 53.21
CA ASN S 263 14.78 7.71 52.26
C ASN S 263 13.86 7.18 51.17
N GLU S 264 14.43 6.62 50.11
CA GLU S 264 13.59 6.25 48.98
C GLU S 264 12.45 5.32 49.43
N LEU S 265 11.25 5.60 48.96
CA LEU S 265 10.07 4.81 49.33
C LEU S 265 9.43 4.27 48.06
N VAL S 266 9.60 2.99 47.81
CA VAL S 266 8.90 2.33 46.72
C VAL S 266 7.52 1.97 47.20
N GLU S 267 6.52 2.71 46.72
CA GLU S 267 5.16 2.52 47.18
C GLU S 267 4.57 1.22 46.68
N ASN S 268 4.90 0.87 45.44
CA ASN S 268 4.52 -0.41 44.91
C ASN S 268 5.21 -0.67 43.57
N THR S 269 5.23 -1.91 43.17
CA THR S 269 5.83 -2.29 41.91
C THR S 269 4.77 -3.13 41.23
N ASN S 270 4.55 -2.89 39.95
CA ASN S 270 3.40 -3.48 39.28
C ASN S 270 3.72 -3.96 37.87
N PHE S 271 3.14 -5.10 37.52
CA PHE S 271 3.12 -5.62 36.17
C PHE S 271 1.73 -5.28 35.67
N VAL S 272 1.67 -4.53 34.57
CA VAL S 272 0.37 -4.08 34.07
C VAL S 272 0.27 -4.36 32.58
N THR S 273 -0.95 -4.50 32.10
CA THR S 273 -1.18 -4.87 30.72
C THR S 273 -2.23 -3.94 30.14
N GLN S 274 -2.08 -3.60 28.86
CA GLN S 274 -2.99 -2.69 28.23
C GLN S 274 -3.13 -3.05 26.76
N SER S 275 -4.36 -3.25 26.30
CA SER S 275 -4.61 -3.53 24.89
C SER S 275 -5.03 -2.28 24.14
N VAL S 276 -4.66 -2.24 22.87
CA VAL S 276 -5.01 -1.13 22.00
C VAL S 276 -5.42 -1.71 20.67
N THR S 277 -6.59 -1.30 20.19
CA THR S 277 -7.08 -1.79 18.91
C THR S 277 -6.88 -0.73 17.84
N LEU S 278 -6.20 -1.12 16.76
CA LEU S 278 -5.85 -0.18 15.68
C LEU S 278 -6.67 -0.45 14.45
N SER S 279 -7.23 0.60 13.87
CA SER S 279 -8.06 0.44 12.68
C SER S 279 -7.86 1.57 11.68
N GLY S 280 -6.60 1.92 11.40
CA GLY S 280 -6.27 2.87 10.36
C GLY S 280 -5.85 4.24 10.85
N SER S 281 -6.12 4.55 12.11
CA SER S 281 -5.83 5.87 12.65
C SER S 281 -4.87 5.81 13.82
N GLN S 282 -4.06 6.85 13.96
CA GLN S 282 -3.16 6.93 15.10
C GLN S 282 -3.96 6.99 16.40
N VAL S 283 -3.51 6.24 17.39
CA VAL S 283 -4.13 6.26 18.70
C VAL S 283 -3.07 6.63 19.71
N THR S 284 -3.41 7.55 20.62
CA THR S 284 -2.56 7.88 21.75
C THR S 284 -3.27 7.40 23.00
N GLN S 285 -2.71 6.37 23.62
CA GLN S 285 -3.36 5.75 24.76
C GLN S 285 -2.58 6.03 26.05
N SER S 286 -3.22 6.70 27.01
CA SER S 286 -2.60 6.93 28.31
C SER S 286 -2.47 5.60 29.04
N ILE S 287 -1.30 5.32 29.59
CA ILE S 287 -1.12 4.11 30.38
C ILE S 287 -1.16 4.46 31.85
N LEU S 288 -0.47 5.53 32.20
N LEU S 288 -0.46 5.52 32.21
CA LEU S 288 -0.29 5.94 33.58
CA LEU S 288 -0.39 5.93 33.61
C LEU S 288 -0.01 7.43 33.65
C LEU S 288 0.01 7.39 33.70
N ASN S 289 -0.66 8.11 34.59
CA ASN S 289 -0.36 9.50 34.84
C ASN S 289 -0.49 9.76 36.33
N VAL S 290 0.62 9.98 37.02
CA VAL S 290 0.55 10.23 38.46
C VAL S 290 0.96 11.66 38.83
N GLN S 291 0.88 12.57 37.86
CA GLN S 291 1.21 13.96 38.13
C GLN S 291 0.28 14.50 39.22
N GLY S 292 0.86 15.19 40.21
CA GLY S 292 0.07 15.81 41.26
C GLY S 292 -0.35 14.87 42.37
N SER S 293 0.14 13.64 42.33
CA SER S 293 -0.20 12.62 43.33
C SER S 293 0.78 12.56 44.50
N GLY S 294 1.92 13.23 44.40
CA GLY S 294 2.94 13.11 45.42
C GLY S 294 3.82 11.88 45.16
N SER S 295 3.86 11.43 43.91
CA SER S 295 4.70 10.30 43.54
C SER S 295 5.18 10.42 42.11
N HIS S 296 6.11 9.53 41.74
CA HIS S 296 6.56 9.44 40.36
C HIS S 296 6.79 7.98 39.99
N LEU S 297 7.33 7.74 38.79
CA LEU S 297 7.42 6.40 38.25
C LEU S 297 8.84 6.05 37.88
N ARG S 298 9.10 4.76 37.75
CA ARG S 298 10.33 4.26 37.16
C ARG S 298 9.96 3.05 36.34
N LEU S 299 10.34 3.03 35.07
CA LEU S 299 9.96 1.93 34.16
C LEU S 299 11.11 0.95 34.04
N LYS S 300 10.81 -0.34 34.21
CA LYS S 300 11.86 -1.36 34.27
C LYS S 300 11.89 -2.26 33.03
N TYR S 301 10.71 -2.50 32.47
CA TYR S 301 10.58 -3.45 31.36
C TYR S 301 9.30 -3.19 30.60
N ALA S 302 9.34 -3.34 29.27
CA ALA S 302 8.11 -3.25 28.48
C ALA S 302 8.18 -4.20 27.30
N SER S 303 7.02 -4.68 26.88
CA SER S 303 6.94 -5.61 25.75
C SER S 303 5.61 -5.46 25.07
N VAL S 304 5.57 -5.68 23.76
CA VAL S 304 4.33 -5.58 23.03
C VAL S 304 4.12 -6.86 22.25
N SER S 305 2.96 -7.48 22.42
CA SER S 305 2.64 -8.66 21.65
C SER S 305 1.57 -8.32 20.61
N GLY S 306 1.55 -9.06 19.51
CA GLY S 306 0.56 -8.85 18.48
C GLY S 306 1.02 -7.96 17.34
N LEU S 307 2.29 -7.56 17.37
CA LEU S 307 2.86 -6.78 16.28
C LEU S 307 2.87 -7.57 14.97
N THR S 308 2.42 -6.93 13.91
CA THR S 308 2.50 -7.47 12.56
C THR S 308 2.92 -6.36 11.63
N THR S 309 3.15 -6.70 10.37
CA THR S 309 3.49 -5.69 9.37
C THR S 309 2.36 -4.69 9.19
N ALA S 310 1.19 -5.01 9.73
CA ALA S 310 0.04 -4.12 9.66
C ALA S 310 0.16 -2.95 10.67
N VAL S 311 1.12 -3.05 11.59
CA VAL S 311 1.37 -2.00 12.58
C VAL S 311 2.53 -1.13 12.09
N THR S 312 2.27 0.16 11.94
CA THR S 312 3.25 1.08 11.35
C THR S 312 3.91 1.94 12.42
N GLN S 313 3.26 2.05 13.58
CA GLN S 313 3.83 2.82 14.66
C GLN S 313 3.48 2.22 16.00
N CYS S 314 4.46 2.12 16.88
CA CYS S 314 4.22 1.63 18.22
C CYS S 314 5.35 2.15 19.09
N GLN S 315 5.11 3.29 19.73
CA GLN S 315 6.13 3.95 20.54
C GLN S 315 5.61 4.17 21.94
N LEU S 316 6.39 3.74 22.93
CA LEU S 316 6.15 4.08 24.32
C LEU S 316 6.80 5.43 24.59
N GLN S 317 6.05 6.34 25.21
CA GLN S 317 6.55 7.68 25.49
C GLN S 317 6.31 8.03 26.94
N ALA S 318 7.14 8.91 27.47
CA ALA S 318 7.08 9.24 28.87
C ALA S 318 7.54 10.66 29.04
N THR S 319 7.19 11.26 30.17
CA THR S 319 7.73 12.55 30.49
C THR S 319 7.50 12.86 31.95
N ASN S 320 8.25 13.85 32.44
CA ASN S 320 7.94 14.55 33.67
C ASN S 320 7.09 15.76 33.31
N LEU S 321 5.78 15.65 33.52
CA LEU S 321 4.83 16.67 33.10
C LEU S 321 5.01 18.00 33.81
N ASN S 322 5.66 17.95 34.97
CA ASN S 322 5.98 19.17 35.72
C ASN S 322 7.16 19.91 35.08
N ARG S 323 7.88 19.23 34.20
CA ARG S 323 8.98 19.85 33.48
C ARG S 323 8.59 20.16 32.04
N SER S 324 7.85 19.24 31.41
CA SER S 324 7.52 19.35 29.99
C SER S 324 6.24 18.60 29.64
N THR S 325 5.38 19.23 28.84
CA THR S 325 4.15 18.60 28.36
C THR S 325 4.39 17.81 27.08
N THR S 326 5.60 17.91 26.54
CA THR S 326 5.96 17.13 25.36
C THR S 326 6.56 15.79 25.77
N TYR S 327 5.93 14.71 25.32
CA TYR S 327 6.38 13.38 25.67
C TYR S 327 7.57 13.00 24.82
N SER S 328 8.55 12.30 25.39
CA SER S 328 9.60 11.77 24.54
C SER S 328 9.47 10.26 24.41
N THR S 329 9.82 9.75 23.23
CA THR S 329 9.80 8.32 23.01
C THR S 329 10.90 7.68 23.85
N VAL S 330 10.55 6.65 24.61
CA VAL S 330 11.52 5.92 25.42
C VAL S 330 11.80 4.52 24.87
N TRP S 331 10.89 4.04 24.03
CA TRP S 331 11.14 2.82 23.28
C TRP S 331 10.26 2.74 22.04
N ASP S 332 10.85 2.33 20.94
CA ASP S 332 10.11 2.15 19.70
C ASP S 332 10.09 0.66 19.39
N PHE S 333 8.91 0.05 19.51
CA PHE S 333 8.80 -1.40 19.39
C PHE S 333 8.95 -1.87 17.96
N ILE S 334 8.76 -0.96 17.00
CA ILE S 334 8.99 -1.31 15.60
C ILE S 334 10.48 -1.26 15.29
N ALA S 335 11.09 -0.11 15.57
CA ALA S 335 12.50 0.11 15.26
C ALA S 335 13.44 -0.69 16.18
N GLY S 336 13.07 -0.85 17.45
CA GLY S 336 13.94 -1.50 18.40
C GLY S 336 13.65 -2.95 18.74
N GLY S 337 12.45 -3.43 18.38
CA GLY S 337 12.08 -4.79 18.72
C GLY S 337 10.98 -4.87 19.76
N SER S 338 10.36 -6.04 19.87
CA SER S 338 9.13 -6.21 20.66
C SER S 338 9.29 -6.10 22.19
N SER S 339 10.52 -6.12 22.68
CA SER S 339 10.72 -5.94 24.12
C SER S 339 11.97 -5.14 24.42
N THR S 340 11.98 -4.49 25.58
CA THR S 340 13.08 -3.63 25.99
C THR S 340 14.27 -4.46 26.47
N PRO S 341 15.49 -3.93 26.24
CA PRO S 341 16.71 -4.65 26.63
C PRO S 341 16.99 -4.55 28.13
N PRO S 342 17.90 -5.37 28.64
CA PRO S 342 18.18 -5.41 30.09
C PRO S 342 18.57 -4.06 30.68
N SER S 343 19.28 -3.22 29.94
CA SER S 343 19.75 -1.95 30.51
C SER S 343 18.72 -0.84 30.49
N TRP S 344 17.55 -1.11 29.92
CA TRP S 344 16.50 -0.11 29.77
C TRP S 344 15.87 0.18 31.11
N ASP S 345 15.91 1.44 31.50
CA ASP S 345 15.46 1.85 32.83
C ASP S 345 15.11 3.32 32.70
N ILE S 346 13.83 3.64 32.86
CA ILE S 346 13.39 5.01 32.67
C ILE S 346 13.03 5.65 34.01
N ARG S 347 13.80 6.65 34.42
CA ARG S 347 13.61 7.27 35.73
C ARG S 347 13.03 8.68 35.60
N GLU S 348 12.51 9.19 36.70
CA GLU S 348 12.11 10.59 36.80
C GLU S 348 11.09 10.99 35.75
N ILE S 349 10.02 10.21 35.67
CA ILE S 349 8.88 10.50 34.83
C ILE S 349 7.63 10.33 35.68
N ASN S 350 6.52 10.91 35.25
CA ASN S 350 5.28 10.73 36.00
C ASN S 350 4.08 10.50 35.08
N SER S 351 4.36 10.30 33.79
CA SER S 351 3.27 10.03 32.86
C SER S 351 3.79 9.23 31.69
N ILE S 352 3.03 8.20 31.31
CA ILE S 352 3.42 7.25 30.26
C ILE S 352 2.26 7.11 29.28
N GLN S 353 2.55 7.10 27.98
CA GLN S 353 1.51 6.83 27.00
C GLN S 353 2.08 5.97 25.87
N LEU S 354 1.19 5.28 25.19
CA LEU S 354 1.56 4.51 24.01
C LEU S 354 0.95 5.18 22.80
N VAL S 355 1.79 5.50 21.82
CA VAL S 355 1.31 6.04 20.56
C VAL S 355 1.49 4.97 19.49
N ALA S 356 0.39 4.62 18.81
CA ALA S 356 0.41 3.52 17.84
C ALA S 356 -0.46 3.83 16.64
N ASN S 357 -0.15 3.16 15.53
CA ASN S 357 -0.94 3.33 14.33
C ASN S 357 -0.83 2.08 13.49
N GLY S 358 -1.86 1.81 12.68
CA GLY S 358 -1.87 0.62 11.86
C GLY S 358 -3.27 0.06 11.68
N GLY S 359 -3.36 -1.11 11.08
CA GLY S 359 -4.63 -1.72 10.80
C GLY S 359 -5.39 -0.92 9.76
N SER S 360 -6.65 -1.30 9.53
CA SER S 360 -7.48 -0.60 8.56
C SER S 360 -8.93 -0.56 9.04
N SER S 361 -9.74 0.25 8.38
CA SER S 361 -11.15 0.41 8.73
C SER S 361 -11.91 -0.89 8.57
N THR S 362 -11.32 -1.84 7.86
CA THR S 362 -11.97 -3.12 7.57
C THR S 362 -11.27 -4.29 8.26
N SER S 363 -10.05 -4.06 8.73
CA SER S 363 -9.26 -5.11 9.35
C SER S 363 -8.40 -4.53 10.47
N SER S 364 -8.94 -4.57 11.68
CA SER S 364 -8.28 -3.98 12.83
C SER S 364 -7.22 -4.92 13.42
N VAL S 365 -6.23 -4.34 14.07
CA VAL S 365 -5.18 -5.12 14.73
C VAL S 365 -5.16 -4.76 16.20
N THR S 366 -5.10 -5.76 17.06
CA THR S 366 -5.02 -5.52 18.49
C THR S 366 -3.65 -5.90 19.03
N ILE S 367 -2.99 -4.94 19.66
CA ILE S 367 -1.70 -5.18 20.28
C ILE S 367 -1.87 -5.06 21.77
N THR S 368 -0.99 -5.72 22.52
CA THR S 368 -1.04 -5.66 23.97
C THR S 368 0.31 -5.28 24.54
N LEU S 369 0.30 -4.20 25.32
CA LEU S 369 1.49 -3.71 25.99
C LEU S 369 1.53 -4.32 27.37
N ILE S 370 2.69 -4.82 27.77
CA ILE S 370 2.91 -5.13 29.18
C ILE S 370 4.04 -4.24 29.69
N LEU S 371 3.98 -3.90 30.98
CA LEU S 371 4.89 -2.92 31.50
C LEU S 371 5.12 -3.27 32.94
N VAL S 372 6.39 -3.25 33.36
CA VAL S 372 6.72 -3.36 34.78
C VAL S 372 7.25 -2.00 35.23
N TYR S 373 6.66 -1.45 36.27
CA TYR S 373 7.10 -0.16 36.76
C TYR S 373 7.01 -0.08 38.28
N GLU S 374 7.75 0.86 38.84
CA GLU S 374 7.69 1.14 40.25
C GLU S 374 7.01 2.48 40.41
N GLN S 375 6.20 2.62 41.44
CA GLN S 375 5.69 3.93 41.83
C GLN S 375 6.45 4.35 43.07
N ILE S 376 7.06 5.52 43.01
CA ILE S 376 8.01 5.96 44.02
C ILE S 376 7.54 7.26 44.64
N ALA S 377 7.66 7.36 45.96
CA ALA S 377 7.22 8.55 46.67
C ALA S 377 7.99 9.77 46.21
N GLY S 378 7.26 10.87 46.03
CA GLY S 378 7.87 12.17 45.78
C GLY S 378 7.40 12.78 44.48
N GLU S 379 6.66 13.89 44.59
CA GLU S 379 6.25 14.64 43.40
C GLU S 379 7.49 15.23 42.75
N LEU S 380 7.60 15.12 41.43
CA LEU S 380 8.75 15.66 40.71
C LEU S 380 8.62 17.17 40.59
N SER S 381 9.73 17.90 40.69
CA SER S 381 9.65 19.34 40.54
C SER S 381 9.78 19.83 39.09
N HIS S 382 9.39 21.09 38.89
CA HIS S 382 9.53 21.78 37.61
C HIS S 382 11.02 21.89 37.26
N HIS S 383 11.33 22.10 35.97
CA HIS S 383 12.70 22.43 35.55
C HIS S 383 12.67 23.27 34.28
N LEU T 6 0.46 16.51 97.45
CA LEU T 6 1.59 15.81 96.84
C LEU T 6 2.40 16.72 95.91
N GLY T 7 1.70 17.63 95.22
CA GLY T 7 2.36 18.60 94.36
C GLY T 7 3.01 19.72 95.13
N GLN T 8 4.12 20.26 94.62
CA GLN T 8 4.83 21.35 95.28
C GLN T 8 5.05 22.47 94.29
N SER T 9 5.27 23.69 94.79
CA SER T 9 5.70 24.76 93.90
C SER T 9 7.23 24.72 93.79
N PHE T 10 7.76 25.28 92.71
CA PHE T 10 9.19 25.38 92.53
C PHE T 10 9.55 26.59 91.68
N PRO T 11 10.68 27.25 92.00
CA PRO T 11 11.14 28.38 91.21
C PRO T 11 11.82 27.84 89.96
N ALA T 12 11.59 28.48 88.82
CA ALA T 12 12.13 27.97 87.57
C ALA T 12 12.61 29.07 86.65
N ASN T 13 13.23 30.10 87.21
CA ASN T 13 13.64 31.22 86.39
C ASN T 13 14.86 31.02 85.49
N ALA T 14 15.79 30.16 85.90
CA ALA T 14 17.08 30.08 85.27
C ALA T 14 17.05 29.20 84.02
N LYS T 15 17.91 29.54 83.06
CA LYS T 15 18.11 28.77 81.84
C LYS T 15 18.54 27.33 82.15
N VAL T 16 18.00 26.36 81.41
CA VAL T 16 18.37 24.96 81.60
C VAL T 16 19.72 24.71 80.95
N LYS T 17 20.52 23.85 81.59
CA LYS T 17 21.81 23.45 81.01
C LYS T 17 21.71 22.02 80.51
N TYR T 18 22.59 21.63 79.60
CA TYR T 18 22.56 20.26 79.08
C TYR T 18 23.44 19.33 79.89
N TYR T 19 24.17 19.91 80.84
CA TYR T 19 25.00 19.11 81.73
C TYR T 19 25.18 19.83 83.07
N TYR T 20 24.96 19.10 84.14
CA TYR T 20 25.15 19.68 85.47
C TYR T 20 26.06 18.79 86.28
N LYS T 21 27.06 19.37 86.92
CA LYS T 21 27.75 18.62 87.97
C LYS T 21 27.38 19.29 89.30
N LEU T 22 26.58 18.60 90.10
CA LEU T 22 25.89 19.29 91.18
C LEU T 22 26.77 19.56 92.37
N SER T 23 28.01 19.08 92.31
CA SER T 23 28.99 19.43 93.32
C SER T 23 29.66 20.78 92.98
N GLU T 24 29.28 21.39 91.85
CA GLU T 24 29.73 22.75 91.51
C GLU T 24 28.60 23.67 91.89
N LYS T 25 28.90 24.67 92.72
CA LYS T 25 27.91 25.61 93.22
C LYS T 25 27.07 26.25 92.11
N GLN T 26 27.71 26.73 91.05
CA GLN T 26 26.92 27.44 90.05
C GLN T 26 25.95 26.51 89.34
N ASP T 27 26.34 25.25 89.14
CA ASP T 27 25.42 24.28 88.53
C ASP T 27 24.27 23.96 89.47
N LEU T 28 24.59 23.76 90.75
CA LEU T 28 23.54 23.46 91.72
C LEU T 28 22.54 24.62 91.79
N ASP T 29 23.06 25.85 91.87
CA ASP T 29 22.19 27.03 91.96
C ASP T 29 21.22 27.13 90.78
N ALA T 30 21.69 26.84 89.58
CA ALA T 30 20.85 26.88 88.38
C ALA T 30 19.83 25.73 88.44
N PHE T 31 20.30 24.54 88.77
CA PHE T 31 19.49 23.32 88.86
C PHE T 31 18.24 23.52 89.72
N VAL T 32 18.41 24.12 90.89
CA VAL T 32 17.29 24.29 91.81
C VAL T 32 16.53 25.61 91.61
N ASN T 33 16.79 26.28 90.50
CA ASN T 33 16.01 27.43 90.07
C ASN T 33 15.61 27.21 88.62
N SER T 34 15.33 25.96 88.27
CA SER T 34 14.94 25.64 86.90
C SER T 34 14.18 24.33 86.78
N ILE T 35 14.79 23.24 87.23
CA ILE T 35 14.19 21.92 86.95
C ILE T 35 14.06 20.99 88.14
N PHE T 36 14.54 21.41 89.31
CA PHE T 36 14.43 20.58 90.50
C PHE T 36 13.28 20.99 91.38
N VAL T 37 12.48 20.02 91.79
CA VAL T 37 11.29 20.27 92.60
C VAL T 37 11.52 19.63 93.95
N GLY T 38 11.38 20.41 95.03
CA GLY T 38 11.54 19.90 96.38
C GLY T 38 12.73 20.53 97.07
N SER T 39 13.09 20.05 98.24
N SER T 39 13.07 20.01 98.23
CA SER T 39 14.26 20.60 98.92
CA SER T 39 14.22 20.49 99.01
C SER T 39 15.40 19.60 98.84
C SER T 39 15.42 19.58 98.82
N TYR T 40 16.58 20.04 99.23
CA TYR T 40 17.77 19.18 99.25
C TYR T 40 18.59 19.53 100.48
N LYS T 41 19.48 18.62 100.85
CA LYS T 41 20.47 18.87 101.90
C LYS T 41 21.82 18.60 101.28
N LEU T 42 22.74 19.54 101.38
CA LEU T 42 24.05 19.32 100.81
C LEU T 42 24.85 18.40 101.75
N LYS T 43 25.34 17.28 101.25
CA LYS T 43 26.08 16.35 102.08
C LYS T 43 27.35 15.88 101.45
N GLN T 44 28.29 15.50 102.29
CA GLN T 44 29.53 14.91 101.77
C GLN T 44 29.28 13.43 101.47
N ILE T 45 29.49 13.07 100.19
CA ILE T 45 29.20 11.75 99.66
C ILE T 45 30.50 11.07 99.28
N SER T 46 30.68 9.82 99.68
CA SER T 46 31.89 9.06 99.37
C SER T 46 31.53 7.73 98.75
N TYR T 47 32.27 7.30 97.73
CA TYR T 47 32.09 5.96 97.20
C TYR T 47 33.35 5.45 96.55
N LEU T 48 33.41 4.14 96.36
CA LEU T 48 34.65 3.50 95.92
C LEU T 48 34.78 3.38 94.41
N LEU T 49 35.96 3.72 93.89
CA LEU T 49 36.30 3.56 92.48
C LEU T 49 37.68 2.91 92.42
N TYR T 50 37.72 1.65 92.01
CA TYR T 50 38.98 0.91 91.95
C TYR T 50 39.73 1.01 93.29
N GLY T 51 39.00 0.90 94.39
CA GLY T 51 39.63 0.89 95.69
C GLY T 51 39.91 2.27 96.25
N ASN T 52 39.70 3.29 95.43
CA ASN T 52 39.88 4.66 95.88
C ASN T 52 38.56 5.29 96.29
N THR T 53 38.60 6.24 97.21
CA THR T 53 37.37 6.87 97.68
C THR T 53 37.18 8.26 97.08
N LYS T 54 36.24 8.36 96.15
CA LYS T 54 35.86 9.64 95.58
C LYS T 54 34.98 10.37 96.59
N ILE T 55 35.29 11.63 96.85
CA ILE T 55 34.52 12.42 97.79
C ILE T 55 34.01 13.70 97.15
N VAL T 56 32.69 13.91 97.22
CA VAL T 56 32.09 15.12 96.68
C VAL T 56 31.01 15.63 97.64
N SER T 57 30.69 16.92 97.55
CA SER T 57 29.54 17.45 98.27
C SER T 57 28.40 17.56 97.27
N ALA T 58 27.28 16.89 97.55
CA ALA T 58 26.18 16.81 96.60
C ALA T 58 24.83 16.95 97.28
N PRO T 59 23.82 17.41 96.54
CA PRO T 59 22.48 17.56 97.13
C PRO T 59 21.81 16.19 97.35
N VAL T 60 21.21 16.01 98.52
CA VAL T 60 20.55 14.74 98.84
C VAL T 60 19.08 15.02 99.10
N VAL T 61 18.20 14.21 98.53
CA VAL T 61 16.76 14.33 98.80
C VAL T 61 16.51 14.00 100.27
N PRO T 62 15.90 14.93 101.02
CA PRO T 62 15.72 14.67 102.46
C PRO T 62 14.48 13.83 102.74
N LEU T 63 14.37 13.32 103.95
CA LEU T 63 13.15 12.62 104.40
C LEU T 63 11.92 13.42 104.05
N GLY T 64 10.89 12.72 103.57
CA GLY T 64 9.66 13.37 103.19
C GLY T 64 9.23 12.93 101.79
N PRO T 65 8.52 13.80 101.07
CA PRO T 65 8.02 13.46 99.73
C PRO T 65 9.17 13.31 98.77
N ASN T 66 8.96 12.53 97.71
CA ASN T 66 9.95 12.44 96.65
C ASN T 66 10.22 13.83 96.06
N ALA T 67 11.45 14.07 95.63
CA ALA T 67 11.76 15.27 94.86
C ALA T 67 11.43 14.90 93.41
N SER T 68 11.45 15.87 92.51
CA SER T 68 11.24 15.60 91.08
C SER T 68 12.21 16.41 90.25
N ILE T 69 12.48 15.93 89.04
CA ILE T 69 13.11 16.76 88.06
C ILE T 69 12.07 16.93 86.97
N ILE T 70 11.82 18.16 86.56
CA ILE T 70 10.77 18.43 85.56
C ILE T 70 11.32 19.44 84.58
N ILE T 71 11.31 19.10 83.28
CA ILE T 71 11.85 20.02 82.30
C ILE T 71 10.84 20.29 81.19
N ASP T 72 10.25 21.47 81.18
CA ASP T 72 9.38 21.83 80.06
C ASP T 72 10.02 22.90 79.15
N ASP T 73 11.28 23.24 79.43
CA ASP T 73 11.97 24.29 78.67
C ASP T 73 12.15 23.91 77.20
N GLU T 74 12.30 24.92 76.36
CA GLU T 74 12.46 24.69 74.92
C GLU T 74 13.88 24.22 74.60
N LEU T 75 14.26 23.04 75.06
CA LEU T 75 15.54 22.42 74.65
C LEU T 75 15.52 22.29 73.15
N GLN T 76 16.69 22.21 72.53
CA GLN T 76 16.77 21.88 71.10
C GLN T 76 16.00 20.59 70.88
N GLU T 77 15.20 20.54 69.82
CA GLU T 77 14.40 19.35 69.56
C GLU T 77 15.29 18.14 69.23
N GLY T 78 14.81 16.95 69.55
CA GLY T 78 15.56 15.75 69.24
C GLY T 78 15.34 14.68 70.28
N LEU T 79 16.02 13.55 70.10
CA LEU T 79 15.88 12.44 71.03
C LEU T 79 17.07 12.49 71.99
N TYR T 80 16.79 12.62 73.29
CA TYR T 80 17.82 12.69 74.32
C TYR T 80 17.98 11.39 75.09
N LEU T 81 19.24 11.06 75.35
CA LEU T 81 19.61 10.09 76.37
C LEU T 81 19.95 10.89 77.61
N ILE T 82 19.25 10.62 78.69
CA ILE T 82 19.52 11.28 79.95
C ILE T 82 20.25 10.33 80.86
N ARG T 83 21.32 10.81 81.50
CA ARG T 83 22.03 10.04 82.50
C ARG T 83 22.05 10.85 83.79
N ILE T 84 21.62 10.22 84.88
CA ILE T 84 21.68 10.87 86.19
C ILE T 84 22.56 10.04 87.08
N LYS T 85 23.68 10.61 87.52
CA LYS T 85 24.55 9.86 88.41
C LYS T 85 24.03 10.13 89.81
N VAL T 86 23.69 9.07 90.55
CA VAL T 86 23.16 9.23 91.91
C VAL T 86 23.91 8.33 92.86
N TYR T 87 23.75 8.60 94.15
CA TYR T 87 24.30 7.72 95.17
C TYR T 87 23.25 7.50 96.24
N ASN T 88 22.95 6.24 96.51
CA ASN T 88 21.91 5.93 97.49
C ASN T 88 22.53 5.91 98.89
N THR T 89 22.26 6.95 99.67
CA THR T 89 22.83 7.04 101.02
C THR T 89 22.09 6.16 102.01
N ASN T 90 20.95 5.59 101.58
CA ASN T 90 20.18 4.76 102.50
C ASN T 90 20.80 3.39 102.66
N SER T 91 20.56 2.76 103.80
CA SER T 91 21.00 1.39 104.04
C SER T 91 19.95 0.40 103.53
N PHE T 92 19.10 0.86 102.62
CA PHE T 92 18.12 -0.01 101.95
C PHE T 92 17.95 0.36 100.49
N SER T 93 17.43 -0.55 99.69
CA SER T 93 17.25 -0.30 98.27
C SER T 93 16.17 0.73 98.02
N VAL T 94 16.33 1.52 96.97
CA VAL T 94 15.29 2.44 96.57
C VAL T 94 14.96 2.21 95.11
N THR T 95 13.75 2.56 94.70
CA THR T 95 13.40 2.38 93.30
C THR T 95 13.10 3.70 92.63
N VAL T 96 13.36 3.75 91.33
CA VAL T 96 13.11 4.93 90.54
C VAL T 96 12.33 4.46 89.32
N THR T 97 11.40 5.29 88.83
CA THR T 97 10.62 4.96 87.64
C THR T 97 11.04 5.88 86.50
N PRO T 98 11.87 5.38 85.55
CA PRO T 98 12.30 6.30 84.48
C PRO T 98 11.12 6.74 83.59
N PHE T 99 11.25 7.94 83.02
CA PHE T 99 10.23 8.54 82.17
C PHE T 99 10.02 7.73 80.89
N PHE T 100 11.10 7.51 80.14
CA PHE T 100 11.06 6.76 78.89
C PHE T 100 9.95 7.26 77.97
N ASN T 101 9.64 8.55 78.07
CA ASN T 101 8.51 9.16 77.34
C ASN T 101 7.10 8.75 77.77
N ASN T 102 6.89 7.44 77.97
N ASN T 102 6.85 7.46 77.98
CA ASN T 102 5.56 6.91 78.24
CA ASN T 102 5.51 7.08 78.44
C ASN T 102 5.47 5.84 79.35
C ASN T 102 5.47 5.87 79.36
N ASN T 103 6.54 5.68 80.13
CA ASN T 103 6.56 4.66 81.16
C ASN T 103 6.06 5.22 82.47
N ASN T 104 5.28 4.44 83.21
CA ASN T 104 5.09 4.75 84.62
C ASN T 104 5.01 3.52 85.50
N THR T 105 5.54 2.40 85.02
CA THR T 105 5.52 1.17 85.84
C THR T 105 6.90 0.51 85.97
N MET T 106 7.71 0.58 84.91
CA MET T 106 9.01 -0.07 84.96
C MET T 106 9.98 0.70 85.83
N THR T 107 10.87 -0.02 86.50
CA THR T 107 11.69 0.59 87.54
C THR T 107 13.15 0.21 87.48
N TYR T 108 13.97 1.05 88.12
CA TYR T 108 15.34 0.69 88.46
C TYR T 108 15.36 0.40 89.93
N SER T 109 16.18 -0.57 90.35
CA SER T 109 16.36 -0.87 91.76
C SER T 109 17.78 -0.47 92.15
N ILE T 110 17.89 0.49 93.06
CA ILE T 110 19.19 1.03 93.41
C ILE T 110 19.63 0.53 94.78
N GLY T 111 20.72 -0.23 94.81
CA GLY T 111 21.17 -0.90 96.02
C GLY T 111 21.58 0.07 97.12
N ALA T 112 21.52 -0.39 98.37
CA ALA T 112 21.94 0.41 99.52
C ALA T 112 23.39 0.87 99.39
N ASN T 113 23.68 2.09 99.86
CA ASN T 113 25.05 2.60 99.92
C ASN T 113 25.83 2.41 98.62
N SER T 114 25.24 2.77 97.51
CA SER T 114 25.94 2.60 96.24
C SER T 114 25.63 3.66 95.21
N GLU T 115 26.62 3.88 94.35
CA GLU T 115 26.52 4.76 93.19
C GLU T 115 25.70 4.03 92.13
N PHE T 116 24.98 4.78 91.30
CA PHE T 116 24.11 4.18 90.30
C PHE T 116 23.89 5.18 89.17
N GLU T 117 23.81 4.68 87.95
CA GLU T 117 23.54 5.49 86.76
C GLU T 117 22.09 5.28 86.33
N ILE T 118 21.28 6.33 86.46
CA ILE T 118 19.89 6.28 85.98
C ILE T 118 19.93 6.66 84.50
N TYR T 119 19.53 5.76 83.62
CA TYR T 119 19.39 6.11 82.22
C TYR T 119 17.95 6.43 81.90
N ASP T 120 17.73 7.48 81.12
CA ASP T 120 16.37 7.79 80.71
C ASP T 120 16.36 8.23 79.26
N ILE T 121 15.18 8.27 78.67
CA ILE T 121 15.04 8.66 77.27
C ILE T 121 13.96 9.71 77.21
N PHE T 122 14.21 10.78 76.45
CA PHE T 122 13.28 11.89 76.39
C PHE T 122 13.24 12.43 74.98
N THR T 123 12.07 12.42 74.36
CA THR T 123 11.90 12.98 73.02
C THR T 123 11.43 14.42 73.13
N LYS T 124 12.28 15.37 72.76
CA LYS T 124 11.84 16.76 72.77
C LYS T 124 11.18 17.08 71.46
N GLU T 125 9.85 16.93 71.43
CA GLU T 125 9.01 17.34 70.32
C GLU T 125 7.62 17.69 70.89
N GLN T 126 6.87 18.52 70.17
CA GLN T 126 5.49 18.83 70.57
C GLN T 126 5.33 19.16 72.07
N GLY T 127 6.25 19.94 72.62
CA GLY T 127 6.12 20.38 74.00
C GLY T 127 6.18 19.29 75.08
N ASN T 128 6.72 18.14 74.74
CA ASN T 128 6.89 17.07 75.70
C ASN T 128 7.64 17.59 76.94
N ILE T 129 7.28 17.07 78.11
CA ILE T 129 7.85 17.56 79.37
C ILE T 129 8.55 16.42 80.11
N TYR T 130 9.84 16.55 80.38
CA TYR T 130 10.55 15.48 81.05
C TYR T 130 10.15 15.44 82.54
N TYR T 131 10.02 14.25 83.10
CA TYR T 131 9.59 14.11 84.50
C TYR T 131 10.11 12.85 85.14
N ILE T 132 10.74 12.99 86.30
CA ILE T 132 11.17 11.83 87.08
C ILE T 132 11.17 12.17 88.57
N GLN T 133 10.68 11.25 89.39
CA GLN T 133 10.69 11.41 90.85
C GLN T 133 11.94 10.73 91.43
N LEU T 134 12.50 11.32 92.48
CA LEU T 134 13.68 10.81 93.16
C LEU T 134 13.37 10.68 94.64
N PRO T 135 13.50 9.47 95.20
CA PRO T 135 13.15 9.19 96.60
C PRO T 135 14.15 9.75 97.61
N PRO T 136 13.70 9.91 98.85
CA PRO T 136 14.57 10.39 99.93
C PRO T 136 15.85 9.59 100.07
N GLY T 137 16.96 10.28 100.36
CA GLY T 137 18.24 9.61 100.59
C GLY T 137 19.10 9.45 99.34
N LEU T 138 18.53 9.72 98.16
CA LEU T 138 19.33 9.74 96.94
C LEU T 138 20.11 11.04 96.83
N ALA T 139 21.42 10.94 96.65
CA ALA T 139 22.26 12.09 96.34
C ALA T 139 22.31 12.21 94.83
N ILE T 140 22.14 13.42 94.30
N ILE T 140 22.16 13.43 94.30
CA ILE T 140 22.20 13.67 92.87
CA ILE T 140 22.20 13.64 92.86
C ILE T 140 23.54 14.30 92.53
C ILE T 140 23.52 14.31 92.50
N LEU T 141 24.37 13.58 91.78
CA LEU T 141 25.74 14.04 91.51
C LEU T 141 25.92 14.77 90.18
N GLU T 142 25.26 14.25 89.14
CA GLU T 142 25.38 14.79 87.80
C GLU T 142 24.10 14.56 87.05
N PHE T 143 23.79 15.46 86.13
CA PHE T 143 22.60 15.30 85.30
C PHE T 143 23.00 15.67 83.90
N SER T 144 22.80 14.74 82.96
CA SER T 144 23.31 14.91 81.60
C SER T 144 22.20 14.69 80.58
N LEU T 145 22.05 15.66 79.68
CA LEU T 145 21.16 15.57 78.52
C LEU T 145 21.99 15.52 77.24
N GLU T 146 21.93 14.43 76.49
CA GLU T 146 22.70 14.41 75.23
C GLU T 146 21.86 13.80 74.11
N ARG T 147 21.95 14.36 72.92
CA ARG T 147 21.23 13.81 71.79
C ARG T 147 21.96 12.55 71.29
N VAL T 148 21.22 11.48 71.05
CA VAL T 148 21.83 10.24 70.54
C VAL T 148 21.68 10.20 69.02
N PHE T 149 22.42 9.35 68.35
CA PHE T 149 22.34 9.32 66.89
C PHE T 149 22.99 10.60 66.35
N GLU T 150 23.72 11.28 67.22
CA GLU T 150 24.66 12.32 66.79
C GLU T 150 26.03 11.68 66.87
N LYS T 151 26.86 11.90 65.86
CA LYS T 151 28.24 11.49 65.99
C LYS T 151 28.34 9.98 66.17
N GLY T 152 27.34 9.28 65.66
CA GLY T 152 27.36 7.84 65.64
C GLY T 152 27.13 7.20 66.99
N ASN T 153 26.55 7.93 67.94
CA ASN T 153 26.17 7.31 69.22
C ASN T 153 24.89 6.50 69.12
N ARG T 154 24.71 5.62 70.08
CA ARG T 154 23.53 4.78 70.13
C ARG T 154 22.95 4.87 71.53
N ILE T 155 21.74 4.37 71.68
CA ILE T 155 21.18 4.14 72.99
C ILE T 155 21.76 2.81 73.44
N ASN T 156 22.35 2.80 74.63
CA ASN T 156 22.92 1.56 75.17
C ASN T 156 22.72 1.50 76.69
N ILE T 157 21.53 1.07 77.11
CA ILE T 157 21.20 0.95 78.52
C ILE T 157 21.45 -0.48 78.95
N PRO T 158 22.20 -0.66 80.04
CA PRO T 158 22.53 -2.01 80.52
C PRO T 158 21.29 -2.77 81.01
N LYS T 159 21.45 -4.04 81.34
CA LYS T 159 20.31 -4.87 81.75
C LYS T 159 19.92 -4.54 83.18
N ILE T 160 19.15 -3.47 83.35
CA ILE T 160 18.76 -2.97 84.68
C ILE T 160 17.30 -2.51 84.74
N ILE T 161 16.60 -2.58 83.60
CA ILE T 161 15.18 -2.19 83.59
C ILE T 161 14.30 -3.35 84.10
N HIS T 162 13.49 -3.09 85.12
CA HIS T 162 12.64 -4.14 85.69
C HIS T 162 11.20 -3.98 85.21
N THR T 163 10.60 -5.08 84.77
CA THR T 163 9.16 -5.06 84.49
C THR T 163 8.56 -6.29 85.07
N SER T 164 7.28 -6.21 85.44
CA SER T 164 6.55 -7.38 85.88
C SER T 164 5.35 -7.63 84.97
N GLY T 165 5.35 -7.04 83.78
CA GLY T 165 4.34 -7.39 82.79
C GLY T 165 3.70 -6.22 82.08
N ASN T 166 4.03 -5.00 82.51
CA ASN T 166 3.61 -3.84 81.72
C ASN T 166 4.70 -2.81 81.68
N GLY T 167 4.48 -1.76 80.90
CA GLY T 167 5.52 -0.74 80.73
C GLY T 167 5.62 -0.33 79.28
N TYR T 168 6.12 0.89 79.06
CA TYR T 168 6.28 1.41 77.70
C TYR T 168 7.56 2.18 77.62
N ILE T 169 8.21 2.09 76.48
CA ILE T 169 9.30 2.99 76.13
C ILE T 169 9.03 3.50 74.72
N SER T 170 9.08 4.83 74.53
CA SER T 170 8.90 5.41 73.20
C SER T 170 10.11 6.26 72.83
N PHE T 171 10.38 6.36 71.54
CA PHE T 171 11.47 7.22 71.07
C PHE T 171 11.26 7.55 69.60
N ARG T 172 11.82 8.67 69.16
CA ARG T 172 11.71 9.09 67.78
C ARG T 172 12.98 8.67 67.04
N LEU T 173 12.83 7.99 65.91
CA LEU T 173 13.99 7.70 65.05
C LEU T 173 13.85 8.40 63.72
N ARG T 174 14.90 9.09 63.29
CA ARG T 174 14.86 9.71 61.97
C ARG T 174 15.15 8.62 60.94
N LYS T 175 15.06 8.98 59.66
CA LYS T 175 15.21 8.00 58.60
C LYS T 175 16.48 7.15 58.76
N GLY T 176 16.36 5.87 58.48
CA GLY T 176 17.49 4.96 58.58
C GLY T 176 16.98 3.57 58.91
N THR T 177 17.88 2.59 58.97
CA THR T 177 17.53 1.25 59.45
C THR T 177 18.20 1.07 60.80
N TYR T 178 17.49 0.49 61.76
CA TYR T 178 18.01 0.38 63.12
C TYR T 178 17.88 -1.03 63.65
N ALA T 179 18.82 -1.41 64.50
CA ALA T 179 18.69 -2.62 65.30
C ALA T 179 18.22 -2.20 66.68
N ILE T 180 17.31 -2.99 67.24
CA ILE T 180 16.87 -2.78 68.62
C ILE T 180 17.15 -4.08 69.33
N LYS T 181 18.07 -4.03 70.30
CA LYS T 181 18.53 -5.24 70.94
C LYS T 181 18.16 -5.14 72.39
N MET T 182 17.54 -6.18 72.93
N MET T 182 17.57 -6.20 72.94
CA MET T 182 17.17 -6.19 74.35
CA MET T 182 17.19 -6.18 74.34
C MET T 182 17.62 -7.47 75.05
C MET T 182 17.62 -7.45 75.05
N PRO T 183 18.81 -7.41 75.67
CA PRO T 183 19.29 -8.53 76.50
C PRO T 183 18.33 -8.61 77.67
N TYR T 184 17.98 -9.80 78.12
CA TYR T 184 16.99 -9.95 79.19
C TYR T 184 17.32 -11.15 80.07
N SER T 185 16.83 -11.10 81.30
CA SER T 185 16.78 -12.24 82.20
C SER T 185 15.36 -12.29 82.75
N TYR T 186 14.86 -13.49 83.03
CA TYR T 186 13.55 -13.60 83.65
C TYR T 186 13.58 -14.62 84.76
N ASN T 187 12.63 -14.48 85.67
CA ASN T 187 12.42 -15.51 86.65
C ASN T 187 10.95 -15.90 86.64
N ASN T 188 10.67 -17.11 86.20
CA ASN T 188 9.30 -17.60 86.23
C ASN T 188 9.02 -18.12 87.63
N THR T 189 8.23 -17.37 88.37
CA THR T 189 7.92 -17.72 89.77
C THR T 189 6.75 -18.69 89.84
N THR T 190 6.19 -19.02 88.68
CA THR T 190 5.05 -19.93 88.59
C THR T 190 5.48 -21.28 88.04
N SER T 191 4.61 -22.27 88.17
CA SER T 191 4.91 -23.62 87.69
C SER T 191 4.40 -23.76 86.27
N THR T 192 4.12 -22.63 85.64
CA THR T 192 3.61 -22.64 84.27
C THR T 192 4.77 -22.67 83.29
N THR T 193 4.73 -23.61 82.35
CA THR T 193 5.69 -23.62 81.25
C THR T 193 5.06 -22.85 80.10
N PHE T 194 5.68 -21.77 79.68
CA PHE T 194 5.12 -20.96 78.60
C PHE T 194 5.62 -21.35 77.22
N THR T 195 4.70 -21.42 76.26
CA THR T 195 5.15 -21.63 74.87
C THR T 195 4.79 -20.41 74.01
N ASN T 196 5.74 -19.99 73.18
CA ASN T 196 5.57 -18.77 72.39
C ASN T 196 5.09 -17.62 73.24
N PHE T 197 5.85 -17.39 74.31
CA PHE T 197 5.57 -16.35 75.28
C PHE T 197 5.82 -15.02 74.64
N GLN T 198 4.78 -14.21 74.49
CA GLN T 198 5.05 -12.85 73.96
C GLN T 198 5.40 -11.91 75.11
N PHE T 199 6.64 -11.44 75.11
CA PHE T 199 7.11 -10.52 76.13
C PHE T 199 6.56 -9.12 75.86
N GLY T 200 6.52 -8.74 74.59
CA GLY T 200 6.11 -7.38 74.24
C GLY T 200 6.09 -7.17 72.73
N THR T 201 5.97 -5.91 72.32
CA THR T 201 5.92 -5.60 70.90
C THR T 201 6.69 -4.31 70.68
N ILE T 202 7.22 -4.19 69.46
CA ILE T 202 7.80 -2.95 68.98
C ILE T 202 6.96 -2.51 67.80
N SER T 203 6.49 -1.27 67.81
CA SER T 203 5.64 -0.82 66.73
C SER T 203 5.88 0.65 66.36
N THR T 204 5.55 0.95 65.12
CA THR T 204 5.33 2.32 64.67
C THR T 204 3.82 2.34 64.39
N SER T 205 3.29 3.42 63.86
CA SER T 205 1.85 3.47 63.59
C SER T 205 1.31 2.24 62.84
N ALA T 207 2.75 -0.91 61.73
CA ALA T 207 3.77 -1.97 61.78
C ALA T 207 4.07 -2.42 63.20
N THR T 208 4.00 -3.73 63.44
CA THR T 208 4.19 -4.32 64.76
C THR T 208 5.10 -5.55 64.74
N ILE T 209 6.10 -5.57 65.62
CA ILE T 209 6.97 -6.74 65.77
C ILE T 209 6.83 -7.38 67.14
N PRO T 210 6.32 -8.61 67.19
CA PRO T 210 6.22 -9.31 68.49
C PRO T 210 7.60 -9.78 68.99
N LEU T 211 7.86 -9.63 70.28
CA LEU T 211 9.09 -10.13 70.89
C LEU T 211 8.71 -11.42 71.63
N VAL T 212 9.12 -12.55 71.09
CA VAL T 212 8.58 -13.85 71.52
C VAL T 212 9.69 -14.78 71.98
N ILE T 213 9.43 -15.51 73.06
CA ILE T 213 10.35 -16.54 73.55
C ILE T 213 9.72 -17.93 73.34
N SER T 214 10.45 -18.83 72.67
CA SER T 214 9.92 -20.16 72.33
C SER T 214 9.28 -20.87 73.50
N SER T 215 10.02 -20.98 74.60
CA SER T 215 9.48 -21.57 75.81
C SER T 215 10.13 -21.03 77.07
N ILE T 216 9.31 -20.84 78.09
CA ILE T 216 9.76 -20.49 79.43
C ILE T 216 9.29 -21.62 80.34
N PRO T 217 10.25 -22.43 80.79
CA PRO T 217 9.96 -23.62 81.60
C PRO T 217 9.38 -23.21 82.94
N ALA T 218 8.53 -24.05 83.51
CA ALA T 218 7.93 -23.80 84.80
C ALA T 218 9.03 -23.52 85.83
N ASN T 219 8.81 -22.50 86.65
CA ASN T 219 9.69 -22.24 87.80
C ASN T 219 11.09 -21.93 87.34
N GLY T 220 11.23 -21.73 86.04
CA GLY T 220 12.54 -21.57 85.46
C GLY T 220 13.04 -20.14 85.47
N SER T 221 14.35 -20.00 85.38
CA SER T 221 14.93 -18.69 85.18
C SER T 221 15.82 -18.84 83.96
N GLY T 222 15.96 -17.76 83.21
CA GLY T 222 16.72 -17.84 81.99
C GLY T 222 17.12 -16.46 81.52
N SER T 223 17.88 -16.44 80.45
CA SER T 223 18.27 -15.17 79.87
C SER T 223 18.42 -15.36 78.36
N GLY T 224 18.43 -14.25 77.63
CA GLY T 224 18.53 -14.30 76.19
C GLY T 224 18.60 -12.88 75.67
N THR T 225 18.36 -12.71 74.38
CA THR T 225 18.40 -11.39 73.79
C THR T 225 17.39 -11.30 72.67
N PHE T 226 16.52 -10.30 72.72
CA PHE T 226 15.70 -9.95 71.57
C PHE T 226 16.52 -9.09 70.63
N LEU T 227 16.45 -9.37 69.33
CA LEU T 227 17.12 -8.54 68.35
C LEU T 227 16.22 -8.41 67.13
N VAL T 228 15.68 -7.22 66.91
CA VAL T 228 14.84 -6.98 65.74
C VAL T 228 15.30 -5.71 65.05
N TYR T 229 14.81 -5.47 63.84
CA TYR T 229 15.26 -4.34 63.06
C TYR T 229 14.06 -3.58 62.52
N LEU T 230 14.18 -2.27 62.42
CA LEU T 230 13.15 -1.42 61.86
C LEU T 230 13.73 -0.64 60.71
N LYS T 231 13.06 -0.66 59.57
CA LYS T 231 13.41 0.26 58.53
C LYS T 231 12.53 1.50 58.64
N ILE T 232 13.13 2.61 59.08
CA ILE T 232 12.41 3.86 59.18
C ILE T 232 12.58 4.63 57.89
N THR T 233 11.56 4.60 57.04
CA THR T 233 11.57 5.40 55.83
C THR T 233 11.72 6.87 56.19
N GLY T 234 11.03 7.26 57.25
CA GLY T 234 11.08 8.64 57.72
C GLY T 234 9.71 9.29 57.85
N ASP T 235 8.66 8.70 57.23
CA ASP T 235 7.33 9.27 57.38
C ASP T 235 6.61 8.83 58.67
N TYR T 236 7.14 7.81 59.33
CA TYR T 236 6.66 7.37 60.63
C TYR T 236 7.85 7.15 61.53
N GLU T 237 8.05 8.04 62.49
CA GLU T 237 9.32 8.09 63.20
C GLU T 237 9.19 7.72 64.67
N ASP T 238 7.98 7.80 65.18
CA ASP T 238 7.77 7.49 66.58
C ASP T 238 7.63 5.98 66.80
N VAL T 239 8.54 5.43 67.58
CA VAL T 239 8.56 4.01 67.82
C VAL T 239 8.08 3.77 69.23
N LYS T 240 7.30 2.70 69.43
CA LYS T 240 6.78 2.41 70.75
C LYS T 240 7.07 0.96 71.11
N PHE T 241 7.76 0.77 72.23
CA PHE T 241 7.95 -0.55 72.81
C PHE T 241 6.96 -0.74 73.97
N SER T 242 6.25 -1.87 73.98
CA SER T 242 5.25 -2.16 75.00
C SER T 242 5.51 -3.53 75.56
N VAL T 243 5.52 -3.64 76.89
CA VAL T 243 5.55 -4.94 77.55
C VAL T 243 4.11 -5.38 77.66
N THR T 244 3.81 -6.59 77.21
CA THR T 244 2.42 -6.98 77.04
C THR T 244 1.98 -8.22 77.82
N TYR T 245 2.91 -8.91 78.45
CA TYR T 245 2.53 -10.20 79.08
C TYR T 245 1.62 -10.12 80.30
N GLY T 246 1.53 -8.95 80.92
CA GLY T 246 0.52 -8.71 81.92
C GLY T 246 1.06 -8.65 83.33
N GLY T 247 0.70 -7.59 84.04
CA GLY T 247 1.23 -7.26 85.35
C GLY T 247 1.22 -8.33 86.43
N GLY T 248 0.22 -9.20 86.44
CA GLY T 248 0.08 -10.15 87.53
C GLY T 248 0.53 -11.56 87.21
N LEU T 249 1.22 -11.72 86.09
CA LEU T 249 1.60 -13.06 85.64
C LEU T 249 2.59 -13.81 86.55
N GLY T 250 3.52 -13.09 87.18
CA GLY T 250 4.47 -13.73 88.08
C GLY T 250 5.74 -14.14 87.36
N VAL T 251 6.04 -13.43 86.28
CA VAL T 251 7.30 -13.65 85.55
C VAL T 251 8.06 -12.33 85.42
N PRO T 252 8.73 -11.90 86.49
CA PRO T 252 9.48 -10.64 86.37
C PRO T 252 10.65 -10.76 85.38
N PHE T 253 10.87 -9.70 84.61
CA PHE T 253 12.00 -9.65 83.68
C PHE T 253 12.88 -8.49 84.09
N THR T 254 14.18 -8.61 83.83
CA THR T 254 15.08 -7.46 83.86
C THR T 254 15.71 -7.41 82.47
N PHE T 255 15.73 -6.24 81.82
CA PHE T 255 16.25 -6.15 80.47
C PHE T 255 17.01 -4.86 80.21
N GLY T 256 17.83 -4.88 79.15
CA GLY T 256 18.55 -3.71 78.70
C GLY T 256 17.96 -3.24 77.39
N LEU T 257 18.46 -2.13 76.87
CA LEU T 257 17.94 -1.56 75.64
C LEU T 257 19.05 -0.94 74.85
N GLU T 258 19.25 -1.44 73.65
CA GLU T 258 20.27 -0.92 72.77
C GLU T 258 19.58 -0.58 71.46
N VAL T 259 19.68 0.66 71.02
CA VAL T 259 19.10 1.08 69.74
C VAL T 259 20.19 1.73 68.90
N GLU T 260 20.44 1.21 67.70
CA GLU T 260 21.61 1.65 66.95
C GLU T 260 21.37 1.58 65.46
N GLU T 261 21.91 2.55 64.72
N GLU T 261 21.91 2.55 64.73
CA GLU T 261 21.73 2.56 63.29
CA GLU T 261 21.78 2.56 63.29
C GLU T 261 22.62 1.51 62.65
C GLU T 261 22.60 1.43 62.70
N ILE T 262 22.10 0.83 61.63
CA ILE T 262 22.88 -0.18 60.90
C ILE T 262 22.94 0.12 59.42
N ASN T 263 23.93 -0.47 58.75
CA ASN T 263 23.94 -0.46 57.29
C ASN T 263 23.12 -1.62 56.79
N GLU T 264 22.87 -1.69 55.48
CA GLU T 264 22.01 -2.76 54.96
C GLU T 264 22.51 -4.14 55.40
N LEU T 265 21.60 -4.96 55.87
CA LEU T 265 21.96 -6.30 56.32
C LEU T 265 21.16 -7.34 55.54
N VAL T 266 21.82 -8.03 54.63
CA VAL T 266 21.20 -9.14 53.93
C VAL T 266 21.30 -10.38 54.81
N GLU T 267 20.18 -10.79 55.37
CA GLU T 267 20.18 -11.88 56.33
C GLU T 267 20.42 -13.20 55.63
N ASN T 268 19.80 -13.34 54.46
CA ASN T 268 20.10 -14.48 53.62
C ASN T 268 19.53 -14.31 52.23
N THR T 269 20.02 -15.13 51.31
CA THR T 269 19.56 -15.10 49.94
C THR T 269 19.23 -16.54 49.62
N ASN T 270 18.08 -16.76 48.99
CA ASN T 270 17.59 -18.11 48.82
C ASN T 270 16.99 -18.36 47.46
N PHE T 271 17.27 -19.56 46.96
CA PHE T 271 16.59 -20.12 45.81
C PHE T 271 15.54 -21.06 46.39
N VAL T 272 14.28 -20.80 46.10
CA VAL T 272 13.22 -21.63 46.65
C VAL T 272 12.29 -22.12 45.55
N THR T 273 11.67 -23.26 45.81
CA THR T 273 10.78 -23.86 44.84
C THR T 273 9.44 -24.20 45.48
N GLN T 274 8.37 -24.12 44.70
CA GLN T 274 7.04 -24.36 45.24
C GLN T 274 6.16 -24.92 44.15
N SER T 275 5.57 -26.08 44.39
CA SER T 275 4.63 -26.65 43.43
C SER T 275 3.19 -26.33 43.76
N VAL T 276 2.38 -26.21 42.71
CA VAL T 276 0.96 -25.96 42.88
C VAL T 276 0.21 -26.84 41.90
N THR T 277 -0.78 -27.57 42.41
CA THR T 277 -1.57 -28.45 41.56
C THR T 277 -2.91 -27.82 41.27
N LEU T 278 -3.22 -27.67 39.99
CA LEU T 278 -4.45 -27.01 39.55
C LEU T 278 -5.46 -28.02 39.00
N SER T 279 -6.70 -27.91 39.44
CA SER T 279 -7.72 -28.83 39.00
C SER T 279 -9.08 -28.16 38.78
N GLY T 280 -9.06 -27.00 38.12
CA GLY T 280 -10.28 -26.32 37.73
C GLY T 280 -10.64 -25.09 38.53
N SER T 281 -10.01 -24.93 39.70
CA SER T 281 -10.34 -23.82 40.56
C SER T 281 -9.14 -22.92 40.80
N GLN T 282 -9.40 -21.64 41.00
CA GLN T 282 -8.32 -20.70 41.31
C GLN T 282 -7.70 -21.05 42.64
N VAL T 283 -6.37 -21.04 42.69
CA VAL T 283 -5.65 -21.30 43.93
C VAL T 283 -4.78 -20.09 44.26
N THR T 284 -4.82 -19.65 45.51
CA THR T 284 -3.93 -18.60 45.99
C THR T 284 -2.97 -19.23 46.97
N GLN T 285 -1.72 -19.35 46.57
CA GLN T 285 -0.71 -20.04 47.36
C GLN T 285 0.29 -19.06 47.95
N SER T 286 0.37 -19.01 49.29
CA SER T 286 1.37 -18.18 49.94
C SER T 286 2.75 -18.79 49.69
N ILE T 287 3.71 -17.95 49.31
CA ILE T 287 5.07 -18.42 49.09
C ILE T 287 5.90 -18.02 50.29
N LEU T 288 5.75 -16.75 50.70
N LEU T 288 5.77 -16.76 50.69
CA LEU T 288 6.53 -16.16 51.77
CA LEU T 288 6.53 -16.25 51.83
C LEU T 288 5.76 -15.03 52.44
C LEU T 288 5.84 -15.02 52.43
N ASN T 289 5.83 -14.97 53.76
CA ASN T 289 5.25 -13.85 54.48
C ASN T 289 6.10 -13.56 55.70
N VAL T 290 6.82 -12.45 55.71
CA VAL T 290 7.71 -12.13 56.83
C VAL T 290 7.25 -10.89 57.56
N GLN T 291 5.97 -10.53 57.39
CA GLN T 291 5.41 -9.40 58.11
C GLN T 291 5.55 -9.63 59.62
N GLY T 292 6.04 -8.62 60.33
CA GLY T 292 6.11 -8.72 61.78
C GLY T 292 7.38 -9.40 62.26
N SER T 293 8.27 -9.73 61.33
CA SER T 293 9.47 -10.47 61.68
C SER T 293 10.67 -9.57 61.97
N GLY T 294 10.59 -8.29 61.58
CA GLY T 294 11.74 -7.40 61.67
C GLY T 294 12.59 -7.52 60.43
N SER T 295 11.97 -7.93 59.33
CA SER T 295 12.69 -8.04 58.06
C SER T 295 11.76 -7.82 56.87
N HIS T 296 12.32 -7.71 55.67
CA HIS T 296 11.52 -7.63 54.45
C HIS T 296 12.23 -8.37 53.35
N LEU T 297 11.66 -8.32 52.15
CA LEU T 297 12.16 -9.15 51.05
C LEU T 297 12.54 -8.33 49.84
N ARG T 298 13.30 -8.97 48.94
CA ARG T 298 13.65 -8.37 47.66
C ARG T 298 13.67 -9.52 46.69
N LEU T 299 12.86 -9.44 45.64
CA LEU T 299 12.77 -10.54 44.65
C LEU T 299 13.68 -10.23 43.48
N LYS T 300 14.48 -11.23 43.07
CA LYS T 300 15.48 -11.01 42.02
C LYS T 300 15.15 -11.75 40.74
N TYR T 301 14.53 -12.91 40.87
CA TYR T 301 14.26 -13.75 39.72
C TYR T 301 13.13 -14.72 40.00
N ALA T 302 12.29 -14.99 39.00
CA ALA T 302 11.25 -16.00 39.16
C ALA T 302 11.01 -16.71 37.85
N SER T 303 10.62 -17.97 37.95
CA SER T 303 10.36 -18.78 36.77
C SER T 303 9.29 -19.82 37.10
N VAL T 304 8.47 -20.17 36.11
CA VAL T 304 7.49 -21.22 36.32
C VAL T 304 7.64 -22.28 35.25
N SER T 305 7.75 -23.54 35.66
CA SER T 305 7.82 -24.63 34.70
C SER T 305 6.50 -25.39 34.76
N GLY T 306 6.16 -26.04 33.65
CA GLY T 306 4.96 -26.86 33.60
C GLY T 306 3.76 -26.13 33.03
N LEU T 307 3.97 -24.91 32.56
CA LEU T 307 2.89 -24.16 31.93
C LEU T 307 2.42 -24.83 30.65
N THR T 308 1.11 -24.98 30.51
CA THR T 308 0.50 -25.45 29.27
C THR T 308 -0.72 -24.60 28.97
N THR T 309 -1.35 -24.85 27.84
CA THR T 309 -2.56 -24.13 27.48
C THR T 309 -3.69 -24.43 28.46
N ALA T 310 -3.48 -25.45 29.30
CA ALA T 310 -4.45 -25.80 30.34
C ALA T 310 -4.40 -24.83 31.53
N VAL T 311 -3.36 -24.00 31.59
CA VAL T 311 -3.22 -23.01 32.65
C VAL T 311 -3.70 -21.65 32.14
N THR T 312 -4.68 -21.08 32.83
CA THR T 312 -5.32 -19.85 32.40
C THR T 312 -4.85 -18.64 33.20
N GLN T 313 -4.32 -18.90 34.39
CA GLN T 313 -3.83 -17.81 35.21
C GLN T 313 -2.63 -18.26 35.98
N CYS T 314 -1.62 -17.40 36.03
CA CYS T 314 -0.42 -17.68 36.79
C CYS T 314 0.27 -16.35 37.03
N GLN T 315 -0.07 -15.73 38.16
CA GLN T 315 0.46 -14.42 38.52
C GLN T 315 1.18 -14.47 39.85
N LEU T 316 2.39 -13.93 39.88
CA LEU T 316 3.11 -13.73 41.12
C LEU T 316 2.71 -12.36 41.66
N GLN T 317 2.35 -12.30 42.94
CA GLN T 317 1.89 -11.06 43.55
C GLN T 317 2.63 -10.81 44.84
N ALA T 318 2.81 -9.53 45.17
CA ALA T 318 3.58 -9.16 46.35
C ALA T 318 2.98 -7.91 46.93
N THR T 319 3.30 -7.65 48.19
CA THR T 319 2.92 -6.38 48.78
C THR T 319 3.72 -6.14 50.04
N ASN T 320 3.74 -4.88 50.45
CA ASN T 320 4.09 -4.50 51.82
C ASN T 320 2.79 -4.50 52.64
N LEU T 321 2.54 -5.58 53.38
CA LEU T 321 1.31 -5.74 54.16
C LEU T 321 1.11 -4.66 55.22
N ASN T 322 2.18 -4.00 55.61
CA ASN T 322 2.08 -2.89 56.57
C ASN T 322 1.55 -1.63 55.88
N ARG T 323 1.58 -1.63 54.56
CA ARG T 323 1.05 -0.51 53.81
C ARG T 323 -0.31 -0.85 53.21
N SER T 324 -0.44 -2.08 52.72
CA SER T 324 -1.64 -2.48 51.99
C SER T 324 -1.87 -3.99 52.04
N THR T 325 -3.10 -4.41 52.28
CA THR T 325 -3.47 -5.83 52.30
C THR T 325 -3.83 -6.32 50.91
N THR T 326 -3.88 -5.39 49.95
CA THR T 326 -4.14 -5.78 48.57
C THR T 326 -2.82 -6.07 47.85
N TYR T 327 -2.70 -7.29 47.33
CA TYR T 327 -1.49 -7.69 46.64
C TYR T 327 -1.49 -7.13 45.23
N SER T 328 -0.33 -6.70 44.73
CA SER T 328 -0.25 -6.33 43.34
C SER T 328 0.53 -7.36 42.54
N THR T 329 0.10 -7.59 41.30
CA THR T 329 0.79 -8.52 40.43
C THR T 329 2.15 -7.93 40.08
N VAL T 330 3.20 -8.70 40.28
CA VAL T 330 4.55 -8.23 39.96
C VAL T 330 5.11 -8.95 38.73
N TRP T 331 4.53 -10.11 38.41
CA TRP T 331 4.81 -10.77 37.13
C TRP T 331 3.69 -11.70 36.73
N ASP T 332 3.33 -11.68 35.45
CA ASP T 332 2.29 -12.56 34.94
C ASP T 332 2.95 -13.55 33.98
N PHE T 333 2.98 -14.83 34.35
CA PHE T 333 3.78 -15.80 33.58
C PHE T 333 3.09 -16.17 32.28
N ILE T 334 1.80 -15.93 32.21
CA ILE T 334 1.07 -16.18 30.97
C ILE T 334 1.31 -15.02 30.00
N ALA T 335 1.03 -13.80 30.46
CA ALA T 335 1.13 -12.62 29.61
C ALA T 335 2.58 -12.23 29.33
N GLY T 336 3.46 -12.46 30.30
CA GLY T 336 4.85 -12.00 30.21
C GLY T 336 5.86 -13.05 29.80
N GLY T 337 5.53 -14.32 29.97
CA GLY T 337 6.47 -15.39 29.67
C GLY T 337 6.88 -16.12 30.93
N SER T 338 7.48 -17.30 30.75
CA SER T 338 7.72 -18.22 31.86
C SER T 338 8.83 -17.81 32.84
N SER T 339 9.60 -16.77 32.51
CA SER T 339 10.60 -16.30 33.46
C SER T 339 10.75 -14.79 33.42
N THR T 340 11.23 -14.22 34.52
CA THR T 340 11.35 -12.79 34.64
C THR T 340 12.58 -12.28 33.91
N PRO T 341 12.50 -11.05 33.39
CA PRO T 341 13.61 -10.44 32.65
C PRO T 341 14.72 -9.92 33.57
N PRO T 342 15.89 -9.64 32.98
CA PRO T 342 17.05 -9.22 33.77
C PRO T 342 16.79 -8.01 34.66
N SER T 343 15.96 -7.07 34.23
CA SER T 343 15.76 -5.83 34.97
C SER T 343 14.72 -5.97 36.07
N TRP T 344 14.08 -7.13 36.15
CA TRP T 344 13.04 -7.36 37.14
C TRP T 344 13.62 -7.46 38.55
N ASP T 345 13.12 -6.63 39.45
CA ASP T 345 13.69 -6.49 40.79
C ASP T 345 12.58 -5.88 41.64
N ILE T 346 12.07 -6.64 42.60
CA ILE T 346 10.95 -6.21 43.39
C ILE T 346 11.41 -5.88 44.81
N ARG T 347 11.37 -4.61 45.17
CA ARG T 347 11.86 -4.18 46.47
C ARG T 347 10.72 -3.80 47.41
N GLU T 348 11.06 -3.67 48.68
CA GLU T 348 10.14 -3.14 49.68
C GLU T 348 8.80 -3.88 49.75
N ILE T 349 8.89 -5.20 49.84
CA ILE T 349 7.72 -6.03 50.03
C ILE T 349 7.98 -6.96 51.20
N ASN T 350 6.94 -7.56 51.77
CA ASN T 350 7.18 -8.51 52.84
C ASN T 350 6.30 -9.74 52.74
N SER T 351 5.52 -9.83 51.68
CA SER T 351 4.68 -11.00 51.44
C SER T 351 4.54 -11.28 49.95
N ILE T 352 4.62 -12.56 49.60
CA ILE T 352 4.58 -13.01 48.20
C ILE T 352 3.58 -14.14 48.07
N GLN T 353 2.75 -14.12 47.03
CA GLN T 353 1.85 -15.24 46.79
C GLN T 353 1.73 -15.51 45.30
N LEU T 354 1.38 -16.74 44.97
CA LEU T 354 1.12 -17.11 43.58
C LEU T 354 -0.36 -17.36 43.43
N VAL T 355 -0.98 -16.66 42.48
CA VAL T 355 -2.37 -16.90 42.16
C VAL T 355 -2.46 -17.59 40.81
N ALA T 356 -3.07 -18.77 40.78
CA ALA T 356 -3.09 -19.56 39.57
C ALA T 356 -4.42 -20.26 39.36
N ASN T 357 -4.71 -20.59 38.11
CA ASN T 357 -5.93 -21.27 37.77
C ASN T 357 -5.75 -22.08 36.49
N GLY T 358 -6.49 -23.17 36.37
CA GLY T 358 -6.39 -24.04 35.22
C GLY T 358 -6.64 -25.48 35.59
N GLY T 359 -6.38 -26.38 34.64
CA GLY T 359 -6.63 -27.79 34.84
C GLY T 359 -8.12 -28.06 34.93
N SER T 360 -8.48 -29.31 35.23
CA SER T 360 -9.87 -29.67 35.40
C SER T 360 -10.03 -30.69 36.51
N SER T 361 -11.28 -30.93 36.92
CA SER T 361 -11.58 -31.89 37.98
C SER T 361 -11.16 -33.30 37.61
N THR T 362 -10.92 -33.53 36.33
CA THR T 362 -10.54 -34.86 35.85
C THR T 362 -9.09 -34.91 35.35
N SER T 363 -8.51 -33.74 35.11
CA SER T 363 -7.16 -33.67 34.57
C SER T 363 -6.41 -32.48 35.18
N SER T 364 -5.68 -32.74 36.26
CA SER T 364 -4.99 -31.67 36.98
C SER T 364 -3.65 -31.34 36.34
N VAL T 365 -3.21 -30.10 36.54
CA VAL T 365 -1.91 -29.66 36.03
C VAL T 365 -1.07 -29.20 37.21
N THR T 366 0.18 -29.62 37.25
CA THR T 366 1.09 -29.18 38.30
C THR T 366 2.14 -28.27 37.72
N ILE T 367 2.22 -27.06 38.27
CA ILE T 367 3.25 -26.12 37.88
C ILE T 367 4.21 -25.93 39.05
N THR T 368 5.44 -25.51 38.73
CA THR T 368 6.44 -25.31 39.77
C THR T 368 7.05 -23.93 39.64
N LEU T 369 6.92 -23.16 40.72
CA LEU T 369 7.52 -21.84 40.79
C LEU T 369 8.91 -21.97 41.40
N ILE T 370 9.88 -21.27 40.81
CA ILE T 370 11.16 -21.09 41.47
C ILE T 370 11.36 -19.60 41.65
N LEU T 371 12.00 -19.25 42.76
CA LEU T 371 12.15 -17.86 43.13
C LEU T 371 13.51 -17.67 43.80
N VAL T 372 14.19 -16.60 43.44
CA VAL T 372 15.39 -16.19 44.15
C VAL T 372 15.06 -14.86 44.82
N TYR T 373 15.25 -14.82 46.13
CA TYR T 373 14.96 -13.59 46.88
C TYR T 373 15.97 -13.39 47.99
N GLU T 374 16.07 -12.14 48.46
CA GLU T 374 16.90 -11.83 49.61
C GLU T 374 15.94 -11.51 50.74
N GLN T 375 16.33 -11.89 51.94
CA GLN T 375 15.66 -11.42 53.14
C GLN T 375 16.55 -10.38 53.79
N ILE T 376 16.00 -9.19 53.98
CA ILE T 376 16.80 -8.04 54.39
C ILE T 376 16.30 -7.52 55.72
N ALA T 377 17.22 -7.18 56.62
CA ALA T 377 16.84 -6.69 57.93
C ALA T 377 16.02 -5.41 57.80
N GLY T 378 14.99 -5.31 58.64
CA GLY T 378 14.23 -4.08 58.78
C GLY T 378 12.75 -4.28 58.51
N GLU T 379 11.92 -4.14 59.53
CA GLU T 379 10.46 -4.21 59.35
C GLU T 379 10.03 -2.99 58.52
N LEU T 380 9.19 -3.20 57.50
CA LEU T 380 8.72 -2.07 56.67
C LEU T 380 7.65 -1.29 57.43
N SER T 381 7.62 0.02 57.24
CA SER T 381 6.64 0.82 57.97
C SER T 381 5.34 0.97 57.19
N HIS T 382 4.31 1.42 57.91
CA HIS T 382 3.03 1.77 57.32
C HIS T 382 3.18 2.94 56.33
N HIS T 383 2.24 3.11 55.41
CA HIS T 383 2.18 4.30 54.56
C HIS T 383 0.75 4.56 54.12
P 2HP U . -16.99 2.37 -40.63
O1 2HP U . -17.36 1.01 -41.15
O2 2HP U . -17.86 2.43 -39.41
O3 2HP U . -17.38 3.44 -41.68
O4 2HP U . -15.50 2.49 -40.17
P 2HP V . -22.48 -10.82 -37.24
O1 2HP V . -21.53 -11.94 -37.76
O2 2HP V . -22.42 -9.60 -38.10
O3 2HP V . -21.95 -10.29 -35.95
O4 2HP V . -23.95 -11.29 -37.03
P 2HP W . -19.19 -12.33 -57.23
O1 2HP W . -18.43 -13.25 -58.15
O2 2HP W . -18.18 -12.01 -56.16
O3 2HP W . -20.44 -13.08 -56.65
O4 2HP W . -19.59 -11.01 -57.94
P 2HP X . -8.91 10.99 -50.51
O1 2HP X . -8.50 9.69 -51.17
O2 2HP X . -8.40 10.87 -49.11
O3 2HP X . -10.47 11.10 -50.57
O4 2HP X . -8.19 12.19 -51.20
P 2HP Y . -0.16 -0.78 -50.69
O1 2HP Y . 0.24 -1.59 -51.95
O2 2HP Y . -1.44 -0.04 -50.90
O3 2HP Y . 0.81 0.33 -50.43
O4 2HP Y . -0.27 -1.75 -49.48
P 2HP Z . -12.84 -3.39 -66.22
O1 2HP Z . -12.49 -4.54 -67.22
O2 2HP Z . -12.28 -3.66 -64.86
O3 2HP Z . -14.39 -3.17 -66.15
O4 2HP Z . -12.13 -2.11 -66.54
P 2HP AA . -9.03 18.74 -68.72
O1 2HP AA . -9.64 18.56 -70.13
O2 2HP AA . -9.83 17.98 -67.71
O3 2HP AA . -9.09 20.17 -68.27
O4 2HP AA . -7.56 18.23 -68.68
P 2HP BA . -19.12 19.98 -58.11
O1 2HP BA . -18.67 19.12 -59.26
O2 2HP BA . -17.85 20.60 -57.58
O3 2HP BA . -19.81 19.13 -57.01
O4 2HP BA . -20.04 21.12 -58.65
P 2HP CA . -23.11 4.33 -72.00
O1 2HP CA . -22.66 3.55 -73.29
O2 2HP CA . -22.04 4.37 -70.96
O3 2HP CA . -24.42 3.74 -71.40
O4 2HP CA . -23.29 5.79 -72.27
P 2HP DA . -33.30 17.20 -52.84
O1 2HP DA . -33.49 16.60 -54.23
O2 2HP DA . -32.70 18.54 -53.12
O3 2HP DA . -32.31 16.30 -52.04
O4 2HP DA . -34.65 17.44 -52.10
P 2HP EA . -37.37 20.57 -66.65
O1 2HP EA . -37.22 20.61 -68.20
O2 2HP EA . -36.14 20.06 -65.94
O3 2HP EA . -38.60 19.67 -66.26
O4 2HP EA . -37.47 21.96 -66.10
P 2HP FA . -35.06 0.43 -66.84
O1 2HP FA . -35.52 0.19 -68.34
O2 2HP FA . -34.65 -0.86 -66.20
O3 2HP FA . -36.17 1.13 -65.99
O4 2HP FA . -33.78 1.19 -66.78
P 2HP GA . -32.00 6.21 -42.13
O1 2HP GA . -32.63 5.57 -43.35
O2 2HP GA . -32.90 7.35 -41.79
O3 2HP GA . -30.58 6.71 -42.50
O4 2HP GA . -31.96 5.21 -40.93
P 2HP HA . -45.31 2.42 -46.96
O1 2HP HA . -45.77 0.96 -47.23
O2 2HP HA . -43.83 2.55 -47.14
O3 2HP HA . -45.52 2.80 -45.53
O4 2HP HA . -46.09 3.43 -47.84
P 2HP IA . -32.53 -8.85 -58.04
O1 2HP IA . -33.79 -9.51 -58.69
O2 2HP IA . -32.40 -9.18 -56.57
O3 2HP IA . -32.54 -7.30 -58.24
O4 2HP IA . -31.27 -9.42 -58.61
P 2HP JA . -12.05 52.74 -2.07
O1 2HP JA . -11.27 52.95 -3.33
O2 2HP JA . -13.46 52.96 -2.52
O3 2HP JA . -11.62 53.81 -1.01
O4 2HP JA . -11.85 51.26 -1.59
P 2HP KA . 0.41 60.26 0.27
O1 2HP KA . 0.56 59.86 -1.17
O2 2HP KA . -1.09 60.52 0.33
O3 2HP KA . 0.85 59.14 1.24
O4 2HP KA . 1.23 61.55 0.58
P 2HP LA . -11.84 67.40 15.12
O1 2HP LA . -12.94 66.29 14.92
O2 2HP LA . -10.86 67.02 16.18
O3 2HP LA . -12.33 68.69 15.69
O4 2HP LA . -11.15 67.61 13.75
P 2HP MA . -25.57 47.88 3.40
O1 2HP MA . -24.59 46.84 2.93
O2 2HP MA . -25.01 48.36 4.73
O3 2HP MA . -25.69 49.07 2.40
O4 2HP MA . -26.93 47.12 3.57
P 2HP NA . -17.35 44.67 15.14
O1 2HP NA . -18.01 43.38 14.81
O2 2HP NA . -18.04 45.72 14.31
O3 2HP NA . -17.41 44.98 16.66
O4 2HP NA . -15.89 44.49 14.67
P 2HP OA . -25.21 63.48 19.05
O1 2HP OA . -24.14 63.01 18.01
O2 2HP OA . -24.69 63.41 20.46
O3 2HP OA . -26.51 62.64 18.83
O4 2HP OA . -25.46 64.96 18.93
P 2HP PA . -36.93 56.23 -3.05
O1 2HP PA . -37.20 54.76 -2.84
O2 2HP PA . -36.94 56.77 -1.63
O3 2HP PA . -35.50 56.37 -3.70
O4 2HP PA . -38.06 56.87 -3.92
P 2HP QA . -43.46 53.36 9.77
O1 2HP QA . -44.50 52.71 8.94
O2 2HP QA . -42.38 53.77 8.82
O3 2HP QA . -44.07 54.64 10.43
O4 2HP QA . -42.93 52.39 10.86
P 2HP RA . -34.11 71.47 13.93
O1 2HP RA . -34.67 71.02 12.53
O2 2HP RA . -34.70 70.70 15.07
O3 2HP RA . -34.53 72.88 14.25
O4 2HP RA . -32.55 71.35 13.96
P 2HP SA . -30.55 66.70 -12.09
O1 2HP SA . -31.46 65.85 -12.94
O2 2HP SA . -31.50 67.36 -11.12
O3 2HP SA . -29.56 65.76 -11.35
O4 2HP SA . -29.82 67.75 -12.98
P 2HP TA . -42.05 74.75 -8.44
O1 2HP TA . -42.54 74.35 -9.80
O2 2HP TA . -40.98 73.74 -8.16
O3 2HP TA . -41.45 76.18 -8.48
O4 2HP TA . -43.24 74.66 -7.43
P 2HP UA . -27.66 80.33 5.31
O1 2HP UA . -27.79 80.02 3.77
O2 2HP UA . -26.39 79.76 5.84
O3 2HP UA . -28.89 79.82 6.13
O4 2HP UA . -27.44 81.79 5.56
P 2HP VA . -15.02 78.78 -14.47
O1 2HP VA . -14.55 78.19 -15.77
O2 2HP VA . -15.51 77.57 -13.73
O3 2HP VA . -13.86 79.44 -13.70
O4 2HP VA . -16.21 79.75 -14.72
P 2HP WA . -15.06 64.51 -11.70
O1 2HP WA . -15.57 64.84 -13.06
O2 2HP WA . -15.17 65.81 -10.97
O3 2HP WA . -15.98 63.42 -11.05
O4 2HP WA . -13.58 64.06 -11.80
P 2HP XA . -13.90 77.42 6.08
O1 2HP XA . -14.28 77.45 4.57
O2 2HP XA . -13.27 76.09 6.37
O3 2HP XA . -15.14 77.74 6.97
O4 2HP XA . -12.82 78.41 6.36
P 2HP YA . 11.67 -75.95 -14.12
O1 2HP YA . 10.50 -76.66 -14.76
O2 2HP YA . 11.04 -75.00 -13.14
O3 2HP YA . 12.58 -76.98 -13.39
O4 2HP YA . 12.45 -75.12 -15.18
P 2HP ZA . 0.99 -67.30 -9.19
O1 2HP ZA . 0.58 -67.57 -10.61
O2 2HP ZA . 2.00 -68.35 -8.91
O3 2HP ZA . 1.69 -65.92 -9.05
O4 2HP ZA . -0.24 -67.39 -8.24
P 2HP AB . 17.03 -63.61 3.40
O1 2HP AB . 17.82 -63.38 2.07
O2 2HP AB . 17.39 -64.95 3.98
O3 2HP AB . 15.51 -63.50 3.10
O4 2HP AB . 17.42 -62.67 4.49
P 2HP BB . 26.98 -78.81 -14.53
O1 2HP BB . 26.49 -78.20 -15.80
O2 2HP BB . 27.10 -77.60 -13.65
O3 2HP BB . 25.95 -79.81 -13.95
O4 2HP BB . 28.35 -79.50 -14.78
P 2HP CB . 28.07 -64.57 -16.58
O1 2HP CB . 28.13 -65.06 -17.97
O2 2HP CB . 27.13 -65.51 -15.86
O3 2HP CB . 29.49 -64.67 -15.92
O4 2HP CB . 27.49 -63.13 -16.52
P 2HP DB . 29.05 -65.39 3.68
O1 2HP DB . 29.78 -66.60 3.00
O2 2HP DB . 29.36 -65.36 5.14
O3 2HP DB . 27.51 -65.43 3.41
O4 2HP DB . 29.61 -64.07 3.23
P 2HP EB . 29.98 -91.22 -5.62
O1 2HP EB . 30.70 -91.25 -6.93
O2 2HP EB . 30.80 -90.24 -4.84
O3 2HP EB . 28.52 -90.67 -5.77
O4 2HP EB . 30.01 -92.67 -5.02
P 2HP FB . 42.82 -84.51 -3.80
O1 2HP FB . 43.34 -85.75 -4.40
O2 2HP FB . 41.39 -84.82 -3.55
O3 2HP FB . 43.57 -84.15 -2.49
O4 2HP FB . 42.93 -83.31 -4.77
P 2HP GB . 31.38 -77.80 11.83
O1 2HP GB . 31.42 -77.37 10.34
O2 2HP GB . 32.12 -79.09 12.03
O3 2HP GB . 29.88 -77.94 12.27
O4 2HP GB . 32.14 -76.86 12.74
P 2HP HB . 16.63 -95.70 0.60
O1 2HP HB . 17.37 -96.80 -0.08
O2 2HP HB . 17.48 -95.45 1.82
O3 2HP HB . 16.60 -94.41 -0.29
O4 2HP HB . 15.22 -96.22 1.02
P 2HP IB . 25.16 -100.01 11.67
O1 2HP IB . 24.42 -101.25 11.30
O2 2HP IB . 24.53 -98.90 10.89
O3 2HP IB . 24.96 -99.74 13.19
O4 2HP IB . 26.65 -100.20 11.27
P 2HP JB . 18.92 -80.67 16.40
O1 2HP JB . 18.29 -82.11 16.32
O2 2HP JB . 18.96 -80.15 17.81
O3 2HP JB . 18.03 -79.70 15.69
O4 2HP JB . 20.35 -80.67 15.75
P 2HP KB . 5.54 -86.47 -4.82
O1 2HP KB . 5.35 -87.93 -4.52
O2 2HP KB . 5.52 -85.83 -3.44
O3 2HP KB . 6.90 -86.17 -5.50
O4 2HP KB . 4.32 -86.07 -5.70
P 2HP LB . -0.56 -89.41 8.04
O1 2HP LB . -1.65 -89.93 7.17
O2 2HP LB . 0.22 -88.49 7.16
O3 2HP LB . -1.16 -88.62 9.23
O4 2HP LB . 0.32 -90.60 8.55
P 2HP MB . 9.96 -72.01 10.84
O1 2HP MB . 8.57 -72.33 10.20
O2 2HP MB . 10.65 -73.28 11.25
O3 2HP MB . 9.83 -71.30 12.15
O4 2HP MB . 10.82 -71.23 9.80
P 2HP NB . 33.49 7.90 68.41
O1 2HP NB . 33.14 6.61 67.69
O2 2HP NB . 32.64 7.82 69.65
O3 2HP NB . 33.10 9.10 67.50
O4 2HP NB . 34.98 7.99 68.85
P 2HP OB . 27.20 -4.96 71.64
O1 2HP OB . 27.24 -6.43 71.17
O2 2HP OB . 27.57 -4.01 70.55
O3 2HP OB . 28.23 -4.71 72.70
O4 2HP OB . 25.81 -4.56 72.24
P 2HP PB . 29.55 -5.27 51.20
O1 2HP PB . 29.52 -6.64 50.47
O2 2HP PB . 29.10 -5.44 52.61
O3 2HP PB . 28.68 -4.22 50.45
O4 2HP PB . 30.94 -4.73 51.41
P 2HP QB . 41.55 16.43 58.31
O1 2HP QB . 41.84 15.06 57.75
O2 2HP QB . 42.13 16.34 59.70
O3 2HP QB . 40.02 16.69 58.31
O4 2HP QB . 42.35 17.50 57.50
P 2HP RB . 49.54 4.56 56.81
O1 2HP RB . 49.83 3.04 56.58
O2 2HP RB . 48.13 4.82 57.27
O3 2HP RB . 49.81 5.31 55.46
O4 2HP RB . 50.35 5.13 57.93
P 2HP SB . 35.85 3.36 42.09
O1 2HP SB . 36.27 2.28 41.03
O2 2HP SB . 36.33 2.98 43.45
O3 2HP SB . 34.29 3.53 42.05
O4 2HP SB . 36.53 4.67 41.92
P 2HP TB . 41.02 25.27 40.64
O1 2HP TB . 42.21 24.57 39.91
O2 2HP TB . 40.22 24.27 41.42
O3 2HP TB . 40.06 25.96 39.62
O4 2HP TB . 41.52 26.21 41.68
P 2HP UB . 31.63 26.61 51.88
O1 2HP UB . 31.98 25.83 50.62
O2 2HP UB . 32.99 27.15 52.23
O3 2HP UB . 31.06 25.70 53.00
O4 2HP UB . 30.67 27.80 51.56
P 2HP VB . 25.89 12.10 37.26
O1 2HP VB . 26.23 11.74 35.77
O2 2HP VB . 27.09 11.96 38.14
O3 2HP VB . 24.69 11.25 37.79
O4 2HP VB . 25.60 13.57 37.43
P 2HP WB . 17.51 24.21 57.87
O1 2HP WB . 17.26 23.78 56.45
O2 2HP WB . 17.99 25.61 57.73
O3 2HP WB . 18.61 23.30 58.52
O4 2HP WB . 16.21 24.22 58.77
P 2HP XB . 13.47 28.86 44.60
O1 2HP XB . 12.87 28.46 43.23
O2 2HP XB . 13.84 27.64 45.40
O3 2HP XB . 12.44 29.52 45.43
O4 2HP XB . 14.72 29.76 44.46
P 2HP YB . 14.15 8.12 43.02
O1 2HP YB . 13.47 7.50 41.74
O2 2HP YB . 14.97 7.11 43.75
O3 2HP YB . 13.10 8.73 44.00
O4 2HP YB . 15.19 9.13 42.65
P 2HP ZB . 18.67 12.65 67.76
O1 2HP ZB . 17.71 12.34 66.63
O2 2HP ZB . 18.08 13.89 68.35
O3 2HP ZB . 20.07 12.92 67.15
O4 2HP ZB . 18.67 11.50 68.82
P 2HP AC . 4.84 9.86 63.57
O1 2HP AC . 4.57 8.33 63.47
O2 2HP AC . 6.28 10.19 63.27
O3 2HP AC . 4.74 10.29 64.99
O4 2HP AC . 3.83 10.66 62.70
P 2HP BC . 16.06 -1.75 51.59
O1 2HP BC . 15.92 -3.11 50.84
O2 2HP BC . 16.80 -1.86 52.89
O3 2HP BC . 14.61 -1.18 51.80
O4 2HP BC . 16.92 -0.77 50.85
#